data_7ELM
#
_entry.id   7ELM
#
_cell.length_a   1.00
_cell.length_b   1.00
_cell.length_c   1.00
_cell.angle_alpha   90.00
_cell.angle_beta   90.00
_cell.angle_gamma   90.00
#
_symmetry.space_group_name_H-M   'P 1'
#
loop_
_entity.id
_entity.type
_entity.pdbx_description
1 polymer 'Type I-F CRISPR-associated protein Csy1'
2 polymer 'CRISPR type I-F/YPEST-associated protein Csy2'
3 polymer 'CRISPR-associated protein Csy3'
4 polymer 'type I-F CRISPR-associated endoribonuclease Cas6/Csy4'
5 polymer AcrIF24
6 polymer 'RNA (60-MER)'
#
loop_
_entity_poly.entity_id
_entity_poly.type
_entity_poly.pdbx_seq_one_letter_code
_entity_poly.pdbx_strand_id
1 'polypeptide(L)'
;MTSPLPTPTWQELRQFIESFIQERLQGKLDKLHPDEDDKRQTLLATHRREAWLADAARRVGQLQLVTHTLKPIHPDARGS
NLHSLPQAPGQPGLAGSHELGDRLVSDVVGNAAALDVFKFLSLQYQGKNLLNWLTEDSAEAVQALSDNAEQAREWRQAFI
GITAVKGAPASHSLAKQLYFPLPGSGYHLLAPLFPTSLVHHVHALLREARFGDAAKAAREARSRQESWPHGFSEYPNLAI
QKFGGTKPQNISQLNSERYGENWLLPSLPPHWQRQDQRAPIRHSSVFEHDFGRSPEVSRLTRTLQRLLAKTRHNNFTIRR
YRAQLVGQICDEALQYAARLRELEPGWSATPGCQLHDAEQLWLDPLRAQTDETFLQRRLRGDWPAEVGNRFANWLNRAVS
SDSQILGSPEAAQWSQELSKELTMFKEILEDERD
;
A,K
2 'polypeptide(L)'
;MSVTDPEALLLLPRLSIQNANAISSPLTWGFPSPGAFTGFVHALQRRVGISLDIELDGVGIVCHRFEAQISQPAGKRTKV
FNLTRNPLNRDGSTAAIVEEGRAHLEVSLLLGVHGDGLDDHPAQEIARQVQEQAGAMRLAGGSILPWCNERFPAPNAELL
MLGGSDEQRRKNQRRLTRRLLPGFALVSREALLQQHLETLRTTLPEATTLDALLDLCRINFEPPATSSEEEASPPDAAWQ
VRDKPGWLVPIPAGYNALSPLYLPGEVRNARDRETPLRFVENLFGLGEWLSPHRVAALSDLLWYHHAEPDKGLYRWSTPR
FVEHAIA
;
B,L
3 'polypeptide(L)'
;MSKPILSTASVLAFERKLDPSDALMSAGAWAQRDASQEWPAVTVREKSVRGTISNRLKTKDRDPAKLDASIQSPNLQTVD
VANLPSDADTLKVRFTLRVLGGAGTPSACNDAAYRDKLLQTVATYVNEQGFAELARRYAHNLANARFLWRNRVGAEAVEV
RINHIRQGEVARTWRFDALAIGLRDFKADAELDALAELIASGLSGSGHVLLEVVAFARIGDGQEVFPSQELILDKGDKKG
QKSKTLYSVRDAAAIHSQKIGNALRTIDTWYPDEDGLGPIAVEPYGSVTSQGKAYRQPKQKLDFYTLLDNWVLRDEAPAV
EQQHYVIANLIRGGVFGEAEEK
;
C,D,E,F,G,H,M,N,O,P,Q,R
4 'polypeptide(L)'
;MDHYLDIRLRPDPEFPPAQLMSVLFGKLHQALVAQGGDRIGVSFPDLDESRSRLGERLRIHASADDLRALLARPWLEGLR
DHLQFGEPAVVPHPTPYRQVSRVQAKSNPERLRRRLMRRHDLSEEEARKRIPDTVARTLDLPFVTLRSQSTGQHFRLFIR
HGPLQATAEEGGFTCYGLSKGGFVPWF
;
I,S
5 'polypeptide(L)'
;MNAIHIGPFSITPAARGLHYGGLPHHQWTLYYGPREMAIKTLPDSYTSSEVRDEFSDIIAEFVIDARHRYAPDVLELVNS
DGDAVLARVAVSRLPEALSGCIPDDRFPYWLLTASRPRLGLPVTLNEYTALAVELSAPPLAWITGLLPGEVLTHDAEEWR
PPTSWELRHVVGEGSFTGVSGAAAAALLGMSATNFRKYTAGDSAANRQKISFAAWHYLLDRLGVKRAS
;
U,V
6 'polyribonucleotide' CUAAGAAAUUCACGGCGGGCUUGAUGUCCGCGUCUACCUGGUUCACUGCCGUGUAGGCAG J,T
#
# COMPACT_ATOMS: atom_id res chain seq x y z
N GLN A 11 -44.18 42.84 36.85
CA GLN A 11 -44.44 44.23 36.49
C GLN A 11 -43.25 44.83 35.74
N GLU A 12 -43.28 44.74 34.41
CA GLU A 12 -42.21 45.24 33.57
C GLU A 12 -42.49 46.60 32.95
N LEU A 13 -43.75 47.03 32.93
CA LEU A 13 -44.09 48.33 32.35
C LEU A 13 -43.62 49.50 33.20
N ARG A 14 -43.32 49.26 34.48
CA ARG A 14 -42.78 50.33 35.31
C ARG A 14 -41.31 50.61 34.99
N GLN A 15 -40.53 49.58 34.67
CA GLN A 15 -39.10 49.73 34.42
C GLN A 15 -38.70 49.41 32.98
N PHE A 16 -39.01 48.22 32.48
CA PHE A 16 -38.56 47.80 31.16
C PHE A 16 -39.54 48.16 30.05
N ILE A 17 -40.84 48.08 30.33
CA ILE A 17 -41.84 48.54 29.38
C ILE A 17 -41.81 50.06 29.23
N GLU A 18 -41.30 50.77 30.24
CA GLU A 18 -41.01 52.19 30.07
C GLU A 18 -39.92 52.40 29.03
N SER A 19 -38.91 51.53 29.02
CA SER A 19 -37.86 51.61 27.99
C SER A 19 -38.39 51.22 26.62
N PHE A 20 -39.32 50.26 26.57
CA PHE A 20 -39.95 49.90 25.29
C PHE A 20 -40.82 51.03 24.77
N ILE A 21 -41.56 51.69 25.64
CA ILE A 21 -42.36 52.83 25.23
C ILE A 21 -41.49 54.04 24.89
N GLN A 22 -40.32 54.14 25.50
CA GLN A 22 -39.36 55.18 25.12
C GLN A 22 -38.79 54.93 23.73
N GLU A 23 -38.54 53.65 23.40
CA GLU A 23 -38.12 53.31 22.04
C GLU A 23 -39.24 53.57 21.04
N ARG A 24 -40.49 53.30 21.44
CA ARG A 24 -41.64 53.61 20.58
C ARG A 24 -41.81 55.12 20.39
N LEU A 25 -41.55 55.90 21.44
CA LEU A 25 -41.62 57.35 21.33
C LEU A 25 -40.48 57.90 20.47
N GLN A 26 -39.30 57.28 20.55
CA GLN A 26 -38.20 57.66 19.67
C GLN A 26 -38.51 57.32 18.21
N GLY A 27 -39.17 56.18 17.98
CA GLY A 27 -39.60 55.84 16.64
C GLY A 27 -40.70 56.75 16.11
N LYS A 28 -41.59 57.21 16.99
CA LYS A 28 -42.66 58.11 16.58
C LYS A 28 -42.22 59.57 16.47
N LEU A 29 -41.09 59.92 17.10
CA LEU A 29 -40.55 61.26 17.01
C LEU A 29 -39.30 61.36 16.13
N ASP A 30 -38.88 60.25 15.53
CA ASP A 30 -37.77 60.31 14.57
C ASP A 30 -38.17 61.09 13.33
N LYS A 31 -39.42 60.95 12.89
CA LYS A 31 -39.99 61.83 11.88
C LYS A 31 -40.77 62.96 12.55
N LEU A 32 -40.03 63.78 13.29
CA LEU A 32 -40.60 64.83 14.12
C LEU A 32 -40.13 66.19 13.62
N HIS A 33 -41.10 67.07 13.34
CA HIS A 33 -40.86 68.45 12.94
C HIS A 33 -41.42 69.37 14.01
N PRO A 34 -41.28 70.69 13.87
CA PRO A 34 -41.71 71.60 14.93
C PRO A 34 -43.21 71.86 14.96
N ASP A 35 -43.88 71.75 13.82
CA ASP A 35 -45.30 72.11 13.72
C ASP A 35 -46.23 70.91 13.80
N GLU A 36 -46.07 69.95 12.89
CA GLU A 36 -46.91 68.76 12.87
C GLU A 36 -46.27 67.57 13.57
N ASP A 37 -44.97 67.37 13.38
CA ASP A 37 -44.27 66.31 14.08
C ASP A 37 -44.13 66.58 15.57
N ASP A 38 -44.20 67.84 15.99
CA ASP A 38 -44.28 68.14 17.42
C ASP A 38 -45.58 67.65 18.02
N LYS A 39 -46.69 67.82 17.30
CA LYS A 39 -47.97 67.27 17.75
C LYS A 39 -47.98 65.75 17.68
N ARG A 40 -47.29 65.17 16.70
CA ARG A 40 -47.17 63.72 16.62
C ARG A 40 -46.34 63.17 17.78
N GLN A 41 -45.27 63.87 18.15
CA GLN A 41 -44.47 63.45 19.30
C GLN A 41 -45.21 63.67 20.61
N THR A 42 -46.08 64.68 20.68
CA THR A 42 -46.91 64.86 21.86
C THR A 42 -47.95 63.76 21.99
N LEU A 43 -48.55 63.35 20.86
CA LEU A 43 -49.49 62.23 20.88
C LEU A 43 -48.78 60.91 21.16
N LEU A 44 -47.50 60.80 20.79
CA LEU A 44 -46.73 59.60 21.14
C LEU A 44 -46.34 59.58 22.61
N ALA A 45 -45.98 60.75 23.17
CA ALA A 45 -45.65 60.84 24.58
C ALA A 45 -46.88 60.74 25.47
N THR A 46 -48.08 60.97 24.91
CA THR A 46 -49.30 60.68 25.64
C THR A 46 -49.57 59.19 25.79
N HIS A 47 -48.85 58.35 25.04
CA HIS A 47 -48.92 56.90 25.16
C HIS A 47 -47.53 56.27 25.14
N ARG A 48 -46.53 56.97 25.68
CA ARG A 48 -45.15 56.53 25.60
C ARG A 48 -44.51 56.19 26.94
N ARG A 49 -44.95 56.81 28.03
CA ARG A 49 -44.35 56.49 29.33
C ARG A 49 -45.14 55.42 30.06
N GLU A 50 -46.41 55.69 30.36
CA GLU A 50 -47.29 54.70 30.96
C GLU A 50 -48.72 54.75 30.44
N ALA A 51 -49.05 55.68 29.55
CA ALA A 51 -50.42 55.90 29.10
C ALA A 51 -50.69 55.24 27.75
N TRP A 52 -50.09 54.07 27.51
CA TRP A 52 -50.33 53.33 26.28
C TRP A 52 -51.71 52.71 26.22
N LEU A 53 -52.43 52.69 27.34
CA LEU A 53 -53.84 52.27 27.36
C LEU A 53 -54.73 53.20 26.55
N ALA A 54 -54.34 54.47 26.38
CA ALA A 54 -55.10 55.35 25.49
C ALA A 54 -54.93 54.94 24.03
N ASP A 55 -53.72 54.56 23.64
CA ASP A 55 -53.51 54.01 22.30
C ASP A 55 -54.18 52.66 22.14
N ALA A 56 -54.31 51.90 23.22
CA ALA A 56 -55.04 50.63 23.17
C ALA A 56 -56.54 50.87 23.07
N ALA A 57 -57.04 51.95 23.68
CA ALA A 57 -58.43 52.33 23.48
C ALA A 57 -58.68 52.84 22.07
N ARG A 58 -57.65 53.43 21.46
CA ARG A 58 -57.75 53.85 20.06
C ARG A 58 -57.76 52.66 19.10
N ARG A 59 -56.65 51.92 19.03
CA ARG A 59 -56.51 50.86 18.03
C ARG A 59 -55.83 49.62 18.63
N VAL A 60 -56.26 49.20 19.81
CA VAL A 60 -55.66 48.05 20.49
C VAL A 60 -56.63 46.88 20.59
N GLY A 61 -57.90 47.14 20.84
CA GLY A 61 -58.88 46.07 20.98
C GLY A 61 -60.02 46.16 20.00
N GLN A 62 -59.96 47.13 19.08
CA GLN A 62 -61.04 47.33 18.12
C GLN A 62 -60.91 46.46 16.89
N LEU A 63 -59.72 45.92 16.60
CA LEU A 63 -59.48 45.13 15.40
C LEU A 63 -58.74 43.87 15.81
N GLN A 64 -59.45 42.74 15.85
CA GLN A 64 -58.87 41.46 16.23
C GLN A 64 -59.55 40.35 15.45
N LEU A 65 -58.92 39.19 15.43
CA LEU A 65 -59.44 38.05 14.69
C LEU A 65 -58.81 36.78 15.23
N VAL A 66 -59.13 35.67 14.58
CA VAL A 66 -58.64 34.35 14.97
C VAL A 66 -57.65 33.86 13.91
N THR A 67 -57.04 32.70 14.19
CA THR A 67 -55.99 32.14 13.35
C THR A 67 -56.50 31.51 12.05
N HIS A 68 -57.78 31.68 11.69
CA HIS A 68 -58.28 31.23 10.40
C HIS A 68 -59.39 32.18 9.98
N THR A 69 -59.05 33.18 9.17
CA THR A 69 -60.00 34.20 8.75
C THR A 69 -60.74 33.77 7.48
N LEU A 70 -61.96 34.26 7.33
CA LEU A 70 -62.78 34.01 6.16
C LEU A 70 -62.60 35.06 5.07
N LYS A 71 -61.45 35.75 5.07
CA LYS A 71 -61.13 36.71 4.02
C LYS A 71 -60.98 36.13 2.63
N PRO A 72 -60.17 35.09 2.38
CA PRO A 72 -60.03 34.58 1.00
C PRO A 72 -61.25 33.84 0.44
N ILE A 73 -62.38 33.78 1.15
CA ILE A 73 -63.56 33.13 0.59
C ILE A 73 -64.20 33.95 -0.51
N HIS A 74 -63.95 35.26 -0.54
CA HIS A 74 -64.53 36.14 -1.54
C HIS A 74 -63.73 37.44 -1.58
N PRO A 75 -64.08 38.39 -2.46
CA PRO A 75 -63.39 39.68 -2.43
C PRO A 75 -63.71 40.50 -1.19
N ASP A 76 -64.96 40.42 -0.71
CA ASP A 76 -65.36 41.09 0.52
C ASP A 76 -66.51 40.28 1.10
N ALA A 77 -66.21 39.44 2.09
CA ALA A 77 -67.19 38.55 2.69
C ALA A 77 -67.37 38.93 4.15
N ARG A 78 -68.60 39.25 4.54
CA ARG A 78 -68.90 39.60 5.91
C ARG A 78 -68.98 38.33 6.76
N GLY A 79 -68.34 38.36 7.92
CA GLY A 79 -68.33 37.21 8.80
C GLY A 79 -67.26 37.36 9.87
N SER A 80 -67.16 36.32 10.69
CA SER A 80 -66.23 36.30 11.81
C SER A 80 -65.26 35.14 11.62
N ASN A 81 -63.96 35.45 11.72
CA ASN A 81 -62.91 34.43 11.58
C ASN A 81 -62.59 33.89 12.96
N LEU A 82 -63.32 32.86 13.37
CA LEU A 82 -63.05 32.22 14.65
C LEU A 82 -61.80 31.35 14.54
N HIS A 83 -60.92 31.46 15.54
CA HIS A 83 -59.63 30.77 15.54
C HIS A 83 -59.54 29.78 16.69
N SER A 84 -60.63 29.07 16.95
CA SER A 84 -60.66 28.04 17.98
C SER A 84 -60.28 26.69 17.38
N LEU A 85 -60.59 25.61 18.12
CA LEU A 85 -60.36 24.23 17.69
C LEU A 85 -58.88 23.92 17.52
N PRO A 86 -58.08 23.98 18.60
CA PRO A 86 -56.66 23.62 18.48
C PRO A 86 -56.40 22.12 18.45
N GLN A 87 -57.42 21.30 18.67
CA GLN A 87 -57.26 19.85 18.65
C GLN A 87 -58.50 19.22 18.04
N ALA A 88 -58.31 18.40 17.01
CA ALA A 88 -59.39 17.64 16.39
C ALA A 88 -58.79 16.43 15.68
N PRO A 89 -58.10 15.55 16.42
CA PRO A 89 -57.44 14.40 15.80
C PRO A 89 -58.33 13.16 15.70
N GLY A 90 -59.52 13.34 15.12
CA GLY A 90 -60.46 12.24 15.00
C GLY A 90 -60.17 11.33 13.81
N GLN A 91 -59.90 11.93 12.66
CA GLN A 91 -59.65 11.15 11.45
C GLN A 91 -58.20 10.71 11.38
N PRO A 92 -57.89 9.43 11.66
CA PRO A 92 -56.53 8.91 11.53
C PRO A 92 -56.17 8.46 10.10
N GLY A 93 -56.48 9.31 9.14
CA GLY A 93 -56.10 9.10 7.75
C GLY A 93 -55.84 10.42 7.06
N LEU A 94 -55.86 11.51 7.82
CA LEU A 94 -55.70 12.85 7.28
C LEU A 94 -54.94 13.69 8.29
N ALA A 95 -54.84 14.99 8.00
CA ALA A 95 -54.11 15.91 8.87
C ALA A 95 -54.71 17.31 8.70
N GLY A 96 -53.99 18.31 9.18
CA GLY A 96 -54.46 19.69 9.10
C GLY A 96 -54.31 20.42 10.41
N SER A 97 -55.43 20.87 10.98
CA SER A 97 -55.46 21.51 12.29
C SER A 97 -55.61 20.51 13.43
N HIS A 98 -55.35 19.22 13.18
CA HIS A 98 -55.47 18.21 14.24
C HIS A 98 -54.37 18.38 15.28
N GLU A 99 -53.16 18.75 14.84
CA GLU A 99 -52.08 19.06 15.77
C GLU A 99 -51.20 20.12 15.11
N LEU A 100 -51.50 21.39 15.38
CA LEU A 100 -50.64 22.47 14.94
C LEU A 100 -49.48 22.65 15.91
N GLY A 101 -49.78 23.01 17.15
CA GLY A 101 -48.84 22.99 18.25
C GLY A 101 -47.72 24.02 18.24
N ASP A 102 -46.90 24.03 17.19
CA ASP A 102 -45.66 24.80 17.18
C ASP A 102 -45.91 26.15 16.51
N ARG A 103 -46.06 27.19 17.34
CA ARG A 103 -46.10 28.59 16.88
C ARG A 103 -47.30 28.88 15.97
N LEU A 104 -48.49 28.70 16.54
CA LEU A 104 -49.72 29.03 15.82
C LEU A 104 -49.84 30.54 15.72
N VAL A 105 -49.72 31.07 14.51
CA VAL A 105 -49.78 32.50 14.30
C VAL A 105 -51.23 32.93 14.11
N SER A 106 -51.50 34.21 14.37
CA SER A 106 -52.81 34.79 14.19
C SER A 106 -52.66 36.14 13.50
N ASP A 107 -53.50 36.38 12.50
CA ASP A 107 -53.46 37.63 11.76
C ASP A 107 -54.53 38.58 12.28
N VAL A 108 -54.27 39.88 12.13
CA VAL A 108 -55.23 40.90 12.53
C VAL A 108 -56.29 41.00 11.45
N VAL A 109 -57.37 40.24 11.60
CA VAL A 109 -58.46 40.25 10.63
C VAL A 109 -59.28 41.52 10.83
N GLY A 110 -59.52 42.25 9.74
CA GLY A 110 -60.29 43.48 9.81
C GLY A 110 -59.74 44.56 8.90
N ASN A 111 -59.64 45.78 9.43
CA ASN A 111 -59.09 46.89 8.68
C ASN A 111 -58.19 47.79 9.52
N ALA A 112 -57.74 47.31 10.68
CA ALA A 112 -56.98 48.13 11.61
C ALA A 112 -55.55 48.28 11.10
N ALA A 113 -55.15 49.52 10.83
CA ALA A 113 -53.78 49.83 10.44
C ALA A 113 -52.85 50.01 11.63
N ALA A 114 -53.36 49.89 12.85
CA ALA A 114 -52.56 50.05 14.06
C ALA A 114 -51.90 48.71 14.41
N LEU A 115 -50.79 48.44 13.71
CA LEU A 115 -49.99 47.25 13.97
C LEU A 115 -49.06 47.43 15.17
N ASP A 116 -49.00 48.63 15.76
CA ASP A 116 -48.19 48.86 16.93
C ASP A 116 -48.72 48.10 18.15
N VAL A 117 -50.03 47.86 18.20
CA VAL A 117 -50.59 47.04 19.27
C VAL A 117 -50.17 45.58 19.11
N PHE A 118 -50.16 45.08 17.88
CA PHE A 118 -49.67 43.73 17.63
C PHE A 118 -48.17 43.60 17.86
N LYS A 119 -47.42 44.70 17.67
CA LYS A 119 -46.00 44.69 17.99
C LYS A 119 -45.76 44.72 19.50
N PHE A 120 -46.54 45.53 20.23
CA PHE A 120 -46.41 45.60 21.67
C PHE A 120 -46.97 44.37 22.37
N LEU A 121 -47.79 43.57 21.68
CA LEU A 121 -48.20 42.29 22.23
C LEU A 121 -47.03 41.32 22.36
N SER A 122 -46.00 41.48 21.54
CA SER A 122 -44.81 40.64 21.60
C SER A 122 -43.57 41.41 22.08
N LEU A 123 -43.68 42.72 22.30
CA LEU A 123 -42.54 43.49 22.79
C LEU A 123 -42.22 43.15 24.24
N GLN A 124 -43.26 43.08 25.08
CA GLN A 124 -43.12 42.65 26.46
C GLN A 124 -43.55 41.21 26.69
N TYR A 125 -43.76 40.45 25.62
CA TYR A 125 -44.23 39.08 25.75
C TYR A 125 -43.09 38.13 26.12
N GLN A 126 -41.91 38.31 25.53
CA GLN A 126 -40.77 37.44 25.78
C GLN A 126 -40.16 37.81 27.13
N GLY A 127 -40.19 36.86 28.07
CA GLY A 127 -39.60 37.04 29.38
C GLY A 127 -40.41 37.85 30.36
N LYS A 128 -41.52 38.45 29.95
CA LYS A 128 -42.36 39.26 30.81
C LYS A 128 -43.80 38.82 30.67
N ASN A 129 -44.54 38.88 31.78
CA ASN A 129 -45.94 38.47 31.80
C ASN A 129 -46.90 39.58 31.35
N LEU A 130 -46.39 40.76 30.99
CA LEU A 130 -47.25 41.85 30.57
C LEU A 130 -47.75 41.64 29.14
N LEU A 131 -46.87 41.20 28.24
CA LEU A 131 -47.25 40.98 26.85
C LEU A 131 -48.03 39.69 26.64
N ASN A 132 -48.12 38.82 27.66
CA ASN A 132 -48.90 37.60 27.57
C ASN A 132 -50.14 37.60 28.45
N TRP A 133 -50.03 38.09 29.69
CA TRP A 133 -51.17 38.16 30.61
C TRP A 133 -51.96 39.44 30.46
N LEU A 134 -51.67 40.27 29.46
CA LEU A 134 -52.44 41.48 29.24
C LEU A 134 -53.82 41.18 28.64
N THR A 135 -54.01 40.01 28.05
CA THR A 135 -55.31 39.64 27.51
C THR A 135 -56.22 39.09 28.60
N GLU A 136 -55.67 38.32 29.53
CA GLU A 136 -56.45 37.75 30.63
C GLU A 136 -55.52 37.58 31.82
N ASP A 137 -56.07 37.82 33.02
CA ASP A 137 -55.31 37.77 34.27
C ASP A 137 -54.18 38.81 34.29
N SER A 138 -54.57 40.08 34.26
CA SER A 138 -53.62 41.19 34.21
C SER A 138 -53.12 41.57 35.61
N ALA A 139 -52.52 40.58 36.28
CA ALA A 139 -51.87 40.82 37.56
C ALA A 139 -50.50 41.44 37.38
N GLU A 140 -49.74 40.96 36.38
CA GLU A 140 -48.50 41.63 35.99
C GLU A 140 -48.79 42.91 35.20
N ALA A 141 -50.01 43.08 34.70
CA ALA A 141 -50.39 44.31 34.03
C ALA A 141 -50.61 45.47 34.98
N VAL A 142 -50.69 45.21 36.29
CA VAL A 142 -50.75 46.29 37.27
C VAL A 142 -49.44 47.06 37.30
N GLN A 143 -48.32 46.35 37.23
CA GLN A 143 -47.03 46.99 37.00
C GLN A 143 -46.78 47.25 35.52
N ALA A 144 -47.52 46.58 34.64
CA ALA A 144 -47.40 46.82 33.21
C ALA A 144 -47.95 48.19 32.81
N LEU A 145 -48.94 48.68 33.55
CA LEU A 145 -49.44 50.03 33.29
C LEU A 145 -48.44 51.09 33.74
N SER A 146 -47.73 50.83 34.85
CA SER A 146 -46.75 51.76 35.40
C SER A 146 -47.38 53.05 35.91
N ASP A 147 -48.64 52.98 36.32
CA ASP A 147 -49.41 54.14 36.73
C ASP A 147 -50.45 53.68 37.75
N ASN A 148 -51.48 54.48 37.94
CA ASN A 148 -52.59 54.15 38.83
C ASN A 148 -53.54 53.16 38.14
N ALA A 149 -54.73 52.97 38.72
CA ALA A 149 -55.66 51.96 38.24
C ALA A 149 -56.29 52.29 36.89
N GLU A 150 -56.23 53.56 36.46
CA GLU A 150 -56.90 53.96 35.21
C GLU A 150 -56.15 53.44 33.99
N GLN A 151 -54.82 53.63 33.95
CA GLN A 151 -54.04 53.18 32.81
C GLN A 151 -53.96 51.66 32.75
N ALA A 152 -53.87 51.01 33.92
CA ALA A 152 -53.90 49.56 33.96
C ALA A 152 -55.25 48.99 33.54
N ARG A 153 -56.34 49.70 33.90
CA ARG A 153 -57.67 49.25 33.49
C ARG A 153 -57.87 49.42 32.00
N GLU A 154 -57.37 50.53 31.43
CA GLU A 154 -57.46 50.72 29.98
C GLU A 154 -56.62 49.71 29.22
N TRP A 155 -55.42 49.39 29.74
CA TRP A 155 -54.58 48.39 29.11
C TRP A 155 -55.18 46.99 29.19
N ARG A 156 -55.80 46.67 30.34
CA ARG A 156 -56.46 45.37 30.49
C ARG A 156 -57.68 45.26 29.60
N GLN A 157 -58.44 46.36 29.44
CA GLN A 157 -59.60 46.35 28.55
C GLN A 157 -59.18 46.20 27.09
N ALA A 158 -58.11 46.88 26.69
CA ALA A 158 -57.62 46.76 25.31
C ALA A 158 -57.06 45.37 25.03
N PHE A 159 -56.33 44.79 26.00
CA PHE A 159 -55.78 43.46 25.81
C PHE A 159 -56.87 42.40 25.80
N ILE A 160 -57.93 42.59 26.59
CA ILE A 160 -59.04 41.65 26.58
C ILE A 160 -59.83 41.77 25.29
N GLY A 161 -60.04 42.99 24.80
CA GLY A 161 -60.76 43.18 23.56
C GLY A 161 -59.98 42.84 22.31
N ILE A 162 -58.66 42.70 22.41
CA ILE A 162 -57.85 42.38 21.23
C ILE A 162 -58.11 40.95 20.77
N THR A 163 -57.96 39.98 21.67
CA THR A 163 -58.07 38.56 21.32
C THR A 163 -59.43 37.97 21.67
N ALA A 164 -60.47 38.81 21.75
CA ALA A 164 -61.80 38.31 22.09
C ALA A 164 -62.44 37.62 20.89
N VAL A 165 -63.14 36.53 21.17
CA VAL A 165 -63.82 35.79 20.10
C VAL A 165 -65.07 36.53 19.66
N LYS A 166 -65.49 36.28 18.42
CA LYS A 166 -66.68 36.93 17.89
C LYS A 166 -67.95 36.35 18.50
N GLY A 167 -68.01 35.03 18.63
CA GLY A 167 -69.15 34.38 19.25
C GLY A 167 -70.36 34.24 18.35
N ALA A 168 -71.00 35.36 18.03
CA ALA A 168 -72.17 35.36 17.16
C ALA A 168 -71.74 35.05 15.73
N PRO A 169 -72.13 33.92 15.16
CA PRO A 169 -71.60 33.52 13.85
C PRO A 169 -72.28 34.25 12.70
N ALA A 170 -71.53 34.40 11.62
CA ALA A 170 -72.04 35.04 10.42
C ALA A 170 -71.38 34.41 9.20
N SER A 171 -72.17 33.80 8.35
CA SER A 171 -71.72 33.35 7.05
C SER A 171 -71.98 34.46 6.03
N HIS A 172 -71.87 34.15 4.74
CA HIS A 172 -72.14 35.12 3.70
C HIS A 172 -72.70 34.39 2.49
N SER A 173 -73.09 35.17 1.48
CA SER A 173 -73.36 34.59 0.17
C SER A 173 -72.06 34.16 -0.50
N LEU A 174 -71.00 34.93 -0.28
CA LEU A 174 -69.65 34.58 -0.74
C LEU A 174 -68.85 33.95 0.41
N ALA A 175 -69.29 32.76 0.83
CA ALA A 175 -68.60 32.06 1.91
C ALA A 175 -68.47 30.56 1.68
N LYS A 176 -68.89 30.05 0.52
CA LYS A 176 -68.65 28.68 0.06
C LYS A 176 -69.30 27.64 0.97
N GLN A 177 -70.50 27.92 1.46
CA GLN A 177 -71.21 26.97 2.29
C GLN A 177 -71.80 25.86 1.43
N LEU A 178 -71.82 24.65 1.98
CA LEU A 178 -72.10 23.44 1.22
C LEU A 178 -73.02 22.52 2.01
N TYR A 179 -73.73 21.66 1.29
CA TYR A 179 -74.54 20.61 1.89
C TYR A 179 -73.73 19.32 1.95
N PHE A 180 -73.71 18.69 3.12
CA PHE A 180 -73.17 17.34 3.22
C PHE A 180 -74.28 16.38 3.64
N PRO A 181 -74.41 15.23 2.98
CA PRO A 181 -75.47 14.29 3.35
C PRO A 181 -75.19 13.62 4.69
N LEU A 182 -76.28 13.29 5.38
CA LEU A 182 -76.28 12.60 6.65
C LEU A 182 -76.59 11.12 6.42
N PRO A 183 -76.16 10.22 7.34
CA PRO A 183 -76.35 8.79 7.10
C PRO A 183 -77.80 8.32 7.17
N GLY A 184 -78.53 8.45 6.06
CA GLY A 184 -79.91 8.01 6.00
C GLY A 184 -80.94 9.06 6.32
N SER A 185 -80.56 10.34 6.29
CA SER A 185 -81.42 11.44 6.67
C SER A 185 -81.00 12.65 5.83
N GLY A 186 -81.31 13.85 6.32
CA GLY A 186 -81.11 15.05 5.55
C GLY A 186 -79.68 15.55 5.45
N TYR A 187 -79.47 16.85 5.67
CA TYR A 187 -78.21 17.46 5.30
C TYR A 187 -77.68 18.32 6.44
N HIS A 188 -76.38 18.57 6.37
CA HIS A 188 -75.69 19.50 7.26
C HIS A 188 -75.10 20.62 6.42
N LEU A 189 -75.15 21.84 6.95
CA LEU A 189 -74.56 22.98 6.27
C LEU A 189 -73.15 23.22 6.80
N LEU A 190 -72.22 23.44 5.88
CA LEU A 190 -70.81 23.52 6.21
C LEU A 190 -70.20 24.76 5.59
N ALA A 191 -69.65 25.64 6.43
CA ALA A 191 -69.00 26.86 5.97
C ALA A 191 -67.52 26.77 6.32
N PRO A 192 -66.67 26.38 5.38
CA PRO A 192 -65.25 26.20 5.71
C PRO A 192 -64.50 27.52 5.80
N LEU A 193 -63.53 27.55 6.70
CA LEU A 193 -62.66 28.70 6.85
C LEU A 193 -61.41 28.53 6.00
N PHE A 194 -60.65 29.60 5.86
CA PHE A 194 -59.34 29.53 5.23
C PHE A 194 -58.29 29.27 6.29
N PRO A 195 -57.62 28.12 6.30
CA PRO A 195 -56.66 27.82 7.37
C PRO A 195 -55.39 28.65 7.27
N THR A 196 -55.47 29.90 7.74
CA THR A 196 -54.40 30.87 7.55
C THR A 196 -53.12 30.47 8.30
N SER A 197 -53.28 29.96 9.53
CA SER A 197 -52.11 29.51 10.29
C SER A 197 -51.51 28.25 9.67
N LEU A 198 -52.34 27.35 9.14
CA LEU A 198 -51.83 26.14 8.52
C LEU A 198 -51.11 26.44 7.21
N VAL A 199 -51.68 27.33 6.38
CA VAL A 199 -51.00 27.66 5.13
C VAL A 199 -49.76 28.51 5.40
N HIS A 200 -49.73 29.27 6.51
CA HIS A 200 -48.51 29.99 6.84
C HIS A 200 -47.42 29.05 7.33
N HIS A 201 -47.81 28.02 8.08
CA HIS A 201 -46.85 27.02 8.54
C HIS A 201 -46.26 26.24 7.38
N VAL A 202 -47.10 25.77 6.46
CA VAL A 202 -46.58 25.05 5.30
C VAL A 202 -45.89 25.98 4.31
N HIS A 203 -46.22 27.28 4.32
CA HIS A 203 -45.51 28.25 3.49
C HIS A 203 -44.09 28.46 4.00
N ALA A 204 -43.94 28.57 5.32
CA ALA A 204 -42.59 28.67 5.91
C ALA A 204 -41.81 27.38 5.71
N LEU A 205 -42.50 26.23 5.78
CA LEU A 205 -41.82 24.96 5.54
C LEU A 205 -41.36 24.82 4.09
N LEU A 206 -42.18 25.28 3.14
CA LEU A 206 -41.80 25.19 1.73
C LEU A 206 -40.77 26.24 1.36
N ARG A 207 -40.74 27.38 2.05
CA ARG A 207 -39.67 28.34 1.84
C ARG A 207 -38.36 27.86 2.46
N GLU A 208 -38.45 27.05 3.53
CA GLU A 208 -37.26 26.37 4.04
C GLU A 208 -36.83 25.26 3.09
N ALA A 209 -37.77 24.66 2.38
CA ALA A 209 -37.43 23.61 1.41
C ALA A 209 -36.74 24.19 0.18
N ARG A 210 -37.33 25.24 -0.41
CA ARG A 210 -36.82 25.78 -1.66
C ARG A 210 -35.62 26.70 -1.45
N PHE A 211 -35.60 27.45 -0.35
CA PHE A 211 -34.55 28.43 -0.06
C PHE A 211 -33.84 28.02 1.23
N GLY A 212 -32.98 28.90 1.73
CA GLY A 212 -32.28 28.64 2.97
C GLY A 212 -30.98 27.90 2.75
N ASP A 213 -29.94 28.29 3.49
CA ASP A 213 -28.56 27.97 3.11
C ASP A 213 -28.23 26.49 3.28
N ALA A 214 -28.99 25.76 4.10
CA ALA A 214 -28.83 24.31 4.15
C ALA A 214 -29.31 23.67 2.85
N ALA A 215 -30.45 24.14 2.34
CA ALA A 215 -30.96 23.63 1.06
C ALA A 215 -30.07 24.07 -0.10
N LYS A 216 -29.51 25.28 -0.03
CA LYS A 216 -28.57 25.73 -1.06
C LYS A 216 -27.29 24.91 -1.02
N ALA A 217 -26.83 24.56 0.18
CA ALA A 217 -25.61 23.75 0.31
C ALA A 217 -25.84 22.33 -0.20
N ALA A 218 -27.01 21.76 0.08
CA ALA A 218 -27.31 20.42 -0.42
C ALA A 218 -27.54 20.43 -1.93
N ARG A 219 -28.12 21.50 -2.46
CA ARG A 219 -28.29 21.62 -3.91
C ARG A 219 -26.96 21.82 -4.61
N GLU A 220 -26.02 22.52 -3.98
CA GLU A 220 -24.68 22.63 -4.56
C GLU A 220 -23.92 21.32 -4.48
N ALA A 221 -24.06 20.59 -3.36
CA ALA A 221 -23.39 19.32 -3.21
C ALA A 221 -24.03 18.20 -4.01
N ARG A 222 -25.23 18.40 -4.54
CA ARG A 222 -25.82 17.47 -5.49
C ARG A 222 -25.77 17.95 -6.93
N SER A 223 -25.45 19.22 -7.17
CA SER A 223 -25.20 19.68 -8.54
C SER A 223 -23.92 19.08 -9.08
N ARG A 224 -22.96 18.83 -8.21
CA ARG A 224 -21.82 17.96 -8.48
C ARG A 224 -22.00 16.69 -7.65
N GLN A 225 -21.12 15.72 -7.82
CA GLN A 225 -21.30 14.41 -7.21
C GLN A 225 -20.48 14.23 -5.93
N GLU A 226 -20.33 15.27 -5.11
CA GLU A 226 -19.72 15.08 -3.80
C GLU A 226 -20.78 14.64 -2.78
N SER A 227 -20.33 14.45 -1.55
CA SER A 227 -21.17 13.98 -0.46
C SER A 227 -21.67 15.13 0.39
N TRP A 228 -22.76 14.88 1.12
CA TRP A 228 -23.38 15.81 2.04
C TRP A 228 -24.25 15.03 3.02
N PRO A 229 -24.11 15.23 4.33
CA PRO A 229 -24.76 14.33 5.27
C PRO A 229 -26.21 14.69 5.61
N HIS A 230 -26.98 15.10 4.61
CA HIS A 230 -28.43 15.22 4.60
C HIS A 230 -28.86 15.58 3.18
N GLY A 231 -30.05 15.14 2.79
CA GLY A 231 -30.57 15.44 1.48
C GLY A 231 -31.35 16.74 1.44
N PHE A 232 -31.96 16.99 0.28
CA PHE A 232 -32.80 18.16 0.08
C PHE A 232 -34.07 17.76 -0.65
N SER A 233 -34.91 18.74 -0.98
CA SER A 233 -36.24 18.44 -1.51
C SER A 233 -36.58 19.41 -2.61
N GLU A 234 -37.15 18.90 -3.70
CA GLU A 234 -37.69 19.72 -4.77
C GLU A 234 -39.16 19.42 -4.96
N TYR A 235 -39.96 20.46 -5.09
CA TYR A 235 -41.42 20.34 -5.21
C TYR A 235 -41.84 20.80 -6.60
N PRO A 236 -42.10 19.88 -7.52
CA PRO A 236 -42.50 20.28 -8.87
C PRO A 236 -43.95 20.70 -8.93
N ASN A 237 -44.24 21.55 -9.92
CA ASN A 237 -45.60 22.01 -10.26
C ASN A 237 -46.28 22.73 -9.10
N LEU A 238 -45.51 23.52 -8.36
CA LEU A 238 -46.08 24.36 -7.30
C LEU A 238 -46.85 25.50 -7.92
N ALA A 239 -48.17 25.49 -7.76
CA ALA A 239 -48.96 26.56 -8.36
C ALA A 239 -49.02 27.76 -7.43
N ILE A 240 -49.30 28.92 -8.01
CA ILE A 240 -49.33 30.18 -7.27
C ILE A 240 -50.74 30.73 -7.28
N GLN A 241 -51.22 31.14 -6.09
CA GLN A 241 -52.48 31.85 -5.94
C GLN A 241 -52.17 33.24 -5.41
N LYS A 242 -52.83 34.24 -5.97
CA LYS A 242 -52.80 35.60 -5.46
C LYS A 242 -54.04 35.85 -4.61
N PHE A 243 -53.96 36.87 -3.77
CA PHE A 243 -55.08 37.26 -2.92
C PHE A 243 -55.33 38.76 -3.07
N GLY A 244 -56.58 39.11 -3.38
CA GLY A 244 -56.99 40.49 -3.42
C GLY A 244 -56.51 41.24 -4.65
N GLY A 245 -55.22 41.48 -4.73
CA GLY A 245 -54.66 42.20 -5.87
C GLY A 245 -53.50 43.11 -5.51
N THR A 246 -53.61 44.38 -5.89
CA THR A 246 -52.51 45.32 -5.72
C THR A 246 -52.29 45.72 -4.26
N LYS A 247 -53.27 45.51 -3.38
CA LYS A 247 -53.16 45.84 -1.96
C LYS A 247 -53.35 44.56 -1.16
N PRO A 248 -52.28 43.78 -0.93
CA PRO A 248 -52.40 42.51 -0.21
C PRO A 248 -52.31 42.66 1.30
N GLN A 249 -53.09 43.58 1.86
CA GLN A 249 -53.19 43.70 3.31
C GLN A 249 -54.61 44.01 3.75
N ASN A 250 -55.61 43.71 2.92
CA ASN A 250 -56.99 43.74 3.39
C ASN A 250 -57.23 42.64 4.41
N ILE A 251 -56.51 41.53 4.29
CA ILE A 251 -56.37 40.54 5.36
C ILE A 251 -54.90 40.53 5.76
N SER A 252 -54.65 40.28 7.05
CA SER A 252 -53.28 40.25 7.54
C SER A 252 -52.67 38.88 7.26
N GLN A 253 -51.41 38.69 7.72
CA GLN A 253 -50.51 37.54 7.52
C GLN A 253 -50.03 37.45 6.07
N LEU A 254 -50.48 38.38 5.23
CA LEU A 254 -50.04 38.49 3.83
C LEU A 254 -48.97 39.57 3.80
N ASN A 255 -47.72 39.17 3.96
CA ASN A 255 -46.63 40.12 4.16
C ASN A 255 -46.21 40.75 2.83
N SER A 256 -45.08 41.46 2.84
CA SER A 256 -44.59 42.09 1.63
C SER A 256 -44.05 41.05 0.65
N GLU A 257 -43.26 40.09 1.15
CA GLU A 257 -42.80 39.00 0.31
C GLU A 257 -43.94 38.02 0.02
N ARG A 258 -44.85 37.81 0.97
CA ARG A 258 -46.02 36.97 0.76
C ARG A 258 -47.23 37.83 0.37
N TYR A 259 -47.06 38.56 -0.74
CA TYR A 259 -48.06 39.51 -1.22
C TYR A 259 -49.21 38.72 -1.84
N GLY A 260 -50.05 38.18 -0.97
CA GLY A 260 -51.08 37.25 -1.39
C GLY A 260 -50.59 35.90 -1.81
N GLU A 261 -49.30 35.61 -1.62
CA GLU A 261 -48.63 34.45 -2.21
C GLU A 261 -49.06 33.19 -1.48
N ASN A 262 -49.90 32.38 -2.12
CA ASN A 262 -50.29 31.08 -1.59
C ASN A 262 -49.92 30.02 -2.61
N TRP A 263 -48.83 29.29 -2.38
CA TRP A 263 -48.44 28.27 -3.33
C TRP A 263 -48.96 26.90 -2.89
N LEU A 264 -49.29 26.08 -3.89
CA LEU A 264 -50.00 24.83 -3.69
C LEU A 264 -49.21 23.68 -4.28
N LEU A 265 -49.26 22.53 -3.60
CA LEU A 265 -48.56 21.33 -4.03
C LEU A 265 -49.32 20.64 -5.14
N PRO A 266 -48.64 19.83 -5.94
CA PRO A 266 -49.28 19.24 -7.12
C PRO A 266 -50.19 18.07 -6.76
N SER A 267 -51.28 17.95 -7.51
CA SER A 267 -52.23 16.85 -7.38
C SER A 267 -52.69 16.37 -8.74
N LEU A 268 -51.80 16.40 -9.73
CA LEU A 268 -52.27 16.08 -11.07
C LEU A 268 -52.20 14.59 -11.33
N PRO A 269 -53.05 14.07 -12.21
CA PRO A 269 -52.94 12.66 -12.60
C PRO A 269 -51.80 12.47 -13.59
N PRO A 270 -51.42 11.21 -13.90
CA PRO A 270 -50.30 10.92 -14.79
C PRO A 270 -50.53 11.32 -16.24
N ARG A 278 -48.08 10.39 -27.76
CA ARG A 278 -47.24 11.47 -28.25
C ARG A 278 -46.98 11.33 -29.75
N ALA A 279 -47.04 10.10 -30.24
CA ALA A 279 -46.79 9.83 -31.65
C ALA A 279 -47.20 8.41 -32.00
N PRO A 280 -47.52 8.13 -33.27
CA PRO A 280 -47.87 6.76 -33.66
C PRO A 280 -46.67 5.87 -33.88
N ILE A 281 -46.90 4.67 -34.41
CA ILE A 281 -45.81 3.75 -34.76
C ILE A 281 -45.05 4.35 -35.95
N ARG A 282 -43.77 4.64 -35.75
CA ARG A 282 -42.94 5.33 -36.72
C ARG A 282 -41.95 4.36 -37.35
N HIS A 283 -41.03 4.91 -38.15
CA HIS A 283 -40.01 4.08 -38.80
C HIS A 283 -39.02 3.51 -37.79
N SER A 284 -38.64 4.30 -36.79
CA SER A 284 -37.72 3.83 -35.76
C SER A 284 -38.43 3.13 -34.61
N SER A 285 -39.76 3.18 -34.55
CA SER A 285 -40.52 2.57 -33.46
C SER A 285 -41.45 1.45 -33.89
N VAL A 286 -41.88 1.41 -35.16
CA VAL A 286 -42.77 0.35 -35.59
C VAL A 286 -42.02 -0.96 -35.81
N PHE A 287 -40.73 -0.87 -36.18
CA PHE A 287 -39.94 -2.10 -36.33
C PHE A 287 -39.61 -2.71 -34.98
N GLU A 288 -39.18 -1.90 -34.03
CA GLU A 288 -38.89 -2.34 -32.66
C GLU A 288 -39.94 -1.71 -31.76
N HIS A 289 -41.00 -2.48 -31.48
CA HIS A 289 -42.10 -1.98 -30.66
C HIS A 289 -41.72 -1.78 -29.20
N ASP A 290 -40.65 -2.42 -28.73
CA ASP A 290 -40.16 -2.26 -27.37
C ASP A 290 -39.13 -1.15 -27.24
N PHE A 291 -39.19 -0.13 -28.10
CA PHE A 291 -38.26 0.99 -28.00
C PHE A 291 -38.55 1.84 -26.77
N GLY A 292 -39.78 1.84 -26.28
CA GLY A 292 -40.12 2.53 -25.05
C GLY A 292 -40.14 4.03 -25.17
N ARG A 293 -40.95 4.55 -26.11
CA ARG A 293 -41.05 5.98 -26.34
C ARG A 293 -41.93 6.60 -25.24
N SER A 294 -41.30 6.83 -24.09
CA SER A 294 -41.97 7.43 -22.94
C SER A 294 -40.94 7.93 -21.94
N PRO A 295 -41.07 9.17 -21.47
CA PRO A 295 -40.08 9.65 -20.48
C PRO A 295 -40.23 9.04 -19.11
N GLU A 296 -41.47 8.89 -18.63
CA GLU A 296 -41.70 8.28 -17.33
C GLU A 296 -41.38 6.79 -17.34
N VAL A 297 -41.67 6.12 -18.45
CA VAL A 297 -41.33 4.70 -18.58
C VAL A 297 -39.82 4.50 -18.63
N SER A 298 -39.12 5.40 -19.33
CA SER A 298 -37.65 5.32 -19.39
C SER A 298 -37.04 5.63 -18.03
N ARG A 299 -37.61 6.58 -17.29
CA ARG A 299 -37.11 6.90 -15.95
C ARG A 299 -37.36 5.75 -14.99
N LEU A 300 -38.52 5.09 -15.09
CA LEU A 300 -38.79 3.94 -14.24
C LEU A 300 -37.91 2.75 -14.60
N THR A 301 -37.60 2.58 -15.89
CA THR A 301 -36.69 1.52 -16.30
C THR A 301 -35.27 1.77 -15.83
N ARG A 302 -34.83 3.03 -15.85
CA ARG A 302 -33.51 3.37 -15.33
C ARG A 302 -33.44 3.19 -13.82
N THR A 303 -34.52 3.55 -13.11
CA THR A 303 -34.54 3.35 -11.66
C THR A 303 -34.62 1.87 -11.29
N LEU A 304 -35.27 1.06 -12.13
CA LEU A 304 -35.30 -0.37 -11.87
C LEU A 304 -33.95 -1.03 -12.16
N GLN A 305 -33.30 -0.64 -13.25
CA GLN A 305 -32.00 -1.21 -13.60
C GLN A 305 -30.87 -0.67 -12.73
N ARG A 306 -31.10 0.44 -12.02
CA ARG A 306 -30.07 0.97 -11.13
C ARG A 306 -29.90 0.10 -9.89
N LEU A 307 -31.00 -0.49 -9.41
CA LEU A 307 -30.96 -1.29 -8.20
C LEU A 307 -30.39 -2.66 -8.52
N LEU A 308 -29.19 -2.94 -8.05
CA LEU A 308 -28.55 -4.24 -8.26
C LEU A 308 -27.92 -4.85 -7.01
N ALA A 309 -27.61 -4.06 -5.99
CA ALA A 309 -26.91 -4.58 -4.81
C ALA A 309 -27.86 -5.38 -3.92
N LYS A 310 -27.28 -6.27 -3.13
CA LYS A 310 -28.02 -7.14 -2.23
C LYS A 310 -27.68 -6.81 -0.78
N THR A 311 -28.70 -6.73 0.05
CA THR A 311 -28.53 -6.43 1.47
C THR A 311 -28.59 -7.71 2.30
N ARG A 312 -27.88 -7.70 3.43
CA ARG A 312 -27.84 -8.88 4.29
C ARG A 312 -29.15 -9.07 5.04
N HIS A 313 -29.91 -8.00 5.26
CA HIS A 313 -31.21 -8.09 5.91
C HIS A 313 -32.32 -7.28 5.24
N ASN A 314 -31.99 -6.26 4.46
CA ASN A 314 -33.01 -5.40 3.87
C ASN A 314 -33.69 -6.02 2.66
N ASN A 315 -33.10 -7.06 2.06
CA ASN A 315 -33.68 -7.69 0.87
C ASN A 315 -35.03 -8.31 1.16
N PHE A 316 -35.25 -8.78 2.39
CA PHE A 316 -36.54 -9.31 2.84
C PHE A 316 -37.66 -8.28 2.78
N THR A 317 -37.33 -6.98 2.71
CA THR A 317 -38.27 -5.99 2.22
C THR A 317 -37.93 -5.54 0.81
N ILE A 318 -36.62 -5.42 0.50
CA ILE A 318 -36.16 -4.56 -0.60
C ILE A 318 -36.55 -5.14 -1.95
N ARG A 319 -36.27 -6.43 -2.16
CA ARG A 319 -36.69 -7.11 -3.38
C ARG A 319 -38.21 -7.11 -3.52
N ARG A 320 -38.92 -7.20 -2.39
CA ARG A 320 -40.38 -7.07 -2.41
C ARG A 320 -40.79 -5.70 -2.93
N TYR A 321 -40.10 -4.65 -2.48
CA TYR A 321 -40.32 -3.31 -3.03
C TYR A 321 -39.97 -3.28 -4.52
N ARG A 322 -38.88 -3.98 -4.89
CA ARG A 322 -38.51 -4.09 -6.29
C ARG A 322 -39.59 -4.82 -7.09
N ALA A 323 -40.24 -5.81 -6.44
CA ALA A 323 -41.36 -6.51 -7.07
C ALA A 323 -42.49 -5.55 -7.37
N GLN A 324 -42.78 -4.65 -6.41
CA GLN A 324 -43.79 -3.62 -6.62
C GLN A 324 -43.39 -2.71 -7.77
N LEU A 325 -42.09 -2.37 -7.85
CA LEU A 325 -41.59 -1.55 -8.94
C LEU A 325 -41.79 -2.25 -10.27
N VAL A 326 -41.56 -3.58 -10.29
CA VAL A 326 -41.77 -4.38 -11.50
C VAL A 326 -43.23 -4.32 -11.90
N GLY A 327 -44.12 -4.46 -10.91
CA GLY A 327 -45.54 -4.37 -11.20
C GLY A 327 -45.94 -3.01 -11.71
N GLN A 328 -45.32 -1.95 -11.16
CA GLN A 328 -45.57 -0.60 -11.61
C GLN A 328 -45.16 -0.44 -13.06
N ILE A 329 -44.00 -1.04 -13.42
CA ILE A 329 -43.51 -0.97 -14.79
C ILE A 329 -44.49 -1.67 -15.72
N CYS A 330 -45.03 -2.82 -15.27
CA CYS A 330 -46.00 -3.56 -16.06
C CYS A 330 -47.26 -2.73 -16.25
N ASP A 331 -47.69 -2.06 -15.16
CA ASP A 331 -48.88 -1.22 -15.24
C ASP A 331 -48.66 -0.07 -16.21
N GLU A 332 -47.44 0.49 -16.19
CA GLU A 332 -47.11 1.59 -17.10
C GLU A 332 -47.19 1.13 -18.53
N ALA A 333 -46.71 -0.10 -18.80
CA ALA A 333 -46.76 -0.65 -20.14
C ALA A 333 -48.20 -0.81 -20.59
N LEU A 334 -49.07 -1.26 -19.68
CA LEU A 334 -50.49 -1.41 -20.00
C LEU A 334 -51.09 -0.05 -20.31
N GLN A 335 -50.72 0.97 -19.52
CA GLN A 335 -51.22 2.32 -19.77
C GLN A 335 -50.70 2.83 -21.10
N TYR A 336 -49.45 2.49 -21.43
CA TYR A 336 -48.87 2.88 -22.71
C TYR A 336 -49.63 2.23 -23.85
N ALA A 337 -50.01 0.95 -23.67
CA ALA A 337 -50.80 0.27 -24.69
C ALA A 337 -52.16 0.92 -24.83
N ALA A 338 -52.72 1.40 -23.71
CA ALA A 338 -54.00 2.09 -23.73
C ALA A 338 -53.90 3.39 -24.53
N ARG A 339 -52.73 4.05 -24.46
CA ARG A 339 -52.51 5.26 -25.24
C ARG A 339 -52.54 4.94 -26.73
N LEU A 340 -51.98 3.80 -27.12
CA LEU A 340 -52.06 3.36 -28.51
C LEU A 340 -53.50 3.08 -28.90
N ARG A 341 -54.28 2.50 -27.97
CA ARG A 341 -55.70 2.27 -28.21
C ARG A 341 -56.47 3.56 -28.31
N GLU A 342 -55.95 4.65 -27.74
CA GLU A 342 -56.61 5.94 -27.90
C GLU A 342 -56.37 6.55 -29.26
N LEU A 343 -55.32 6.13 -29.97
CA LEU A 343 -54.89 6.82 -31.18
C LEU A 343 -54.70 5.84 -32.34
N GLU A 344 -55.67 4.96 -32.53
CA GLU A 344 -55.62 3.95 -33.59
C GLU A 344 -56.88 4.02 -34.45
N PRO A 345 -57.12 5.17 -35.10
CA PRO A 345 -58.28 5.27 -36.00
C PRO A 345 -58.13 4.41 -37.25
N GLY A 346 -57.00 4.55 -37.94
CA GLY A 346 -56.71 3.72 -39.08
C GLY A 346 -55.54 2.79 -38.86
N TRP A 347 -55.82 1.51 -38.67
CA TRP A 347 -54.78 0.51 -38.39
C TRP A 347 -54.18 0.05 -39.72
N SER A 348 -53.34 0.91 -40.28
CA SER A 348 -52.69 0.64 -41.57
C SER A 348 -51.19 0.50 -41.35
N ALA A 349 -50.63 -0.55 -41.91
CA ALA A 349 -49.18 -0.76 -41.84
C ALA A 349 -48.47 0.24 -42.76
N THR A 350 -47.27 0.65 -42.34
CA THR A 350 -46.52 1.66 -43.07
C THR A 350 -45.05 1.25 -43.16
N PRO A 351 -44.22 2.04 -43.84
CA PRO A 351 -42.79 1.73 -43.90
C PRO A 351 -42.11 1.97 -42.57
N GLY A 352 -41.30 1.01 -42.15
CA GLY A 352 -40.72 1.04 -40.82
C GLY A 352 -41.55 0.34 -39.77
N CYS A 353 -42.64 -0.32 -40.16
CA CYS A 353 -43.52 -1.05 -39.26
C CYS A 353 -43.25 -2.54 -39.29
N GLN A 354 -41.96 -2.93 -39.40
CA GLN A 354 -41.59 -4.33 -39.58
C GLN A 354 -41.89 -5.21 -38.39
N LEU A 355 -42.11 -4.63 -37.20
CA LEU A 355 -42.59 -5.36 -36.04
C LEU A 355 -44.12 -5.44 -35.98
N HIS A 356 -44.80 -5.30 -37.12
CA HIS A 356 -46.25 -5.30 -37.17
C HIS A 356 -46.88 -6.66 -36.94
N ASP A 357 -46.08 -7.73 -36.93
CA ASP A 357 -46.61 -9.04 -36.58
C ASP A 357 -46.90 -9.16 -35.09
N ALA A 358 -46.14 -8.44 -34.27
CA ALA A 358 -46.34 -8.44 -32.82
C ALA A 358 -46.73 -7.08 -32.28
N GLU A 359 -45.99 -6.03 -32.63
CA GLU A 359 -46.34 -4.69 -32.17
C GLU A 359 -47.58 -4.17 -32.86
N GLN A 360 -47.78 -4.54 -34.13
CA GLN A 360 -49.03 -4.20 -34.81
C GLN A 360 -50.16 -5.09 -34.33
N LEU A 361 -49.86 -6.28 -33.82
CA LEU A 361 -50.89 -7.15 -33.28
C LEU A 361 -51.26 -6.78 -31.85
N TRP A 362 -50.25 -6.50 -31.02
CA TRP A 362 -50.52 -6.06 -29.65
C TRP A 362 -51.09 -4.64 -29.62
N LEU A 363 -50.74 -3.82 -30.62
CA LEU A 363 -51.33 -2.49 -30.80
C LEU A 363 -52.42 -2.52 -31.85
N ASP A 364 -53.19 -3.60 -31.89
CA ASP A 364 -54.18 -3.81 -32.94
C ASP A 364 -55.36 -2.87 -32.75
N PRO A 365 -55.73 -2.09 -33.76
CA PRO A 365 -56.92 -1.24 -33.66
C PRO A 365 -58.21 -2.03 -33.83
N LEU A 366 -59.32 -1.29 -33.95
CA LEU A 366 -60.63 -1.91 -34.22
C LEU A 366 -60.62 -2.64 -35.57
N ARG A 367 -61.57 -3.56 -35.73
CA ARG A 367 -61.59 -4.51 -36.83
C ARG A 367 -61.75 -3.85 -38.20
N ALA A 368 -60.69 -3.89 -39.01
CA ALA A 368 -60.70 -3.34 -40.35
C ALA A 368 -61.12 -4.42 -41.35
N GLN A 369 -61.39 -3.98 -42.58
CA GLN A 369 -61.82 -4.90 -43.64
C GLN A 369 -60.68 -5.78 -44.12
N THR A 370 -59.44 -5.29 -44.06
CA THR A 370 -58.29 -6.09 -44.49
C THR A 370 -58.02 -7.22 -43.50
N ASP A 371 -58.04 -6.92 -42.21
CA ASP A 371 -57.96 -7.95 -41.17
C ASP A 371 -59.36 -8.41 -40.77
N GLU A 372 -60.06 -8.98 -41.77
CA GLU A 372 -61.45 -9.36 -41.64
C GLU A 372 -61.62 -10.69 -40.92
N THR A 373 -62.81 -11.29 -41.04
CA THR A 373 -63.06 -12.60 -40.45
C THR A 373 -62.19 -13.68 -41.09
N PHE A 374 -61.77 -13.50 -42.34
CA PHE A 374 -60.77 -14.37 -42.94
C PHE A 374 -59.38 -14.12 -42.38
N LEU A 375 -59.14 -12.96 -41.77
CA LEU A 375 -57.89 -12.64 -41.10
C LEU A 375 -57.99 -12.84 -39.60
N GLN A 376 -58.72 -13.87 -39.17
CA GLN A 376 -58.87 -14.18 -37.74
C GLN A 376 -57.60 -14.72 -37.10
N ARG A 377 -56.60 -15.09 -37.90
CA ARG A 377 -55.28 -15.42 -37.39
C ARG A 377 -54.20 -14.45 -37.87
N ARG A 378 -54.50 -13.58 -38.83
CA ARG A 378 -53.56 -12.60 -39.34
C ARG A 378 -53.87 -11.18 -38.88
N LEU A 379 -55.09 -10.70 -39.12
CA LEU A 379 -55.47 -9.36 -38.68
C LEU A 379 -56.17 -9.38 -37.33
N ARG A 380 -57.08 -10.32 -37.12
CA ARG A 380 -57.76 -10.50 -35.84
C ARG A 380 -57.16 -11.64 -35.03
N GLY A 381 -55.86 -11.89 -35.18
CA GLY A 381 -55.22 -12.98 -34.46
C GLY A 381 -54.94 -12.59 -33.02
N ASP A 382 -55.39 -13.43 -32.09
CA ASP A 382 -55.04 -13.25 -30.68
C ASP A 382 -53.58 -13.64 -30.49
N TRP A 383 -52.68 -12.67 -30.58
CA TRP A 383 -51.26 -12.94 -30.55
C TRP A 383 -50.63 -12.33 -29.30
N PRO A 384 -50.92 -12.88 -28.11
CA PRO A 384 -50.29 -12.36 -26.89
C PRO A 384 -48.95 -12.98 -26.57
N ALA A 385 -48.61 -14.11 -27.18
CA ALA A 385 -47.36 -14.79 -26.83
C ALA A 385 -46.15 -14.06 -27.39
N GLU A 386 -46.23 -13.60 -28.64
CA GLU A 386 -45.10 -12.88 -29.24
C GLU A 386 -44.91 -11.51 -28.60
N VAL A 387 -46.01 -10.83 -28.26
CA VAL A 387 -45.93 -9.55 -27.56
C VAL A 387 -45.39 -9.74 -26.15
N GLY A 388 -45.77 -10.84 -25.50
CA GLY A 388 -45.22 -11.15 -24.19
C GLY A 388 -43.74 -11.48 -24.24
N ASN A 389 -43.30 -12.16 -25.30
CA ASN A 389 -41.88 -12.45 -25.46
C ASN A 389 -41.09 -11.19 -25.74
N ARG A 390 -41.64 -10.28 -26.54
CA ARG A 390 -40.97 -9.00 -26.80
C ARG A 390 -40.91 -8.14 -25.54
N PHE A 391 -41.98 -8.16 -24.73
CA PHE A 391 -41.96 -7.40 -23.48
C PHE A 391 -41.00 -8.02 -22.46
N ALA A 392 -40.88 -9.35 -22.46
CA ALA A 392 -39.93 -10.01 -21.58
C ALA A 392 -38.50 -9.74 -22.02
N ASN A 393 -38.26 -9.65 -23.33
CA ASN A 393 -36.93 -9.29 -23.82
C ASN A 393 -36.59 -7.84 -23.48
N TRP A 394 -37.57 -6.94 -23.58
CA TRP A 394 -37.34 -5.55 -23.21
C TRP A 394 -37.10 -5.40 -21.70
N LEU A 395 -37.81 -6.18 -20.89
CA LEU A 395 -37.59 -6.13 -19.45
C LEU A 395 -36.27 -6.78 -19.04
N ASN A 396 -35.84 -7.80 -19.77
CA ASN A 396 -34.53 -8.40 -19.50
C ASN A 396 -33.40 -7.50 -19.96
N ARG A 397 -33.63 -6.70 -21.01
CA ARG A 397 -32.64 -5.71 -21.41
C ARG A 397 -32.58 -4.56 -20.43
N ALA A 398 -33.74 -4.13 -19.91
CA ALA A 398 -33.78 -3.07 -18.92
C ALA A 398 -33.32 -3.55 -17.55
N VAL A 399 -33.56 -4.81 -17.23
CA VAL A 399 -33.12 -5.40 -15.97
C VAL A 399 -32.28 -6.62 -16.35
N SER A 400 -30.97 -6.42 -16.47
CA SER A 400 -30.05 -7.50 -16.81
C SER A 400 -29.56 -8.13 -15.51
N SER A 401 -29.91 -9.40 -15.29
CA SER A 401 -29.53 -10.09 -14.07
C SER A 401 -28.06 -10.47 -14.11
N ASP A 402 -27.43 -10.46 -12.93
CA ASP A 402 -26.04 -10.87 -12.81
C ASP A 402 -25.95 -12.39 -12.70
N SER A 403 -24.73 -12.90 -12.84
CA SER A 403 -24.51 -14.34 -12.74
C SER A 403 -24.68 -14.84 -11.31
N GLN A 404 -24.22 -14.05 -10.34
CA GLN A 404 -24.42 -14.35 -8.93
C GLN A 404 -25.50 -13.50 -8.29
N ILE A 405 -26.38 -12.90 -9.11
CA ILE A 405 -27.45 -12.06 -8.57
C ILE A 405 -28.55 -12.92 -7.96
N LEU A 406 -28.69 -14.17 -8.42
CA LEU A 406 -29.69 -15.09 -7.88
C LEU A 406 -29.15 -15.94 -6.75
N GLY A 407 -27.96 -15.63 -6.21
CA GLY A 407 -27.38 -16.41 -5.14
C GLY A 407 -28.12 -16.29 -3.83
N SER A 408 -28.86 -15.21 -3.63
CA SER A 408 -29.67 -14.99 -2.44
C SER A 408 -31.14 -15.10 -2.85
N PRO A 409 -32.08 -15.00 -1.91
CA PRO A 409 -33.51 -15.10 -2.29
C PRO A 409 -34.02 -13.90 -3.08
N GLU A 410 -33.28 -12.79 -3.13
CA GLU A 410 -33.73 -11.61 -3.85
C GLU A 410 -33.73 -11.83 -5.36
N ALA A 411 -32.71 -12.53 -5.88
CA ALA A 411 -32.64 -12.77 -7.32
C ALA A 411 -33.71 -13.75 -7.78
N ALA A 412 -33.96 -14.80 -7.00
CA ALA A 412 -35.03 -15.74 -7.32
C ALA A 412 -36.39 -15.09 -7.19
N GLN A 413 -36.56 -14.20 -6.19
CA GLN A 413 -37.82 -13.48 -6.03
C GLN A 413 -38.04 -12.51 -7.19
N TRP A 414 -36.98 -11.86 -7.67
CA TRP A 414 -37.11 -10.94 -8.79
C TRP A 414 -37.40 -11.68 -10.08
N SER A 415 -36.78 -12.85 -10.29
CA SER A 415 -37.07 -13.64 -11.49
C SER A 415 -38.49 -14.19 -11.46
N GLN A 416 -38.95 -14.66 -10.31
CA GLN A 416 -40.32 -15.14 -10.18
C GLN A 416 -41.33 -14.01 -10.32
N GLU A 417 -40.98 -12.81 -9.84
CA GLU A 417 -41.87 -11.66 -10.00
C GLU A 417 -41.95 -11.21 -11.45
N LEU A 418 -40.83 -11.27 -12.17
CA LEU A 418 -40.84 -10.94 -13.59
C LEU A 418 -41.65 -11.96 -14.39
N SER A 419 -41.53 -13.24 -14.02
CA SER A 419 -42.33 -14.28 -14.68
C SER A 419 -43.81 -14.12 -14.39
N LYS A 420 -44.15 -13.79 -13.14
CA LYS A 420 -45.56 -13.60 -12.78
C LYS A 420 -46.14 -12.34 -13.43
N GLU A 421 -45.33 -11.29 -13.58
CA GLU A 421 -45.79 -10.09 -14.26
C GLU A 421 -45.99 -10.33 -15.75
N LEU A 422 -45.10 -11.11 -16.37
CA LEU A 422 -45.28 -11.46 -17.77
C LEU A 422 -46.50 -12.35 -17.96
N THR A 423 -46.77 -13.25 -17.01
CA THR A 423 -47.95 -14.11 -17.10
C THR A 423 -49.23 -13.30 -16.90
N MET A 424 -49.21 -12.31 -16.00
CA MET A 424 -50.38 -11.47 -15.78
C MET A 424 -50.64 -10.56 -16.99
N PHE A 425 -49.57 -10.05 -17.60
CA PHE A 425 -49.72 -9.25 -18.81
C PHE A 425 -50.24 -10.09 -19.98
N LYS A 426 -49.77 -11.34 -20.08
CA LYS A 426 -50.25 -12.22 -21.13
C LYS A 426 -51.71 -12.61 -20.91
N GLU A 427 -52.12 -12.80 -19.66
CA GLU A 427 -53.51 -13.11 -19.37
C GLU A 427 -54.42 -11.91 -19.62
N ILE A 428 -53.95 -10.71 -19.29
CA ILE A 428 -54.74 -9.51 -19.55
C ILE A 428 -54.81 -9.21 -21.04
N LEU A 429 -53.78 -9.60 -21.79
CA LEU A 429 -53.81 -9.42 -23.25
C LEU A 429 -54.71 -10.45 -23.92
N GLU A 430 -54.71 -11.69 -23.40
CA GLU A 430 -55.55 -12.73 -23.99
C GLU A 430 -57.02 -12.51 -23.65
N ASP A 431 -57.30 -12.02 -22.44
CA ASP A 431 -58.68 -11.68 -22.09
C ASP A 431 -59.17 -10.46 -22.86
N GLU A 432 -58.26 -9.56 -23.22
CA GLU A 432 -58.59 -8.40 -24.04
C GLU A 432 -58.35 -8.62 -25.52
N ARG A 433 -57.95 -9.83 -25.92
CA ARG A 433 -57.72 -10.15 -27.34
C ARG A 433 -59.01 -10.66 -27.97
N ASP A 434 -59.94 -9.73 -28.13
CA ASP A 434 -61.26 -10.05 -28.68
C ASP A 434 -62.19 -10.55 -27.58
N VAL B 3 -68.75 -0.66 3.81
CA VAL B 3 -69.81 -1.05 4.72
C VAL B 3 -70.85 -1.91 4.02
N THR B 4 -71.43 -1.38 2.94
CA THR B 4 -72.49 -2.06 2.20
C THR B 4 -71.98 -2.43 0.82
N ASP B 5 -72.22 -3.69 0.43
CA ASP B 5 -71.62 -4.25 -0.79
C ASP B 5 -72.58 -4.09 -1.97
N PRO B 6 -72.21 -3.34 -3.01
CA PRO B 6 -73.14 -3.09 -4.11
C PRO B 6 -73.32 -4.30 -5.01
N GLU B 7 -74.58 -4.53 -5.39
CA GLU B 7 -74.91 -5.64 -6.28
C GLU B 7 -74.87 -5.23 -7.75
N ALA B 8 -75.30 -4.02 -8.09
CA ALA B 8 -75.22 -3.55 -9.46
C ALA B 8 -74.17 -2.46 -9.58
N LEU B 9 -73.52 -2.39 -10.73
CA LEU B 9 -72.42 -1.45 -10.96
C LEU B 9 -72.64 -0.72 -12.27
N LEU B 10 -73.01 0.55 -12.19
CA LEU B 10 -73.24 1.40 -13.35
C LEU B 10 -71.99 2.19 -13.67
N LEU B 11 -71.73 2.35 -14.97
CA LEU B 11 -70.53 3.02 -15.46
C LEU B 11 -70.94 4.24 -16.27
N LEU B 12 -70.62 5.43 -15.76
CA LEU B 12 -70.65 6.63 -16.58
C LEU B 12 -69.44 6.58 -17.49
N PRO B 13 -69.60 6.27 -18.79
CA PRO B 13 -68.52 5.69 -19.60
C PRO B 13 -67.32 6.59 -19.89
N ARG B 14 -67.54 7.74 -20.54
CA ARG B 14 -66.48 8.71 -20.84
C ARG B 14 -67.13 10.08 -20.79
N LEU B 15 -67.05 10.73 -19.63
CA LEU B 15 -67.66 12.04 -19.46
C LEU B 15 -66.63 13.12 -19.74
N SER B 16 -66.94 14.00 -20.68
CA SER B 16 -66.13 15.16 -20.99
C SER B 16 -66.69 16.37 -20.26
N ILE B 17 -65.80 17.10 -19.56
CA ILE B 17 -66.18 18.20 -18.67
C ILE B 17 -65.25 19.38 -18.97
N GLN B 18 -65.82 20.55 -19.24
CA GLN B 18 -65.04 21.75 -19.44
C GLN B 18 -65.22 22.70 -18.27
N ASN B 19 -64.20 23.53 -18.05
CA ASN B 19 -64.20 24.66 -17.10
C ASN B 19 -64.45 24.22 -15.66
N ALA B 20 -64.05 23.00 -15.31
CA ALA B 20 -64.20 22.51 -13.95
C ALA B 20 -63.19 23.18 -13.03
N ASN B 21 -63.49 23.17 -11.74
CA ASN B 21 -62.58 23.75 -10.76
C ASN B 21 -61.37 22.83 -10.57
N ALA B 22 -60.19 23.44 -10.54
CA ALA B 22 -58.96 22.69 -10.34
C ALA B 22 -58.43 22.77 -8.91
N ILE B 23 -58.68 23.87 -8.21
CA ILE B 23 -58.00 24.13 -6.94
C ILE B 23 -58.46 23.16 -5.86
N SER B 24 -59.74 23.25 -5.48
CA SER B 24 -60.44 22.32 -4.58
C SER B 24 -59.88 22.23 -3.16
N SER B 25 -58.88 23.04 -2.82
CA SER B 25 -58.17 23.00 -1.56
C SER B 25 -57.25 24.21 -1.43
N PRO B 26 -56.93 24.66 -0.21
CA PRO B 26 -55.86 25.67 -0.05
C PRO B 26 -54.46 25.10 -0.10
N LEU B 27 -54.29 23.78 -0.19
CA LEU B 27 -52.97 23.17 -0.27
C LEU B 27 -52.68 22.46 -1.58
N THR B 28 -53.70 21.94 -2.27
CA THR B 28 -53.51 21.25 -3.55
C THR B 28 -54.12 22.07 -4.67
N TRP B 29 -53.65 21.82 -5.89
CA TRP B 29 -54.14 22.53 -7.06
C TRP B 29 -54.54 21.61 -8.21
N GLY B 30 -54.33 20.31 -8.09
CA GLY B 30 -54.38 19.45 -9.26
C GLY B 30 -55.77 18.93 -9.58
N PHE B 31 -55.96 17.63 -9.42
CA PHE B 31 -57.27 17.04 -9.61
C PHE B 31 -58.22 17.55 -8.52
N PRO B 32 -59.51 17.71 -8.84
CA PRO B 32 -60.49 18.08 -7.81
C PRO B 32 -60.70 16.97 -6.80
N SER B 33 -61.33 17.35 -5.68
CA SER B 33 -61.51 16.44 -4.57
C SER B 33 -62.55 15.36 -4.90
N PRO B 34 -62.40 14.15 -4.33
CA PRO B 34 -63.45 13.14 -4.49
C PRO B 34 -64.76 13.48 -3.81
N GLY B 35 -64.76 14.45 -2.89
CA GLY B 35 -66.00 14.90 -2.29
C GLY B 35 -66.95 15.52 -3.29
N ALA B 36 -66.42 16.14 -4.35
CA ALA B 36 -67.27 16.63 -5.44
C ALA B 36 -67.93 15.47 -6.18
N PHE B 37 -67.21 14.35 -6.34
CA PHE B 37 -67.80 13.17 -6.97
C PHE B 37 -68.87 12.54 -6.08
N THR B 38 -68.64 12.48 -4.77
CA THR B 38 -69.65 11.93 -3.86
C THR B 38 -70.88 12.82 -3.78
N GLY B 39 -70.68 14.14 -3.81
CA GLY B 39 -71.81 15.05 -3.91
C GLY B 39 -72.56 14.92 -5.21
N PHE B 40 -71.83 14.64 -6.30
CA PHE B 40 -72.48 14.43 -7.59
C PHE B 40 -73.32 13.16 -7.60
N VAL B 41 -72.81 12.08 -7.00
CA VAL B 41 -73.58 10.84 -7.00
C VAL B 41 -74.75 10.94 -6.01
N HIS B 42 -74.63 11.76 -4.97
CA HIS B 42 -75.78 11.95 -4.08
C HIS B 42 -76.84 12.83 -4.73
N ALA B 43 -76.42 13.86 -5.49
CA ALA B 43 -77.40 14.66 -6.22
C ALA B 43 -78.04 13.88 -7.36
N LEU B 44 -77.31 12.94 -7.96
CA LEU B 44 -77.91 12.04 -8.95
C LEU B 44 -78.88 11.06 -8.29
N GLN B 45 -78.60 10.66 -7.05
CA GLN B 45 -79.56 9.86 -6.30
C GLN B 45 -80.81 10.66 -5.98
N ARG B 46 -80.66 11.96 -5.73
CA ARG B 46 -81.81 12.82 -5.51
C ARG B 46 -82.65 12.98 -6.77
N ARG B 47 -82.01 13.30 -7.89
CA ARG B 47 -82.76 13.79 -9.05
C ARG B 47 -83.48 12.66 -9.79
N VAL B 48 -82.81 11.54 -10.02
CA VAL B 48 -83.45 10.40 -10.67
C VAL B 48 -83.26 9.09 -9.92
N GLY B 49 -82.38 9.02 -8.93
CA GLY B 49 -82.08 7.76 -8.27
C GLY B 49 -83.22 7.28 -7.39
N ILE B 50 -83.89 8.21 -6.71
CA ILE B 50 -85.03 7.84 -5.87
C ILE B 50 -86.27 7.57 -6.71
N SER B 51 -86.29 8.01 -7.97
CA SER B 51 -87.46 7.83 -8.82
C SER B 51 -87.52 6.47 -9.50
N LEU B 52 -86.56 5.59 -9.21
CA LEU B 52 -86.56 4.25 -9.79
C LEU B 52 -86.31 3.18 -8.73
N ASP B 53 -86.47 3.55 -7.45
CA ASP B 53 -86.26 2.67 -6.28
C ASP B 53 -84.84 2.09 -6.24
N ILE B 54 -83.86 2.94 -6.55
CA ILE B 54 -82.45 2.58 -6.48
C ILE B 54 -81.78 3.48 -5.46
N GLU B 55 -80.78 2.95 -4.75
CA GLU B 55 -79.92 3.77 -3.91
C GLU B 55 -78.51 3.77 -4.47
N LEU B 56 -77.79 4.87 -4.24
CA LEU B 56 -76.44 5.05 -4.73
C LEU B 56 -75.50 5.33 -3.55
N ASP B 57 -74.31 4.76 -3.60
CA ASP B 57 -73.43 4.67 -2.44
C ASP B 57 -72.08 5.36 -2.63
N GLY B 58 -71.44 5.21 -3.78
CA GLY B 58 -70.09 5.71 -3.94
C GLY B 58 -69.66 5.88 -5.39
N VAL B 59 -68.44 6.39 -5.59
CA VAL B 59 -67.93 6.69 -6.92
C VAL B 59 -66.61 5.97 -7.12
N GLY B 60 -66.38 5.48 -8.33
CA GLY B 60 -65.05 5.07 -8.75
C GLY B 60 -64.60 5.89 -9.93
N ILE B 61 -63.50 6.64 -9.78
CA ILE B 61 -63.08 7.61 -10.78
C ILE B 61 -61.82 7.10 -11.47
N VAL B 62 -61.69 7.41 -12.75
CA VAL B 62 -60.52 6.95 -13.49
C VAL B 62 -59.72 8.08 -14.15
N CYS B 63 -60.32 9.23 -14.47
CA CYS B 63 -59.63 10.43 -14.96
C CYS B 63 -58.81 10.16 -16.23
N HIS B 64 -59.55 9.90 -17.32
CA HIS B 64 -58.94 9.57 -18.61
C HIS B 64 -57.98 10.66 -19.08
N ARG B 65 -58.36 11.93 -18.94
CA ARG B 65 -57.44 12.99 -19.37
C ARG B 65 -57.66 14.26 -18.56
N PHE B 66 -56.60 15.07 -18.51
CA PHE B 66 -56.54 16.32 -17.76
C PHE B 66 -56.01 17.41 -18.68
N GLU B 67 -56.62 18.60 -18.60
CA GLU B 67 -56.13 19.76 -19.36
C GLU B 67 -56.27 20.99 -18.46
N ALA B 68 -55.21 21.32 -17.74
CA ALA B 68 -55.24 22.46 -16.83
C ALA B 68 -55.01 23.77 -17.58
N GLN B 69 -55.79 24.79 -17.24
CA GLN B 69 -55.60 26.13 -17.77
C GLN B 69 -54.58 26.85 -16.88
N ILE B 70 -53.30 26.62 -17.19
CA ILE B 70 -52.18 27.10 -16.41
C ILE B 70 -51.14 27.68 -17.37
N SER B 71 -50.09 28.26 -16.78
CA SER B 71 -48.95 28.76 -17.53
C SER B 71 -47.78 28.90 -16.58
N GLN B 72 -46.57 28.86 -17.14
CA GLN B 72 -45.35 29.07 -16.39
C GLN B 72 -44.77 30.42 -16.72
N PRO B 73 -44.44 31.27 -15.74
CA PRO B 73 -44.10 32.67 -16.05
C PRO B 73 -42.65 32.91 -16.45
N ALA B 74 -42.08 32.02 -17.28
CA ALA B 74 -40.91 32.25 -18.11
C ALA B 74 -39.59 32.55 -17.38
N GLY B 75 -39.59 32.62 -16.06
CA GLY B 75 -38.36 32.80 -15.33
C GLY B 75 -38.40 32.09 -13.99
N LYS B 76 -39.47 31.34 -13.77
CA LYS B 76 -39.72 30.68 -12.49
C LYS B 76 -40.00 29.21 -12.73
N ARG B 77 -39.63 28.38 -11.77
CA ARG B 77 -39.97 26.96 -11.80
C ARG B 77 -41.40 26.69 -11.40
N THR B 78 -42.12 27.69 -10.89
CA THR B 78 -43.47 27.54 -10.40
C THR B 78 -44.48 27.69 -11.54
N LYS B 79 -45.75 27.83 -11.20
CA LYS B 79 -46.82 27.87 -12.18
C LYS B 79 -47.90 28.83 -11.68
N VAL B 80 -48.55 29.52 -12.61
CA VAL B 80 -49.63 30.42 -12.26
C VAL B 80 -50.91 29.94 -12.95
N PHE B 81 -52.02 30.55 -12.56
CA PHE B 81 -53.34 30.15 -13.03
C PHE B 81 -53.85 31.11 -14.09
N ASN B 82 -54.68 30.58 -14.99
CA ASN B 82 -55.28 31.36 -16.06
C ASN B 82 -56.65 31.83 -15.62
N LEU B 83 -56.94 33.11 -15.84
CA LEU B 83 -58.15 33.72 -15.34
C LEU B 83 -58.99 34.23 -16.51
N THR B 84 -60.10 34.88 -16.17
CA THR B 84 -61.00 35.47 -17.14
C THR B 84 -61.38 36.87 -16.68
N ARG B 85 -61.79 37.70 -17.63
CA ARG B 85 -62.12 39.09 -17.32
C ARG B 85 -63.53 39.17 -16.77
N ASN B 86 -63.64 39.44 -15.48
CA ASN B 86 -64.92 39.73 -14.86
C ASN B 86 -65.48 41.04 -15.40
N PRO B 87 -66.81 41.21 -15.40
CA PRO B 87 -67.38 42.46 -15.90
C PRO B 87 -67.12 43.62 -14.94
N LEU B 88 -67.41 44.83 -15.44
CA LEU B 88 -67.14 46.04 -14.70
C LEU B 88 -68.08 46.18 -13.50
N ASN B 89 -67.66 47.02 -12.55
CA ASN B 89 -68.46 47.30 -11.37
C ASN B 89 -69.52 48.34 -11.71
N ARG B 90 -70.25 48.82 -10.69
CA ARG B 90 -71.32 49.78 -10.92
C ARG B 90 -70.77 51.16 -11.28
N ASP B 91 -69.58 51.50 -10.80
CA ASP B 91 -68.93 52.74 -11.21
C ASP B 91 -68.21 52.61 -12.54
N GLY B 92 -67.94 51.40 -13.01
CA GLY B 92 -67.23 51.20 -14.25
C GLY B 92 -65.73 51.36 -14.15
N SER B 93 -65.16 51.22 -12.94
CA SER B 93 -63.73 51.43 -12.77
C SER B 93 -62.93 50.19 -13.14
N THR B 94 -63.11 49.11 -12.38
CA THR B 94 -62.35 47.89 -12.54
C THR B 94 -63.06 46.80 -11.75
N ALA B 95 -62.51 45.60 -11.80
CA ALA B 95 -63.02 44.47 -11.04
C ALA B 95 -62.14 44.21 -9.83
N ALA B 96 -62.60 43.31 -8.97
CA ALA B 96 -61.80 42.78 -7.88
C ALA B 96 -61.32 41.40 -8.29
N ILE B 97 -60.05 41.30 -8.64
CA ILE B 97 -59.51 40.07 -9.20
C ILE B 97 -59.27 39.06 -8.08
N VAL B 98 -60.06 37.99 -8.08
CA VAL B 98 -59.80 36.81 -7.27
C VAL B 98 -59.50 35.67 -8.24
N GLU B 99 -58.60 34.79 -7.81
CA GLU B 99 -58.04 33.79 -8.72
C GLU B 99 -58.84 32.51 -8.64
N GLU B 100 -59.12 31.93 -9.81
CA GLU B 100 -59.77 30.64 -9.91
C GLU B 100 -59.03 29.79 -10.93
N GLY B 101 -59.06 28.47 -10.72
CA GLY B 101 -58.37 27.56 -11.60
C GLY B 101 -59.31 26.68 -12.39
N ARG B 102 -59.41 26.93 -13.69
CA ARG B 102 -60.25 26.11 -14.55
C ARG B 102 -59.43 24.96 -15.13
N ALA B 103 -60.14 23.90 -15.50
CA ALA B 103 -59.51 22.73 -16.08
C ALA B 103 -60.54 22.01 -16.94
N HIS B 104 -60.05 21.06 -17.72
CA HIS B 104 -60.90 20.20 -18.53
C HIS B 104 -60.60 18.76 -18.17
N LEU B 105 -61.66 17.97 -18.01
CA LEU B 105 -61.54 16.62 -17.51
C LEU B 105 -62.19 15.62 -18.46
N GLU B 106 -61.62 14.42 -18.51
CA GLU B 106 -62.27 13.26 -19.08
C GLU B 106 -62.17 12.16 -18.04
N VAL B 107 -63.32 11.71 -17.52
CA VAL B 107 -63.37 10.80 -16.39
C VAL B 107 -64.57 9.88 -16.56
N SER B 108 -64.40 8.62 -16.13
CA SER B 108 -65.49 7.67 -16.00
C SER B 108 -65.90 7.56 -14.53
N LEU B 109 -67.16 7.23 -14.29
CA LEU B 109 -67.66 7.04 -12.93
C LEU B 109 -68.17 5.63 -12.73
N LEU B 110 -67.85 5.05 -11.59
CA LEU B 110 -68.30 3.71 -11.21
C LEU B 110 -69.18 3.82 -9.98
N LEU B 111 -70.47 3.61 -10.15
CA LEU B 111 -71.46 3.82 -9.10
C LEU B 111 -72.12 2.48 -8.77
N GLY B 112 -72.45 2.29 -7.50
CA GLY B 112 -72.99 1.03 -7.01
C GLY B 112 -74.45 1.15 -6.65
N VAL B 113 -75.14 0.01 -6.66
CA VAL B 113 -76.58 -0.05 -6.44
C VAL B 113 -76.90 -1.29 -5.62
N HIS B 114 -77.73 -1.10 -4.59
CA HIS B 114 -78.15 -2.18 -3.71
C HIS B 114 -79.63 -2.53 -3.79
N GLY B 115 -80.48 -1.61 -4.23
CA GLY B 115 -81.91 -1.84 -4.24
C GLY B 115 -82.35 -2.72 -5.39
N ASP B 116 -83.64 -2.58 -5.73
CA ASP B 116 -84.23 -3.37 -6.81
C ASP B 116 -83.78 -2.79 -8.14
N GLY B 117 -82.56 -3.13 -8.53
CA GLY B 117 -81.95 -2.61 -9.74
C GLY B 117 -82.56 -3.15 -11.01
N LEU B 118 -82.40 -4.44 -11.25
CA LEU B 118 -82.94 -5.10 -12.43
C LEU B 118 -84.34 -5.66 -12.20
N ASP B 119 -84.94 -5.40 -11.04
CA ASP B 119 -86.21 -6.01 -10.70
C ASP B 119 -87.39 -5.17 -11.18
N ASP B 120 -87.48 -3.92 -10.73
CA ASP B 120 -88.61 -3.08 -11.11
C ASP B 120 -88.45 -2.52 -12.52
N HIS B 121 -87.21 -2.42 -13.01
CA HIS B 121 -86.92 -1.81 -14.29
C HIS B 121 -85.69 -2.47 -14.89
N PRO B 122 -85.60 -2.56 -16.21
CA PRO B 122 -84.40 -3.14 -16.83
C PRO B 122 -83.21 -2.19 -16.72
N ALA B 123 -82.02 -2.77 -16.91
CA ALA B 123 -80.78 -2.04 -16.72
C ALA B 123 -80.55 -1.00 -17.82
N GLN B 124 -81.05 -1.28 -19.03
CA GLN B 124 -80.76 -0.42 -20.17
C GLN B 124 -81.53 0.90 -20.07
N GLU B 125 -82.79 0.83 -19.64
CA GLU B 125 -83.60 2.04 -19.48
C GLU B 125 -83.09 2.90 -18.34
N ILE B 126 -82.67 2.29 -17.23
CA ILE B 126 -82.17 3.08 -16.12
C ILE B 126 -80.81 3.68 -16.47
N ALA B 127 -80.01 2.97 -17.27
CA ALA B 127 -78.75 3.54 -17.75
C ALA B 127 -79.00 4.73 -18.67
N ARG B 128 -79.98 4.60 -19.57
CA ARG B 128 -80.28 5.67 -20.52
C ARG B 128 -80.85 6.90 -19.83
N GLN B 129 -81.73 6.72 -18.85
CA GLN B 129 -82.30 7.91 -18.21
C GLN B 129 -81.35 8.52 -17.18
N VAL B 130 -80.45 7.73 -16.57
CA VAL B 130 -79.39 8.34 -15.78
C VAL B 130 -78.44 9.15 -16.66
N GLN B 131 -78.18 8.67 -17.90
CA GLN B 131 -77.39 9.45 -18.85
C GLN B 131 -78.09 10.75 -19.24
N GLU B 132 -79.38 10.67 -19.57
CA GLU B 132 -80.14 11.86 -19.96
C GLU B 132 -80.31 12.84 -18.80
N GLN B 133 -80.31 12.34 -17.56
CA GLN B 133 -80.30 13.24 -16.42
C GLN B 133 -78.94 13.90 -16.25
N ALA B 134 -77.87 13.09 -16.24
CA ALA B 134 -76.53 13.58 -15.95
C ALA B 134 -75.98 14.48 -17.06
N GLY B 135 -76.60 14.50 -18.23
CA GLY B 135 -76.26 15.50 -19.22
C GLY B 135 -76.98 16.83 -19.04
N ALA B 136 -77.26 17.23 -17.80
CA ALA B 136 -77.96 18.48 -17.54
C ALA B 136 -77.45 19.23 -16.32
N MET B 137 -76.28 18.89 -15.78
CA MET B 137 -75.80 19.46 -14.54
C MET B 137 -74.32 19.80 -14.65
N ARG B 138 -73.66 19.98 -13.51
CA ARG B 138 -72.23 20.24 -13.45
C ARG B 138 -71.59 19.35 -12.41
N LEU B 139 -70.32 19.00 -12.64
CA LEU B 139 -69.65 18.01 -11.80
C LEU B 139 -68.75 18.67 -10.75
N ALA B 140 -67.72 19.38 -11.19
CA ALA B 140 -66.75 19.93 -10.24
C ALA B 140 -66.85 21.45 -10.16
N GLY B 141 -67.97 22.02 -10.54
CA GLY B 141 -68.08 23.45 -10.73
C GLY B 141 -67.99 23.88 -12.17
N GLY B 142 -67.81 22.94 -13.09
CA GLY B 142 -67.80 23.23 -14.50
C GLY B 142 -68.79 22.35 -15.24
N SER B 143 -69.24 22.82 -16.40
CA SER B 143 -70.33 22.18 -17.12
C SER B 143 -69.91 20.82 -17.67
N ILE B 144 -70.81 19.85 -17.55
CA ILE B 144 -70.70 18.63 -18.35
C ILE B 144 -70.78 19.02 -19.81
N LEU B 145 -69.72 18.76 -20.55
CA LEU B 145 -69.70 19.07 -21.96
C LEU B 145 -70.65 18.11 -22.68
N PRO B 146 -71.60 18.60 -23.45
CA PRO B 146 -72.64 17.73 -24.02
C PRO B 146 -72.16 16.86 -25.16
N TRP B 147 -73.11 16.21 -25.85
CA TRP B 147 -72.80 15.20 -26.85
C TRP B 147 -72.11 15.81 -28.06
N CYS B 148 -71.00 15.20 -28.45
CA CYS B 148 -70.22 15.58 -29.62
C CYS B 148 -70.09 14.30 -30.44
N ASN B 149 -69.13 14.27 -31.37
CA ASN B 149 -68.95 13.14 -32.27
C ASN B 149 -68.50 11.81 -31.56
N GLU B 150 -68.48 11.68 -30.23
CA GLU B 150 -68.26 10.37 -29.58
C GLU B 150 -69.57 9.57 -29.58
N ARG B 151 -69.95 9.13 -30.78
CA ARG B 151 -71.17 8.31 -30.91
C ARG B 151 -70.92 6.89 -30.44
N PHE B 152 -69.66 6.44 -30.42
CA PHE B 152 -69.36 5.09 -29.96
C PHE B 152 -69.53 4.92 -28.45
N PRO B 153 -68.81 5.66 -27.55
CA PRO B 153 -68.79 5.22 -26.14
C PRO B 153 -69.97 5.72 -25.33
N ALA B 154 -71.06 6.12 -25.99
CA ALA B 154 -72.25 6.65 -25.32
C ALA B 154 -72.87 5.74 -24.25
N PRO B 155 -73.27 4.49 -24.51
CA PRO B 155 -74.12 3.78 -23.54
C PRO B 155 -73.34 3.26 -22.34
N ASN B 156 -74.08 3.00 -21.26
CA ASN B 156 -73.52 2.50 -20.01
C ASN B 156 -73.55 0.97 -19.99
N ALA B 157 -73.20 0.41 -18.83
CA ALA B 157 -73.27 -1.04 -18.63
C ALA B 157 -73.48 -1.28 -17.14
N GLU B 158 -74.73 -1.50 -16.74
CA GLU B 158 -75.07 -1.79 -15.35
C GLU B 158 -74.72 -3.23 -15.07
N LEU B 159 -73.52 -3.46 -14.55
CA LEU B 159 -73.00 -4.80 -14.34
C LEU B 159 -73.40 -5.32 -12.97
N LEU B 160 -74.01 -6.49 -12.94
CA LEU B 160 -74.41 -7.13 -11.68
C LEU B 160 -73.18 -7.78 -11.07
N MET B 161 -72.88 -7.44 -9.81
CA MET B 161 -71.59 -7.77 -9.21
C MET B 161 -71.48 -9.26 -8.90
N LEU B 162 -72.34 -9.76 -8.01
CA LEU B 162 -72.29 -11.15 -7.59
C LEU B 162 -73.15 -12.07 -8.45
N GLY B 163 -73.74 -11.56 -9.52
CA GLY B 163 -74.58 -12.39 -10.36
C GLY B 163 -73.76 -13.34 -11.22
N GLY B 164 -74.24 -14.58 -11.33
CA GLY B 164 -73.55 -15.59 -12.08
C GLY B 164 -72.47 -16.28 -11.26
N SER B 165 -71.59 -16.98 -11.97
CA SER B 165 -70.46 -17.64 -11.32
C SER B 165 -69.45 -16.60 -10.85
N ASP B 166 -68.61 -17.03 -9.89
CA ASP B 166 -67.58 -16.15 -9.35
C ASP B 166 -66.50 -15.87 -10.39
N GLU B 167 -66.08 -16.90 -11.12
CA GLU B 167 -65.16 -16.68 -12.23
C GLU B 167 -65.84 -15.91 -13.36
N GLN B 168 -67.15 -16.10 -13.55
CA GLN B 168 -67.89 -15.34 -14.56
C GLN B 168 -68.01 -13.87 -14.16
N ARG B 169 -68.21 -13.61 -12.86
CA ARG B 169 -68.19 -12.23 -12.37
C ARG B 169 -66.81 -11.61 -12.52
N ARG B 170 -65.75 -12.41 -12.33
CA ARG B 170 -64.39 -11.92 -12.50
C ARG B 170 -64.10 -11.56 -13.95
N LYS B 171 -64.50 -12.42 -14.89
CA LYS B 171 -64.23 -12.10 -16.30
C LYS B 171 -65.17 -11.05 -16.85
N ASN B 172 -66.36 -10.87 -16.25
CA ASN B 172 -67.20 -9.73 -16.63
C ASN B 172 -66.61 -8.43 -16.11
N GLN B 173 -66.03 -8.45 -14.90
CA GLN B 173 -65.30 -7.30 -14.40
C GLN B 173 -64.06 -7.00 -15.25
N ARG B 174 -63.40 -8.03 -15.77
CA ARG B 174 -62.26 -7.82 -16.66
C ARG B 174 -62.72 -7.28 -18.01
N ARG B 175 -63.86 -7.75 -18.53
CA ARG B 175 -64.41 -7.23 -19.78
C ARG B 175 -64.86 -5.78 -19.63
N LEU B 176 -65.27 -5.38 -18.43
CA LEU B 176 -65.57 -3.96 -18.21
C LEU B 176 -64.30 -3.15 -17.97
N THR B 177 -63.29 -3.76 -17.35
CA THR B 177 -62.01 -3.10 -17.11
C THR B 177 -61.26 -2.83 -18.41
N ARG B 178 -61.52 -3.67 -19.42
CA ARG B 178 -60.99 -3.43 -20.77
C ARG B 178 -61.55 -2.16 -21.41
N ARG B 179 -62.62 -1.59 -20.88
CA ARG B 179 -63.11 -0.28 -21.29
C ARG B 179 -62.56 0.84 -20.41
N LEU B 180 -61.79 0.51 -19.37
CA LEU B 180 -61.15 1.48 -18.50
C LEU B 180 -59.63 1.49 -18.68
N LEU B 181 -59.19 1.31 -19.92
CA LEU B 181 -57.76 1.20 -20.23
C LEU B 181 -56.84 2.43 -20.22
N PRO B 182 -57.31 3.59 -20.73
CA PRO B 182 -56.37 4.71 -20.79
C PRO B 182 -56.35 5.61 -19.56
N GLY B 183 -57.00 5.23 -18.46
CA GLY B 183 -56.94 6.00 -17.23
C GLY B 183 -56.52 5.13 -16.06
N PHE B 184 -56.22 5.79 -14.94
CA PHE B 184 -55.79 5.14 -13.71
C PHE B 184 -56.73 5.51 -12.57
N ALA B 185 -57.22 4.52 -11.84
CA ALA B 185 -58.18 4.75 -10.78
C ALA B 185 -57.51 5.32 -9.54
N LEU B 186 -58.33 5.76 -8.58
CA LEU B 186 -57.85 6.47 -7.39
C LEU B 186 -58.35 5.78 -6.13
N VAL B 187 -57.42 5.45 -5.22
CA VAL B 187 -57.71 4.75 -3.98
C VAL B 187 -57.07 5.49 -2.83
N SER B 188 -57.81 5.68 -1.74
CA SER B 188 -57.26 6.29 -0.53
C SER B 188 -56.35 5.29 0.16
N ARG B 189 -55.17 5.74 0.56
CA ARG B 189 -54.09 4.89 1.05
C ARG B 189 -53.64 5.34 2.44
N GLU B 190 -54.60 5.44 3.35
CA GLU B 190 -54.32 5.91 4.71
C GLU B 190 -53.43 4.95 5.48
N ALA B 191 -53.52 3.65 5.20
CA ALA B 191 -52.74 2.65 5.94
C ALA B 191 -51.25 2.79 5.65
N LEU B 192 -50.89 3.03 4.39
CA LEU B 192 -49.50 3.30 4.04
C LEU B 192 -49.01 4.59 4.68
N LEU B 193 -49.91 5.57 4.82
CA LEU B 193 -49.56 6.82 5.48
C LEU B 193 -49.25 6.59 6.96
N GLN B 194 -50.06 5.77 7.63
CA GLN B 194 -49.79 5.50 9.05
C GLN B 194 -48.54 4.67 9.23
N GLN B 195 -48.29 3.72 8.31
CA GLN B 195 -47.06 2.93 8.39
C GLN B 195 -45.82 3.79 8.16
N HIS B 196 -45.89 4.71 7.18
CA HIS B 196 -44.78 5.60 6.90
C HIS B 196 -44.53 6.57 8.05
N LEU B 197 -45.60 7.08 8.66
CA LEU B 197 -45.47 7.95 9.82
C LEU B 197 -44.89 7.19 11.02
N GLU B 198 -45.33 5.95 11.23
CA GLU B 198 -44.82 5.17 12.35
C GLU B 198 -43.37 4.77 12.15
N THR B 199 -42.93 4.60 10.90
CA THR B 199 -41.52 4.33 10.66
C THR B 199 -40.67 5.57 10.83
N LEU B 200 -41.15 6.72 10.34
CA LEU B 200 -40.33 7.93 10.48
C LEU B 200 -40.44 8.56 11.88
N ARG B 201 -41.35 8.07 12.72
CA ARG B 201 -41.49 8.61 14.08
C ARG B 201 -40.32 8.26 14.99
N THR B 202 -39.40 7.38 14.56
CA THR B 202 -38.18 7.13 15.30
C THR B 202 -37.21 8.31 15.27
N THR B 203 -37.41 9.26 14.37
CA THR B 203 -36.61 10.48 14.30
C THR B 203 -37.34 11.72 14.79
N LEU B 204 -38.63 11.87 14.44
CA LEU B 204 -39.39 13.04 14.85
C LEU B 204 -40.86 12.70 14.96
N PRO B 205 -41.53 13.17 16.01
CA PRO B 205 -42.99 12.92 16.17
C PRO B 205 -43.84 14.03 15.55
N GLU B 206 -43.79 14.15 14.22
CA GLU B 206 -44.58 15.14 13.50
C GLU B 206 -45.33 14.45 12.37
N ALA B 207 -46.60 14.81 12.20
CA ALA B 207 -47.49 14.10 11.29
C ALA B 207 -47.60 14.73 9.91
N THR B 208 -47.55 16.06 9.83
CA THR B 208 -47.66 16.73 8.53
C THR B 208 -46.39 16.55 7.69
N THR B 209 -45.25 16.36 8.34
CA THR B 209 -44.02 16.08 7.61
C THR B 209 -44.06 14.71 6.94
N LEU B 210 -44.84 13.77 7.50
CA LEU B 210 -45.04 12.48 6.85
C LEU B 210 -45.80 12.64 5.54
N ASP B 211 -46.84 13.48 5.52
CA ASP B 211 -47.55 13.73 4.28
C ASP B 211 -46.75 14.62 3.35
N ALA B 212 -45.80 15.40 3.88
CA ALA B 212 -44.93 16.19 3.02
C ALA B 212 -43.94 15.30 2.28
N LEU B 213 -43.07 14.60 3.02
CA LEU B 213 -41.96 13.87 2.43
C LEU B 213 -42.36 12.53 1.81
N LEU B 214 -43.64 12.28 1.57
CA LEU B 214 -44.07 11.05 0.92
C LEU B 214 -44.39 11.23 -0.56
N ASP B 215 -44.64 12.45 -1.02
CA ASP B 215 -45.10 12.72 -2.38
C ASP B 215 -44.22 13.75 -3.07
N LEU B 216 -42.90 13.59 -2.98
CA LEU B 216 -41.98 14.47 -3.67
C LEU B 216 -40.77 13.67 -4.12
N CYS B 217 -39.87 14.34 -4.84
CA CYS B 217 -38.63 13.72 -5.32
C CYS B 217 -37.56 13.93 -4.26
N ARG B 218 -37.51 13.02 -3.30
CA ARG B 218 -36.52 13.11 -2.23
C ARG B 218 -35.15 12.70 -2.76
N ILE B 219 -34.22 13.65 -2.80
CA ILE B 219 -32.89 13.41 -3.32
C ILE B 219 -31.93 13.31 -2.14
N ASN B 220 -31.44 12.10 -1.90
CA ASN B 220 -30.45 11.85 -0.87
C ASN B 220 -29.06 11.82 -1.49
N PHE B 221 -28.08 12.34 -0.77
CA PHE B 221 -26.72 12.44 -1.30
C PHE B 221 -26.04 11.07 -1.27
N GLU B 222 -24.78 11.05 -1.69
CA GLU B 222 -24.06 9.79 -1.85
C GLU B 222 -23.65 9.25 -0.49
N PRO B 223 -24.05 8.02 -0.13
CA PRO B 223 -23.65 7.41 1.15
C PRO B 223 -22.19 6.98 1.16
N TRP B 239 -26.53 11.01 -4.53
CA TRP B 239 -27.30 11.59 -5.62
C TRP B 239 -28.43 10.67 -6.06
N GLN B 240 -28.96 9.88 -5.14
CA GLN B 240 -30.04 8.95 -5.42
C GLN B 240 -31.39 9.57 -5.07
N VAL B 241 -32.45 8.95 -5.57
CA VAL B 241 -33.82 9.42 -5.38
C VAL B 241 -34.61 8.34 -4.66
N ARG B 242 -35.16 8.68 -3.51
CA ARG B 242 -36.01 7.77 -2.76
C ARG B 242 -37.43 7.83 -3.34
N ASP B 243 -37.96 6.68 -3.72
CA ASP B 243 -39.16 6.62 -4.55
C ASP B 243 -40.16 5.61 -4.01
N LYS B 244 -41.45 5.98 -4.05
CA LYS B 244 -42.57 5.14 -3.71
C LYS B 244 -42.94 4.25 -4.91
N PRO B 245 -43.48 3.05 -4.67
CA PRO B 245 -43.79 2.15 -5.80
C PRO B 245 -44.94 2.60 -6.68
N GLY B 246 -45.72 3.60 -6.29
CA GLY B 246 -46.84 4.03 -7.10
C GLY B 246 -46.94 5.52 -7.31
N TRP B 247 -48.15 5.99 -7.62
CA TRP B 247 -48.42 7.41 -7.83
C TRP B 247 -49.05 7.99 -6.58
N LEU B 248 -48.20 8.42 -5.65
CA LEU B 248 -48.67 9.10 -4.44
C LEU B 248 -49.05 10.54 -4.77
N VAL B 249 -50.04 11.04 -4.06
CA VAL B 249 -50.64 12.35 -4.38
C VAL B 249 -51.30 12.93 -3.14
N PRO B 250 -51.10 14.22 -2.83
CA PRO B 250 -51.91 14.85 -1.78
C PRO B 250 -53.36 14.95 -2.22
N ILE B 251 -54.26 14.49 -1.36
CA ILE B 251 -55.68 14.44 -1.68
C ILE B 251 -56.41 15.04 -0.48
N PRO B 252 -57.51 15.79 -0.68
CA PRO B 252 -58.30 16.22 0.48
C PRO B 252 -58.99 15.06 1.15
N ALA B 253 -58.60 14.77 2.39
CA ALA B 253 -59.12 13.60 3.10
C ALA B 253 -60.57 13.75 3.55
N GLY B 254 -61.03 14.97 3.75
CA GLY B 254 -62.39 15.15 4.21
C GLY B 254 -62.56 16.46 4.96
N TYR B 255 -63.39 16.41 6.00
CA TYR B 255 -63.76 17.61 6.75
C TYR B 255 -63.75 17.30 8.25
N ASN B 256 -63.11 18.17 9.02
CA ASN B 256 -63.13 18.11 10.48
C ASN B 256 -63.62 19.46 10.99
N ALA B 257 -64.68 19.44 11.79
CA ALA B 257 -65.26 20.71 12.23
C ALA B 257 -64.41 21.36 13.30
N LEU B 258 -64.46 22.68 13.36
CA LEU B 258 -63.70 23.45 14.32
C LEU B 258 -64.58 24.10 15.38
N SER B 259 -65.89 24.03 15.21
CA SER B 259 -66.89 24.58 16.11
C SER B 259 -67.97 23.53 16.36
N PRO B 260 -68.72 23.64 17.47
CA PRO B 260 -69.82 22.68 17.70
C PRO B 260 -70.99 22.84 16.75
N LEU B 261 -72.02 22.00 16.93
CA LEU B 261 -73.18 22.01 16.07
C LEU B 261 -74.01 23.28 16.27
N TYR B 262 -74.58 23.79 15.18
CA TYR B 262 -75.42 24.97 15.20
C TYR B 262 -76.77 24.67 14.58
N LEU B 263 -77.78 25.38 15.06
CA LEU B 263 -79.16 25.24 14.64
C LEU B 263 -79.36 25.85 13.25
N PRO B 264 -80.43 25.48 12.53
CA PRO B 264 -80.71 26.14 11.24
C PRO B 264 -80.94 27.64 11.29
N GLY B 265 -81.37 28.18 12.42
CA GLY B 265 -81.49 29.61 12.56
C GLY B 265 -80.39 30.28 13.35
N GLU B 266 -79.46 29.51 13.91
CA GLU B 266 -78.46 30.05 14.82
C GLU B 266 -77.37 30.85 14.13
N VAL B 267 -77.23 30.73 12.82
CA VAL B 267 -76.24 31.47 12.04
C VAL B 267 -76.96 32.37 11.05
N ARG B 268 -76.34 33.49 10.70
CA ARG B 268 -76.89 34.35 9.67
C ARG B 268 -76.33 33.96 8.31
N ASN B 269 -77.06 34.36 7.26
CA ASN B 269 -76.70 34.19 5.85
C ASN B 269 -76.56 32.72 5.46
N ALA B 270 -77.28 31.84 6.15
CA ALA B 270 -77.20 30.41 5.86
C ALA B 270 -77.89 30.10 4.54
N ARG B 271 -77.38 29.06 3.87
CA ARG B 271 -77.94 28.67 2.58
C ARG B 271 -79.35 28.14 2.70
N ASP B 272 -79.70 27.59 3.86
CA ASP B 272 -81.06 27.22 4.21
C ASP B 272 -81.24 27.41 5.70
N ARG B 273 -82.39 27.96 6.10
CA ARG B 273 -82.80 27.97 7.50
C ARG B 273 -83.58 26.73 7.87
N GLU B 274 -83.40 25.64 7.12
CA GLU B 274 -83.97 24.33 7.41
C GLU B 274 -82.87 23.29 7.56
N THR B 275 -81.61 23.73 7.66
CA THR B 275 -80.45 22.85 7.65
C THR B 275 -79.47 23.30 8.74
N PRO B 276 -79.07 22.40 9.63
CA PRO B 276 -78.15 22.79 10.70
C PRO B 276 -76.73 23.02 10.19
N LEU B 277 -75.98 23.81 10.95
CA LEU B 277 -74.71 24.38 10.49
C LEU B 277 -73.56 23.91 11.35
N ARG B 278 -72.35 24.01 10.78
CA ARG B 278 -71.10 23.73 11.48
C ARG B 278 -69.97 24.47 10.77
N PHE B 279 -68.94 24.82 11.53
CA PHE B 279 -67.76 25.49 11.00
C PHE B 279 -66.63 24.47 10.91
N VAL B 280 -66.13 24.25 9.69
CA VAL B 280 -65.29 23.10 9.39
C VAL B 280 -63.96 23.54 8.77
N GLU B 281 -63.03 22.60 8.77
CA GLU B 281 -61.69 22.73 8.22
C GLU B 281 -61.45 21.51 7.34
N ASN B 282 -60.58 21.65 6.36
CA ASN B 282 -60.35 20.62 5.34
C ASN B 282 -59.25 19.68 5.82
N LEU B 283 -59.57 18.39 5.92
CA LEU B 283 -58.57 17.37 6.18
C LEU B 283 -57.94 16.93 4.86
N PHE B 284 -56.61 16.84 4.85
CA PHE B 284 -55.84 16.47 3.67
C PHE B 284 -55.14 15.14 3.90
N GLY B 285 -55.20 14.27 2.89
CA GLY B 285 -54.67 12.93 3.06
C GLY B 285 -53.88 12.39 1.88
N LEU B 286 -53.72 11.07 1.84
CA LEU B 286 -52.89 10.39 0.85
C LEU B 286 -53.77 9.56 -0.08
N GLY B 287 -53.48 9.62 -1.38
CA GLY B 287 -54.19 8.84 -2.36
C GLY B 287 -53.20 8.16 -3.29
N GLU B 288 -53.73 7.29 -4.15
CA GLU B 288 -52.90 6.54 -5.09
C GLU B 288 -53.64 6.34 -6.40
N TRP B 289 -53.00 6.73 -7.49
CA TRP B 289 -53.48 6.43 -8.84
C TRP B 289 -52.88 5.10 -9.25
N LEU B 290 -53.72 4.07 -9.34
CA LEU B 290 -53.29 2.72 -9.65
C LEU B 290 -53.95 2.27 -10.95
N SER B 291 -53.34 1.28 -11.59
CA SER B 291 -53.91 0.76 -12.83
C SER B 291 -55.17 -0.04 -12.51
N PRO B 292 -56.20 0.03 -13.36
CA PRO B 292 -57.45 -0.69 -13.07
C PRO B 292 -57.35 -2.21 -13.16
N HIS B 293 -56.30 -2.74 -13.78
CA HIS B 293 -56.10 -4.18 -13.81
C HIS B 293 -55.38 -4.71 -12.59
N ARG B 294 -54.85 -3.84 -11.73
CA ARG B 294 -54.15 -4.31 -10.54
C ARG B 294 -55.09 -4.76 -9.44
N VAL B 295 -56.37 -4.37 -9.52
CA VAL B 295 -57.38 -4.78 -8.55
C VAL B 295 -58.35 -5.72 -9.23
N ALA B 296 -58.60 -6.87 -8.61
CA ALA B 296 -59.48 -7.86 -9.22
C ALA B 296 -60.95 -7.56 -8.92
N ALA B 297 -61.28 -7.24 -7.67
CA ALA B 297 -62.65 -6.92 -7.30
C ALA B 297 -62.96 -5.48 -7.68
N LEU B 298 -63.95 -5.30 -8.54
CA LEU B 298 -64.25 -3.99 -9.10
C LEU B 298 -64.90 -3.06 -8.08
N SER B 299 -65.50 -3.59 -7.03
CA SER B 299 -66.16 -2.79 -6.00
C SER B 299 -65.21 -2.27 -4.93
N ASP B 300 -63.90 -2.41 -5.12
CA ASP B 300 -62.96 -1.93 -4.12
C ASP B 300 -62.73 -0.42 -4.20
N LEU B 301 -62.99 0.19 -5.35
CA LEU B 301 -62.64 1.58 -5.60
C LEU B 301 -63.82 2.54 -5.45
N LEU B 302 -64.89 2.12 -4.79
CA LEU B 302 -66.08 2.95 -4.64
C LEU B 302 -65.87 3.94 -3.49
N TRP B 303 -65.82 5.22 -3.81
CA TRP B 303 -65.51 6.26 -2.82
C TRP B 303 -66.79 6.66 -2.08
N TYR B 304 -66.93 6.19 -0.84
CA TYR B 304 -68.10 6.46 -0.03
C TYR B 304 -67.89 7.70 0.84
N HIS B 305 -68.97 8.44 1.07
CA HIS B 305 -68.97 9.61 1.93
C HIS B 305 -69.77 9.28 3.19
N HIS B 306 -69.11 9.30 4.34
CA HIS B 306 -69.77 9.01 5.61
C HIS B 306 -69.45 10.09 6.63
N ALA B 307 -70.41 10.34 7.52
CA ALA B 307 -70.26 11.31 8.58
C ALA B 307 -70.31 10.63 9.94
N GLU B 308 -69.53 11.16 10.88
CA GLU B 308 -69.61 10.81 12.30
C GLU B 308 -70.00 12.11 13.01
N PRO B 309 -71.29 12.48 13.01
CA PRO B 309 -71.69 13.83 13.40
C PRO B 309 -71.60 14.11 14.90
N ASP B 310 -71.24 13.14 15.73
CA ASP B 310 -70.95 13.44 17.14
C ASP B 310 -69.69 14.26 17.28
N LYS B 311 -68.75 14.10 16.35
CA LYS B 311 -67.58 14.96 16.26
C LYS B 311 -67.51 15.55 14.86
N GLY B 312 -66.37 16.14 14.49
CA GLY B 312 -66.31 16.91 13.26
C GLY B 312 -66.14 16.13 11.97
N LEU B 313 -66.06 14.80 12.02
CA LEU B 313 -65.66 14.01 10.86
C LEU B 313 -66.77 13.96 9.81
N TYR B 314 -66.52 14.60 8.67
CA TYR B 314 -67.32 14.42 7.45
C TYR B 314 -66.33 13.89 6.41
N ARG B 315 -66.14 12.57 6.40
CA ARG B 315 -65.03 11.93 5.73
C ARG B 315 -65.49 11.30 4.43
N TRP B 316 -64.66 11.41 3.38
CA TRP B 316 -64.82 10.62 2.18
C TRP B 316 -63.61 9.70 2.04
N SER B 317 -63.86 8.42 1.84
CA SER B 317 -62.81 7.44 1.61
C SER B 317 -63.41 6.33 0.76
N THR B 318 -62.66 5.25 0.56
CA THR B 318 -63.17 4.12 -0.20
C THR B 318 -62.81 2.81 0.48
N PRO B 319 -63.44 2.47 1.61
CA PRO B 319 -63.02 1.31 2.40
C PRO B 319 -63.32 -0.01 1.70
N ARG B 320 -62.70 -1.06 2.23
CA ARG B 320 -62.56 -2.37 1.61
C ARG B 320 -61.94 -2.24 0.21
N PHE B 321 -60.66 -1.86 0.20
CA PHE B 321 -59.93 -1.74 -1.05
C PHE B 321 -59.01 -2.91 -1.33
N VAL B 322 -58.40 -3.51 -0.31
CA VAL B 322 -57.49 -4.64 -0.49
C VAL B 322 -58.01 -5.84 0.30
N LEU C 6 -32.41 -40.34 -14.43
CA LEU C 6 -32.28 -40.29 -15.89
C LEU C 6 -33.52 -39.65 -16.48
N SER C 7 -33.42 -38.37 -16.84
CA SER C 7 -34.51 -37.64 -17.49
C SER C 7 -34.25 -37.53 -18.99
N THR C 8 -35.26 -37.03 -19.70
CA THR C 8 -35.15 -36.89 -21.14
C THR C 8 -34.29 -35.67 -21.50
N ALA C 9 -33.71 -35.72 -22.70
CA ALA C 9 -32.82 -34.65 -23.14
C ALA C 9 -33.61 -33.41 -23.55
N SER C 10 -32.96 -32.26 -23.44
CA SER C 10 -33.64 -31.01 -23.75
C SER C 10 -33.78 -30.81 -25.25
N VAL C 11 -32.78 -31.21 -26.02
CA VAL C 11 -32.90 -31.22 -27.48
C VAL C 11 -32.65 -32.65 -27.95
N LEU C 12 -33.43 -33.08 -28.93
CA LEU C 12 -33.33 -34.42 -29.48
C LEU C 12 -33.90 -34.38 -30.88
N ALA C 13 -33.05 -34.62 -31.88
CA ALA C 13 -33.44 -34.46 -33.27
C ALA C 13 -33.02 -35.68 -34.05
N PHE C 14 -33.96 -36.28 -34.76
CA PHE C 14 -33.71 -37.42 -35.62
C PHE C 14 -33.87 -36.99 -37.07
N GLU C 15 -32.87 -37.29 -37.89
CA GLU C 15 -33.02 -37.14 -39.32
C GLU C 15 -34.02 -38.17 -39.84
N ARG C 16 -34.65 -37.86 -40.95
CA ARG C 16 -35.62 -38.77 -41.53
C ARG C 16 -34.90 -39.95 -42.19
N LYS C 17 -35.58 -41.09 -42.18
CA LYS C 17 -35.28 -42.19 -43.07
C LYS C 17 -36.41 -42.29 -44.07
N LEU C 18 -36.20 -43.12 -45.09
CA LEU C 18 -37.11 -43.28 -46.24
C LEU C 18 -37.35 -41.91 -46.92
N ASP C 19 -36.27 -41.36 -47.45
CA ASP C 19 -36.31 -40.00 -47.99
C ASP C 19 -36.66 -40.05 -49.48
N PRO C 20 -37.82 -39.54 -49.88
CA PRO C 20 -38.20 -39.59 -51.28
C PRO C 20 -37.71 -38.36 -52.05
N SER C 21 -37.92 -38.40 -53.36
CA SER C 21 -37.63 -37.27 -54.22
C SER C 21 -38.90 -36.46 -54.46
N ASP C 22 -38.81 -35.51 -55.38
CA ASP C 22 -40.01 -34.85 -55.88
C ASP C 22 -40.54 -35.62 -57.07
N ALA C 23 -41.80 -36.04 -57.00
CA ALA C 23 -42.38 -36.93 -58.00
C ALA C 23 -42.79 -36.13 -59.23
N LEU C 24 -42.19 -36.46 -60.37
CA LEU C 24 -42.45 -35.76 -61.62
C LEU C 24 -43.57 -36.42 -62.39
N MET C 25 -44.30 -35.60 -63.16
CA MET C 25 -45.43 -36.04 -63.95
C MET C 25 -45.07 -36.05 -65.43
N SER C 26 -45.63 -37.00 -66.16
CA SER C 26 -45.53 -37.09 -67.60
C SER C 26 -46.79 -37.76 -68.12
N ALA C 27 -46.97 -37.74 -69.43
CA ALA C 27 -48.19 -38.26 -70.02
C ALA C 27 -47.86 -39.24 -71.14
N GLY C 28 -48.76 -40.20 -71.34
CA GLY C 28 -48.57 -41.14 -72.43
C GLY C 28 -49.82 -41.95 -72.67
N ALA C 29 -49.71 -42.88 -73.62
CA ALA C 29 -50.77 -43.82 -73.92
C ALA C 29 -50.51 -45.16 -73.25
N TRP C 30 -51.58 -45.89 -72.98
CA TRP C 30 -51.43 -47.21 -72.40
C TRP C 30 -50.89 -48.18 -73.44
N ALA C 31 -50.22 -49.23 -72.94
CA ALA C 31 -49.39 -50.22 -73.63
C ALA C 31 -48.11 -49.63 -74.22
N GLN C 32 -47.88 -48.32 -74.08
CA GLN C 32 -46.57 -47.71 -74.26
C GLN C 32 -45.83 -47.60 -72.93
N ARG C 33 -46.27 -48.34 -71.92
CA ARG C 33 -45.73 -48.19 -70.57
C ARG C 33 -44.32 -48.72 -70.46
N ASP C 34 -43.93 -49.64 -71.33
CA ASP C 34 -42.56 -50.16 -71.31
C ASP C 34 -41.63 -49.37 -72.22
N ALA C 35 -42.16 -48.45 -73.02
CA ALA C 35 -41.36 -47.52 -73.81
C ALA C 35 -41.50 -46.09 -73.29
N SER C 36 -41.75 -45.94 -71.99
CA SER C 36 -42.06 -44.64 -71.41
C SER C 36 -40.80 -43.94 -70.91
N GLN C 37 -39.92 -43.62 -71.86
CA GLN C 37 -38.71 -42.87 -71.58
C GLN C 37 -38.69 -41.49 -72.21
N GLU C 38 -39.28 -41.32 -73.39
CA GLU C 38 -39.38 -40.03 -74.06
C GLU C 38 -40.78 -39.46 -74.00
N TRP C 39 -41.53 -39.78 -72.94
CA TRP C 39 -42.87 -39.25 -72.79
C TRP C 39 -42.81 -37.76 -72.45
N PRO C 40 -43.61 -36.92 -73.10
CA PRO C 40 -43.60 -35.49 -72.76
C PRO C 40 -44.28 -35.24 -71.42
N ALA C 41 -43.77 -34.24 -70.71
CA ALA C 41 -44.23 -33.94 -69.37
C ALA C 41 -45.54 -33.17 -69.39
N VAL C 42 -46.28 -33.27 -68.28
CA VAL C 42 -47.55 -32.56 -68.14
C VAL C 42 -47.25 -31.08 -67.87
N THR C 43 -47.54 -30.23 -68.85
CA THR C 43 -47.25 -28.83 -68.73
C THR C 43 -48.35 -28.11 -67.94
N VAL C 44 -47.94 -27.27 -67.00
CA VAL C 44 -48.87 -26.46 -66.22
C VAL C 44 -49.17 -25.20 -67.01
N ARG C 45 -50.46 -24.96 -67.28
CA ARG C 45 -50.89 -23.81 -68.04
C ARG C 45 -51.79 -22.93 -67.17
N GLU C 46 -52.14 -21.77 -67.71
CA GLU C 46 -52.93 -20.78 -67.00
C GLU C 46 -54.22 -20.51 -67.76
N LYS C 47 -55.31 -20.37 -67.00
CA LYS C 47 -56.62 -20.16 -67.58
C LYS C 47 -57.38 -19.16 -66.72
N SER C 48 -58.55 -18.75 -67.20
CA SER C 48 -59.35 -17.74 -66.53
C SER C 48 -60.66 -18.32 -65.99
N GLN C 77 -60.89 -14.48 -61.91
CA GLN C 77 -59.52 -14.66 -61.44
C GLN C 77 -58.75 -15.60 -62.35
N THR C 78 -57.44 -15.66 -62.15
CA THR C 78 -56.57 -16.52 -62.94
C THR C 78 -56.25 -17.79 -62.13
N VAL C 79 -56.39 -18.94 -62.78
CA VAL C 79 -56.15 -20.24 -62.14
C VAL C 79 -55.07 -20.96 -62.94
N ASP C 80 -54.21 -21.70 -62.23
CA ASP C 80 -53.23 -22.54 -62.87
C ASP C 80 -53.74 -23.97 -62.89
N VAL C 81 -53.87 -24.54 -64.10
CA VAL C 81 -54.42 -25.88 -64.27
C VAL C 81 -53.39 -26.73 -64.99
N ALA C 82 -53.40 -28.03 -64.70
CA ALA C 82 -52.54 -28.99 -65.39
C ALA C 82 -53.44 -30.06 -65.98
N ASN C 83 -53.42 -30.19 -67.30
CA ASN C 83 -54.27 -31.12 -68.01
C ASN C 83 -53.42 -32.11 -68.79
N LEU C 84 -53.96 -33.32 -68.93
CA LEU C 84 -53.35 -34.28 -69.84
C LEU C 84 -53.62 -33.87 -71.28
N PRO C 85 -52.75 -34.23 -72.21
CA PRO C 85 -53.04 -33.98 -73.63
C PRO C 85 -54.21 -34.83 -74.12
N SER C 86 -54.76 -34.41 -75.26
CA SER C 86 -55.94 -35.06 -75.80
C SER C 86 -55.63 -36.39 -76.47
N ASP C 87 -54.36 -36.70 -76.72
CA ASP C 87 -53.96 -37.98 -77.28
C ASP C 87 -53.29 -38.90 -76.27
N ALA C 88 -53.27 -38.52 -74.99
CA ALA C 88 -52.71 -39.36 -73.94
C ALA C 88 -53.74 -39.55 -72.83
N ASP C 89 -53.77 -40.75 -72.25
CA ASP C 89 -54.74 -41.08 -71.22
C ASP C 89 -54.09 -41.52 -69.92
N THR C 90 -52.78 -41.76 -69.91
CA THR C 90 -52.08 -42.28 -68.73
C THR C 90 -51.15 -41.23 -68.17
N LEU C 91 -51.23 -41.02 -66.87
CA LEU C 91 -50.32 -40.19 -66.11
C LEU C 91 -49.22 -41.06 -65.53
N LYS C 92 -47.97 -40.69 -65.82
CA LYS C 92 -46.80 -41.38 -65.32
C LYS C 92 -46.15 -40.50 -64.27
N VAL C 93 -46.09 -41.00 -63.03
CA VAL C 93 -45.52 -40.28 -61.91
C VAL C 93 -44.28 -41.03 -61.45
N ARG C 94 -43.14 -40.35 -61.47
CA ARG C 94 -41.85 -40.99 -61.20
C ARG C 94 -41.13 -40.28 -60.07
N PHE C 95 -40.66 -41.05 -59.08
CA PHE C 95 -39.79 -40.49 -58.07
C PHE C 95 -38.73 -41.52 -57.69
N THR C 96 -37.83 -41.12 -56.81
CA THR C 96 -36.75 -41.96 -56.32
C THR C 96 -36.76 -41.92 -54.80
N LEU C 97 -36.45 -43.06 -54.18
CA LEU C 97 -36.59 -43.23 -52.74
C LEU C 97 -35.35 -43.90 -52.19
N ARG C 98 -34.79 -43.32 -51.12
CA ARG C 98 -33.57 -43.82 -50.51
C ARG C 98 -33.88 -44.37 -49.12
N VAL C 99 -33.42 -45.58 -48.85
CA VAL C 99 -33.52 -46.21 -47.54
C VAL C 99 -32.09 -46.36 -47.02
N LEU C 100 -31.84 -45.78 -45.84
CA LEU C 100 -30.51 -45.55 -45.31
C LEU C 100 -30.22 -46.38 -44.06
N GLY C 101 -31.06 -46.30 -43.04
CA GLY C 101 -30.90 -47.08 -41.83
C GLY C 101 -30.25 -46.29 -40.71
N GLY C 102 -30.15 -46.96 -39.56
CA GLY C 102 -29.64 -46.33 -38.36
C GLY C 102 -30.69 -45.44 -37.73
N ALA C 103 -31.91 -45.96 -37.60
CA ALA C 103 -33.06 -45.15 -37.23
C ALA C 103 -33.16 -44.86 -35.73
N GLY C 104 -32.25 -45.39 -34.92
CA GLY C 104 -32.30 -45.12 -33.50
C GLY C 104 -31.35 -44.03 -33.05
N THR C 105 -30.34 -43.76 -33.86
CA THR C 105 -29.32 -42.78 -33.50
C THR C 105 -29.81 -41.38 -33.79
N PRO C 106 -29.81 -40.47 -32.82
CA PRO C 106 -30.22 -39.09 -33.09
C PRO C 106 -29.08 -38.29 -33.71
N SER C 107 -29.46 -37.20 -34.37
CA SER C 107 -28.48 -36.29 -34.94
C SER C 107 -28.01 -35.23 -33.95
N ALA C 108 -28.73 -35.05 -32.83
CA ALA C 108 -28.36 -34.10 -31.80
C ALA C 108 -29.05 -34.51 -30.52
N CYS C 109 -28.31 -34.54 -29.42
CA CYS C 109 -28.86 -34.92 -28.12
C CYS C 109 -27.93 -34.40 -27.02
N ASN C 110 -28.53 -33.98 -25.91
CA ASN C 110 -27.75 -33.43 -24.81
C ASN C 110 -27.27 -34.51 -23.84
N ASP C 111 -28.20 -35.23 -23.22
CA ASP C 111 -27.86 -36.20 -22.20
C ASP C 111 -27.29 -37.45 -22.87
N ALA C 112 -26.08 -37.83 -22.48
CA ALA C 112 -25.47 -39.04 -23.03
C ALA C 112 -26.10 -40.30 -22.45
N ALA C 113 -26.55 -40.23 -21.19
CA ALA C 113 -27.22 -41.36 -20.57
C ALA C 113 -28.55 -41.65 -21.25
N TYR C 114 -29.29 -40.59 -21.62
CA TYR C 114 -30.53 -40.77 -22.36
C TYR C 114 -30.27 -41.34 -23.74
N ARG C 115 -29.19 -40.92 -24.40
CA ARG C 115 -28.90 -41.44 -25.73
C ARG C 115 -28.47 -42.90 -25.69
N ASP C 116 -27.72 -43.29 -24.65
CA ASP C 116 -27.36 -44.70 -24.51
C ASP C 116 -28.56 -45.56 -24.15
N LYS C 117 -29.45 -45.04 -23.30
CA LYS C 117 -30.67 -45.75 -22.95
C LYS C 117 -31.59 -45.92 -24.16
N LEU C 118 -31.69 -44.88 -24.99
CA LEU C 118 -32.52 -44.95 -26.19
C LEU C 118 -31.90 -45.88 -27.22
N LEU C 119 -30.58 -45.87 -27.35
CA LEU C 119 -29.90 -46.75 -28.30
C LEU C 119 -30.04 -48.21 -27.89
N GLN C 120 -29.91 -48.52 -26.61
CA GLN C 120 -30.09 -49.90 -26.18
C GLN C 120 -31.56 -50.30 -26.20
N THR C 121 -32.49 -49.35 -26.07
CA THR C 121 -33.90 -49.68 -26.19
C THR C 121 -34.26 -50.02 -27.64
N VAL C 122 -33.74 -49.25 -28.60
CA VAL C 122 -33.92 -49.58 -30.01
C VAL C 122 -33.20 -50.89 -30.35
N ALA C 123 -32.08 -51.17 -29.68
CA ALA C 123 -31.39 -52.45 -29.87
C ALA C 123 -32.23 -53.63 -29.37
N THR C 124 -32.88 -53.47 -28.22
CA THR C 124 -33.78 -54.53 -27.75
C THR C 124 -35.01 -54.67 -28.64
N TYR C 125 -35.48 -53.57 -29.22
CA TYR C 125 -36.59 -53.68 -30.17
C TYR C 125 -36.18 -54.43 -31.42
N VAL C 126 -34.99 -54.13 -31.96
CA VAL C 126 -34.57 -54.79 -33.19
C VAL C 126 -34.09 -56.21 -32.93
N ASN C 127 -33.73 -56.55 -31.69
CA ASN C 127 -33.42 -57.93 -31.35
C ASN C 127 -34.68 -58.73 -31.06
N GLU C 128 -35.75 -58.05 -30.63
CA GLU C 128 -37.04 -58.71 -30.45
C GLU C 128 -37.61 -59.16 -31.79
N GLN C 129 -37.78 -58.22 -32.72
CA GLN C 129 -38.11 -58.56 -34.10
C GLN C 129 -37.47 -57.50 -34.99
N GLY C 130 -37.35 -57.83 -36.27
CA GLY C 130 -36.76 -56.88 -37.20
C GLY C 130 -37.69 -55.76 -37.59
N PHE C 131 -37.33 -55.03 -38.64
CA PHE C 131 -38.19 -53.99 -39.19
C PHE C 131 -39.24 -54.54 -40.15
N ALA C 132 -39.47 -55.86 -40.13
CA ALA C 132 -40.23 -56.53 -41.18
C ALA C 132 -41.70 -56.16 -41.18
N GLU C 133 -42.26 -55.82 -40.02
CA GLU C 133 -43.65 -55.35 -39.98
C GLU C 133 -43.77 -53.94 -40.55
N LEU C 134 -42.88 -53.04 -40.11
CA LEU C 134 -42.90 -51.68 -40.61
C LEU C 134 -42.49 -51.62 -42.09
N ALA C 135 -41.51 -52.43 -42.48
CA ALA C 135 -41.15 -52.50 -43.88
C ALA C 135 -42.22 -53.20 -44.70
N ARG C 136 -43.00 -54.09 -44.09
CA ARG C 136 -44.14 -54.69 -44.77
C ARG C 136 -45.22 -53.66 -45.06
N ARG C 137 -45.51 -52.81 -44.07
CA ARG C 137 -46.48 -51.74 -44.30
C ARG C 137 -45.95 -50.69 -45.26
N TYR C 138 -44.64 -50.42 -45.25
CA TYR C 138 -44.06 -49.46 -46.18
C TYR C 138 -44.05 -50.03 -47.61
N ALA C 139 -43.79 -51.33 -47.76
CA ALA C 139 -43.87 -51.95 -49.07
C ALA C 139 -45.31 -52.05 -49.55
N HIS C 140 -46.26 -52.14 -48.63
CA HIS C 140 -47.67 -52.06 -49.00
C HIS C 140 -48.03 -50.65 -49.49
N ASN C 141 -47.54 -49.63 -48.80
CA ASN C 141 -47.79 -48.25 -49.24
C ASN C 141 -47.03 -47.90 -50.51
N LEU C 142 -45.96 -48.62 -50.81
CA LEU C 142 -45.34 -48.53 -52.13
C LEU C 142 -46.11 -49.34 -53.16
N ALA C 143 -46.82 -50.39 -52.71
CA ALA C 143 -47.52 -51.27 -53.64
C ALA C 143 -48.78 -50.60 -54.19
N ASN C 144 -49.65 -50.13 -53.31
CA ASN C 144 -50.74 -49.29 -53.77
C ASN C 144 -50.20 -47.89 -54.03
N ALA C 145 -50.75 -47.23 -55.04
CA ALA C 145 -50.26 -45.89 -55.40
C ALA C 145 -50.98 -44.84 -54.55
N ARG C 146 -50.69 -44.90 -53.24
CA ARG C 146 -51.28 -43.94 -52.33
C ARG C 146 -50.66 -42.56 -52.48
N PHE C 147 -49.45 -42.47 -53.06
CA PHE C 147 -48.83 -41.18 -53.29
C PHE C 147 -49.51 -40.39 -54.40
N LEU C 148 -50.33 -41.03 -55.23
CA LEU C 148 -51.26 -40.32 -56.10
C LEU C 148 -52.50 -40.04 -55.26
N TRP C 149 -52.59 -38.82 -54.73
CA TRP C 149 -53.62 -38.52 -53.74
C TRP C 149 -54.99 -38.37 -54.39
N ARG C 150 -55.11 -37.42 -55.31
CA ARG C 150 -56.33 -37.27 -56.08
C ARG C 150 -56.17 -37.75 -57.52
N ASN C 151 -55.00 -38.27 -57.89
CA ASN C 151 -54.84 -38.84 -59.21
C ASN C 151 -55.16 -40.34 -59.25
N ARG C 152 -55.44 -40.95 -58.10
CA ARG C 152 -55.84 -42.34 -58.03
C ARG C 152 -57.35 -42.52 -57.89
N VAL C 153 -58.04 -41.51 -57.37
CA VAL C 153 -59.49 -41.58 -57.23
C VAL C 153 -60.13 -41.50 -58.61
N GLY C 154 -60.83 -42.56 -59.00
CA GLY C 154 -61.47 -42.60 -60.30
C GLY C 154 -60.57 -42.98 -61.44
N ALA C 155 -59.49 -43.71 -61.18
CA ALA C 155 -58.59 -44.17 -62.22
C ALA C 155 -59.04 -45.53 -62.73
N GLU C 156 -58.84 -45.76 -64.03
CA GLU C 156 -59.28 -47.01 -64.63
C GLU C 156 -58.33 -48.16 -64.25
N ALA C 157 -57.02 -47.95 -64.43
CA ALA C 157 -56.04 -48.97 -64.08
C ALA C 157 -54.75 -48.29 -63.65
N VAL C 158 -54.24 -48.69 -62.48
CA VAL C 158 -53.00 -48.15 -61.96
C VAL C 158 -52.00 -49.30 -61.83
N GLU C 159 -50.81 -49.12 -62.39
CA GLU C 159 -49.75 -50.11 -62.34
C GLU C 159 -48.46 -49.43 -61.90
N VAL C 160 -47.75 -50.05 -60.95
CA VAL C 160 -46.54 -49.47 -60.40
C VAL C 160 -45.37 -50.40 -60.69
N ARG C 161 -44.29 -49.83 -61.21
CA ARG C 161 -43.02 -50.52 -61.41
C ARG C 161 -42.00 -49.94 -60.43
N ILE C 162 -41.41 -50.82 -59.62
CA ILE C 162 -40.44 -50.43 -58.61
C ILE C 162 -39.12 -51.12 -58.97
N ASN C 163 -38.08 -50.33 -59.22
CA ASN C 163 -36.78 -50.85 -59.62
C ASN C 163 -35.78 -50.63 -58.50
N HIS C 164 -35.24 -51.71 -57.97
CA HIS C 164 -34.05 -51.65 -57.12
C HIS C 164 -32.84 -51.43 -58.01
N ILE C 165 -32.15 -50.32 -57.78
CA ILE C 165 -31.05 -49.86 -58.61
C ILE C 165 -29.81 -49.91 -57.73
N ARG C 166 -29.04 -50.99 -57.81
CA ARG C 166 -27.87 -51.14 -56.95
C ARG C 166 -26.67 -50.34 -57.50
N GLN C 167 -26.13 -50.75 -58.63
CA GLN C 167 -25.16 -49.97 -59.36
C GLN C 167 -25.97 -49.11 -60.34
N GLY C 168 -25.33 -48.42 -61.28
CA GLY C 168 -26.02 -47.52 -62.20
C GLY C 168 -26.97 -48.15 -63.22
N GLU C 169 -27.17 -49.46 -63.15
CA GLU C 169 -28.17 -50.18 -63.92
C GLU C 169 -29.19 -50.79 -62.96
N VAL C 170 -30.26 -51.34 -63.52
CA VAL C 170 -31.35 -51.91 -62.73
C VAL C 170 -30.90 -53.26 -62.18
N ALA C 171 -31.24 -53.53 -60.92
CA ALA C 171 -30.96 -54.82 -60.30
C ALA C 171 -32.19 -55.67 -60.09
N ARG C 172 -33.31 -55.11 -59.64
CA ARG C 172 -34.50 -55.92 -59.47
C ARG C 172 -35.73 -55.11 -59.86
N THR C 173 -36.76 -55.80 -60.35
CA THR C 173 -38.01 -55.17 -60.74
C THR C 173 -39.16 -55.81 -59.98
N TRP C 174 -40.10 -54.97 -59.52
CA TRP C 174 -41.38 -55.41 -58.99
C TRP C 174 -42.48 -54.73 -59.80
N ARG C 175 -43.48 -55.50 -60.19
CA ARG C 175 -44.64 -54.97 -60.92
C ARG C 175 -45.89 -55.27 -60.10
N PHE C 176 -46.56 -54.24 -59.63
CA PHE C 176 -47.78 -54.43 -58.86
C PHE C 176 -48.94 -53.70 -59.52
N ASP C 177 -50.14 -54.26 -59.34
CA ASP C 177 -51.37 -53.56 -59.69
C ASP C 177 -51.87 -52.86 -58.43
N ALA C 178 -51.93 -51.54 -58.47
CA ALA C 178 -52.29 -50.78 -57.28
C ALA C 178 -53.75 -50.91 -56.91
N LEU C 179 -54.63 -51.23 -57.86
CA LEU C 179 -56.02 -51.46 -57.51
C LEU C 179 -56.22 -52.81 -56.83
N ALA C 180 -55.28 -53.75 -57.03
CA ALA C 180 -55.39 -55.05 -56.37
C ALA C 180 -55.13 -54.93 -54.88
N ILE C 181 -54.03 -54.27 -54.49
CA ILE C 181 -53.72 -54.05 -53.09
C ILE C 181 -54.53 -52.83 -52.63
N GLY C 182 -55.57 -53.08 -51.85
CA GLY C 182 -56.43 -52.01 -51.40
C GLY C 182 -55.80 -51.16 -50.33
N LEU C 183 -56.46 -50.04 -50.04
CA LEU C 183 -55.97 -49.06 -49.08
C LEU C 183 -56.38 -49.36 -47.65
N ARG C 184 -57.01 -50.49 -47.38
CA ARG C 184 -57.61 -50.74 -46.07
C ARG C 184 -56.80 -51.69 -45.20
N ASP C 185 -56.28 -52.77 -45.77
CA ASP C 185 -55.64 -53.82 -44.98
C ASP C 185 -54.29 -54.20 -45.58
N PHE C 186 -53.43 -54.76 -44.74
CA PHE C 186 -52.13 -55.27 -45.17
C PHE C 186 -52.28 -56.72 -45.63
N LYS C 187 -51.81 -57.01 -46.84
CA LYS C 187 -51.94 -58.32 -47.43
C LYS C 187 -50.62 -59.08 -47.33
N ALA C 188 -50.56 -60.23 -47.98
CA ALA C 188 -49.34 -61.03 -48.08
C ALA C 188 -49.15 -61.45 -49.52
N ASP C 189 -47.96 -61.20 -50.05
CA ASP C 189 -47.59 -61.58 -51.41
C ASP C 189 -46.09 -61.81 -51.41
N ALA C 190 -45.64 -62.77 -52.21
CA ALA C 190 -44.24 -63.18 -52.18
C ALA C 190 -43.33 -62.08 -52.74
N GLU C 191 -43.77 -61.40 -53.79
CA GLU C 191 -43.02 -60.26 -54.30
C GLU C 191 -43.08 -59.09 -53.32
N LEU C 192 -44.24 -58.89 -52.68
CA LEU C 192 -44.37 -57.83 -51.68
C LEU C 192 -43.54 -58.14 -50.45
N ASP C 193 -43.48 -59.41 -50.04
CA ASP C 193 -42.61 -59.76 -48.91
C ASP C 193 -41.13 -59.70 -49.28
N ALA C 194 -40.78 -59.93 -50.54
CA ALA C 194 -39.39 -59.75 -50.96
C ALA C 194 -39.00 -58.28 -50.95
N LEU C 195 -39.90 -57.41 -51.43
CA LEU C 195 -39.68 -55.97 -51.36
C LEU C 195 -39.60 -55.48 -49.91
N ALA C 196 -40.45 -56.04 -49.04
CA ALA C 196 -40.40 -55.70 -47.63
C ALA C 196 -39.13 -56.20 -46.97
N GLU C 197 -38.59 -57.33 -47.42
CA GLU C 197 -37.33 -57.82 -46.88
C GLU C 197 -36.18 -56.92 -47.33
N LEU C 198 -36.26 -56.38 -48.55
CA LEU C 198 -35.28 -55.40 -49.00
C LEU C 198 -35.34 -54.12 -48.17
N ILE C 199 -36.56 -53.62 -47.90
CA ILE C 199 -36.71 -52.39 -47.11
C ILE C 199 -36.28 -52.63 -45.66
N ALA C 200 -36.55 -53.81 -45.11
CA ALA C 200 -36.11 -54.12 -43.76
C ALA C 200 -34.60 -54.34 -43.70
N SER C 201 -33.99 -54.78 -44.80
CA SER C 201 -32.54 -54.85 -44.86
C SER C 201 -31.93 -53.46 -44.90
N GLY C 202 -32.59 -52.53 -45.58
CA GLY C 202 -32.11 -51.16 -45.60
C GLY C 202 -32.27 -50.45 -44.27
N LEU C 203 -33.41 -50.66 -43.60
CA LEU C 203 -33.67 -50.02 -42.32
C LEU C 203 -32.80 -50.56 -41.20
N SER C 204 -32.28 -51.78 -41.34
CA SER C 204 -31.43 -52.38 -40.33
C SER C 204 -29.96 -51.98 -40.49
N GLY C 205 -29.64 -51.17 -41.50
CA GLY C 205 -28.27 -50.81 -41.74
C GLY C 205 -27.43 -51.87 -42.40
N SER C 206 -28.04 -52.96 -42.86
CA SER C 206 -27.33 -54.04 -43.52
C SER C 206 -27.12 -53.80 -45.00
N GLY C 207 -27.56 -52.66 -45.52
CA GLY C 207 -27.37 -52.35 -46.92
C GLY C 207 -27.99 -51.01 -47.23
N HIS C 208 -27.61 -50.48 -48.39
CA HIS C 208 -28.09 -49.19 -48.86
C HIS C 208 -29.07 -49.41 -50.00
N VAL C 209 -30.27 -48.85 -49.88
CA VAL C 209 -31.34 -49.12 -50.84
C VAL C 209 -31.69 -47.83 -51.58
N LEU C 210 -31.72 -47.90 -52.92
CA LEU C 210 -32.21 -46.83 -53.76
C LEU C 210 -33.19 -47.42 -54.76
N LEU C 211 -34.43 -46.92 -54.75
CA LEU C 211 -35.50 -47.44 -55.57
C LEU C 211 -36.04 -46.36 -56.49
N GLU C 212 -36.33 -46.71 -57.74
CA GLU C 212 -37.06 -45.85 -58.65
C GLU C 212 -38.49 -46.35 -58.72
N VAL C 213 -39.44 -45.46 -58.45
CA VAL C 213 -40.86 -45.81 -58.41
C VAL C 213 -41.56 -45.07 -59.54
N VAL C 214 -42.20 -45.83 -60.43
CA VAL C 214 -43.01 -45.29 -61.53
C VAL C 214 -44.43 -45.79 -61.35
N ALA C 215 -45.40 -44.89 -61.52
CA ALA C 215 -46.81 -45.23 -61.42
C ALA C 215 -47.53 -44.74 -62.66
N PHE C 216 -48.18 -45.66 -63.38
CA PHE C 216 -49.01 -45.36 -64.53
C PHE C 216 -50.46 -45.42 -64.10
N ALA C 217 -51.21 -44.36 -64.36
CA ALA C 217 -52.63 -44.30 -64.03
C ALA C 217 -53.43 -44.00 -65.29
N ARG C 218 -54.49 -44.77 -65.50
CA ARG C 218 -55.38 -44.58 -66.66
C ARG C 218 -56.51 -43.65 -66.24
N ILE C 219 -56.43 -42.40 -66.67
CA ILE C 219 -57.42 -41.39 -66.32
C ILE C 219 -58.33 -41.08 -67.50
N GLY C 220 -57.75 -40.86 -68.68
CA GLY C 220 -58.51 -40.51 -69.85
C GLY C 220 -57.88 -39.40 -70.66
N ASP C 221 -58.41 -39.18 -71.86
CA ASP C 221 -57.82 -38.21 -72.78
C ASP C 221 -58.27 -36.80 -72.41
N GLY C 222 -57.33 -35.97 -71.99
CA GLY C 222 -57.63 -34.59 -71.68
C GLY C 222 -58.23 -34.33 -70.32
N GLN C 223 -58.21 -35.29 -69.41
CA GLN C 223 -58.68 -35.03 -68.06
C GLN C 223 -57.60 -34.31 -67.26
N GLU C 224 -58.02 -33.72 -66.15
CA GLU C 224 -57.12 -32.90 -65.34
C GLU C 224 -56.38 -33.78 -64.33
N VAL C 225 -55.12 -33.44 -64.10
CA VAL C 225 -54.33 -34.06 -63.07
C VAL C 225 -54.27 -33.11 -61.88
N PHE C 226 -53.81 -33.64 -60.74
CA PHE C 226 -53.78 -32.87 -59.50
C PHE C 226 -52.35 -32.88 -58.96
N PRO C 227 -51.53 -31.93 -59.35
CA PRO C 227 -50.20 -31.79 -58.75
C PRO C 227 -50.34 -31.09 -57.40
N SER C 228 -49.22 -30.97 -56.70
CA SER C 228 -49.22 -30.23 -55.45
C SER C 228 -49.41 -28.74 -55.73
N GLN C 229 -50.13 -28.07 -54.84
CA GLN C 229 -50.47 -26.67 -55.01
C GLN C 229 -49.57 -25.82 -54.12
N GLU C 230 -49.04 -24.74 -54.68
CA GLU C 230 -48.14 -23.85 -53.96
C GLU C 230 -48.93 -22.78 -53.21
N LYS C 244 -54.37 -19.48 -56.95
CA LYS C 244 -53.98 -20.88 -56.92
C LYS C 244 -52.80 -21.11 -57.87
N THR C 245 -51.75 -21.77 -57.36
CA THR C 245 -50.55 -22.05 -58.12
C THR C 245 -50.13 -23.49 -57.88
N LEU C 246 -49.79 -24.20 -58.95
CA LEU C 246 -49.41 -25.61 -58.88
C LEU C 246 -47.90 -25.75 -58.87
N TYR C 247 -47.41 -26.70 -58.09
CA TYR C 247 -45.97 -26.91 -57.94
C TYR C 247 -45.36 -27.45 -59.24
N SER C 248 -44.17 -26.96 -59.58
CA SER C 248 -43.55 -27.35 -60.83
C SER C 248 -42.03 -27.34 -60.70
N VAL C 249 -41.42 -28.48 -61.02
CA VAL C 249 -40.00 -28.57 -61.38
C VAL C 249 -39.98 -28.18 -62.86
N ARG C 250 -38.80 -28.02 -63.48
CA ARG C 250 -38.63 -27.20 -64.68
C ARG C 250 -39.47 -27.65 -65.88
N ASP C 251 -40.52 -26.85 -66.15
CA ASP C 251 -41.53 -27.08 -67.20
C ASP C 251 -42.19 -28.45 -67.08
N ALA C 252 -42.59 -28.81 -65.86
CA ALA C 252 -43.23 -30.09 -65.59
C ALA C 252 -43.99 -30.02 -64.28
N ALA C 253 -45.22 -30.52 -64.26
CA ALA C 253 -45.97 -30.60 -63.01
C ALA C 253 -45.34 -31.63 -62.10
N ALA C 254 -45.50 -31.44 -60.79
CA ALA C 254 -44.78 -32.27 -59.85
C ALA C 254 -45.53 -32.39 -58.54
N ILE C 255 -45.04 -33.29 -57.69
CA ILE C 255 -45.55 -33.52 -56.36
C ILE C 255 -44.45 -33.17 -55.36
N HIS C 256 -44.82 -32.55 -54.24
CA HIS C 256 -43.89 -32.26 -53.16
C HIS C 256 -43.35 -33.55 -52.56
N SER C 257 -42.09 -33.48 -52.11
CA SER C 257 -41.45 -34.65 -51.52
C SER C 257 -42.06 -35.02 -50.18
N GLN C 258 -42.50 -34.04 -49.41
CA GLN C 258 -43.16 -34.34 -48.14
C GLN C 258 -44.55 -34.91 -48.33
N LYS C 259 -45.17 -34.67 -49.49
CA LYS C 259 -46.42 -35.35 -49.82
C LYS C 259 -46.20 -36.84 -50.03
N ILE C 260 -45.18 -37.19 -50.80
CA ILE C 260 -44.80 -38.59 -51.01
C ILE C 260 -44.39 -39.24 -49.69
N GLY C 261 -43.64 -38.49 -48.89
CA GLY C 261 -43.19 -38.99 -47.60
C GLY C 261 -44.35 -39.24 -46.65
N ASN C 262 -45.30 -38.31 -46.62
CA ASN C 262 -46.46 -38.44 -45.75
C ASN C 262 -47.30 -39.65 -46.16
N ALA C 263 -47.48 -39.81 -47.46
CA ALA C 263 -48.24 -40.93 -48.00
C ALA C 263 -47.58 -42.26 -47.70
N LEU C 264 -46.26 -42.30 -47.80
CA LEU C 264 -45.52 -43.54 -47.58
C LEU C 264 -45.66 -44.03 -46.14
N ARG C 265 -45.89 -43.12 -45.19
CA ARG C 265 -45.97 -43.50 -43.78
C ARG C 265 -47.41 -43.55 -43.28
N THR C 266 -48.39 -43.73 -44.16
CA THR C 266 -49.78 -43.90 -43.74
C THR C 266 -49.97 -45.38 -43.40
N ILE C 267 -49.44 -45.76 -42.23
CA ILE C 267 -49.41 -47.17 -41.83
C ILE C 267 -50.01 -47.35 -40.44
N ASP C 268 -50.31 -46.25 -39.76
CA ASP C 268 -50.73 -46.30 -38.35
C ASP C 268 -52.14 -46.87 -38.26
N THR C 269 -52.22 -48.17 -37.95
CA THR C 269 -53.48 -48.89 -37.81
C THR C 269 -53.74 -49.28 -36.36
N TRP C 270 -53.18 -48.54 -35.41
CA TRP C 270 -53.27 -48.87 -34.00
C TRP C 270 -53.82 -47.71 -33.20
N TYR C 271 -54.67 -46.90 -33.81
CA TYR C 271 -55.29 -45.80 -33.11
C TYR C 271 -56.30 -46.31 -32.09
N PRO C 272 -56.38 -45.72 -30.91
CA PRO C 272 -57.33 -46.22 -29.90
C PRO C 272 -58.78 -45.87 -30.17
N ASP C 273 -59.04 -44.94 -31.08
CA ASP C 273 -60.43 -44.56 -31.37
C ASP C 273 -61.11 -45.60 -32.25
N GLU C 274 -60.60 -45.79 -33.47
CA GLU C 274 -61.22 -46.69 -34.43
C GLU C 274 -60.15 -47.41 -35.22
N ASP C 275 -60.57 -48.45 -35.93
CA ASP C 275 -59.70 -49.15 -36.87
C ASP C 275 -60.37 -49.46 -38.21
N GLY C 276 -61.69 -49.35 -38.32
CA GLY C 276 -62.35 -49.47 -39.60
C GLY C 276 -62.20 -48.27 -40.50
N LEU C 277 -61.72 -47.14 -39.93
CA LEU C 277 -61.38 -45.98 -40.75
C LEU C 277 -60.14 -46.22 -41.59
N GLY C 278 -59.30 -47.19 -41.20
CA GLY C 278 -58.13 -47.52 -41.97
C GLY C 278 -56.88 -46.94 -41.34
N PRO C 279 -55.78 -46.95 -42.09
CA PRO C 279 -54.53 -46.38 -41.58
C PRO C 279 -54.54 -44.86 -41.63
N ILE C 280 -53.77 -44.27 -40.72
CA ILE C 280 -53.43 -42.86 -40.78
C ILE C 280 -51.92 -42.75 -40.84
N ALA C 281 -51.43 -41.53 -41.01
CA ALA C 281 -50.00 -41.29 -41.05
C ALA C 281 -49.43 -41.24 -39.64
N VAL C 282 -48.18 -41.67 -39.52
CA VAL C 282 -47.54 -41.79 -38.21
C VAL C 282 -47.11 -40.40 -37.74
N GLU C 283 -47.77 -39.89 -36.71
CA GLU C 283 -47.42 -38.61 -36.13
C GLU C 283 -47.59 -38.68 -34.63
N PRO C 284 -46.77 -37.95 -33.87
CA PRO C 284 -47.08 -37.74 -32.46
C PRO C 284 -48.34 -36.90 -32.34
N TYR C 285 -49.25 -37.35 -31.48
CA TYR C 285 -50.66 -36.95 -31.47
C TYR C 285 -51.26 -37.09 -32.87
N GLY C 286 -51.36 -38.36 -33.28
CA GLY C 286 -51.74 -38.76 -34.63
C GLY C 286 -53.04 -38.18 -35.15
N SER C 287 -52.90 -37.22 -36.08
CA SER C 287 -54.02 -36.40 -36.51
C SER C 287 -53.96 -36.25 -38.02
N VAL C 288 -54.93 -35.49 -38.55
CA VAL C 288 -55.00 -35.22 -39.97
C VAL C 288 -55.49 -33.79 -40.19
N THR C 289 -55.24 -33.28 -41.38
CA THR C 289 -55.58 -31.89 -41.69
C THR C 289 -57.05 -31.74 -42.07
N SER C 290 -57.57 -32.66 -42.88
CA SER C 290 -58.88 -32.45 -43.50
C SER C 290 -60.02 -32.67 -42.51
N GLN C 291 -59.92 -33.70 -41.67
CA GLN C 291 -60.96 -33.93 -40.68
C GLN C 291 -60.80 -33.06 -39.44
N GLY C 292 -59.57 -32.59 -39.17
CA GLY C 292 -59.35 -31.71 -38.03
C GLY C 292 -59.47 -32.38 -36.68
N LYS C 293 -59.15 -33.67 -36.60
CA LYS C 293 -59.32 -34.43 -35.37
C LYS C 293 -58.05 -35.20 -35.07
N ALA C 294 -57.77 -35.39 -33.78
CA ALA C 294 -56.57 -36.05 -33.30
C ALA C 294 -56.94 -37.35 -32.61
N TYR C 295 -56.44 -38.46 -33.14
CA TYR C 295 -56.40 -39.70 -32.40
C TYR C 295 -55.10 -39.77 -31.60
N ARG C 296 -55.08 -40.66 -30.61
CA ARG C 296 -54.00 -40.75 -29.60
C ARG C 296 -53.75 -39.40 -28.93
N GLN C 297 -54.84 -38.79 -28.45
CA GLN C 297 -54.76 -37.55 -27.71
C GLN C 297 -54.06 -37.78 -26.37
N PRO C 298 -53.36 -36.77 -25.84
CA PRO C 298 -52.53 -36.99 -24.63
C PRO C 298 -53.33 -37.22 -23.35
N LYS C 299 -54.65 -36.99 -23.34
CA LYS C 299 -55.47 -37.42 -22.22
C LYS C 299 -55.51 -38.94 -22.15
N GLN C 300 -55.58 -39.60 -23.30
CA GLN C 300 -55.33 -41.03 -23.40
C GLN C 300 -53.84 -41.30 -23.31
N LYS C 301 -53.50 -42.52 -22.91
CA LYS C 301 -52.10 -42.93 -22.84
C LYS C 301 -51.69 -43.62 -24.14
N LEU C 302 -51.86 -42.90 -25.24
CA LEU C 302 -51.49 -43.40 -26.55
C LEU C 302 -50.69 -42.42 -27.39
N ASP C 303 -50.47 -41.19 -26.90
CA ASP C 303 -49.63 -40.24 -27.61
C ASP C 303 -48.17 -40.69 -27.56
N PHE C 304 -47.43 -40.34 -28.62
CA PHE C 304 -46.11 -40.91 -28.87
C PHE C 304 -45.10 -40.51 -27.80
N TYR C 305 -45.17 -39.26 -27.33
CA TYR C 305 -44.24 -38.81 -26.30
C TYR C 305 -44.46 -39.54 -24.98
N THR C 306 -45.73 -39.83 -24.65
CA THR C 306 -46.03 -40.55 -23.41
C THR C 306 -45.54 -41.99 -23.48
N LEU C 307 -45.72 -42.65 -24.63
CA LEU C 307 -45.21 -44.01 -24.81
C LEU C 307 -43.68 -44.03 -24.78
N LEU C 308 -43.03 -43.00 -25.35
CA LEU C 308 -41.57 -42.95 -25.31
C LEU C 308 -41.06 -42.71 -23.90
N ASP C 309 -41.73 -41.85 -23.13
CA ASP C 309 -41.31 -41.61 -21.75
C ASP C 309 -41.56 -42.82 -20.87
N ASN C 310 -42.61 -43.59 -21.14
CA ASN C 310 -42.82 -44.81 -20.37
C ASN C 310 -41.84 -45.90 -20.79
N TRP C 311 -41.48 -45.96 -22.08
CA TRP C 311 -40.61 -47.03 -22.57
C TRP C 311 -39.16 -46.80 -22.16
N VAL C 312 -38.67 -45.57 -22.29
CA VAL C 312 -37.24 -45.32 -22.11
C VAL C 312 -36.92 -44.92 -20.68
N LEU C 313 -37.70 -44.02 -20.08
CA LEU C 313 -37.38 -43.56 -18.73
C LEU C 313 -37.80 -44.61 -17.69
N ARG C 314 -39.10 -44.89 -17.61
CA ARG C 314 -39.66 -45.76 -16.57
C ARG C 314 -39.63 -47.23 -16.96
N ASP C 315 -39.08 -47.57 -18.13
CA ASP C 315 -38.88 -48.93 -18.63
C ASP C 315 -40.20 -49.71 -18.73
N GLU C 316 -41.31 -49.01 -18.98
CA GLU C 316 -42.60 -49.66 -19.17
C GLU C 316 -42.79 -49.85 -20.67
N ALA C 317 -42.27 -50.98 -21.17
CA ALA C 317 -42.33 -51.28 -22.59
C ALA C 317 -43.78 -51.56 -23.01
N PRO C 318 -44.37 -50.77 -23.89
CA PRO C 318 -45.77 -50.97 -24.25
C PRO C 318 -45.99 -52.15 -25.20
N ALA C 319 -47.21 -52.27 -25.72
CA ALA C 319 -47.53 -53.33 -26.64
C ALA C 319 -46.75 -53.20 -27.94
N VAL C 320 -46.64 -54.33 -28.66
CA VAL C 320 -45.77 -54.43 -29.83
C VAL C 320 -46.30 -53.57 -30.96
N GLU C 321 -47.61 -53.36 -31.05
CA GLU C 321 -48.16 -52.45 -32.03
C GLU C 321 -47.80 -51.01 -31.70
N GLN C 322 -47.86 -50.65 -30.42
CA GLN C 322 -47.43 -49.32 -29.99
C GLN C 322 -45.92 -49.15 -30.10
N GLN C 323 -45.16 -50.24 -29.91
CA GLN C 323 -43.73 -50.19 -30.14
C GLN C 323 -43.41 -49.94 -31.60
N HIS C 324 -44.16 -50.59 -32.50
CA HIS C 324 -44.01 -50.34 -33.93
C HIS C 324 -44.42 -48.91 -34.30
N TYR C 325 -45.42 -48.35 -33.61
CA TYR C 325 -45.81 -46.97 -33.84
C TYR C 325 -44.71 -45.99 -33.40
N VAL C 326 -44.09 -46.27 -32.26
CA VAL C 326 -43.01 -45.43 -31.75
C VAL C 326 -41.79 -45.50 -32.67
N ILE C 327 -41.46 -46.70 -33.15
CA ILE C 327 -40.32 -46.83 -34.06
C ILE C 327 -40.66 -46.24 -35.44
N ALA C 328 -41.93 -46.25 -35.84
CA ALA C 328 -42.30 -45.59 -37.08
C ALA C 328 -42.21 -44.08 -36.95
N ASN C 329 -42.52 -43.53 -35.78
CA ASN C 329 -42.28 -42.11 -35.56
C ASN C 329 -40.79 -41.79 -35.53
N LEU C 330 -39.97 -42.71 -35.02
CA LEU C 330 -38.53 -42.50 -35.01
C LEU C 330 -37.94 -42.54 -36.43
N ILE C 331 -38.46 -43.42 -37.27
CA ILE C 331 -38.06 -43.44 -38.68
C ILE C 331 -38.54 -42.18 -39.39
N ARG C 332 -39.72 -41.68 -39.01
CA ARG C 332 -40.20 -40.42 -39.53
C ARG C 332 -39.33 -39.25 -39.08
N GLY C 333 -38.80 -39.31 -37.86
CA GLY C 333 -37.93 -38.28 -37.35
C GLY C 333 -38.70 -37.04 -36.92
N GLY C 334 -37.98 -36.14 -36.28
CA GLY C 334 -38.61 -34.91 -35.83
C GLY C 334 -37.81 -34.24 -34.73
N VAL C 335 -38.29 -33.07 -34.34
CA VAL C 335 -37.75 -32.30 -33.24
C VAL C 335 -38.56 -32.71 -32.01
N PHE C 336 -37.93 -33.46 -31.11
CA PHE C 336 -38.57 -33.90 -29.88
C PHE C 336 -37.80 -33.31 -28.72
N GLY C 337 -38.50 -32.68 -27.78
CA GLY C 337 -37.83 -32.08 -26.66
C GLY C 337 -38.63 -30.93 -26.09
N GLU C 338 -37.91 -30.01 -25.47
CA GLU C 338 -38.52 -28.95 -24.68
C GLU C 338 -38.55 -27.64 -25.46
N ILE D 5 10.39 -11.00 -15.67
CA ILE D 5 9.39 -12.04 -15.45
C ILE D 5 8.47 -12.07 -16.68
N LEU D 6 7.89 -13.23 -16.95
CA LEU D 6 7.15 -13.47 -18.18
C LEU D 6 5.72 -13.91 -17.87
N SER D 7 4.77 -13.31 -18.57
CA SER D 7 3.36 -13.67 -18.46
C SER D 7 2.76 -13.77 -19.86
N THR D 8 1.56 -14.32 -19.94
CA THR D 8 0.89 -14.42 -21.23
C THR D 8 0.40 -13.05 -21.66
N ALA D 9 0.40 -12.83 -22.98
CA ALA D 9 0.00 -11.54 -23.52
C ALA D 9 -1.50 -11.36 -23.41
N SER D 10 -1.91 -10.10 -23.25
CA SER D 10 -3.32 -9.79 -23.08
C SER D 10 -4.06 -9.85 -24.40
N VAL D 11 -3.43 -9.45 -25.50
CA VAL D 11 -3.95 -9.71 -26.83
C VAL D 11 -3.02 -10.70 -27.51
N LEU D 12 -3.60 -11.69 -28.18
CA LEU D 12 -2.84 -12.71 -28.89
C LEU D 12 -3.76 -13.29 -29.94
N ALA D 13 -3.49 -12.98 -31.20
CA ALA D 13 -4.39 -13.35 -32.28
C ALA D 13 -3.62 -14.07 -33.37
N PHE D 14 -4.20 -15.13 -33.90
CA PHE D 14 -3.57 -15.94 -34.94
C PHE D 14 -4.47 -15.98 -36.15
N GLU D 15 -3.92 -15.65 -37.31
CA GLU D 15 -4.63 -15.91 -38.55
C GLU D 15 -4.71 -17.40 -38.81
N ARG D 16 -5.81 -17.82 -39.43
CA ARG D 16 -5.95 -19.23 -39.72
C ARG D 16 -5.05 -19.64 -40.88
N LYS D 17 -4.52 -20.84 -40.78
CA LYS D 17 -3.96 -21.53 -41.93
C LYS D 17 -5.03 -22.51 -42.42
N LEU D 18 -4.78 -23.08 -43.60
CA LEU D 18 -5.76 -23.90 -44.34
C LEU D 18 -7.05 -23.12 -44.58
N ASP D 19 -6.95 -22.11 -45.43
CA ASP D 19 -8.12 -21.34 -45.84
C ASP D 19 -8.84 -22.07 -46.97
N PRO D 20 -10.08 -22.54 -46.77
CA PRO D 20 -10.83 -23.09 -47.90
C PRO D 20 -11.72 -22.05 -48.55
N SER D 21 -12.10 -22.26 -49.80
CA SER D 21 -13.08 -21.40 -50.43
C SER D 21 -14.47 -21.90 -50.11
N ASP D 22 -15.49 -21.19 -50.57
CA ASP D 22 -16.84 -21.71 -50.49
C ASP D 22 -16.99 -22.84 -51.49
N ALA D 23 -17.62 -23.92 -51.06
CA ALA D 23 -17.73 -25.11 -51.88
C ALA D 23 -18.98 -25.02 -52.74
N LEU D 24 -18.79 -24.97 -54.06
CA LEU D 24 -19.91 -24.85 -54.98
C LEU D 24 -20.43 -26.22 -55.38
N MET D 25 -21.74 -26.26 -55.64
CA MET D 25 -22.43 -27.49 -56.00
C MET D 25 -22.85 -27.46 -57.46
N SER D 26 -22.64 -28.58 -58.14
CA SER D 26 -23.16 -28.82 -59.47
C SER D 26 -23.64 -30.26 -59.53
N ALA D 27 -24.23 -30.65 -60.65
CA ALA D 27 -24.79 -31.99 -60.78
C ALA D 27 -24.47 -32.59 -62.13
N GLY D 28 -24.40 -33.91 -62.16
CA GLY D 28 -24.19 -34.61 -63.41
C GLY D 28 -24.44 -36.09 -63.24
N ALA D 29 -24.14 -36.83 -64.29
CA ALA D 29 -24.27 -38.28 -64.27
C ALA D 29 -22.93 -38.91 -63.90
N TRP D 30 -23.01 -40.08 -63.28
CA TRP D 30 -21.80 -40.82 -62.93
C TRP D 30 -21.13 -41.31 -64.20
N ALA D 31 -19.79 -41.40 -64.14
CA ALA D 31 -18.83 -41.68 -65.21
C ALA D 31 -18.74 -40.58 -66.27
N GLN D 32 -19.52 -39.51 -66.14
CA GLN D 32 -19.28 -38.27 -66.85
C GLN D 32 -18.33 -37.36 -66.09
N ARG D 33 -17.81 -37.83 -64.96
CA ARG D 33 -17.05 -37.00 -64.03
C ARG D 33 -15.69 -36.59 -64.57
N ASP D 34 -15.19 -37.26 -65.60
CA ASP D 34 -13.95 -36.83 -66.22
C ASP D 34 -14.17 -35.73 -67.24
N ALA D 35 -15.42 -35.48 -67.62
CA ALA D 35 -15.80 -34.33 -68.42
C ALA D 35 -16.73 -33.40 -67.65
N SER D 36 -16.47 -33.28 -66.35
CA SER D 36 -17.35 -32.53 -65.45
C SER D 36 -16.84 -31.10 -65.26
N GLN D 37 -16.85 -30.35 -66.36
CA GLN D 37 -16.55 -28.93 -66.32
C GLN D 37 -17.71 -28.07 -66.78
N GLU D 38 -18.64 -28.63 -67.56
CA GLU D 38 -19.82 -27.92 -68.00
C GLU D 38 -21.07 -28.39 -67.26
N TRP D 39 -20.88 -29.02 -66.11
CA TRP D 39 -22.00 -29.51 -65.32
C TRP D 39 -22.77 -28.32 -64.74
N PRO D 40 -24.08 -28.27 -64.88
CA PRO D 40 -24.83 -27.11 -64.39
C PRO D 40 -24.92 -27.10 -62.87
N ALA D 41 -24.93 -25.90 -62.33
CA ALA D 41 -24.94 -25.74 -60.88
C ALA D 41 -26.33 -26.06 -60.32
N VAL D 42 -26.33 -26.53 -59.07
CA VAL D 42 -27.57 -26.90 -58.39
C VAL D 42 -28.29 -25.62 -57.97
N THR D 43 -29.48 -25.41 -58.51
CA THR D 43 -30.24 -24.20 -58.22
C THR D 43 -31.06 -24.38 -56.96
N VAL D 44 -31.07 -23.34 -56.11
CA VAL D 44 -31.91 -23.30 -54.92
C VAL D 44 -33.28 -22.79 -55.35
N ARG D 45 -34.32 -23.53 -54.99
CA ARG D 45 -35.69 -23.18 -55.32
C ARG D 45 -36.51 -23.03 -54.05
N GLU D 46 -37.75 -22.62 -54.23
CA GLU D 46 -38.70 -22.50 -53.14
C GLU D 46 -39.77 -23.58 -53.24
N LYS D 47 -40.40 -23.89 -52.11
CA LYS D 47 -41.60 -24.70 -52.10
C LYS D 47 -42.43 -24.33 -50.89
N SER D 48 -43.66 -24.82 -50.85
CA SER D 48 -44.54 -24.59 -49.72
C SER D 48 -44.58 -25.84 -48.84
N VAL D 49 -44.75 -25.63 -47.54
CA VAL D 49 -44.78 -26.70 -46.55
C VAL D 49 -45.88 -26.38 -45.54
N ARG D 50 -46.84 -27.28 -45.44
CA ARG D 50 -47.94 -27.15 -44.51
C ARG D 50 -47.99 -28.43 -43.70
N GLY D 51 -47.96 -28.32 -42.38
CA GLY D 51 -47.99 -29.50 -41.55
C GLY D 51 -48.72 -29.34 -40.24
N THR D 52 -49.22 -30.46 -39.72
CA THR D 52 -49.91 -30.49 -38.43
C THR D 52 -48.88 -30.34 -37.32
N ILE D 53 -49.31 -29.86 -36.16
CA ILE D 53 -48.36 -29.68 -35.07
C ILE D 53 -47.76 -31.02 -34.70
N SER D 54 -46.45 -31.04 -34.54
CA SER D 54 -45.71 -32.26 -34.22
C SER D 54 -44.80 -32.10 -33.01
N ASN D 55 -44.40 -30.88 -32.68
CA ASN D 55 -43.52 -30.66 -31.53
C ASN D 55 -44.25 -30.95 -30.24
N ARG D 56 -43.47 -31.37 -29.24
CA ARG D 56 -44.01 -31.71 -27.93
C ARG D 56 -44.50 -30.45 -27.24
N LEU D 57 -45.81 -30.33 -27.06
CA LEU D 57 -46.36 -29.25 -26.27
C LEU D 57 -46.27 -29.62 -24.79
N LYS D 58 -46.73 -28.73 -23.93
CA LYS D 58 -46.89 -29.06 -22.52
C LYS D 58 -47.95 -30.15 -22.39
N THR D 59 -47.50 -31.35 -22.02
CA THR D 59 -48.41 -32.49 -21.90
C THR D 59 -49.27 -32.36 -20.64
N LYS D 60 -50.12 -33.37 -20.44
CA LYS D 60 -51.16 -33.48 -19.40
C LYS D 60 -52.15 -32.29 -19.41
N ASP D 61 -52.21 -31.56 -20.52
CA ASP D 61 -53.22 -30.54 -20.74
C ASP D 61 -54.56 -31.23 -20.99
N ARG D 62 -55.52 -31.01 -20.08
CA ARG D 62 -56.83 -31.64 -20.13
C ARG D 62 -57.77 -31.01 -21.17
N ASP D 63 -57.27 -30.21 -22.11
CA ASP D 63 -58.07 -29.58 -23.14
C ASP D 63 -57.69 -30.19 -24.49
N PRO D 64 -58.40 -31.23 -24.95
CA PRO D 64 -58.21 -31.69 -26.33
C PRO D 64 -58.88 -30.79 -27.34
N ALA D 65 -59.84 -29.96 -26.91
CA ALA D 65 -60.56 -29.10 -27.84
C ALA D 65 -59.67 -27.99 -28.38
N LYS D 66 -58.83 -27.40 -27.54
CA LYS D 66 -57.87 -26.41 -28.03
C LYS D 66 -56.80 -27.08 -28.89
N LEU D 67 -56.52 -28.35 -28.64
CA LEU D 67 -55.57 -29.09 -29.47
C LEU D 67 -56.13 -29.29 -30.87
N ASP D 68 -57.40 -29.73 -30.97
CA ASP D 68 -58.04 -29.88 -32.27
C ASP D 68 -58.24 -28.54 -32.96
N ALA D 69 -58.45 -27.47 -32.18
CA ALA D 69 -58.54 -26.14 -32.78
C ALA D 69 -57.21 -25.68 -33.34
N SER D 70 -56.09 -26.07 -32.72
CA SER D 70 -54.79 -25.77 -33.29
C SER D 70 -54.49 -26.63 -34.51
N ILE D 71 -55.06 -27.84 -34.57
CA ILE D 71 -54.83 -28.71 -35.73
C ILE D 71 -55.51 -28.18 -37.00
N GLN D 72 -56.64 -27.47 -36.88
CA GLN D 72 -57.30 -26.93 -38.07
C GLN D 72 -56.58 -25.73 -38.69
N SER D 73 -55.48 -25.26 -38.08
CA SER D 73 -54.62 -24.28 -38.72
C SER D 73 -53.43 -24.98 -39.35
N PRO D 74 -53.27 -24.97 -40.68
CA PRO D 74 -52.19 -25.73 -41.32
C PRO D 74 -50.82 -25.08 -41.24
N ASN D 75 -50.72 -23.90 -40.62
CA ASN D 75 -49.50 -23.11 -40.36
C ASN D 75 -48.51 -23.10 -41.53
N LEU D 76 -48.99 -22.57 -42.65
CA LEU D 76 -48.26 -22.65 -43.92
C LEU D 76 -46.97 -21.85 -43.89
N GLN D 77 -45.89 -22.46 -44.38
CA GLN D 77 -44.57 -21.85 -44.47
C GLN D 77 -44.02 -22.02 -45.87
N THR D 78 -42.98 -21.26 -46.18
CA THR D 78 -42.23 -21.37 -47.42
C THR D 78 -40.81 -21.78 -47.09
N VAL D 79 -40.28 -22.77 -47.81
CA VAL D 79 -39.03 -23.43 -47.46
C VAL D 79 -38.14 -23.47 -48.70
N ASP D 80 -36.88 -23.04 -48.53
CA ASP D 80 -35.88 -23.22 -49.58
C ASP D 80 -35.43 -24.68 -49.66
N VAL D 81 -35.24 -25.16 -50.88
CA VAL D 81 -34.85 -26.54 -51.11
C VAL D 81 -33.85 -26.57 -52.26
N ALA D 82 -33.02 -27.60 -52.29
CA ALA D 82 -32.06 -27.80 -53.37
C ALA D 82 -32.01 -29.28 -53.70
N ASN D 83 -32.44 -29.63 -54.92
CA ASN D 83 -32.49 -31.01 -55.36
C ASN D 83 -31.60 -31.19 -56.56
N LEU D 84 -31.24 -32.45 -56.82
CA LEU D 84 -30.59 -32.79 -58.06
C LEU D 84 -31.63 -32.77 -59.19
N PRO D 85 -31.19 -32.62 -60.44
CA PRO D 85 -32.10 -32.85 -61.55
C PRO D 85 -32.50 -34.32 -61.65
N SER D 86 -33.62 -34.55 -62.34
CA SER D 86 -34.16 -35.89 -62.45
C SER D 86 -33.33 -36.79 -63.37
N ASP D 87 -32.46 -36.22 -64.19
CA ASP D 87 -31.60 -36.99 -65.07
C ASP D 87 -30.15 -37.04 -64.59
N ALA D 88 -29.90 -36.67 -63.34
CA ALA D 88 -28.55 -36.69 -62.78
C ALA D 88 -28.57 -37.38 -61.43
N ASP D 89 -27.57 -38.22 -61.18
CA ASP D 89 -27.46 -38.97 -59.93
C ASP D 89 -26.24 -38.60 -59.11
N THR D 90 -25.40 -37.69 -59.60
CA THR D 90 -24.12 -37.38 -58.97
C THR D 90 -24.07 -35.90 -58.62
N LEU D 91 -23.70 -35.62 -57.37
CA LEU D 91 -23.46 -34.27 -56.89
C LEU D 91 -21.96 -33.99 -56.90
N LYS D 92 -21.57 -32.90 -57.56
CA LYS D 92 -20.18 -32.50 -57.67
C LYS D 92 -19.95 -31.24 -56.84
N VAL D 93 -19.12 -31.36 -55.81
CA VAL D 93 -18.83 -30.26 -54.90
C VAL D 93 -17.37 -29.87 -55.08
N ARG D 94 -17.13 -28.63 -55.45
CA ARG D 94 -15.79 -28.17 -55.83
C ARG D 94 -15.40 -26.97 -54.99
N PHE D 95 -14.18 -26.99 -54.45
CA PHE D 95 -13.62 -25.83 -53.79
C PHE D 95 -12.11 -25.84 -53.93
N THR D 96 -11.46 -24.82 -53.38
CA THR D 96 -10.01 -24.72 -53.34
C THR D 96 -9.56 -24.49 -51.91
N LEU D 97 -8.40 -25.04 -51.58
CA LEU D 97 -7.82 -24.94 -50.25
C LEU D 97 -6.39 -24.45 -50.37
N ARG D 98 -6.06 -23.41 -49.64
CA ARG D 98 -4.74 -22.79 -49.72
C ARG D 98 -3.99 -23.03 -48.42
N VAL D 99 -2.80 -23.63 -48.53
CA VAL D 99 -1.95 -23.92 -47.40
C VAL D 99 -0.74 -22.99 -47.47
N LEU D 100 -0.50 -22.29 -46.36
CA LEU D 100 0.31 -21.08 -46.31
C LEU D 100 1.62 -21.26 -45.53
N GLY D 101 1.53 -21.69 -44.28
CA GLY D 101 2.69 -21.78 -43.42
C GLY D 101 2.86 -20.56 -42.52
N GLY D 102 3.78 -20.69 -41.58
CA GLY D 102 3.97 -19.67 -40.57
C GLY D 102 3.03 -19.80 -39.41
N ALA D 103 2.77 -21.02 -38.94
CA ALA D 103 1.69 -21.30 -38.01
C ALA D 103 2.02 -20.98 -36.56
N GLY D 104 3.18 -20.43 -36.28
CA GLY D 104 3.50 -20.09 -34.91
C GLY D 104 3.37 -18.61 -34.63
N THR D 105 3.51 -17.80 -35.67
CA THR D 105 3.61 -16.36 -35.50
C THR D 105 2.23 -15.76 -35.31
N PRO D 106 2.01 -14.98 -34.26
CA PRO D 106 0.74 -14.28 -34.12
C PRO D 106 0.64 -13.09 -35.05
N SER D 107 -0.60 -12.71 -35.34
CA SER D 107 -0.84 -11.50 -36.12
C SER D 107 -0.93 -10.25 -35.25
N ALA D 108 -1.18 -10.42 -33.96
CA ALA D 108 -1.23 -9.31 -33.03
C ALA D 108 -0.87 -9.85 -31.65
N CYS D 109 -0.12 -9.05 -30.90
CA CYS D 109 0.39 -9.48 -29.60
C CYS D 109 0.79 -8.25 -28.81
N ASN D 110 0.68 -8.34 -27.49
CA ASN D 110 1.12 -7.27 -26.61
C ASN D 110 2.58 -7.44 -26.20
N ASP D 111 2.90 -8.56 -25.57
CA ASP D 111 4.22 -8.79 -25.01
C ASP D 111 5.17 -9.27 -26.09
N ALA D 112 6.36 -8.68 -26.15
CA ALA D 112 7.37 -9.17 -27.07
C ALA D 112 8.12 -10.38 -26.51
N ALA D 113 8.30 -10.42 -25.19
CA ALA D 113 9.00 -11.54 -24.57
C ALA D 113 8.16 -12.81 -24.64
N TYR D 114 6.86 -12.71 -24.38
CA TYR D 114 5.96 -13.84 -24.55
C TYR D 114 5.87 -14.26 -26.01
N ARG D 115 5.96 -13.30 -26.92
CA ARG D 115 5.93 -13.62 -28.35
C ARG D 115 7.17 -14.41 -28.76
N ASP D 116 8.34 -14.02 -28.27
CA ASP D 116 9.56 -14.75 -28.60
C ASP D 116 9.59 -16.12 -27.93
N LYS D 117 9.08 -16.21 -26.70
CA LYS D 117 9.00 -17.50 -26.01
C LYS D 117 8.06 -18.45 -26.73
N LEU D 118 6.92 -17.95 -27.20
CA LEU D 118 5.99 -18.77 -27.96
C LEU D 118 6.57 -19.17 -29.31
N LEU D 119 7.29 -18.26 -29.96
CA LEU D 119 7.89 -18.56 -31.25
C LEU D 119 8.96 -19.62 -31.14
N GLN D 120 9.79 -19.55 -30.10
CA GLN D 120 10.80 -20.60 -29.93
C GLN D 120 10.19 -21.89 -29.41
N THR D 121 9.05 -21.84 -28.72
CA THR D 121 8.38 -23.07 -28.32
C THR D 121 7.82 -23.82 -29.54
N VAL D 122 7.19 -23.08 -30.45
CA VAL D 122 6.74 -23.69 -31.70
C VAL D 122 7.93 -24.12 -32.56
N ALA D 123 9.05 -23.40 -32.47
CA ALA D 123 10.25 -23.79 -33.20
C ALA D 123 10.82 -25.11 -32.69
N THR D 124 10.86 -25.29 -31.36
CA THR D 124 11.27 -26.59 -30.83
C THR D 124 10.28 -27.68 -31.15
N TYR D 125 8.98 -27.35 -31.26
CA TYR D 125 8.03 -28.36 -31.72
C TYR D 125 8.34 -28.80 -33.15
N VAL D 126 8.70 -27.87 -34.02
CA VAL D 126 9.01 -28.23 -35.41
C VAL D 126 10.33 -29.00 -35.48
N ASN D 127 11.30 -28.64 -34.64
CA ASN D 127 12.58 -29.38 -34.67
C ASN D 127 12.45 -30.78 -34.11
N GLU D 128 11.56 -31.01 -33.13
CA GLU D 128 11.37 -32.37 -32.63
C GLU D 128 10.66 -33.23 -33.66
N GLN D 129 9.60 -32.73 -34.28
CA GLN D 129 8.98 -33.43 -35.39
C GLN D 129 8.35 -32.41 -36.33
N GLY D 130 8.23 -32.78 -37.60
CA GLY D 130 7.58 -31.90 -38.54
C GLY D 130 6.07 -31.88 -38.34
N PHE D 131 5.40 -31.26 -39.30
CA PHE D 131 3.94 -31.22 -39.28
C PHE D 131 3.30 -32.48 -39.86
N ALA D 132 4.04 -33.59 -39.92
CA ALA D 132 3.64 -34.74 -40.72
C ALA D 132 2.44 -35.47 -40.12
N GLU D 133 2.33 -35.49 -38.80
CA GLU D 133 1.15 -36.12 -38.18
C GLU D 133 -0.09 -35.27 -38.40
N LEU D 134 0.03 -33.95 -38.20
CA LEU D 134 -1.10 -33.05 -38.42
C LEU D 134 -1.46 -32.98 -39.90
N ALA D 135 -0.46 -32.93 -40.79
CA ALA D 135 -0.75 -32.94 -42.21
C ALA D 135 -1.30 -34.29 -42.67
N ARG D 136 -0.92 -35.38 -42.00
CA ARG D 136 -1.48 -36.67 -42.31
C ARG D 136 -2.95 -36.74 -41.94
N ARG D 137 -3.31 -36.18 -40.79
CA ARG D 137 -4.71 -36.17 -40.38
C ARG D 137 -5.53 -35.21 -41.24
N TYR D 138 -4.94 -34.09 -41.65
CA TYR D 138 -5.62 -33.18 -42.56
C TYR D 138 -5.78 -33.80 -43.94
N ALA D 139 -4.79 -34.57 -44.39
CA ALA D 139 -4.91 -35.28 -45.67
C ALA D 139 -5.94 -36.39 -45.60
N HIS D 140 -6.10 -37.01 -44.43
CA HIS D 140 -7.19 -37.96 -44.25
C HIS D 140 -8.55 -37.27 -44.34
N ASN D 141 -8.68 -36.11 -43.69
CA ASN D 141 -9.95 -35.38 -43.78
C ASN D 141 -10.20 -34.82 -45.17
N LEU D 142 -9.15 -34.59 -45.96
CA LEU D 142 -9.34 -34.28 -47.36
C LEU D 142 -9.72 -35.51 -48.17
N ALA D 143 -9.19 -36.69 -47.80
CA ALA D 143 -9.36 -37.90 -48.59
C ALA D 143 -10.79 -38.40 -48.52
N ASN D 144 -11.29 -38.66 -47.32
CA ASN D 144 -12.72 -38.86 -47.17
C ASN D 144 -13.42 -37.51 -47.36
N ALA D 145 -14.63 -37.56 -47.89
CA ALA D 145 -15.36 -36.32 -48.14
C ALA D 145 -16.17 -35.96 -46.90
N ARG D 146 -15.44 -35.63 -45.83
CA ARG D 146 -16.08 -35.21 -44.60
C ARG D 146 -16.72 -33.84 -44.75
N PHE D 147 -16.23 -33.02 -45.69
CA PHE D 147 -16.83 -31.71 -45.92
C PHE D 147 -18.22 -31.80 -46.52
N LEU D 148 -18.55 -32.93 -47.16
CA LEU D 148 -19.95 -33.27 -47.39
C LEU D 148 -20.48 -33.72 -46.04
N TRP D 149 -21.32 -32.89 -45.41
CA TRP D 149 -21.77 -33.24 -44.07
C TRP D 149 -22.96 -34.18 -44.12
N ARG D 150 -24.08 -33.74 -44.71
CA ARG D 150 -25.22 -34.61 -44.93
C ARG D 150 -25.30 -35.08 -46.39
N ASN D 151 -24.44 -34.56 -47.26
CA ASN D 151 -24.34 -35.07 -48.62
C ASN D 151 -23.48 -36.31 -48.71
N ARG D 152 -22.93 -36.78 -47.60
CA ARG D 152 -22.16 -38.01 -47.54
C ARG D 152 -22.95 -39.15 -46.92
N VAL D 153 -23.94 -38.84 -46.08
CA VAL D 153 -24.69 -39.85 -45.36
C VAL D 153 -25.59 -40.59 -46.33
N GLY D 154 -25.34 -41.89 -46.49
CA GLY D 154 -26.17 -42.71 -47.37
C GLY D 154 -25.83 -42.59 -48.83
N ALA D 155 -24.56 -42.37 -49.17
CA ALA D 155 -24.16 -42.27 -50.56
C ALA D 155 -23.59 -43.59 -51.04
N GLU D 156 -23.92 -43.94 -52.28
CA GLU D 156 -23.47 -45.21 -52.84
C GLU D 156 -21.98 -45.22 -53.12
N ALA D 157 -21.46 -44.12 -53.68
CA ALA D 157 -20.05 -44.06 -54.04
C ALA D 157 -19.61 -42.61 -54.01
N VAL D 158 -18.58 -42.31 -53.23
CA VAL D 158 -18.02 -40.98 -53.11
C VAL D 158 -16.59 -41.03 -53.60
N GLU D 159 -16.24 -40.13 -54.51
CA GLU D 159 -14.92 -40.10 -55.12
C GLU D 159 -14.33 -38.70 -54.99
N VAL D 160 -13.07 -38.61 -54.60
CA VAL D 160 -12.43 -37.34 -54.32
C VAL D 160 -11.23 -37.18 -55.24
N ARG D 161 -11.24 -36.12 -56.05
CA ARG D 161 -10.13 -35.76 -56.93
C ARG D 161 -9.47 -34.50 -56.39
N ILE D 162 -8.17 -34.59 -56.12
CA ILE D 162 -7.42 -33.48 -55.53
C ILE D 162 -6.31 -33.10 -56.49
N ASN D 163 -6.36 -31.89 -57.01
CA ASN D 163 -5.36 -31.41 -57.95
C ASN D 163 -4.46 -30.41 -57.25
N HIS D 164 -3.16 -30.71 -57.22
CA HIS D 164 -2.16 -29.72 -56.85
C HIS D 164 -1.83 -28.90 -58.09
N ILE D 165 -2.02 -27.59 -57.98
CA ILE D 165 -2.00 -26.65 -59.10
C ILE D 165 -0.84 -25.70 -58.82
N ARG D 166 0.34 -26.02 -59.36
CA ARG D 166 1.53 -25.24 -59.02
C ARG D 166 1.58 -23.94 -59.81
N GLN D 167 1.66 -24.04 -61.13
CA GLN D 167 1.43 -22.90 -62.01
C GLN D 167 -0.06 -22.88 -62.33
N GLY D 168 -0.46 -22.16 -63.38
CA GLY D 168 -1.86 -22.15 -63.77
C GLY D 168 -2.44 -23.48 -64.24
N GLU D 169 -1.62 -24.51 -64.42
CA GLU D 169 -2.06 -25.85 -64.81
C GLU D 169 -1.89 -26.81 -63.65
N VAL D 170 -2.41 -28.02 -63.82
CA VAL D 170 -2.37 -29.05 -62.78
C VAL D 170 -0.96 -29.60 -62.70
N ALA D 171 -0.42 -29.67 -61.49
CA ALA D 171 0.88 -30.29 -61.26
C ALA D 171 0.79 -31.73 -60.83
N ARG D 172 -0.19 -32.09 -59.99
CA ARG D 172 -0.36 -33.49 -59.63
C ARG D 172 -1.83 -33.77 -59.35
N THR D 173 -2.23 -35.02 -59.50
CA THR D 173 -3.59 -35.45 -59.20
C THR D 173 -3.55 -36.59 -58.19
N TRP D 174 -4.48 -36.56 -57.25
CA TRP D 174 -4.78 -37.67 -56.36
C TRP D 174 -6.22 -38.09 -56.58
N ARG D 175 -6.45 -39.40 -56.58
CA ARG D 175 -7.78 -39.97 -56.77
C ARG D 175 -8.06 -40.90 -55.61
N PHE D 176 -9.15 -40.66 -54.89
CA PHE D 176 -9.46 -41.44 -53.70
C PHE D 176 -10.91 -41.90 -53.71
N ASP D 177 -11.14 -43.05 -53.09
CA ASP D 177 -12.46 -43.50 -52.73
C ASP D 177 -12.73 -43.06 -51.30
N ALA D 178 -13.68 -42.15 -51.13
CA ALA D 178 -13.95 -41.60 -49.81
C ALA D 178 -14.66 -42.59 -48.90
N LEU D 179 -15.30 -43.62 -49.44
CA LEU D 179 -15.91 -44.62 -48.59
C LEU D 179 -14.95 -45.73 -48.22
N ALA D 180 -13.80 -45.83 -48.91
CA ALA D 180 -12.76 -46.76 -48.48
C ALA D 180 -12.08 -46.25 -47.22
N ILE D 181 -11.64 -44.99 -47.22
CA ILE D 181 -11.06 -44.37 -46.04
C ILE D 181 -12.19 -44.01 -45.09
N GLY D 182 -12.17 -44.56 -43.89
CA GLY D 182 -13.23 -44.32 -42.95
C GLY D 182 -13.15 -42.95 -42.31
N LEU D 183 -14.27 -42.58 -41.67
CA LEU D 183 -14.31 -41.39 -40.84
C LEU D 183 -13.85 -41.66 -39.41
N ARG D 184 -13.29 -42.83 -39.14
CA ARG D 184 -13.02 -43.27 -37.78
C ARG D 184 -11.53 -43.29 -37.43
N ASP D 185 -10.73 -44.05 -38.18
CA ASP D 185 -9.33 -44.25 -37.87
C ASP D 185 -8.46 -43.66 -38.98
N PHE D 186 -7.22 -43.35 -38.63
CA PHE D 186 -6.30 -42.69 -39.53
C PHE D 186 -5.30 -43.71 -40.06
N LYS D 187 -5.42 -44.04 -41.35
CA LYS D 187 -4.72 -45.13 -41.99
C LYS D 187 -3.44 -44.64 -42.66
N ALA D 188 -2.86 -45.51 -43.51
CA ALA D 188 -1.66 -45.16 -44.25
C ALA D 188 -1.80 -45.64 -45.69
N ASP D 189 -1.40 -44.79 -46.63
CA ASP D 189 -1.41 -45.10 -48.05
C ASP D 189 -0.37 -44.20 -48.71
N ALA D 190 0.31 -44.74 -49.73
CA ALA D 190 1.48 -44.06 -50.30
C ALA D 190 1.08 -42.78 -51.04
N GLU D 191 -0.04 -42.80 -51.76
CA GLU D 191 -0.56 -41.58 -52.35
C GLU D 191 -1.03 -40.61 -51.28
N LEU D 192 -1.63 -41.15 -50.21
CA LEU D 192 -2.03 -40.31 -49.09
C LEU D 192 -0.82 -39.77 -48.35
N ASP D 193 0.26 -40.55 -48.27
CA ASP D 193 1.47 -40.03 -47.65
C ASP D 193 2.13 -38.97 -48.51
N ALA D 194 2.01 -39.05 -49.84
CA ALA D 194 2.53 -38.00 -50.70
C ALA D 194 1.71 -36.72 -50.57
N LEU D 195 0.38 -36.85 -50.49
CA LEU D 195 -0.48 -35.68 -50.26
C LEU D 195 -0.21 -35.05 -48.90
N ALA D 196 -0.01 -35.88 -47.88
CA ALA D 196 0.36 -35.38 -46.56
C ALA D 196 1.72 -34.70 -46.56
N GLU D 197 2.65 -35.20 -47.38
CA GLU D 197 3.95 -34.55 -47.50
C GLU D 197 3.82 -33.19 -48.18
N LEU D 198 2.91 -33.07 -49.14
CA LEU D 198 2.68 -31.77 -49.77
C LEU D 198 2.05 -30.77 -48.81
N ILE D 199 1.06 -31.21 -48.03
CA ILE D 199 0.43 -30.35 -47.03
C ILE D 199 1.44 -29.97 -45.95
N ALA D 200 2.31 -30.90 -45.55
CA ALA D 200 3.34 -30.60 -44.57
C ALA D 200 4.39 -29.65 -45.12
N SER D 201 4.69 -29.74 -46.41
CA SER D 201 5.62 -28.80 -47.02
C SER D 201 5.02 -27.41 -47.11
N GLY D 202 3.69 -27.33 -47.28
CA GLY D 202 3.04 -26.03 -47.23
C GLY D 202 3.03 -25.44 -45.84
N LEU D 203 2.69 -26.25 -44.84
CA LEU D 203 2.62 -25.78 -43.46
C LEU D 203 3.99 -25.45 -42.89
N SER D 204 5.06 -25.98 -43.45
CA SER D 204 6.40 -25.70 -42.96
C SER D 204 7.02 -24.46 -43.59
N GLY D 205 6.31 -23.79 -44.48
CA GLY D 205 6.83 -22.60 -45.10
C GLY D 205 7.84 -22.83 -46.21
N SER D 206 8.05 -24.08 -46.61
CA SER D 206 8.99 -24.41 -47.67
C SER D 206 8.35 -24.39 -49.05
N GLY D 207 7.08 -24.01 -49.14
CA GLY D 207 6.40 -23.95 -50.42
C GLY D 207 5.07 -23.25 -50.26
N HIS D 208 4.41 -23.05 -51.40
CA HIS D 208 3.11 -22.41 -51.46
C HIS D 208 2.12 -23.41 -52.05
N VAL D 209 1.12 -23.82 -51.26
CA VAL D 209 0.27 -24.93 -51.68
C VAL D 209 -1.13 -24.41 -51.99
N LEU D 210 -1.61 -24.74 -53.18
CA LEU D 210 -2.99 -24.52 -53.57
C LEU D 210 -3.55 -25.83 -54.09
N LEU D 211 -4.71 -26.23 -53.59
CA LEU D 211 -5.31 -27.51 -53.96
C LEU D 211 -6.74 -27.29 -54.44
N GLU D 212 -7.13 -28.01 -55.48
CA GLU D 212 -8.50 -28.01 -55.95
C GLU D 212 -9.13 -29.34 -55.59
N VAL D 213 -10.18 -29.30 -54.77
CA VAL D 213 -10.82 -30.50 -54.26
C VAL D 213 -12.19 -30.63 -54.90
N VAL D 214 -12.43 -31.75 -55.57
CA VAL D 214 -13.69 -32.06 -56.21
C VAL D 214 -14.20 -33.37 -55.63
N ALA D 215 -15.47 -33.39 -55.21
CA ALA D 215 -16.08 -34.56 -54.62
C ALA D 215 -17.32 -34.93 -55.41
N PHE D 216 -17.40 -36.20 -55.81
CA PHE D 216 -18.56 -36.74 -56.51
C PHE D 216 -19.28 -37.70 -55.59
N ALA D 217 -20.54 -37.44 -55.31
CA ALA D 217 -21.36 -38.27 -54.46
C ALA D 217 -22.54 -38.79 -55.27
N ARG D 218 -22.63 -40.12 -55.39
CA ARG D 218 -23.71 -40.76 -56.16
C ARG D 218 -24.89 -40.95 -55.22
N ILE D 219 -25.82 -40.00 -55.26
CA ILE D 219 -26.96 -39.99 -54.35
C ILE D 219 -28.19 -40.61 -54.99
N GLY D 220 -28.52 -40.19 -56.22
CA GLY D 220 -29.72 -40.65 -56.88
C GLY D 220 -30.37 -39.58 -57.72
N ASP D 221 -31.31 -39.96 -58.58
CA ASP D 221 -31.95 -39.02 -59.48
C ASP D 221 -32.96 -38.17 -58.71
N GLY D 222 -32.79 -36.86 -58.78
CA GLY D 222 -33.73 -35.95 -58.15
C GLY D 222 -33.69 -35.92 -56.65
N GLN D 223 -32.63 -36.43 -56.04
CA GLN D 223 -32.54 -36.46 -54.59
C GLN D 223 -32.18 -35.09 -54.04
N GLU D 224 -32.35 -34.93 -52.74
CA GLU D 224 -32.18 -33.64 -52.09
C GLU D 224 -30.77 -33.51 -51.52
N VAL D 225 -30.08 -32.45 -51.92
CA VAL D 225 -28.75 -32.14 -51.41
C VAL D 225 -28.90 -31.12 -50.29
N PHE D 226 -27.85 -30.96 -49.51
CA PHE D 226 -27.89 -30.15 -48.28
C PHE D 226 -26.81 -29.10 -48.30
N PRO D 227 -27.10 -27.90 -48.76
CA PRO D 227 -26.17 -26.78 -48.64
C PRO D 227 -26.29 -26.14 -47.26
N SER D 228 -25.53 -25.07 -47.04
CA SER D 228 -25.56 -24.40 -45.75
C SER D 228 -26.81 -23.57 -45.57
N GLN D 229 -27.33 -23.58 -44.35
CA GLN D 229 -28.56 -22.89 -44.02
C GLN D 229 -28.24 -21.50 -43.48
N GLU D 230 -28.88 -20.49 -44.05
CA GLU D 230 -28.63 -19.12 -43.65
C GLU D 230 -29.43 -18.77 -42.40
N LEU D 231 -29.32 -17.51 -41.98
CA LEU D 231 -30.08 -16.99 -40.87
C LEU D 231 -31.30 -16.24 -41.40
N ILE D 232 -32.45 -16.44 -40.76
CA ILE D 232 -33.71 -15.90 -41.22
C ILE D 232 -34.23 -14.93 -40.17
N LEU D 233 -34.65 -13.74 -40.62
CA LEU D 233 -35.31 -12.77 -39.78
C LEU D 233 -36.78 -13.15 -39.59
N ASP D 234 -37.39 -12.67 -38.51
CA ASP D 234 -38.78 -12.97 -38.21
C ASP D 234 -39.70 -11.77 -38.41
N LYS D 235 -39.20 -10.65 -38.90
CA LYS D 235 -40.04 -9.48 -39.12
C LYS D 235 -40.99 -9.65 -40.29
N GLY D 236 -40.73 -10.61 -41.19
CA GLY D 236 -41.61 -10.86 -42.31
C GLY D 236 -42.81 -11.69 -41.93
N ASP D 237 -43.58 -12.03 -42.96
CA ASP D 237 -44.80 -12.81 -42.80
C ASP D 237 -44.47 -14.29 -42.94
N LYS D 238 -45.51 -15.12 -43.09
CA LYS D 238 -45.35 -16.56 -43.30
C LYS D 238 -44.84 -16.93 -44.70
N LYS D 239 -44.62 -15.96 -45.58
CA LYS D 239 -44.06 -16.19 -46.89
C LYS D 239 -42.61 -15.68 -46.93
N GLY D 240 -42.00 -15.78 -48.10
CA GLY D 240 -40.65 -15.29 -48.33
C GLY D 240 -39.57 -16.03 -47.57
N GLN D 241 -39.59 -17.36 -47.68
CA GLN D 241 -38.73 -18.28 -46.93
C GLN D 241 -38.82 -18.02 -45.42
N LYS D 242 -40.04 -18.21 -44.90
CA LYS D 242 -40.30 -17.91 -43.49
C LYS D 242 -39.67 -18.92 -42.55
N SER D 243 -39.24 -20.08 -43.05
CA SER D 243 -38.71 -21.13 -42.19
C SER D 243 -37.28 -21.52 -42.51
N LYS D 244 -36.84 -21.38 -43.76
CA LYS D 244 -35.54 -21.93 -44.13
C LYS D 244 -35.00 -21.16 -45.33
N THR D 245 -33.73 -20.76 -45.24
CA THR D 245 -33.02 -20.13 -46.33
C THR D 245 -31.70 -20.86 -46.53
N LEU D 246 -31.29 -21.04 -47.78
CA LEU D 246 -30.11 -21.82 -48.11
C LEU D 246 -29.06 -20.93 -48.77
N TYR D 247 -27.82 -21.14 -48.37
CA TYR D 247 -26.72 -20.28 -48.80
C TYR D 247 -26.41 -20.49 -50.28
N SER D 248 -26.15 -19.40 -50.99
CA SER D 248 -25.91 -19.48 -52.41
C SER D 248 -24.92 -18.41 -52.85
N VAL D 249 -23.91 -18.84 -53.60
CA VAL D 249 -23.13 -17.98 -54.48
C VAL D 249 -24.01 -17.91 -55.74
N ARG D 250 -23.68 -17.04 -56.71
CA ARG D 250 -24.64 -16.54 -57.70
C ARG D 250 -25.29 -17.63 -58.55
N ASP D 251 -26.58 -17.89 -58.24
CA ASP D 251 -27.41 -18.93 -58.85
C ASP D 251 -26.76 -20.32 -58.72
N ALA D 252 -26.20 -20.60 -57.55
CA ALA D 252 -25.55 -21.89 -57.30
C ALA D 252 -25.64 -22.20 -55.82
N ALA D 253 -26.14 -23.39 -55.47
CA ALA D 253 -26.13 -23.82 -54.08
C ALA D 253 -24.70 -24.03 -53.61
N ALA D 254 -24.43 -23.66 -52.36
CA ALA D 254 -23.05 -23.64 -51.92
C ALA D 254 -22.97 -23.97 -50.44
N ILE D 255 -21.75 -24.27 -50.01
CA ILE D 255 -21.45 -24.53 -48.61
C ILE D 255 -20.59 -23.39 -48.08
N HIS D 256 -20.84 -22.98 -46.84
CA HIS D 256 -20.01 -22.00 -46.16
C HIS D 256 -18.58 -22.52 -46.03
N SER D 257 -17.61 -21.61 -46.17
CA SER D 257 -16.22 -22.03 -46.11
C SER D 257 -15.82 -22.43 -44.70
N GLN D 258 -16.50 -21.88 -43.68
CA GLN D 258 -16.22 -22.32 -42.32
C GLN D 258 -16.75 -23.71 -42.04
N LYS D 259 -17.76 -24.17 -42.79
CA LYS D 259 -18.20 -25.56 -42.69
C LYS D 259 -17.13 -26.51 -43.23
N ILE D 260 -16.56 -26.17 -44.37
CA ILE D 260 -15.44 -26.92 -44.95
C ILE D 260 -14.25 -26.90 -44.00
N GLY D 261 -13.99 -25.75 -43.38
CA GLY D 261 -12.89 -25.66 -42.44
C GLY D 261 -13.10 -26.44 -41.17
N ASN D 262 -14.35 -26.52 -40.70
CA ASN D 262 -14.65 -27.33 -39.52
C ASN D 262 -14.48 -28.80 -39.81
N ALA D 263 -14.96 -29.26 -40.98
CA ALA D 263 -14.78 -30.66 -41.32
C ALA D 263 -13.34 -31.00 -41.65
N LEU D 264 -12.52 -30.03 -42.05
CA LEU D 264 -11.12 -30.31 -42.34
C LEU D 264 -10.32 -30.55 -41.07
N ARG D 265 -10.58 -29.80 -40.00
CA ARG D 265 -9.82 -29.91 -38.77
C ARG D 265 -10.47 -30.85 -37.76
N THR D 266 -11.29 -31.80 -38.21
CA THR D 266 -11.87 -32.81 -37.32
C THR D 266 -10.85 -33.93 -37.14
N ILE D 267 -9.82 -33.63 -36.34
CA ILE D 267 -8.67 -34.52 -36.22
C ILE D 267 -8.38 -34.84 -34.76
N ASP D 268 -9.10 -34.23 -33.83
CA ASP D 268 -8.79 -34.35 -32.41
C ASP D 268 -9.26 -35.70 -31.90
N THR D 269 -8.32 -36.63 -31.73
CA THR D 269 -8.58 -37.95 -31.18
C THR D 269 -7.96 -38.13 -29.81
N TRP D 270 -7.67 -37.05 -29.10
CA TRP D 270 -6.89 -37.10 -27.87
C TRP D 270 -7.64 -36.54 -26.68
N TYR D 271 -8.94 -36.41 -26.77
CA TYR D 271 -9.69 -35.85 -25.65
C TYR D 271 -9.93 -36.93 -24.59
N PRO D 272 -9.84 -36.59 -23.30
CA PRO D 272 -9.71 -37.62 -22.27
C PRO D 272 -10.99 -38.36 -21.94
N ASP D 273 -12.15 -37.87 -22.39
CA ASP D 273 -13.41 -38.50 -22.01
C ASP D 273 -13.58 -39.85 -22.71
N GLU D 274 -13.28 -39.90 -24.00
CA GLU D 274 -13.42 -41.15 -24.75
C GLU D 274 -12.51 -41.09 -25.97
N ASP D 275 -12.32 -42.26 -26.58
CA ASP D 275 -11.68 -42.37 -27.88
C ASP D 275 -12.47 -43.27 -28.83
N GLY D 276 -13.53 -43.91 -28.35
CA GLY D 276 -14.39 -44.72 -29.20
C GLY D 276 -15.38 -43.94 -30.04
N LEU D 277 -15.53 -42.64 -29.79
CA LEU D 277 -16.41 -41.82 -30.62
C LEU D 277 -15.74 -41.43 -31.93
N GLY D 278 -14.42 -41.33 -31.94
CA GLY D 278 -13.72 -40.90 -33.11
C GLY D 278 -13.19 -39.49 -32.92
N PRO D 279 -12.82 -38.84 -34.03
CA PRO D 279 -12.25 -37.49 -33.92
C PRO D 279 -13.32 -36.43 -33.74
N ILE D 280 -12.90 -35.30 -33.17
CA ILE D 280 -13.69 -34.09 -33.11
C ILE D 280 -12.86 -32.96 -33.69
N ALA D 281 -13.47 -31.79 -33.85
CA ALA D 281 -12.78 -30.63 -34.37
C ALA D 281 -11.97 -29.97 -33.27
N VAL D 282 -10.79 -29.47 -33.65
CA VAL D 282 -9.88 -28.87 -32.67
C VAL D 282 -10.43 -27.52 -32.21
N GLU D 283 -10.56 -27.37 -30.90
CA GLU D 283 -11.18 -26.22 -30.27
C GLU D 283 -10.63 -26.10 -28.87
N PRO D 284 -10.45 -24.87 -28.37
CA PRO D 284 -10.24 -24.71 -26.93
C PRO D 284 -11.52 -25.06 -26.19
N TYR D 285 -11.40 -25.90 -25.16
CA TYR D 285 -12.51 -26.66 -24.60
C TYR D 285 -13.28 -27.36 -25.71
N GLY D 286 -12.60 -28.33 -26.32
CA GLY D 286 -13.04 -29.01 -27.53
C GLY D 286 -14.44 -29.58 -27.46
N SER D 287 -15.36 -28.89 -28.12
CA SER D 287 -16.78 -29.11 -27.89
C SER D 287 -17.50 -29.17 -29.22
N VAL D 288 -18.51 -30.02 -29.29
CA VAL D 288 -19.34 -30.14 -30.48
C VAL D 288 -20.72 -29.57 -30.19
N THR D 289 -21.26 -28.88 -31.18
CA THR D 289 -22.57 -28.25 -31.03
C THR D 289 -23.71 -29.25 -31.09
N SER D 290 -23.48 -30.42 -31.69
CA SER D 290 -24.53 -31.41 -31.80
C SER D 290 -24.84 -32.04 -30.44
N GLN D 291 -23.82 -32.32 -29.65
CA GLN D 291 -24.01 -32.94 -28.35
C GLN D 291 -24.27 -31.92 -27.26
N GLY D 292 -23.93 -30.66 -27.48
CA GLY D 292 -24.09 -29.64 -26.45
C GLY D 292 -23.20 -29.83 -25.25
N LYS D 293 -22.07 -30.51 -25.42
CA LYS D 293 -21.22 -30.92 -24.32
C LYS D 293 -19.79 -30.49 -24.62
N ALA D 294 -18.99 -30.37 -23.57
CA ALA D 294 -17.60 -29.95 -23.70
C ALA D 294 -16.69 -31.09 -23.30
N TYR D 295 -15.99 -31.66 -24.26
CA TYR D 295 -14.73 -32.31 -23.93
C TYR D 295 -13.67 -31.25 -23.78
N ARG D 296 -12.49 -31.66 -23.32
CA ARG D 296 -11.41 -30.77 -22.87
C ARG D 296 -11.94 -29.77 -21.83
N GLN D 297 -12.75 -30.28 -20.91
CA GLN D 297 -13.35 -29.45 -19.88
C GLN D 297 -12.26 -28.94 -18.94
N PRO D 298 -12.23 -27.64 -18.64
CA PRO D 298 -11.07 -27.06 -17.96
C PRO D 298 -10.90 -27.45 -16.49
N LYS D 299 -11.85 -28.17 -15.89
CA LYS D 299 -11.58 -28.78 -14.60
C LYS D 299 -10.48 -29.83 -14.72
N GLN D 300 -10.52 -30.62 -15.78
CA GLN D 300 -9.37 -31.40 -16.18
C GLN D 300 -8.37 -30.47 -16.85
N LYS D 301 -7.09 -30.78 -16.70
CA LYS D 301 -6.06 -29.88 -17.21
C LYS D 301 -5.69 -30.22 -18.65
N LEU D 302 -6.69 -30.29 -19.53
CA LEU D 302 -6.44 -30.67 -20.92
C LEU D 302 -7.07 -29.71 -21.93
N ASP D 303 -7.60 -28.57 -21.50
CA ASP D 303 -8.03 -27.57 -22.46
C ASP D 303 -6.81 -26.89 -23.09
N PHE D 304 -7.07 -26.15 -24.17
CA PHE D 304 -5.98 -25.54 -24.93
C PHE D 304 -5.27 -24.47 -24.13
N TYR D 305 -6.00 -23.73 -23.30
CA TYR D 305 -5.42 -22.57 -22.63
C TYR D 305 -4.47 -23.00 -21.52
N THR D 306 -4.88 -23.99 -20.70
CA THR D 306 -4.02 -24.46 -19.63
C THR D 306 -2.82 -25.22 -20.19
N LEU D 307 -3.00 -25.95 -21.28
CA LEU D 307 -1.88 -26.67 -21.89
C LEU D 307 -0.86 -25.71 -22.49
N LEU D 308 -1.34 -24.66 -23.18
CA LEU D 308 -0.42 -23.68 -23.74
C LEU D 308 0.26 -22.86 -22.65
N ASP D 309 -0.46 -22.56 -21.56
CA ASP D 309 0.13 -21.80 -20.47
C ASP D 309 1.17 -22.61 -19.72
N ASN D 310 0.93 -23.90 -19.50
CA ASN D 310 1.93 -24.74 -18.86
C ASN D 310 3.11 -24.98 -19.78
N TRP D 311 2.88 -25.08 -21.09
CA TRP D 311 3.97 -25.33 -22.02
C TRP D 311 4.86 -24.11 -22.16
N VAL D 312 4.29 -22.92 -22.24
CA VAL D 312 5.08 -21.74 -22.57
C VAL D 312 5.65 -21.08 -21.31
N LEU D 313 4.84 -20.90 -20.27
CA LEU D 313 5.32 -20.20 -19.09
C LEU D 313 6.21 -21.09 -18.24
N ARG D 314 5.69 -22.21 -17.77
CA ARG D 314 6.39 -23.05 -16.81
C ARG D 314 7.29 -24.08 -17.46
N ASP D 315 7.40 -24.07 -18.79
CA ASP D 315 8.19 -25.01 -19.61
C ASP D 315 7.79 -26.46 -19.42
N GLU D 316 6.57 -26.72 -18.92
CA GLU D 316 6.07 -28.07 -18.72
C GLU D 316 5.46 -28.51 -20.04
N ALA D 317 6.29 -29.06 -20.91
CA ALA D 317 5.82 -29.54 -22.21
C ALA D 317 4.93 -30.77 -22.00
N PRO D 318 3.72 -30.77 -22.54
CA PRO D 318 2.81 -31.90 -22.31
C PRO D 318 3.15 -33.11 -23.14
N ALA D 319 2.26 -34.10 -23.13
CA ALA D 319 2.40 -35.27 -23.99
C ALA D 319 2.33 -34.87 -25.45
N VAL D 320 2.92 -35.70 -26.31
CA VAL D 320 3.09 -35.38 -27.72
C VAL D 320 1.74 -35.30 -28.44
N GLU D 321 0.76 -36.06 -27.97
CA GLU D 321 -0.61 -35.92 -28.47
C GLU D 321 -1.18 -34.56 -28.12
N GLN D 322 -0.94 -34.10 -26.90
CA GLN D 322 -1.44 -32.78 -26.51
C GLN D 322 -0.66 -31.67 -27.19
N GLN D 323 0.62 -31.93 -27.52
CA GLN D 323 1.37 -30.98 -28.32
C GLN D 323 0.81 -30.88 -29.72
N HIS D 324 0.39 -32.01 -30.29
CA HIS D 324 -0.30 -32.01 -31.58
C HIS D 324 -1.59 -31.21 -31.49
N TYR D 325 -2.32 -31.34 -30.38
CA TYR D 325 -3.58 -30.61 -30.21
C TYR D 325 -3.35 -29.11 -30.10
N VAL D 326 -2.29 -28.70 -29.40
CA VAL D 326 -2.00 -27.28 -29.24
C VAL D 326 -1.55 -26.66 -30.56
N ILE D 327 -0.70 -27.36 -31.31
CA ILE D 327 -0.29 -26.80 -32.60
C ILE D 327 -1.42 -26.86 -33.61
N ALA D 328 -2.35 -27.81 -33.46
CA ALA D 328 -3.54 -27.82 -34.31
C ALA D 328 -4.45 -26.62 -34.01
N ASN D 329 -4.53 -26.24 -32.73
CA ASN D 329 -5.28 -25.05 -32.39
C ASN D 329 -4.61 -23.79 -32.91
N LEU D 330 -3.28 -23.76 -32.93
CA LEU D 330 -2.59 -22.59 -33.49
C LEU D 330 -2.71 -22.54 -35.01
N ILE D 331 -2.86 -23.68 -35.67
CA ILE D 331 -3.14 -23.68 -37.10
C ILE D 331 -4.57 -23.23 -37.34
N ARG D 332 -5.48 -23.59 -36.44
CA ARG D 332 -6.87 -23.15 -36.54
C ARG D 332 -7.01 -21.64 -36.40
N GLY D 333 -6.19 -21.02 -35.56
CA GLY D 333 -6.25 -19.60 -35.33
C GLY D 333 -7.38 -19.24 -34.38
N GLY D 334 -7.34 -18.01 -33.90
CA GLY D 334 -8.34 -17.57 -32.96
C GLY D 334 -7.98 -16.26 -32.30
N VAL D 335 -8.85 -15.85 -31.40
CA VAL D 335 -8.65 -14.66 -30.57
C VAL D 335 -8.41 -15.18 -29.16
N PHE D 336 -7.15 -15.20 -28.74
CA PHE D 336 -6.78 -15.72 -27.44
C PHE D 336 -6.36 -14.56 -26.55
N GLY D 337 -7.19 -14.24 -25.58
CA GLY D 337 -6.98 -13.05 -24.78
C GLY D 337 -8.13 -12.87 -23.83
N GLU D 338 -7.94 -11.94 -22.90
CA GLU D 338 -8.82 -11.82 -21.74
C GLU D 338 -10.25 -11.37 -22.03
N ILE E 5 15.89 31.69 -27.24
CA ILE E 5 15.11 32.87 -27.58
C ILE E 5 14.14 32.49 -28.70
N LEU E 6 14.43 31.38 -29.36
CA LEU E 6 13.58 30.84 -30.42
C LEU E 6 12.92 29.57 -29.90
N SER E 7 11.63 29.62 -29.67
CA SER E 7 10.85 28.48 -29.21
C SER E 7 10.03 27.93 -30.36
N THR E 8 9.46 26.75 -30.14
CA THR E 8 8.60 26.13 -31.13
C THR E 8 7.28 26.87 -31.22
N ALA E 9 6.69 26.85 -32.41
CA ALA E 9 5.41 27.49 -32.62
C ALA E 9 4.32 26.70 -31.92
N SER E 10 3.34 27.41 -31.36
CA SER E 10 2.29 26.75 -30.59
C SER E 10 1.33 25.98 -31.49
N VAL E 11 1.03 26.51 -32.67
CA VAL E 11 0.33 25.75 -33.69
C VAL E 11 1.28 25.54 -34.86
N LEU E 12 1.15 24.37 -35.49
CA LEU E 12 1.99 24.00 -36.62
C LEU E 12 1.31 22.83 -37.32
N ALA E 13 1.07 22.94 -38.62
CA ALA E 13 0.33 21.90 -39.30
C ALA E 13 0.87 21.72 -40.70
N PHE E 14 1.07 20.47 -41.09
CA PHE E 14 1.58 20.14 -42.40
C PHE E 14 0.54 19.31 -43.14
N GLU E 15 0.15 19.75 -44.32
CA GLU E 15 -0.66 18.91 -45.17
C GLU E 15 0.20 17.78 -45.71
N ARG E 16 -0.44 16.66 -46.00
CA ARG E 16 0.31 15.49 -46.41
C ARG E 16 0.72 15.60 -47.88
N LYS E 17 1.86 15.01 -48.18
CA LYS E 17 2.23 14.66 -49.55
C LYS E 17 2.07 13.16 -49.71
N LEU E 18 2.17 12.69 -50.95
CA LEU E 18 1.87 11.31 -51.34
C LEU E 18 0.42 10.94 -50.98
N ASP E 19 -0.52 11.58 -51.66
CA ASP E 19 -1.94 11.31 -51.48
C ASP E 19 -2.40 10.15 -52.35
N PRO E 20 -2.75 9.00 -51.78
CA PRO E 20 -3.34 7.95 -52.61
C PRO E 20 -4.85 8.05 -52.62
N SER E 21 -5.49 7.38 -53.57
CA SER E 21 -6.93 7.30 -53.59
C SER E 21 -7.36 6.02 -52.88
N ASP E 22 -8.66 5.77 -52.87
CA ASP E 22 -9.14 4.48 -52.41
C ASP E 22 -8.80 3.43 -53.45
N ALA E 23 -8.30 2.28 -52.99
CA ALA E 23 -7.90 1.22 -53.89
C ALA E 23 -9.10 0.34 -54.21
N LEU E 24 -9.42 0.21 -55.49
CA LEU E 24 -10.58 -0.57 -55.91
C LEU E 24 -10.16 -1.96 -56.36
N MET E 25 -10.97 -2.94 -56.00
CA MET E 25 -10.69 -4.35 -56.27
C MET E 25 -11.57 -4.84 -57.42
N SER E 26 -10.95 -5.51 -58.37
CA SER E 26 -11.63 -6.25 -59.41
C SER E 26 -11.01 -7.64 -59.49
N ALA E 27 -11.59 -8.51 -60.31
CA ALA E 27 -11.14 -9.88 -60.38
C ALA E 27 -11.11 -10.36 -61.81
N GLY E 28 -10.10 -11.17 -62.12
CA GLY E 28 -10.00 -11.76 -63.43
C GLY E 28 -9.04 -12.93 -63.41
N ALA E 29 -8.79 -13.48 -64.58
CA ALA E 29 -7.86 -14.59 -64.73
C ALA E 29 -6.49 -14.06 -65.10
N TRP E 30 -5.45 -14.75 -64.63
CA TRP E 30 -4.08 -14.38 -64.95
C TRP E 30 -3.81 -14.59 -66.43
N ALA E 31 -2.88 -13.80 -66.95
CA ALA E 31 -2.52 -13.60 -68.37
C ALA E 31 -3.62 -12.92 -69.17
N GLN E 32 -4.76 -12.57 -68.56
CA GLN E 32 -5.62 -11.51 -69.05
C GLN E 32 -5.30 -10.19 -68.38
N ARG E 33 -4.14 -10.09 -67.74
CA ARG E 33 -3.74 -8.90 -66.99
C ARG E 33 -3.46 -7.71 -67.91
N ASP E 34 -3.27 -7.94 -69.20
CA ASP E 34 -3.10 -6.83 -70.13
C ASP E 34 -4.42 -6.32 -70.68
N ALA E 35 -5.48 -7.14 -70.62
CA ALA E 35 -6.82 -6.74 -71.02
C ALA E 35 -7.70 -6.50 -69.80
N SER E 36 -7.10 -5.97 -68.75
CA SER E 36 -7.79 -5.82 -67.46
C SER E 36 -8.41 -4.43 -67.34
N GLN E 37 -9.28 -4.11 -68.27
CA GLN E 37 -10.08 -2.89 -68.19
C GLN E 37 -11.56 -3.18 -68.01
N GLU E 38 -12.03 -4.33 -68.46
CA GLU E 38 -13.42 -4.73 -68.28
C GLU E 38 -13.56 -5.83 -67.23
N TRP E 39 -12.58 -5.94 -66.34
CA TRP E 39 -12.68 -6.92 -65.26
C TRP E 39 -13.78 -6.48 -64.29
N PRO E 40 -14.71 -7.36 -63.95
CA PRO E 40 -15.78 -6.97 -63.02
C PRO E 40 -15.25 -6.80 -61.61
N ALA E 41 -15.92 -5.93 -60.86
CA ALA E 41 -15.46 -5.60 -59.53
C ALA E 41 -15.76 -6.73 -58.57
N VAL E 42 -15.01 -6.76 -57.46
CA VAL E 42 -15.24 -7.72 -56.40
C VAL E 42 -16.36 -7.18 -55.52
N THR E 43 -17.47 -7.90 -55.44
CA THR E 43 -18.60 -7.42 -54.66
C THR E 43 -18.48 -7.90 -53.22
N VAL E 44 -19.27 -7.27 -52.35
CA VAL E 44 -19.32 -7.60 -50.94
C VAL E 44 -20.65 -8.29 -50.66
N ARG E 45 -20.60 -9.49 -50.11
CA ARG E 45 -21.80 -10.26 -49.82
C ARG E 45 -21.93 -10.47 -48.32
N GLU E 46 -23.07 -11.02 -47.93
CA GLU E 46 -23.33 -11.40 -46.55
C GLU E 46 -23.39 -12.91 -46.43
N LYS E 47 -23.04 -13.43 -45.25
CA LYS E 47 -23.21 -14.84 -44.96
C LYS E 47 -23.45 -15.02 -43.47
N SER E 48 -23.88 -16.22 -43.11
CA SER E 48 -24.23 -16.53 -41.73
C SER E 48 -23.10 -17.29 -41.06
N VAL E 49 -22.91 -17.06 -39.76
CA VAL E 49 -21.84 -17.68 -38.99
C VAL E 49 -22.40 -18.13 -37.66
N ARG E 50 -22.20 -19.39 -37.31
CA ARG E 50 -22.48 -19.89 -35.99
C ARG E 50 -21.16 -20.09 -35.25
N GLY E 51 -21.09 -19.58 -34.03
CA GLY E 51 -19.83 -19.55 -33.29
C GLY E 51 -19.87 -20.45 -32.07
N THR E 52 -18.74 -21.10 -31.80
CA THR E 52 -18.56 -21.83 -30.56
C THR E 52 -18.13 -20.89 -29.45
N ILE E 53 -17.86 -21.46 -28.28
CA ILE E 53 -17.29 -20.72 -27.17
C ILE E 53 -15.81 -21.06 -27.16
N SER E 54 -15.02 -20.24 -27.84
CA SER E 54 -13.60 -20.53 -28.03
C SER E 54 -12.74 -19.36 -27.58
N ASN E 55 -13.14 -18.71 -26.50
CA ASN E 55 -12.34 -17.66 -25.90
C ASN E 55 -11.98 -18.06 -24.47
N ARG E 56 -11.14 -17.26 -23.84
CA ARG E 56 -10.82 -17.50 -22.45
C ARG E 56 -12.01 -17.18 -21.57
N LEU E 57 -12.06 -17.82 -20.41
CA LEU E 57 -13.15 -17.67 -19.47
C LEU E 57 -12.60 -17.27 -18.12
N LYS E 58 -13.47 -16.69 -17.29
CA LYS E 58 -13.10 -16.36 -15.94
C LYS E 58 -13.21 -17.58 -15.03
N THR E 59 -12.76 -17.41 -13.80
CA THR E 59 -12.89 -18.48 -12.81
C THR E 59 -14.32 -18.54 -12.26
N LYS E 60 -15.10 -17.46 -12.43
CA LYS E 60 -16.52 -17.52 -12.14
C LYS E 60 -17.21 -18.49 -13.10
N ASP E 61 -16.77 -18.51 -14.35
CA ASP E 61 -17.14 -19.54 -15.30
C ASP E 61 -16.20 -20.73 -15.15
N ARG E 62 -16.19 -21.60 -16.15
CA ARG E 62 -15.45 -22.87 -16.26
C ARG E 62 -15.99 -23.96 -15.34
N ASP E 63 -17.04 -23.68 -14.56
CA ASP E 63 -17.82 -24.76 -13.99
C ASP E 63 -18.53 -25.49 -15.13
N PRO E 64 -18.60 -26.82 -15.09
CA PRO E 64 -19.05 -27.57 -16.28
C PRO E 64 -20.50 -27.36 -16.63
N ALA E 65 -21.35 -27.09 -15.64
CA ALA E 65 -22.76 -26.79 -15.92
C ALA E 65 -22.89 -25.49 -16.70
N LYS E 66 -22.16 -24.45 -16.29
CA LYS E 66 -22.25 -23.16 -16.95
C LYS E 66 -21.64 -23.19 -18.34
N LEU E 67 -20.50 -23.89 -18.50
CA LEU E 67 -19.87 -23.98 -19.80
C LEU E 67 -20.71 -24.80 -20.78
N ASP E 68 -21.29 -25.90 -20.31
CA ASP E 68 -22.15 -26.69 -21.18
C ASP E 68 -23.43 -25.94 -21.53
N ALA E 69 -23.99 -25.19 -20.58
CA ALA E 69 -25.18 -24.41 -20.86
C ALA E 69 -24.90 -23.25 -21.80
N SER E 70 -23.68 -22.71 -21.78
CA SER E 70 -23.30 -21.71 -22.77
C SER E 70 -23.10 -22.34 -24.14
N ILE E 71 -22.63 -23.58 -24.18
CA ILE E 71 -22.53 -24.29 -25.46
C ILE E 71 -23.90 -24.65 -25.99
N GLN E 72 -24.91 -24.78 -25.12
CA GLN E 72 -26.28 -25.06 -25.56
C GLN E 72 -26.83 -23.93 -26.42
N SER E 73 -26.75 -22.69 -25.93
CA SER E 73 -27.26 -21.54 -26.68
C SER E 73 -26.10 -20.90 -27.42
N PRO E 74 -25.98 -21.08 -28.73
CA PRO E 74 -24.83 -20.58 -29.46
C PRO E 74 -25.04 -19.13 -29.88
N ASN E 75 -24.06 -18.59 -30.58
CA ASN E 75 -24.12 -17.22 -31.09
C ASN E 75 -24.17 -17.24 -32.60
N LEU E 76 -25.07 -16.43 -33.15
CA LEU E 76 -25.31 -16.35 -34.59
C LEU E 76 -25.02 -14.95 -35.07
N GLN E 77 -24.23 -14.84 -36.13
CA GLN E 77 -23.84 -13.55 -36.65
C GLN E 77 -24.02 -13.53 -38.17
N THR E 78 -24.13 -12.31 -38.69
CA THR E 78 -24.03 -12.06 -40.12
C THR E 78 -22.68 -11.40 -40.36
N VAL E 79 -22.02 -11.79 -41.44
CA VAL E 79 -20.65 -11.37 -41.70
C VAL E 79 -20.56 -10.93 -43.14
N ASP E 80 -19.99 -9.74 -43.36
CA ASP E 80 -19.62 -9.30 -44.70
C ASP E 80 -18.39 -10.05 -45.16
N VAL E 81 -18.41 -10.51 -46.40
CA VAL E 81 -17.33 -11.30 -46.94
C VAL E 81 -17.13 -10.90 -48.40
N ALA E 82 -15.88 -10.98 -48.85
CA ALA E 82 -15.52 -10.65 -50.22
C ALA E 82 -14.64 -11.77 -50.77
N ASN E 83 -15.04 -12.34 -51.90
CA ASN E 83 -14.32 -13.44 -52.51
C ASN E 83 -14.10 -13.15 -53.98
N LEU E 84 -13.12 -13.82 -54.55
CA LEU E 84 -13.01 -13.90 -55.99
C LEU E 84 -14.12 -14.79 -56.54
N PRO E 85 -14.48 -14.65 -57.80
CA PRO E 85 -15.34 -15.64 -58.43
C PRO E 85 -14.63 -16.98 -58.57
N SER E 86 -15.42 -18.03 -58.74
CA SER E 86 -14.88 -19.38 -58.84
C SER E 86 -14.15 -19.63 -60.15
N ASP E 87 -14.30 -18.76 -61.14
CA ASP E 87 -13.63 -18.90 -62.42
C ASP E 87 -12.53 -17.87 -62.63
N ALA E 88 -12.13 -17.15 -61.59
CA ALA E 88 -11.06 -16.17 -61.65
C ALA E 88 -10.12 -16.37 -60.48
N ASP E 89 -8.83 -16.25 -60.73
CA ASP E 89 -7.82 -16.52 -59.71
C ASP E 89 -6.93 -15.33 -59.41
N THR E 90 -7.17 -14.18 -60.02
CA THR E 90 -6.30 -13.01 -59.90
C THR E 90 -7.10 -11.83 -59.36
N LEU E 91 -6.60 -11.25 -58.27
CA LEU E 91 -7.12 -10.01 -57.74
C LEU E 91 -6.37 -8.85 -58.37
N LYS E 92 -7.11 -7.86 -58.86
CA LYS E 92 -6.54 -6.63 -59.39
C LYS E 92 -6.93 -5.50 -58.47
N VAL E 93 -5.94 -4.71 -58.04
CA VAL E 93 -6.16 -3.61 -57.12
C VAL E 93 -5.59 -2.36 -57.78
N ARG E 94 -6.44 -1.35 -57.98
CA ARG E 94 -6.05 -0.16 -58.73
C ARG E 94 -6.26 1.08 -57.88
N PHE E 95 -5.27 1.97 -57.87
CA PHE E 95 -5.43 3.29 -57.26
C PHE E 95 -4.51 4.27 -57.99
N THR E 96 -4.64 5.55 -57.63
CA THR E 96 -3.80 6.61 -58.17
C THR E 96 -3.11 7.34 -57.03
N LEU E 97 -1.97 7.93 -57.34
CA LEU E 97 -1.12 8.56 -56.33
C LEU E 97 -0.60 9.88 -56.85
N ARG E 98 -0.70 10.92 -56.04
CA ARG E 98 -0.20 12.25 -56.37
C ARG E 98 1.04 12.55 -55.54
N VAL E 99 2.16 12.79 -56.20
CA VAL E 99 3.34 13.32 -55.55
C VAL E 99 3.44 14.79 -55.91
N LEU E 100 3.46 15.63 -54.86
CA LEU E 100 3.15 17.05 -54.92
C LEU E 100 4.37 17.93 -54.69
N GLY E 101 5.05 17.77 -53.56
CA GLY E 101 6.19 18.59 -53.24
C GLY E 101 5.83 19.83 -52.44
N GLY E 102 6.87 20.51 -51.97
CA GLY E 102 6.70 21.61 -51.04
C GLY E 102 6.64 21.14 -49.61
N ALA E 103 7.46 20.14 -49.26
CA ALA E 103 7.26 19.40 -48.02
C ALA E 103 7.69 20.16 -46.77
N GLY E 104 8.39 21.27 -46.91
CA GLY E 104 8.85 21.97 -45.74
C GLY E 104 7.85 22.99 -45.22
N THR E 105 7.03 23.51 -46.11
CA THR E 105 6.17 24.65 -45.78
C THR E 105 4.97 24.18 -44.98
N PRO E 106 4.75 24.70 -43.77
CA PRO E 106 3.56 24.31 -43.01
C PRO E 106 2.32 25.00 -43.53
N SER E 107 1.19 24.31 -43.39
CA SER E 107 -0.09 24.88 -43.78
C SER E 107 -0.64 25.84 -42.73
N ALA E 108 -0.16 25.75 -41.50
CA ALA E 108 -0.48 26.71 -40.46
C ALA E 108 0.71 26.76 -39.52
N CYS E 109 1.02 27.94 -39.01
CA CYS E 109 2.16 28.10 -38.11
C CYS E 109 2.00 29.41 -37.34
N ASN E 110 2.39 29.39 -36.08
CA ASN E 110 2.23 30.56 -35.23
C ASN E 110 3.37 31.55 -35.38
N ASP E 111 4.60 31.10 -35.22
CA ASP E 111 5.76 31.97 -35.18
C ASP E 111 6.37 32.10 -36.57
N ALA E 112 6.69 33.35 -36.96
CA ALA E 112 7.32 33.55 -38.25
C ALA E 112 8.80 33.19 -38.21
N ALA E 113 9.46 33.46 -37.09
CA ALA E 113 10.86 33.11 -36.93
C ALA E 113 11.06 31.60 -36.95
N TYR E 114 10.15 30.87 -36.29
CA TYR E 114 10.17 29.42 -36.37
C TYR E 114 9.88 28.95 -37.79
N ARG E 115 9.03 29.68 -38.52
CA ARG E 115 8.68 29.26 -39.87
C ARG E 115 9.86 29.35 -40.82
N ASP E 116 10.58 30.48 -40.82
CA ASP E 116 11.68 30.54 -41.78
C ASP E 116 12.91 29.82 -41.27
N LYS E 117 13.04 29.61 -39.94
CA LYS E 117 14.09 28.72 -39.44
C LYS E 117 13.87 27.27 -39.90
N LEU E 118 12.62 26.81 -39.80
CA LEU E 118 12.29 25.46 -40.28
C LEU E 118 12.41 25.37 -41.80
N LEU E 119 12.05 26.42 -42.51
CA LEU E 119 12.15 26.42 -43.97
C LEU E 119 13.60 26.35 -44.43
N GLN E 120 14.49 27.09 -43.77
CA GLN E 120 15.89 27.02 -44.17
C GLN E 120 16.53 25.72 -43.70
N THR E 121 16.02 25.10 -42.63
CA THR E 121 16.51 23.79 -42.23
C THR E 121 16.17 22.73 -43.27
N VAL E 122 14.94 22.74 -43.77
CA VAL E 122 14.55 21.83 -44.85
C VAL E 122 15.31 22.18 -46.13
N ALA E 123 15.62 23.47 -46.34
CA ALA E 123 16.40 23.87 -47.49
C ALA E 123 17.82 23.31 -47.44
N THR E 124 18.46 23.34 -46.28
CA THR E 124 19.78 22.72 -46.15
C THR E 124 19.71 21.20 -46.28
N TYR E 125 18.60 20.58 -45.86
CA TYR E 125 18.44 19.15 -46.11
C TYR E 125 18.39 18.85 -47.60
N VAL E 126 17.63 19.65 -48.36
CA VAL E 126 17.51 19.40 -49.80
C VAL E 126 18.83 19.74 -50.52
N ASN E 127 19.56 20.73 -50.03
CA ASN E 127 20.83 21.07 -50.66
C ASN E 127 21.90 20.03 -50.37
N GLU E 128 21.89 19.43 -49.17
CA GLU E 128 22.89 18.43 -48.84
C GLU E 128 22.68 17.13 -49.62
N GLN E 129 21.43 16.70 -49.74
CA GLN E 129 21.10 15.58 -50.61
C GLN E 129 19.66 15.76 -51.08
N GLY E 130 19.33 15.09 -52.18
CA GLY E 130 17.97 15.20 -52.67
C GLY E 130 16.98 14.39 -51.86
N PHE E 131 15.81 14.14 -52.42
CA PHE E 131 14.87 13.22 -51.80
C PHE E 131 15.09 11.79 -52.24
N ALA E 132 16.28 11.48 -52.77
CA ALA E 132 16.50 10.25 -53.51
C ALA E 132 16.50 9.03 -52.60
N GLU E 133 16.91 9.16 -51.34
CA GLU E 133 16.81 8.04 -50.41
C GLU E 133 15.35 7.79 -50.04
N LEU E 134 14.63 8.86 -49.70
CA LEU E 134 13.21 8.75 -49.38
C LEU E 134 12.40 8.33 -50.60
N ALA E 135 12.68 8.90 -51.77
CA ALA E 135 11.96 8.50 -52.97
C ALA E 135 12.33 7.10 -53.40
N ARG E 136 13.55 6.66 -53.12
CA ARG E 136 13.93 5.28 -53.37
C ARG E 136 13.15 4.31 -52.50
N ARG E 137 12.97 4.66 -51.22
CA ARG E 137 12.21 3.79 -50.33
C ARG E 137 10.71 3.81 -50.65
N TYR E 138 10.18 4.98 -51.04
CA TYR E 138 8.79 5.06 -51.45
C TYR E 138 8.55 4.30 -52.75
N ALA E 139 9.50 4.35 -53.68
CA ALA E 139 9.38 3.59 -54.92
C ALA E 139 9.54 2.09 -54.67
N HIS E 140 10.32 1.72 -53.66
CA HIS E 140 10.37 0.33 -53.22
C HIS E 140 9.01 -0.12 -52.71
N ASN E 141 8.40 0.68 -51.84
CA ASN E 141 7.09 0.32 -51.29
C ASN E 141 5.98 0.40 -52.32
N LEU E 142 6.20 1.10 -53.42
CA LEU E 142 5.31 0.96 -54.57
C LEU E 142 5.62 -0.31 -55.35
N ALA E 143 6.89 -0.70 -55.42
CA ALA E 143 7.29 -1.81 -56.28
C ALA E 143 6.88 -3.14 -55.69
N ASN E 144 7.23 -3.40 -54.43
CA ASN E 144 6.59 -4.50 -53.74
C ASN E 144 5.19 -4.06 -53.35
N ALA E 145 4.21 -4.92 -53.57
CA ALA E 145 2.81 -4.51 -53.38
C ALA E 145 2.45 -4.62 -51.90
N ARG E 146 3.08 -3.77 -51.10
CA ARG E 146 2.81 -3.76 -49.67
C ARG E 146 1.46 -3.15 -49.35
N PHE E 147 0.86 -2.42 -50.30
CA PHE E 147 -0.50 -1.92 -50.12
C PHE E 147 -1.53 -3.03 -50.19
N LEU E 148 -1.17 -4.21 -50.69
CA LEU E 148 -1.96 -5.42 -50.46
C LEU E 148 -1.50 -5.96 -49.12
N TRP E 149 -2.30 -5.75 -48.07
CA TRP E 149 -1.82 -6.12 -46.75
C TRP E 149 -1.91 -7.62 -46.50
N ARG E 150 -3.12 -8.16 -46.46
CA ARG E 150 -3.29 -9.60 -46.31
C ARG E 150 -3.53 -10.28 -47.65
N ASN E 151 -3.84 -9.52 -48.68
CA ASN E 151 -4.00 -10.09 -50.02
C ASN E 151 -2.68 -10.46 -50.66
N ARG E 152 -1.55 -10.05 -50.07
CA ARG E 152 -0.25 -10.45 -50.57
C ARG E 152 0.30 -11.69 -49.87
N VAL E 153 -0.20 -12.01 -48.69
CA VAL E 153 0.33 -13.12 -47.91
C VAL E 153 -0.09 -14.44 -48.54
N GLY E 154 0.90 -15.28 -48.84
CA GLY E 154 0.61 -16.56 -49.46
C GLY E 154 0.20 -16.46 -50.90
N ALA E 155 0.71 -15.47 -51.63
CA ALA E 155 0.36 -15.27 -53.03
C ALA E 155 1.37 -15.96 -53.92
N GLU E 156 0.88 -16.52 -55.03
CA GLU E 156 1.75 -17.23 -55.95
C GLU E 156 2.60 -16.28 -56.77
N ALA E 157 2.00 -15.22 -57.30
CA ALA E 157 2.73 -14.25 -58.10
C ALA E 157 2.07 -12.90 -57.95
N VAL E 158 2.87 -11.89 -57.62
CA VAL E 158 2.42 -10.52 -57.52
C VAL E 158 3.16 -9.69 -58.55
N GLU E 159 2.42 -8.91 -59.32
CA GLU E 159 2.99 -8.09 -60.38
C GLU E 159 2.40 -6.70 -60.32
N VAL E 160 3.25 -5.68 -60.40
CA VAL E 160 2.84 -4.29 -60.24
C VAL E 160 3.10 -3.54 -61.54
N ARG E 161 2.07 -2.89 -62.07
CA ARG E 161 2.20 -2.02 -63.23
C ARG E 161 1.94 -0.58 -62.80
N ILE E 162 2.93 0.28 -63.04
CA ILE E 162 2.87 1.68 -62.61
C ILE E 162 2.95 2.55 -63.85
N ASN E 163 1.89 3.29 -64.14
CA ASN E 163 1.86 4.19 -65.29
C ASN E 163 1.99 5.61 -64.79
N HIS E 164 3.11 6.26 -65.11
CA HIS E 164 3.23 7.69 -64.88
C HIS E 164 2.44 8.41 -65.96
N ILE E 165 1.46 9.20 -65.54
CA ILE E 165 0.44 9.74 -66.43
C ILE E 165 0.61 11.25 -66.41
N ARG E 166 1.09 11.83 -67.51
CA ARG E 166 1.45 13.24 -67.53
C ARG E 166 0.32 14.10 -68.07
N GLN E 167 -0.06 13.90 -69.31
CA GLN E 167 -1.30 14.44 -69.85
C GLN E 167 -2.38 13.37 -69.65
N GLY E 168 -3.49 13.45 -70.36
CA GLY E 168 -4.54 12.44 -70.24
C GLY E 168 -4.17 11.03 -70.68
N GLU E 169 -2.95 10.79 -71.16
CA GLU E 169 -2.50 9.47 -71.59
C GLU E 169 -1.24 9.08 -70.81
N VAL E 170 -0.79 7.85 -71.06
CA VAL E 170 0.38 7.30 -70.39
C VAL E 170 1.64 7.98 -70.88
N ALA E 171 2.48 8.43 -69.95
CA ALA E 171 3.80 8.92 -70.28
C ALA E 171 4.90 7.90 -70.06
N ARG E 172 4.79 7.07 -69.03
CA ARG E 172 5.76 5.98 -68.87
C ARG E 172 5.10 4.80 -68.17
N THR E 173 5.71 3.63 -68.32
CA THR E 173 5.22 2.41 -67.71
C THR E 173 6.37 1.67 -67.05
N TRP E 174 6.15 1.23 -65.81
CA TRP E 174 7.04 0.32 -65.10
C TRP E 174 6.31 -1.00 -64.86
N ARG E 175 7.05 -2.09 -64.93
CA ARG E 175 6.55 -3.42 -64.65
C ARG E 175 7.48 -4.06 -63.63
N PHE E 176 6.94 -4.46 -62.49
CA PHE E 176 7.73 -5.02 -61.41
C PHE E 176 7.18 -6.37 -60.97
N ASP E 177 8.08 -7.24 -60.55
CA ASP E 177 7.73 -8.49 -59.89
C ASP E 177 7.84 -8.24 -58.39
N ALA E 178 6.69 -8.13 -57.72
CA ALA E 178 6.67 -7.68 -56.33
C ALA E 178 7.13 -8.75 -55.36
N LEU E 179 7.10 -10.02 -55.74
CA LEU E 179 7.67 -11.06 -54.90
C LEU E 179 9.18 -11.11 -55.01
N ALA E 180 9.75 -10.60 -56.11
CA ALA E 180 11.19 -10.53 -56.22
C ALA E 180 11.77 -9.45 -55.32
N ILE E 181 11.19 -8.25 -55.38
CA ILE E 181 11.60 -7.17 -54.48
C ILE E 181 11.12 -7.50 -53.08
N GLY E 182 12.03 -7.51 -52.13
CA GLY E 182 11.67 -7.91 -50.78
C GLY E 182 10.93 -6.83 -50.02
N LEU E 183 10.21 -7.29 -49.00
CA LEU E 183 9.66 -6.40 -47.99
C LEU E 183 10.67 -6.11 -46.89
N ARG E 184 11.87 -6.67 -46.98
CA ARG E 184 12.88 -6.58 -45.93
C ARG E 184 13.95 -5.54 -46.23
N ASP E 185 14.60 -5.65 -47.39
CA ASP E 185 15.75 -4.83 -47.70
C ASP E 185 15.48 -4.00 -48.95
N PHE E 186 16.25 -2.92 -49.08
CA PHE E 186 16.06 -1.94 -50.13
C PHE E 186 17.21 -2.06 -51.13
N LYS E 187 16.93 -2.67 -52.28
CA LYS E 187 17.91 -3.00 -53.30
C LYS E 187 18.14 -1.82 -54.23
N ALA E 188 18.79 -2.08 -55.36
CA ALA E 188 19.01 -1.09 -56.40
C ALA E 188 18.71 -1.71 -57.75
N ASP E 189 17.97 -0.98 -58.58
CA ASP E 189 17.57 -1.45 -59.91
C ASP E 189 17.29 -0.21 -60.76
N ALA E 190 17.59 -0.31 -62.05
CA ALA E 190 17.60 0.86 -62.92
C ALA E 190 16.20 1.40 -63.14
N GLU E 191 15.22 0.53 -63.38
CA GLU E 191 13.84 0.97 -63.52
C GLU E 191 13.30 1.51 -62.21
N LEU E 192 13.62 0.84 -61.10
CA LEU E 192 13.20 1.29 -59.78
C LEU E 192 13.87 2.60 -59.42
N ASP E 193 15.14 2.77 -59.78
CA ASP E 193 15.80 4.04 -59.50
C ASP E 193 15.27 5.16 -60.39
N ALA E 194 14.83 4.85 -61.61
CA ALA E 194 14.25 5.90 -62.46
C ALA E 194 12.89 6.33 -61.94
N LEU E 195 12.10 5.37 -61.43
CA LEU E 195 10.88 5.70 -60.71
C LEU E 195 11.18 6.54 -59.47
N ALA E 196 12.29 6.25 -58.79
CA ALA E 196 12.70 7.05 -57.65
C ALA E 196 13.10 8.47 -58.06
N GLU E 197 13.70 8.63 -59.24
CA GLU E 197 14.02 9.98 -59.70
C GLU E 197 12.75 10.75 -60.05
N LEU E 198 11.74 10.07 -60.58
CA LEU E 198 10.46 10.71 -60.85
C LEU E 198 9.78 11.16 -59.56
N ILE E 199 9.77 10.28 -58.55
CA ILE E 199 9.15 10.62 -57.27
C ILE E 199 9.93 11.72 -56.57
N ALA E 200 11.26 11.71 -56.68
CA ALA E 200 12.06 12.78 -56.09
C ALA E 200 11.89 14.09 -56.82
N SER E 201 11.63 14.06 -58.12
CA SER E 201 11.29 15.27 -58.85
C SER E 201 9.95 15.81 -58.40
N GLY E 202 9.01 14.92 -58.08
CA GLY E 202 7.73 15.36 -57.55
C GLY E 202 7.85 15.96 -56.17
N LEU E 203 8.62 15.33 -55.29
CA LEU E 203 8.78 15.81 -53.92
C LEU E 203 9.54 17.12 -53.83
N SER E 204 10.37 17.43 -54.82
CA SER E 204 11.19 18.64 -54.78
C SER E 204 10.45 19.87 -55.27
N GLY E 205 9.26 19.71 -55.83
CA GLY E 205 8.55 20.84 -56.39
C GLY E 205 8.92 21.17 -57.81
N SER E 206 9.75 20.35 -58.45
CA SER E 206 10.19 20.58 -59.81
C SER E 206 9.20 20.08 -60.86
N GLY E 207 8.15 19.38 -60.45
CA GLY E 207 7.20 18.88 -61.40
C GLY E 207 5.94 18.42 -60.70
N HIS E 208 5.02 17.90 -61.50
CA HIS E 208 3.72 17.40 -61.04
C HIS E 208 3.69 15.90 -61.31
N VAL E 209 3.66 15.09 -60.26
CA VAL E 209 3.72 13.65 -60.46
C VAL E 209 2.35 13.04 -60.16
N LEU E 210 1.79 12.36 -61.15
CA LEU E 210 0.58 11.57 -60.99
C LEU E 210 0.85 10.18 -61.53
N LEU E 211 0.63 9.18 -60.69
CA LEU E 211 0.85 7.79 -61.04
C LEU E 211 -0.46 7.02 -60.92
N GLU E 212 -0.58 5.96 -61.72
CA GLU E 212 -1.63 4.99 -61.58
C GLU E 212 -0.99 3.64 -61.30
N VAL E 213 -1.29 3.07 -60.13
CA VAL E 213 -0.68 1.83 -59.66
C VAL E 213 -1.72 0.73 -59.72
N VAL E 214 -1.37 -0.38 -60.36
CA VAL E 214 -2.23 -1.55 -60.48
C VAL E 214 -1.43 -2.76 -60.01
N ALA E 215 -2.04 -3.58 -59.16
CA ALA E 215 -1.40 -4.79 -58.64
C ALA E 215 -2.23 -6.00 -59.05
N PHE E 216 -1.55 -7.04 -59.51
CA PHE E 216 -2.16 -8.32 -59.84
C PHE E 216 -1.59 -9.37 -58.91
N ALA E 217 -2.46 -9.98 -58.12
CA ALA E 217 -2.07 -11.03 -57.19
C ALA E 217 -2.76 -12.32 -57.58
N ARG E 218 -1.97 -13.36 -57.81
CA ARG E 218 -2.51 -14.67 -58.15
C ARG E 218 -2.78 -15.40 -56.86
N ILE E 219 -4.05 -15.46 -56.46
CA ILE E 219 -4.45 -16.03 -55.19
C ILE E 219 -5.00 -17.43 -55.36
N GLY E 220 -5.98 -17.59 -56.24
CA GLY E 220 -6.67 -18.86 -56.38
C GLY E 220 -8.14 -18.64 -56.66
N ASP E 221 -8.81 -19.65 -57.18
CA ASP E 221 -10.19 -19.52 -57.60
C ASP E 221 -11.11 -19.49 -56.39
N GLY E 222 -11.88 -18.41 -56.26
CA GLY E 222 -12.87 -18.30 -55.21
C GLY E 222 -12.34 -18.03 -53.82
N GLN E 223 -11.05 -17.71 -53.70
CA GLN E 223 -10.46 -17.48 -52.39
C GLN E 223 -10.92 -16.14 -51.83
N GLU E 224 -10.69 -15.95 -50.54
CA GLU E 224 -11.14 -14.77 -49.84
C GLU E 224 -10.12 -13.65 -49.98
N VAL E 225 -10.59 -12.49 -50.41
CA VAL E 225 -9.78 -11.29 -50.44
C VAL E 225 -10.20 -10.43 -49.26
N PHE E 226 -9.37 -9.47 -48.90
CA PHE E 226 -9.51 -8.74 -47.65
C PHE E 226 -9.54 -7.24 -47.91
N PRO E 227 -10.72 -6.67 -48.06
CA PRO E 227 -10.84 -5.22 -48.17
C PRO E 227 -10.71 -4.57 -46.79
N SER E 228 -10.82 -3.25 -46.77
CA SER E 228 -10.81 -2.54 -45.51
C SER E 228 -12.08 -2.79 -44.73
N GLN E 229 -11.95 -2.79 -43.42
CA GLN E 229 -13.01 -3.21 -42.52
C GLN E 229 -13.59 -1.97 -41.85
N GLU E 230 -14.89 -1.78 -42.00
CA GLU E 230 -15.53 -0.61 -41.43
C GLU E 230 -15.78 -0.82 -39.94
N LEU E 231 -16.32 0.22 -39.32
CA LEU E 231 -16.61 0.22 -37.89
C LEU E 231 -18.12 0.22 -37.70
N ILE E 232 -18.62 -0.77 -36.96
CA ILE E 232 -20.05 -1.01 -36.83
C ILE E 232 -20.53 -0.36 -35.54
N LEU E 233 -21.60 0.43 -35.65
CA LEU E 233 -22.18 1.12 -34.51
C LEU E 233 -23.57 0.56 -34.24
N ASP E 234 -23.70 -0.22 -33.17
CA ASP E 234 -24.98 -0.74 -32.73
C ASP E 234 -25.03 -0.69 -31.21
N LYS E 235 -26.08 -0.07 -30.69
CA LYS E 235 -26.28 0.06 -29.24
C LYS E 235 -27.63 -0.56 -28.91
N GLY E 236 -27.60 -1.76 -28.32
CA GLY E 236 -28.81 -2.49 -28.04
C GLY E 236 -29.42 -3.13 -29.28
N ASP E 237 -28.71 -4.09 -29.85
CA ASP E 237 -29.17 -4.72 -31.08
C ASP E 237 -29.80 -6.07 -30.79
N LYS E 238 -30.52 -6.60 -31.78
CA LYS E 238 -31.51 -7.66 -31.54
C LYS E 238 -30.97 -9.05 -31.92
N LYS E 239 -29.83 -9.42 -31.32
CA LYS E 239 -29.39 -10.82 -31.17
C LYS E 239 -29.22 -11.55 -32.51
N GLY E 240 -28.17 -11.17 -33.23
CA GLY E 240 -27.93 -11.80 -34.52
C GLY E 240 -27.69 -10.83 -35.67
N GLN E 241 -27.18 -9.66 -35.35
CA GLN E 241 -26.92 -8.61 -36.32
C GLN E 241 -25.59 -8.86 -37.04
N LYS E 242 -25.15 -7.88 -37.82
CA LYS E 242 -23.83 -7.93 -38.43
C LYS E 242 -22.76 -7.71 -37.36
N SER E 243 -21.69 -8.49 -37.46
CA SER E 243 -20.53 -8.32 -36.60
C SER E 243 -19.30 -7.90 -37.36
N LYS E 244 -19.41 -7.71 -38.68
CA LYS E 244 -18.28 -7.34 -39.50
C LYS E 244 -18.80 -6.66 -40.75
N THR E 245 -18.28 -5.46 -41.03
CA THR E 245 -18.65 -4.71 -42.22
C THR E 245 -17.39 -4.42 -43.04
N LEU E 246 -17.52 -4.41 -44.35
CA LEU E 246 -16.39 -4.18 -45.24
C LEU E 246 -16.62 -2.93 -46.07
N TYR E 247 -15.55 -2.19 -46.30
CA TYR E 247 -15.63 -0.94 -47.05
C TYR E 247 -15.90 -1.23 -48.52
N SER E 248 -16.73 -0.39 -49.13
CA SER E 248 -17.04 -0.56 -50.54
C SER E 248 -17.33 0.78 -51.16
N VAL E 249 -16.91 0.95 -52.41
CA VAL E 249 -17.14 2.17 -53.17
C VAL E 249 -17.94 1.80 -54.40
N ARG E 250 -19.24 2.13 -54.38
CA ARG E 250 -20.20 1.85 -55.46
C ARG E 250 -20.26 0.36 -55.79
N ASP E 251 -20.58 -0.43 -54.76
CA ASP E 251 -20.75 -1.88 -54.84
C ASP E 251 -19.48 -2.59 -55.32
N ALA E 252 -18.33 -2.02 -54.99
CA ALA E 252 -17.04 -2.60 -55.31
C ALA E 252 -16.21 -2.59 -54.05
N ALA E 253 -15.71 -3.77 -53.65
CA ALA E 253 -14.92 -3.89 -52.44
C ALA E 253 -13.64 -3.07 -52.56
N ALA E 254 -13.25 -2.42 -51.47
CA ALA E 254 -12.22 -1.41 -51.57
C ALA E 254 -11.38 -1.35 -50.31
N ILE E 255 -10.22 -0.73 -50.46
CA ILE E 255 -9.30 -0.48 -49.35
C ILE E 255 -9.27 1.03 -49.12
N HIS E 256 -9.24 1.43 -47.85
CA HIS E 256 -9.19 2.85 -47.49
C HIS E 256 -7.91 3.49 -48.01
N SER E 257 -7.98 4.80 -48.24
CA SER E 257 -6.81 5.50 -48.76
C SER E 257 -5.73 5.65 -47.71
N GLN E 258 -6.10 5.75 -46.44
CA GLN E 258 -5.09 5.83 -45.39
C GLN E 258 -4.43 4.49 -45.13
N LYS E 259 -5.07 3.38 -45.50
CA LYS E 259 -4.42 2.08 -45.44
C LYS E 259 -3.29 1.99 -46.46
N ILE E 260 -3.57 2.43 -47.69
CA ILE E 260 -2.56 2.49 -48.73
C ILE E 260 -1.47 3.48 -48.35
N GLY E 261 -1.85 4.60 -47.74
CA GLY E 261 -0.87 5.57 -47.31
C GLY E 261 0.02 5.09 -46.18
N ASN E 262 -0.51 4.24 -45.31
CA ASN E 262 0.30 3.66 -44.25
C ASN E 262 1.25 2.61 -44.82
N ALA E 263 0.78 1.83 -45.78
CA ALA E 263 1.68 0.86 -46.40
C ALA E 263 2.71 1.51 -47.31
N LEU E 264 2.46 2.75 -47.77
CA LEU E 264 3.42 3.41 -48.63
C LEU E 264 4.63 3.90 -47.85
N ARG E 265 4.42 4.44 -46.66
CA ARG E 265 5.51 5.03 -45.89
C ARG E 265 6.12 4.06 -44.89
N THR E 266 6.08 2.76 -45.19
CA THR E 266 6.73 1.75 -44.35
C THR E 266 8.22 1.70 -44.67
N ILE E 267 8.92 2.77 -44.29
CA ILE E 267 10.30 3.00 -44.69
C ILE E 267 11.24 3.20 -43.51
N ASP E 268 10.72 3.26 -42.28
CA ASP E 268 11.55 3.57 -41.12
C ASP E 268 12.31 2.32 -40.70
N THR E 269 13.60 2.28 -41.02
CA THR E 269 14.48 1.20 -40.61
C THR E 269 15.45 1.62 -39.53
N TRP E 270 15.45 2.89 -39.14
CA TRP E 270 16.47 3.45 -38.27
C TRP E 270 16.01 3.59 -36.82
N TYR E 271 15.06 2.78 -36.41
CA TYR E 271 14.61 2.88 -35.02
C TYR E 271 15.59 2.17 -34.11
N PRO E 272 15.81 2.68 -32.89
CA PRO E 272 16.94 2.19 -32.08
C PRO E 272 16.75 0.80 -31.48
N ASP E 273 15.56 0.21 -31.60
CA ASP E 273 15.34 -1.09 -30.99
C ASP E 273 16.14 -2.18 -31.70
N GLU E 274 15.84 -2.40 -32.98
CA GLU E 274 16.59 -3.34 -33.80
C GLU E 274 16.34 -2.99 -35.26
N ASP E 275 16.90 -3.80 -36.15
CA ASP E 275 16.65 -3.70 -37.57
C ASP E 275 16.28 -5.04 -38.18
N GLY E 276 16.33 -6.13 -37.41
CA GLY E 276 15.97 -7.44 -37.89
C GLY E 276 14.49 -7.71 -37.98
N LEU E 277 13.64 -6.78 -37.52
CA LEU E 277 12.21 -6.93 -37.71
C LEU E 277 11.76 -6.40 -39.04
N GLY E 278 12.38 -5.31 -39.51
CA GLY E 278 12.04 -4.74 -40.79
C GLY E 278 11.61 -3.30 -40.67
N PRO E 279 11.23 -2.69 -41.79
CA PRO E 279 10.77 -1.30 -41.75
C PRO E 279 9.38 -1.17 -41.18
N ILE E 280 9.16 -0.05 -40.50
CA ILE E 280 7.85 0.31 -39.97
C ILE E 280 7.42 1.61 -40.62
N ALA E 281 6.16 1.99 -40.36
CA ALA E 281 5.66 3.24 -40.89
C ALA E 281 6.22 4.41 -40.11
N VAL E 282 6.49 5.52 -40.81
CA VAL E 282 7.02 6.71 -40.15
C VAL E 282 5.90 7.36 -39.34
N GLU E 283 6.08 7.38 -38.02
CA GLU E 283 5.19 8.02 -37.08
C GLU E 283 6.04 8.74 -36.05
N PRO E 284 5.53 9.81 -35.45
CA PRO E 284 6.14 10.29 -34.21
C PRO E 284 5.90 9.26 -33.13
N TYR E 285 6.94 8.96 -32.37
CA TYR E 285 7.03 7.78 -31.50
C TYR E 285 6.63 6.52 -32.28
N GLY E 286 7.48 6.18 -33.26
CA GLY E 286 7.15 5.24 -34.33
C GLY E 286 6.63 3.89 -33.89
N SER E 287 5.34 3.68 -34.10
CA SER E 287 4.62 2.66 -33.37
C SER E 287 3.72 1.88 -34.31
N VAL E 288 3.73 0.57 -34.15
CA VAL E 288 2.85 -0.31 -34.90
C VAL E 288 1.76 -0.81 -33.97
N THR E 289 0.54 -0.87 -34.50
CA THR E 289 -0.60 -1.28 -33.70
C THR E 289 -0.67 -2.78 -33.53
N SER E 290 -0.04 -3.55 -34.41
CA SER E 290 -0.07 -5.00 -34.29
C SER E 290 0.80 -5.48 -33.14
N GLN E 291 1.96 -4.86 -32.95
CA GLN E 291 2.82 -5.21 -31.83
C GLN E 291 2.41 -4.54 -30.54
N GLY E 292 1.53 -3.54 -30.60
CA GLY E 292 1.12 -2.79 -29.43
C GLY E 292 2.24 -2.06 -28.74
N LYS E 293 3.27 -1.69 -29.49
CA LYS E 293 4.51 -1.17 -28.92
C LYS E 293 4.91 0.09 -29.65
N ALA E 294 5.61 0.97 -28.94
CA ALA E 294 6.14 2.21 -29.50
C ALA E 294 7.64 2.11 -29.58
N TYR E 295 8.16 1.84 -30.77
CA TYR E 295 9.56 2.14 -31.01
C TYR E 295 9.72 3.65 -31.12
N ARG E 296 10.97 4.10 -30.97
CA ARG E 296 11.31 5.52 -30.77
C ARG E 296 10.52 6.12 -29.62
N GLN E 297 10.55 5.44 -28.49
CA GLN E 297 9.95 5.98 -27.27
C GLN E 297 10.70 7.24 -26.87
N PRO E 298 9.99 8.28 -26.39
CA PRO E 298 10.66 9.56 -26.11
C PRO E 298 11.64 9.55 -24.96
N LYS E 299 11.75 8.47 -24.18
CA LYS E 299 12.82 8.40 -23.19
C LYS E 299 14.18 8.22 -23.85
N GLN E 300 14.22 7.57 -25.01
CA GLN E 300 15.34 7.72 -25.91
C GLN E 300 15.11 8.95 -26.77
N LYS E 301 16.20 9.57 -27.21
CA LYS E 301 16.03 10.83 -27.93
C LYS E 301 15.93 10.62 -29.43
N LEU E 302 15.04 9.71 -29.85
CA LEU E 302 14.89 9.39 -31.26
C LEU E 302 13.45 9.41 -31.73
N ASP E 303 12.54 9.98 -30.95
CA ASP E 303 11.21 10.30 -31.45
C ASP E 303 11.28 11.54 -32.32
N PHE E 304 10.16 11.87 -32.97
CA PHE E 304 10.15 12.94 -33.96
C PHE E 304 10.32 14.31 -33.32
N TYR E 305 9.75 14.51 -32.13
CA TYR E 305 9.65 15.86 -31.61
C TYR E 305 10.96 16.33 -30.99
N THR E 306 11.68 15.46 -30.30
CA THR E 306 12.98 15.86 -29.75
C THR E 306 14.02 16.01 -30.86
N LEU E 307 13.95 15.15 -31.88
CA LEU E 307 14.83 15.29 -33.04
C LEU E 307 14.59 16.60 -33.76
N LEU E 308 13.32 16.96 -33.98
CA LEU E 308 12.99 18.19 -34.67
C LEU E 308 13.33 19.42 -33.84
N ASP E 309 13.10 19.36 -32.53
CA ASP E 309 13.41 20.51 -31.69
C ASP E 309 14.91 20.69 -31.50
N ASN E 310 15.67 19.60 -31.55
CA ASN E 310 17.13 19.76 -31.52
C ASN E 310 17.65 20.29 -32.84
N TRP E 311 17.07 19.84 -33.95
CA TRP E 311 17.56 20.26 -35.26
C TRP E 311 17.20 21.71 -35.56
N VAL E 312 16.03 22.17 -35.12
CA VAL E 312 15.58 23.51 -35.49
C VAL E 312 15.98 24.55 -34.45
N LEU E 313 15.69 24.29 -33.17
CA LEU E 313 15.88 25.33 -32.16
C LEU E 313 17.34 25.46 -31.76
N ARG E 314 18.03 24.35 -31.53
CA ARG E 314 19.38 24.38 -31.00
C ARG E 314 20.44 24.04 -32.04
N ASP E 315 20.03 23.87 -33.31
CA ASP E 315 20.90 23.58 -34.45
C ASP E 315 21.71 22.30 -34.27
N GLU E 316 21.23 21.37 -33.45
CA GLU E 316 21.90 20.08 -33.28
C GLU E 316 21.34 19.15 -34.34
N ALA E 317 21.98 19.16 -35.50
CA ALA E 317 21.55 18.29 -36.58
C ALA E 317 21.86 16.84 -36.23
N PRO E 318 20.89 15.94 -36.34
CA PRO E 318 21.14 14.54 -35.99
C PRO E 318 21.85 13.79 -37.09
N ALA E 319 21.95 12.47 -36.95
CA ALA E 319 22.50 11.63 -38.01
C ALA E 319 21.64 11.70 -39.27
N VAL E 320 22.25 11.32 -40.40
CA VAL E 320 21.61 11.55 -41.69
C VAL E 320 20.40 10.63 -41.89
N GLU E 321 20.37 9.48 -41.23
CA GLU E 321 19.18 8.64 -41.29
C GLU E 321 18.08 9.17 -40.38
N GLN E 322 18.47 9.82 -39.27
CA GLN E 322 17.48 10.52 -38.47
C GLN E 322 16.94 11.74 -39.19
N GLN E 323 17.77 12.38 -40.02
CA GLN E 323 17.28 13.47 -40.85
C GLN E 323 16.32 12.96 -41.91
N HIS E 324 16.62 11.78 -42.47
CA HIS E 324 15.69 11.12 -43.39
C HIS E 324 14.35 10.83 -42.71
N TYR E 325 14.39 10.38 -41.46
CA TYR E 325 13.17 10.08 -40.72
C TYR E 325 12.35 11.33 -40.43
N VAL E 326 13.02 12.43 -40.05
CA VAL E 326 12.31 13.66 -39.74
C VAL E 326 11.69 14.27 -41.01
N ILE E 327 12.39 14.20 -42.14
CA ILE E 327 11.81 14.72 -43.37
C ILE E 327 10.68 13.81 -43.87
N ALA E 328 10.79 12.50 -43.65
CA ALA E 328 9.68 11.61 -43.98
C ALA E 328 8.46 11.88 -43.11
N ASN E 329 8.67 12.28 -41.86
CA ASN E 329 7.54 12.65 -41.03
C ASN E 329 6.94 13.98 -41.44
N LEU E 330 7.75 14.88 -41.99
CA LEU E 330 7.16 16.11 -42.53
C LEU E 330 6.40 15.84 -43.82
N ILE E 331 6.82 14.86 -44.60
CA ILE E 331 6.07 14.47 -45.79
C ILE E 331 4.77 13.77 -45.39
N ARG E 332 4.79 13.05 -44.26
CA ARG E 332 3.57 12.43 -43.74
C ARG E 332 2.52 13.46 -43.34
N GLY E 333 2.95 14.61 -42.84
CA GLY E 333 2.02 15.61 -42.34
C GLY E 333 1.61 15.31 -40.93
N GLY E 334 0.87 16.23 -40.35
CA GLY E 334 0.38 16.02 -39.00
C GLY E 334 0.11 17.33 -38.30
N VAL E 335 -0.45 17.20 -37.10
CA VAL E 335 -0.71 18.32 -36.22
C VAL E 335 0.36 18.26 -35.14
N PHE E 336 1.38 19.11 -35.26
CA PHE E 336 2.48 19.16 -34.32
C PHE E 336 2.40 20.48 -33.58
N GLY E 337 2.57 20.44 -32.28
CA GLY E 337 2.48 21.66 -31.50
C GLY E 337 1.66 21.42 -30.26
N GLU E 338 1.19 22.52 -29.68
CA GLU E 338 0.51 22.46 -28.39
C GLU E 338 -1.00 22.30 -28.60
N ALA E 339 -1.33 21.17 -29.22
CA ALA E 339 -2.65 20.55 -29.19
C ALA E 339 -2.42 19.19 -28.54
N GLU E 340 -1.66 19.20 -27.46
CA GLU E 340 -1.02 18.01 -26.93
C GLU E 340 -2.02 17.07 -26.27
N GLU E 341 -1.78 15.77 -26.42
CA GLU E 341 -2.59 14.76 -25.77
C GLU E 341 -1.74 13.91 -24.83
N ILE F 5 -16.69 67.92 -31.96
CA ILE F 5 -17.74 67.93 -32.96
C ILE F 5 -17.45 66.84 -34.00
N LEU F 6 -18.51 66.34 -34.63
CA LEU F 6 -18.47 65.31 -35.67
C LEU F 6 -17.78 64.03 -35.16
N SER F 7 -18.43 63.40 -34.20
CA SER F 7 -17.95 62.12 -33.71
C SER F 7 -18.48 60.99 -34.60
N THR F 8 -17.88 59.82 -34.45
CA THR F 8 -18.32 58.66 -35.21
C THR F 8 -19.64 58.13 -34.69
N ALA F 9 -20.37 57.44 -35.56
CA ALA F 9 -21.69 56.94 -35.20
C ALA F 9 -21.59 55.77 -34.25
N SER F 10 -22.59 55.66 -33.36
CA SER F 10 -22.58 54.57 -32.40
C SER F 10 -22.96 53.25 -33.06
N VAL F 11 -23.94 53.26 -33.97
CA VAL F 11 -24.21 52.10 -34.80
C VAL F 11 -23.93 52.49 -36.24
N LEU F 12 -23.39 51.54 -36.99
CA LEU F 12 -23.03 51.74 -38.39
C LEU F 12 -22.82 50.36 -39.00
N ALA F 13 -23.50 50.08 -40.10
CA ALA F 13 -23.49 48.75 -40.69
C ALA F 13 -23.53 48.87 -42.20
N PHE F 14 -22.75 48.02 -42.88
CA PHE F 14 -22.69 48.00 -44.33
C PHE F 14 -23.05 46.60 -44.80
N GLU F 15 -24.03 46.51 -45.68
CA GLU F 15 -24.29 45.26 -46.36
C GLU F 15 -23.18 44.99 -47.36
N ARG F 16 -22.92 43.72 -47.61
CA ARG F 16 -21.79 43.37 -48.45
C ARG F 16 -22.12 43.58 -49.92
N LYS F 17 -21.11 43.99 -50.67
CA LYS F 17 -21.12 43.87 -52.12
C LYS F 17 -20.29 42.66 -52.49
N LEU F 18 -20.36 42.27 -53.77
CA LEU F 18 -19.82 41.01 -54.29
C LEU F 18 -20.37 39.81 -53.53
N ASP F 19 -21.67 39.58 -53.70
CA ASP F 19 -22.33 38.44 -53.09
C ASP F 19 -22.06 37.18 -53.90
N PRO F 20 -21.39 36.16 -53.35
CA PRO F 20 -21.27 34.90 -54.07
C PRO F 20 -22.32 33.89 -53.63
N SER F 21 -22.56 32.87 -54.44
CA SER F 21 -23.43 31.78 -54.03
C SER F 21 -22.58 30.68 -53.41
N ASP F 22 -23.23 29.60 -53.01
CA ASP F 22 -22.49 28.42 -52.59
C ASP F 22 -21.93 27.73 -53.83
N ALA F 23 -20.67 27.30 -53.75
CA ALA F 23 -19.97 26.75 -54.90
C ALA F 23 -20.15 25.24 -54.93
N LEU F 24 -20.89 24.75 -55.90
CA LEU F 24 -21.22 23.33 -55.97
C LEU F 24 -20.18 22.58 -56.79
N MET F 25 -19.90 21.35 -56.37
CA MET F 25 -18.89 20.51 -56.98
C MET F 25 -19.54 19.42 -57.82
N SER F 26 -18.91 19.14 -58.96
CA SER F 26 -19.28 18.04 -59.82
C SER F 26 -18.00 17.46 -60.39
N ALA F 27 -18.10 16.31 -61.05
CA ALA F 27 -16.92 15.64 -61.55
C ALA F 27 -17.12 15.18 -62.98
N GLY F 28 -16.04 15.24 -63.76
CA GLY F 28 -16.11 14.79 -65.12
C GLY F 28 -14.72 14.61 -65.70
N ALA F 29 -14.69 14.41 -67.01
CA ALA F 29 -13.43 14.22 -67.72
C ALA F 29 -12.99 15.51 -68.38
N TRP F 30 -11.68 15.74 -68.39
CA TRP F 30 -11.10 16.84 -69.13
C TRP F 30 -11.33 16.63 -70.62
N ALA F 31 -11.47 17.76 -71.33
CA ALA F 31 -11.92 17.93 -72.71
C ALA F 31 -13.39 17.58 -72.91
N GLN F 32 -14.11 17.17 -71.87
CA GLN F 32 -15.56 17.23 -71.84
C GLN F 32 -16.06 18.45 -71.09
N ARG F 33 -15.19 19.45 -70.94
CA ARG F 33 -15.51 20.63 -70.14
C ARG F 33 -16.58 21.49 -70.79
N ASP F 34 -16.72 21.41 -72.11
CA ASP F 34 -17.74 22.20 -72.79
C ASP F 34 -19.10 21.53 -72.77
N ALA F 35 -19.15 20.24 -72.48
CA ALA F 35 -20.42 19.53 -72.30
C ALA F 35 -20.73 19.31 -70.83
N SER F 36 -20.20 20.16 -69.96
CA SER F 36 -20.25 19.94 -68.52
C SER F 36 -21.50 20.57 -67.90
N GLN F 37 -22.65 20.18 -68.42
CA GLN F 37 -23.92 20.55 -67.82
C GLN F 37 -24.65 19.36 -67.21
N GLU F 38 -24.35 18.15 -67.67
CA GLU F 38 -24.89 16.94 -67.09
C GLU F 38 -23.84 16.18 -66.29
N TRP F 39 -22.83 16.87 -65.80
CA TRP F 39 -21.82 16.24 -64.98
C TRP F 39 -22.41 15.89 -63.62
N PRO F 40 -22.18 14.68 -63.12
CA PRO F 40 -22.78 14.30 -61.84
C PRO F 40 -22.07 14.95 -60.68
N ALA F 41 -22.83 15.17 -59.60
CA ALA F 41 -22.31 15.86 -58.44
C ALA F 41 -21.35 14.96 -57.66
N VAL F 42 -20.40 15.59 -56.99
CA VAL F 42 -19.49 14.87 -56.10
C VAL F 42 -20.22 14.63 -54.79
N THR F 43 -20.39 13.38 -54.42
CA THR F 43 -21.13 13.04 -53.22
C THR F 43 -20.21 12.89 -52.02
N VAL F 44 -20.79 13.01 -50.84
CA VAL F 44 -20.08 12.92 -49.58
C VAL F 44 -20.40 11.57 -48.97
N ARG F 45 -19.38 10.79 -48.66
CA ARG F 45 -19.53 9.46 -48.09
C ARG F 45 -18.94 9.42 -46.70
N GLU F 46 -19.10 8.29 -46.03
CA GLU F 46 -18.53 8.07 -44.71
C GLU F 46 -17.55 6.92 -44.77
N LYS F 47 -16.47 7.02 -43.99
CA LYS F 47 -15.56 5.90 -43.87
C LYS F 47 -15.02 5.85 -42.45
N SER F 48 -14.54 4.66 -42.07
CA SER F 48 -14.00 4.44 -40.74
C SER F 48 -12.52 4.72 -40.75
N VAL F 49 -12.03 5.35 -39.69
CA VAL F 49 -10.63 5.74 -39.58
C VAL F 49 -10.13 5.27 -38.22
N ARG F 50 -9.13 4.39 -38.23
CA ARG F 50 -8.43 4.02 -37.01
C ARG F 50 -7.06 4.66 -37.02
N GLY F 51 -6.77 5.42 -35.96
CA GLY F 51 -5.48 6.08 -35.86
C GLY F 51 -4.94 5.96 -34.46
N THR F 52 -3.69 6.38 -34.30
CA THR F 52 -3.03 6.36 -33.01
C THR F 52 -2.52 7.76 -32.69
N ILE F 53 -1.89 7.90 -31.52
CA ILE F 53 -1.45 9.21 -31.05
C ILE F 53 -0.23 9.63 -31.86
N SER F 54 -0.40 10.65 -32.69
CA SER F 54 0.72 11.27 -33.38
C SER F 54 0.93 12.71 -32.91
N ASN F 55 0.20 13.14 -31.90
CA ASN F 55 0.36 14.47 -31.35
C ASN F 55 1.48 14.47 -30.32
N ARG F 56 1.83 15.68 -29.86
CA ARG F 56 2.78 15.81 -28.77
C ARG F 56 2.17 15.27 -27.48
N LEU F 57 3.00 14.69 -26.65
CA LEU F 57 2.56 14.20 -25.35
C LEU F 57 2.73 15.31 -24.32
N LYS F 58 1.76 15.40 -23.41
CA LYS F 58 1.79 16.47 -22.42
C LYS F 58 2.90 16.23 -21.39
N THR F 59 3.04 14.99 -20.94
CA THR F 59 4.20 14.56 -20.16
C THR F 59 5.08 13.77 -21.12
N LYS F 60 6.17 14.40 -21.56
CA LYS F 60 6.91 13.99 -22.74
C LYS F 60 7.53 12.60 -22.66
N ASP F 61 8.49 12.41 -21.76
CA ASP F 61 9.20 11.14 -21.67
C ASP F 61 9.07 10.53 -20.29
N ARG F 62 7.97 10.79 -19.61
CA ARG F 62 7.80 10.34 -18.24
C ARG F 62 6.78 9.21 -18.10
N ASP F 63 6.23 8.71 -19.19
CA ASP F 63 5.22 7.64 -19.14
C ASP F 63 5.20 6.85 -20.43
N PRO F 64 6.12 5.88 -20.57
CA PRO F 64 6.10 5.06 -21.79
C PRO F 64 5.04 3.98 -21.76
N ALA F 65 4.68 3.47 -20.59
CA ALA F 65 3.63 2.47 -20.52
C ALA F 65 2.27 3.07 -20.84
N LYS F 66 2.07 4.34 -20.52
CA LYS F 66 0.85 5.03 -20.94
C LYS F 66 0.80 5.17 -22.45
N LEU F 67 1.95 5.38 -23.08
CA LEU F 67 2.00 5.43 -24.54
C LEU F 67 1.65 4.08 -25.15
N ASP F 68 2.23 3.00 -24.61
CA ASP F 68 1.92 1.67 -25.14
C ASP F 68 0.47 1.28 -24.89
N ALA F 69 -0.10 1.72 -23.77
CA ALA F 69 -1.50 1.44 -23.48
C ALA F 69 -2.41 2.22 -24.42
N SER F 70 -2.03 3.44 -24.77
CA SER F 70 -2.84 4.22 -25.71
C SER F 70 -2.71 3.71 -27.14
N ILE F 71 -1.59 3.07 -27.48
CA ILE F 71 -1.48 2.42 -28.77
C ILE F 71 -2.23 1.10 -28.80
N GLN F 72 -2.39 0.43 -27.67
CA GLN F 72 -3.21 -0.77 -27.64
C GLN F 72 -4.70 -0.49 -27.64
N SER F 73 -5.11 0.77 -27.47
CA SER F 73 -6.51 1.18 -27.57
C SER F 73 -6.60 2.38 -28.49
N PRO F 74 -6.55 2.17 -29.80
CA PRO F 74 -6.45 3.29 -30.73
C PRO F 74 -7.77 4.01 -30.94
N ASN F 75 -7.68 5.19 -31.54
CA ASN F 75 -8.83 6.04 -31.78
C ASN F 75 -9.59 5.55 -33.01
N LEU F 76 -10.88 5.26 -32.82
CA LEU F 76 -11.77 4.87 -33.90
C LEU F 76 -12.75 5.99 -34.18
N GLN F 77 -12.82 6.43 -35.42
CA GLN F 77 -13.71 7.52 -35.80
C GLN F 77 -14.43 7.18 -37.08
N THR F 78 -15.46 7.96 -37.37
CA THR F 78 -16.15 7.95 -38.66
C THR F 78 -16.01 9.33 -39.26
N VAL F 79 -15.53 9.39 -40.50
CA VAL F 79 -15.12 10.63 -41.14
C VAL F 79 -15.86 10.77 -42.46
N ASP F 80 -16.41 11.97 -42.70
CA ASP F 80 -16.95 12.31 -44.02
C ASP F 80 -15.82 12.54 -45.00
N VAL F 81 -16.00 12.05 -46.22
CA VAL F 81 -14.95 12.12 -47.23
C VAL F 81 -15.61 12.39 -48.57
N ALA F 82 -14.89 13.08 -49.45
CA ALA F 82 -15.41 13.41 -50.77
C ALA F 82 -14.31 13.21 -51.80
N ASN F 83 -14.51 12.29 -52.72
CA ASN F 83 -13.55 11.99 -53.77
C ASN F 83 -14.21 12.20 -55.12
N LEU F 84 -13.39 12.30 -56.15
CA LEU F 84 -13.88 12.13 -57.49
C LEU F 84 -14.15 10.65 -57.73
N PRO F 85 -15.01 10.32 -58.68
CA PRO F 85 -15.14 8.93 -59.10
C PRO F 85 -13.85 8.44 -59.77
N SER F 86 -13.70 7.12 -59.79
CA SER F 86 -12.47 6.51 -60.27
C SER F 86 -12.30 6.60 -61.78
N ASP F 87 -13.30 7.07 -62.52
CA ASP F 87 -13.20 7.21 -63.96
C ASP F 87 -13.24 8.68 -64.40
N ALA F 88 -13.16 9.62 -63.47
CA ALA F 88 -13.15 11.04 -63.80
C ALA F 88 -11.99 11.71 -63.09
N ASP F 89 -11.38 12.68 -63.75
CA ASP F 89 -10.17 13.31 -63.24
C ASP F 89 -10.31 14.81 -63.04
N THR F 90 -11.44 15.41 -63.40
CA THR F 90 -11.62 16.84 -63.37
C THR F 90 -12.72 17.20 -62.39
N LEU F 91 -12.41 18.10 -61.46
CA LEU F 91 -13.40 18.69 -60.57
C LEU F 91 -13.92 19.97 -61.23
N LYS F 92 -15.23 20.14 -61.22
CA LYS F 92 -15.87 21.35 -61.71
C LYS F 92 -16.58 22.02 -60.54
N VAL F 93 -16.19 23.25 -60.26
CA VAL F 93 -16.77 24.02 -59.16
C VAL F 93 -17.47 25.22 -59.75
N ARG F 94 -18.77 25.34 -59.49
CA ARG F 94 -19.59 26.36 -60.13
C ARG F 94 -20.28 27.21 -59.07
N PHE F 95 -20.24 28.53 -59.25
CA PHE F 95 -21.06 29.44 -58.45
C PHE F 95 -21.43 30.64 -59.28
N THR F 96 -22.28 31.50 -58.72
CA THR F 96 -22.63 32.77 -59.31
C THR F 96 -22.25 33.89 -58.37
N LEU F 97 -21.96 35.06 -58.94
CA LEU F 97 -21.50 36.20 -58.17
C LEU F 97 -22.11 37.45 -58.77
N ARG F 98 -22.79 38.24 -57.97
CA ARG F 98 -23.39 39.48 -58.47
C ARG F 98 -22.71 40.68 -57.82
N VAL F 99 -22.36 41.66 -58.66
CA VAL F 99 -21.79 42.93 -58.23
C VAL F 99 -22.88 43.98 -58.35
N LEU F 100 -23.07 44.73 -57.27
CA LEU F 100 -24.24 45.57 -57.03
C LEU F 100 -23.97 47.05 -57.18
N GLY F 101 -23.03 47.60 -56.42
CA GLY F 101 -22.81 49.03 -56.39
C GLY F 101 -23.49 49.69 -55.21
N GLY F 102 -23.13 50.95 -54.99
CA GLY F 102 -23.62 51.69 -53.85
C GLY F 102 -22.78 51.39 -52.62
N ALA F 103 -21.46 51.48 -52.78
CA ALA F 103 -20.53 50.93 -51.82
C ALA F 103 -20.40 51.76 -50.55
N GLY F 104 -20.61 53.06 -50.62
CA GLY F 104 -20.39 53.89 -49.46
C GLY F 104 -21.60 54.01 -48.54
N THR F 105 -22.77 53.69 -49.06
CA THR F 105 -24.02 53.91 -48.34
C THR F 105 -24.17 52.89 -47.21
N PRO F 106 -24.27 53.32 -45.96
CA PRO F 106 -24.49 52.36 -44.88
C PRO F 106 -25.94 51.93 -44.80
N SER F 107 -26.15 50.71 -44.34
CA SER F 107 -27.49 50.21 -44.12
C SER F 107 -28.06 50.63 -42.77
N ALA F 108 -27.24 51.23 -41.91
CA ALA F 108 -27.68 51.76 -40.64
C ALA F 108 -26.67 52.82 -40.20
N CYS F 109 -27.16 53.93 -39.65
CA CYS F 109 -26.26 54.97 -39.15
C CYS F 109 -27.03 55.83 -38.15
N ASN F 110 -26.36 56.21 -37.06
CA ASN F 110 -27.00 57.04 -36.06
C ASN F 110 -26.93 58.53 -36.40
N ASP F 111 -25.72 59.05 -36.60
CA ASP F 111 -25.53 60.46 -36.87
C ASP F 111 -25.74 60.74 -38.34
N ALA F 112 -26.56 61.75 -38.64
CA ALA F 112 -26.79 62.13 -40.03
C ALA F 112 -25.59 62.89 -40.60
N ALA F 113 -24.92 63.68 -39.77
CA ALA F 113 -23.75 64.41 -40.21
C ALA F 113 -22.60 63.46 -40.54
N TYR F 114 -22.48 62.39 -39.76
CA TYR F 114 -21.45 61.39 -40.01
C TYR F 114 -21.67 60.67 -41.33
N ARG F 115 -22.92 60.30 -41.63
CA ARG F 115 -23.14 59.60 -42.89
C ARG F 115 -23.08 60.54 -44.09
N ASP F 116 -23.41 61.83 -43.91
CA ASP F 116 -23.20 62.76 -45.02
C ASP F 116 -21.72 62.99 -45.28
N LYS F 117 -20.92 63.09 -44.21
CA LYS F 117 -19.48 63.22 -44.38
C LYS F 117 -18.87 61.97 -45.01
N LEU F 118 -19.37 60.80 -44.62
CA LEU F 118 -18.90 59.55 -45.21
C LEU F 118 -19.29 59.43 -46.67
N LEU F 119 -20.51 59.85 -47.01
CA LEU F 119 -20.99 59.78 -48.38
C LEU F 119 -20.21 60.72 -49.28
N GLN F 120 -19.91 61.92 -48.80
CA GLN F 120 -19.13 62.83 -49.64
C GLN F 120 -17.66 62.41 -49.69
N THR F 121 -17.16 61.73 -48.66
CA THR F 121 -15.79 61.22 -48.69
C THR F 121 -15.65 60.11 -49.73
N VAL F 122 -16.60 59.17 -49.76
CA VAL F 122 -16.51 58.13 -50.78
C VAL F 122 -16.87 58.67 -52.15
N ALA F 123 -17.64 59.77 -52.23
CA ALA F 123 -17.90 60.42 -53.50
C ALA F 123 -16.64 61.04 -54.06
N THR F 124 -15.85 61.71 -53.21
CA THR F 124 -14.55 62.20 -53.65
C THR F 124 -13.61 61.06 -54.00
N TYR F 125 -13.71 59.92 -53.31
CA TYR F 125 -12.88 58.77 -53.67
C TYR F 125 -13.19 58.28 -55.07
N VAL F 126 -14.47 58.13 -55.41
CA VAL F 126 -14.85 57.70 -56.75
C VAL F 126 -14.49 58.77 -57.79
N ASN F 127 -14.54 60.05 -57.39
CA ASN F 127 -14.25 61.11 -58.35
C ASN F 127 -12.75 61.20 -58.68
N GLU F 128 -11.88 60.95 -57.69
CA GLU F 128 -10.45 60.99 -57.95
C GLU F 128 -10.01 59.85 -58.86
N GLN F 129 -10.33 58.61 -58.49
CA GLN F 129 -10.14 57.49 -59.38
C GLN F 129 -11.33 56.56 -59.23
N GLY F 130 -11.55 55.73 -60.23
CA GLY F 130 -12.71 54.85 -60.20
C GLY F 130 -12.53 53.69 -59.25
N PHE F 131 -13.30 52.64 -59.49
CA PHE F 131 -13.10 51.38 -58.81
C PHE F 131 -12.14 50.47 -59.55
N ALA F 132 -11.31 51.04 -60.44
CA ALA F 132 -10.58 50.25 -61.42
C ALA F 132 -9.48 49.42 -60.78
N GLU F 133 -8.83 49.93 -59.75
CA GLU F 133 -7.78 49.15 -59.07
C GLU F 133 -8.39 48.00 -58.28
N LEU F 134 -9.46 48.29 -57.52
CA LEU F 134 -10.13 47.26 -56.75
C LEU F 134 -10.78 46.22 -57.66
N ALA F 135 -11.40 46.67 -58.75
CA ALA F 135 -12.01 45.71 -59.67
C ALA F 135 -10.96 44.94 -60.44
N ARG F 136 -9.79 45.52 -60.68
CA ARG F 136 -8.71 44.78 -61.30
C ARG F 136 -8.19 43.67 -60.39
N ARG F 137 -8.09 43.96 -59.09
CA ARG F 137 -7.65 42.94 -58.15
C ARG F 137 -8.72 41.86 -57.95
N TYR F 138 -9.99 42.25 -57.95
CA TYR F 138 -11.08 41.27 -57.86
C TYR F 138 -11.15 40.40 -59.10
N ALA F 139 -10.94 40.98 -60.28
CA ALA F 139 -10.92 40.21 -61.51
C ALA F 139 -9.71 39.31 -61.57
N HIS F 140 -8.61 39.71 -60.93
CA HIS F 140 -7.47 38.81 -60.79
C HIS F 140 -7.81 37.62 -59.91
N ASN F 141 -8.47 37.87 -58.78
CA ASN F 141 -8.83 36.78 -57.88
C ASN F 141 -9.93 35.89 -58.43
N LEU F 142 -10.68 36.38 -59.43
CA LEU F 142 -11.54 35.49 -60.19
C LEU F 142 -10.80 34.79 -61.31
N ALA F 143 -9.73 35.41 -61.83
CA ALA F 143 -8.99 34.84 -62.96
C ALA F 143 -8.19 33.63 -62.51
N ASN F 144 -7.30 33.81 -61.53
CA ASN F 144 -6.77 32.65 -60.84
C ASN F 144 -7.87 32.05 -59.98
N ALA F 145 -7.90 30.72 -59.89
CA ALA F 145 -8.96 30.07 -59.14
C ALA F 145 -8.55 29.95 -57.67
N ARG F 146 -8.50 31.10 -57.02
CA ARG F 146 -8.18 31.12 -55.60
C ARG F 146 -9.32 30.58 -54.76
N PHE F 147 -10.55 30.59 -55.30
CA PHE F 147 -11.68 30.00 -54.61
C PHE F 147 -11.62 28.49 -54.55
N LEU F 148 -10.80 27.86 -55.38
CA LEU F 148 -10.38 26.47 -55.15
C LEU F 148 -9.25 26.55 -54.15
N TRP F 149 -9.57 26.34 -52.87
CA TRP F 149 -8.58 26.58 -51.83
C TRP F 149 -7.53 25.49 -51.80
N ARG F 150 -7.94 24.25 -51.51
CA ARG F 150 -7.01 23.14 -51.55
C ARG F 150 -7.20 22.28 -52.79
N ASN F 151 -8.27 22.51 -53.54
CA ASN F 151 -8.48 21.80 -54.79
C ASN F 151 -7.57 22.30 -55.91
N ARG F 152 -6.94 23.44 -55.72
CA ARG F 152 -5.98 23.97 -56.68
C ARG F 152 -4.55 23.58 -56.37
N VAL F 153 -4.26 23.19 -55.14
CA VAL F 153 -2.90 22.84 -54.73
C VAL F 153 -2.49 21.54 -55.41
N GLY F 154 -1.45 21.63 -56.25
CA GLY F 154 -0.98 20.46 -56.96
C GLY F 154 -1.86 20.04 -58.10
N ALA F 155 -2.61 20.97 -58.67
CA ALA F 155 -3.44 20.65 -59.83
C ALA F 155 -2.61 20.68 -61.10
N GLU F 156 -2.95 19.80 -62.03
CA GLU F 156 -2.22 19.75 -63.29
C GLU F 156 -2.59 20.91 -64.20
N ALA F 157 -3.88 21.22 -64.28
CA ALA F 157 -4.35 22.31 -65.11
C ALA F 157 -5.64 22.87 -64.53
N VAL F 158 -5.68 24.19 -64.33
CA VAL F 158 -6.85 24.88 -63.83
C VAL F 158 -7.33 25.81 -64.93
N GLU F 159 -8.63 25.84 -65.17
CA GLU F 159 -9.20 26.67 -66.22
C GLU F 159 -10.51 27.28 -65.75
N VAL F 160 -10.63 28.59 -65.87
CA VAL F 160 -11.78 29.34 -65.35
C VAL F 160 -12.59 29.88 -66.52
N ARG F 161 -13.91 29.68 -66.47
CA ARG F 161 -14.84 30.21 -67.45
C ARG F 161 -15.79 31.16 -66.74
N ILE F 162 -15.85 32.41 -67.21
CA ILE F 162 -16.66 33.44 -66.58
C ILE F 162 -17.67 33.94 -67.59
N ASN F 163 -18.95 33.76 -67.30
CA ASN F 163 -20.03 34.20 -68.17
C ASN F 163 -20.72 35.41 -67.56
N HIS F 164 -20.65 36.54 -68.25
CA HIS F 164 -21.51 37.68 -67.92
C HIS F 164 -22.88 37.44 -68.54
N ILE F 165 -23.89 37.41 -67.70
CA ILE F 165 -25.24 36.94 -68.04
C ILE F 165 -26.17 38.13 -67.89
N ARG F 166 -26.48 38.79 -69.01
CA ARG F 166 -27.26 40.04 -68.94
C ARG F 166 -28.75 39.75 -68.81
N GLN F 167 -29.33 39.15 -69.83
CA GLN F 167 -30.68 38.62 -69.78
C GLN F 167 -30.57 37.16 -69.33
N GLY F 168 -31.60 36.36 -69.56
CA GLY F 168 -31.52 34.94 -69.27
C GLY F 168 -30.48 34.13 -70.04
N GLU F 169 -29.79 34.74 -70.99
CA GLU F 169 -28.72 34.14 -71.75
C GLU F 169 -27.40 34.84 -71.45
N VAL F 170 -26.32 34.24 -71.90
CA VAL F 170 -24.98 34.75 -71.64
C VAL F 170 -24.68 35.92 -72.57
N ALA F 171 -24.16 37.01 -71.99
CA ALA F 171 -23.77 38.18 -72.77
C ALA F 171 -22.30 38.17 -73.16
N ARG F 172 -21.41 37.71 -72.29
CA ARG F 172 -20.01 37.66 -72.69
C ARG F 172 -19.35 36.47 -71.97
N THR F 173 -18.27 35.95 -72.56
CA THR F 173 -17.55 34.81 -72.02
C THR F 173 -16.07 35.14 -71.95
N TRP F 174 -15.47 34.94 -70.79
CA TRP F 174 -14.03 34.95 -70.61
C TRP F 174 -13.55 33.53 -70.32
N ARG F 175 -12.32 33.26 -70.72
CA ARG F 175 -11.69 31.94 -70.56
C ARG F 175 -10.24 32.17 -70.14
N PHE F 176 -9.90 31.79 -68.92
CA PHE F 176 -8.57 32.01 -68.40
C PHE F 176 -7.91 30.70 -68.01
N ASP F 177 -6.59 30.66 -68.11
CA ASP F 177 -5.79 29.59 -67.56
C ASP F 177 -5.26 30.07 -66.22
N ALA F 178 -5.84 29.54 -65.14
CA ALA F 178 -5.61 30.08 -63.80
C ALA F 178 -4.22 29.78 -63.28
N LEU F 179 -3.48 28.87 -63.91
CA LEU F 179 -2.11 28.64 -63.49
C LEU F 179 -1.13 29.65 -64.07
N ALA F 180 -1.50 30.29 -65.19
CA ALA F 180 -0.67 31.37 -65.72
C ALA F 180 -0.77 32.61 -64.85
N ILE F 181 -1.99 33.05 -64.55
CA ILE F 181 -2.20 34.16 -63.63
C ILE F 181 -1.82 33.69 -62.24
N GLY F 182 -0.73 34.21 -61.71
CA GLY F 182 -0.22 33.71 -60.44
C GLY F 182 -1.05 34.17 -59.26
N LEU F 183 -0.81 33.52 -58.13
CA LEU F 183 -1.39 33.92 -56.86
C LEU F 183 -0.58 35.01 -56.17
N ARG F 184 0.47 35.51 -56.81
CA ARG F 184 1.43 36.40 -56.18
C ARG F 184 1.29 37.86 -56.59
N ASP F 185 1.20 38.12 -57.89
CA ASP F 185 1.31 39.47 -58.41
C ASP F 185 0.15 39.79 -59.36
N PHE F 186 -0.11 41.08 -59.54
CA PHE F 186 -1.25 41.56 -60.29
C PHE F 186 -0.75 42.15 -61.61
N LYS F 187 -0.99 41.42 -62.70
CA LYS F 187 -0.52 41.75 -64.03
C LYS F 187 -1.59 42.52 -64.82
N ALA F 188 -1.34 42.68 -66.13
CA ALA F 188 -2.25 43.36 -67.02
C ALA F 188 -2.49 42.51 -68.26
N ASP F 189 -3.73 42.52 -68.74
CA ASP F 189 -4.17 41.73 -69.88
C ASP F 189 -5.46 42.35 -70.38
N ALA F 190 -5.70 42.22 -71.68
CA ALA F 190 -6.86 42.88 -72.30
C ALA F 190 -8.17 42.28 -71.81
N GLU F 191 -8.27 40.94 -71.80
CA GLU F 191 -9.46 40.28 -71.30
C GLU F 191 -9.65 40.53 -69.81
N LEU F 192 -8.55 40.54 -69.06
CA LEU F 192 -8.63 40.78 -67.62
C LEU F 192 -9.04 42.20 -67.31
N ASP F 193 -8.56 43.17 -68.09
CA ASP F 193 -8.98 44.54 -67.87
C ASP F 193 -10.40 44.79 -68.37
N ALA F 194 -10.87 44.04 -69.36
CA ALA F 194 -12.27 44.12 -69.75
C ALA F 194 -13.18 43.59 -68.66
N LEU F 195 -12.80 42.47 -68.05
CA LEU F 195 -13.53 41.93 -66.91
C LEU F 195 -13.47 42.90 -65.73
N ALA F 196 -12.33 43.56 -65.53
CA ALA F 196 -12.21 44.57 -64.48
C ALA F 196 -13.09 45.76 -64.76
N GLU F 197 -13.26 46.13 -66.03
CA GLU F 197 -14.16 47.23 -66.39
C GLU F 197 -15.60 46.84 -66.09
N LEU F 198 -15.97 45.59 -66.34
CA LEU F 198 -17.31 45.14 -66.01
C LEU F 198 -17.55 45.15 -64.50
N ILE F 199 -16.57 44.68 -63.73
CA ILE F 199 -16.71 44.65 -62.27
C ILE F 199 -16.76 46.07 -61.70
N ALA F 200 -15.99 46.99 -62.29
CA ALA F 200 -16.02 48.38 -61.84
C ALA F 200 -17.32 49.07 -62.23
N SER F 201 -17.89 48.71 -63.38
CA SER F 201 -19.19 49.26 -63.75
C SER F 201 -20.29 48.74 -62.84
N GLY F 202 -20.16 47.50 -62.37
CA GLY F 202 -21.09 47.01 -61.37
C GLY F 202 -20.90 47.69 -60.03
N LEU F 203 -19.64 47.95 -59.66
CA LEU F 203 -19.35 48.55 -58.37
C LEU F 203 -19.73 50.02 -58.28
N SER F 204 -19.81 50.70 -59.42
CA SER F 204 -20.14 52.12 -59.43
C SER F 204 -21.64 52.37 -59.41
N GLY F 205 -22.45 51.37 -59.66
CA GLY F 205 -23.88 51.56 -59.75
C GLY F 205 -24.38 51.89 -61.14
N SER F 206 -23.51 51.90 -62.13
CA SER F 206 -23.88 52.19 -63.50
C SER F 206 -24.38 50.96 -64.25
N GLY F 207 -24.43 49.81 -63.60
CA GLY F 207 -24.92 48.60 -64.24
C GLY F 207 -25.12 47.52 -63.22
N HIS F 208 -25.88 46.51 -63.63
CA HIS F 208 -26.17 45.34 -62.81
C HIS F 208 -25.27 44.22 -63.29
N VAL F 209 -24.41 43.69 -62.41
CA VAL F 209 -23.46 42.68 -62.85
C VAL F 209 -23.83 41.35 -62.22
N LEU F 210 -24.05 40.34 -63.05
CA LEU F 210 -24.23 38.96 -62.62
C LEU F 210 -23.32 38.07 -63.44
N LEU F 211 -22.44 37.34 -62.76
CA LEU F 211 -21.47 36.48 -63.41
C LEU F 211 -21.67 35.04 -62.95
N GLU F 212 -21.38 34.12 -63.85
CA GLU F 212 -21.33 32.69 -63.53
C GLU F 212 -19.89 32.23 -63.68
N VAL F 213 -19.31 31.75 -62.60
CA VAL F 213 -17.93 31.30 -62.59
C VAL F 213 -17.92 29.79 -62.50
N VAL F 214 -17.19 29.16 -63.42
CA VAL F 214 -17.01 27.70 -63.44
C VAL F 214 -15.53 27.42 -63.54
N ALA F 215 -15.00 26.67 -62.57
CA ALA F 215 -13.59 26.30 -62.58
C ALA F 215 -13.48 24.80 -62.84
N PHE F 216 -12.47 24.44 -63.62
CA PHE F 216 -12.13 23.04 -63.90
C PHE F 216 -10.71 22.81 -63.42
N ALA F 217 -10.55 21.93 -62.44
CA ALA F 217 -9.25 21.54 -61.94
C ALA F 217 -8.98 20.09 -62.32
N ARG F 218 -7.80 19.84 -62.86
CA ARG F 218 -7.42 18.49 -63.30
C ARG F 218 -6.56 17.87 -62.21
N ILE F 219 -7.21 17.10 -61.34
CA ILE F 219 -6.58 16.56 -60.14
C ILE F 219 -6.10 15.13 -60.35
N GLY F 220 -6.97 14.26 -60.83
CA GLY F 220 -6.62 12.87 -61.01
C GLY F 220 -7.81 11.97 -60.78
N ASP F 221 -7.73 10.73 -61.24
CA ASP F 221 -8.85 9.81 -61.10
C ASP F 221 -9.00 9.36 -59.65
N GLY F 222 -10.18 9.58 -59.08
CA GLY F 222 -10.47 9.10 -57.76
C GLY F 222 -9.83 9.88 -56.62
N GLN F 223 -9.19 11.01 -56.92
CA GLN F 223 -8.49 11.76 -55.88
C GLN F 223 -9.50 12.50 -55.01
N GLU F 224 -9.01 12.98 -53.87
CA GLU F 224 -9.85 13.56 -52.85
C GLU F 224 -10.00 15.06 -53.09
N VAL F 225 -11.24 15.54 -53.06
CA VAL F 225 -11.51 16.95 -53.13
C VAL F 225 -11.90 17.43 -51.73
N PHE F 226 -11.95 18.75 -51.56
CA PHE F 226 -12.08 19.34 -50.23
C PHE F 226 -13.21 20.36 -50.20
N PRO F 227 -14.40 19.95 -49.81
CA PRO F 227 -15.48 20.90 -49.55
C PRO F 227 -15.29 21.57 -48.20
N SER F 228 -16.26 22.39 -47.82
CA SER F 228 -16.21 23.06 -46.54
C SER F 228 -16.62 22.12 -45.43
N GLN F 229 -16.09 22.35 -44.24
CA GLN F 229 -16.35 21.48 -43.09
C GLN F 229 -17.36 22.13 -42.17
N GLU F 230 -18.32 21.33 -41.71
CA GLU F 230 -19.37 21.81 -40.83
C GLU F 230 -18.90 21.77 -39.38
N LEU F 231 -19.82 22.09 -38.48
CA LEU F 231 -19.53 22.16 -37.06
C LEU F 231 -20.00 20.88 -36.38
N ILE F 232 -19.13 20.31 -35.54
CA ILE F 232 -19.39 19.00 -34.96
C ILE F 232 -19.25 19.11 -33.44
N LEU F 233 -19.59 20.30 -32.92
CA LEU F 233 -19.39 20.61 -31.52
C LEU F 233 -20.30 19.75 -30.62
N ASP F 234 -19.73 19.30 -29.49
CA ASP F 234 -20.40 18.51 -28.46
C ASP F 234 -20.95 17.20 -29.01
N LYS F 235 -20.22 16.58 -29.92
CA LYS F 235 -20.53 15.24 -30.38
C LYS F 235 -19.30 14.35 -30.45
N GLY F 236 -18.15 14.82 -29.96
CA GLY F 236 -16.91 14.07 -30.01
C GLY F 236 -16.52 13.37 -28.73
N ASP F 237 -17.41 13.30 -27.74
CA ASP F 237 -17.06 12.82 -26.41
C ASP F 237 -17.88 11.62 -25.96
N LYS F 238 -19.20 11.69 -26.05
CA LYS F 238 -20.08 10.61 -25.57
C LYS F 238 -19.86 9.32 -26.37
N LYS F 239 -20.18 9.36 -27.66
CA LYS F 239 -19.79 8.31 -28.60
C LYS F 239 -18.55 8.69 -29.37
N GLY F 240 -18.55 9.89 -29.96
CA GLY F 240 -17.37 10.46 -30.58
C GLY F 240 -16.94 9.82 -31.86
N GLN F 241 -17.81 9.04 -32.50
CA GLN F 241 -17.38 8.36 -33.72
C GLN F 241 -17.40 9.30 -34.91
N LYS F 242 -18.49 10.03 -35.12
CA LYS F 242 -18.54 11.01 -36.20
C LYS F 242 -17.69 12.21 -35.79
N SER F 243 -16.59 12.42 -36.49
CA SER F 243 -15.61 13.42 -36.10
C SER F 243 -15.34 14.46 -37.18
N LYS F 244 -15.97 14.35 -38.34
CA LYS F 244 -15.76 15.30 -39.42
C LYS F 244 -16.99 15.30 -40.30
N THR F 245 -17.58 16.47 -40.51
CA THR F 245 -18.74 16.64 -41.37
C THR F 245 -18.39 17.60 -42.49
N LEU F 246 -18.77 17.25 -43.71
CA LEU F 246 -18.54 18.09 -44.88
C LEU F 246 -19.84 18.75 -45.30
N TYR F 247 -19.73 20.01 -45.70
CA TYR F 247 -20.91 20.79 -46.07
C TYR F 247 -21.47 20.34 -47.41
N SER F 248 -22.78 20.27 -47.50
CA SER F 248 -23.41 19.87 -48.75
C SER F 248 -24.75 20.55 -48.92
N VAL F 249 -24.94 21.20 -50.06
CA VAL F 249 -26.27 21.51 -50.59
C VAL F 249 -26.71 20.18 -51.18
N ARG F 250 -28.01 20.01 -51.44
CA ARG F 250 -28.68 18.71 -51.43
C ARG F 250 -28.02 17.62 -52.27
N ASP F 251 -27.40 16.65 -51.58
CA ASP F 251 -26.63 15.54 -52.15
C ASP F 251 -25.51 16.00 -53.08
N ALA F 252 -24.86 17.12 -52.77
CA ALA F 252 -23.74 17.61 -53.56
C ALA F 252 -22.74 18.31 -52.67
N ALA F 253 -21.48 17.90 -52.72
CA ALA F 253 -20.45 18.54 -51.94
C ALA F 253 -20.26 19.98 -52.36
N ALA F 254 -20.12 20.87 -51.40
CA ALA F 254 -20.15 22.30 -51.68
C ALA F 254 -19.17 23.04 -50.81
N ILE F 255 -18.80 24.23 -51.26
CA ILE F 255 -17.99 25.17 -50.49
C ILE F 255 -18.92 26.27 -50.01
N HIS F 256 -18.71 26.72 -48.77
CA HIS F 256 -19.49 27.81 -48.20
C HIS F 256 -19.29 29.08 -49.02
N SER F 257 -20.33 29.91 -49.03
CA SER F 257 -20.26 31.15 -49.80
C SER F 257 -19.30 32.15 -49.17
N GLN F 258 -19.16 32.13 -47.83
CA GLN F 258 -18.22 33.03 -47.20
C GLN F 258 -16.77 32.61 -47.45
N LYS F 259 -16.53 31.34 -47.75
CA LYS F 259 -15.18 30.93 -48.14
C LYS F 259 -14.81 31.46 -49.52
N ILE F 260 -15.76 31.43 -50.45
CA ILE F 260 -15.56 32.04 -51.77
C ILE F 260 -15.37 33.54 -51.63
N GLY F 261 -16.16 34.17 -50.76
CA GLY F 261 -16.01 35.60 -50.55
C GLY F 261 -14.72 35.98 -49.86
N ASN F 262 -14.15 35.08 -49.07
CA ASN F 262 -12.84 35.32 -48.51
C ASN F 262 -11.76 35.16 -49.55
N ALA F 263 -11.96 34.25 -50.50
CA ALA F 263 -10.98 34.11 -51.56
C ALA F 263 -11.06 35.23 -52.58
N LEU F 264 -12.19 35.91 -52.67
CA LEU F 264 -12.32 36.99 -53.65
C LEU F 264 -11.61 38.25 -53.21
N ARG F 265 -11.71 38.60 -51.93
CA ARG F 265 -11.15 39.85 -51.43
C ARG F 265 -9.73 39.69 -50.90
N THR F 266 -8.99 38.68 -51.35
CA THR F 266 -7.58 38.53 -51.01
C THR F 266 -6.77 39.46 -51.92
N ILE F 267 -6.80 40.75 -51.58
CA ILE F 267 -6.31 41.79 -52.47
C ILE F 267 -5.36 42.73 -51.75
N ASP F 268 -5.30 42.65 -50.43
CA ASP F 268 -4.57 43.62 -49.61
C ASP F 268 -3.07 43.35 -49.72
N THR F 269 -2.39 44.16 -50.52
CA THR F 269 -0.93 44.11 -50.64
C THR F 269 -0.25 45.30 -49.99
N TRP F 270 -0.94 46.03 -49.12
CA TRP F 270 -0.44 47.29 -48.59
C TRP F 270 -0.28 47.25 -47.08
N TYR F 271 -0.09 46.08 -46.50
CA TYR F 271 0.02 45.99 -45.05
C TYR F 271 1.45 46.27 -44.60
N PRO F 272 1.63 46.92 -43.44
CA PRO F 272 2.94 47.48 -43.10
C PRO F 272 4.00 46.48 -42.70
N ASP F 273 3.68 45.19 -42.58
CA ASP F 273 4.71 44.21 -42.26
C ASP F 273 5.68 44.04 -43.42
N GLU F 274 5.19 43.55 -44.55
CA GLU F 274 5.96 43.41 -45.77
C GLU F 274 4.98 43.22 -46.92
N ASP F 275 5.52 42.95 -48.10
CA ASP F 275 4.71 42.56 -49.24
C ASP F 275 5.28 41.35 -49.96
N GLY F 276 6.41 40.81 -49.49
CA GLY F 276 6.97 39.59 -50.04
C GLY F 276 6.20 38.34 -49.71
N LEU F 277 5.24 38.41 -48.78
CA LEU F 277 4.43 37.25 -48.45
C LEU F 277 3.20 37.13 -49.35
N GLY F 278 2.72 38.24 -49.90
CA GLY F 278 1.62 38.20 -50.83
C GLY F 278 0.39 38.90 -50.31
N PRO F 279 -0.68 38.91 -51.10
CA PRO F 279 -1.91 39.59 -50.68
C PRO F 279 -2.65 38.79 -49.62
N ILE F 280 -3.32 39.52 -48.73
CA ILE F 280 -4.17 38.91 -47.71
C ILE F 280 -5.59 39.41 -47.94
N ALA F 281 -6.53 38.80 -47.23
CA ALA F 281 -7.92 39.23 -47.31
C ALA F 281 -8.10 40.52 -46.52
N VAL F 282 -8.93 41.42 -47.05
CA VAL F 282 -9.14 42.69 -46.39
C VAL F 282 -10.01 42.48 -45.16
N GLU F 283 -9.59 43.06 -44.04
CA GLU F 283 -10.28 42.93 -42.76
C GLU F 283 -9.83 44.06 -41.88
N PRO F 284 -10.68 44.54 -40.97
CA PRO F 284 -10.19 45.46 -39.92
C PRO F 284 -9.23 44.71 -39.02
N TYR F 285 -8.06 45.30 -38.81
CA TYR F 285 -6.88 44.62 -38.26
C TYR F 285 -6.58 43.36 -39.07
N GLY F 286 -6.19 43.59 -40.33
CA GLY F 286 -6.15 42.55 -41.35
C GLY F 286 -5.32 41.35 -40.99
N SER F 287 -6.00 40.26 -40.67
CA SER F 287 -5.42 39.15 -39.94
C SER F 287 -5.66 37.85 -40.67
N VAL F 288 -4.72 36.93 -40.51
CA VAL F 288 -4.82 35.59 -41.07
C VAL F 288 -4.94 34.62 -39.90
N THR F 289 -5.88 33.69 -40.01
CA THR F 289 -6.06 32.73 -38.93
C THR F 289 -5.01 31.63 -38.97
N SER F 290 -4.55 31.25 -40.17
CA SER F 290 -3.56 30.19 -40.30
C SER F 290 -2.20 30.65 -39.78
N GLN F 291 -1.94 31.94 -39.78
CA GLN F 291 -0.71 32.46 -39.21
C GLN F 291 -0.88 32.96 -37.78
N GLY F 292 -2.12 33.09 -37.31
CA GLY F 292 -2.39 33.52 -35.96
C GLY F 292 -1.95 34.92 -35.65
N LYS F 293 -1.80 35.76 -36.67
CA LYS F 293 -1.16 37.05 -36.51
C LYS F 293 -1.99 38.11 -37.20
N ALA F 294 -2.11 39.26 -36.56
CA ALA F 294 -2.79 40.41 -37.15
C ALA F 294 -1.75 41.32 -37.77
N TYR F 295 -1.74 41.38 -39.09
CA TYR F 295 -1.17 42.56 -39.72
C TYR F 295 -2.14 43.72 -39.54
N ARG F 296 -1.63 44.94 -39.73
CA ARG F 296 -2.33 46.19 -39.46
C ARG F 296 -2.86 46.23 -38.03
N GLN F 297 -1.93 46.12 -37.09
CA GLN F 297 -2.27 46.26 -35.68
C GLN F 297 -2.71 47.69 -35.39
N PRO F 298 -3.61 47.89 -34.42
CA PRO F 298 -4.02 49.26 -34.08
C PRO F 298 -2.96 50.07 -33.37
N LYS F 299 -1.87 49.46 -32.90
CA LYS F 299 -0.77 50.24 -32.35
C LYS F 299 -0.03 50.98 -33.45
N GLN F 300 0.13 50.34 -34.62
CA GLN F 300 0.47 51.08 -35.82
C GLN F 300 -0.76 51.81 -36.31
N LYS F 301 -0.55 52.86 -37.09
CA LYS F 301 -1.66 53.67 -37.58
C LYS F 301 -2.05 53.24 -38.99
N LEU F 302 -2.37 51.95 -39.15
CA LEU F 302 -2.70 51.44 -40.47
C LEU F 302 -3.84 50.42 -40.48
N ASP F 303 -4.61 50.28 -39.41
CA ASP F 303 -5.80 49.44 -39.48
C ASP F 303 -6.94 50.21 -40.15
N PHE F 304 -8.11 49.58 -40.21
CA PHE F 304 -9.22 50.20 -40.92
C PHE F 304 -9.86 51.32 -40.10
N TYR F 305 -9.93 51.14 -38.77
CA TYR F 305 -10.74 52.05 -37.96
C TYR F 305 -10.05 53.40 -37.79
N THR F 306 -8.75 53.39 -37.52
CA THR F 306 -8.04 54.66 -37.40
C THR F 306 -7.93 55.37 -38.74
N LEU F 307 -7.77 54.62 -39.83
CA LEU F 307 -7.74 55.22 -41.16
C LEU F 307 -9.07 55.85 -41.52
N LEU F 308 -10.18 55.18 -41.19
CA LEU F 308 -11.49 55.73 -41.48
C LEU F 308 -11.80 56.94 -40.61
N ASP F 309 -11.37 56.90 -39.34
CA ASP F 309 -11.60 58.03 -38.45
C ASP F 309 -10.74 59.23 -38.83
N ASN F 310 -9.54 58.99 -39.38
CA ASN F 310 -8.72 60.10 -39.83
C ASN F 310 -9.23 60.65 -41.16
N TRP F 311 -9.76 59.79 -42.02
CA TRP F 311 -10.23 60.26 -43.33
C TRP F 311 -11.55 60.98 -43.21
N VAL F 312 -12.41 60.56 -42.27
CA VAL F 312 -13.76 61.10 -42.19
C VAL F 312 -13.86 62.23 -41.18
N LEU F 313 -13.38 62.01 -39.96
CA LEU F 313 -13.58 63.03 -38.93
C LEU F 313 -12.60 64.19 -39.08
N ARG F 314 -11.31 63.88 -39.22
CA ARG F 314 -10.28 64.90 -39.22
C ARG F 314 -9.74 65.20 -40.62
N ASP F 315 -10.37 64.65 -41.66
CA ASP F 315 -10.10 64.93 -43.07
C ASP F 315 -8.66 64.62 -43.48
N GLU F 316 -7.97 63.76 -42.75
CA GLU F 316 -6.60 63.38 -43.09
C GLU F 316 -6.71 62.23 -44.09
N ALA F 317 -6.67 62.56 -45.36
CA ALA F 317 -6.74 61.56 -46.40
C ALA F 317 -5.44 60.76 -46.43
N PRO F 318 -5.51 59.44 -46.29
CA PRO F 318 -4.27 58.64 -46.33
C PRO F 318 -3.74 58.46 -47.73
N ALA F 319 -2.72 57.61 -47.88
CA ALA F 319 -2.19 57.29 -49.19
C ALA F 319 -3.24 56.56 -50.03
N VAL F 320 -3.03 56.56 -51.34
CA VAL F 320 -4.01 56.01 -52.27
C VAL F 320 -4.13 54.50 -52.11
N GLU F 321 -3.08 53.84 -51.61
CA GLU F 321 -3.17 52.42 -51.29
C GLU F 321 -4.04 52.20 -50.06
N GLN F 322 -3.88 53.05 -49.05
CA GLN F 322 -4.71 52.92 -47.86
C GLN F 322 -6.15 53.33 -48.14
N GLN F 323 -6.36 54.23 -49.09
CA GLN F 323 -7.72 54.56 -49.52
C GLN F 323 -8.35 53.38 -50.26
N HIS F 324 -7.56 52.69 -51.09
CA HIS F 324 -8.01 51.44 -51.71
C HIS F 324 -8.40 50.42 -50.65
N TYR F 325 -7.62 50.31 -49.58
CA TYR F 325 -7.90 49.34 -48.53
C TYR F 325 -9.17 49.69 -47.76
N VAL F 326 -9.38 50.98 -47.46
CA VAL F 326 -10.57 51.40 -46.73
C VAL F 326 -11.83 51.19 -47.58
N ILE F 327 -11.75 51.49 -48.87
CA ILE F 327 -12.92 51.28 -49.72
C ILE F 327 -13.16 49.80 -49.98
N ALA F 328 -12.10 48.99 -49.97
CA ALA F 328 -12.27 47.54 -50.05
C ALA F 328 -12.96 46.99 -48.80
N ASN F 329 -12.65 47.56 -47.63
CA ASN F 329 -13.34 47.13 -46.42
C ASN F 329 -14.79 47.62 -46.38
N LEU F 330 -15.08 48.74 -47.04
CA LEU F 330 -16.47 49.15 -47.16
C LEU F 330 -17.23 48.28 -48.14
N ILE F 331 -16.55 47.78 -49.18
CA ILE F 331 -17.15 46.86 -50.12
C ILE F 331 -17.42 45.52 -49.44
N ARG F 332 -16.52 45.10 -48.56
CA ARG F 332 -16.68 43.86 -47.82
C ARG F 332 -17.88 43.90 -46.88
N GLY F 333 -18.17 45.06 -46.28
CA GLY F 333 -19.29 45.19 -45.38
C GLY F 333 -18.96 44.65 -43.99
N GLY F 334 -19.77 45.03 -43.04
CA GLY F 334 -19.57 44.58 -41.68
C GLY F 334 -20.26 45.49 -40.69
N VAL F 335 -20.15 45.10 -39.42
CA VAL F 335 -20.74 45.81 -38.31
C VAL F 335 -19.62 46.63 -37.67
N PHE F 336 -19.65 47.95 -37.90
CA PHE F 336 -18.61 48.84 -37.40
C PHE F 336 -19.24 49.77 -36.37
N GLY F 337 -18.88 49.61 -35.11
CA GLY F 337 -19.53 50.43 -34.11
C GLY F 337 -18.92 50.21 -32.74
N GLU F 338 -19.40 50.99 -31.80
CA GLU F 338 -18.84 51.03 -30.45
C GLU F 338 -19.23 49.78 -29.70
N ALA F 339 -18.35 48.78 -29.71
CA ALA F 339 -18.60 47.51 -29.05
C ALA F 339 -17.62 47.28 -27.91
N LEU G 6 -64.46 69.13 -23.43
CA LEU G 6 -64.02 68.10 -24.38
C LEU G 6 -62.52 67.86 -24.26
N SER G 7 -62.16 66.71 -23.70
CA SER G 7 -60.78 66.29 -23.57
C SER G 7 -60.60 64.93 -24.21
N THR G 8 -59.34 64.54 -24.41
CA THR G 8 -59.04 63.24 -24.97
C THR G 8 -59.41 62.14 -23.98
N ALA G 9 -59.93 61.03 -24.49
CA ALA G 9 -60.33 59.92 -23.65
C ALA G 9 -59.12 59.23 -23.06
N SER G 10 -59.35 58.48 -21.98
CA SER G 10 -58.25 57.77 -21.33
C SER G 10 -57.81 56.57 -22.15
N VAL G 11 -58.75 55.85 -22.74
CA VAL G 11 -58.44 54.75 -23.65
C VAL G 11 -58.97 55.10 -25.05
N LEU G 12 -58.24 54.65 -26.06
CA LEU G 12 -58.62 54.82 -27.45
C LEU G 12 -57.80 53.83 -28.27
N ALA G 13 -58.49 52.98 -29.03
CA ALA G 13 -57.82 51.91 -29.74
C ALA G 13 -58.41 51.78 -31.14
N PHE G 14 -57.55 51.61 -32.14
CA PHE G 14 -57.97 51.43 -33.51
C PHE G 14 -57.40 50.11 -34.01
N GLU G 15 -58.27 49.22 -34.46
CA GLU G 15 -57.82 48.07 -35.21
C GLU G 15 -57.38 48.50 -36.60
N ARG G 16 -56.42 47.77 -37.15
CA ARG G 16 -55.81 48.20 -38.40
C ARG G 16 -56.67 47.83 -39.59
N LYS G 17 -56.74 48.74 -40.55
CA LYS G 17 -57.09 48.38 -41.91
C LYS G 17 -55.80 47.97 -42.61
N LEU G 18 -55.93 47.50 -43.86
CA LEU G 18 -54.83 46.95 -44.67
C LEU G 18 -54.12 45.81 -43.94
N ASP G 19 -54.86 44.71 -43.78
CA ASP G 19 -54.32 43.51 -43.16
C ASP G 19 -53.56 42.68 -44.18
N PRO G 20 -52.24 42.50 -44.03
CA PRO G 20 -51.53 41.58 -44.92
C PRO G 20 -51.39 40.19 -44.31
N SER G 21 -51.06 39.22 -45.13
CA SER G 21 -50.72 37.89 -44.64
C SER G 21 -49.21 37.75 -44.59
N ASP G 22 -48.75 36.61 -44.07
CA ASP G 22 -47.33 36.29 -44.11
C ASP G 22 -46.93 35.98 -45.55
N ALA G 23 -45.92 36.68 -46.04
CA ALA G 23 -45.49 36.49 -47.42
C ALA G 23 -44.64 35.25 -47.52
N LEU G 24 -45.08 34.27 -48.30
CA LEU G 24 -44.35 33.03 -48.46
C LEU G 24 -43.45 33.10 -49.68
N MET G 25 -42.31 32.42 -49.59
CA MET G 25 -41.29 32.41 -50.63
C MET G 25 -41.29 31.07 -51.35
N SER G 26 -41.02 31.14 -52.65
CA SER G 26 -40.84 29.97 -53.49
C SER G 26 -39.89 30.37 -54.60
N ALA G 27 -39.50 29.41 -55.43
CA ALA G 27 -38.47 29.70 -56.42
C ALA G 27 -38.80 29.05 -57.75
N GLY G 28 -38.26 29.63 -58.81
CA GLY G 28 -38.45 29.05 -60.12
C GLY G 28 -37.60 29.77 -61.14
N ALA G 29 -37.86 29.49 -62.40
CA ALA G 29 -37.16 30.12 -63.50
C ALA G 29 -37.99 31.25 -64.07
N TRP G 30 -37.31 32.28 -64.55
CA TRP G 30 -37.98 33.36 -65.27
C TRP G 30 -38.56 32.82 -66.57
N ALA G 31 -39.65 33.45 -67.00
CA ALA G 31 -40.54 33.08 -68.11
C ALA G 31 -41.32 31.79 -67.86
N GLN G 32 -41.21 31.18 -66.69
CA GLN G 32 -42.16 30.20 -66.21
C GLN G 32 -43.10 30.79 -65.18
N ARG G 33 -43.03 32.11 -64.96
CA ARG G 33 -43.73 32.74 -63.86
C ARG G 33 -45.24 32.81 -64.09
N ASP G 34 -45.71 32.60 -65.32
CA ASP G 34 -47.14 32.47 -65.55
C ASP G 34 -47.65 31.09 -65.14
N ALA G 35 -46.76 30.11 -65.05
CA ALA G 35 -47.10 28.78 -64.54
C ALA G 35 -46.53 28.57 -63.14
N SER G 36 -46.41 29.65 -62.37
CA SER G 36 -45.75 29.62 -61.06
C SER G 36 -46.76 29.29 -59.96
N GLN G 37 -47.32 28.10 -60.03
CA GLN G 37 -48.24 27.63 -59.02
C GLN G 37 -47.75 26.40 -58.29
N GLU G 38 -47.03 25.52 -58.97
CA GLU G 38 -46.34 24.40 -58.33
C GLU G 38 -44.86 24.68 -58.13
N TRP G 39 -44.50 25.94 -57.98
CA TRP G 39 -43.12 26.28 -57.70
C TRP G 39 -42.74 25.82 -56.30
N PRO G 40 -41.60 25.16 -56.13
CA PRO G 40 -41.27 24.60 -54.82
C PRO G 40 -40.86 25.68 -53.84
N ALA G 41 -41.14 25.43 -52.57
CA ALA G 41 -40.87 26.40 -51.53
C ALA G 41 -39.38 26.54 -51.28
N VAL G 42 -38.97 27.75 -50.92
CA VAL G 42 -37.59 28.01 -50.55
C VAL G 42 -37.41 27.57 -49.11
N THR G 43 -36.51 26.61 -48.88
CA THR G 43 -36.33 26.06 -47.56
C THR G 43 -35.18 26.76 -46.84
N VAL G 44 -35.24 26.73 -45.52
CA VAL G 44 -34.23 27.34 -44.65
C VAL G 44 -33.32 26.22 -44.16
N ARG G 45 -32.03 26.33 -44.46
CA ARG G 45 -31.05 25.35 -44.04
C ARG G 45 -30.14 25.96 -42.99
N GLU G 46 -29.23 25.16 -42.48
CA GLU G 46 -28.21 25.62 -41.57
C GLU G 46 -26.85 25.49 -42.21
N LYS G 47 -25.92 26.35 -41.82
CA LYS G 47 -24.53 26.17 -42.19
C LYS G 47 -23.66 26.69 -41.07
N SER G 48 -22.39 26.38 -41.14
CA SER G 48 -21.44 26.78 -40.12
C SER G 48 -20.67 27.99 -40.60
N VAL G 49 -20.51 28.97 -39.74
CA VAL G 49 -19.64 30.11 -40.02
C VAL G 49 -18.57 30.18 -38.96
N ARG G 50 -17.39 30.62 -39.36
CA ARG G 50 -16.31 30.90 -38.44
C ARG G 50 -16.07 32.39 -38.45
N GLY G 51 -16.18 33.00 -37.29
CA GLY G 51 -16.03 34.43 -37.19
C GLY G 51 -14.59 34.87 -37.07
N THR G 52 -14.37 36.14 -37.33
CA THR G 52 -13.09 36.78 -37.10
C THR G 52 -13.30 37.98 -36.19
N ILE G 53 -12.20 38.59 -35.77
CA ILE G 53 -12.26 39.77 -34.90
C ILE G 53 -12.34 40.99 -35.81
N SER G 54 -13.49 41.66 -35.79
CA SER G 54 -13.69 42.84 -36.60
C SER G 54 -14.34 43.99 -35.85
N ASN G 55 -14.64 43.82 -34.56
CA ASN G 55 -15.22 44.90 -33.80
C ASN G 55 -14.17 45.94 -33.44
N ARG G 56 -14.63 47.10 -33.01
CA ARG G 56 -13.73 48.07 -32.42
C ARG G 56 -13.29 47.58 -31.05
N LEU G 57 -12.03 47.80 -30.73
CA LEU G 57 -11.47 47.38 -29.46
C LEU G 57 -11.50 48.54 -28.47
N LYS G 58 -11.58 48.19 -27.18
CA LYS G 58 -11.82 49.16 -26.12
C LYS G 58 -10.54 49.74 -25.54
N THR G 59 -9.48 49.85 -26.35
CA THR G 59 -8.16 50.41 -26.09
C THR G 59 -7.40 49.71 -24.96
N LYS G 60 -7.98 48.68 -24.35
CA LYS G 60 -7.30 47.80 -23.42
C LYS G 60 -7.05 46.44 -24.00
N ASP G 61 -7.92 45.99 -24.90
CA ASP G 61 -7.69 44.82 -25.73
C ASP G 61 -6.94 45.15 -27.00
N ARG G 62 -6.43 46.38 -27.13
CA ARG G 62 -5.66 46.80 -28.28
C ARG G 62 -4.18 46.43 -28.17
N ASP G 63 -3.80 45.68 -27.16
CA ASP G 63 -2.43 45.17 -27.08
C ASP G 63 -2.22 44.10 -28.14
N PRO G 64 -1.02 44.03 -28.74
CA PRO G 64 -0.83 43.10 -29.88
C PRO G 64 -0.84 41.64 -29.49
N ALA G 65 -0.39 41.29 -28.28
CA ALA G 65 -0.39 39.89 -27.87
C ALA G 65 -1.80 39.38 -27.64
N LYS G 66 -2.65 40.18 -26.99
CA LYS G 66 -4.04 39.78 -26.77
C LYS G 66 -4.82 39.74 -28.08
N LEU G 67 -4.51 40.65 -29.01
CA LEU G 67 -5.15 40.64 -30.32
C LEU G 67 -4.77 39.39 -31.10
N ASP G 68 -3.48 39.03 -31.10
CA ASP G 68 -3.05 37.84 -31.81
C ASP G 68 -3.61 36.57 -31.17
N ALA G 69 -3.72 36.55 -29.83
CA ALA G 69 -4.33 35.42 -29.16
C ALA G 69 -5.83 35.32 -29.45
N SER G 70 -6.48 36.45 -29.71
CA SER G 70 -7.87 36.40 -30.17
C SER G 70 -7.96 35.90 -31.60
N ILE G 71 -6.95 36.20 -32.43
CA ILE G 71 -6.92 35.64 -33.78
C ILE G 71 -6.70 34.13 -33.73
N GLN G 72 -6.02 33.62 -32.69
CA GLN G 72 -5.74 32.20 -32.58
C GLN G 72 -7.01 31.36 -32.45
N SER G 73 -7.94 31.77 -31.61
CA SER G 73 -9.12 30.97 -31.29
C SER G 73 -10.38 31.70 -31.75
N PRO G 74 -10.92 31.35 -32.92
CA PRO G 74 -12.11 32.03 -33.42
C PRO G 74 -13.40 31.38 -32.95
N ASN G 75 -14.48 32.13 -33.04
CA ASN G 75 -15.79 31.63 -32.68
C ASN G 75 -16.40 30.84 -33.82
N LEU G 76 -17.17 29.83 -33.48
CA LEU G 76 -17.84 28.96 -34.44
C LEU G 76 -19.33 29.03 -34.19
N GLN G 77 -20.11 29.28 -35.24
CA GLN G 77 -21.55 29.47 -35.09
C GLN G 77 -22.29 28.65 -36.14
N THR G 78 -23.54 28.33 -35.81
CA THR G 78 -24.47 27.75 -36.76
C THR G 78 -25.50 28.80 -37.10
N VAL G 79 -25.72 29.02 -38.39
CA VAL G 79 -26.47 30.15 -38.91
C VAL G 79 -27.48 29.63 -39.92
N ASP G 80 -28.74 30.05 -39.76
CA ASP G 80 -29.76 29.73 -40.75
C ASP G 80 -29.53 30.54 -42.01
N VAL G 81 -29.79 29.93 -43.15
CA VAL G 81 -29.56 30.57 -44.44
C VAL G 81 -30.60 30.07 -45.41
N ALA G 82 -31.01 30.94 -46.32
CA ALA G 82 -31.97 30.59 -47.36
C ALA G 82 -31.41 31.04 -48.70
N ASN G 83 -31.38 30.13 -49.66
CA ASN G 83 -30.87 30.41 -50.99
C ASN G 83 -31.88 29.96 -52.01
N LEU G 84 -31.74 30.49 -53.22
CA LEU G 84 -32.43 29.90 -54.34
C LEU G 84 -31.77 28.58 -54.71
N PRO G 85 -32.50 27.67 -55.33
CA PRO G 85 -31.85 26.49 -55.93
C PRO G 85 -30.91 26.90 -57.04
N SER G 86 -29.92 26.03 -57.29
CA SER G 86 -28.86 26.36 -58.23
C SER G 86 -29.34 26.41 -59.68
N ASP G 87 -30.51 25.86 -59.98
CA ASP G 87 -31.07 25.91 -61.31
C ASP G 87 -32.19 26.93 -61.45
N ALA G 88 -32.59 27.59 -60.37
CA ALA G 88 -33.64 28.58 -60.38
C ALA G 88 -33.05 29.96 -60.14
N ASP G 89 -33.55 30.96 -60.84
CA ASP G 89 -33.02 32.32 -60.74
C ASP G 89 -34.04 33.35 -60.31
N THR G 90 -35.28 32.97 -60.06
CA THR G 90 -36.35 33.90 -59.77
C THR G 90 -37.03 33.54 -58.47
N LEU G 91 -37.07 34.50 -57.54
CA LEU G 91 -37.78 34.35 -56.28
C LEU G 91 -39.22 34.82 -56.44
N LYS G 92 -40.16 34.03 -55.94
CA LYS G 92 -41.57 34.38 -55.94
C LYS G 92 -42.03 34.58 -54.50
N VAL G 93 -42.62 35.74 -54.23
CA VAL G 93 -43.07 36.10 -52.89
C VAL G 93 -44.55 36.43 -52.97
N ARG G 94 -45.36 35.70 -52.22
CA ARG G 94 -46.81 35.78 -52.35
C ARG G 94 -47.47 36.07 -51.00
N PHE G 95 -48.39 37.03 -50.99
CA PHE G 95 -49.21 37.27 -49.81
C PHE G 95 -50.59 37.78 -50.24
N THR G 96 -51.47 37.92 -49.26
CA THR G 96 -52.81 38.46 -49.48
C THR G 96 -53.02 39.68 -48.60
N LEU G 97 -53.62 40.70 -49.18
CA LEU G 97 -53.91 41.96 -48.50
C LEU G 97 -55.43 42.13 -48.40
N ARG G 98 -55.88 42.68 -47.28
CA ARG G 98 -57.31 42.85 -47.03
C ARG G 98 -57.59 44.29 -46.66
N VAL G 99 -58.31 45.00 -47.51
CA VAL G 99 -58.70 46.39 -47.27
C VAL G 99 -60.17 46.40 -46.88
N LEU G 100 -60.45 46.98 -45.71
CA LEU G 100 -61.73 46.86 -45.03
C LEU G 100 -62.58 48.13 -45.11
N GLY G 101 -62.06 49.26 -44.64
CA GLY G 101 -62.82 50.48 -44.58
C GLY G 101 -63.44 50.71 -43.21
N GLY G 102 -63.92 51.93 -43.02
CA GLY G 102 -64.43 52.35 -41.73
C GLY G 102 -63.29 52.69 -40.79
N ALA G 103 -62.36 53.51 -41.28
CA ALA G 103 -61.11 53.75 -40.59
C ALA G 103 -61.26 54.66 -39.38
N GLY G 104 -62.29 55.50 -39.34
CA GLY G 104 -62.40 56.47 -38.26
C GLY G 104 -62.93 55.90 -36.96
N THR G 105 -63.69 54.81 -37.02
CA THR G 105 -64.35 54.30 -35.84
C THR G 105 -63.37 53.56 -34.93
N PRO G 106 -63.17 54.00 -33.69
CA PRO G 106 -62.30 53.28 -32.78
C PRO G 106 -62.97 52.04 -32.22
N SER G 107 -62.15 51.04 -31.91
CA SER G 107 -62.64 49.82 -31.29
C SER G 107 -62.80 49.93 -29.79
N ALA G 108 -62.31 51.01 -29.19
CA ALA G 108 -62.45 51.25 -27.76
C ALA G 108 -62.34 52.75 -27.53
N CYS G 109 -63.22 53.28 -26.69
CA CYS G 109 -63.25 54.72 -26.41
C CYS G 109 -64.00 54.94 -25.10
N ASN G 110 -63.61 55.99 -24.38
CA ASN G 110 -64.24 56.31 -23.10
C ASN G 110 -65.26 57.43 -23.19
N ASP G 111 -64.85 58.61 -23.67
CA ASP G 111 -65.76 59.75 -23.75
C ASP G 111 -66.61 59.64 -25.01
N ALA G 112 -67.92 59.80 -24.85
CA ALA G 112 -68.82 59.74 -26.01
C ALA G 112 -68.70 60.99 -26.86
N ALA G 113 -68.46 62.14 -26.22
CA ALA G 113 -68.27 63.38 -26.97
C ALA G 113 -66.99 63.34 -27.78
N TYR G 114 -65.94 62.71 -27.24
CA TYR G 114 -64.67 62.60 -27.95
C TYR G 114 -64.79 61.71 -29.18
N ARG G 115 -65.45 60.56 -29.05
CA ARG G 115 -65.58 59.68 -30.22
C ARG G 115 -66.55 60.25 -31.25
N ASP G 116 -67.58 60.97 -30.82
CA ASP G 116 -68.49 61.59 -31.78
C ASP G 116 -67.81 62.74 -32.51
N LYS G 117 -66.98 63.52 -31.79
CA LYS G 117 -66.23 64.59 -32.42
C LYS G 117 -65.19 64.05 -33.39
N LEU G 118 -64.55 62.94 -33.02
CA LEU G 118 -63.59 62.28 -33.91
C LEU G 118 -64.28 61.72 -35.15
N LEU G 119 -65.48 61.17 -34.97
CA LEU G 119 -66.22 60.61 -36.09
C LEU G 119 -66.64 61.69 -37.07
N GLN G 120 -67.13 62.83 -36.57
CA GLN G 120 -67.46 63.89 -37.51
C GLN G 120 -66.23 64.58 -38.07
N THR G 121 -65.10 64.56 -37.36
CA THR G 121 -63.85 65.08 -37.92
C THR G 121 -63.38 64.26 -39.10
N VAL G 122 -63.35 62.93 -38.94
CA VAL G 122 -62.93 62.09 -40.07
C VAL G 122 -64.01 62.05 -41.14
N ALA G 123 -65.28 62.29 -40.78
CA ALA G 123 -66.34 62.39 -41.76
C ALA G 123 -66.14 63.61 -42.65
N THR G 124 -65.83 64.76 -42.05
CA THR G 124 -65.49 65.93 -42.85
C THR G 124 -64.20 65.73 -43.62
N TYR G 125 -63.26 64.92 -43.11
CA TYR G 125 -62.07 64.59 -43.88
C TYR G 125 -62.42 63.85 -45.17
N VAL G 126 -63.32 62.85 -45.07
CA VAL G 126 -63.74 62.14 -46.27
C VAL G 126 -64.54 63.04 -47.20
N ASN G 127 -65.34 63.97 -46.64
CA ASN G 127 -66.14 64.82 -47.51
C ASN G 127 -65.31 65.89 -48.22
N GLU G 128 -64.22 66.35 -47.60
CA GLU G 128 -63.39 67.36 -48.26
C GLU G 128 -62.66 66.77 -49.45
N GLN G 129 -62.00 65.62 -49.25
CA GLN G 129 -61.44 64.87 -50.35
C GLN G 129 -61.52 63.39 -50.00
N GLY G 130 -61.54 62.56 -51.03
CA GLY G 130 -61.64 61.13 -50.81
C GLY G 130 -60.36 60.50 -50.30
N PHE G 131 -60.29 59.18 -50.34
CA PHE G 131 -59.08 58.47 -49.96
C PHE G 131 -58.08 58.34 -51.09
N ALA G 132 -58.21 59.16 -52.15
CA ALA G 132 -57.48 58.93 -53.39
C ALA G 132 -55.98 59.17 -53.23
N GLU G 133 -55.58 60.10 -52.36
CA GLU G 133 -54.16 60.35 -52.15
C GLU G 133 -53.51 59.18 -51.40
N LEU G 134 -54.14 58.75 -50.30
CA LEU G 134 -53.59 57.66 -49.51
C LEU G 134 -53.65 56.34 -50.28
N ALA G 135 -54.75 56.09 -50.98
CA ALA G 135 -54.85 54.86 -51.77
C ALA G 135 -53.94 54.91 -52.99
N ARG G 136 -53.66 56.10 -53.52
CA ARG G 136 -52.69 56.22 -54.61
C ARG G 136 -51.29 55.89 -54.13
N ARG G 137 -50.94 56.35 -52.92
CA ARG G 137 -49.61 56.04 -52.39
C ARG G 137 -49.51 54.57 -51.97
N TYR G 138 -50.60 53.98 -51.48
CA TYR G 138 -50.60 52.55 -51.17
C TYR G 138 -50.50 51.70 -52.44
N ALA G 139 -51.17 52.13 -53.51
CA ALA G 139 -51.04 51.44 -54.79
C ALA G 139 -49.64 51.61 -55.36
N HIS G 140 -48.99 52.73 -55.08
CA HIS G 140 -47.59 52.90 -55.49
C HIS G 140 -46.69 51.93 -54.73
N ASN G 141 -46.85 51.84 -53.41
CA ASN G 141 -46.04 50.93 -52.61
C ASN G 141 -46.34 49.46 -52.91
N LEU G 142 -47.51 49.16 -53.48
CA LEU G 142 -47.74 47.83 -54.01
C LEU G 142 -47.19 47.66 -55.42
N ALA G 143 -47.08 48.75 -56.18
CA ALA G 143 -46.59 48.65 -57.55
C ALA G 143 -45.09 48.36 -57.57
N ASN G 144 -44.30 49.24 -56.96
CA ASN G 144 -42.91 48.88 -56.71
C ASN G 144 -42.88 47.86 -55.59
N ALA G 145 -41.87 46.99 -55.62
CA ALA G 145 -41.79 45.92 -54.63
C ALA G 145 -41.00 46.41 -53.43
N ARG G 146 -41.63 47.30 -52.67
CA ARG G 146 -41.03 47.74 -51.41
C ARG G 146 -41.15 46.68 -50.34
N PHE G 147 -42.04 45.71 -50.50
CA PHE G 147 -42.18 44.61 -49.56
C PHE G 147 -41.14 43.51 -49.79
N LEU G 148 -40.40 43.56 -50.88
CA LEU G 148 -39.14 42.83 -51.01
C LEU G 148 -38.08 43.75 -50.42
N TRP G 149 -37.66 43.49 -49.19
CA TRP G 149 -36.85 44.47 -48.48
C TRP G 149 -35.42 44.46 -48.98
N ARG G 150 -34.71 43.35 -48.81
CA ARG G 150 -33.37 43.20 -49.34
C ARG G 150 -33.34 42.34 -50.58
N ASN G 151 -34.42 41.60 -50.85
CA ASN G 151 -34.50 40.80 -52.06
C ASN G 151 -34.65 41.67 -53.30
N ARG G 152 -35.08 42.92 -53.15
CA ARG G 152 -35.19 43.85 -54.27
C ARG G 152 -33.88 44.54 -54.58
N VAL G 153 -33.00 44.68 -53.59
CA VAL G 153 -31.77 45.45 -53.75
C VAL G 153 -30.83 44.72 -54.70
N GLY G 154 -30.59 45.32 -55.86
CA GLY G 154 -29.70 44.73 -56.83
C GLY G 154 -30.32 43.65 -57.68
N ALA G 155 -31.64 43.62 -57.79
CA ALA G 155 -32.29 42.65 -58.66
C ALA G 155 -32.16 43.08 -60.11
N GLU G 156 -32.27 42.11 -61.01
CA GLU G 156 -32.20 42.42 -62.43
C GLU G 156 -33.53 42.95 -62.95
N ALA G 157 -34.63 42.30 -62.57
CA ALA G 157 -35.96 42.71 -62.99
C ALA G 157 -36.96 42.20 -61.96
N VAL G 158 -37.79 43.10 -61.45
CA VAL G 158 -38.85 42.76 -60.53
C VAL G 158 -40.19 43.01 -61.23
N GLU G 159 -41.13 42.09 -61.05
CA GLU G 159 -42.45 42.20 -61.68
C GLU G 159 -43.50 41.79 -60.67
N VAL G 160 -44.51 42.63 -60.49
CA VAL G 160 -45.55 42.41 -59.49
C VAL G 160 -46.86 42.10 -60.21
N ARG G 161 -47.53 41.04 -59.77
CA ARG G 161 -48.86 40.68 -60.23
C ARG G 161 -49.82 40.85 -59.06
N ILE G 162 -50.80 41.73 -59.22
CA ILE G 162 -51.79 41.99 -58.19
C ILE G 162 -53.14 41.54 -58.70
N ASN G 163 -53.88 40.80 -57.88
CA ASN G 163 -55.16 40.24 -58.29
C ASN G 163 -56.23 40.65 -57.30
N HIS G 164 -57.21 41.43 -57.77
CA HIS G 164 -58.43 41.64 -57.01
C HIS G 164 -59.27 40.38 -57.11
N ILE G 165 -59.61 39.81 -55.95
CA ILE G 165 -60.29 38.53 -55.83
C ILE G 165 -61.63 38.82 -55.18
N ARG G 166 -62.69 38.95 -55.98
CA ARG G 166 -63.99 39.36 -55.46
C ARG G 166 -64.76 38.17 -54.88
N GLN G 167 -65.12 37.22 -55.72
CA GLN G 167 -65.64 35.94 -55.31
C GLN G 167 -64.46 34.98 -55.20
N GLY G 168 -64.71 33.67 -55.19
CA GLY G 168 -63.63 32.70 -55.13
C GLY G 168 -62.67 32.62 -56.31
N GLU G 169 -62.81 33.50 -57.30
CA GLU G 169 -61.95 33.57 -58.45
C GLU G 169 -61.45 35.00 -58.63
N VAL G 170 -60.63 35.20 -59.65
CA VAL G 170 -59.96 36.48 -59.87
C VAL G 170 -60.92 37.44 -60.55
N ALA G 171 -61.12 38.60 -59.93
CA ALA G 171 -61.94 39.62 -60.55
C ALA G 171 -61.13 40.51 -61.49
N ARG G 172 -59.93 40.93 -61.07
CA ARG G 172 -59.14 41.77 -61.96
C ARG G 172 -57.65 41.56 -61.70
N THR G 173 -56.85 41.84 -62.72
CA THR G 173 -55.40 41.68 -62.66
C THR G 173 -54.70 43.00 -62.97
N TRP G 174 -53.57 43.22 -62.31
CA TRP G 174 -52.63 44.28 -62.61
C TRP G 174 -51.24 43.68 -62.75
N ARG G 175 -50.48 44.20 -63.70
CA ARG G 175 -49.15 43.70 -64.04
C ARG G 175 -48.20 44.88 -64.07
N PHE G 176 -47.30 44.96 -63.09
CA PHE G 176 -46.42 46.11 -62.94
C PHE G 176 -44.97 45.70 -63.10
N ASP G 177 -44.20 46.56 -63.74
CA ASP G 177 -42.73 46.48 -63.73
C ASP G 177 -42.27 47.31 -62.55
N ALA G 178 -41.87 46.62 -61.46
CA ALA G 178 -41.62 47.29 -60.20
C ALA G 178 -40.33 48.11 -60.19
N LEU G 179 -39.46 47.94 -61.18
CA LEU G 179 -38.28 48.79 -61.25
C LEU G 179 -38.56 50.09 -61.98
N ALA G 180 -39.56 50.11 -62.87
CA ALA G 180 -39.95 51.35 -63.52
C ALA G 180 -40.61 52.31 -62.55
N ILE G 181 -41.54 51.82 -61.73
CA ILE G 181 -42.07 52.60 -60.62
C ILE G 181 -40.97 52.70 -59.57
N GLY G 182 -40.41 53.88 -59.39
CA GLY G 182 -39.32 54.05 -58.46
C GLY G 182 -39.77 53.98 -57.01
N LEU G 183 -38.81 54.10 -56.11
CA LEU G 183 -39.07 54.17 -54.69
C LEU G 183 -39.04 55.60 -54.16
N ARG G 184 -38.71 56.57 -55.00
CA ARG G 184 -38.52 57.95 -54.58
C ARG G 184 -39.78 58.78 -54.70
N ASP G 185 -40.32 58.91 -55.91
CA ASP G 185 -41.43 59.80 -56.18
C ASP G 185 -42.70 59.00 -56.48
N PHE G 186 -43.81 59.74 -56.57
CA PHE G 186 -45.11 59.15 -56.87
C PHE G 186 -45.58 59.67 -58.23
N LYS G 187 -45.84 58.77 -59.15
CA LYS G 187 -46.13 59.07 -60.53
C LYS G 187 -47.64 59.03 -60.77
N ALA G 188 -48.04 59.07 -62.04
CA ALA G 188 -49.43 58.92 -62.44
C ALA G 188 -49.51 57.90 -63.57
N ASP G 189 -50.41 56.93 -63.41
CA ASP G 189 -50.58 55.86 -64.39
C ASP G 189 -52.03 55.41 -64.35
N ALA G 190 -52.54 54.99 -65.51
CA ALA G 190 -53.95 54.63 -65.61
C ALA G 190 -54.26 53.34 -64.83
N GLU G 191 -53.42 52.31 -65.00
CA GLU G 191 -53.63 51.07 -64.26
C GLU G 191 -53.38 51.27 -62.77
N LEU G 192 -52.38 52.08 -62.43
CA LEU G 192 -52.09 52.37 -61.03
C LEU G 192 -53.23 53.16 -60.39
N ASP G 193 -53.83 54.09 -61.14
CA ASP G 193 -54.94 54.84 -60.57
C ASP G 193 -56.22 54.02 -60.52
N ALA G 194 -56.36 53.03 -61.41
CA ALA G 194 -57.49 52.10 -61.29
C ALA G 194 -57.36 51.24 -60.04
N LEU G 195 -56.14 50.76 -59.79
CA LEU G 195 -55.87 50.04 -58.54
C LEU G 195 -56.07 50.94 -57.33
N ALA G 196 -55.69 52.21 -57.45
CA ALA G 196 -55.89 53.18 -56.37
C ALA G 196 -57.37 53.42 -56.11
N GLU G 197 -58.18 53.44 -57.18
CA GLU G 197 -59.62 53.57 -57.01
C GLU G 197 -60.21 52.35 -56.33
N LEU G 198 -59.68 51.17 -56.63
CA LEU G 198 -60.12 49.96 -55.93
C LEU G 198 -59.78 50.01 -54.45
N ILE G 199 -58.55 50.42 -54.12
CA ILE G 199 -58.12 50.51 -52.73
C ILE G 199 -58.89 51.60 -52.00
N ALA G 200 -59.22 52.69 -52.68
CA ALA G 200 -59.99 53.76 -52.08
C ALA G 200 -61.43 53.34 -51.82
N SER G 201 -62.02 52.57 -52.74
CA SER G 201 -63.37 52.06 -52.52
C SER G 201 -63.40 51.04 -51.41
N GLY G 202 -62.30 50.29 -51.23
CA GLY G 202 -62.20 49.44 -50.06
C GLY G 202 -62.06 50.22 -48.77
N LEU G 203 -61.30 51.31 -48.81
CA LEU G 203 -61.06 52.13 -47.63
C LEU G 203 -62.25 52.98 -47.24
N SER G 204 -63.12 53.32 -48.19
CA SER G 204 -64.27 54.15 -47.93
C SER G 204 -65.47 53.37 -47.44
N GLY G 205 -65.32 52.08 -47.17
CA GLY G 205 -66.42 51.25 -46.75
C GLY G 205 -67.38 50.84 -47.84
N SER G 206 -67.16 51.27 -49.08
CA SER G 206 -68.05 50.98 -50.20
C SER G 206 -67.71 49.68 -50.89
N GLY G 207 -66.93 48.81 -50.26
CA GLY G 207 -66.61 47.52 -50.84
C GLY G 207 -65.59 46.81 -49.97
N HIS G 208 -65.60 45.50 -50.07
CA HIS G 208 -64.66 44.63 -49.36
C HIS G 208 -63.58 44.23 -50.35
N VAL G 209 -62.34 44.64 -50.09
CA VAL G 209 -61.26 44.44 -51.05
C VAL G 209 -60.32 43.36 -50.53
N LEU G 210 -60.11 42.33 -51.32
CA LEU G 210 -59.11 41.30 -51.06
C LEU G 210 -58.22 41.20 -52.28
N LEU G 211 -56.92 41.38 -52.07
CA LEU G 211 -55.93 41.31 -53.13
C LEU G 211 -54.95 40.18 -52.86
N GLU G 212 -54.44 39.61 -53.93
CA GLU G 212 -53.36 38.64 -53.88
C GLU G 212 -52.17 39.25 -54.61
N VAL G 213 -51.08 39.48 -53.90
CA VAL G 213 -49.89 40.12 -54.45
C VAL G 213 -48.80 39.07 -54.58
N VAL G 214 -48.28 38.91 -55.79
CA VAL G 214 -47.22 37.95 -56.09
C VAL G 214 -46.11 38.70 -56.81
N ALA G 215 -44.94 38.78 -56.19
CA ALA G 215 -43.79 39.48 -56.76
C ALA G 215 -42.76 38.48 -57.22
N PHE G 216 -42.20 38.71 -58.41
CA PHE G 216 -41.13 37.91 -58.97
C PHE G 216 -39.88 38.76 -59.08
N ALA G 217 -38.83 38.37 -58.38
CA ALA G 217 -37.55 39.06 -58.42
C ALA G 217 -36.53 38.17 -59.12
N ARG G 218 -35.91 38.70 -60.17
CA ARG G 218 -34.89 37.96 -60.92
C ARG G 218 -33.55 38.27 -60.28
N ILE G 219 -33.09 37.37 -59.43
CA ILE G 219 -31.90 37.59 -58.62
C ILE G 219 -30.68 36.88 -59.20
N GLY G 220 -30.83 35.59 -59.51
CA GLY G 220 -29.70 34.83 -60.01
C GLY G 220 -29.74 33.39 -59.52
N ASP G 221 -28.93 32.52 -60.12
CA ASP G 221 -28.95 31.11 -59.79
C ASP G 221 -28.24 30.88 -58.46
N GLY G 222 -28.97 30.32 -57.49
CA GLY G 222 -28.37 29.98 -56.23
C GLY G 222 -28.06 31.14 -55.31
N GLN G 223 -28.55 32.33 -55.62
CA GLN G 223 -28.25 33.49 -54.81
C GLN G 223 -29.04 33.45 -53.50
N GLU G 224 -28.56 34.23 -52.53
CA GLU G 224 -29.16 34.23 -51.21
C GLU G 224 -30.39 35.13 -51.19
N VAL G 225 -31.47 34.63 -50.61
CA VAL G 225 -32.64 35.43 -50.36
C VAL G 225 -32.70 35.75 -48.87
N PHE G 226 -33.58 36.67 -48.51
CA PHE G 226 -33.60 37.25 -47.17
C PHE G 226 -35.02 37.22 -46.61
N PRO G 227 -35.39 36.14 -45.94
CA PRO G 227 -36.68 36.10 -45.24
C PRO G 227 -36.60 36.86 -43.93
N SER G 228 -37.70 36.84 -43.20
CA SER G 228 -37.74 37.53 -41.92
C SER G 228 -36.92 36.75 -40.90
N GLN G 229 -36.48 37.45 -39.86
CA GLN G 229 -35.51 36.92 -38.93
C GLN G 229 -36.06 36.92 -37.52
N GLU G 230 -35.95 35.80 -36.83
CA GLU G 230 -36.54 35.63 -35.52
C GLU G 230 -35.64 36.23 -34.44
N LEU G 231 -35.95 35.93 -33.19
CA LEU G 231 -35.26 36.47 -32.04
C LEU G 231 -34.67 35.34 -31.20
N ILE G 232 -33.42 35.48 -30.80
CA ILE G 232 -32.72 34.47 -30.01
C ILE G 232 -32.36 35.09 -28.67
N LEU G 233 -32.81 34.46 -27.59
CA LEU G 233 -32.52 34.95 -26.25
C LEU G 233 -31.30 34.29 -25.62
N ASP G 234 -30.97 33.06 -26.01
CA ASP G 234 -29.81 32.39 -25.44
C ASP G 234 -29.27 31.35 -26.40
N LYS G 235 -28.00 30.99 -26.18
CA LYS G 235 -27.36 29.94 -26.98
C LYS G 235 -26.38 29.19 -26.10
N GLY G 236 -26.04 27.99 -26.53
CA GLY G 236 -25.12 27.14 -25.80
C GLY G 236 -24.33 26.21 -26.71
N GLN G 241 -23.35 27.62 -30.49
CA GLN G 241 -24.42 26.95 -31.22
C GLN G 241 -25.13 27.93 -32.15
N LYS G 242 -26.46 27.85 -32.20
CA LYS G 242 -27.25 28.58 -33.18
C LYS G 242 -27.30 30.07 -32.82
N SER G 243 -26.97 30.92 -33.79
CA SER G 243 -26.89 32.35 -33.56
C SER G 243 -27.70 33.17 -34.54
N LYS G 244 -28.50 32.54 -35.40
CA LYS G 244 -29.39 33.25 -36.30
C LYS G 244 -30.51 32.32 -36.72
N THR G 245 -31.75 32.76 -36.55
CA THR G 245 -32.92 31.98 -36.92
C THR G 245 -33.74 32.77 -37.92
N LEU G 246 -34.29 32.07 -38.91
CA LEU G 246 -35.11 32.67 -39.94
C LEU G 246 -36.55 32.21 -39.78
N TYR G 247 -37.48 33.09 -40.14
CA TYR G 247 -38.90 32.80 -39.99
C TYR G 247 -39.36 31.81 -41.05
N SER G 248 -40.19 30.86 -40.65
CA SER G 248 -40.69 29.87 -41.58
C SER G 248 -42.07 29.40 -41.17
N VAL G 249 -42.92 29.19 -42.18
CA VAL G 249 -44.29 28.70 -41.98
C VAL G 249 -44.43 27.39 -42.75
N ARG G 250 -44.41 26.27 -42.02
CA ARG G 250 -44.52 24.92 -42.56
C ARG G 250 -43.44 24.63 -43.60
N ASP G 251 -42.18 24.77 -43.17
CA ASP G 251 -40.98 24.45 -43.96
C ASP G 251 -40.91 25.26 -45.26
N ALA G 252 -41.30 26.52 -45.18
CA ALA G 252 -41.16 27.45 -46.29
C ALA G 252 -40.68 28.78 -45.71
N ALA G 253 -39.67 29.37 -46.34
CA ALA G 253 -39.14 30.63 -45.86
C ALA G 253 -40.18 31.74 -46.04
N ALA G 254 -40.30 32.60 -45.05
CA ALA G 254 -41.40 33.55 -45.04
C ALA G 254 -40.94 34.89 -44.48
N ILE G 255 -41.71 35.92 -44.81
CA ILE G 255 -41.54 37.26 -44.27
C ILE G 255 -42.71 37.51 -43.32
N HIS G 256 -42.43 38.19 -42.21
CA HIS G 256 -43.45 38.54 -41.24
C HIS G 256 -44.49 39.46 -41.87
N SER G 257 -45.72 39.38 -41.35
CA SER G 257 -46.80 40.22 -41.87
C SER G 257 -46.57 41.68 -41.52
N GLN G 258 -45.99 41.95 -40.35
CA GLN G 258 -45.71 43.33 -39.97
C GLN G 258 -44.57 43.93 -40.80
N LYS G 259 -43.70 43.10 -41.37
CA LYS G 259 -42.68 43.61 -42.27
C LYS G 259 -43.29 44.10 -43.57
N ILE G 260 -44.23 43.32 -44.13
CA ILE G 260 -44.98 43.74 -45.31
C ILE G 260 -45.81 44.97 -45.01
N GLY G 261 -46.42 45.02 -43.82
CA GLY G 261 -47.22 46.17 -43.45
C GLY G 261 -46.40 47.42 -43.25
N ASN G 262 -45.18 47.28 -42.74
CA ASN G 262 -44.29 48.43 -42.62
C ASN G 262 -43.82 48.89 -43.98
N ALA G 263 -43.69 47.96 -44.93
CA ALA G 263 -43.32 48.38 -46.27
C ALA G 263 -44.49 49.00 -47.02
N LEU G 264 -45.73 48.71 -46.62
CA LEU G 264 -46.88 49.23 -47.35
C LEU G 264 -47.12 50.69 -47.02
N ARG G 265 -47.07 51.06 -45.75
CA ARG G 265 -47.40 52.41 -45.31
C ARG G 265 -46.19 53.34 -45.31
N THR G 266 -45.18 53.06 -46.13
CA THR G 266 -44.01 53.93 -46.29
C THR G 266 -44.36 55.02 -47.30
N ILE G 267 -45.20 55.95 -46.86
CA ILE G 267 -45.83 56.91 -47.76
C ILE G 267 -45.59 58.34 -47.28
N ASP G 268 -45.11 58.50 -46.04
CA ASP G 268 -45.02 59.80 -45.39
C ASP G 268 -43.90 60.62 -46.03
N THR G 269 -44.28 61.58 -46.88
CA THR G 269 -43.33 62.49 -47.50
C THR G 269 -43.44 63.90 -46.93
N TRP G 270 -44.07 64.06 -45.77
CA TRP G 270 -44.38 65.37 -45.22
C TRP G 270 -43.72 65.59 -43.86
N TYR G 271 -42.61 64.95 -43.59
CA TYR G 271 -41.94 65.18 -42.32
C TYR G 271 -41.14 66.48 -42.41
N PRO G 272 -41.01 67.21 -41.30
CA PRO G 272 -40.45 68.57 -41.37
C PRO G 272 -38.96 68.64 -41.64
N ASP G 273 -38.23 67.52 -41.59
CA ASP G 273 -36.79 67.57 -41.74
C ASP G 273 -36.40 67.87 -43.18
N GLU G 274 -36.79 67.00 -44.11
CA GLU G 274 -36.43 67.15 -45.51
C GLU G 274 -37.47 66.45 -46.36
N ASP G 275 -37.24 66.44 -47.66
CA ASP G 275 -38.07 65.70 -48.59
C ASP G 275 -37.27 64.91 -49.62
N GLY G 276 -35.98 65.20 -49.78
CA GLY G 276 -35.14 64.46 -50.69
C GLY G 276 -34.69 63.11 -50.21
N LEU G 277 -34.93 62.79 -48.93
CA LEU G 277 -34.58 61.47 -48.42
C LEU G 277 -35.55 60.41 -48.93
N GLY G 278 -36.83 60.75 -49.00
CA GLY G 278 -37.83 59.82 -49.48
C GLY G 278 -38.92 59.59 -48.45
N PRO G 279 -39.92 58.77 -48.79
CA PRO G 279 -41.00 58.49 -47.85
C PRO G 279 -40.55 57.59 -46.72
N ILE G 280 -41.13 57.82 -45.55
CA ILE G 280 -40.93 56.95 -44.40
C ILE G 280 -42.28 56.35 -44.02
N ALA G 281 -42.25 55.39 -43.11
CA ALA G 281 -43.47 54.76 -42.65
C ALA G 281 -44.19 55.68 -41.68
N VAL G 282 -45.52 55.69 -41.77
CA VAL G 282 -46.32 56.56 -40.92
C VAL G 282 -46.37 55.96 -39.51
N GLU G 283 -45.91 56.74 -38.53
CA GLU G 283 -45.89 56.36 -37.13
C GLU G 283 -46.18 57.59 -36.28
N PRO G 284 -46.68 57.40 -35.07
CA PRO G 284 -46.65 58.51 -34.09
C PRO G 284 -45.21 58.81 -33.72
N TYR G 285 -44.85 60.09 -33.81
CA TYR G 285 -43.46 60.56 -33.87
C TYR G 285 -42.69 59.75 -34.92
N GLY G 286 -43.09 59.95 -36.18
CA GLY G 286 -42.74 59.09 -37.29
C GLY G 286 -41.25 58.88 -37.50
N SER G 287 -40.80 57.69 -37.14
CA SER G 287 -39.40 57.42 -36.90
C SER G 287 -38.96 56.20 -37.70
N VAL G 288 -37.65 56.10 -37.90
CA VAL G 288 -37.03 54.96 -38.54
C VAL G 288 -36.01 54.35 -37.58
N THR G 289 -36.04 53.02 -37.46
CA THR G 289 -35.07 52.33 -36.61
C THR G 289 -33.72 52.18 -37.29
N SER G 290 -33.70 52.22 -38.62
CA SER G 290 -32.44 52.09 -39.34
C SER G 290 -31.57 53.32 -39.16
N GLN G 291 -32.18 54.48 -38.94
CA GLN G 291 -31.42 55.69 -38.69
C GLN G 291 -31.39 56.08 -37.22
N GLY G 292 -32.23 55.47 -36.39
CA GLY G 292 -32.20 55.72 -34.96
C GLY G 292 -32.63 57.12 -34.55
N LYS G 293 -33.39 57.80 -35.40
CA LYS G 293 -33.71 59.20 -35.21
C LYS G 293 -35.20 59.40 -35.44
N ALA G 294 -35.79 60.30 -34.67
CA ALA G 294 -37.21 60.62 -34.80
C ALA G 294 -37.37 61.82 -35.72
N TYR G 295 -37.87 61.58 -36.92
CA TYR G 295 -38.57 62.65 -37.60
C TYR G 295 -39.90 62.89 -36.88
N ARG G 296 -40.43 64.10 -37.06
CA ARG G 296 -41.65 64.57 -36.40
C ARG G 296 -41.55 64.47 -34.88
N GLN G 297 -40.55 65.17 -34.34
CA GLN G 297 -40.39 65.28 -32.91
C GLN G 297 -41.57 66.03 -32.30
N PRO G 298 -41.91 65.76 -31.02
CA PRO G 298 -42.98 66.54 -30.39
C PRO G 298 -42.58 67.97 -30.04
N LYS G 299 -41.30 68.32 -30.07
CA LYS G 299 -40.92 69.71 -29.89
C LYS G 299 -41.29 70.54 -31.11
N GLN G 300 -41.12 69.99 -32.30
CA GLN G 300 -41.80 70.55 -33.46
C GLN G 300 -43.29 70.23 -33.35
N LYS G 301 -44.10 71.03 -34.01
CA LYS G 301 -45.55 70.89 -33.89
C LYS G 301 -46.10 70.05 -35.04
N LEU G 302 -45.49 68.87 -35.25
CA LEU G 302 -45.86 68.05 -36.38
C LEU G 302 -45.91 66.56 -36.09
N ASP G 303 -45.93 66.13 -34.83
CA ASP G 303 -46.14 64.72 -34.55
C ASP G 303 -47.62 64.38 -34.65
N PHE G 304 -47.95 63.12 -34.40
CA PHE G 304 -49.33 62.67 -34.57
C PHE G 304 -50.24 63.15 -33.44
N TYR G 305 -49.73 63.15 -32.21
CA TYR G 305 -50.59 63.38 -31.05
C TYR G 305 -51.00 64.84 -30.93
N THR G 306 -50.05 65.77 -31.12
CA THR G 306 -50.39 67.18 -31.09
C THR G 306 -51.27 67.57 -32.25
N LEU G 307 -51.08 66.94 -33.41
CA LEU G 307 -51.93 67.22 -34.57
C LEU G 307 -53.35 66.72 -34.32
N LEU G 308 -53.50 65.55 -33.70
CA LEU G 308 -54.83 65.03 -33.41
C LEU G 308 -55.53 65.86 -32.34
N ASP G 309 -54.78 66.29 -31.32
CA ASP G 309 -55.37 67.10 -30.27
C ASP G 309 -55.70 68.51 -30.76
N ASN G 310 -54.98 69.00 -31.77
CA ASN G 310 -55.37 70.28 -32.36
C ASN G 310 -56.56 70.14 -33.28
N TRP G 311 -56.66 69.03 -34.02
CA TRP G 311 -57.76 68.89 -34.97
C TRP G 311 -59.07 68.56 -34.27
N VAL G 312 -59.03 67.78 -33.20
CA VAL G 312 -60.27 67.32 -32.59
C VAL G 312 -60.70 68.21 -31.44
N LEU G 313 -59.81 68.47 -30.49
CA LEU G 313 -60.18 69.27 -29.33
C LEU G 313 -60.29 70.75 -29.67
N ARG G 314 -59.19 71.36 -30.11
CA ARG G 314 -59.15 72.79 -30.37
C ARG G 314 -59.60 73.17 -31.76
N ASP G 315 -60.05 72.19 -32.57
CA ASP G 315 -60.62 72.38 -33.90
C ASP G 315 -59.67 73.08 -34.87
N GLU G 316 -58.37 72.92 -34.66
CA GLU G 316 -57.37 73.53 -35.53
C GLU G 316 -57.05 72.51 -36.62
N ALA G 317 -57.68 72.69 -37.77
CA ALA G 317 -57.44 71.81 -38.90
C ALA G 317 -56.06 72.08 -39.48
N PRO G 318 -55.16 71.12 -39.48
CA PRO G 318 -53.81 71.34 -40.01
C PRO G 318 -53.83 71.32 -41.53
N ALA G 319 -52.64 71.47 -42.12
CA ALA G 319 -52.50 71.45 -43.57
C ALA G 319 -52.87 70.07 -44.12
N VAL G 320 -53.30 70.06 -45.38
CA VAL G 320 -54.01 68.90 -45.93
C VAL G 320 -53.09 67.68 -46.07
N GLU G 321 -51.78 67.91 -46.22
CA GLU G 321 -50.86 66.79 -46.22
C GLU G 321 -50.64 66.25 -44.81
N GLN G 322 -50.70 67.11 -43.79
CA GLN G 322 -50.66 66.62 -42.42
C GLN G 322 -51.97 65.96 -42.04
N GLN G 323 -53.06 66.37 -42.68
CA GLN G 323 -54.32 65.64 -42.53
C GLN G 323 -54.21 64.25 -43.14
N HIS G 324 -53.55 64.13 -44.29
CA HIS G 324 -53.24 62.83 -44.86
C HIS G 324 -52.40 61.99 -43.90
N TYR G 325 -51.44 62.62 -43.23
CA TYR G 325 -50.58 61.90 -42.28
C TYR G 325 -51.37 61.37 -41.08
N VAL G 326 -52.23 62.20 -40.49
CA VAL G 326 -52.96 61.76 -39.30
C VAL G 326 -54.02 60.71 -39.67
N ILE G 327 -54.64 60.83 -40.84
CA ILE G 327 -55.59 59.80 -41.24
C ILE G 327 -54.87 58.50 -41.64
N ALA G 328 -53.64 58.61 -42.15
CA ALA G 328 -52.84 57.41 -42.40
C ALA G 328 -52.46 56.72 -41.09
N ASN G 329 -52.19 57.50 -40.05
CA ASN G 329 -51.97 56.92 -38.72
C ASN G 329 -53.24 56.25 -38.20
N LEU G 330 -54.41 56.79 -38.54
CA LEU G 330 -55.65 56.14 -38.13
C LEU G 330 -55.86 54.83 -38.88
N ILE G 331 -55.44 54.78 -40.15
CA ILE G 331 -55.53 53.53 -40.92
C ILE G 331 -54.53 52.51 -40.38
N ARG G 332 -53.37 52.98 -39.92
CA ARG G 332 -52.37 52.08 -39.35
C ARG G 332 -52.87 51.41 -38.07
N GLY G 333 -53.67 52.11 -37.27
CA GLY G 333 -54.12 51.58 -36.01
C GLY G 333 -53.09 51.79 -34.92
N GLY G 334 -53.49 51.49 -33.70
CA GLY G 334 -52.59 51.63 -32.58
C GLY G 334 -53.35 51.86 -31.29
N VAL G 335 -52.59 52.14 -30.24
CA VAL G 335 -53.12 52.34 -28.89
C VAL G 335 -52.80 53.77 -28.52
N PHE G 336 -53.82 54.62 -28.48
CA PHE G 336 -53.63 56.04 -28.19
C PHE G 336 -54.34 56.38 -26.89
N GLY G 337 -53.71 57.17 -26.05
CA GLY G 337 -54.34 57.56 -24.81
C GLY G 337 -53.33 57.66 -23.68
N GLU G 338 -53.87 57.60 -22.47
CA GLU G 338 -53.08 57.85 -21.27
C GLU G 338 -52.82 56.56 -20.51
N SER H 7 -88.88 40.54 2.88
CA SER H 7 -87.61 41.08 2.42
C SER H 7 -86.91 40.10 1.48
N THR H 8 -85.90 40.59 0.77
CA THR H 8 -85.13 39.73 -0.12
C THR H 8 -84.24 38.80 0.67
N ALA H 9 -83.87 37.67 0.06
CA ALA H 9 -83.01 36.71 0.74
C ALA H 9 -81.59 37.23 0.81
N SER H 10 -80.85 36.76 1.82
CA SER H 10 -79.48 37.23 2.00
C SER H 10 -78.53 36.57 1.01
N VAL H 11 -78.73 35.28 0.71
CA VAL H 11 -78.02 34.62 -0.38
C VAL H 11 -79.05 34.28 -1.46
N LEU H 12 -78.60 34.29 -2.70
CA LEU H 12 -79.46 34.01 -3.84
C LEU H 12 -78.58 33.64 -5.02
N ALA H 13 -78.75 32.43 -5.53
CA ALA H 13 -77.85 31.89 -6.55
C ALA H 13 -78.66 31.37 -7.72
N PHE H 14 -78.29 31.77 -8.94
CA PHE H 14 -78.93 31.29 -10.16
C PHE H 14 -77.87 30.65 -11.04
N GLU H 15 -77.99 29.34 -11.25
CA GLU H 15 -77.16 28.67 -12.24
C GLU H 15 -77.58 29.10 -13.63
N ARG H 16 -76.61 29.21 -14.53
CA ARG H 16 -76.87 29.74 -15.86
C ARG H 16 -77.56 28.71 -16.74
N LYS H 17 -78.34 29.20 -17.68
CA LYS H 17 -78.85 28.42 -18.80
C LYS H 17 -78.14 28.85 -20.07
N LEU H 18 -78.46 28.16 -21.17
CA LEU H 18 -77.78 28.29 -22.46
C LEU H 18 -76.28 28.07 -22.32
N ASP H 19 -75.92 26.86 -21.90
CA ASP H 19 -74.52 26.52 -21.66
C ASP H 19 -73.78 26.34 -22.98
N PRO H 20 -72.77 27.15 -23.27
CA PRO H 20 -71.99 26.94 -24.48
C PRO H 20 -70.75 26.08 -24.23
N SER H 21 -70.09 25.71 -25.31
CA SER H 21 -68.82 25.02 -25.25
C SER H 21 -67.70 25.96 -25.70
N ASP H 22 -66.47 25.50 -25.54
CA ASP H 22 -65.34 26.23 -26.10
C ASP H 22 -65.32 26.04 -27.60
N ALA H 23 -65.48 27.14 -28.33
CA ALA H 23 -65.67 27.09 -29.77
C ALA H 23 -64.34 26.80 -30.47
N LEU H 24 -64.25 25.65 -31.13
CA LEU H 24 -63.02 25.23 -31.76
C LEU H 24 -62.94 25.75 -33.19
N MET H 25 -61.73 26.13 -33.59
CA MET H 25 -61.47 26.68 -34.91
C MET H 25 -60.86 25.61 -35.82
N SER H 26 -61.16 25.73 -37.11
CA SER H 26 -60.61 24.86 -38.13
C SER H 26 -60.64 25.63 -39.44
N ALA H 27 -59.99 25.10 -40.45
CA ALA H 27 -59.83 25.84 -41.70
C ALA H 27 -60.13 24.96 -42.90
N GLY H 28 -60.47 25.63 -43.99
CA GLY H 28 -60.67 24.92 -45.23
C GLY H 28 -61.00 25.88 -46.35
N ALA H 29 -61.46 25.32 -47.46
CA ALA H 29 -61.88 26.10 -48.61
C ALA H 29 -63.39 26.24 -48.65
N TRP H 30 -63.86 27.35 -49.21
CA TRP H 30 -65.27 27.54 -49.46
C TRP H 30 -65.77 26.54 -50.49
N ALA H 31 -67.06 26.24 -50.44
CA ALA H 31 -67.80 25.21 -51.18
C ALA H 31 -67.36 23.80 -50.86
N GLN H 32 -66.56 23.61 -49.80
CA GLN H 32 -66.33 22.29 -49.22
C GLN H 32 -66.93 22.19 -47.82
N ARG H 33 -67.82 23.13 -47.48
CA ARG H 33 -68.32 23.25 -46.12
C ARG H 33 -69.26 22.12 -45.73
N ASP H 34 -69.88 21.46 -46.70
CA ASP H 34 -70.73 20.32 -46.38
C ASP H 34 -69.89 19.09 -46.09
N ALA H 35 -68.71 18.99 -46.68
CA ALA H 35 -67.74 17.94 -46.38
C ALA H 35 -66.69 18.40 -45.38
N SER H 36 -67.05 19.34 -44.51
CA SER H 36 -66.09 19.93 -43.57
C SER H 36 -66.14 19.22 -42.23
N GLN H 37 -65.91 17.90 -42.27
CA GLN H 37 -65.79 17.11 -41.07
C GLN H 37 -64.35 16.67 -40.78
N GLU H 38 -63.53 16.55 -41.82
CA GLU H 38 -62.10 16.27 -41.68
C GLU H 38 -61.26 17.50 -41.92
N TRP H 39 -61.76 18.67 -41.57
CA TRP H 39 -61.00 19.89 -41.77
C TRP H 39 -59.94 20.02 -40.69
N PRO H 40 -58.71 20.40 -41.02
CA PRO H 40 -57.66 20.46 -40.01
C PRO H 40 -57.81 21.67 -39.11
N ALA H 41 -57.31 21.54 -37.89
CA ALA H 41 -57.42 22.61 -36.91
C ALA H 41 -56.49 23.76 -37.27
N VAL H 42 -56.89 24.96 -36.86
CA VAL H 42 -56.02 26.12 -36.95
C VAL H 42 -55.09 26.10 -35.74
N THR H 43 -53.79 26.06 -35.99
CA THR H 43 -52.81 25.95 -34.91
C THR H 43 -52.40 27.34 -34.43
N VAL H 44 -51.82 27.36 -33.24
CA VAL H 44 -51.27 28.59 -32.66
C VAL H 44 -49.75 28.51 -32.77
N ARG H 45 -49.17 29.51 -33.44
CA ARG H 45 -47.74 29.62 -33.61
C ARG H 45 -47.21 30.78 -32.78
N GLU H 46 -45.90 30.90 -32.74
CA GLU H 46 -45.25 32.05 -32.13
C GLU H 46 -44.42 32.77 -33.20
N LYS H 47 -44.27 34.07 -33.02
CA LYS H 47 -43.37 34.83 -33.87
C LYS H 47 -42.79 35.97 -33.05
N SER H 48 -41.79 36.63 -33.64
CA SER H 48 -41.11 37.75 -33.01
C SER H 48 -41.55 39.04 -33.67
N VAL H 49 -41.71 40.08 -32.87
CA VAL H 49 -42.04 41.40 -33.37
C VAL H 49 -41.01 42.38 -32.83
N ARG H 50 -40.59 43.32 -33.66
CA ARG H 50 -39.79 44.45 -33.22
C ARG H 50 -40.59 45.72 -33.50
N GLY H 51 -41.04 46.37 -32.44
CA GLY H 51 -41.76 47.61 -32.56
C GLY H 51 -40.85 48.80 -32.37
N THR H 52 -41.46 49.93 -32.00
CA THR H 52 -40.72 51.15 -31.74
C THR H 52 -41.54 52.00 -30.77
N ILE H 53 -41.04 53.20 -30.51
CA ILE H 53 -41.71 54.13 -29.60
C ILE H 53 -42.85 54.79 -30.36
N SER H 54 -44.09 54.46 -30.00
CA SER H 54 -45.25 55.03 -30.66
C SER H 54 -46.36 55.47 -29.71
N ASN H 55 -46.30 55.10 -28.44
CA ASN H 55 -47.35 55.49 -27.52
C ASN H 55 -47.11 56.92 -27.01
N ARG H 56 -48.11 57.44 -26.30
CA ARG H 56 -48.03 58.78 -25.73
C ARG H 56 -47.08 58.78 -24.54
N LEU H 57 -45.94 59.43 -24.69
CA LEU H 57 -45.10 59.64 -23.52
C LEU H 57 -45.64 60.83 -22.72
N LYS H 58 -45.00 61.09 -21.58
CA LYS H 58 -45.56 61.94 -20.52
C LYS H 58 -45.69 63.41 -20.90
N THR H 59 -45.12 63.83 -22.03
CA THR H 59 -45.14 65.18 -22.61
C THR H 59 -44.51 66.24 -21.70
N LYS H 60 -43.81 65.83 -20.65
CA LYS H 60 -42.88 66.67 -19.92
C LYS H 60 -41.47 66.14 -20.00
N ASP H 61 -41.29 64.93 -20.53
CA ASP H 61 -40.00 64.29 -20.72
C ASP H 61 -39.71 64.07 -22.20
N ARG H 62 -40.23 64.95 -23.05
CA ARG H 62 -40.16 64.78 -24.50
C ARG H 62 -38.71 64.79 -25.00
N ASP H 63 -38.02 65.96 -24.88
CA ASP H 63 -36.57 66.16 -24.91
C ASP H 63 -35.86 65.38 -26.00
N PRO H 64 -35.93 65.82 -27.28
CA PRO H 64 -35.70 64.95 -28.44
C PRO H 64 -34.41 64.12 -28.46
N ALA H 65 -33.38 64.53 -27.72
CA ALA H 65 -32.20 63.70 -27.53
C ALA H 65 -32.54 62.41 -26.79
N LYS H 66 -33.32 62.51 -25.71
CA LYS H 66 -33.69 61.30 -25.00
C LYS H 66 -34.77 60.50 -25.73
N LEU H 67 -35.53 61.14 -26.64
CA LEU H 67 -36.43 60.39 -27.50
C LEU H 67 -35.64 59.56 -28.50
N ASP H 68 -34.58 60.13 -29.08
CA ASP H 68 -33.70 59.36 -29.94
C ASP H 68 -32.97 58.28 -29.15
N ALA H 69 -32.68 58.54 -27.88
CA ALA H 69 -32.04 57.52 -27.04
C ALA H 69 -33.00 56.37 -26.75
N SER H 70 -34.28 56.67 -26.57
CA SER H 70 -35.26 55.61 -26.34
C SER H 70 -35.57 54.86 -27.62
N ILE H 71 -35.43 55.50 -28.78
CA ILE H 71 -35.66 54.82 -30.04
C ILE H 71 -34.54 53.83 -30.33
N GLN H 72 -33.29 54.21 -30.03
CA GLN H 72 -32.14 53.38 -30.38
C GLN H 72 -31.98 52.17 -29.48
N SER H 73 -32.83 51.98 -28.47
CA SER H 73 -32.94 50.70 -27.79
C SER H 73 -34.05 49.91 -28.45
N PRO H 74 -33.78 48.75 -29.03
CA PRO H 74 -34.81 48.04 -29.80
C PRO H 74 -35.84 47.39 -28.90
N ASN H 75 -37.11 47.51 -29.31
CA ASN H 75 -38.23 46.95 -28.56
C ASN H 75 -38.66 45.65 -29.22
N LEU H 76 -38.51 44.55 -28.50
CA LEU H 76 -38.77 43.22 -29.05
C LEU H 76 -39.75 42.47 -28.18
N GLN H 77 -40.65 41.74 -28.82
CA GLN H 77 -41.59 40.90 -28.09
C GLN H 77 -41.74 39.58 -28.83
N THR H 78 -42.17 38.56 -28.08
CA THR H 78 -42.63 37.30 -28.63
C THR H 78 -44.14 37.30 -28.52
N VAL H 79 -44.82 37.03 -29.62
CA VAL H 79 -46.27 37.01 -29.60
C VAL H 79 -46.76 35.68 -30.13
N ASP H 80 -47.91 35.25 -29.62
CA ASP H 80 -48.62 34.15 -30.24
C ASP H 80 -49.48 34.69 -31.36
N VAL H 81 -49.74 33.82 -32.34
CA VAL H 81 -50.48 34.22 -33.53
C VAL H 81 -51.20 32.99 -34.05
N ALA H 82 -52.25 33.22 -34.84
CA ALA H 82 -52.99 32.15 -35.48
C ALA H 82 -53.43 32.64 -36.84
N ASN H 83 -53.07 31.90 -37.88
CA ASN H 83 -53.41 32.28 -39.24
C ASN H 83 -54.10 31.10 -39.92
N LEU H 84 -54.80 31.41 -40.99
CA LEU H 84 -55.27 30.37 -41.88
C LEU H 84 -54.10 29.82 -42.69
N PRO H 85 -54.21 28.61 -43.20
CA PRO H 85 -53.25 28.15 -44.20
C PRO H 85 -53.35 28.99 -45.47
N SER H 86 -52.24 29.03 -46.21
CA SER H 86 -52.17 29.85 -47.41
C SER H 86 -53.00 29.32 -48.57
N ASP H 87 -53.51 28.09 -48.47
CA ASP H 87 -54.40 27.52 -49.46
C ASP H 87 -55.85 27.47 -49.01
N ALA H 88 -56.15 27.93 -47.80
CA ALA H 88 -57.49 27.92 -47.25
C ALA H 88 -57.97 29.34 -47.02
N ASP H 89 -59.25 29.59 -47.32
CA ASP H 89 -59.82 30.92 -47.18
C ASP H 89 -61.01 30.97 -46.23
N THR H 90 -61.40 29.83 -45.66
CA THR H 90 -62.63 29.72 -44.89
C THR H 90 -62.30 29.26 -43.48
N LEU H 91 -62.78 30.02 -42.50
CA LEU H 91 -62.63 29.68 -41.09
C LEU H 91 -63.93 29.07 -40.58
N LYS H 92 -63.84 27.86 -40.03
CA LYS H 92 -64.98 27.14 -39.49
C LYS H 92 -64.85 27.12 -37.97
N VAL H 93 -65.83 27.68 -37.29
CA VAL H 93 -65.85 27.74 -35.83
C VAL H 93 -67.05 26.96 -35.33
N ARG H 94 -66.81 25.96 -34.48
CA ARG H 94 -67.84 25.02 -34.06
C ARG H 94 -67.97 25.03 -32.55
N PHE H 95 -69.20 25.16 -32.05
CA PHE H 95 -69.45 24.98 -30.63
C PHE H 95 -70.80 24.32 -30.43
N THR H 96 -71.06 23.91 -29.19
CA THR H 96 -72.31 23.28 -28.81
C THR H 96 -73.04 24.15 -27.81
N LEU H 97 -74.36 24.05 -27.81
CA LEU H 97 -75.21 24.84 -26.93
C LEU H 97 -76.24 23.93 -26.27
N ARG H 98 -76.34 24.00 -24.96
CA ARG H 98 -77.24 23.15 -24.17
C ARG H 98 -78.32 24.02 -23.54
N VAL H 99 -79.56 23.86 -24.02
CA VAL H 99 -80.71 24.59 -23.51
C VAL H 99 -81.45 23.68 -22.56
N LEU H 100 -81.60 24.11 -21.30
CA LEU H 100 -82.08 23.24 -20.23
C LEU H 100 -83.51 23.55 -19.81
N GLY H 101 -83.80 24.77 -19.38
CA GLY H 101 -85.11 25.12 -18.88
C GLY H 101 -85.17 25.10 -17.36
N GLY H 102 -86.23 25.71 -16.84
CA GLY H 102 -86.36 25.90 -15.41
C GLY H 102 -85.51 27.06 -14.95
N ALA H 103 -85.73 28.23 -15.56
CA ALA H 103 -84.88 29.39 -15.34
C ALA H 103 -85.18 30.12 -14.05
N GLY H 104 -86.35 29.91 -13.46
CA GLY H 104 -86.70 30.66 -12.26
C GLY H 104 -86.17 30.07 -10.98
N THR H 105 -85.93 28.77 -10.96
CA THR H 105 -85.58 28.07 -9.72
C THR H 105 -84.17 28.41 -9.27
N PRO H 106 -83.98 28.94 -8.06
CA PRO H 106 -82.63 29.22 -7.58
C PRO H 106 -81.91 27.97 -7.13
N SER H 107 -80.59 28.07 -7.08
CA SER H 107 -79.76 27.00 -6.54
C SER H 107 -79.46 27.18 -5.06
N ALA H 108 -79.77 28.35 -4.49
CA ALA H 108 -79.51 28.64 -3.09
C ALA H 108 -80.38 29.83 -2.68
N CYS H 109 -81.11 29.68 -1.57
CA CYS H 109 -81.97 30.76 -1.10
C CYS H 109 -82.28 30.53 0.39
N ASN H 110 -82.12 31.60 1.19
CA ASN H 110 -82.37 31.49 2.62
C ASN H 110 -83.86 31.41 2.94
N ASP H 111 -84.59 32.48 2.63
CA ASP H 111 -85.98 32.61 3.03
C ASP H 111 -86.88 31.85 2.05
N ALA H 112 -87.75 31.00 2.59
CA ALA H 112 -88.66 30.26 1.74
C ALA H 112 -89.72 31.17 1.14
N ALA H 113 -90.08 32.25 1.86
CA ALA H 113 -91.14 33.14 1.41
C ALA H 113 -90.71 33.93 0.17
N TYR H 114 -89.49 34.46 0.17
CA TYR H 114 -88.95 35.11 -1.02
C TYR H 114 -88.80 34.13 -2.17
N ARG H 115 -88.49 32.87 -1.86
CA ARG H 115 -88.37 31.85 -2.89
C ARG H 115 -89.70 31.57 -3.58
N ASP H 116 -90.77 31.36 -2.80
CA ASP H 116 -92.05 31.08 -3.43
C ASP H 116 -92.64 32.33 -4.09
N LYS H 117 -92.34 33.52 -3.53
CA LYS H 117 -92.80 34.75 -4.16
C LYS H 117 -92.13 34.97 -5.50
N LEU H 118 -90.82 34.70 -5.59
CA LEU H 118 -90.12 34.83 -6.88
C LEU H 118 -90.55 33.74 -7.85
N LEU H 119 -90.81 32.53 -7.34
CA LEU H 119 -91.25 31.44 -8.20
C LEU H 119 -92.63 31.70 -8.78
N GLN H 120 -93.55 32.23 -7.97
CA GLN H 120 -94.85 32.57 -8.52
C GLN H 120 -94.78 33.83 -9.37
N THR H 121 -93.79 34.70 -9.14
CA THR H 121 -93.59 35.85 -10.03
C THR H 121 -93.16 35.39 -11.43
N VAL H 122 -92.21 34.47 -11.51
CA VAL H 122 -91.76 34.03 -12.82
C VAL H 122 -92.78 33.09 -13.45
N ALA H 123 -93.56 32.37 -12.63
CA ALA H 123 -94.68 31.58 -13.15
C ALA H 123 -95.76 32.47 -13.76
N THR H 124 -96.08 33.59 -13.10
CA THR H 124 -97.00 34.54 -13.68
C THR H 124 -96.43 35.19 -14.93
N TYR H 125 -95.11 35.42 -14.95
CA TYR H 125 -94.47 36.03 -16.11
C TYR H 125 -94.55 35.13 -17.33
N VAL H 126 -94.34 33.82 -17.14
CA VAL H 126 -94.47 32.91 -18.27
C VAL H 126 -95.96 32.67 -18.57
N ASN H 127 -96.86 32.96 -17.62
CA ASN H 127 -98.28 32.90 -17.91
C ASN H 127 -98.73 34.06 -18.79
N GLU H 128 -98.15 35.25 -18.63
CA GLU H 128 -98.50 36.37 -19.51
C GLU H 128 -98.07 36.12 -20.95
N GLN H 129 -96.76 36.00 -21.17
CA GLN H 129 -96.24 35.63 -22.47
C GLN H 129 -95.11 34.64 -22.25
N GLY H 130 -94.80 33.89 -23.30
CA GLY H 130 -93.74 32.92 -23.23
C GLY H 130 -92.36 33.55 -23.32
N PHE H 131 -91.37 32.70 -23.59
CA PHE H 131 -90.01 33.15 -23.78
C PHE H 131 -89.73 33.56 -25.22
N ALA H 132 -90.76 33.69 -26.05
CA ALA H 132 -90.59 33.80 -27.51
C ALA H 132 -89.92 35.09 -27.92
N GLU H 133 -90.03 36.16 -27.12
CA GLU H 133 -89.25 37.36 -27.39
C GLU H 133 -87.77 37.14 -27.10
N LEU H 134 -87.46 36.60 -25.93
CA LEU H 134 -86.07 36.31 -25.57
C LEU H 134 -85.50 35.20 -26.42
N ALA H 135 -86.29 34.17 -26.69
CA ALA H 135 -85.82 33.09 -27.56
C ALA H 135 -85.68 33.56 -29.01
N ARG H 136 -86.49 34.54 -29.43
CA ARG H 136 -86.33 35.11 -30.76
C ARG H 136 -85.06 35.93 -30.85
N ARG H 137 -84.74 36.69 -29.80
CA ARG H 137 -83.48 37.44 -29.80
C ARG H 137 -82.26 36.53 -29.68
N TYR H 138 -82.40 35.40 -28.99
CA TYR H 138 -81.31 34.43 -28.92
C TYR H 138 -81.13 33.71 -30.25
N ALA H 139 -82.22 33.42 -30.95
CA ALA H 139 -82.12 32.90 -32.31
C ALA H 139 -81.56 33.95 -33.27
N HIS H 140 -81.74 35.23 -32.96
CA HIS H 140 -81.12 36.28 -33.75
C HIS H 140 -79.61 36.31 -33.54
N ASN H 141 -79.16 36.25 -32.28
CA ASN H 141 -77.74 36.27 -32.00
C ASN H 141 -77.05 34.96 -32.41
N LEU H 142 -77.80 33.88 -32.53
CA LEU H 142 -77.27 32.69 -33.19
C LEU H 142 -77.35 32.80 -34.70
N ALA H 143 -78.25 33.63 -35.22
CA ALA H 143 -78.43 33.74 -36.66
C ALA H 143 -77.30 34.53 -37.30
N ASN H 144 -77.10 35.76 -36.88
CA ASN H 144 -75.88 36.45 -37.23
C ASN H 144 -74.74 35.87 -36.41
N ALA H 145 -73.54 35.88 -37.01
CA ALA H 145 -72.39 35.27 -36.36
C ALA H 145 -71.68 36.30 -35.49
N ARG H 146 -72.38 36.69 -34.42
CA ARG H 146 -71.81 37.64 -33.49
C ARG H 146 -70.76 37.01 -32.57
N PHE H 147 -70.75 35.69 -32.47
CA PHE H 147 -69.73 35.02 -31.66
C PHE H 147 -68.37 35.04 -32.33
N LEU H 148 -68.32 35.17 -33.65
CA LEU H 148 -67.08 35.50 -34.35
C LEU H 148 -66.83 36.98 -34.08
N TRP H 149 -66.05 37.26 -33.04
CA TRP H 149 -65.96 38.62 -32.53
C TRP H 149 -65.23 39.55 -33.48
N ARG H 150 -63.95 39.28 -33.74
CA ARG H 150 -63.22 40.06 -34.73
C ARG H 150 -63.10 39.34 -36.06
N ASN H 151 -63.35 38.03 -36.09
CA ASN H 151 -63.26 37.25 -37.32
C ASN H 151 -64.38 37.58 -38.29
N ARG H 152 -65.50 38.11 -37.81
CA ARG H 152 -66.58 38.53 -38.68
C ARG H 152 -66.37 39.93 -39.25
N VAL H 153 -65.47 40.71 -38.66
CA VAL H 153 -65.22 42.07 -39.11
C VAL H 153 -64.53 42.03 -40.47
N GLY H 154 -65.20 42.53 -41.49
CA GLY H 154 -64.63 42.55 -42.83
C GLY H 154 -64.70 41.24 -43.56
N ALA H 155 -65.46 40.28 -43.07
CA ALA H 155 -65.58 38.99 -43.74
C ALA H 155 -66.38 39.13 -45.03
N GLU H 156 -66.07 38.27 -46.00
CA GLU H 156 -66.74 38.35 -47.29
C GLU H 156 -68.10 37.67 -47.26
N ALA H 157 -68.15 36.44 -46.75
CA ALA H 157 -69.39 35.67 -46.76
C ALA H 157 -69.42 34.80 -45.51
N VAL H 158 -70.40 35.06 -44.65
CA VAL H 158 -70.56 34.30 -43.41
C VAL H 158 -71.83 33.48 -43.52
N GLU H 159 -71.75 32.21 -43.12
CA GLU H 159 -72.89 31.31 -43.14
C GLU H 159 -72.89 30.47 -41.87
N VAL H 160 -74.02 30.43 -41.18
CA VAL H 160 -74.15 29.71 -39.92
C VAL H 160 -75.03 28.49 -40.15
N ARG H 161 -74.60 27.35 -39.63
CA ARG H 161 -75.35 26.11 -39.69
C ARG H 161 -75.64 25.68 -38.26
N ILE H 162 -76.93 25.68 -37.91
CA ILE H 162 -77.37 25.33 -36.56
C ILE H 162 -78.11 24.00 -36.65
N ASN H 163 -77.72 23.04 -35.82
CA ASN H 163 -78.28 21.70 -35.87
C ASN H 163 -78.86 21.31 -34.51
N HIS H 164 -80.18 21.13 -34.48
CA HIS H 164 -80.82 20.52 -33.32
C HIS H 164 -80.57 19.01 -33.37
N ILE H 165 -79.99 18.49 -32.29
CA ILE H 165 -79.56 17.10 -32.16
C ILE H 165 -80.36 16.50 -31.02
N ARG H 166 -81.38 15.72 -31.36
CA ARG H 166 -82.26 15.12 -30.34
C ARG H 166 -81.64 13.84 -29.78
N GLN H 167 -81.53 12.82 -30.61
CA GLN H 167 -80.84 11.59 -30.30
C GLN H 167 -79.42 11.72 -30.87
N GLY H 168 -78.67 10.62 -30.92
CA GLY H 168 -77.32 10.64 -31.48
C GLY H 168 -77.20 10.93 -32.97
N GLU H 169 -78.31 11.20 -33.65
CA GLU H 169 -78.34 11.70 -35.01
C GLU H 169 -78.97 13.09 -35.02
N VAL H 170 -78.88 13.75 -36.16
CA VAL H 170 -79.38 15.12 -36.28
C VAL H 170 -80.90 15.10 -36.41
N ALA H 171 -81.56 15.96 -35.63
CA ALA H 171 -83.02 16.11 -35.72
C ALA H 171 -83.42 17.17 -36.74
N ARG H 172 -82.84 18.37 -36.67
CA ARG H 172 -83.20 19.38 -37.66
C ARG H 172 -82.03 20.32 -37.89
N THR H 173 -82.09 21.05 -39.01
CA THR H 173 -81.00 21.94 -39.40
C THR H 173 -81.54 23.30 -39.82
N TRP H 174 -80.66 24.29 -39.76
CA TRP H 174 -80.94 25.66 -40.19
C TRP H 174 -79.69 26.23 -40.84
N ARG H 175 -79.84 26.78 -42.04
CA ARG H 175 -78.74 27.44 -42.75
C ARG H 175 -79.07 28.91 -42.87
N PHE H 176 -78.30 29.75 -42.18
CA PHE H 176 -78.52 31.19 -42.16
C PHE H 176 -77.40 31.91 -42.87
N ASP H 177 -77.74 32.98 -43.58
CA ASP H 177 -76.77 33.93 -44.09
C ASP H 177 -76.57 34.99 -43.02
N ALA H 178 -75.43 34.91 -42.31
CA ALA H 178 -75.21 35.76 -41.14
C ALA H 178 -74.94 37.21 -41.51
N LEU H 179 -74.68 37.52 -42.77
CA LEU H 179 -74.55 38.91 -43.18
C LEU H 179 -75.87 39.55 -43.52
N ALA H 180 -76.88 38.75 -43.89
CA ALA H 180 -78.22 39.30 -44.09
C ALA H 180 -78.83 39.73 -42.77
N ILE H 181 -78.78 38.87 -41.76
CA ILE H 181 -79.20 39.23 -40.42
C ILE H 181 -78.15 40.17 -39.85
N GLY H 182 -78.50 41.44 -39.66
CA GLY H 182 -77.55 42.39 -39.15
C GLY H 182 -77.34 42.27 -37.66
N LEU H 183 -76.48 43.15 -37.14
CA LEU H 183 -76.28 43.29 -35.71
C LEU H 183 -77.12 44.41 -35.11
N ARG H 184 -77.96 45.07 -35.93
CA ARG H 184 -78.69 46.25 -35.51
C ARG H 184 -80.09 45.92 -35.00
N ASP H 185 -80.93 45.33 -35.86
CA ASP H 185 -82.33 45.12 -35.56
C ASP H 185 -82.66 43.64 -35.44
N PHE H 186 -83.88 43.37 -34.99
CA PHE H 186 -84.35 42.00 -34.75
C PHE H 186 -85.58 41.78 -35.62
N LYS H 187 -85.38 41.09 -36.74
CA LYS H 187 -86.40 40.93 -37.77
C LYS H 187 -87.19 39.63 -37.49
N ALA H 188 -87.98 39.19 -38.47
CA ALA H 188 -88.82 38.00 -38.32
C ALA H 188 -88.67 37.12 -39.55
N ASP H 189 -88.55 35.82 -39.32
CA ASP H 189 -88.35 34.85 -40.40
C ASP H 189 -88.85 33.50 -39.92
N ALA H 190 -89.42 32.73 -40.86
CA ALA H 190 -90.11 31.48 -40.50
C ALA H 190 -89.15 30.43 -39.96
N GLU H 191 -87.98 30.25 -40.59
CA GLU H 191 -86.97 29.35 -40.05
C GLU H 191 -86.39 29.87 -38.75
N LEU H 192 -86.17 31.19 -38.68
CA LEU H 192 -85.68 31.82 -37.47
C LEU H 192 -86.70 31.75 -36.34
N ASP H 193 -87.99 31.93 -36.67
CA ASP H 193 -89.01 31.79 -35.63
C ASP H 193 -89.23 30.34 -35.24
N ALA H 194 -88.96 29.39 -36.15
CA ALA H 194 -89.03 27.98 -35.78
C ALA H 194 -87.92 27.61 -34.81
N LEU H 195 -86.71 28.09 -35.07
CA LEU H 195 -85.63 27.94 -34.10
C LEU H 195 -85.93 28.68 -32.81
N ALA H 196 -86.66 29.81 -32.90
CA ALA H 196 -87.07 30.54 -31.71
C ALA H 196 -88.07 29.75 -30.88
N GLU H 197 -89.01 29.07 -31.52
CA GLU H 197 -89.92 28.18 -30.79
C GLU H 197 -89.18 27.00 -30.19
N LEU H 198 -88.12 26.53 -30.87
CA LEU H 198 -87.30 25.47 -30.30
C LEU H 198 -86.59 25.93 -29.03
N ILE H 199 -86.01 27.13 -29.07
CA ILE H 199 -85.35 27.68 -27.89
C ILE H 199 -86.37 27.97 -26.78
N ALA H 200 -87.56 28.44 -27.14
CA ALA H 200 -88.58 28.75 -26.14
C ALA H 200 -89.12 27.48 -25.49
N SER H 201 -89.26 26.40 -26.26
CA SER H 201 -89.66 25.12 -25.69
C SER H 201 -88.55 24.52 -24.84
N GLY H 202 -87.29 24.83 -25.18
CA GLY H 202 -86.20 24.42 -24.30
C GLY H 202 -86.18 25.20 -23.00
N LEU H 203 -86.48 26.50 -23.06
CA LEU H 203 -86.37 27.37 -21.90
C LEU H 203 -87.52 27.19 -20.92
N SER H 204 -88.67 26.71 -21.40
CA SER H 204 -89.83 26.49 -20.55
C SER H 204 -89.72 25.24 -19.70
N GLY H 205 -88.64 24.47 -19.84
CA GLY H 205 -88.54 23.18 -19.20
C GLY H 205 -89.24 22.06 -19.93
N SER H 206 -89.81 22.35 -21.10
CA SER H 206 -90.57 21.36 -21.86
C SER H 206 -89.69 20.42 -22.65
N GLY H 207 -88.38 20.58 -22.60
CA GLY H 207 -87.46 19.65 -23.25
C GLY H 207 -86.05 20.15 -23.10
N HIS H 208 -85.12 19.19 -23.19
CA HIS H 208 -83.69 19.48 -23.14
C HIS H 208 -83.17 19.51 -24.57
N VAL H 209 -82.73 20.68 -25.01
CA VAL H 209 -82.39 20.92 -26.41
C VAL H 209 -80.87 20.99 -26.54
N LEU H 210 -80.35 20.32 -27.55
CA LEU H 210 -78.92 20.35 -27.86
C LEU H 210 -78.73 20.90 -29.27
N LEU H 211 -77.84 21.88 -29.40
CA LEU H 211 -77.53 22.47 -30.69
C LEU H 211 -76.04 22.38 -30.97
N GLU H 212 -75.72 22.17 -32.24
CA GLU H 212 -74.36 22.28 -32.74
C GLU H 212 -74.33 23.43 -33.74
N VAL H 213 -73.55 24.46 -33.43
CA VAL H 213 -73.47 25.66 -34.25
C VAL H 213 -72.11 25.68 -34.93
N VAL H 214 -72.12 25.78 -36.26
CA VAL H 214 -70.91 25.79 -37.06
C VAL H 214 -70.97 26.99 -37.99
N ALA H 215 -70.02 27.91 -37.84
CA ALA H 215 -69.99 29.13 -38.63
C ALA H 215 -68.82 29.10 -39.60
N PHE H 216 -69.12 29.31 -40.88
CA PHE H 216 -68.12 29.42 -41.93
C PHE H 216 -67.97 30.89 -42.31
N ALA H 217 -66.74 31.40 -42.25
CA ALA H 217 -66.46 32.79 -42.59
C ALA H 217 -65.46 32.82 -43.74
N ARG H 218 -65.73 33.66 -44.73
CA ARG H 218 -64.83 33.90 -45.86
C ARG H 218 -63.91 35.03 -45.48
N ILE H 219 -62.68 34.71 -45.09
CA ILE H 219 -61.72 35.70 -44.68
C ILE H 219 -60.63 35.88 -45.73
N GLY H 220 -60.06 34.79 -46.23
CA GLY H 220 -59.05 34.88 -47.27
C GLY H 220 -57.89 33.93 -47.06
N ASP H 221 -57.00 33.83 -48.04
CA ASP H 221 -55.90 32.89 -48.00
C ASP H 221 -54.83 33.37 -47.02
N GLY H 222 -54.55 32.57 -46.00
CA GLY H 222 -53.48 32.86 -45.08
C GLY H 222 -53.74 34.00 -44.13
N GLN H 223 -54.97 34.48 -44.02
CA GLN H 223 -55.24 35.64 -43.20
C GLN H 223 -55.26 35.27 -41.72
N GLU H 224 -55.18 36.29 -40.87
CA GLU H 224 -55.09 36.09 -39.44
C GLU H 224 -56.49 35.90 -38.85
N VAL H 225 -56.63 34.92 -37.97
CA VAL H 225 -57.84 34.73 -37.22
C VAL H 225 -57.60 35.19 -35.80
N PHE H 226 -58.68 35.29 -35.02
CA PHE H 226 -58.62 35.88 -33.68
C PHE H 226 -59.32 34.97 -32.68
N PRO H 227 -58.59 34.05 -32.06
CA PRO H 227 -59.19 33.27 -30.97
C PRO H 227 -59.15 34.01 -29.65
N SER H 228 -59.52 33.34 -28.57
CA SER H 228 -59.49 33.96 -27.25
C SER H 228 -58.05 34.17 -26.79
N GLN H 229 -57.86 35.23 -26.00
CA GLN H 229 -56.55 35.59 -25.50
C GLN H 229 -56.48 35.29 -24.02
N GLU H 230 -55.39 34.63 -23.61
CA GLU H 230 -55.27 34.13 -22.25
C GLU H 230 -54.87 35.25 -21.29
N LEU H 231 -54.69 34.88 -20.02
CA LEU H 231 -54.25 35.83 -19.00
C LEU H 231 -52.96 35.36 -18.35
N ILE H 232 -52.13 36.35 -17.99
CA ILE H 232 -50.97 36.18 -17.13
C ILE H 232 -50.89 37.46 -16.29
N LEU H 233 -50.90 37.32 -14.97
CA LEU H 233 -50.58 38.46 -14.13
C LEU H 233 -49.09 38.71 -14.18
N ASP H 234 -48.70 39.98 -14.32
CA ASP H 234 -47.32 40.35 -14.64
C ASP H 234 -46.35 40.02 -13.53
N LYS H 235 -46.49 40.72 -12.39
CA LYS H 235 -45.89 40.48 -11.06
C LYS H 235 -44.48 39.91 -11.05
N GLY H 236 -43.58 40.48 -11.86
CA GLY H 236 -42.32 39.80 -12.07
C GLY H 236 -41.04 40.61 -12.06
N ASP H 237 -40.07 40.14 -11.27
CA ASP H 237 -38.69 40.59 -11.41
C ASP H 237 -38.00 39.90 -12.57
N LYS H 238 -38.58 38.82 -13.08
CA LYS H 238 -37.93 37.95 -14.04
C LYS H 238 -37.93 38.59 -15.42
N LYS H 239 -37.54 37.80 -16.43
CA LYS H 239 -37.49 38.27 -17.80
C LYS H 239 -38.89 38.55 -18.33
N GLY H 240 -38.94 39.26 -19.44
CA GLY H 240 -40.19 39.56 -20.09
C GLY H 240 -40.88 38.32 -20.61
N GLN H 241 -42.16 38.17 -20.33
CA GLN H 241 -42.90 37.06 -20.88
C GLN H 241 -43.33 37.40 -22.30
N LYS H 242 -43.91 36.42 -22.97
CA LYS H 242 -44.50 36.70 -24.27
C LYS H 242 -45.74 37.56 -24.07
N SER H 243 -45.86 38.62 -24.86
CA SER H 243 -46.85 39.67 -24.57
C SER H 243 -48.22 39.36 -25.15
N LYS H 244 -48.44 38.13 -25.58
CA LYS H 244 -49.75 37.69 -26.04
C LYS H 244 -49.79 36.17 -25.96
N THR H 245 -50.84 35.64 -25.34
CA THR H 245 -51.02 34.21 -25.24
C THR H 245 -52.45 33.88 -25.65
N LEU H 246 -52.60 33.01 -26.64
CA LEU H 246 -53.91 32.67 -27.17
C LEU H 246 -54.41 31.39 -26.52
N TYR H 247 -55.73 31.30 -26.35
CA TYR H 247 -56.33 30.13 -25.74
C TYR H 247 -56.37 28.98 -26.72
N SER H 248 -56.01 27.79 -26.26
CA SER H 248 -56.04 26.63 -27.14
C SER H 248 -56.57 25.38 -26.44
N VAL H 249 -57.35 24.59 -27.17
CA VAL H 249 -57.89 23.36 -26.62
C VAL H 249 -57.38 22.21 -27.48
N ARG H 250 -56.67 21.27 -26.85
CA ARG H 250 -56.13 20.12 -27.57
C ARG H 250 -55.32 20.52 -28.81
N ASP H 251 -54.43 21.50 -28.63
CA ASP H 251 -53.58 22.05 -29.69
C ASP H 251 -54.34 22.61 -30.89
N ALA H 252 -55.48 23.24 -30.62
CA ALA H 252 -56.30 23.86 -31.66
C ALA H 252 -56.72 25.24 -31.17
N ALA H 253 -56.82 26.21 -32.08
CA ALA H 253 -57.21 27.55 -31.66
C ALA H 253 -58.67 27.56 -31.24
N ALA H 254 -58.96 28.23 -30.13
CA ALA H 254 -60.29 28.15 -29.55
C ALA H 254 -60.70 29.49 -28.98
N ILE H 255 -62.01 29.70 -28.91
CA ILE H 255 -62.61 30.83 -28.24
C ILE H 255 -63.14 30.35 -26.90
N HIS H 256 -63.07 31.21 -25.89
CA HIS H 256 -63.54 30.88 -24.56
C HIS H 256 -65.04 30.65 -24.55
N SER H 257 -65.50 29.84 -23.60
CA SER H 257 -66.93 29.60 -23.46
C SER H 257 -67.65 30.86 -23.01
N GLN H 258 -67.04 31.61 -22.10
CA GLN H 258 -67.61 32.86 -21.63
C GLN H 258 -67.64 33.93 -22.71
N LYS H 259 -66.75 33.84 -23.69
CA LYS H 259 -66.78 34.77 -24.83
C LYS H 259 -68.01 34.54 -25.70
N ILE H 260 -68.31 33.27 -25.97
CA ILE H 260 -69.52 32.93 -26.73
C ILE H 260 -70.76 33.23 -25.92
N GLY H 261 -70.71 33.00 -24.61
CA GLY H 261 -71.84 33.32 -23.75
C GLY H 261 -72.11 34.81 -23.64
N ASN H 262 -71.06 35.63 -23.67
CA ASN H 262 -71.24 37.08 -23.74
C ASN H 262 -71.78 37.48 -25.10
N ALA H 263 -71.34 36.82 -26.17
CA ALA H 263 -71.81 37.19 -27.49
C ALA H 263 -73.25 36.73 -27.76
N LEU H 264 -73.75 35.77 -26.99
CA LEU H 264 -75.12 35.30 -27.19
C LEU H 264 -76.13 36.30 -26.62
N ARG H 265 -75.88 36.80 -25.41
CA ARG H 265 -76.87 37.56 -24.67
C ARG H 265 -76.86 39.05 -24.99
N THR H 266 -76.32 39.44 -26.14
CA THR H 266 -76.38 40.85 -26.58
C THR H 266 -77.79 41.11 -27.11
N ILE H 267 -78.73 41.28 -26.18
CA ILE H 267 -80.15 41.36 -26.53
C ILE H 267 -80.75 42.64 -25.97
N ASP H 268 -80.05 43.25 -25.03
CA ASP H 268 -80.58 44.39 -24.28
C ASP H 268 -80.61 45.62 -25.18
N THR H 269 -81.79 45.95 -25.68
CA THR H 269 -82.02 47.18 -26.43
C THR H 269 -82.90 48.14 -25.63
N TRP H 270 -83.00 47.92 -24.32
CA TRP H 270 -83.92 48.65 -23.45
C TRP H 270 -83.19 49.40 -22.35
N TYR H 271 -81.90 49.64 -22.50
CA TYR H 271 -81.18 50.49 -21.57
C TYR H 271 -81.58 51.95 -21.80
N PRO H 272 -81.70 52.74 -20.72
CA PRO H 272 -82.35 54.05 -20.84
C PRO H 272 -81.50 55.14 -21.47
N ASP H 273 -80.21 54.89 -21.71
CA ASP H 273 -79.35 55.94 -22.24
C ASP H 273 -79.68 56.24 -23.70
N GLU H 274 -79.76 55.20 -24.53
CA GLU H 274 -80.11 55.35 -25.94
C GLU H 274 -80.66 54.03 -26.45
N ASP H 275 -81.00 54.01 -27.73
CA ASP H 275 -81.37 52.76 -28.40
C ASP H 275 -80.75 52.59 -29.78
N GLY H 276 -80.16 53.63 -30.36
CA GLY H 276 -79.58 53.54 -31.69
C GLY H 276 -78.17 53.02 -31.75
N LEU H 277 -77.53 52.81 -30.58
CA LEU H 277 -76.17 52.28 -30.58
C LEU H 277 -76.17 50.78 -30.82
N GLY H 278 -77.27 50.10 -30.52
CA GLY H 278 -77.37 48.67 -30.73
C GLY H 278 -77.53 47.92 -29.44
N PRO H 279 -77.73 46.61 -29.52
CA PRO H 279 -77.92 45.82 -28.31
C PRO H 279 -76.64 45.61 -27.55
N ILE H 280 -76.76 45.54 -26.23
CA ILE H 280 -75.66 45.20 -25.34
C ILE H 280 -76.03 43.93 -24.60
N ALA H 281 -75.07 43.39 -23.85
CA ALA H 281 -75.30 42.18 -23.08
C ALA H 281 -76.11 42.52 -21.82
N VAL H 282 -76.76 41.50 -21.28
CA VAL H 282 -77.56 41.65 -20.07
C VAL H 282 -76.70 41.33 -18.85
N GLU H 283 -76.66 42.27 -17.93
CA GLU H 283 -75.96 42.15 -16.65
C GLU H 283 -76.54 43.20 -15.72
N PRO H 284 -76.53 42.97 -14.41
CA PRO H 284 -77.00 44.00 -13.47
C PRO H 284 -76.08 45.20 -13.49
N TYR H 285 -76.70 46.39 -13.51
CA TYR H 285 -76.04 47.67 -13.80
C TYR H 285 -75.27 47.59 -15.11
N GLY H 286 -76.04 47.44 -16.19
CA GLY H 286 -75.55 46.99 -17.48
C GLY H 286 -74.42 47.78 -18.11
N SER H 287 -73.22 47.21 -18.03
CA SER H 287 -71.99 47.92 -18.36
C SER H 287 -71.21 47.13 -19.40
N VAL H 288 -70.71 47.83 -20.40
CA VAL H 288 -69.86 47.21 -21.42
C VAL H 288 -68.42 47.60 -21.14
N THR H 289 -67.52 46.65 -21.36
CA THR H 289 -66.10 46.88 -21.14
C THR H 289 -65.47 47.71 -22.24
N SER H 290 -66.07 47.71 -23.44
CA SER H 290 -65.48 48.43 -24.57
C SER H 290 -65.60 49.93 -24.38
N GLN H 291 -66.74 50.40 -23.88
CA GLN H 291 -66.89 51.82 -23.58
C GLN H 291 -66.39 52.18 -22.19
N GLY H 292 -66.39 51.22 -21.26
CA GLY H 292 -66.06 51.51 -19.88
C GLY H 292 -67.11 52.30 -19.15
N LYS H 293 -68.33 52.34 -19.68
CA LYS H 293 -69.42 53.14 -19.12
C LYS H 293 -70.60 52.24 -18.85
N ALA H 294 -71.28 52.48 -17.73
CA ALA H 294 -72.37 51.65 -17.28
C ALA H 294 -73.70 52.29 -17.64
N TYR H 295 -74.44 51.65 -18.54
CA TYR H 295 -75.85 51.94 -18.64
C TYR H 295 -76.59 51.28 -17.48
N ARG H 296 -77.85 51.69 -17.29
CA ARG H 296 -78.70 51.25 -16.18
C ARG H 296 -78.04 51.49 -14.83
N GLN H 297 -77.57 52.73 -14.64
CA GLN H 297 -77.00 53.17 -13.38
C GLN H 297 -78.07 53.08 -12.29
N PRO H 298 -77.69 52.73 -11.04
CA PRO H 298 -78.70 52.62 -9.98
C PRO H 298 -79.34 53.94 -9.56
N LYS H 299 -78.82 55.10 -10.00
CA LYS H 299 -79.53 56.34 -9.75
C LYS H 299 -80.76 56.47 -10.64
N GLN H 300 -80.81 55.74 -11.75
CA GLN H 300 -82.05 55.46 -12.42
C GLN H 300 -82.59 54.13 -11.90
N LYS H 301 -83.91 53.97 -11.92
CA LYS H 301 -84.47 52.72 -11.40
C LYS H 301 -84.71 51.73 -12.53
N LEU H 302 -83.67 51.47 -13.33
CA LEU H 302 -83.77 50.52 -14.43
C LEU H 302 -82.72 49.41 -14.35
N ASP H 303 -81.92 49.38 -13.29
CA ASP H 303 -80.99 48.28 -13.08
C ASP H 303 -81.75 47.02 -12.66
N PHE H 304 -81.04 45.89 -12.64
CA PHE H 304 -81.70 44.61 -12.40
C PHE H 304 -82.13 44.46 -10.95
N TYR H 305 -81.29 44.94 -10.01
CA TYR H 305 -81.53 44.73 -8.59
C TYR H 305 -82.80 45.44 -8.13
N THR H 306 -82.92 46.73 -8.43
CA THR H 306 -84.06 47.49 -7.94
C THR H 306 -85.34 47.14 -8.69
N LEU H 307 -85.24 46.79 -9.98
CA LEU H 307 -86.43 46.33 -10.71
C LEU H 307 -86.91 44.99 -10.16
N LEU H 308 -85.98 44.12 -9.75
CA LEU H 308 -86.39 42.86 -9.16
C LEU H 308 -87.02 43.07 -7.78
N ASP H 309 -86.46 43.97 -6.98
CA ASP H 309 -87.06 44.29 -5.68
C ASP H 309 -88.43 44.95 -5.83
N ASN H 310 -88.64 45.70 -6.91
CA ASN H 310 -89.96 46.26 -7.16
C ASN H 310 -90.93 45.19 -7.60
N TRP H 311 -90.47 44.19 -8.35
CA TRP H 311 -91.39 43.17 -8.83
C TRP H 311 -91.76 42.17 -7.75
N VAL H 312 -90.82 41.75 -6.91
CA VAL H 312 -91.13 40.65 -6.00
C VAL H 312 -91.51 41.15 -4.61
N LEU H 313 -90.83 42.18 -4.09
CA LEU H 313 -91.08 42.57 -2.70
C LEU H 313 -92.30 43.48 -2.59
N ARG H 314 -92.34 44.54 -3.39
CA ARG H 314 -93.43 45.51 -3.34
C ARG H 314 -94.50 45.26 -4.39
N ASP H 315 -94.32 44.21 -5.21
CA ASP H 315 -95.26 43.75 -6.23
C ASP H 315 -95.58 44.81 -7.28
N GLU H 316 -94.67 45.76 -7.48
CA GLU H 316 -94.79 46.74 -8.55
C GLU H 316 -94.23 46.10 -9.81
N ALA H 317 -95.11 45.61 -10.66
CA ALA H 317 -94.72 45.00 -11.92
C ALA H 317 -94.20 46.08 -12.87
N PRO H 318 -92.95 45.99 -13.34
CA PRO H 318 -92.44 47.00 -14.27
C PRO H 318 -92.98 46.81 -15.68
N ALA H 319 -92.46 47.59 -16.62
CA ALA H 319 -92.86 47.46 -18.02
C ALA H 319 -92.39 46.13 -18.59
N VAL H 320 -92.99 45.75 -19.72
CA VAL H 320 -92.78 44.41 -20.26
C VAL H 320 -91.36 44.25 -20.82
N GLU H 321 -90.71 45.34 -21.23
CA GLU H 321 -89.33 45.24 -21.67
C GLU H 321 -88.37 45.14 -20.50
N GLN H 322 -88.68 45.80 -19.38
CA GLN H 322 -87.87 45.62 -18.18
C GLN H 322 -88.11 44.25 -17.57
N GLN H 323 -89.31 43.69 -17.76
CA GLN H 323 -89.54 42.31 -17.35
C GLN H 323 -88.74 41.34 -18.22
N HIS H 324 -88.67 41.62 -19.53
CA HIS H 324 -87.77 40.89 -20.42
C HIS H 324 -86.32 40.99 -19.97
N TYR H 325 -85.91 42.18 -19.51
CA TYR H 325 -84.54 42.39 -19.06
C TYR H 325 -84.24 41.63 -17.77
N VAL H 326 -85.18 41.61 -16.82
CA VAL H 326 -84.87 40.93 -15.57
C VAL H 326 -84.96 39.40 -15.75
N ILE H 327 -85.81 38.92 -16.66
CA ILE H 327 -85.75 37.48 -16.91
C ILE H 327 -84.54 37.14 -17.77
N ALA H 328 -83.99 38.12 -18.52
CA ALA H 328 -82.72 37.91 -19.19
C ALA H 328 -81.58 37.81 -18.19
N ASN H 329 -81.66 38.57 -17.10
CA ASN H 329 -80.66 38.42 -16.05
C ASN H 329 -80.87 37.11 -15.28
N LEU H 330 -82.11 36.64 -15.19
CA LEU H 330 -82.36 35.36 -14.53
C LEU H 330 -81.83 34.19 -15.35
N ILE H 331 -82.01 34.23 -16.66
CA ILE H 331 -81.46 33.17 -17.52
C ILE H 331 -79.94 33.30 -17.62
N ARG H 332 -79.41 34.53 -17.52
CA ARG H 332 -77.97 34.71 -17.49
C ARG H 332 -77.36 34.11 -16.22
N GLY H 333 -78.07 34.19 -15.11
CA GLY H 333 -77.56 33.69 -13.85
C GLY H 333 -76.82 34.76 -13.09
N GLY H 334 -76.31 34.38 -11.93
CA GLY H 334 -75.54 35.30 -11.13
C GLY H 334 -75.63 34.94 -9.66
N VAL H 335 -74.75 35.57 -8.89
CA VAL H 335 -74.75 35.47 -7.44
C VAL H 335 -75.23 36.82 -6.92
N PHE H 336 -76.46 36.84 -6.40
CA PHE H 336 -77.09 38.08 -5.95
C PHE H 336 -77.29 38.02 -4.44
N GLY H 337 -77.09 39.14 -3.77
CA GLY H 337 -77.28 39.19 -2.34
C GLY H 337 -76.54 40.37 -1.75
N GLU H 338 -76.53 40.40 -0.42
CA GLU H 338 -75.87 41.47 0.32
C GLU H 338 -74.39 41.16 0.53
N GLN I 11 58.25 -0.72 -41.69
CA GLN I 11 59.33 0.17 -41.25
C GLN I 11 58.77 1.49 -40.74
N GLU I 12 58.87 1.71 -39.44
CA GLU I 12 58.35 2.91 -38.81
C GLU I 12 59.42 3.93 -38.45
N LEU I 13 60.70 3.55 -38.50
CA LEU I 13 61.77 4.47 -38.15
C LEU I 13 61.98 5.55 -39.20
N ARG I 14 61.53 5.33 -40.43
CA ARG I 14 61.65 6.35 -41.46
C ARG I 14 60.57 7.43 -41.33
N GLN I 15 59.40 7.09 -40.78
CA GLN I 15 58.32 8.05 -40.63
C GLN I 15 57.97 8.35 -39.17
N PHE I 16 57.64 7.33 -38.37
CA PHE I 16 57.21 7.55 -37.00
C PHE I 16 58.35 7.47 -36.00
N ILE I 17 59.35 6.64 -36.26
CA ILE I 17 60.52 6.58 -35.40
C ILE I 17 61.37 7.83 -35.53
N GLU I 18 61.28 8.52 -36.68
CA GLU I 18 61.87 9.86 -36.79
C GLU I 18 61.19 10.84 -35.84
N SER I 19 59.86 10.74 -35.70
CA SER I 19 59.15 11.57 -34.74
C SER I 19 59.47 11.18 -33.30
N PHE I 20 59.69 9.88 -33.05
CA PHE I 20 60.07 9.45 -31.70
C PHE I 20 61.47 9.93 -31.34
N ILE I 21 62.41 9.88 -32.28
CA ILE I 21 63.75 10.40 -32.04
C ILE I 21 63.74 11.92 -31.96
N GLN I 22 62.81 12.59 -32.65
CA GLN I 22 62.68 14.04 -32.52
C GLN I 22 62.11 14.42 -31.16
N GLU I 23 61.19 13.62 -30.64
CA GLU I 23 60.69 13.86 -29.27
C GLU I 23 61.77 13.60 -28.24
N ARG I 24 62.60 12.57 -28.46
CA ARG I 24 63.73 12.32 -27.57
C ARG I 24 64.77 13.43 -27.66
N LEU I 25 64.95 14.00 -28.85
CA LEU I 25 65.88 15.12 -29.02
C LEU I 25 65.35 16.38 -28.35
N GLN I 26 64.03 16.61 -28.40
CA GLN I 26 63.44 17.74 -27.69
C GLN I 26 63.53 17.56 -26.19
N GLY I 27 63.41 16.32 -25.71
CA GLY I 27 63.60 16.05 -24.29
C GLY I 27 65.03 16.25 -23.85
N LYS I 28 65.99 15.82 -24.68
CA LYS I 28 67.40 16.01 -24.36
C LYS I 28 67.85 17.46 -24.55
N LEU I 29 67.15 18.24 -25.36
CA LEU I 29 67.48 19.63 -25.58
C LEU I 29 66.61 20.59 -24.78
N ASP I 30 65.71 20.07 -23.93
CA ASP I 30 65.04 20.92 -22.96
C ASP I 30 66.02 21.53 -21.98
N LYS I 31 67.04 20.78 -21.58
CA LYS I 31 68.18 21.30 -20.83
C LYS I 31 69.32 21.66 -21.78
N LEU I 32 69.04 22.59 -22.68
CA LEU I 32 69.97 22.97 -23.74
C LEU I 32 70.49 24.38 -23.48
N HIS I 33 71.82 24.51 -23.43
CA HIS I 33 72.51 25.77 -23.21
C HIS I 33 73.46 26.03 -24.38
N PRO I 34 74.19 27.16 -24.36
CA PRO I 34 75.01 27.50 -25.53
C PRO I 34 76.33 26.76 -25.61
N ASP I 35 76.97 26.46 -24.48
CA ASP I 35 78.31 25.89 -24.49
C ASP I 35 78.32 24.38 -24.31
N GLU I 36 77.76 23.89 -23.21
CA GLU I 36 77.72 22.45 -22.94
C GLU I 36 76.43 21.82 -23.45
N ASP I 37 75.31 22.53 -23.30
CA ASP I 37 74.04 22.03 -23.81
C ASP I 37 73.98 22.01 -25.33
N ASP I 38 74.76 22.86 -26.00
CA ASP I 38 74.86 22.78 -27.45
C ASP I 38 75.55 21.48 -27.88
N LYS I 39 76.60 21.09 -27.16
CA LYS I 39 77.24 19.81 -27.43
C LYS I 39 76.34 18.64 -27.03
N ARG I 40 75.53 18.81 -25.99
CA ARG I 40 74.57 17.76 -25.62
C ARG I 40 73.49 17.61 -26.68
N GLN I 41 73.02 18.72 -27.25
CA GLN I 41 72.04 18.66 -28.34
C GLN I 41 72.66 18.09 -29.62
N THR I 42 73.94 18.37 -29.86
CA THR I 42 74.63 17.77 -31.00
C THR I 42 74.79 16.26 -30.82
N LEU I 43 75.13 15.81 -29.60
CA LEU I 43 75.23 14.39 -29.33
C LEU I 43 73.88 13.70 -29.36
N LEU I 44 72.81 14.41 -29.01
CA LEU I 44 71.47 13.84 -29.13
C LEU I 44 71.02 13.78 -30.58
N ALA I 45 71.36 14.80 -31.38
CA ALA I 45 71.00 14.80 -32.80
C ALA I 45 71.84 13.84 -33.62
N THR I 46 73.02 13.45 -33.12
CA THR I 46 73.78 12.38 -33.75
C THR I 46 73.07 11.03 -33.64
N HIS I 47 72.19 10.85 -32.66
CA HIS I 47 71.38 9.66 -32.52
C HIS I 47 69.89 10.01 -32.43
N ARG I 48 69.46 11.04 -33.16
CA ARG I 48 68.10 11.55 -33.07
C ARG I 48 67.28 11.37 -34.34
N ARG I 49 67.91 11.41 -35.52
CA ARG I 49 67.15 11.27 -36.76
C ARG I 49 67.12 9.82 -37.24
N GLU I 50 68.30 9.24 -37.49
CA GLU I 50 68.39 7.85 -37.91
C GLU I 50 69.58 7.11 -37.33
N ALA I 51 70.42 7.76 -36.52
CA ALA I 51 71.65 7.18 -36.01
C ALA I 51 71.53 6.72 -34.57
N TRP I 52 70.37 6.20 -34.18
CA TRP I 52 70.18 5.67 -32.83
C TRP I 52 70.95 4.39 -32.58
N LEU I 53 71.45 3.75 -33.65
CA LEU I 53 72.35 2.61 -33.51
C LEU I 53 73.66 2.97 -32.82
N ALA I 54 74.09 4.24 -32.90
CA ALA I 54 75.24 4.67 -32.13
C ALA I 54 74.94 4.67 -30.62
N ASP I 55 73.76 5.14 -30.23
CA ASP I 55 73.36 5.07 -28.83
C ASP I 55 73.12 3.64 -28.38
N ALA I 56 72.67 2.77 -29.29
CA ALA I 56 72.52 1.36 -28.95
C ALA I 56 73.88 0.66 -28.83
N ALA I 57 74.88 1.11 -29.59
CA ALA I 57 76.23 0.59 -29.40
C ALA I 57 76.84 1.12 -28.11
N ARG I 58 76.46 2.33 -27.70
CA ARG I 58 76.96 2.89 -26.45
C ARG I 58 76.36 2.21 -25.23
N ARG I 59 75.04 2.31 -25.05
CA ARG I 59 74.39 1.82 -23.84
C ARG I 59 73.07 1.11 -24.15
N VAL I 60 73.08 0.26 -25.17
CA VAL I 60 71.87 -0.44 -25.58
C VAL I 60 71.95 -1.95 -25.33
N GLY I 61 73.09 -2.58 -25.53
CA GLY I 61 73.21 -4.01 -25.34
C GLY I 61 74.17 -4.38 -24.23
N GLN I 62 74.79 -3.37 -23.62
CA GLN I 62 75.76 -3.59 -22.56
C GLN I 62 75.11 -3.88 -21.21
N LEU I 63 73.82 -3.61 -21.05
CA LEU I 63 73.11 -3.83 -19.80
C LEU I 63 71.80 -4.57 -20.13
N GLN I 64 71.77 -5.86 -19.86
CA GLN I 64 70.59 -6.68 -20.12
C GLN I 64 70.33 -7.57 -18.90
N LEU I 65 69.06 -7.96 -18.76
CA LEU I 65 68.64 -8.69 -17.57
C LEU I 65 67.53 -9.66 -17.94
N VAL I 66 67.14 -10.48 -16.96
CA VAL I 66 66.13 -11.51 -17.15
C VAL I 66 64.95 -11.24 -16.21
N THR I 67 63.93 -12.10 -16.27
CA THR I 67 62.72 -11.97 -15.47
C THR I 67 62.89 -12.44 -14.03
N HIS I 68 64.07 -12.90 -13.63
CA HIS I 68 64.32 -13.29 -12.24
C HIS I 68 65.78 -12.95 -11.93
N THR I 69 66.00 -11.77 -11.35
CA THR I 69 67.35 -11.30 -11.08
C THR I 69 67.90 -11.96 -9.82
N LEU I 70 69.20 -12.27 -9.84
CA LEU I 70 69.91 -12.77 -8.68
C LEU I 70 70.47 -11.66 -7.80
N LYS I 71 69.94 -10.43 -7.95
CA LYS I 71 70.38 -9.30 -7.14
C LYS I 71 70.03 -9.39 -5.66
N PRO I 72 68.76 -9.54 -5.25
CA PRO I 72 68.44 -9.49 -3.81
C PRO I 72 68.93 -10.67 -2.97
N ILE I 73 69.60 -11.66 -3.55
CA ILE I 73 70.09 -12.78 -2.76
C ILE I 73 71.24 -12.39 -1.84
N HIS I 74 71.89 -11.26 -2.10
CA HIS I 74 72.97 -10.75 -1.27
C HIS I 74 73.10 -9.26 -1.55
N PRO I 75 74.02 -8.55 -0.88
CA PRO I 75 74.24 -7.14 -1.24
C PRO I 75 74.86 -6.97 -2.61
N ASP I 76 75.90 -7.76 -2.93
CA ASP I 76 76.52 -7.74 -4.25
C ASP I 76 77.01 -9.16 -4.52
N ALA I 77 76.23 -9.91 -5.28
CA ALA I 77 76.55 -11.29 -5.62
C ALA I 77 76.69 -11.40 -7.14
N ARG I 78 77.85 -11.86 -7.60
CA ARG I 78 78.11 -11.98 -9.02
C ARG I 78 77.38 -13.18 -9.60
N GLY I 79 76.59 -12.94 -10.63
CA GLY I 79 75.82 -14.01 -11.24
C GLY I 79 74.95 -13.48 -12.36
N SER I 80 74.38 -14.42 -13.09
CA SER I 80 73.58 -14.11 -14.27
C SER I 80 72.11 -14.38 -13.95
N ASN I 81 71.30 -13.32 -13.94
CA ASN I 81 69.87 -13.43 -13.66
C ASN I 81 69.20 -13.90 -14.95
N LEU I 82 69.11 -15.21 -15.12
CA LEU I 82 68.49 -15.78 -16.30
C LEU I 82 66.97 -15.60 -16.24
N HIS I 83 66.37 -15.36 -17.40
CA HIS I 83 64.94 -15.10 -17.51
C HIS I 83 64.23 -16.20 -18.30
N SER I 84 64.61 -17.45 -18.04
CA SER I 84 64.04 -18.59 -18.72
C SER I 84 62.86 -19.14 -17.93
N LEU I 85 62.41 -20.36 -18.30
CA LEU I 85 61.33 -21.08 -17.63
C LEU I 85 59.99 -20.39 -17.79
N PRO I 86 59.48 -20.29 -19.03
CA PRO I 86 58.14 -19.73 -19.23
C PRO I 86 57.00 -20.67 -18.87
N GLN I 87 57.29 -21.93 -18.53
CA GLN I 87 56.25 -22.88 -18.16
C GLN I 87 56.87 -24.00 -17.33
N ALA I 88 56.20 -24.37 -16.25
CA ALA I 88 56.62 -25.48 -15.42
C ALA I 88 55.43 -25.99 -14.62
N PRO I 89 54.34 -26.41 -15.28
CA PRO I 89 53.14 -26.87 -14.57
C PRO I 89 53.17 -28.34 -14.18
N GLY I 90 54.28 -28.78 -13.58
CA GLY I 90 54.43 -30.17 -13.22
C GLY I 90 53.68 -30.54 -11.97
N GLN I 91 53.86 -29.76 -10.92
CA GLN I 91 53.20 -30.02 -9.63
C GLN I 91 51.82 -29.37 -9.62
N PRO I 92 50.74 -30.16 -9.71
CA PRO I 92 49.38 -29.62 -9.66
C PRO I 92 48.85 -29.39 -8.23
N GLY I 93 49.68 -28.78 -7.39
CA GLY I 93 49.26 -28.35 -6.07
C GLY I 93 49.98 -27.10 -5.63
N LEU I 94 50.76 -26.51 -6.52
CA LEU I 94 51.58 -25.34 -6.21
C LEU I 94 51.26 -24.22 -7.19
N ALA I 95 51.95 -23.09 -7.02
CA ALA I 95 51.78 -21.95 -7.90
C ALA I 95 53.11 -21.23 -8.00
N GLY I 96 53.15 -20.18 -8.82
CA GLY I 96 54.37 -19.42 -9.00
C GLY I 96 54.59 -18.99 -10.44
N SER I 97 55.75 -19.33 -11.00
CA SER I 97 56.08 -19.02 -12.37
C SER I 97 55.68 -20.12 -13.35
N HIS I 98 54.69 -20.95 -12.98
CA HIS I 98 54.22 -21.99 -13.89
C HIS I 98 53.47 -21.39 -15.06
N GLU I 99 52.70 -20.33 -14.81
CA GLU I 99 52.05 -19.61 -15.90
C GLU I 99 51.93 -18.15 -15.46
N LEU I 100 52.92 -17.34 -15.83
CA LEU I 100 52.82 -15.90 -15.62
C LEU I 100 51.91 -15.27 -16.66
N GLY I 101 52.33 -15.33 -17.94
CA GLY I 101 51.46 -15.04 -19.06
C GLY I 101 51.08 -13.59 -19.27
N ASP I 102 50.43 -12.98 -18.28
CA ASP I 102 49.85 -11.65 -18.42
C ASP I 102 50.93 -10.61 -18.11
N ARG I 103 51.67 -10.22 -19.16
CA ARG I 103 52.67 -9.15 -19.10
C ARG I 103 53.81 -9.48 -18.13
N LEU I 104 54.55 -10.53 -18.48
CA LEU I 104 55.73 -10.90 -17.70
C LEU I 104 56.80 -9.85 -17.92
N VAL I 105 56.97 -8.96 -16.94
CA VAL I 105 57.89 -7.84 -17.07
C VAL I 105 59.31 -8.34 -16.85
N SER I 106 60.28 -7.49 -17.20
CA SER I 106 61.68 -7.78 -17.02
C SER I 106 62.38 -6.56 -16.45
N ASP I 107 63.41 -6.80 -15.64
CA ASP I 107 64.20 -5.73 -15.07
C ASP I 107 65.53 -5.61 -15.82
N VAL I 108 66.05 -4.39 -15.87
CA VAL I 108 67.35 -4.15 -16.49
C VAL I 108 68.42 -4.48 -15.44
N VAL I 109 68.82 -5.75 -15.40
CA VAL I 109 69.78 -6.21 -14.41
C VAL I 109 71.17 -5.71 -14.81
N GLY I 110 71.83 -5.00 -13.90
CA GLY I 110 73.15 -4.47 -14.16
C GLY I 110 73.37 -3.12 -13.52
N ASN I 111 74.17 -2.27 -14.18
CA ASN I 111 74.41 -0.92 -13.67
C ASN I 111 74.25 0.14 -14.75
N ALA I 112 73.50 -0.16 -15.82
CA ALA I 112 73.37 0.76 -16.93
C ALA I 112 72.32 1.81 -16.60
N ALA I 113 72.74 3.08 -16.57
CA ALA I 113 71.83 4.20 -16.37
C ALA I 113 71.17 4.65 -17.66
N ALA I 114 71.49 4.02 -18.78
CA ALA I 114 70.89 4.36 -20.07
C ALA I 114 69.56 3.63 -20.23
N LEU I 115 68.56 4.14 -19.51
CA LEU I 115 67.20 3.61 -19.59
C LEU I 115 66.44 4.11 -20.81
N ASP I 116 67.05 4.98 -21.61
CA ASP I 116 66.41 5.44 -22.84
C ASP I 116 66.28 4.31 -23.86
N VAL I 117 67.20 3.34 -23.83
CA VAL I 117 67.05 2.17 -24.69
C VAL I 117 65.90 1.29 -24.23
N PHE I 118 65.73 1.16 -22.90
CA PHE I 118 64.60 0.42 -22.36
C PHE I 118 63.27 1.14 -22.63
N LYS I 119 63.30 2.47 -22.74
CA LYS I 119 62.10 3.20 -23.12
C LYS I 119 61.82 3.07 -24.61
N PHE I 120 62.87 3.09 -25.43
CA PHE I 120 62.70 2.99 -26.88
C PHE I 120 62.37 1.57 -27.33
N LEU I 121 62.61 0.57 -26.47
CA LEU I 121 62.14 -0.78 -26.77
C LEU I 121 60.62 -0.87 -26.79
N SER I 122 59.93 0.00 -26.06
CA SER I 122 58.48 0.07 -26.07
C SER I 122 57.93 1.34 -26.73
N LEU I 123 58.81 2.27 -27.12
CA LEU I 123 58.36 3.49 -27.78
C LEU I 123 57.83 3.20 -29.17
N GLN I 124 58.45 2.25 -29.88
CA GLN I 124 57.95 1.78 -31.16
C GLN I 124 57.42 0.35 -31.08
N TYR I 125 57.27 -0.19 -29.87
CA TYR I 125 56.79 -1.57 -29.72
C TYR I 125 55.30 -1.67 -29.91
N GLN I 126 54.54 -0.65 -29.46
CA GLN I 126 53.09 -0.66 -29.57
C GLN I 126 52.70 -0.11 -30.94
N GLY I 127 52.08 -0.95 -31.77
CA GLY I 127 51.67 -0.57 -33.10
C GLY I 127 52.75 -0.64 -34.15
N LYS I 128 54.00 -0.89 -33.77
CA LYS I 128 55.10 -0.99 -34.72
C LYS I 128 55.91 -2.24 -34.41
N ASN I 129 56.50 -2.81 -35.45
CA ASN I 129 57.34 -3.99 -35.34
C ASN I 129 58.81 -3.66 -35.06
N LEU I 130 59.13 -2.39 -34.86
CA LEU I 130 60.52 -2.01 -34.61
C LEU I 130 60.94 -2.37 -33.19
N LEU I 131 60.11 -2.03 -32.20
CA LEU I 131 60.44 -2.33 -30.82
C LEU I 131 60.26 -3.81 -30.47
N ASN I 132 59.53 -4.56 -31.28
CA ASN I 132 59.31 -5.98 -31.05
C ASN I 132 60.20 -6.87 -31.91
N TRP I 133 60.60 -6.41 -33.09
CA TRP I 133 61.48 -7.17 -33.97
C TRP I 133 62.92 -6.70 -33.93
N LEU I 134 63.23 -5.69 -33.12
CA LEU I 134 64.60 -5.21 -33.01
C LEU I 134 65.52 -6.18 -32.30
N THR I 135 64.97 -7.06 -31.45
CA THR I 135 65.78 -8.06 -30.77
C THR I 135 66.17 -9.19 -31.70
N GLU I 136 65.26 -9.61 -32.56
CA GLU I 136 65.52 -10.70 -33.51
C GLU I 136 64.54 -10.57 -34.67
N ASP I 137 65.01 -10.95 -35.86
CA ASP I 137 64.24 -10.81 -37.09
C ASP I 137 63.97 -9.33 -37.41
N SER I 138 65.06 -8.59 -37.58
CA SER I 138 64.96 -7.15 -37.82
C SER I 138 64.75 -6.80 -39.29
N ALA I 139 63.73 -7.40 -39.91
CA ALA I 139 63.35 -7.01 -41.26
C ALA I 139 62.58 -5.69 -41.25
N GLU I 140 61.79 -5.45 -40.21
CA GLU I 140 61.18 -4.15 -40.01
C GLU I 140 62.20 -3.12 -39.53
N ALA I 141 63.35 -3.56 -39.02
CA ALA I 141 64.41 -2.66 -38.62
C ALA I 141 65.17 -2.06 -39.79
N VAL I 142 64.99 -2.59 -41.01
CA VAL I 142 65.57 -1.97 -42.19
C VAL I 142 64.93 -0.62 -42.45
N GLN I 143 63.61 -0.52 -42.28
CA GLN I 143 62.96 0.78 -42.25
C GLN I 143 63.01 1.41 -40.85
N ALA I 144 63.30 0.61 -39.82
CA ALA I 144 63.38 1.14 -38.47
C ALA I 144 64.62 1.99 -38.26
N LEU I 145 65.69 1.72 -39.00
CA LEU I 145 66.89 2.55 -38.90
C LEU I 145 66.68 3.90 -39.59
N SER I 146 65.92 3.92 -40.68
CA SER I 146 65.68 5.11 -41.48
C SER I 146 66.91 5.58 -42.23
N ASP I 147 67.88 4.70 -42.44
CA ASP I 147 69.16 5.05 -43.03
C ASP I 147 69.69 3.83 -43.78
N ASN I 148 70.99 3.83 -44.08
CA ASN I 148 71.62 2.75 -44.83
C ASN I 148 71.85 1.54 -43.93
N ALA I 149 72.65 0.57 -44.42
CA ALA I 149 72.83 -0.69 -43.73
C ALA I 149 73.65 -0.58 -42.45
N GLU I 150 74.43 0.50 -42.29
CA GLU I 150 75.27 0.64 -41.11
C GLU I 150 74.45 0.93 -39.86
N GLN I 151 73.53 1.89 -39.95
CA GLN I 151 72.69 2.24 -38.81
C GLN I 151 71.70 1.13 -38.49
N ALA I 152 71.18 0.46 -39.52
CA ALA I 152 70.28 -0.67 -39.30
C ALA I 152 71.01 -1.85 -38.67
N ARG I 153 72.26 -2.09 -39.08
CA ARG I 153 73.06 -3.16 -38.48
C ARG I 153 73.41 -2.85 -37.04
N GLU I 154 73.72 -1.57 -36.74
CA GLU I 154 74.02 -1.18 -35.36
C GLU I 154 72.78 -1.29 -34.48
N TRP I 155 71.61 -0.90 -34.99
CA TRP I 155 70.37 -1.02 -34.24
C TRP I 155 69.99 -2.48 -34.01
N ARG I 156 70.18 -3.34 -35.02
CA ARG I 156 69.90 -4.76 -34.86
C ARG I 156 70.86 -5.42 -33.88
N GLN I 157 72.13 -5.01 -33.90
CA GLN I 157 73.11 -5.55 -32.97
C GLN I 157 72.82 -5.13 -31.54
N ALA I 158 72.42 -3.86 -31.34
CA ALA I 158 72.07 -3.40 -29.99
C ALA I 158 70.80 -4.07 -29.48
N PHE I 159 69.81 -4.27 -30.36
CA PHE I 159 68.57 -4.93 -29.95
C PHE I 159 68.81 -6.41 -29.66
N ILE I 160 69.71 -7.06 -30.39
CA ILE I 160 70.04 -8.46 -30.11
C ILE I 160 70.82 -8.56 -28.80
N GLY I 161 71.72 -7.61 -28.55
CA GLY I 161 72.47 -7.62 -27.31
C GLY I 161 71.71 -7.16 -26.09
N ILE I 162 70.52 -6.58 -26.28
CA ILE I 162 69.71 -6.14 -25.15
C ILE I 162 69.19 -7.34 -24.35
N THR I 163 68.40 -8.20 -24.98
CA THR I 163 67.77 -9.32 -24.29
C THR I 163 68.56 -10.62 -24.44
N ALA I 164 69.88 -10.55 -24.56
CA ALA I 164 70.70 -11.73 -24.76
C ALA I 164 70.93 -12.45 -23.44
N VAL I 165 70.80 -13.78 -23.47
CA VAL I 165 71.01 -14.59 -22.28
C VAL I 165 72.50 -14.67 -21.96
N LYS I 166 72.81 -14.87 -20.68
CA LYS I 166 74.21 -14.94 -20.26
C LYS I 166 74.83 -16.27 -20.63
N GLY I 167 74.08 -17.36 -20.52
CA GLY I 167 74.56 -18.67 -20.92
C GLY I 167 75.44 -19.35 -19.90
N ALA I 168 76.66 -18.84 -19.71
CA ALA I 168 77.60 -19.44 -18.77
C ALA I 168 77.15 -19.14 -17.35
N PRO I 169 76.78 -20.15 -16.56
CA PRO I 169 76.18 -19.89 -15.25
C PRO I 169 77.24 -19.51 -14.22
N ALA I 170 76.81 -18.68 -13.27
CA ALA I 170 77.69 -18.24 -12.20
C ALA I 170 76.85 -18.09 -10.94
N SER I 171 77.15 -18.90 -9.93
CA SER I 171 76.60 -18.72 -8.61
C SER I 171 77.52 -17.79 -7.82
N HIS I 172 77.33 -17.73 -6.51
CA HIS I 172 78.18 -16.92 -5.65
C HIS I 172 78.17 -17.54 -4.26
N SER I 173 79.03 -17.01 -3.39
CA SER I 173 78.89 -17.30 -1.96
C SER I 173 77.59 -16.74 -1.43
N LEU I 174 77.22 -15.55 -1.88
CA LEU I 174 76.01 -14.86 -1.45
C LEU I 174 74.88 -15.09 -2.45
N ALA I 175 74.61 -16.37 -2.71
CA ALA I 175 73.59 -16.72 -3.69
C ALA I 175 72.70 -17.87 -3.25
N LYS I 176 72.82 -18.31 -1.99
CA LYS I 176 71.96 -19.33 -1.36
C LYS I 176 72.01 -20.67 -2.10
N GLN I 177 73.18 -21.29 -2.06
CA GLN I 177 73.33 -22.65 -2.57
C GLN I 177 72.86 -23.66 -1.53
N LEU I 178 71.99 -24.57 -1.95
CA LEU I 178 71.31 -25.49 -1.04
C LEU I 178 71.35 -26.91 -1.59
N TYR I 179 71.54 -27.88 -0.70
CA TYR I 179 71.43 -29.28 -1.07
C TYR I 179 69.98 -29.73 -0.99
N PHE I 180 69.58 -30.56 -1.95
CA PHE I 180 68.31 -31.25 -1.90
C PHE I 180 68.54 -32.74 -2.06
N PRO I 181 68.01 -33.57 -1.17
CA PRO I 181 68.26 -35.01 -1.26
C PRO I 181 67.49 -35.67 -2.39
N LEU I 182 68.10 -36.72 -2.94
CA LEU I 182 67.62 -37.52 -4.05
C LEU I 182 66.91 -38.76 -3.55
N PRO I 183 66.11 -39.45 -4.39
CA PRO I 183 65.45 -40.67 -3.93
C PRO I 183 66.38 -41.87 -3.77
N GLY I 184 67.01 -41.98 -2.61
CA GLY I 184 67.87 -43.11 -2.33
C GLY I 184 69.28 -42.97 -2.85
N SER I 185 69.77 -41.76 -3.05
CA SER I 185 71.06 -41.49 -3.66
C SER I 185 71.59 -40.18 -3.07
N GLY I 186 72.46 -39.52 -3.79
CA GLY I 186 73.13 -38.33 -3.29
C GLY I 186 72.29 -37.08 -3.26
N TYR I 187 72.86 -35.95 -3.67
CA TYR I 187 72.21 -34.66 -3.51
C TYR I 187 72.29 -33.87 -4.80
N HIS I 188 71.48 -32.82 -4.87
CA HIS I 188 71.53 -31.85 -5.95
C HIS I 188 71.73 -30.45 -5.38
N LEU I 189 72.52 -29.64 -6.07
CA LEU I 189 72.74 -28.27 -5.65
C LEU I 189 71.71 -27.37 -6.31
N LEU I 190 71.26 -26.36 -5.56
CA LEU I 190 70.15 -25.52 -5.98
C LEU I 190 70.44 -24.08 -5.64
N ALA I 191 70.17 -23.19 -6.58
CA ALA I 191 70.34 -21.75 -6.39
C ALA I 191 69.05 -21.05 -6.79
N PRO I 192 68.21 -20.66 -5.83
CA PRO I 192 66.98 -19.95 -6.18
C PRO I 192 67.25 -18.54 -6.65
N LEU I 193 66.56 -18.15 -7.72
CA LEU I 193 66.57 -16.78 -8.19
C LEU I 193 65.40 -16.02 -7.57
N PHE I 194 65.55 -14.71 -7.48
CA PHE I 194 64.50 -13.87 -6.90
C PHE I 194 63.46 -13.60 -7.97
N PRO I 195 62.22 -14.10 -7.83
CA PRO I 195 61.24 -13.96 -8.92
C PRO I 195 60.72 -12.54 -9.06
N THR I 196 61.51 -11.69 -9.74
CA THR I 196 61.23 -10.26 -9.80
C THR I 196 59.93 -9.96 -10.55
N SER I 197 59.69 -10.68 -11.65
CA SER I 197 58.45 -10.50 -12.40
C SER I 197 57.25 -10.99 -11.59
N LEU I 198 57.42 -12.07 -10.85
CA LEU I 198 56.33 -12.61 -10.04
C LEU I 198 55.99 -11.68 -8.88
N VAL I 199 57.01 -11.17 -8.19
CA VAL I 199 56.73 -10.27 -7.07
C VAL I 199 56.25 -8.91 -7.57
N HIS I 200 56.61 -8.52 -8.80
CA HIS I 200 56.06 -7.29 -9.35
C HIS I 200 54.60 -7.48 -9.75
N HIS I 201 54.26 -8.67 -10.24
CA HIS I 201 52.87 -8.98 -10.58
C HIS I 201 51.99 -8.99 -9.33
N VAL I 202 52.44 -9.67 -8.27
CA VAL I 202 51.65 -9.68 -7.05
C VAL I 202 51.72 -8.34 -6.33
N HIS I 203 52.74 -7.52 -6.57
CA HIS I 203 52.76 -6.18 -6.01
C HIS I 203 51.73 -5.30 -6.69
N ALA I 204 51.58 -5.45 -8.01
CA ALA I 204 50.52 -4.73 -8.72
C ALA I 204 49.14 -5.21 -8.28
N LEU I 205 49.00 -6.52 -8.04
CA LEU I 205 47.72 -7.04 -7.55
C LEU I 205 47.40 -6.54 -6.15
N LEU I 206 48.41 -6.47 -5.28
CA LEU I 206 48.18 -5.98 -3.92
C LEU I 206 47.97 -4.47 -3.87
N ARG I 207 48.55 -3.73 -4.82
CA ARG I 207 48.24 -2.30 -4.90
C ARG I 207 46.84 -2.07 -5.46
N GLU I 208 46.40 -2.94 -6.37
CA GLU I 208 45.03 -2.85 -6.87
C GLU I 208 44.03 -3.26 -5.80
N ALA I 209 44.40 -4.17 -4.91
CA ALA I 209 43.51 -4.58 -3.83
C ALA I 209 43.47 -3.54 -2.71
N ARG I 210 44.63 -3.06 -2.28
CA ARG I 210 44.69 -2.15 -1.14
C ARG I 210 44.30 -0.73 -1.52
N PHE I 211 44.73 -0.26 -2.69
CA PHE I 211 44.43 1.08 -3.16
C PHE I 211 43.56 0.98 -4.41
N GLY I 212 43.32 2.10 -5.05
CA GLY I 212 42.46 2.07 -6.21
C GLY I 212 41.04 2.50 -5.89
N ASP I 213 40.36 3.05 -6.89
CA ASP I 213 39.08 3.71 -6.66
C ASP I 213 37.94 2.74 -6.41
N ALA I 214 38.01 1.54 -7.00
CA ALA I 214 36.99 0.53 -6.72
C ALA I 214 37.08 0.03 -5.29
N ALA I 215 38.30 -0.19 -4.79
CA ALA I 215 38.49 -0.58 -3.41
C ALA I 215 38.13 0.55 -2.45
N LYS I 216 38.37 1.80 -2.85
CA LYS I 216 37.95 2.94 -2.03
C LYS I 216 36.44 3.04 -1.95
N ALA I 217 35.76 2.82 -3.08
CA ALA I 217 34.29 2.88 -3.10
C ALA I 217 33.69 1.73 -2.30
N ALA I 218 34.29 0.54 -2.37
CA ALA I 218 33.79 -0.58 -1.58
C ALA I 218 34.10 -0.41 -0.09
N ARG I 219 35.23 0.21 0.25
CA ARG I 219 35.51 0.49 1.66
C ARG I 219 34.61 1.58 2.21
N GLU I 220 34.16 2.51 1.36
CA GLU I 220 33.14 3.47 1.78
C GLU I 220 31.80 2.76 1.95
N ALA I 221 31.44 1.89 1.01
CA ALA I 221 30.17 1.17 1.08
C ALA I 221 30.14 0.08 2.15
N ARG I 222 31.28 -0.23 2.76
CA ARG I 222 31.31 -1.04 3.97
C ARG I 222 31.59 -0.24 5.23
N SER I 223 32.03 1.02 5.09
CA SER I 223 32.16 1.88 6.27
C SER I 223 30.79 2.26 6.81
N ARG I 224 29.89 2.68 5.94
CA ARG I 224 28.46 2.65 6.20
C ARG I 224 27.92 1.34 5.67
N GLN I 225 26.68 1.01 6.06
CA GLN I 225 26.12 -0.29 5.72
C GLN I 225 25.35 -0.29 4.41
N GLU I 226 25.71 0.58 3.47
CA GLU I 226 25.02 0.65 2.19
C GLU I 226 25.53 -0.44 1.24
N SER I 227 25.07 -0.42 0.01
CA SER I 227 25.33 -1.50 -0.94
C SER I 227 26.21 -1.04 -2.10
N TRP I 228 26.94 -2.00 -2.65
CA TRP I 228 27.76 -1.85 -3.85
C TRP I 228 27.92 -3.24 -4.46
N PRO I 229 27.85 -3.37 -5.79
CA PRO I 229 27.76 -4.71 -6.39
C PRO I 229 29.09 -5.41 -6.60
N HIS I 230 30.00 -5.31 -5.62
CA HIS I 230 31.27 -6.03 -5.55
C HIS I 230 31.88 -5.76 -4.20
N GLY I 231 32.57 -6.76 -3.65
CA GLY I 231 33.24 -6.61 -2.37
C GLY I 231 34.62 -5.99 -2.53
N PHE I 232 35.44 -6.19 -1.50
CA PHE I 232 36.83 -5.75 -1.54
C PHE I 232 37.68 -6.71 -0.73
N SER I 233 38.94 -6.35 -0.56
CA SER I 233 39.94 -7.25 0.03
C SER I 233 40.77 -6.48 1.03
N GLU I 234 41.07 -7.10 2.17
CA GLU I 234 42.00 -6.54 3.14
C GLU I 234 43.01 -7.60 3.53
N TYR I 235 44.27 -7.19 3.63
CA TYR I 235 45.39 -8.10 3.90
C TYR I 235 46.04 -7.69 5.21
N PRO I 236 45.66 -8.29 6.33
CA PRO I 236 46.33 -7.97 7.59
C PRO I 236 47.72 -8.57 7.65
N ASN I 237 48.56 -7.95 8.49
CA ASN I 237 49.90 -8.41 8.84
C ASN I 237 50.82 -8.50 7.61
N LEU I 238 50.66 -7.56 6.68
CA LEU I 238 51.60 -7.47 5.57
C LEU I 238 52.91 -6.91 6.07
N ALA I 239 53.98 -7.70 5.96
CA ALA I 239 55.29 -7.21 6.37
C ALA I 239 55.97 -6.50 5.21
N ILE I 240 56.88 -5.58 5.53
CA ILE I 240 57.63 -4.85 4.52
C ILE I 240 59.08 -5.27 4.59
N GLN I 241 59.68 -5.57 3.44
CA GLN I 241 61.09 -5.87 3.32
C GLN I 241 61.69 -4.89 2.33
N LYS I 242 62.81 -4.27 2.70
CA LYS I 242 63.48 -3.29 1.87
C LYS I 242 64.68 -3.91 1.17
N PHE I 243 65.09 -3.28 0.07
CA PHE I 243 66.15 -3.79 -0.79
C PHE I 243 67.23 -2.73 -0.95
N GLY I 244 68.48 -3.14 -0.76
CA GLY I 244 69.61 -2.27 -1.00
C GLY I 244 69.83 -1.23 0.07
N GLY I 245 68.93 -0.25 0.15
CA GLY I 245 69.05 0.80 1.13
C GLY I 245 68.54 2.12 0.62
N THR I 246 69.34 3.17 0.75
CA THR I 246 68.94 4.50 0.34
C THR I 246 68.98 4.70 -1.17
N LYS I 247 69.62 3.79 -1.92
CA LYS I 247 69.67 3.86 -3.38
C LYS I 247 69.03 2.59 -3.91
N PRO I 248 67.70 2.55 -4.06
CA PRO I 248 67.00 1.34 -4.50
C PRO I 248 66.93 1.17 -6.01
N GLN I 249 68.07 1.37 -6.68
CA GLN I 249 68.14 1.10 -8.12
C GLN I 249 69.46 0.44 -8.50
N ASN I 250 70.15 -0.20 -7.55
CA ASN I 250 71.26 -1.08 -7.91
C ASN I 250 70.76 -2.30 -8.66
N ILE I 251 69.53 -2.70 -8.38
CA ILE I 251 68.78 -3.63 -9.22
C ILE I 251 67.55 -2.89 -9.74
N SER I 252 67.14 -3.23 -10.95
CA SER I 252 66.01 -2.54 -11.57
C SER I 252 64.70 -3.18 -11.12
N GLN I 253 63.59 -2.74 -11.72
CA GLN I 253 62.21 -3.06 -11.34
C GLN I 253 61.91 -2.66 -9.89
N LEU I 254 62.65 -1.68 -9.38
CA LEU I 254 62.49 -1.14 -8.03
C LEU I 254 62.36 0.36 -8.21
N ASN I 255 61.13 0.82 -8.41
CA ASN I 255 60.88 2.18 -8.88
C ASN I 255 60.98 3.17 -7.71
N SER I 256 60.50 4.40 -7.93
CA SER I 256 60.58 5.44 -6.90
C SER I 256 59.62 5.13 -5.74
N GLU I 257 58.36 4.87 -6.05
CA GLU I 257 57.42 4.45 -5.01
C GLU I 257 57.73 3.04 -4.54
N ARG I 258 58.25 2.19 -5.43
CA ARG I 258 58.66 0.83 -5.07
C ARG I 258 60.14 0.83 -4.69
N TYR I 259 60.48 1.67 -3.70
CA TYR I 259 61.86 1.88 -3.29
C TYR I 259 62.34 0.67 -2.48
N GLY I 260 62.58 -0.42 -3.20
CA GLY I 260 62.89 -1.68 -2.57
C GLY I 260 61.73 -2.31 -1.84
N GLU I 261 60.51 -1.85 -2.08
CA GLU I 261 59.34 -2.29 -1.32
C GLU I 261 58.91 -3.67 -1.79
N ASN I 262 59.25 -4.70 -1.00
CA ASN I 262 58.73 -6.03 -1.21
C ASN I 262 57.89 -6.38 0.00
N TRP I 263 56.57 -6.32 -0.13
CA TRP I 263 55.74 -6.67 1.01
C TRP I 263 55.28 -8.11 0.92
N LEU I 264 55.24 -8.76 2.08
CA LEU I 264 55.04 -10.19 2.20
C LEU I 264 53.74 -10.47 2.94
N LEU I 265 53.01 -11.47 2.44
CA LEU I 265 51.76 -11.90 3.03
C LEU I 265 52.03 -12.77 4.24
N PRO I 266 51.09 -12.81 5.19
CA PRO I 266 51.33 -13.56 6.43
C PRO I 266 51.25 -15.06 6.23
N SER I 267 52.14 -15.77 6.92
CA SER I 267 52.14 -17.22 6.99
C SER I 267 52.19 -17.66 8.44
N LEU I 268 51.34 -17.06 9.26
CA LEU I 268 51.49 -17.13 10.70
C LEU I 268 50.76 -18.33 11.30
N PRO I 269 51.26 -18.83 12.43
CA PRO I 269 50.47 -19.72 13.29
C PRO I 269 49.26 -19.00 13.86
N PRO I 270 48.25 -19.74 14.37
CA PRO I 270 46.99 -19.08 14.76
C PRO I 270 47.08 -18.12 15.94
N HIS I 271 47.92 -18.40 16.93
CA HIS I 271 48.02 -17.55 18.12
C HIS I 271 49.36 -16.81 18.10
N TRP I 272 49.30 -15.51 17.80
CA TRP I 272 50.52 -14.73 17.64
C TRP I 272 51.03 -14.17 18.97
N GLN I 273 50.12 -13.84 19.90
CA GLN I 273 50.52 -13.13 21.11
C GLN I 273 49.93 -13.76 22.36
N ARG I 274 49.81 -12.97 23.43
CA ARG I 274 49.29 -13.42 24.71
C ARG I 274 50.18 -14.47 25.36
N GLN I 275 51.46 -14.11 25.53
CA GLN I 275 52.40 -14.99 26.20
C GLN I 275 52.05 -15.16 27.67
N ASP I 276 51.54 -14.09 28.29
CA ASP I 276 51.00 -14.18 29.64
C ASP I 276 49.65 -14.88 29.60
N GLN I 277 49.29 -15.51 30.72
CA GLN I 277 48.02 -16.21 30.83
C GLN I 277 46.87 -15.19 30.84
N ARG I 278 46.21 -15.04 29.70
CA ARG I 278 45.13 -14.06 29.59
C ARG I 278 43.90 -14.51 30.35
N ALA I 279 43.67 -15.83 30.44
CA ALA I 279 42.50 -16.36 31.11
C ALA I 279 42.91 -17.10 32.37
N PRO I 280 42.93 -16.43 33.52
CA PRO I 280 43.11 -17.14 34.80
C PRO I 280 41.77 -17.46 35.42
N ILE I 281 41.75 -18.26 36.48
CA ILE I 281 40.49 -18.53 37.17
C ILE I 281 40.25 -17.36 38.12
N ARG I 282 39.66 -16.29 37.57
CA ARG I 282 39.49 -15.03 38.28
C ARG I 282 38.13 -15.01 38.97
N HIS I 283 37.72 -13.82 39.44
CA HIS I 283 36.40 -13.67 40.05
C HIS I 283 35.30 -13.83 39.01
N SER I 284 35.35 -13.04 37.94
CA SER I 284 34.32 -13.09 36.92
C SER I 284 34.42 -14.30 36.00
N SER I 285 35.51 -15.06 36.07
CA SER I 285 35.72 -16.18 35.17
C SER I 285 35.83 -17.53 35.87
N VAL I 286 36.23 -17.57 37.14
CA VAL I 286 36.33 -18.85 37.83
C VAL I 286 34.96 -19.39 38.18
N PHE I 287 33.99 -18.51 38.43
CA PHE I 287 32.62 -18.96 38.67
C PHE I 287 31.96 -19.39 37.36
N GLU I 288 32.08 -18.57 36.32
CA GLU I 288 31.52 -18.87 35.01
C GLU I 288 32.68 -19.23 34.09
N HIS I 289 33.01 -20.52 34.08
CA HIS I 289 34.13 -21.02 33.27
C HIS I 289 33.84 -20.97 31.77
N ASP I 290 32.56 -20.93 31.38
CA ASP I 290 32.17 -20.81 29.98
C ASP I 290 32.00 -19.38 29.53
N PHE I 291 32.69 -18.44 30.18
CA PHE I 291 32.61 -17.03 29.77
C PHE I 291 33.31 -16.79 28.43
N GLY I 292 34.28 -17.64 28.09
CA GLY I 292 34.94 -17.56 26.80
C GLY I 292 35.88 -16.38 26.69
N ARG I 293 36.93 -16.35 27.51
CA ARG I 293 37.90 -15.26 27.49
C ARG I 293 38.85 -15.48 26.32
N SER I 294 38.40 -15.05 25.13
CA SER I 294 39.19 -15.17 23.93
C SER I 294 38.57 -14.34 22.82
N PRO I 295 39.37 -13.57 22.07
CA PRO I 295 38.79 -12.83 20.93
C PRO I 295 38.47 -13.71 19.75
N GLU I 296 39.33 -14.69 19.46
CA GLU I 296 39.10 -15.56 18.31
C GLU I 296 37.93 -16.51 18.54
N VAL I 297 37.80 -17.03 19.77
CA VAL I 297 36.68 -17.91 20.09
C VAL I 297 35.37 -17.13 20.09
N SER I 298 35.40 -15.88 20.55
CA SER I 298 34.21 -15.04 20.54
C SER I 298 33.81 -14.66 19.12
N ARG I 299 34.80 -14.37 18.26
CA ARG I 299 34.52 -14.07 16.86
C ARG I 299 33.97 -15.28 16.13
N LEU I 300 34.50 -16.47 16.43
CA LEU I 300 34.01 -17.70 15.81
C LEU I 300 32.59 -18.01 16.29
N THR I 301 32.30 -17.75 17.57
CA THR I 301 30.95 -17.97 18.08
C THR I 301 29.96 -16.99 17.47
N ARG I 302 30.37 -15.73 17.28
CA ARG I 302 29.49 -14.76 16.63
C ARG I 302 29.25 -15.11 15.16
N THR I 303 30.29 -15.60 14.47
CA THR I 303 30.12 -16.01 13.08
C THR I 303 29.26 -17.26 12.97
N LEU I 304 29.35 -18.17 13.95
CA LEU I 304 28.50 -19.36 13.94
C LEU I 304 27.05 -19.00 14.24
N GLN I 305 26.83 -18.06 15.16
CA GLN I 305 25.47 -17.63 15.47
C GLN I 305 24.86 -16.78 14.37
N ARG I 306 25.69 -16.12 13.55
CA ARG I 306 25.15 -15.33 12.44
C ARG I 306 24.54 -16.20 11.35
N LEU I 307 25.06 -17.41 11.17
CA LEU I 307 24.51 -18.34 10.17
C LEU I 307 23.22 -18.94 10.74
N LEU I 308 22.09 -18.39 10.35
CA LEU I 308 20.79 -18.84 10.84
C LEU I 308 19.76 -19.11 9.75
N ALA I 309 19.97 -18.61 8.54
CA ALA I 309 19.02 -18.85 7.45
C ALA I 309 19.20 -20.27 6.89
N LYS I 310 18.17 -20.74 6.21
CA LYS I 310 18.15 -22.06 5.61
C LYS I 310 18.00 -21.94 4.10
N THR I 311 18.71 -22.79 3.36
CA THR I 311 18.70 -22.77 1.90
C THR I 311 17.82 -23.90 1.37
N ARG I 312 17.28 -23.69 0.17
CA ARG I 312 16.49 -24.72 -0.48
C ARG I 312 17.38 -25.74 -1.18
N HIS I 313 18.56 -25.33 -1.64
CA HIS I 313 19.52 -26.24 -2.26
C HIS I 313 20.94 -26.06 -1.76
N ASN I 314 21.22 -25.03 -0.96
CA ASN I 314 22.55 -24.81 -0.40
C ASN I 314 22.73 -25.45 0.97
N ASN I 315 21.67 -26.03 1.55
CA ASN I 315 21.77 -26.65 2.85
C ASN I 315 22.63 -27.90 2.83
N PHE I 316 22.71 -28.58 1.67
CA PHE I 316 23.48 -29.81 1.55
C PHE I 316 24.98 -29.58 1.71
N THR I 317 25.46 -28.37 1.45
CA THR I 317 26.83 -27.97 1.75
C THR I 317 26.91 -27.01 2.94
N ILE I 318 25.86 -26.24 3.17
CA ILE I 318 25.85 -25.26 4.25
C ILE I 318 25.83 -25.96 5.61
N ARG I 319 25.15 -27.11 5.70
CA ARG I 319 25.13 -27.87 6.94
C ARG I 319 26.50 -28.47 7.24
N ARG I 320 27.20 -28.93 6.20
CA ARG I 320 28.55 -29.44 6.39
C ARG I 320 29.52 -28.32 6.77
N TYR I 321 29.31 -27.13 6.22
CA TYR I 321 30.13 -25.98 6.60
C TYR I 321 29.87 -25.56 8.04
N ARG I 322 28.61 -25.61 8.48
CA ARG I 322 28.29 -25.30 9.88
C ARG I 322 28.83 -26.36 10.82
N ALA I 323 28.83 -27.62 10.39
CA ALA I 323 29.40 -28.69 11.20
C ALA I 323 30.91 -28.54 11.31
N GLN I 324 31.57 -28.12 10.22
CA GLN I 324 33.00 -27.84 10.27
C GLN I 324 33.30 -26.65 11.18
N LEU I 325 32.43 -25.63 11.17
CA LEU I 325 32.61 -24.48 12.05
C LEU I 325 32.44 -24.87 13.51
N VAL I 326 31.47 -25.74 13.81
CA VAL I 326 31.26 -26.20 15.18
C VAL I 326 32.42 -27.08 15.64
N GLY I 327 32.96 -27.89 14.74
CA GLY I 327 34.13 -28.68 15.08
C GLY I 327 35.36 -27.83 15.30
N GLN I 328 35.49 -26.74 14.54
CA GLN I 328 36.58 -25.80 14.76
C GLN I 328 36.42 -25.08 16.10
N ILE I 329 35.17 -24.79 16.50
CA ILE I 329 34.93 -24.17 17.79
C ILE I 329 35.27 -25.13 18.93
N CYS I 330 34.95 -26.42 18.75
CA CYS I 330 35.30 -27.41 19.77
C CYS I 330 36.82 -27.61 19.85
N ASP I 331 37.50 -27.59 18.71
CA ASP I 331 38.96 -27.68 18.71
C ASP I 331 39.59 -26.44 19.35
N GLU I 332 38.98 -25.27 19.15
CA GLU I 332 39.48 -24.06 19.79
C GLU I 332 39.25 -24.10 21.30
N ALA I 333 38.16 -24.72 21.72
CA ALA I 333 37.93 -24.90 23.16
C ALA I 333 38.95 -25.85 23.77
N LEU I 334 39.30 -26.92 23.04
CA LEU I 334 40.33 -27.84 23.52
C LEU I 334 41.70 -27.17 23.56
N GLN I 335 41.98 -26.31 22.58
CA GLN I 335 43.24 -25.57 22.56
C GLN I 335 43.30 -24.55 23.70
N TYR I 336 42.17 -23.93 24.01
CA TYR I 336 42.12 -23.00 25.14
C TYR I 336 42.30 -23.72 26.46
N ALA I 337 41.76 -24.94 26.56
CA ALA I 337 41.99 -25.76 27.75
C ALA I 337 43.45 -26.15 27.88
N ALA I 338 44.10 -26.46 26.76
CA ALA I 338 45.52 -26.79 26.79
C ALA I 338 46.38 -25.58 27.15
N ARG I 339 46.02 -24.41 26.63
CA ARG I 339 46.76 -23.18 26.93
C ARG I 339 46.59 -22.78 28.39
N LEU I 340 45.40 -23.05 28.96
CA LEU I 340 45.21 -22.83 30.39
C LEU I 340 46.00 -23.83 31.21
N ARG I 341 46.07 -25.09 30.75
CA ARG I 341 46.82 -26.11 31.46
C ARG I 341 48.33 -25.89 31.39
N GLU I 342 48.81 -25.17 30.38
CA GLU I 342 50.23 -24.88 30.29
C GLU I 342 50.69 -23.81 31.27
N LEU I 343 49.77 -23.03 31.83
CA LEU I 343 50.12 -21.89 32.67
C LEU I 343 49.42 -21.99 34.03
N GLU I 344 49.47 -23.17 34.63
CA GLU I 344 48.87 -23.42 35.94
C GLU I 344 49.89 -24.13 36.82
N PRO I 345 50.87 -23.40 37.35
CA PRO I 345 51.84 -24.02 38.27
C PRO I 345 51.21 -24.43 39.59
N GLY I 346 50.50 -23.51 40.22
CA GLY I 346 49.73 -23.84 41.40
C GLY I 346 48.24 -23.85 41.13
N TRP I 347 47.64 -25.03 41.02
CA TRP I 347 46.20 -25.16 40.79
C TRP I 347 45.49 -25.03 42.13
N SER I 348 45.40 -23.79 42.60
CA SER I 348 44.84 -23.49 43.91
C SER I 348 43.55 -22.70 43.75
N ALA I 349 42.56 -23.03 44.56
CA ALA I 349 41.28 -22.34 44.52
C ALA I 349 41.39 -20.97 45.19
N THR I 350 40.69 -20.00 44.62
CA THR I 350 40.70 -18.63 45.12
C THR I 350 39.28 -18.10 45.17
N PRO I 351 39.08 -16.87 45.64
CA PRO I 351 37.73 -16.30 45.66
C PRO I 351 37.25 -15.98 44.25
N GLY I 352 35.97 -16.23 44.01
CA GLY I 352 35.42 -16.10 42.68
C GLY I 352 35.62 -17.30 41.78
N CYS I 353 36.20 -18.37 42.30
CA CYS I 353 36.41 -19.62 41.57
C CYS I 353 35.35 -20.65 41.89
N GLN I 354 34.10 -20.19 42.05
CA GLN I 354 33.01 -21.04 42.54
C GLN I 354 32.63 -22.15 41.56
N LEU I 355 33.02 -22.05 40.29
CA LEU I 355 32.85 -23.13 39.34
C LEU I 355 33.96 -24.17 39.40
N HIS I 356 34.72 -24.21 40.51
CA HIS I 356 35.86 -25.10 40.67
C HIS I 356 35.49 -26.58 40.72
N ASP I 357 34.21 -26.92 40.88
CA ASP I 357 33.79 -28.30 40.73
C ASP I 357 33.88 -28.75 39.28
N ALA I 358 33.54 -27.87 38.35
CA ALA I 358 33.59 -28.17 36.93
C ALA I 358 34.75 -27.48 36.20
N GLU I 359 34.91 -26.17 36.42
CA GLU I 359 36.00 -25.45 35.76
C GLU I 359 37.35 -25.80 36.40
N GLN I 360 37.38 -25.98 37.72
CA GLN I 360 38.61 -26.38 38.38
C GLN I 360 38.93 -27.85 38.13
N LEU I 361 37.92 -28.65 37.75
CA LEU I 361 38.18 -30.04 37.41
C LEU I 361 38.59 -30.19 35.95
N TRP I 362 37.92 -29.47 35.03
CA TRP I 362 38.27 -29.55 33.62
C TRP I 362 39.56 -28.80 33.32
N LEU I 363 39.86 -27.76 34.08
CA LEU I 363 41.13 -27.05 34.02
C LEU I 363 42.07 -27.50 35.13
N ASP I 364 42.02 -28.79 35.45
CA ASP I 364 42.75 -29.34 36.58
C ASP I 364 44.24 -29.40 36.29
N PRO I 365 45.09 -28.83 37.13
CA PRO I 365 46.54 -28.95 36.92
C PRO I 365 47.08 -30.32 37.33
N LEU I 366 48.40 -30.44 37.35
CA LEU I 366 49.05 -31.64 37.87
C LEU I 366 48.69 -31.87 39.34
N ARG I 367 48.79 -33.14 39.76
CA ARG I 367 48.28 -33.59 41.04
C ARG I 367 48.98 -32.94 42.24
N ALA I 368 48.25 -32.08 42.94
CA ALA I 368 48.79 -31.38 44.09
C ALA I 368 48.70 -32.26 45.34
N GLN I 369 49.15 -31.70 46.46
CA GLN I 369 49.07 -32.41 47.73
C GLN I 369 47.63 -32.44 48.25
N THR I 370 46.88 -31.35 48.04
CA THR I 370 45.50 -31.31 48.49
C THR I 370 44.61 -32.21 47.62
N ASP I 371 44.86 -32.22 46.31
CA ASP I 371 44.15 -33.12 45.40
C ASP I 371 44.95 -34.41 45.19
N GLU I 372 45.21 -35.08 46.30
CA GLU I 372 46.02 -36.29 46.32
C GLU I 372 45.19 -37.51 45.90
N THR I 373 45.71 -38.70 46.15
CA THR I 373 44.96 -39.93 45.90
C THR I 373 43.74 -40.04 46.81
N PHE I 374 43.80 -39.46 48.01
CA PHE I 374 42.62 -39.34 48.85
C PHE I 374 41.60 -38.37 48.28
N LEU I 375 42.02 -37.46 47.40
CA LEU I 375 41.12 -36.62 46.61
C LEU I 375 40.95 -37.18 45.20
N GLN I 376 40.89 -38.51 45.08
CA GLN I 376 40.79 -39.18 43.78
C GLN I 376 39.45 -38.98 43.10
N ARG I 377 38.44 -38.46 43.81
CA ARG I 377 37.20 -38.01 43.21
C ARG I 377 36.96 -36.52 43.39
N ARG I 378 37.70 -35.86 44.27
CA ARG I 378 37.57 -34.43 44.51
C ARG I 378 38.62 -33.60 43.81
N LEU I 379 39.90 -33.92 44.02
CA LEU I 379 40.99 -33.25 43.32
C LEU I 379 41.47 -34.01 42.10
N ARG I 380 41.58 -35.35 42.20
CA ARG I 380 41.99 -36.19 41.08
C ARG I 380 40.82 -36.91 40.42
N GLY I 381 39.63 -36.30 40.46
CA GLY I 381 38.46 -36.91 39.85
C GLY I 381 38.36 -36.57 38.38
N ASP I 382 38.17 -37.60 37.56
CA ASP I 382 37.91 -37.42 36.14
C ASP I 382 36.44 -37.04 35.98
N TRP I 383 36.19 -35.74 35.89
CA TRP I 383 34.82 -35.23 35.83
C TRP I 383 34.55 -34.60 34.47
N PRO I 384 34.53 -35.39 33.40
CA PRO I 384 34.28 -34.80 32.08
C PRO I 384 32.81 -34.58 31.76
N ALA I 385 31.89 -35.17 32.52
CA ALA I 385 30.47 -35.02 32.24
C ALA I 385 29.98 -33.61 32.57
N GLU I 386 30.42 -33.07 33.71
CA GLU I 386 30.03 -31.72 34.10
C GLU I 386 30.66 -30.67 33.19
N VAL I 387 31.91 -30.90 32.76
CA VAL I 387 32.57 -30.00 31.84
C VAL I 387 31.89 -30.04 30.47
N GLY I 388 31.49 -31.23 30.03
CA GLY I 388 30.76 -31.35 28.78
C GLY I 388 29.38 -30.70 28.85
N ASN I 389 28.73 -30.78 30.01
CA ASN I 389 27.44 -30.14 30.19
C ASN I 389 27.57 -28.62 30.19
N ARG I 390 28.63 -28.10 30.84
CA ARG I 390 28.86 -26.65 30.82
C ARG I 390 29.23 -26.16 29.42
N PHE I 391 30.00 -26.96 28.68
CA PHE I 391 30.35 -26.58 27.31
C PHE I 391 29.12 -26.64 26.39
N ALA I 392 28.23 -27.61 26.62
CA ALA I 392 27.01 -27.69 25.84
C ALA I 392 26.07 -26.53 26.18
N ASN I 393 26.06 -26.10 27.44
CA ASN I 393 25.25 -24.95 27.83
C ASN I 393 25.80 -23.66 27.23
N TRP I 394 27.13 -23.52 27.19
CA TRP I 394 27.73 -22.35 26.55
C TRP I 394 27.50 -22.35 25.04
N LEU I 395 27.51 -23.53 24.42
CA LEU I 395 27.21 -23.63 23.00
C LEU I 395 25.75 -23.34 22.70
N ASN I 396 24.83 -23.81 23.57
CA ASN I 396 23.42 -23.54 23.37
C ASN I 396 23.08 -22.09 23.63
N ARG I 397 23.82 -21.42 24.53
CA ARG I 397 23.64 -19.99 24.70
C ARG I 397 24.22 -19.22 23.53
N ALA I 398 25.33 -19.71 22.96
CA ALA I 398 25.89 -19.07 21.78
C ALA I 398 25.10 -19.41 20.52
N VAL I 399 24.62 -20.65 20.41
CA VAL I 399 23.83 -21.10 19.28
C VAL I 399 22.46 -21.48 19.83
N SER I 400 21.54 -20.54 19.82
CA SER I 400 20.15 -20.80 20.21
C SER I 400 19.40 -21.20 18.94
N SER I 401 19.02 -22.47 18.86
CA SER I 401 18.33 -22.97 17.67
C SER I 401 16.89 -22.47 17.63
N ASP I 402 16.40 -22.24 16.42
CA ASP I 402 15.03 -21.79 16.24
C ASP I 402 14.06 -22.96 16.48
N SER I 403 12.78 -22.60 16.65
CA SER I 403 11.76 -23.63 16.87
C SER I 403 11.49 -24.40 15.59
N GLN I 404 11.43 -23.71 14.45
CA GLN I 404 11.29 -24.35 13.15
C GLN I 404 12.62 -24.52 12.44
N ILE I 405 13.74 -24.44 13.18
CA ILE I 405 15.05 -24.62 12.57
C ILE I 405 15.31 -26.08 12.24
N LEU I 406 14.78 -27.00 13.05
CA LEU I 406 14.89 -28.42 12.80
C LEU I 406 13.80 -28.94 11.86
N GLY I 407 12.99 -28.05 11.29
CA GLY I 407 11.98 -28.46 10.33
C GLY I 407 12.56 -28.97 9.02
N SER I 408 13.76 -28.53 8.67
CA SER I 408 14.50 -29.08 7.55
C SER I 408 15.56 -30.00 8.11
N PRO I 409 16.31 -30.71 7.26
CA PRO I 409 17.37 -31.60 7.79
C PRO I 409 18.59 -30.87 8.33
N GLU I 410 18.71 -29.56 8.08
CA GLU I 410 19.87 -28.82 8.55
C GLU I 410 19.86 -28.66 10.06
N ALA I 411 18.69 -28.48 10.65
CA ALA I 411 18.60 -28.32 12.10
C ALA I 411 18.88 -29.64 12.83
N ALA I 412 18.36 -30.75 12.29
CA ALA I 412 18.67 -32.06 12.87
C ALA I 412 20.13 -32.42 12.66
N GLN I 413 20.71 -32.02 11.53
CA GLN I 413 22.14 -32.24 11.30
C GLN I 413 22.99 -31.39 12.24
N TRP I 414 22.54 -30.17 12.56
CA TRP I 414 23.27 -29.33 13.49
C TRP I 414 23.16 -29.87 14.92
N SER I 415 22.01 -30.41 15.29
CA SER I 415 21.85 -31.04 16.60
C SER I 415 22.71 -32.30 16.72
N GLN I 416 22.75 -33.11 15.66
CA GLN I 416 23.60 -34.29 15.65
C GLN I 416 25.07 -33.93 15.66
N GLU I 417 25.44 -32.83 15.00
CA GLU I 417 26.83 -32.38 14.99
C GLU I 417 27.24 -31.85 16.35
N LEU I 418 26.35 -31.13 17.03
CA LEU I 418 26.64 -30.65 18.38
C LEU I 418 26.74 -31.82 19.36
N SER I 419 25.89 -32.83 19.21
CA SER I 419 25.96 -34.01 20.07
C SER I 419 27.24 -34.81 19.82
N LYS I 420 27.64 -34.94 18.55
CA LYS I 420 28.86 -35.68 18.23
C LYS I 420 30.10 -34.92 18.67
N GLU I 421 30.09 -33.59 18.57
CA GLU I 421 31.21 -32.79 19.04
C GLU I 421 31.33 -32.82 20.55
N LEU I 422 30.18 -32.80 21.26
CA LEU I 422 30.20 -32.93 22.71
C LEU I 422 30.67 -34.32 23.13
N THR I 423 30.31 -35.35 22.36
CA THR I 423 30.77 -36.70 22.65
C THR I 423 32.26 -36.85 22.41
N MET I 424 32.79 -36.21 21.36
CA MET I 424 34.23 -36.25 21.10
C MET I 424 35.01 -35.48 22.16
N PHE I 425 34.46 -34.34 22.60
CA PHE I 425 35.10 -33.59 23.68
C PHE I 425 35.05 -34.34 25.00
N LYS I 426 33.95 -35.06 25.26
CA LYS I 426 33.86 -35.86 26.48
C LYS I 426 34.80 -37.06 26.41
N GLU I 427 35.00 -37.63 25.22
CA GLU I 427 35.95 -38.74 25.08
C GLU I 427 37.38 -38.25 25.26
N ILE I 428 37.71 -37.06 24.75
CA ILE I 428 39.04 -36.50 24.93
C ILE I 428 39.27 -36.12 26.39
N LEU I 429 38.22 -35.65 27.07
CA LEU I 429 38.37 -35.28 28.48
C LEU I 429 38.44 -36.49 29.39
N GLU I 430 37.74 -37.57 29.05
CA GLU I 430 37.80 -38.78 29.86
C GLU I 430 39.11 -39.53 29.62
N ASP I 431 39.59 -39.54 28.37
CA ASP I 431 40.89 -40.15 28.10
C ASP I 431 42.02 -39.32 28.70
N GLU I 432 41.85 -38.01 28.81
CA GLU I 432 42.82 -37.13 29.43
C GLU I 432 42.57 -36.96 30.93
N ARG I 433 41.51 -37.54 31.47
CA ARG I 433 41.21 -37.45 32.91
C ARG I 433 41.99 -38.53 33.66
N ASP I 434 43.30 -38.33 33.73
CA ASP I 434 44.17 -39.32 34.35
C ASP I 434 44.56 -40.39 33.34
N MET J 1 -91.27 -42.80 -56.90
CA MET J 1 -90.58 -44.06 -57.15
C MET J 1 -90.64 -44.93 -55.91
N ASP J 2 -90.77 -46.25 -56.11
CA ASP J 2 -91.04 -47.17 -55.02
C ASP J 2 -89.79 -47.66 -54.30
N HIS J 3 -88.62 -47.58 -54.92
CA HIS J 3 -87.41 -48.14 -54.35
C HIS J 3 -86.36 -47.07 -54.08
N TYR J 4 -85.66 -47.21 -52.96
CA TYR J 4 -84.59 -46.31 -52.59
C TYR J 4 -83.35 -47.12 -52.21
N LEU J 5 -82.19 -46.55 -52.49
CA LEU J 5 -80.92 -47.13 -52.06
C LEU J 5 -80.13 -46.04 -51.36
N ASP J 6 -79.60 -46.36 -50.18
CA ASP J 6 -78.79 -45.44 -49.40
C ASP J 6 -77.32 -45.77 -49.61
N ILE J 7 -76.53 -44.76 -49.95
CA ILE J 7 -75.08 -44.82 -49.87
C ILE J 7 -74.63 -43.83 -48.82
N ARG J 8 -73.77 -44.28 -47.91
CA ARG J 8 -73.25 -43.42 -46.87
C ARG J 8 -71.76 -43.22 -47.13
N LEU J 9 -71.30 -41.99 -46.92
CA LEU J 9 -69.89 -41.69 -47.09
C LEU J 9 -69.11 -42.33 -45.96
N ARG J 10 -68.12 -43.14 -46.29
CA ARG J 10 -67.19 -43.65 -45.30
C ARG J 10 -66.36 -42.47 -44.79
N PRO J 11 -66.41 -42.16 -43.49
CA PRO J 11 -65.72 -40.96 -43.00
C PRO J 11 -64.21 -41.13 -43.10
N ASP J 12 -63.58 -40.14 -43.75
CA ASP J 12 -62.22 -40.29 -44.25
C ASP J 12 -61.36 -39.18 -43.66
N PRO J 13 -60.23 -39.52 -43.03
CA PRO J 13 -59.25 -38.47 -42.69
C PRO J 13 -58.55 -37.90 -43.91
N GLU J 14 -58.43 -38.67 -44.99
CA GLU J 14 -57.69 -38.21 -46.16
C GLU J 14 -58.46 -37.15 -46.95
N PHE J 15 -59.77 -37.29 -47.01
CA PHE J 15 -60.62 -36.33 -47.71
C PHE J 15 -61.84 -36.00 -46.86
N PRO J 16 -62.24 -34.74 -46.79
CA PRO J 16 -63.45 -34.38 -46.04
C PRO J 16 -64.70 -34.86 -46.77
N PRO J 17 -65.86 -34.89 -46.10
CA PRO J 17 -67.08 -35.39 -46.76
C PRO J 17 -67.54 -34.56 -47.95
N ALA J 18 -67.13 -33.29 -48.06
CA ALA J 18 -67.59 -32.45 -49.15
C ALA J 18 -67.09 -32.96 -50.51
N GLN J 19 -65.80 -33.32 -50.59
CA GLN J 19 -65.26 -33.82 -51.84
C GLN J 19 -65.77 -35.19 -52.18
N LEU J 20 -65.98 -36.06 -51.17
CA LEU J 20 -66.49 -37.39 -51.46
C LEU J 20 -67.94 -37.33 -51.92
N MET J 21 -68.77 -36.45 -51.35
CA MET J 21 -70.14 -36.33 -51.85
C MET J 21 -70.17 -35.67 -53.23
N SER J 22 -69.23 -34.75 -53.51
CA SER J 22 -69.25 -34.11 -54.84
C SER J 22 -68.75 -35.05 -55.92
N VAL J 23 -67.75 -35.90 -55.61
CA VAL J 23 -67.31 -36.84 -56.64
C VAL J 23 -68.31 -38.00 -56.76
N LEU J 24 -69.05 -38.32 -55.69
CA LEU J 24 -70.17 -39.24 -55.85
C LEU J 24 -71.27 -38.64 -56.72
N PHE J 25 -71.53 -37.34 -56.55
CA PHE J 25 -72.52 -36.64 -57.37
C PHE J 25 -72.07 -36.56 -58.83
N GLY J 26 -70.76 -36.37 -59.05
CA GLY J 26 -70.24 -36.32 -60.41
C GLY J 26 -70.25 -37.66 -61.12
N LYS J 27 -69.87 -38.74 -60.41
CA LYS J 27 -69.93 -40.05 -61.03
C LYS J 27 -71.36 -40.53 -61.18
N LEU J 28 -72.27 -40.07 -60.32
CA LEU J 28 -73.69 -40.35 -60.52
C LEU J 28 -74.23 -39.57 -61.72
N HIS J 29 -73.69 -38.38 -61.97
CA HIS J 29 -74.07 -37.63 -63.15
C HIS J 29 -73.61 -38.33 -64.41
N GLN J 30 -72.36 -38.83 -64.40
CA GLN J 30 -71.85 -39.59 -65.54
C GLN J 30 -72.62 -40.88 -65.75
N ALA J 31 -73.02 -41.53 -64.64
CA ALA J 31 -73.83 -42.75 -64.73
C ALA J 31 -75.22 -42.46 -65.29
N LEU J 32 -75.80 -41.31 -64.96
CA LEU J 32 -77.15 -41.01 -65.42
C LEU J 32 -77.15 -40.51 -66.86
N VAL J 33 -76.07 -39.87 -67.32
CA VAL J 33 -75.96 -39.63 -68.76
C VAL J 33 -75.69 -40.93 -69.51
N ALA J 34 -74.94 -41.86 -68.91
CA ALA J 34 -74.71 -43.15 -69.57
C ALA J 34 -75.97 -44.02 -69.61
N GLN J 35 -76.86 -43.88 -68.63
CA GLN J 35 -78.09 -44.66 -68.58
C GLN J 35 -79.28 -43.93 -69.18
N GLY J 36 -79.30 -42.59 -69.11
CA GLY J 36 -80.39 -41.83 -69.66
C GLY J 36 -81.62 -41.90 -68.78
N GLY J 37 -82.76 -41.54 -69.39
CA GLY J 37 -84.02 -41.58 -68.71
C GLY J 37 -84.26 -40.36 -67.85
N ASP J 38 -85.54 -40.19 -67.44
CA ASP J 38 -85.95 -39.03 -66.67
C ASP J 38 -86.57 -39.45 -65.34
N ARG J 39 -86.42 -40.72 -64.95
CA ARG J 39 -87.10 -41.28 -63.79
C ARG J 39 -86.13 -41.78 -62.72
N ILE J 40 -85.03 -41.06 -62.50
CA ILE J 40 -84.08 -41.37 -61.44
C ILE J 40 -83.99 -40.15 -60.53
N GLY J 41 -84.34 -40.34 -59.25
CA GLY J 41 -84.31 -39.24 -58.32
C GLY J 41 -83.23 -39.37 -57.26
N VAL J 42 -82.83 -38.26 -56.64
CA VAL J 42 -81.89 -38.27 -55.53
C VAL J 42 -82.53 -37.55 -54.35
N SER J 43 -82.04 -37.86 -53.15
CA SER J 43 -82.45 -37.17 -51.94
C SER J 43 -81.33 -37.24 -50.91
N PHE J 44 -81.37 -36.31 -49.96
CA PHE J 44 -80.34 -36.20 -48.92
C PHE J 44 -81.00 -36.07 -47.57
N PRO J 45 -81.10 -37.16 -46.80
CA PRO J 45 -81.83 -37.13 -45.53
C PRO J 45 -81.08 -36.51 -44.36
N ASP J 46 -79.76 -36.36 -44.47
CA ASP J 46 -78.95 -35.73 -43.43
C ASP J 46 -78.80 -34.23 -43.64
N LEU J 47 -79.78 -33.60 -44.29
CA LEU J 47 -79.71 -32.18 -44.60
C LEU J 47 -79.90 -31.35 -43.33
N ASP J 48 -79.00 -30.40 -43.11
CA ASP J 48 -79.05 -29.50 -41.96
C ASP J 48 -79.27 -28.10 -42.53
N GLU J 49 -80.48 -27.58 -42.40
CA GLU J 49 -80.82 -26.27 -42.95
C GLU J 49 -80.24 -25.12 -42.14
N SER J 50 -79.76 -25.37 -40.92
CA SER J 50 -79.18 -24.30 -40.11
C SER J 50 -77.79 -23.92 -40.62
N ARG J 51 -76.99 -24.91 -40.98
CA ARG J 51 -75.62 -24.68 -41.45
C ARG J 51 -75.47 -24.91 -42.95
N SER J 52 -76.57 -25.21 -43.66
CA SER J 52 -76.59 -25.52 -45.10
C SER J 52 -75.65 -26.69 -45.43
N ARG J 53 -75.71 -27.73 -44.61
CA ARG J 53 -74.87 -28.90 -44.76
C ARG J 53 -75.69 -30.06 -45.32
N LEU J 54 -75.09 -30.79 -46.27
CA LEU J 54 -75.78 -31.91 -46.91
C LEU J 54 -75.70 -33.19 -46.10
N GLY J 55 -74.78 -33.30 -45.16
CA GLY J 55 -74.63 -34.52 -44.39
C GLY J 55 -73.72 -35.52 -45.08
N GLU J 56 -73.99 -36.81 -44.82
CA GLU J 56 -73.15 -37.89 -45.32
C GLU J 56 -73.91 -38.93 -46.15
N ARG J 57 -75.21 -38.79 -46.33
CA ARG J 57 -76.04 -39.80 -46.96
C ARG J 57 -76.53 -39.36 -48.32
N LEU J 58 -76.81 -40.34 -49.19
CA LEU J 58 -77.48 -40.10 -50.46
C LEU J 58 -78.45 -41.26 -50.68
N ARG J 59 -79.72 -40.94 -50.88
CA ARG J 59 -80.73 -41.93 -51.21
C ARG J 59 -81.17 -41.73 -52.65
N ILE J 60 -80.78 -42.66 -53.52
CA ILE J 60 -81.20 -42.63 -54.92
C ILE J 60 -82.47 -43.47 -55.07
N HIS J 61 -83.50 -42.87 -55.64
CA HIS J 61 -84.81 -43.48 -55.79
C HIS J 61 -85.03 -43.86 -57.25
N ALA J 62 -85.40 -45.13 -57.46
CA ALA J 62 -85.84 -45.68 -58.74
C ALA J 62 -86.53 -47.02 -58.48
N SER J 63 -86.60 -47.86 -59.51
CA SER J 63 -87.09 -49.23 -59.38
C SER J 63 -85.98 -50.16 -58.88
N ALA J 64 -86.33 -51.45 -58.77
CA ALA J 64 -85.37 -52.44 -58.28
C ALA J 64 -84.32 -52.77 -59.33
N ASP J 65 -84.76 -52.98 -60.59
CA ASP J 65 -83.84 -53.37 -61.64
C ASP J 65 -82.89 -52.24 -62.04
N ASP J 66 -83.37 -51.00 -61.94
CA ASP J 66 -82.55 -49.83 -62.26
C ASP J 66 -81.40 -49.69 -61.26
N LEU J 67 -81.72 -49.80 -59.96
CA LEU J 67 -80.70 -49.72 -58.91
C LEU J 67 -79.78 -50.93 -58.93
N ARG J 68 -80.32 -52.12 -59.21
CA ARG J 68 -79.48 -53.32 -59.28
C ARG J 68 -78.55 -53.30 -60.49
N ALA J 69 -78.96 -52.65 -61.58
CA ALA J 69 -78.06 -52.44 -62.70
C ALA J 69 -77.03 -51.36 -62.39
N LEU J 70 -77.43 -50.33 -61.63
CA LEU J 70 -76.49 -49.27 -61.26
C LEU J 70 -75.46 -49.72 -60.22
N LEU J 71 -75.72 -50.83 -59.52
CA LEU J 71 -74.70 -51.35 -58.60
C LEU J 71 -73.54 -51.99 -59.35
N ALA J 72 -73.82 -52.74 -60.42
CA ALA J 72 -72.82 -53.53 -61.10
C ALA J 72 -72.18 -52.80 -62.29
N ARG J 73 -72.05 -51.48 -62.21
CA ARG J 73 -71.48 -50.68 -63.28
C ARG J 73 -70.21 -49.96 -62.81
N PRO J 74 -69.28 -49.61 -63.72
CA PRO J 74 -68.00 -49.01 -63.27
C PRO J 74 -68.07 -47.55 -62.83
N TRP J 75 -69.27 -46.98 -62.65
CA TRP J 75 -69.37 -45.64 -62.09
C TRP J 75 -69.11 -45.60 -60.60
N LEU J 76 -69.00 -46.77 -59.95
CA LEU J 76 -68.52 -46.87 -58.57
C LEU J 76 -67.12 -47.46 -58.48
N GLU J 77 -66.53 -47.87 -59.60
CA GLU J 77 -65.22 -48.52 -59.59
C GLU J 77 -64.14 -47.50 -59.27
N GLY J 78 -63.27 -47.85 -58.33
CA GLY J 78 -62.32 -46.92 -57.78
C GLY J 78 -62.86 -46.02 -56.70
N LEU J 79 -64.14 -46.16 -56.34
CA LEU J 79 -64.77 -45.40 -55.27
C LEU J 79 -65.20 -46.24 -54.08
N ARG J 80 -65.42 -47.55 -54.29
CA ARG J 80 -66.11 -48.42 -53.33
C ARG J 80 -65.38 -48.60 -52.00
N ASP J 81 -64.12 -48.20 -51.93
CA ASP J 81 -63.40 -48.15 -50.66
C ASP J 81 -63.65 -46.86 -49.88
N HIS J 82 -64.42 -45.93 -50.45
CA HIS J 82 -64.72 -44.66 -49.80
C HIS J 82 -66.20 -44.47 -49.44
N LEU J 83 -67.04 -45.48 -49.64
CA LEU J 83 -68.44 -45.38 -49.27
C LEU J 83 -68.97 -46.76 -48.90
N GLN J 84 -69.98 -46.78 -48.03
CA GLN J 84 -70.69 -48.00 -47.70
C GLN J 84 -72.03 -48.02 -48.44
N PHE J 85 -72.44 -49.23 -48.83
CA PHE J 85 -73.64 -49.47 -49.61
C PHE J 85 -74.79 -49.84 -48.70
N GLY J 86 -76.01 -49.61 -49.19
CA GLY J 86 -77.22 -50.12 -48.61
C GLY J 86 -77.76 -51.28 -49.41
N GLU J 87 -79.08 -51.41 -49.41
CA GLU J 87 -79.77 -52.38 -50.23
C GLU J 87 -81.00 -51.73 -50.85
N PRO J 88 -81.37 -52.13 -52.08
CA PRO J 88 -82.58 -51.57 -52.68
C PRO J 88 -83.83 -52.06 -51.98
N ALA J 89 -84.43 -51.21 -51.17
CA ALA J 89 -85.57 -51.55 -50.35
C ALA J 89 -86.76 -50.66 -50.73
N VAL J 90 -87.94 -51.13 -50.36
CA VAL J 90 -89.17 -50.39 -50.60
C VAL J 90 -89.23 -49.23 -49.62
N VAL J 91 -89.71 -48.08 -50.10
CA VAL J 91 -89.94 -46.91 -49.23
C VAL J 91 -90.99 -47.26 -48.18
N PRO J 92 -90.75 -47.00 -46.90
CA PRO J 92 -91.75 -47.31 -45.87
C PRO J 92 -92.93 -46.35 -45.94
N HIS J 93 -93.98 -46.70 -45.19
CA HIS J 93 -95.23 -45.98 -45.25
C HIS J 93 -95.63 -45.54 -43.85
N PRO J 94 -96.14 -44.30 -43.68
CA PRO J 94 -96.20 -43.25 -44.70
C PRO J 94 -95.06 -42.24 -44.58
N THR J 95 -94.75 -41.57 -45.69
CA THR J 95 -93.69 -40.57 -45.71
C THR J 95 -94.19 -39.28 -46.36
N PRO J 96 -93.73 -38.14 -45.88
CA PRO J 96 -93.95 -36.89 -46.62
C PRO J 96 -93.01 -36.82 -47.83
N TYR J 97 -93.41 -36.01 -48.81
CA TYR J 97 -92.68 -35.90 -50.06
C TYR J 97 -92.17 -34.48 -50.25
N ARG J 98 -91.05 -34.36 -50.97
CA ARG J 98 -90.50 -33.06 -51.32
C ARG J 98 -89.66 -33.22 -52.58
N GLN J 99 -89.16 -32.10 -53.09
CA GLN J 99 -88.42 -32.07 -54.34
C GLN J 99 -86.93 -31.84 -54.08
N VAL J 100 -86.17 -31.91 -55.18
CA VAL J 100 -84.75 -31.56 -55.20
C VAL J 100 -84.54 -30.57 -56.34
N SER J 101 -84.44 -29.28 -56.01
CA SER J 101 -84.39 -28.23 -57.01
C SER J 101 -83.01 -27.59 -57.02
N ARG J 102 -82.42 -27.46 -58.21
CA ARG J 102 -81.21 -26.67 -58.36
C ARG J 102 -81.57 -25.20 -58.52
N VAL J 103 -81.03 -24.37 -57.65
CA VAL J 103 -81.28 -22.93 -57.69
C VAL J 103 -79.97 -22.25 -58.08
N GLN J 104 -79.92 -21.71 -59.28
CA GLN J 104 -78.78 -20.93 -59.74
C GLN J 104 -79.04 -19.46 -59.51
N ALA J 105 -78.10 -18.79 -58.86
CA ALA J 105 -78.18 -17.35 -58.60
C ALA J 105 -77.34 -16.60 -59.62
N LYS J 106 -77.80 -15.42 -60.00
CA LYS J 106 -77.05 -14.54 -60.91
C LYS J 106 -76.11 -13.64 -60.11
N SER J 107 -75.20 -14.28 -59.39
CA SER J 107 -74.26 -13.58 -58.51
C SER J 107 -73.09 -12.96 -59.27
N ASN J 108 -72.98 -13.21 -60.56
CA ASN J 108 -71.89 -12.67 -61.37
C ASN J 108 -72.43 -11.72 -62.42
N PRO J 109 -72.25 -10.40 -62.28
CA PRO J 109 -72.76 -9.47 -63.28
C PRO J 109 -71.99 -9.46 -64.59
N GLU J 110 -70.85 -10.15 -64.67
CA GLU J 110 -70.08 -10.18 -65.91
C GLU J 110 -70.79 -11.01 -66.98
N ARG J 111 -71.45 -12.10 -66.57
CA ARG J 111 -72.23 -12.92 -67.50
C ARG J 111 -73.39 -12.13 -68.07
N LEU J 112 -74.06 -11.34 -67.22
CA LEU J 112 -75.17 -10.52 -67.68
C LEU J 112 -74.69 -9.37 -68.55
N ARG J 113 -73.51 -8.82 -68.22
CA ARG J 113 -72.88 -7.80 -69.07
C ARG J 113 -72.59 -8.35 -70.47
N ARG J 114 -72.01 -9.55 -70.54
CA ARG J 114 -71.74 -10.19 -71.82
C ARG J 114 -73.01 -10.54 -72.58
N ARG J 115 -74.05 -10.98 -71.86
CA ARG J 115 -75.32 -11.34 -72.51
C ARG J 115 -75.99 -10.12 -73.13
N LEU J 116 -76.12 -9.04 -72.35
CA LEU J 116 -76.78 -7.83 -72.84
C LEU J 116 -75.96 -7.15 -73.94
N MET J 117 -74.64 -7.10 -73.77
CA MET J 117 -73.78 -6.50 -74.79
C MET J 117 -73.73 -7.32 -76.06
N ARG J 118 -73.86 -8.65 -75.96
CA ARG J 118 -73.81 -9.49 -77.14
C ARG J 118 -75.12 -9.43 -77.92
N ARG J 119 -76.26 -9.48 -77.22
CA ARG J 119 -77.53 -9.51 -77.94
C ARG J 119 -78.02 -8.12 -78.33
N HIS J 120 -77.53 -7.04 -77.71
CA HIS J 120 -78.03 -5.72 -78.02
C HIS J 120 -77.02 -4.84 -78.74
N ASP J 121 -75.75 -5.25 -78.79
CA ASP J 121 -74.63 -4.49 -79.37
C ASP J 121 -74.51 -3.10 -78.74
N LEU J 122 -74.67 -3.05 -77.43
CA LEU J 122 -74.58 -1.80 -76.68
C LEU J 122 -73.11 -1.52 -76.34
N SER J 123 -72.88 -0.59 -75.43
CA SER J 123 -71.54 -0.28 -74.94
C SER J 123 -71.33 -0.94 -73.58
N GLU J 124 -70.07 -0.93 -73.15
CA GLU J 124 -69.76 -1.45 -71.82
C GLU J 124 -70.33 -0.55 -70.73
N GLU J 125 -70.31 0.78 -70.94
CA GLU J 125 -70.85 1.68 -69.95
C GLU J 125 -72.37 1.72 -69.95
N GLU J 126 -72.98 1.52 -71.12
CA GLU J 126 -74.44 1.42 -71.19
C GLU J 126 -74.94 0.17 -70.47
N ALA J 127 -74.21 -0.94 -70.60
CA ALA J 127 -74.54 -2.14 -69.84
C ALA J 127 -74.22 -1.95 -68.36
N ARG J 128 -73.16 -1.21 -68.05
CA ARG J 128 -72.81 -0.95 -66.65
C ARG J 128 -73.84 -0.06 -65.96
N LYS J 129 -74.49 0.81 -66.71
CA LYS J 129 -75.61 1.58 -66.16
C LYS J 129 -76.91 0.80 -66.21
N ARG J 130 -77.01 -0.20 -67.08
CA ARG J 130 -78.23 -0.99 -67.17
C ARG J 130 -78.37 -1.96 -66.00
N ILE J 131 -77.32 -2.72 -65.73
CA ILE J 131 -77.29 -3.63 -64.57
C ILE J 131 -76.23 -3.12 -63.59
N PRO J 132 -76.56 -2.97 -62.31
CA PRO J 132 -75.55 -2.58 -61.32
C PRO J 132 -74.85 -3.79 -60.72
N ASP J 133 -73.96 -3.56 -59.76
CA ASP J 133 -73.31 -4.65 -59.03
C ASP J 133 -74.19 -5.24 -57.94
N THR J 134 -75.31 -4.59 -57.62
CA THR J 134 -76.21 -5.08 -56.58
C THR J 134 -77.16 -6.18 -57.06
N VAL J 135 -77.03 -6.61 -58.32
CA VAL J 135 -77.84 -7.71 -58.83
C VAL J 135 -77.30 -9.08 -58.40
N ALA J 136 -76.15 -9.10 -57.74
CA ALA J 136 -75.59 -10.36 -57.25
C ALA J 136 -76.44 -10.91 -56.10
N ARG J 137 -76.87 -12.15 -56.24
CA ARG J 137 -77.76 -12.79 -55.28
C ARG J 137 -76.97 -13.69 -54.34
N THR J 138 -77.31 -13.65 -53.06
CA THR J 138 -76.67 -14.45 -52.04
C THR J 138 -77.54 -15.65 -51.69
N LEU J 139 -76.93 -16.84 -51.64
CA LEU J 139 -77.63 -18.08 -51.37
C LEU J 139 -77.10 -18.71 -50.10
N ASP J 140 -78.01 -19.20 -49.26
CA ASP J 140 -77.66 -19.94 -48.05
C ASP J 140 -78.06 -21.41 -48.17
N LEU J 141 -77.89 -21.97 -49.37
CA LEU J 141 -78.20 -23.30 -49.86
C LEU J 141 -76.97 -24.20 -49.81
N PRO J 142 -77.15 -25.50 -49.60
CA PRO J 142 -76.01 -26.42 -49.69
C PRO J 142 -75.54 -26.58 -51.13
N PHE J 143 -74.25 -26.86 -51.29
CA PHE J 143 -73.64 -26.89 -52.60
C PHE J 143 -72.64 -28.04 -52.69
N VAL J 144 -72.36 -28.44 -53.94
CA VAL J 144 -71.42 -29.51 -54.24
C VAL J 144 -70.48 -29.08 -55.37
N THR J 145 -69.31 -29.69 -55.45
CA THR J 145 -68.31 -29.34 -56.47
C THR J 145 -68.08 -30.44 -57.50
N LEU J 146 -68.08 -30.07 -58.78
CA LEU J 146 -67.87 -31.01 -59.87
C LEU J 146 -66.87 -30.52 -60.91
N ARG J 147 -66.27 -31.45 -61.64
CA ARG J 147 -65.28 -31.14 -62.67
C ARG J 147 -65.79 -31.51 -64.07
N SER J 148 -65.64 -30.58 -65.01
CA SER J 148 -66.11 -30.79 -66.37
C SER J 148 -65.00 -31.44 -67.18
N GLN J 149 -65.38 -32.19 -68.22
CA GLN J 149 -64.46 -33.08 -68.93
C GLN J 149 -63.92 -32.48 -70.21
N SER J 150 -64.80 -32.08 -71.13
CA SER J 150 -64.37 -31.61 -72.44
C SER J 150 -63.75 -30.22 -72.35
N THR J 151 -64.52 -29.24 -71.89
CA THR J 151 -64.02 -27.94 -71.50
C THR J 151 -64.30 -27.76 -70.01
N GLY J 152 -63.22 -27.69 -69.22
CA GLY J 152 -63.30 -27.96 -67.80
C GLY J 152 -63.43 -26.70 -66.94
N GLN J 153 -64.33 -26.80 -65.96
CA GLN J 153 -64.57 -25.77 -64.95
C GLN J 153 -65.14 -26.46 -63.72
N HIS J 154 -64.68 -26.03 -62.54
CA HIS J 154 -65.23 -26.52 -61.28
C HIS J 154 -66.31 -25.56 -60.79
N PHE J 155 -67.51 -26.08 -60.56
CA PHE J 155 -68.66 -25.25 -60.25
C PHE J 155 -69.46 -25.88 -59.12
N ARG J 156 -70.05 -25.04 -58.28
CA ARG J 156 -70.88 -25.47 -57.17
C ARG J 156 -72.35 -25.46 -57.58
N LEU J 157 -72.97 -26.64 -57.52
CA LEU J 157 -74.40 -26.78 -57.74
C LEU J 157 -75.08 -26.65 -56.38
N PHE J 158 -76.07 -25.78 -56.28
CA PHE J 158 -76.83 -25.55 -55.06
C PHE J 158 -78.11 -26.35 -55.08
N ILE J 159 -78.33 -27.14 -54.05
CA ILE J 159 -79.50 -28.00 -53.93
C ILE J 159 -80.46 -27.41 -52.91
N ARG J 160 -81.76 -27.51 -53.19
CA ARG J 160 -82.80 -27.06 -52.29
C ARG J 160 -83.86 -28.14 -52.15
N HIS J 161 -84.14 -28.52 -50.91
CA HIS J 161 -85.26 -29.40 -50.60
C HIS J 161 -86.48 -28.53 -50.36
N GLY J 162 -87.52 -28.72 -51.17
CA GLY J 162 -88.70 -27.90 -51.10
C GLY J 162 -89.58 -28.22 -49.92
N PRO J 163 -90.77 -27.61 -49.88
CA PRO J 163 -91.70 -27.86 -48.78
C PRO J 163 -92.26 -29.27 -48.81
N LEU J 164 -92.62 -29.76 -47.62
CA LEU J 164 -93.16 -31.11 -47.48
C LEU J 164 -94.62 -31.13 -47.91
N GLN J 165 -94.97 -32.10 -48.75
CA GLN J 165 -96.33 -32.28 -49.23
C GLN J 165 -96.90 -33.59 -48.70
N ALA J 166 -98.12 -33.91 -49.11
CA ALA J 166 -98.76 -35.15 -48.72
C ALA J 166 -98.84 -36.15 -49.88
N THR J 167 -98.89 -35.69 -51.13
CA THR J 167 -99.02 -36.56 -52.28
C THR J 167 -98.22 -35.96 -53.42
N ALA J 168 -97.38 -36.78 -54.06
CA ALA J 168 -96.59 -36.37 -55.20
C ALA J 168 -97.38 -36.55 -56.49
N GLU J 169 -96.98 -35.79 -57.51
CA GLU J 169 -97.55 -35.90 -58.84
C GLU J 169 -96.48 -36.39 -59.81
N GLU J 170 -96.90 -36.56 -61.07
CA GLU J 170 -95.98 -37.04 -62.09
C GLU J 170 -94.99 -35.95 -62.48
N GLY J 171 -93.81 -36.38 -62.92
CA GLY J 171 -92.78 -35.45 -63.32
C GLY J 171 -91.45 -36.14 -63.60
N GLY J 172 -90.60 -35.50 -64.40
CA GLY J 172 -89.32 -36.06 -64.76
C GLY J 172 -88.19 -35.58 -63.88
N PHE J 173 -86.99 -36.07 -64.19
CA PHE J 173 -85.77 -35.65 -63.53
C PHE J 173 -84.71 -35.44 -64.61
N THR J 174 -83.69 -34.66 -64.28
CA THR J 174 -82.65 -34.36 -65.26
C THR J 174 -81.68 -35.52 -65.40
N CYS J 175 -80.56 -35.24 -66.07
CA CYS J 175 -79.39 -36.12 -66.03
C CYS J 175 -78.59 -35.93 -64.75
N TYR J 176 -79.03 -35.02 -63.88
CA TYR J 176 -78.44 -34.76 -62.57
C TYR J 176 -79.23 -35.42 -61.44
N GLY J 177 -80.44 -35.91 -61.71
CA GLY J 177 -81.28 -36.48 -60.67
C GLY J 177 -82.05 -35.45 -59.85
N LEU J 178 -82.13 -34.21 -60.31
CA LEU J 178 -82.84 -33.15 -59.60
C LEU J 178 -84.27 -33.04 -60.14
N SER J 179 -85.15 -32.43 -59.33
CA SER J 179 -86.57 -32.46 -59.62
C SER J 179 -86.96 -31.51 -60.75
N LYS J 180 -87.71 -32.06 -61.72
CA LYS J 180 -88.36 -31.30 -62.78
C LYS J 180 -89.88 -31.46 -62.73
N GLY J 181 -90.45 -31.44 -61.52
CA GLY J 181 -91.86 -31.74 -61.31
C GLY J 181 -92.09 -33.03 -60.55
N GLY J 182 -91.19 -33.99 -60.70
CA GLY J 182 -91.25 -35.18 -59.88
C GLY J 182 -90.77 -34.91 -58.48
N PHE J 183 -91.20 -35.75 -57.55
CA PHE J 183 -90.82 -35.60 -56.16
C PHE J 183 -90.21 -36.90 -55.65
N VAL J 184 -89.47 -36.79 -54.55
CA VAL J 184 -88.83 -37.96 -53.95
C VAL J 184 -89.39 -38.11 -52.53
N PRO J 185 -89.53 -39.34 -52.02
CA PRO J 185 -90.06 -39.50 -50.66
C PRO J 185 -89.02 -39.09 -49.63
N TRP J 186 -89.46 -38.32 -48.65
CA TRP J 186 -88.57 -37.73 -47.64
C TRP J 186 -88.72 -38.48 -46.33
N PHE J 187 -87.67 -39.19 -45.92
CA PHE J 187 -87.68 -39.98 -44.69
C PHE J 187 -86.26 -40.26 -44.23
N VAL K 3 54.69 -42.47 0.95
CA VAL K 3 55.00 -43.58 0.07
C VAL K 3 55.55 -44.75 0.88
N THR K 4 55.92 -44.48 2.12
CA THR K 4 56.50 -45.48 3.02
C THR K 4 55.91 -45.29 4.40
N ASP K 5 55.20 -46.30 4.90
CA ASP K 5 54.61 -46.20 6.23
C ASP K 5 55.68 -46.47 7.28
N PRO K 6 55.89 -45.55 8.24
CA PRO K 6 56.99 -45.72 9.19
C PRO K 6 56.69 -46.81 10.21
N GLU K 7 57.76 -47.49 10.63
CA GLU K 7 57.60 -48.55 11.62
C GLU K 7 57.39 -47.99 13.01
N ALA K 8 58.03 -46.87 13.35
CA ALA K 8 57.80 -46.25 14.64
C ALA K 8 57.92 -44.74 14.53
N LEU K 9 57.55 -44.04 15.60
CA LEU K 9 57.52 -42.58 15.62
C LEU K 9 58.29 -42.06 16.81
N LEU K 10 59.22 -41.14 16.56
CA LEU K 10 59.98 -40.44 17.58
C LEU K 10 59.47 -39.02 17.72
N LEU K 11 59.40 -38.54 18.96
CA LEU K 11 58.86 -37.22 19.27
C LEU K 11 59.96 -36.36 19.86
N LEU K 12 60.44 -35.38 19.09
CA LEU K 12 61.27 -34.33 19.63
C LEU K 12 60.35 -33.37 20.38
N PRO K 13 60.37 -33.42 21.70
CA PRO K 13 59.22 -32.97 22.52
C PRO K 13 58.90 -31.49 22.51
N ARG K 14 59.83 -30.62 22.91
CA ARG K 14 59.59 -29.18 22.98
C ARG K 14 60.93 -28.50 22.63
N LEU K 15 61.11 -28.22 21.35
CA LEU K 15 62.34 -27.60 20.88
C LEU K 15 62.17 -26.09 20.89
N SER K 16 63.01 -25.41 21.68
CA SER K 16 63.05 -23.96 21.72
C SER K 16 64.17 -23.47 20.80
N ILE K 17 63.86 -22.48 19.97
CA ILE K 17 64.74 -22.00 18.91
C ILE K 17 64.77 -20.48 18.97
N GLN K 18 65.96 -19.90 19.05
CA GLN K 18 66.10 -18.46 18.98
C GLN K 18 66.71 -18.05 17.64
N ASN K 19 66.33 -16.85 17.19
CA ASN K 19 66.89 -16.17 16.02
C ASN K 19 66.72 -16.97 14.73
N ALA K 20 65.63 -17.73 14.63
CA ALA K 20 65.36 -18.48 13.42
C ALA K 20 64.92 -17.54 12.30
N ASN K 21 65.06 -18.02 11.07
CA ASN K 21 64.64 -17.22 9.92
C ASN K 21 63.12 -17.16 9.86
N ALA K 22 62.60 -15.96 9.60
CA ALA K 22 61.17 -15.78 9.49
C ALA K 22 60.68 -15.61 8.06
N ILE K 23 61.48 -14.98 7.20
CA ILE K 23 61.02 -14.65 5.85
C ILE K 23 60.86 -15.92 5.01
N SER K 24 61.97 -16.63 4.78
CA SER K 24 62.02 -17.98 4.21
C SER K 24 61.46 -18.11 2.78
N SER K 25 61.08 -17.00 2.16
CA SER K 25 60.38 -16.96 0.89
C SER K 25 60.28 -15.50 0.46
N PRO K 26 60.16 -15.24 -0.85
CA PRO K 26 59.94 -13.86 -1.30
C PRO K 26 58.48 -13.44 -1.32
N LEU K 27 57.56 -14.24 -0.78
CA LEU K 27 56.16 -13.86 -0.71
C LEU K 27 55.55 -13.97 0.68
N THR K 28 56.04 -14.85 1.53
CA THR K 28 55.52 -15.02 2.87
C THR K 28 56.56 -14.58 3.88
N TRP K 29 56.10 -14.32 5.11
CA TRP K 29 57.01 -13.90 6.18
C TRP K 29 56.78 -14.60 7.50
N GLY K 30 55.83 -15.51 7.60
CA GLY K 30 55.44 -15.99 8.92
C GLY K 30 56.27 -17.15 9.42
N PHE K 31 55.64 -18.31 9.54
CA PHE K 31 56.37 -19.53 9.91
C PHE K 31 57.35 -19.91 8.79
N PRO K 32 58.51 -20.46 9.14
CA PRO K 32 59.45 -20.91 8.10
C PRO K 32 58.91 -22.08 7.31
N SER K 33 59.55 -22.33 6.17
CA SER K 33 59.09 -23.34 5.24
C SER K 33 59.32 -24.75 5.80
N PRO K 34 58.46 -25.71 5.45
CA PRO K 34 58.70 -27.10 5.89
C PRO K 34 59.92 -27.76 5.27
N GLY K 35 60.47 -27.17 4.19
CA GLY K 35 61.73 -27.64 3.64
C GLY K 35 62.87 -27.55 4.62
N ALA K 36 62.82 -26.58 5.54
CA ALA K 36 63.81 -26.49 6.60
C ALA K 36 63.71 -27.67 7.56
N PHE K 37 62.48 -28.13 7.85
CA PHE K 37 62.34 -29.25 8.76
C PHE K 37 62.73 -30.56 8.08
N THR K 38 62.45 -30.69 6.78
CA THR K 38 62.90 -31.88 6.04
C THR K 38 64.42 -31.89 5.91
N GLY K 39 65.04 -30.71 5.71
CA GLY K 39 66.49 -30.64 5.74
C GLY K 39 67.09 -30.95 7.09
N PHE K 40 66.36 -30.60 8.16
CA PHE K 40 66.81 -30.93 9.51
C PHE K 40 66.79 -32.42 9.76
N VAL K 41 65.72 -33.10 9.34
CA VAL K 41 65.67 -34.52 9.62
C VAL K 41 66.63 -35.27 8.70
N HIS K 42 66.92 -34.72 7.51
CA HIS K 42 67.92 -35.37 6.67
C HIS K 42 69.33 -35.16 7.22
N ALA K 43 69.63 -33.99 7.77
CA ALA K 43 70.93 -33.77 8.38
C ALA K 43 71.08 -34.57 9.67
N LEU K 44 69.97 -34.79 10.38
CA LEU K 44 70.01 -35.66 11.55
C LEU K 44 70.18 -37.11 11.16
N GLN K 45 69.62 -37.51 10.00
CA GLN K 45 69.86 -38.84 9.47
C GLN K 45 71.33 -39.00 9.05
N ARG K 46 71.92 -37.94 8.50
CA ARG K 46 73.33 -37.97 8.15
C ARG K 46 74.22 -38.09 9.38
N ARG K 47 73.89 -37.36 10.44
CA ARG K 47 74.83 -37.24 11.55
C ARG K 47 74.72 -38.41 12.52
N VAL K 48 73.51 -38.86 12.82
CA VAL K 48 73.35 -39.91 13.83
C VAL K 48 72.43 -41.03 13.34
N GLY K 49 71.73 -40.79 12.24
CA GLY K 49 70.76 -41.77 11.77
C GLY K 49 71.39 -42.98 11.10
N ILE K 50 72.42 -42.75 10.29
CA ILE K 50 73.09 -43.82 9.56
C ILE K 50 73.76 -44.79 10.52
N SER K 51 74.39 -44.26 11.57
CA SER K 51 75.22 -45.04 12.48
C SER K 51 74.42 -45.93 13.45
N LEU K 52 73.11 -46.08 13.25
CA LEU K 52 72.26 -46.87 14.14
C LEU K 52 71.37 -47.85 13.39
N ASP K 53 71.60 -48.05 12.09
CA ASP K 53 70.74 -48.84 11.19
C ASP K 53 69.30 -48.29 11.22
N ILE K 54 69.20 -46.97 11.13
CA ILE K 54 67.94 -46.24 11.17
C ILE K 54 67.85 -45.37 9.91
N GLU K 55 66.66 -45.29 9.31
CA GLU K 55 66.38 -44.28 8.32
C GLU K 55 65.24 -43.39 8.79
N LEU K 56 65.31 -42.11 8.44
CA LEU K 56 64.31 -41.11 8.81
C LEU K 56 63.69 -40.53 7.54
N ASP K 57 62.37 -40.33 7.58
CA ASP K 57 61.62 -40.08 6.35
C ASP K 57 60.92 -38.73 6.31
N GLY K 58 60.27 -38.32 7.39
CA GLY K 58 59.41 -37.14 7.31
C GLY K 58 59.27 -36.46 8.65
N VAL K 59 58.63 -35.28 8.61
CA VAL K 59 58.51 -34.42 9.78
C VAL K 59 57.04 -34.08 10.01
N GLY K 60 56.62 -34.14 11.25
CA GLY K 60 55.40 -33.48 11.67
C GLY K 60 55.75 -32.31 12.56
N ILE K 61 55.14 -31.15 12.33
CA ILE K 61 55.46 -29.93 13.07
C ILE K 61 54.18 -29.34 13.63
N VAL K 62 54.25 -28.80 14.85
CA VAL K 62 53.05 -28.33 15.53
C VAL K 62 53.14 -26.90 16.04
N CYS K 63 54.34 -26.32 16.23
CA CYS K 63 54.53 -24.91 16.60
C CYS K 63 53.83 -24.48 17.89
N HIS K 64 54.37 -24.90 19.03
CA HIS K 64 53.77 -24.54 20.31
C HIS K 64 53.72 -23.03 20.52
N ARG K 65 54.76 -22.30 20.13
CA ARG K 65 54.70 -20.84 20.27
C ARG K 65 55.54 -20.15 19.21
N PHE K 66 55.16 -18.92 18.90
CA PHE K 66 55.77 -18.08 17.88
C PHE K 66 56.05 -16.71 18.47
N GLU K 67 57.19 -16.11 18.12
CA GLU K 67 57.50 -14.76 18.58
C GLU K 67 58.37 -14.08 17.51
N ALA K 68 57.75 -13.29 16.65
CA ALA K 68 58.48 -12.62 15.58
C ALA K 68 59.13 -11.34 16.08
N GLN K 69 60.31 -11.03 15.54
CA GLN K 69 61.00 -9.77 15.85
C GLN K 69 60.59 -8.74 14.81
N ILE K 70 59.40 -8.19 15.00
CA ILE K 70 58.80 -7.23 14.08
C ILE K 70 58.27 -6.06 14.88
N SER K 71 57.75 -5.06 14.16
CA SER K 71 57.17 -3.87 14.79
C SER K 71 56.22 -3.22 13.80
N GLN K 72 55.26 -2.50 14.34
CA GLN K 72 54.31 -1.76 13.53
C GLN K 72 54.70 -0.29 13.52
N PRO K 73 54.91 0.33 12.35
CA PRO K 73 55.52 1.66 12.32
C PRO K 73 54.55 2.82 12.52
N ALA K 74 53.64 2.71 13.50
CA ALA K 74 52.99 3.83 14.17
C ALA K 74 52.12 4.76 13.32
N GLY K 75 52.03 4.53 12.02
CA GLY K 75 51.14 5.31 11.19
C GLY K 75 50.58 4.48 10.07
N LYS K 76 50.87 3.19 10.09
CA LYS K 76 50.50 2.27 9.03
C LYS K 76 50.09 0.95 9.64
N ARG K 77 49.21 0.24 8.93
CA ARG K 77 48.75 -1.06 9.37
C ARG K 77 49.69 -2.19 8.98
N THR K 78 50.76 -1.89 8.25
CA THR K 78 51.73 -2.90 7.86
C THR K 78 52.74 -3.08 9.00
N LYS K 79 53.79 -3.88 8.75
CA LYS K 79 54.79 -4.17 9.76
C LYS K 79 56.16 -4.16 9.09
N VAL K 80 57.18 -3.83 9.87
CA VAL K 80 58.56 -3.84 9.38
C VAL K 80 59.36 -4.84 10.21
N PHE K 81 60.55 -5.16 9.73
CA PHE K 81 61.40 -6.14 10.37
C PHE K 81 62.45 -5.46 11.23
N ASN K 82 62.81 -6.13 12.32
CA ASN K 82 63.86 -5.65 13.22
C ASN K 82 65.19 -6.23 12.77
N LEU K 83 66.20 -5.40 12.73
CA LEU K 83 67.49 -5.79 12.18
C LEU K 83 68.54 -5.80 13.28
N THR K 84 69.78 -6.03 12.90
CA THR K 84 70.92 -5.98 13.80
C THR K 84 72.01 -5.13 13.19
N ARG K 85 72.89 -4.61 14.04
CA ARG K 85 73.96 -3.75 13.57
C ARG K 85 75.16 -4.62 13.19
N ASN K 86 75.41 -4.72 11.89
CA ASN K 86 76.56 -5.42 11.36
C ASN K 86 77.83 -4.62 11.66
N PRO K 87 79.01 -5.27 11.65
CA PRO K 87 80.24 -4.51 11.88
C PRO K 87 80.59 -3.64 10.68
N LEU K 88 81.47 -2.68 10.93
CA LEU K 88 81.83 -1.70 9.93
C LEU K 88 82.66 -2.32 8.82
N ASN K 89 82.73 -1.62 7.69
CA ASN K 89 83.48 -2.07 6.53
C ASN K 89 84.98 -1.88 6.78
N ARG K 90 85.79 -2.22 5.77
CA ARG K 90 87.24 -2.12 5.94
C ARG K 90 87.71 -0.67 5.99
N ASP K 91 87.01 0.24 5.33
CA ASP K 91 87.31 1.65 5.50
C ASP K 91 86.64 2.25 6.73
N GLY K 92 85.83 1.47 7.44
CA GLY K 92 85.20 1.94 8.65
C GLY K 92 84.07 2.92 8.45
N SER K 93 83.46 2.92 7.26
CA SER K 93 82.41 3.90 7.00
C SER K 93 81.07 3.43 7.58
N THR K 94 80.53 2.35 7.03
CA THR K 94 79.23 1.78 7.37
C THR K 94 79.12 0.46 6.65
N ALA K 95 77.99 -0.21 6.83
CA ALA K 95 77.68 -1.44 6.13
C ALA K 95 76.60 -1.18 5.10
N ALA K 96 76.26 -2.23 4.36
CA ALA K 96 75.12 -2.21 3.44
C ALA K 96 73.99 -2.98 4.12
N ILE K 97 72.90 -2.29 4.40
CA ILE K 97 71.81 -2.85 5.19
C ILE K 97 71.02 -3.82 4.30
N VAL K 98 71.16 -5.11 4.55
CA VAL K 98 70.33 -6.14 3.97
C VAL K 98 69.42 -6.69 5.06
N GLU K 99 68.12 -6.67 4.81
CA GLU K 99 67.15 -6.96 5.86
C GLU K 99 66.98 -8.45 6.03
N GLU K 100 67.01 -8.90 7.28
CA GLU K 100 66.71 -10.28 7.62
C GLU K 100 65.65 -10.29 8.71
N GLY K 101 64.84 -11.35 8.73
CA GLY K 101 63.79 -11.45 9.70
C GLY K 101 64.00 -12.58 10.68
N ARG K 102 64.27 -12.24 11.94
CA ARG K 102 64.47 -13.25 12.96
C ARG K 102 63.18 -13.49 13.74
N ALA K 103 63.10 -14.66 14.36
CA ALA K 103 61.94 -15.04 15.15
C ALA K 103 62.38 -16.05 16.19
N HIS K 104 61.46 -16.36 17.09
CA HIS K 104 61.67 -17.36 18.12
C HIS K 104 60.56 -18.39 18.04
N LEU K 105 60.93 -19.65 18.16
CA LEU K 105 60.02 -20.77 17.90
C LEU K 105 60.01 -21.72 19.09
N GLU K 106 58.84 -22.32 19.30
CA GLU K 106 58.71 -23.49 20.16
C GLU K 106 57.89 -24.50 19.37
N VAL K 107 58.54 -25.59 18.98
CA VAL K 107 57.98 -26.55 18.04
C VAL K 107 58.36 -27.95 18.51
N SER K 108 57.51 -28.93 18.20
CA SER K 108 57.83 -30.34 18.35
C SER K 108 58.02 -30.97 16.98
N LEU K 109 58.79 -32.05 16.94
CA LEU K 109 59.04 -32.75 15.69
C LEU K 109 58.60 -34.20 15.81
N LEU K 110 57.89 -34.67 14.80
CA LEU K 110 57.48 -36.07 14.75
C LEU K 110 58.19 -36.74 13.60
N LEU K 111 59.06 -37.70 13.90
CA LEU K 111 59.93 -38.33 12.92
C LEU K 111 59.57 -39.79 12.82
N GLY K 112 59.48 -40.31 11.59
CA GLY K 112 59.16 -41.71 11.37
C GLY K 112 60.43 -42.51 11.12
N VAL K 113 60.42 -43.77 11.55
CA VAL K 113 61.55 -44.67 11.34
C VAL K 113 61.02 -45.97 10.75
N HIS K 114 61.84 -46.57 9.88
CA HIS K 114 61.54 -47.83 9.21
C HIS K 114 62.51 -48.95 9.51
N GLY K 115 63.76 -48.63 9.84
CA GLY K 115 64.81 -49.63 9.97
C GLY K 115 64.71 -50.43 11.25
N ASP K 116 65.85 -50.99 11.66
CA ASP K 116 65.92 -51.84 12.84
C ASP K 116 65.88 -50.95 14.08
N GLY K 117 64.67 -50.50 14.42
CA GLY K 117 64.48 -49.58 15.52
C GLY K 117 64.68 -50.22 16.88
N LEU K 118 63.79 -51.11 17.26
CA LEU K 118 63.89 -51.80 18.55
C LEU K 118 64.73 -53.07 18.46
N ASP K 119 65.29 -53.37 17.30
CA ASP K 119 66.02 -54.61 17.11
C ASP K 119 67.46 -54.52 17.62
N ASP K 120 68.25 -53.62 17.06
CA ASP K 120 69.64 -53.51 17.49
C ASP K 120 69.76 -52.78 18.81
N HIS K 121 68.98 -51.72 19.01
CA HIS K 121 69.08 -50.87 20.18
C HIS K 121 67.72 -50.71 20.83
N PRO K 122 67.68 -50.45 22.13
CA PRO K 122 66.41 -50.07 22.76
C PRO K 122 65.98 -48.67 22.34
N ALA K 123 64.73 -48.36 22.67
CA ALA K 123 64.14 -47.09 22.24
C ALA K 123 64.72 -45.91 23.00
N GLN K 124 65.01 -46.10 24.30
CA GLN K 124 65.42 -44.99 25.16
C GLN K 124 66.80 -44.47 24.77
N GLU K 125 67.74 -45.37 24.48
CA GLU K 125 69.10 -44.93 24.15
C GLU K 125 69.15 -44.30 22.77
N ILE K 126 68.32 -44.79 21.84
CA ILE K 126 68.18 -44.17 20.52
C ILE K 126 67.65 -42.75 20.66
N ALA K 127 66.55 -42.59 21.43
CA ALA K 127 65.94 -41.29 21.63
C ALA K 127 66.87 -40.33 22.35
N ARG K 128 67.64 -40.83 23.31
CA ARG K 128 68.54 -39.99 24.08
C ARG K 128 69.72 -39.52 23.24
N GLN K 129 70.30 -40.39 22.41
CA GLN K 129 71.39 -39.93 21.59
C GLN K 129 70.94 -39.08 20.40
N VAL K 130 69.71 -39.27 19.90
CA VAL K 130 69.18 -38.32 18.92
C VAL K 130 68.93 -36.96 19.56
N GLN K 131 68.49 -36.93 20.83
CA GLN K 131 68.36 -35.67 21.55
C GLN K 131 69.70 -34.98 21.73
N GLU K 132 70.72 -35.74 22.14
CA GLU K 132 72.05 -35.17 22.33
C GLU K 132 72.66 -34.71 21.01
N GLN K 133 72.32 -35.36 19.90
CA GLN K 133 72.82 -34.92 18.60
C GLN K 133 72.12 -33.65 18.16
N ALA K 134 70.79 -33.60 18.27
CA ALA K 134 70.03 -32.44 17.84
C ALA K 134 70.24 -31.23 18.75
N GLY K 135 70.75 -31.42 19.97
CA GLY K 135 71.10 -30.29 20.80
C GLY K 135 72.49 -29.74 20.58
N ALA K 136 72.98 -29.82 19.33
CA ALA K 136 74.25 -29.24 18.98
C ALA K 136 74.24 -28.56 17.61
N MET K 137 73.11 -28.48 16.93
CA MET K 137 73.01 -27.91 15.59
C MET K 137 71.93 -26.83 15.58
N ARG K 138 71.56 -26.38 14.38
CA ARG K 138 70.56 -25.33 14.22
C ARG K 138 69.48 -25.79 13.25
N LEU K 139 68.27 -25.28 13.44
CA LEU K 139 67.10 -25.77 12.72
C LEU K 139 66.79 -24.96 11.47
N ALA K 140 66.48 -23.69 11.60
CA ALA K 140 66.01 -22.91 10.46
C ALA K 140 66.81 -21.63 10.29
N GLY K 141 68.12 -21.71 10.40
CA GLY K 141 68.95 -20.53 10.42
C GLY K 141 69.20 -19.99 11.81
N GLY K 142 68.48 -20.48 12.80
CA GLY K 142 68.66 -20.03 14.16
C GLY K 142 69.00 -21.19 15.08
N SER K 143 69.69 -20.86 16.16
CA SER K 143 70.24 -21.85 17.06
C SER K 143 69.13 -22.57 17.85
N ILE K 144 69.30 -23.88 17.99
CA ILE K 144 68.49 -24.68 18.89
C ILE K 144 68.84 -24.21 20.30
N LEU K 145 67.88 -23.62 21.00
CA LEU K 145 68.16 -23.07 22.32
C LEU K 145 68.33 -24.21 23.31
N PRO K 146 69.46 -24.29 24.00
CA PRO K 146 69.74 -25.45 24.84
C PRO K 146 68.94 -25.48 26.15
N TRP K 147 69.33 -26.40 27.03
CA TRP K 147 68.53 -26.72 28.21
C TRP K 147 68.51 -25.58 29.22
N CYS K 148 67.31 -25.26 29.68
CA CYS K 148 67.02 -24.19 30.63
C CYS K 148 66.24 -24.82 31.79
N ASN K 149 65.58 -24.02 32.62
CA ASN K 149 64.84 -24.63 33.74
C ASN K 149 63.57 -25.45 33.30
N GLU K 150 63.34 -25.73 32.01
CA GLU K 150 62.43 -26.80 31.58
C GLU K 150 63.14 -28.13 31.84
N ARG K 151 62.96 -28.64 33.06
CA ARG K 151 63.51 -29.95 33.43
C ARG K 151 62.52 -31.06 33.12
N PHE K 152 61.22 -30.75 33.15
CA PHE K 152 60.20 -31.75 32.82
C PHE K 152 60.25 -32.28 31.38
N PRO K 153 60.26 -31.46 30.31
CA PRO K 153 59.89 -32.01 29.00
C PRO K 153 61.04 -32.67 28.25
N ALA K 154 62.11 -33.06 28.94
CA ALA K 154 63.32 -33.53 28.26
C ALA K 154 63.14 -34.80 27.43
N PRO K 155 62.75 -35.96 27.98
CA PRO K 155 62.92 -37.21 27.22
C PRO K 155 61.88 -37.38 26.13
N ASN K 156 62.27 -38.15 25.10
CA ASN K 156 61.44 -38.39 23.94
C ASN K 156 60.50 -39.56 24.19
N ALA K 157 59.84 -40.00 23.11
CA ALA K 157 58.96 -41.17 23.17
C ALA K 157 59.00 -41.84 21.79
N GLU K 158 59.87 -42.83 21.65
CA GLU K 158 59.90 -43.67 20.47
C GLU K 158 58.72 -44.63 20.55
N LEU K 159 57.67 -44.35 19.78
CA LEU K 159 56.42 -45.09 19.86
C LEU K 159 56.27 -45.96 18.62
N LEU K 160 56.12 -47.27 18.82
CA LEU K 160 55.93 -48.20 17.72
C LEU K 160 54.57 -47.96 17.08
N MET K 161 54.58 -47.77 15.75
CA MET K 161 53.39 -47.34 15.04
C MET K 161 52.35 -48.46 14.95
N LEU K 162 52.73 -49.57 14.31
CA LEU K 162 51.79 -50.66 14.08
C LEU K 162 51.83 -51.72 15.17
N GLY K 163 52.67 -51.55 16.18
CA GLY K 163 52.77 -52.55 17.23
C GLY K 163 51.60 -52.48 18.18
N GLY K 164 51.15 -53.67 18.63
CA GLY K 164 50.05 -53.77 19.56
C GLY K 164 48.71 -53.88 18.88
N SER K 165 47.67 -53.92 19.72
CA SER K 165 46.30 -53.96 19.21
C SER K 165 45.93 -52.62 18.57
N ASP K 166 44.98 -52.68 17.63
CA ASP K 166 44.59 -51.48 16.91
C ASP K 166 43.87 -50.49 17.82
N GLU K 167 43.04 -50.98 18.73
CA GLU K 167 42.48 -50.11 19.77
C GLU K 167 43.58 -49.61 20.70
N GLN K 168 44.53 -50.49 21.03
CA GLN K 168 45.70 -50.06 21.80
C GLN K 168 46.57 -49.10 21.00
N ARG K 169 46.60 -49.25 19.67
CA ARG K 169 47.30 -48.28 18.82
C ARG K 169 46.66 -46.90 18.90
N ARG K 170 45.32 -46.84 18.84
CA ARG K 170 44.63 -45.55 18.98
C ARG K 170 44.82 -44.98 20.38
N LYS K 171 44.89 -45.83 21.39
CA LYS K 171 45.08 -45.31 22.75
C LYS K 171 46.49 -44.80 22.99
N ASN K 172 47.53 -45.47 22.47
CA ASN K 172 48.86 -44.92 22.67
C ASN K 172 49.14 -43.71 21.78
N GLN K 173 48.53 -43.65 20.59
CA GLN K 173 48.69 -42.43 19.81
C GLN K 173 47.88 -41.28 20.43
N ARG K 174 46.80 -41.59 21.15
CA ARG K 174 46.08 -40.53 21.85
C ARG K 174 46.87 -40.05 23.06
N ARG K 175 47.54 -40.96 23.77
CA ARG K 175 48.40 -40.52 24.87
C ARG K 175 49.66 -39.83 24.38
N LEU K 176 50.05 -40.05 23.11
CA LEU K 176 51.14 -39.25 22.53
C LEU K 176 50.64 -37.88 22.09
N THR K 177 49.41 -37.81 21.57
CA THR K 177 48.80 -36.53 21.21
C THR K 177 48.47 -35.71 22.44
N ARG K 178 48.36 -36.34 23.61
CA ARG K 178 48.19 -35.62 24.87
C ARG K 178 49.37 -34.71 25.18
N ARG K 179 50.56 -35.02 24.68
CA ARG K 179 51.72 -34.16 24.84
C ARG K 179 51.88 -33.16 23.70
N LEU K 180 50.91 -33.11 22.80
CA LEU K 180 50.97 -32.17 21.68
C LEU K 180 49.62 -31.51 21.45
N LEU K 181 49.05 -30.94 22.51
CA LEU K 181 47.76 -30.28 22.42
C LEU K 181 47.87 -28.77 22.39
N PRO K 182 48.92 -28.23 23.03
CA PRO K 182 49.14 -26.77 23.07
C PRO K 182 49.26 -26.16 21.68
N GLY K 183 49.93 -26.84 20.77
CA GLY K 183 50.12 -26.34 19.42
C GLY K 183 49.12 -26.88 18.42
N PHE K 184 49.31 -26.52 17.15
CA PHE K 184 48.44 -26.97 16.07
C PHE K 184 49.28 -27.41 14.88
N ALA K 185 49.05 -28.63 14.42
CA ALA K 185 49.90 -29.22 13.39
C ALA K 185 49.67 -28.56 12.02
N LEU K 186 50.60 -28.79 11.11
CA LEU K 186 50.59 -28.18 9.78
C LEU K 186 50.57 -29.27 8.72
N VAL K 187 49.64 -29.14 7.76
CA VAL K 187 49.42 -30.10 6.70
C VAL K 187 49.38 -29.34 5.38
N SER K 188 49.53 -30.08 4.27
CA SER K 188 49.39 -29.50 2.95
C SER K 188 47.96 -29.68 2.46
N ARG K 189 47.48 -28.70 1.68
CA ARG K 189 46.09 -28.62 1.26
C ARG K 189 46.00 -28.43 -0.24
N GLU K 190 46.72 -29.27 -1.00
CA GLU K 190 46.73 -29.16 -2.46
C GLU K 190 45.38 -29.53 -3.06
N ALA K 191 44.66 -30.47 -2.45
CA ALA K 191 43.37 -30.89 -2.98
C ALA K 191 42.31 -29.82 -2.78
N LEU K 192 42.31 -29.16 -1.62
CA LEU K 192 41.39 -28.06 -1.39
C LEU K 192 41.74 -26.85 -2.26
N LEU K 193 43.04 -26.64 -2.51
CA LEU K 193 43.48 -25.63 -3.46
C LEU K 193 42.95 -25.92 -4.86
N GLN K 194 43.01 -27.18 -5.29
CA GLN K 194 42.55 -27.52 -6.63
C GLN K 194 41.03 -27.45 -6.73
N GLN K 195 40.34 -27.77 -5.64
CA GLN K 195 38.88 -27.69 -5.63
C GLN K 195 38.42 -26.24 -5.74
N HIS K 196 39.04 -25.35 -4.95
CA HIS K 196 38.67 -23.95 -5.07
C HIS K 196 39.15 -23.37 -6.40
N LEU K 197 40.21 -23.93 -6.97
CA LEU K 197 40.69 -23.44 -8.26
C LEU K 197 39.73 -23.82 -9.38
N GLU K 198 39.19 -25.03 -9.35
CA GLU K 198 38.22 -25.41 -10.37
C GLU K 198 36.88 -24.73 -10.16
N THR K 199 36.46 -24.47 -8.91
CA THR K 199 35.20 -23.77 -8.76
C THR K 199 35.36 -22.26 -8.90
N LEU K 200 36.58 -21.75 -8.94
CA LEU K 200 36.79 -20.34 -9.27
C LEU K 200 36.94 -20.12 -10.77
N ARG K 201 37.44 -21.12 -11.50
CA ARG K 201 37.71 -21.04 -12.94
C ARG K 201 36.46 -20.91 -13.79
N THR K 202 35.26 -21.00 -13.21
CA THR K 202 34.05 -20.64 -13.92
C THR K 202 33.98 -19.16 -14.25
N THR K 203 34.70 -18.32 -13.49
CA THR K 203 34.78 -16.89 -13.77
C THR K 203 36.01 -16.51 -14.57
N LEU K 204 37.19 -17.00 -14.19
CA LEU K 204 38.43 -16.64 -14.88
C LEU K 204 39.47 -17.73 -14.67
N PRO K 205 40.24 -18.07 -15.70
CA PRO K 205 41.25 -19.16 -15.57
C PRO K 205 42.62 -18.67 -15.12
N GLU K 206 42.74 -18.32 -13.84
CA GLU K 206 44.02 -17.93 -13.25
C GLU K 206 44.22 -18.69 -11.95
N ALA K 207 45.48 -18.94 -11.60
CA ALA K 207 45.81 -19.83 -10.49
C ALA K 207 46.44 -19.13 -9.30
N THR K 208 47.30 -18.13 -9.49
CA THR K 208 47.89 -17.44 -8.35
C THR K 208 46.91 -16.48 -7.71
N THR K 209 45.93 -16.00 -8.48
CA THR K 209 44.87 -15.18 -7.91
C THR K 209 44.00 -15.98 -6.95
N LEU K 210 43.91 -17.29 -7.15
CA LEU K 210 43.23 -18.15 -6.20
C LEU K 210 43.96 -18.18 -4.86
N ASP K 211 45.27 -18.48 -4.90
CA ASP K 211 46.07 -18.52 -3.68
C ASP K 211 46.21 -17.15 -3.03
N ALA K 212 45.97 -16.07 -3.78
CA ALA K 212 45.70 -14.80 -3.15
C ALA K 212 44.35 -14.83 -2.42
N LEU K 213 43.28 -15.11 -3.15
CA LEU K 213 41.91 -15.01 -2.62
C LEU K 213 41.54 -16.12 -1.63
N LEU K 214 42.38 -17.14 -1.47
CA LEU K 214 42.05 -18.19 -0.52
C LEU K 214 42.33 -17.76 0.92
N ASP K 215 43.34 -16.94 1.13
CA ASP K 215 43.89 -16.70 2.46
C ASP K 215 43.93 -15.20 2.79
N LEU K 216 42.81 -14.52 2.56
CA LEU K 216 42.62 -13.16 3.08
C LEU K 216 41.24 -13.08 3.70
N CYS K 217 40.88 -11.89 4.17
CA CYS K 217 39.57 -11.63 4.77
C CYS K 217 38.69 -10.98 3.72
N ARG K 218 38.01 -11.82 2.93
CA ARG K 218 37.16 -11.33 1.86
C ARG K 218 35.88 -10.75 2.43
N ILE K 219 35.65 -9.46 2.19
CA ILE K 219 34.50 -8.75 2.73
C ILE K 219 33.54 -8.53 1.57
N ASN K 220 32.47 -9.30 1.55
CA ASN K 220 31.43 -9.16 0.53
C ASN K 220 30.36 -8.20 1.01
N PHE K 221 29.82 -7.43 0.08
CA PHE K 221 28.90 -6.33 0.41
C PHE K 221 27.50 -6.87 0.66
N GLU K 222 26.55 -5.96 0.80
CA GLU K 222 25.17 -6.33 1.16
C GLU K 222 24.47 -6.98 -0.02
N PRO K 223 24.00 -8.23 0.10
CA PRO K 223 23.30 -8.91 -1.00
C PRO K 223 21.85 -8.48 -1.13
N TRP K 239 28.01 -6.92 3.80
CA TRP K 239 28.93 -6.56 4.87
C TRP K 239 29.57 -7.80 5.47
N GLN K 240 29.25 -8.97 4.91
CA GLN K 240 29.65 -10.23 5.50
C GLN K 240 31.10 -10.55 5.12
N VAL K 241 31.67 -11.53 5.82
CA VAL K 241 33.03 -11.99 5.58
C VAL K 241 32.96 -13.43 5.11
N ARG K 242 33.43 -13.68 3.89
CA ARG K 242 33.49 -15.03 3.37
C ARG K 242 34.63 -15.78 4.04
N ASP K 243 34.35 -16.99 4.52
CA ASP K 243 35.27 -17.69 5.40
C ASP K 243 35.41 -19.15 5.01
N LYS K 244 36.65 -19.67 5.18
CA LYS K 244 37.18 -21.03 5.14
C LYS K 244 37.11 -21.65 6.53
N PRO K 245 36.85 -22.96 6.64
CA PRO K 245 36.62 -23.55 7.97
C PRO K 245 37.86 -23.64 8.84
N GLY K 246 39.06 -23.62 8.27
CA GLY K 246 40.25 -23.77 9.06
C GLY K 246 41.21 -22.60 8.99
N TRP K 247 42.49 -22.86 9.27
CA TRP K 247 43.52 -21.84 9.24
C TRP K 247 44.31 -22.02 7.94
N LEU K 248 43.91 -21.29 6.90
CA LEU K 248 44.54 -21.39 5.60
C LEU K 248 45.68 -20.39 5.49
N VAL K 249 46.89 -20.88 5.20
CA VAL K 249 48.08 -20.05 5.10
C VAL K 249 48.77 -20.31 3.77
N PRO K 250 49.52 -19.35 3.23
CA PRO K 250 50.42 -19.64 2.11
C PRO K 250 51.70 -20.30 2.62
N ILE K 251 52.14 -21.32 1.89
CA ILE K 251 53.39 -22.00 2.20
C ILE K 251 54.23 -22.10 0.94
N PRO K 252 55.55 -22.11 1.04
CA PRO K 252 56.36 -22.46 -0.13
C PRO K 252 56.19 -23.93 -0.49
N ALA K 253 55.53 -24.20 -1.62
CA ALA K 253 55.21 -25.56 -2.02
C ALA K 253 56.43 -26.36 -2.46
N GLY K 254 57.55 -25.70 -2.75
CA GLY K 254 58.73 -26.42 -3.17
C GLY K 254 59.62 -25.71 -4.16
N TYR K 255 60.25 -26.48 -5.03
CA TYR K 255 61.27 -25.97 -5.94
C TYR K 255 60.98 -26.47 -7.35
N ASN K 256 60.96 -25.57 -8.32
CA ASN K 256 60.78 -25.92 -9.73
C ASN K 256 61.92 -25.29 -10.52
N ALA K 257 62.66 -26.12 -11.26
CA ALA K 257 63.87 -25.62 -11.92
C ALA K 257 63.53 -24.79 -13.15
N LEU K 258 64.19 -23.62 -13.24
CA LEU K 258 64.11 -22.76 -14.40
C LEU K 258 65.27 -22.94 -15.35
N SER K 259 66.13 -23.93 -15.09
CA SER K 259 67.29 -24.22 -15.91
C SER K 259 67.49 -25.73 -15.93
N PRO K 260 68.11 -26.27 -17.00
CA PRO K 260 68.38 -27.72 -17.04
C PRO K 260 69.45 -28.17 -16.05
N LEU K 261 69.74 -29.47 -16.07
CA LEU K 261 70.75 -30.05 -15.20
C LEU K 261 72.13 -29.51 -15.55
N TYR K 262 72.93 -29.24 -14.52
CA TYR K 262 74.31 -28.81 -14.73
C TYR K 262 75.26 -29.71 -13.96
N LEU K 263 76.43 -29.95 -14.54
CA LEU K 263 77.44 -30.82 -13.95
C LEU K 263 78.10 -30.10 -12.79
N PRO K 264 78.81 -30.82 -11.91
CA PRO K 264 79.48 -30.14 -10.78
C PRO K 264 80.53 -29.11 -11.16
N GLY K 265 81.21 -29.29 -12.28
CA GLY K 265 82.32 -28.40 -12.57
C GLY K 265 82.02 -27.21 -13.45
N GLU K 266 80.93 -27.24 -14.20
CA GLU K 266 80.70 -26.24 -15.22
C GLU K 266 80.10 -24.94 -14.69
N VAL K 267 79.69 -24.90 -13.44
CA VAL K 267 79.15 -23.69 -12.82
C VAL K 267 80.18 -23.17 -11.82
N ARG K 268 80.51 -21.88 -11.91
CA ARG K 268 81.47 -21.31 -10.99
C ARG K 268 80.78 -20.95 -9.68
N ASN K 269 81.60 -20.94 -8.61
CA ASN K 269 81.19 -20.59 -7.25
C ASN K 269 80.10 -21.50 -6.71
N ALA K 270 80.16 -22.78 -7.07
CA ALA K 270 79.25 -23.76 -6.49
C ALA K 270 79.63 -24.05 -5.05
N ARG K 271 78.67 -24.59 -4.30
CA ARG K 271 78.97 -25.02 -2.93
C ARG K 271 79.90 -26.22 -2.91
N ASP K 272 79.80 -27.08 -3.91
CA ASP K 272 80.64 -28.25 -4.02
C ASP K 272 80.85 -28.55 -5.49
N ARG K 273 82.09 -28.87 -5.85
CA ARG K 273 82.42 -29.31 -7.19
C ARG K 273 82.29 -30.82 -7.35
N GLU K 274 81.51 -31.47 -6.50
CA GLU K 274 81.23 -32.89 -6.58
C GLU K 274 79.73 -33.18 -6.55
N THR K 275 78.90 -32.17 -6.81
CA THR K 275 77.45 -32.27 -6.69
C THR K 275 76.83 -31.48 -7.84
N PRO K 276 75.88 -32.05 -8.56
CA PRO K 276 75.28 -31.34 -9.70
C PRO K 276 74.37 -30.21 -9.26
N LEU K 277 74.29 -29.18 -10.10
CA LEU K 277 73.63 -27.93 -9.76
C LEU K 277 72.49 -27.65 -10.72
N ARG K 278 71.54 -26.85 -10.26
CA ARG K 278 70.44 -26.35 -11.09
C ARG K 278 70.02 -24.99 -10.57
N PHE K 279 69.47 -24.17 -11.46
CA PHE K 279 68.85 -22.91 -11.09
C PHE K 279 67.36 -23.14 -10.94
N VAL K 280 66.79 -22.64 -9.83
CA VAL K 280 65.44 -23.01 -9.43
C VAL K 280 64.64 -21.76 -9.06
N GLU K 281 63.31 -21.95 -9.04
CA GLU K 281 62.32 -20.97 -8.63
C GLU K 281 61.45 -21.62 -7.56
N ASN K 282 60.73 -20.78 -6.82
CA ASN K 282 59.99 -21.24 -5.65
C ASN K 282 58.55 -21.52 -6.04
N LEU K 283 58.11 -22.75 -5.77
CA LEU K 283 56.69 -23.07 -5.87
C LEU K 283 56.00 -22.73 -4.57
N PHE K 284 54.86 -22.04 -4.66
CA PHE K 284 54.10 -21.61 -3.51
C PHE K 284 52.75 -22.31 -3.49
N GLY K 285 52.32 -22.74 -2.30
CA GLY K 285 51.06 -23.44 -2.16
C GLY K 285 50.31 -23.08 -0.90
N LEU K 286 49.25 -23.83 -0.58
CA LEU K 286 48.43 -23.57 0.59
C LEU K 286 48.61 -24.69 1.62
N GLY K 287 48.84 -24.28 2.87
CA GLY K 287 48.93 -25.19 3.99
C GLY K 287 47.78 -24.96 4.95
N GLU K 288 47.76 -25.75 6.02
CA GLU K 288 46.65 -25.69 6.96
C GLU K 288 47.16 -26.01 8.36
N TRP K 289 46.84 -25.15 9.31
CA TRP K 289 47.08 -25.41 10.72
C TRP K 289 45.79 -25.98 11.30
N LEU K 290 45.88 -27.15 11.91
CA LEU K 290 44.72 -27.85 12.45
C LEU K 290 45.07 -28.46 13.79
N SER K 291 44.07 -28.61 14.64
CA SER K 291 44.28 -29.20 15.95
C SER K 291 44.66 -30.67 15.79
N PRO K 292 45.62 -31.17 16.59
CA PRO K 292 46.11 -32.54 16.38
C PRO K 292 45.11 -33.62 16.73
N HIS K 293 44.07 -33.31 17.50
CA HIS K 293 43.02 -34.28 17.77
C HIS K 293 42.10 -34.49 16.57
N ARG K 294 42.15 -33.62 15.56
CA ARG K 294 41.29 -33.76 14.40
C ARG K 294 41.76 -34.82 13.42
N VAL K 295 42.96 -35.36 13.60
CA VAL K 295 43.47 -36.43 12.76
C VAL K 295 43.67 -37.66 13.63
N ALA K 296 43.11 -38.80 13.19
CA ALA K 296 43.04 -39.99 14.02
C ALA K 296 44.30 -40.85 13.94
N ALA K 297 45.01 -40.83 12.82
CA ALA K 297 46.24 -41.60 12.68
C ALA K 297 47.42 -40.63 12.68
N LEU K 298 48.32 -40.81 13.65
CA LEU K 298 49.40 -39.84 13.85
C LEU K 298 50.48 -39.91 12.78
N SER K 299 50.47 -40.93 11.92
CA SER K 299 51.40 -40.99 10.80
C SER K 299 50.92 -40.19 9.59
N ASP K 300 49.83 -39.43 9.71
CA ASP K 300 49.32 -38.65 8.59
C ASP K 300 50.07 -37.34 8.40
N LEU K 301 50.77 -36.86 9.41
CA LEU K 301 51.29 -35.50 9.46
C LEU K 301 52.73 -35.38 8.97
N LEU K 302 53.29 -36.43 8.39
CA LEU K 302 54.72 -36.50 8.16
C LEU K 302 55.06 -35.86 6.83
N TRP K 303 55.86 -34.79 6.86
CA TRP K 303 56.22 -34.03 5.66
C TRP K 303 57.42 -34.68 4.99
N TYR K 304 57.19 -35.30 3.83
CA TYR K 304 58.25 -35.89 3.03
C TYR K 304 58.64 -34.98 1.89
N HIS K 305 59.92 -34.97 1.56
CA HIS K 305 60.42 -34.30 0.38
C HIS K 305 60.84 -35.34 -0.64
N HIS K 306 60.35 -35.19 -1.86
CA HIS K 306 60.67 -36.10 -2.94
C HIS K 306 61.11 -35.31 -4.17
N ALA K 307 62.04 -35.91 -4.90
CA ALA K 307 62.66 -35.33 -6.07
C ALA K 307 62.15 -36.04 -7.32
N GLU K 308 61.85 -35.26 -8.35
CA GLU K 308 61.52 -35.79 -9.68
C GLU K 308 62.53 -35.15 -10.62
N PRO K 309 63.78 -35.63 -10.63
CA PRO K 309 64.86 -34.88 -11.28
C PRO K 309 64.83 -34.91 -12.80
N ASP K 310 63.91 -35.65 -13.41
CA ASP K 310 63.73 -35.57 -14.86
C ASP K 310 63.21 -34.21 -15.28
N LYS K 311 62.43 -33.57 -14.41
CA LYS K 311 62.00 -32.19 -14.61
C LYS K 311 62.39 -31.44 -13.33
N GLY K 312 61.83 -30.25 -13.15
CA GLY K 312 62.26 -29.43 -12.04
C GLY K 312 61.66 -29.70 -10.68
N LEU K 313 60.76 -30.69 -10.54
CA LEU K 313 59.91 -30.81 -9.36
C LEU K 313 60.70 -31.35 -8.16
N TYR K 314 61.09 -30.44 -7.27
CA TYR K 314 61.68 -30.79 -5.98
C TYR K 314 60.66 -30.37 -4.92
N ARG K 315 59.85 -31.33 -4.48
CA ARG K 315 58.62 -31.02 -3.75
C ARG K 315 58.74 -31.49 -2.31
N TRP K 316 58.24 -30.68 -1.38
CA TRP K 316 57.98 -31.14 -0.03
C TRP K 316 56.48 -31.06 0.22
N SER K 317 55.92 -32.11 0.79
CA SER K 317 54.50 -32.17 1.08
C SER K 317 54.29 -33.10 2.26
N THR K 318 53.06 -33.54 2.45
CA THR K 318 52.75 -34.62 3.39
C THR K 318 51.64 -35.47 2.80
N PRO K 319 52.00 -36.40 1.90
CA PRO K 319 50.99 -37.31 1.34
C PRO K 319 50.59 -38.33 2.39
N ARG K 320 49.47 -39.01 2.09
CA ARG K 320 48.80 -39.94 3.00
C ARG K 320 48.45 -39.21 4.31
N PHE K 321 47.54 -38.26 4.16
CA PHE K 321 47.17 -37.37 5.26
C PHE K 321 45.70 -37.41 5.64
N VAL K 322 44.80 -37.73 4.70
CA VAL K 322 43.38 -37.78 5.02
C VAL K 322 42.82 -39.17 4.74
N LEU L 6 2.31 -47.82 23.54
CA LEU L 6 2.40 -47.62 24.98
C LEU L 6 3.83 -47.80 25.46
N SER L 7 4.40 -46.74 26.03
CA SER L 7 5.75 -46.77 26.57
C SER L 7 5.75 -46.16 27.96
N THR L 8 6.89 -46.26 28.64
CA THR L 8 6.99 -45.75 29.99
C THR L 8 7.07 -44.22 30.00
N ALA L 9 6.69 -43.64 31.12
CA ALA L 9 6.63 -42.18 31.24
C ALA L 9 8.01 -41.60 31.47
N SER L 10 8.18 -40.33 31.07
CA SER L 10 9.47 -39.68 31.24
C SER L 10 9.70 -39.27 32.69
N VAL L 11 8.66 -38.81 33.37
CA VAL L 11 8.73 -38.62 34.81
C VAL L 11 7.77 -39.61 35.47
N LEU L 12 8.20 -40.15 36.59
CA LEU L 12 7.40 -41.09 37.38
C LEU L 12 8.02 -41.13 38.77
N ALA L 13 7.24 -40.77 39.77
CA ALA L 13 7.77 -40.67 41.12
C ALA L 13 6.75 -41.25 42.09
N PHE L 14 7.24 -41.99 43.07
CA PHE L 14 6.42 -42.58 44.10
C PHE L 14 6.90 -42.08 45.43
N GLU L 15 5.98 -41.59 46.26
CA GLU L 15 6.32 -41.32 47.64
C GLU L 15 6.52 -42.61 48.38
N ARG L 16 7.35 -42.57 49.41
CA ARG L 16 7.60 -43.76 50.20
C ARG L 16 6.39 -44.07 51.09
N LYS L 17 6.12 -45.35 51.27
CA LYS L 17 5.26 -45.80 52.34
C LYS L 17 6.13 -46.37 53.45
N LEU L 18 5.50 -46.64 54.59
CA LEU L 18 6.17 -47.01 55.85
C LEU L 18 7.19 -45.94 56.25
N ASP L 19 6.67 -44.76 56.56
CA ASP L 19 7.51 -43.64 56.99
C ASP L 19 7.97 -43.87 58.42
N PRO L 20 9.27 -43.96 58.68
CA PRO L 20 9.72 -44.00 60.07
C PRO L 20 10.10 -42.63 60.58
N SER L 21 10.23 -42.48 61.88
CA SER L 21 10.78 -41.26 62.45
C SER L 21 12.24 -41.47 62.79
N ASP L 22 12.86 -40.45 63.36
CA ASP L 22 14.22 -40.60 63.86
C ASP L 22 14.18 -41.31 65.20
N ALA L 23 14.97 -42.38 65.32
CA ALA L 23 14.94 -43.22 66.51
C ALA L 23 15.83 -42.60 67.59
N LEU L 24 15.22 -42.24 68.71
CA LEU L 24 15.95 -41.63 69.81
C LEU L 24 16.48 -42.67 70.77
N MET L 25 17.63 -42.37 71.37
CA MET L 25 18.33 -43.25 72.29
C MET L 25 18.24 -42.72 73.71
N SER L 26 17.97 -43.63 74.64
CA SER L 26 18.01 -43.35 76.07
C SER L 26 18.63 -44.56 76.76
N ALA L 27 18.86 -44.43 78.06
CA ALA L 27 19.51 -45.49 78.80
C ALA L 27 18.79 -45.78 80.10
N GLY L 28 18.98 -46.98 80.61
CA GLY L 28 18.40 -47.36 81.88
C GLY L 28 18.90 -48.72 82.32
N ALA L 29 18.35 -49.19 83.43
CA ALA L 29 18.65 -50.51 83.94
C ALA L 29 17.55 -51.49 83.56
N TRP L 30 17.94 -52.76 83.40
CA TRP L 30 16.97 -53.79 83.06
C TRP L 30 16.02 -54.04 84.23
N ALA L 31 14.82 -54.53 83.89
CA ALA L 31 13.62 -54.74 84.70
C ALA L 31 12.95 -53.43 85.11
N GLN L 32 13.54 -52.28 84.77
CA GLN L 32 12.83 -51.00 84.77
C GLN L 32 12.24 -50.71 83.39
N ARG L 33 12.17 -51.72 82.52
CA ARG L 33 11.78 -51.52 81.13
C ARG L 33 10.33 -51.09 80.99
N ASP L 34 9.46 -51.55 81.90
CA ASP L 34 8.08 -51.09 81.87
C ASP L 34 7.90 -49.73 82.53
N ALA L 35 8.92 -49.25 83.24
CA ALA L 35 8.92 -47.91 83.82
C ALA L 35 9.88 -46.98 83.06
N SER L 36 10.07 -47.24 81.77
CA SER L 36 11.08 -46.54 80.98
C SER L 36 10.49 -45.32 80.28
N GLN L 37 9.91 -44.43 81.09
CA GLN L 37 9.38 -43.17 80.57
C GLN L 37 10.18 -41.96 81.02
N GLU L 38 10.88 -42.06 82.16
CA GLU L 38 11.80 -41.01 82.60
C GLU L 38 13.24 -41.43 82.40
N TRP L 39 13.51 -42.29 81.42
CA TRP L 39 14.87 -42.75 81.18
C TRP L 39 15.69 -41.64 80.54
N PRO L 40 16.87 -41.32 81.06
CA PRO L 40 17.66 -40.23 80.50
C PRO L 40 18.30 -40.59 79.17
N ALA L 41 18.39 -39.59 78.30
CA ALA L 41 18.86 -39.80 76.93
C ALA L 41 20.38 -39.98 76.90
N VAL L 42 20.85 -40.66 75.86
CA VAL L 42 22.27 -40.92 75.67
C VAL L 42 22.93 -39.67 75.11
N THR L 43 23.76 -39.03 75.92
CA THR L 43 24.43 -37.81 75.52
C THR L 43 25.70 -38.14 74.71
N VAL L 44 25.93 -37.37 73.65
CA VAL L 44 27.16 -37.47 72.86
C VAL L 44 28.19 -36.53 73.46
N ARG L 45 29.40 -37.03 73.67
CA ARG L 45 30.48 -36.23 74.22
C ARG L 45 31.68 -36.25 73.28
N GLU L 46 32.59 -35.33 73.49
CA GLU L 46 33.82 -35.24 72.70
C GLU L 46 35.01 -35.68 73.54
N LYS L 47 36.00 -36.26 72.87
CA LYS L 47 37.22 -36.65 73.54
C LYS L 47 38.38 -36.54 72.55
N SER L 48 39.59 -36.76 73.05
CA SER L 48 40.78 -36.76 72.21
C SER L 48 41.06 -38.13 71.63
N GLN L 77 43.51 -35.86 67.31
CA GLN L 77 42.17 -35.88 66.74
C GLN L 77 41.10 -35.89 67.83
N THR L 78 39.99 -35.22 67.58
CA THR L 78 38.88 -35.13 68.52
C THR L 78 37.71 -35.88 67.93
N VAL L 79 37.19 -36.86 68.68
CA VAL L 79 36.12 -37.74 68.21
C VAL L 79 34.94 -37.59 69.17
N ASP L 80 33.74 -37.51 68.59
CA ASP L 80 32.51 -37.55 69.36
C ASP L 80 32.04 -38.99 69.49
N VAL L 81 31.94 -39.46 70.74
CA VAL L 81 31.50 -40.81 71.07
C VAL L 81 30.33 -40.67 72.03
N ALA L 82 29.42 -41.64 71.99
CA ALA L 82 28.32 -41.72 72.94
C ALA L 82 28.38 -43.06 73.65
N ASN L 83 28.27 -43.04 74.98
CA ASN L 83 28.32 -44.24 75.80
C ASN L 83 27.11 -44.28 76.70
N LEU L 84 26.86 -45.44 77.29
CA LEU L 84 25.86 -45.54 78.34
C LEU L 84 26.45 -45.01 79.64
N PRO L 85 25.60 -44.55 80.57
CA PRO L 85 26.08 -44.28 81.93
C PRO L 85 26.53 -45.55 82.62
N SER L 86 27.41 -45.38 83.61
CA SER L 86 28.08 -46.52 84.24
C SER L 86 27.15 -47.31 85.18
N ASP L 87 25.96 -46.79 85.48
CA ASP L 87 24.98 -47.53 86.26
C ASP L 87 23.81 -48.01 85.41
N ALA L 88 23.95 -48.02 84.09
CA ALA L 88 22.92 -48.47 83.19
C ALA L 88 23.49 -49.48 82.21
N ASP L 89 22.72 -50.52 81.91
CA ASP L 89 23.13 -51.55 80.98
C ASP L 89 22.20 -51.70 79.79
N THR L 90 21.10 -50.95 79.75
CA THR L 90 20.05 -51.12 78.74
C THR L 90 19.95 -49.86 77.89
N LEU L 91 20.10 -50.04 76.59
CA LEU L 91 19.88 -48.99 75.60
C LEU L 91 18.45 -49.12 75.09
N LYS L 92 17.68 -48.05 75.21
CA LYS L 92 16.32 -47.99 74.69
C LYS L 92 16.30 -47.09 73.46
N VAL L 93 15.85 -47.62 72.33
CA VAL L 93 15.64 -46.79 71.15
C VAL L 93 14.16 -46.77 70.84
N ARG L 94 13.69 -45.62 70.37
CA ARG L 94 12.26 -45.39 70.16
C ARG L 94 12.03 -44.67 68.84
N PHE L 95 11.10 -45.18 68.05
CA PHE L 95 10.63 -44.41 66.90
C PHE L 95 9.15 -44.70 66.69
N THR L 96 8.55 -43.99 65.73
CA THR L 96 7.19 -44.24 65.29
C THR L 96 7.21 -44.51 63.79
N LEU L 97 6.23 -45.30 63.35
CA LEU L 97 6.13 -45.72 61.96
C LEU L 97 4.70 -45.53 61.47
N ARG L 98 4.56 -44.90 60.31
CA ARG L 98 3.25 -44.63 59.72
C ARG L 98 3.06 -45.52 58.51
N VAL L 99 2.01 -46.34 58.54
CA VAL L 99 1.61 -47.15 57.40
C VAL L 99 0.35 -46.53 56.81
N LEU L 100 0.43 -46.21 55.51
CA LEU L 100 -0.45 -45.28 54.83
C LEU L 100 -1.34 -45.95 53.79
N GLY L 101 -0.74 -46.63 52.82
CA GLY L 101 -1.50 -47.26 51.75
C GLY L 101 -1.50 -46.46 50.46
N GLY L 102 -2.09 -47.06 49.45
CA GLY L 102 -2.11 -46.47 48.12
C GLY L 102 -0.78 -46.61 47.42
N ALA L 103 -0.21 -47.81 47.45
CA ALA L 103 1.16 -48.04 46.99
C ALA L 103 1.30 -48.08 45.48
N GLY L 104 0.21 -48.06 44.73
CA GLY L 104 0.31 -48.11 43.29
C GLY L 104 0.25 -46.75 42.63
N THR L 105 -0.41 -45.79 43.27
CA THR L 105 -0.61 -44.48 42.69
C THR L 105 0.69 -43.69 42.70
N PRO L 106 1.19 -43.24 41.56
CA PRO L 106 2.37 -42.38 41.56
C PRO L 106 2.03 -40.96 41.97
N SER L 107 3.05 -40.26 42.46
CA SER L 107 2.88 -38.87 42.84
C SER L 107 3.06 -37.91 41.66
N ALA L 108 3.65 -38.37 40.56
CA ALA L 108 3.81 -37.57 39.35
C ALA L 108 3.97 -38.52 38.18
N CYS L 109 3.32 -38.20 37.06
CA CYS L 109 3.38 -39.06 35.88
C CYS L 109 2.95 -38.27 34.66
N ASN L 110 3.74 -38.39 33.58
CA ASN L 110 3.38 -37.74 32.32
C ASN L 110 2.24 -38.47 31.62
N ASP L 111 2.45 -39.74 31.28
CA ASP L 111 1.50 -40.49 30.49
C ASP L 111 0.32 -40.92 31.38
N ALA L 112 -0.88 -40.79 30.85
CA ALA L 112 -2.06 -41.29 31.56
C ALA L 112 -2.35 -42.74 31.20
N ALA L 113 -1.99 -43.16 29.98
CA ALA L 113 -2.18 -44.56 29.59
C ALA L 113 -1.26 -45.48 30.36
N TYR L 114 0.02 -45.09 30.49
CA TYR L 114 0.95 -45.85 31.32
C TYR L 114 0.53 -45.84 32.77
N ARG L 115 -0.06 -44.74 33.22
CA ARG L 115 -0.51 -44.66 34.61
C ARG L 115 -1.69 -45.58 34.86
N ASP L 116 -2.64 -45.64 33.94
CA ASP L 116 -3.78 -46.54 34.09
C ASP L 116 -3.35 -47.99 33.97
N LYS L 117 -2.39 -48.28 33.09
CA LYS L 117 -1.85 -49.63 32.96
C LYS L 117 -1.15 -50.08 34.24
N LEU L 118 -0.37 -49.19 34.86
CA LEU L 118 0.30 -49.51 36.11
C LEU L 118 -0.70 -49.66 37.24
N LEU L 119 -1.73 -48.83 37.27
CA LEU L 119 -2.74 -48.92 38.34
C LEU L 119 -3.53 -50.21 38.25
N GLN L 120 -3.92 -50.62 37.05
CA GLN L 120 -4.64 -51.88 36.93
C GLN L 120 -3.72 -53.08 37.10
N THR L 121 -2.42 -52.92 36.83
CA THR L 121 -1.48 -53.99 37.11
C THR L 121 -1.33 -54.21 38.60
N VAL L 122 -1.20 -53.13 39.37
CA VAL L 122 -1.17 -53.22 40.83
C VAL L 122 -2.51 -53.72 41.37
N ALA L 123 -3.61 -53.39 40.68
CA ALA L 123 -4.93 -53.86 41.09
C ALA L 123 -5.05 -55.38 40.93
N THR L 124 -4.61 -55.93 39.79
CA THR L 124 -4.62 -57.37 39.64
C THR L 124 -3.63 -58.06 40.56
N TYR L 125 -2.51 -57.40 40.89
CA TYR L 125 -1.60 -57.96 41.89
C TYR L 125 -2.26 -58.04 43.26
N VAL L 126 -2.99 -57.00 43.63
CA VAL L 126 -3.65 -56.97 44.94
C VAL L 126 -4.79 -57.97 44.99
N ASN L 127 -5.52 -58.12 43.89
CA ASN L 127 -6.62 -59.09 43.87
C ASN L 127 -6.12 -60.52 43.81
N GLU L 128 -4.92 -60.76 43.25
CA GLU L 128 -4.35 -62.10 43.29
C GLU L 128 -3.96 -62.48 44.71
N GLN L 129 -3.09 -61.69 45.34
CA GLN L 129 -2.78 -61.87 46.74
C GLN L 129 -2.69 -60.50 47.40
N GLY L 130 -2.94 -60.45 48.70
CA GLY L 130 -2.84 -59.20 49.41
C GLY L 130 -1.41 -58.77 49.67
N PHE L 131 -1.22 -57.88 50.64
CA PHE L 131 0.12 -57.49 51.05
C PHE L 131 0.69 -58.41 52.11
N ALA L 132 0.16 -59.64 52.22
CA ALA L 132 0.41 -60.49 53.37
C ALA L 132 1.85 -60.99 53.43
N GLU L 133 2.44 -61.31 52.29
CA GLU L 133 3.84 -61.74 52.29
C GLU L 133 4.77 -60.57 52.58
N LEU L 134 4.51 -59.42 51.95
CA LEU L 134 5.33 -58.23 52.17
C LEU L 134 5.17 -57.69 53.59
N ALA L 135 3.93 -57.63 54.08
CA ALA L 135 3.73 -57.19 55.47
C ALA L 135 4.22 -58.23 56.46
N ARG L 136 4.25 -59.51 56.07
CA ARG L 136 4.83 -60.54 56.91
C ARG L 136 6.33 -60.33 57.06
N ARG L 137 7.02 -60.04 55.95
CA ARG L 137 8.45 -59.76 56.02
C ARG L 137 8.73 -58.43 56.72
N TYR L 138 7.84 -57.45 56.58
CA TYR L 138 8.03 -56.17 57.26
C TYR L 138 7.82 -56.30 58.76
N ALA L 139 6.83 -57.09 59.17
CA ALA L 139 6.63 -57.35 60.59
C ALA L 139 7.72 -58.24 61.15
N HIS L 140 8.36 -59.07 60.30
CA HIS L 140 9.56 -59.78 60.71
C HIS L 140 10.70 -58.81 60.98
N ASN L 141 10.92 -57.86 60.07
CA ASN L 141 11.98 -56.88 60.27
C ASN L 141 11.67 -55.91 61.40
N LEU L 142 10.40 -55.74 61.76
CA LEU L 142 10.05 -55.02 62.97
C LEU L 142 10.23 -55.88 64.21
N ALA L 143 10.06 -57.19 64.08
CA ALA L 143 10.13 -58.09 65.23
C ALA L 143 11.56 -58.23 65.74
N ASN L 144 12.47 -58.64 64.86
CA ASN L 144 13.88 -58.57 65.20
C ASN L 144 14.32 -57.11 65.15
N ALA L 145 15.26 -56.74 66.02
CA ALA L 145 15.73 -55.36 66.09
C ALA L 145 16.84 -55.12 65.07
N ARG L 146 16.48 -55.26 63.79
CA ARG L 146 17.44 -55.02 62.73
C ARG L 146 17.76 -53.54 62.57
N PHE L 147 16.89 -52.65 63.08
CA PHE L 147 17.19 -51.23 63.04
C PHE L 147 18.30 -50.85 64.00
N LEU L 148 18.62 -51.69 64.96
CA LEU L 148 19.87 -51.57 65.71
C LEU L 148 20.94 -52.25 64.86
N TRP L 149 21.76 -51.45 64.20
CA TRP L 149 22.73 -52.04 63.26
C TRP L 149 23.93 -52.59 63.99
N ARG L 150 24.74 -51.71 64.59
CA ARG L 150 25.88 -52.14 65.39
C ARG L 150 25.57 -52.18 66.87
N ASN L 151 24.36 -51.78 67.27
CA ASN L 151 23.96 -51.86 68.66
C ASN L 151 23.34 -53.20 69.01
N ARG L 152 23.01 -54.02 68.02
CA ARG L 152 22.44 -55.32 68.27
C ARG L 152 23.49 -56.42 68.36
N VAL L 153 24.62 -56.25 67.66
CA VAL L 153 25.65 -57.28 67.67
C VAL L 153 26.34 -57.28 69.03
N GLY L 154 26.60 -58.48 69.56
CA GLY L 154 27.18 -58.62 70.87
C GLY L 154 26.25 -58.40 72.03
N ALA L 155 24.96 -58.16 71.78
CA ALA L 155 24.01 -57.90 72.85
C ALA L 155 23.51 -59.22 73.43
N GLU L 156 23.50 -59.31 74.76
CA GLU L 156 23.08 -60.54 75.41
C GLU L 156 21.57 -60.74 75.36
N ALA L 157 20.80 -59.67 75.26
CA ALA L 157 19.35 -59.76 75.22
C ALA L 157 18.79 -58.49 74.61
N VAL L 158 17.91 -58.64 73.62
CA VAL L 158 17.18 -57.53 73.02
C VAL L 158 15.70 -57.89 72.99
N GLU L 159 14.84 -56.89 73.23
CA GLU L 159 13.41 -57.08 73.30
C GLU L 159 12.71 -55.92 72.60
N VAL L 160 11.64 -56.22 71.88
CA VAL L 160 10.95 -55.24 71.05
C VAL L 160 9.50 -55.15 71.50
N ARG L 161 9.07 -53.94 71.88
CA ARG L 161 7.69 -53.66 72.26
C ARG L 161 7.07 -52.77 71.18
N ILE L 162 5.93 -53.19 70.66
CA ILE L 162 5.29 -52.51 69.53
C ILE L 162 3.87 -52.15 69.92
N ASN L 163 3.54 -50.87 69.87
CA ASN L 163 2.23 -50.37 70.27
C ASN L 163 1.47 -49.86 69.06
N HIS L 164 0.30 -50.45 68.79
CA HIS L 164 -0.64 -49.87 67.85
C HIS L 164 -1.45 -48.80 68.57
N ILE L 165 -1.35 -47.57 68.09
CA ILE L 165 -1.87 -46.37 68.73
C ILE L 165 -2.98 -45.84 67.85
N ARG L 166 -4.23 -46.14 68.20
CA ARG L 166 -5.35 -45.76 67.32
C ARG L 166 -5.74 -44.30 67.54
N GLN L 167 -6.25 -44.00 68.72
CA GLN L 167 -6.46 -42.63 69.15
C GLN L 167 -5.20 -42.20 69.91
N GLY L 168 -5.28 -41.12 70.70
CA GLY L 168 -4.14 -40.70 71.51
C GLY L 168 -3.66 -41.68 72.58
N GLU L 169 -4.36 -42.80 72.78
CA GLU L 169 -3.97 -43.86 73.69
C GLU L 169 -3.62 -45.11 72.90
N VAL L 170 -3.14 -46.13 73.62
CA VAL L 170 -2.70 -47.37 73.00
C VAL L 170 -3.90 -48.25 72.68
N ALA L 171 -3.80 -49.02 71.61
CA ALA L 171 -4.83 -49.98 71.24
C ALA L 171 -4.36 -51.43 71.23
N ARG L 172 -3.10 -51.69 70.90
CA ARG L 172 -2.61 -53.07 70.98
C ARG L 172 -1.13 -53.08 71.33
N THR L 173 -0.70 -54.10 72.04
CA THR L 173 0.70 -54.29 72.41
C THR L 173 1.20 -55.64 71.90
N TRP L 174 2.34 -55.62 71.21
CA TRP L 174 3.08 -56.80 70.85
C TRP L 174 4.40 -56.82 71.61
N ARG L 175 4.76 -58.01 72.10
CA ARG L 175 6.00 -58.22 72.84
C ARG L 175 6.79 -59.29 72.10
N PHE L 176 7.99 -58.96 71.66
CA PHE L 176 8.79 -59.88 70.87
C PHE L 176 10.18 -60.01 71.46
N ASP L 177 10.71 -61.22 71.45
CA ASP L 177 12.12 -61.46 71.72
C ASP L 177 12.85 -61.39 70.39
N ALA L 178 13.63 -60.32 70.20
CA ALA L 178 14.29 -60.11 68.92
C ALA L 178 15.47 -61.04 68.71
N LEU L 179 16.01 -61.62 69.79
CA LEU L 179 17.04 -62.64 69.61
C LEU L 179 16.45 -63.98 69.18
N ALA L 180 15.16 -64.20 69.47
CA ALA L 180 14.52 -65.44 69.06
C ALA L 180 14.28 -65.45 67.55
N ILE L 181 13.76 -64.36 67.00
CA ILE L 181 13.54 -64.25 65.57
C ILE L 181 14.90 -63.98 64.92
N GLY L 182 15.39 -64.95 64.15
CA GLY L 182 16.67 -64.79 63.51
C GLY L 182 16.63 -63.86 62.31
N LEU L 183 17.82 -63.42 61.92
CA LEU L 183 17.97 -62.50 60.79
C LEU L 183 18.01 -63.21 59.45
N ARG L 184 17.94 -64.55 59.43
CA ARG L 184 18.11 -65.30 58.20
C ARG L 184 16.82 -65.86 57.64
N ASP L 185 15.93 -66.36 58.49
CA ASP L 185 14.74 -67.07 58.04
C ASP L 185 13.49 -66.29 58.43
N PHE L 186 12.44 -66.44 57.62
CA PHE L 186 11.15 -65.85 57.91
C PHE L 186 10.26 -66.89 58.57
N LYS L 187 9.99 -66.71 59.86
CA LYS L 187 9.34 -67.71 60.69
C LYS L 187 7.82 -67.51 60.66
N ALA L 188 7.13 -68.15 61.61
CA ALA L 188 5.69 -68.02 61.74
C ALA L 188 5.33 -67.93 63.22
N ASP L 189 4.47 -66.96 63.55
CA ASP L 189 4.01 -66.76 64.91
C ASP L 189 2.67 -66.04 64.86
N ALA L 190 1.78 -66.38 65.80
CA ALA L 190 0.41 -65.86 65.75
C ALA L 190 0.36 -64.37 66.03
N GLU L 191 1.15 -63.90 67.01
CA GLU L 191 1.24 -62.46 67.26
C GLU L 191 1.91 -61.75 66.09
N LEU L 192 2.92 -62.38 65.50
CA LEU L 192 3.56 -61.83 64.32
C LEU L 192 2.61 -61.83 63.12
N ASP L 193 1.75 -62.85 63.02
CA ASP L 193 0.75 -62.85 61.95
C ASP L 193 -0.32 -61.80 62.17
N ALA L 194 -0.67 -61.50 63.43
CA ALA L 194 -1.63 -60.43 63.68
C ALA L 194 -1.04 -59.05 63.38
N LEU L 195 0.24 -58.86 63.74
CA LEU L 195 0.93 -57.62 63.40
C LEU L 195 1.09 -57.47 61.89
N ALA L 196 1.35 -58.58 61.19
CA ALA L 196 1.45 -58.55 59.73
C ALA L 196 0.10 -58.27 59.09
N GLU L 197 -0.98 -58.75 59.69
CA GLU L 197 -2.31 -58.46 59.16
C GLU L 197 -2.65 -56.98 59.38
N LEU L 198 -2.18 -56.40 60.49
CA LEU L 198 -2.36 -54.96 60.70
C LEU L 198 -1.58 -54.14 59.68
N ILE L 199 -0.32 -54.51 59.42
CA ILE L 199 0.50 -53.80 58.45
C ILE L 199 -0.07 -53.97 57.04
N ALA L 200 -0.60 -55.15 56.72
CA ALA L 200 -1.21 -55.38 55.42
C ALA L 200 -2.53 -54.63 55.28
N SER L 201 -3.25 -54.43 56.38
CA SER L 201 -4.45 -53.60 56.35
C SER L 201 -4.08 -52.14 56.10
N GLY L 202 -2.96 -51.69 56.68
CA GLY L 202 -2.50 -50.34 56.43
C GLY L 202 -2.01 -50.13 55.01
N LEU L 203 -1.33 -51.13 54.46
CA LEU L 203 -0.82 -51.03 53.10
C LEU L 203 -1.92 -51.06 52.05
N SER L 204 -3.08 -51.63 52.37
CA SER L 204 -4.17 -51.74 51.43
C SER L 204 -5.14 -50.57 51.49
N GLY L 205 -4.89 -49.60 52.36
CA GLY L 205 -5.77 -48.46 52.46
C GLY L 205 -7.06 -48.71 53.20
N SER L 206 -7.17 -49.81 53.91
CA SER L 206 -8.37 -50.12 54.69
C SER L 206 -8.34 -49.49 56.08
N GLY L 207 -7.25 -48.83 56.43
CA GLY L 207 -7.15 -48.17 57.72
C GLY L 207 -5.82 -47.46 57.81
N HIS L 208 -5.71 -46.60 58.81
CA HIS L 208 -4.52 -45.80 59.03
C HIS L 208 -3.75 -46.40 60.20
N VAL L 209 -2.48 -46.72 59.98
CA VAL L 209 -1.69 -47.39 61.01
C VAL L 209 -0.60 -46.45 61.50
N LEU L 210 -0.56 -46.23 62.81
CA LEU L 210 0.54 -45.54 63.46
C LEU L 210 1.06 -46.43 64.58
N LEU L 211 2.32 -46.85 64.47
CA LEU L 211 2.92 -47.74 65.44
C LEU L 211 4.03 -47.02 66.19
N GLU L 212 4.21 -47.40 67.46
CA GLU L 212 5.34 -46.95 68.27
C GLU L 212 6.21 -48.15 68.57
N VAL L 213 7.48 -48.07 68.19
CA VAL L 213 8.42 -49.17 68.33
C VAL L 213 9.48 -48.78 69.35
N VAL L 214 9.54 -49.54 70.44
CA VAL L 214 10.56 -49.38 71.47
C VAL L 214 11.40 -50.65 71.47
N ALA L 215 12.71 -50.50 71.61
CA ALA L 215 13.62 -51.64 71.68
C ALA L 215 14.57 -51.47 72.85
N PHE L 216 14.75 -52.53 73.62
CA PHE L 216 15.69 -52.57 74.73
C PHE L 216 16.82 -53.53 74.40
N ALA L 217 18.05 -53.06 74.50
CA ALA L 217 19.24 -53.83 74.18
C ALA L 217 20.14 -53.86 75.41
N ARG L 218 20.56 -55.06 75.81
CA ARG L 218 21.41 -55.22 76.98
C ARG L 218 22.86 -55.33 76.53
N ILE L 219 23.62 -54.26 76.73
CA ILE L 219 25.01 -54.20 76.28
C ILE L 219 25.97 -54.32 77.46
N GLY L 220 25.68 -53.60 78.54
CA GLY L 220 26.57 -53.56 79.69
C GLY L 220 26.73 -52.17 80.25
N ASP L 221 27.44 -52.06 81.37
CA ASP L 221 27.62 -50.76 82.02
C ASP L 221 28.78 -50.01 81.37
N GLY L 222 28.50 -48.80 80.89
CA GLY L 222 29.54 -47.96 80.35
C GLY L 222 30.06 -48.36 78.99
N GLN L 223 29.39 -49.27 78.30
CA GLN L 223 29.78 -49.62 76.94
C GLN L 223 29.34 -48.51 75.98
N GLU L 224 29.82 -48.59 74.74
CA GLU L 224 29.48 -47.58 73.75
C GLU L 224 28.28 -48.00 72.93
N VAL L 225 27.52 -47.01 72.49
CA VAL L 225 26.43 -47.21 71.56
C VAL L 225 26.86 -46.68 70.20
N PHE L 226 26.10 -47.04 69.17
CA PHE L 226 26.43 -46.69 67.80
C PHE L 226 25.24 -45.96 67.16
N PRO L 227 25.16 -44.65 67.30
CA PRO L 227 24.19 -43.87 66.54
C PRO L 227 24.74 -43.58 65.15
N SER L 228 23.90 -42.95 64.33
CA SER L 228 24.34 -42.58 62.98
C SER L 228 25.35 -41.46 63.04
N GLN L 229 26.22 -41.41 62.03
CA GLN L 229 27.25 -40.39 61.98
C GLN L 229 26.97 -39.44 60.82
N GLU L 230 27.22 -38.15 61.04
CA GLU L 230 27.02 -37.11 60.05
C GLU L 230 28.24 -37.01 59.13
N LEU L 231 28.20 -36.04 58.23
CA LEU L 231 29.34 -35.76 57.35
C LEU L 231 30.34 -34.87 58.06
N LYS L 244 35.03 -36.95 62.90
CA LYS L 244 33.89 -37.84 63.10
C LYS L 244 32.87 -37.20 64.02
N THR L 245 31.66 -36.97 63.48
CA THR L 245 30.55 -36.40 64.24
C THR L 245 29.38 -37.37 64.21
N LEU L 246 28.54 -37.32 65.24
CA LEU L 246 27.42 -38.24 65.40
C LEU L 246 26.10 -37.52 65.25
N TYR L 247 25.08 -38.26 64.81
CA TYR L 247 23.74 -37.70 64.66
C TYR L 247 23.12 -37.40 66.02
N SER L 248 22.43 -36.27 66.11
CA SER L 248 21.81 -35.88 67.37
C SER L 248 20.55 -35.07 67.12
N VAL L 249 19.43 -35.55 67.67
CA VAL L 249 18.26 -34.71 67.94
C VAL L 249 18.63 -34.05 69.28
N ARG L 250 17.87 -33.04 69.72
CA ARG L 250 18.33 -32.05 70.67
C ARG L 250 18.74 -32.61 72.03
N ASP L 251 20.06 -32.64 72.25
CA ASP L 251 20.73 -33.22 73.42
C ASP L 251 20.39 -34.70 73.60
N ALA L 252 20.44 -35.47 72.51
CA ALA L 252 20.20 -36.91 72.55
C ALA L 252 20.82 -37.57 71.32
N ALA L 253 21.54 -38.66 71.52
CA ALA L 253 22.02 -39.42 70.37
C ALA L 253 20.85 -40.10 69.68
N ALA L 254 20.97 -40.25 68.36
CA ALA L 254 19.85 -40.75 67.58
C ALA L 254 20.33 -41.39 66.28
N ILE L 255 19.41 -42.10 65.65
CA ILE L 255 19.62 -42.75 64.37
C ILE L 255 18.82 -42.00 63.32
N HIS L 256 19.36 -41.91 62.12
CA HIS L 256 18.64 -41.33 60.99
C HIS L 256 17.41 -42.16 60.67
N SER L 257 16.36 -41.50 60.18
CA SER L 257 15.15 -42.21 59.82
C SER L 257 15.36 -43.09 58.59
N GLN L 258 16.21 -42.66 57.67
CA GLN L 258 16.47 -43.48 56.48
C GLN L 258 17.28 -44.72 56.82
N LYS L 259 18.04 -44.71 57.92
CA LYS L 259 18.69 -45.91 58.40
C LYS L 259 17.68 -46.95 58.86
N ILE L 260 16.68 -46.48 59.62
CA ILE L 260 15.60 -47.35 60.09
C ILE L 260 14.78 -47.87 58.91
N GLY L 261 14.55 -47.01 57.91
CA GLY L 261 13.84 -47.44 56.73
C GLY L 261 14.62 -48.42 55.88
N ASN L 262 15.96 -48.28 55.86
CA ASN L 262 16.79 -49.24 55.15
C ASN L 262 16.79 -50.60 55.84
N ALA L 263 16.80 -50.59 57.17
CA ALA L 263 16.71 -51.84 57.90
C ALA L 263 15.34 -52.48 57.78
N LEU L 264 14.29 -51.67 57.63
CA LEU L 264 12.94 -52.20 57.63
C LEU L 264 12.61 -52.94 56.33
N ARG L 265 13.20 -52.51 55.22
CA ARG L 265 12.92 -53.12 53.94
C ARG L 265 13.96 -54.16 53.54
N THR L 266 14.69 -54.71 54.50
CA THR L 266 15.68 -55.77 54.24
C THR L 266 14.97 -57.11 54.12
N ILE L 267 14.25 -57.27 53.01
CA ILE L 267 13.33 -58.40 52.84
C ILE L 267 13.59 -59.15 51.54
N ASP L 268 14.52 -58.65 50.73
CA ASP L 268 14.72 -59.20 49.39
C ASP L 268 15.49 -60.51 49.48
N THR L 269 14.79 -61.62 49.31
CA THR L 269 15.38 -62.96 49.39
C THR L 269 15.31 -63.70 48.06
N TRP L 270 15.17 -62.98 46.94
CA TRP L 270 14.97 -63.62 45.65
C TRP L 270 15.99 -63.17 44.62
N TYR L 271 17.16 -62.72 45.04
CA TYR L 271 18.17 -62.30 44.10
C TYR L 271 18.89 -63.54 43.54
N PRO L 272 19.15 -63.57 42.23
CA PRO L 272 19.50 -64.84 41.58
C PRO L 272 20.93 -65.31 41.82
N ASP L 273 21.78 -64.50 42.45
CA ASP L 273 23.15 -64.92 42.70
C ASP L 273 23.19 -66.04 43.74
N GLU L 274 22.72 -65.74 44.95
CA GLU L 274 22.65 -66.73 46.02
C GLU L 274 21.40 -66.45 46.85
N ASP L 275 21.16 -67.33 47.82
CA ASP L 275 20.18 -67.08 48.86
C ASP L 275 20.67 -67.49 50.24
N GLY L 276 21.86 -68.09 50.34
CA GLY L 276 22.41 -68.47 51.63
C GLY L 276 22.87 -67.32 52.49
N LEU L 277 23.13 -66.16 51.87
CA LEU L 277 23.51 -64.98 52.64
C LEU L 277 22.34 -64.43 53.44
N GLY L 278 21.16 -64.39 52.83
CA GLY L 278 19.97 -63.93 53.50
C GLY L 278 19.32 -62.78 52.77
N PRO L 279 18.46 -62.04 53.46
CA PRO L 279 17.78 -60.92 52.83
C PRO L 279 18.68 -59.70 52.68
N ILE L 280 18.40 -58.92 51.63
CA ILE L 280 18.98 -57.61 51.45
C ILE L 280 17.85 -56.60 51.33
N ALA L 281 18.21 -55.33 51.30
CA ALA L 281 17.23 -54.27 51.10
C ALA L 281 16.77 -54.27 49.66
N VAL L 282 15.53 -53.85 49.44
CA VAL L 282 14.97 -53.80 48.10
C VAL L 282 15.49 -52.56 47.37
N GLU L 283 16.12 -52.79 46.22
CA GLU L 283 16.66 -51.70 45.41
C GLU L 283 16.58 -52.08 43.95
N PRO L 284 16.36 -51.12 43.06
CA PRO L 284 16.67 -51.35 41.64
C PRO L 284 18.18 -51.48 41.49
N TYR L 285 18.60 -52.54 40.80
CA TYR L 285 19.97 -53.07 40.85
C TYR L 285 20.38 -53.30 42.30
N GLY L 286 19.71 -54.28 42.91
CA GLY L 286 19.80 -54.56 44.33
C GLY L 286 21.20 -54.82 44.83
N SER L 287 21.75 -53.83 45.53
CA SER L 287 23.16 -53.78 45.84
C SER L 287 23.33 -53.44 47.31
N VAL L 288 24.58 -53.46 47.77
CA VAL L 288 24.89 -53.06 49.13
C VAL L 288 26.20 -52.28 49.11
N THR L 289 26.28 -51.29 50.01
CA THR L 289 27.44 -50.41 50.04
C THR L 289 28.67 -51.07 50.63
N SER L 290 28.49 -52.05 51.52
CA SER L 290 29.63 -52.62 52.21
C SER L 290 30.43 -53.57 51.32
N GLN L 291 29.74 -54.51 50.68
CA GLN L 291 30.43 -55.48 49.83
C GLN L 291 30.91 -54.88 48.53
N GLY L 292 30.34 -53.76 48.11
CA GLY L 292 30.72 -53.13 46.85
C GLY L 292 30.35 -53.93 45.63
N LYS L 293 29.33 -54.77 45.73
CA LYS L 293 28.91 -55.63 44.64
C LYS L 293 27.40 -55.53 44.52
N ALA L 294 26.90 -55.70 43.30
CA ALA L 294 25.48 -55.53 43.01
C ALA L 294 24.87 -56.84 42.52
N TYR L 295 23.88 -57.33 43.25
CA TYR L 295 22.97 -58.32 42.70
C TYR L 295 21.95 -57.61 41.81
N ARG L 296 21.12 -58.41 41.13
CA ARG L 296 20.13 -57.94 40.15
C ARG L 296 20.78 -57.09 39.07
N GLN L 297 21.91 -57.57 38.56
CA GLN L 297 22.62 -56.88 37.49
C GLN L 297 21.77 -56.87 36.22
N PRO L 298 21.78 -55.77 35.46
CA PRO L 298 20.87 -55.67 34.30
C PRO L 298 21.24 -56.57 33.13
N LYS L 299 22.42 -57.19 33.13
CA LYS L 299 22.70 -58.24 32.16
C LYS L 299 21.79 -59.44 32.38
N GLN L 300 21.64 -59.87 33.63
CA GLN L 300 20.54 -60.76 33.99
C GLN L 300 19.23 -59.99 33.88
N LYS L 301 18.16 -60.70 33.58
CA LYS L 301 16.86 -60.05 33.43
C LYS L 301 16.07 -60.14 34.73
N LEU L 302 16.67 -59.63 35.81
CA LEU L 302 16.04 -59.67 37.12
C LEU L 302 16.22 -58.38 37.92
N ASP L 303 16.62 -57.28 37.28
CA ASP L 303 16.55 -56.00 37.96
C ASP L 303 15.11 -55.49 37.97
N PHE L 304 14.89 -54.43 38.77
CA PHE L 304 13.53 -53.91 38.97
C PHE L 304 12.98 -53.27 37.72
N TYR L 305 13.84 -52.60 36.94
CA TYR L 305 13.37 -51.83 35.80
C TYR L 305 12.89 -52.72 34.67
N THR L 306 13.67 -53.74 34.31
CA THR L 306 13.25 -54.63 33.22
C THR L 306 12.07 -55.50 33.62
N LEU L 307 11.98 -55.87 34.89
CA LEU L 307 10.79 -56.55 35.41
C LEU L 307 9.56 -55.67 35.28
N LEU L 308 9.67 -54.39 35.64
CA LEU L 308 8.53 -53.49 35.56
C LEU L 308 8.13 -53.22 34.11
N ASP L 309 9.11 -53.10 33.22
CA ASP L 309 8.82 -52.85 31.81
C ASP L 309 8.19 -54.09 31.15
N ASN L 310 8.66 -55.28 31.50
CA ASN L 310 8.04 -56.48 30.94
C ASN L 310 6.66 -56.71 31.52
N TRP L 311 6.44 -56.34 32.78
CA TRP L 311 5.14 -56.58 33.40
C TRP L 311 4.09 -55.60 32.90
N VAL L 312 4.40 -54.31 32.90
CA VAL L 312 3.40 -53.29 32.60
C VAL L 312 3.21 -53.11 31.10
N LEU L 313 4.30 -52.93 30.36
CA LEU L 313 4.17 -52.65 28.94
C LEU L 313 3.82 -53.90 28.15
N ARG L 314 4.68 -54.92 28.21
CA ARG L 314 4.56 -56.09 27.35
C ARG L 314 3.67 -57.17 27.93
N ASP L 315 3.12 -56.95 29.14
CA ASP L 315 2.26 -57.91 29.86
C ASP L 315 2.95 -59.26 30.09
N GLU L 316 4.25 -59.23 30.32
CA GLU L 316 5.02 -60.44 30.65
C GLU L 316 5.15 -60.48 32.17
N ALA L 317 4.13 -61.02 32.82
CA ALA L 317 4.08 -61.07 34.27
C ALA L 317 5.14 -62.02 34.81
N PRO L 318 6.02 -61.58 35.70
CA PRO L 318 7.11 -62.45 36.16
C PRO L 318 6.67 -63.42 37.24
N ALA L 319 7.63 -64.11 37.85
CA ALA L 319 7.36 -64.98 38.97
C ALA L 319 6.83 -64.18 40.16
N VAL L 320 6.09 -64.87 41.03
CA VAL L 320 5.37 -64.23 42.12
C VAL L 320 6.34 -63.65 43.15
N GLU L 321 7.50 -64.27 43.31
CA GLU L 321 8.55 -63.69 44.15
C GLU L 321 9.11 -62.42 43.54
N GLN L 322 9.30 -62.42 42.21
CA GLN L 322 9.72 -61.20 41.53
C GLN L 322 8.62 -60.15 41.52
N GLN L 323 7.35 -60.58 41.54
CA GLN L 323 6.26 -59.64 41.71
C GLN L 323 6.30 -58.99 43.10
N HIS L 324 6.64 -59.78 44.11
CA HIS L 324 6.84 -59.24 45.45
C HIS L 324 7.98 -58.24 45.48
N TYR L 325 9.05 -58.53 44.74
CA TYR L 325 10.19 -57.62 44.68
C TYR L 325 9.83 -56.30 44.00
N VAL L 326 9.07 -56.37 42.90
CA VAL L 326 8.65 -55.17 42.17
C VAL L 326 7.73 -54.32 43.03
N ILE L 327 6.74 -54.94 43.68
CA ILE L 327 5.83 -54.17 44.52
C ILE L 327 6.54 -53.65 45.78
N ALA L 328 7.57 -54.35 46.24
CA ALA L 328 8.35 -53.85 47.37
C ALA L 328 9.19 -52.63 46.98
N ASN L 329 9.70 -52.61 45.75
CA ASN L 329 10.38 -51.42 45.28
C ASN L 329 9.40 -50.27 45.03
N LEU L 330 8.14 -50.60 44.71
CA LEU L 330 7.14 -49.54 44.59
C LEU L 330 6.78 -48.96 45.95
N ILE L 331 6.67 -49.80 46.98
CA ILE L 331 6.43 -49.31 48.33
C ILE L 331 7.62 -48.51 48.85
N ARG L 332 8.84 -48.90 48.43
CA ARG L 332 10.03 -48.14 48.80
C ARG L 332 10.03 -46.74 48.19
N GLY L 333 9.51 -46.61 46.96
CA GLY L 333 9.45 -45.32 46.31
C GLY L 333 10.75 -44.97 45.61
N GLY L 334 10.74 -43.82 44.96
CA GLY L 334 11.91 -43.34 44.27
C GLY L 334 11.54 -42.69 42.96
N VAL L 335 12.57 -42.36 42.19
CA VAL L 335 12.44 -41.62 40.95
C VAL L 335 12.74 -42.58 39.81
N PHE L 336 11.72 -42.91 39.03
CA PHE L 336 11.86 -43.87 37.94
C PHE L 336 11.51 -43.19 36.63
N GLY L 337 12.22 -43.53 35.57
CA GLY L 337 11.95 -42.93 34.28
C GLY L 337 13.25 -42.49 33.63
N GLU L 338 13.11 -41.73 32.56
CA GLU L 338 14.25 -41.24 31.79
C GLU L 338 15.04 -40.19 32.57
N LEU M 6 -13.07 -2.20 18.24
CA LEU M 6 -12.76 -2.70 19.57
C LEU M 6 -11.92 -3.95 19.51
N SER M 7 -10.77 -3.93 20.19
CA SER M 7 -9.85 -5.06 20.20
C SER M 7 -9.38 -5.32 21.62
N THR M 8 -8.71 -6.44 21.80
CA THR M 8 -8.15 -6.79 23.09
C THR M 8 -7.00 -5.87 23.43
N ALA M 9 -6.93 -5.44 24.68
CA ALA M 9 -5.86 -4.55 25.12
C ALA M 9 -4.53 -5.27 25.10
N SER M 10 -3.49 -4.57 24.66
CA SER M 10 -2.20 -5.21 24.48
C SER M 10 -1.46 -5.41 25.80
N VAL M 11 -1.63 -4.49 26.75
CA VAL M 11 -1.23 -4.73 28.12
C VAL M 11 -2.50 -4.84 28.95
N LEU M 12 -2.53 -5.82 29.84
CA LEU M 12 -3.68 -6.06 30.70
C LEU M 12 -3.20 -6.92 31.85
N ALA M 13 -3.22 -6.38 33.06
CA ALA M 13 -2.72 -7.10 34.21
C ALA M 13 -3.69 -6.94 35.36
N PHE M 14 -3.81 -7.97 36.18
CA PHE M 14 -4.76 -7.98 37.29
C PHE M 14 -4.02 -8.33 38.57
N GLU M 15 -4.22 -7.53 39.60
CA GLU M 15 -3.73 -7.89 40.91
C GLU M 15 -4.54 -9.06 41.45
N ARG M 16 -3.87 -9.91 42.22
CA ARG M 16 -4.58 -11.03 42.81
C ARG M 16 -5.49 -10.56 43.93
N LYS M 17 -6.68 -11.13 43.97
CA LYS M 17 -7.48 -11.17 45.19
C LYS M 17 -7.13 -12.47 45.89
N LEU M 18 -7.57 -12.59 47.15
CA LEU M 18 -7.23 -13.71 48.04
C LEU M 18 -5.71 -13.78 48.24
N ASP M 19 -5.18 -12.80 48.95
CA ASP M 19 -3.76 -12.80 49.32
C ASP M 19 -3.54 -13.60 50.60
N PRO M 20 -2.83 -14.72 50.56
CA PRO M 20 -2.46 -15.37 51.81
C PRO M 20 -1.09 -14.93 52.28
N SER M 21 -0.79 -15.14 53.54
CA SER M 21 0.56 -14.96 54.02
C SER M 21 1.32 -16.26 53.87
N ASP M 22 2.60 -16.25 54.26
CA ASP M 22 3.32 -17.51 54.38
C ASP M 22 2.80 -18.27 55.58
N ALA M 23 2.66 -19.58 55.43
CA ALA M 23 2.07 -20.41 56.48
C ALA M 23 3.17 -20.94 57.37
N LEU M 24 3.10 -20.63 58.66
CA LEU M 24 4.12 -21.01 59.61
C LEU M 24 3.73 -22.31 60.32
N MET M 25 4.75 -23.10 60.65
CA MET M 25 4.56 -24.40 61.29
C MET M 25 5.01 -24.37 62.74
N SER M 26 4.20 -24.97 63.61
CA SER M 26 4.54 -25.21 65.00
C SER M 26 4.04 -26.59 65.36
N ALA M 27 4.39 -27.05 66.56
CA ALA M 27 4.07 -28.41 66.96
C ALA M 27 3.55 -28.46 68.39
N GLY M 28 2.69 -29.42 68.65
CA GLY M 28 2.19 -29.60 69.99
C GLY M 28 1.42 -30.89 70.11
N ALA M 29 0.76 -31.06 71.25
CA ALA M 29 -0.05 -32.23 71.51
C ALA M 29 -1.51 -31.95 71.22
N TRP M 30 -2.21 -32.97 70.73
CA TRP M 30 -3.64 -32.86 70.47
C TRP M 30 -4.39 -32.67 71.79
N ALA M 31 -5.52 -31.98 71.71
CA ALA M 31 -6.37 -31.47 72.78
C ALA M 31 -5.69 -30.37 73.62
N GLN M 32 -4.45 -30.00 73.31
CA GLN M 32 -3.88 -28.73 73.74
C GLN M 32 -4.10 -27.65 72.71
N ARG M 33 -4.85 -27.95 71.64
CA ARG M 33 -5.01 -27.04 70.53
C ARG M 33 -5.91 -25.85 70.84
N ASP M 34 -6.62 -25.89 71.97
CA ASP M 34 -7.31 -24.70 72.43
C ASP M 34 -6.38 -23.76 73.19
N ALA M 35 -5.22 -24.24 73.58
CA ALA M 35 -4.18 -23.42 74.20
C ALA M 35 -2.92 -23.41 73.33
N SER M 36 -3.10 -23.39 72.02
CA SER M 36 -2.00 -23.51 71.08
C SER M 36 -1.50 -22.14 70.63
N GLN M 37 -1.07 -21.34 71.61
CA GLN M 37 -0.45 -20.06 71.34
C GLN M 37 1.04 -20.03 71.62
N GLU M 38 1.47 -20.71 72.68
CA GLU M 38 2.88 -20.77 73.04
C GLU M 38 3.54 -22.04 72.51
N TRP M 39 2.98 -22.64 71.48
CA TRP M 39 3.56 -23.83 70.89
C TRP M 39 4.87 -23.47 70.20
N PRO M 40 5.92 -24.27 70.36
CA PRO M 40 7.21 -23.92 69.75
C PRO M 40 7.19 -24.18 68.25
N ALA M 41 8.01 -23.43 67.54
CA ALA M 41 8.05 -23.54 66.09
C ALA M 41 8.86 -24.76 65.66
N VAL M 42 8.43 -25.35 64.55
CA VAL M 42 9.15 -26.50 63.99
C VAL M 42 10.45 -26.01 63.35
N THR M 43 11.57 -26.46 63.89
CA THR M 43 12.88 -26.00 63.45
C THR M 43 13.41 -26.88 62.33
N VAL M 44 13.89 -26.24 61.27
CA VAL M 44 14.52 -26.95 60.16
C VAL M 44 15.94 -27.28 60.56
N ARG M 45 16.29 -28.56 60.52
CA ARG M 45 17.63 -29.00 60.89
C ARG M 45 18.29 -29.65 59.68
N GLU M 46 19.53 -30.05 59.86
CA GLU M 46 20.34 -30.61 58.80
C GLU M 46 20.77 -32.03 59.16
N LYS M 47 20.82 -32.91 58.16
CA LYS M 47 21.26 -34.27 58.39
C LYS M 47 22.05 -34.74 57.17
N SER M 48 22.66 -35.92 57.28
CA SER M 48 23.50 -36.47 56.23
C SER M 48 22.84 -37.71 55.64
N VAL M 49 22.94 -37.85 54.32
CA VAL M 49 22.47 -39.04 53.64
C VAL M 49 23.56 -39.54 52.70
N ARG M 50 23.53 -40.85 52.45
CA ARG M 50 24.30 -41.44 51.36
C ARG M 50 23.45 -42.57 50.78
N GLY M 51 23.50 -42.72 49.46
CA GLY M 51 22.61 -43.67 48.84
C GLY M 51 23.30 -44.62 47.89
N THR M 52 22.64 -44.91 46.77
CA THR M 52 23.18 -45.81 45.76
C THR M 52 22.77 -45.29 44.39
N ILE M 53 23.29 -45.94 43.36
CA ILE M 53 22.77 -45.74 42.02
C ILE M 53 21.38 -46.37 41.96
N SER M 54 20.35 -45.53 41.80
CA SER M 54 18.98 -46.00 41.85
C SER M 54 18.17 -45.57 40.64
N ASN M 55 18.79 -44.93 39.67
CA ASN M 55 18.12 -44.46 38.48
C ASN M 55 18.34 -45.44 37.34
N ARG M 56 17.64 -45.20 36.23
CA ARG M 56 17.81 -46.02 35.05
C ARG M 56 19.18 -45.78 34.43
N LEU M 57 19.77 -46.84 33.90
CA LEU M 57 21.05 -46.77 33.19
C LEU M 57 20.83 -47.11 31.73
N LYS M 58 21.57 -46.46 30.85
CA LYS M 58 21.36 -46.67 29.43
C LYS M 58 21.97 -48.00 28.98
N THR M 59 21.43 -48.53 27.87
CA THR M 59 21.82 -49.83 27.37
C THR M 59 23.20 -49.83 26.74
N LYS M 60 23.80 -48.67 26.48
CA LYS M 60 25.16 -48.64 25.97
C LYS M 60 26.17 -48.98 27.06
N ASP M 61 25.83 -48.71 28.32
CA ASP M 61 26.70 -48.97 29.46
C ASP M 61 25.93 -49.80 30.49
N ARG M 62 25.95 -51.11 30.30
CA ARG M 62 25.40 -52.07 31.24
C ARG M 62 26.50 -52.95 31.82
N ASP M 63 27.71 -52.43 31.87
CA ASP M 63 28.85 -53.23 32.30
C ASP M 63 28.85 -53.38 33.81
N PRO M 64 28.98 -54.60 34.33
CA PRO M 64 28.97 -54.79 35.78
C PRO M 64 30.20 -54.23 36.49
N ALA M 65 31.33 -54.12 35.79
CA ALA M 65 32.55 -53.62 36.42
C ALA M 65 32.42 -52.13 36.75
N LYS M 66 32.00 -51.32 35.76
CA LYS M 66 31.77 -49.91 36.02
C LYS M 66 30.57 -49.71 36.94
N LEU M 67 29.63 -50.65 36.94
CA LEU M 67 28.48 -50.56 37.84
C LEU M 67 28.90 -50.72 39.29
N ASP M 68 29.74 -51.73 39.57
CA ASP M 68 30.26 -51.90 40.92
C ASP M 68 31.25 -50.80 41.29
N ALA M 69 31.94 -50.23 40.31
CA ALA M 69 32.79 -49.07 40.57
C ALA M 69 31.96 -47.87 41.00
N SER M 70 30.78 -47.70 40.40
CA SER M 70 29.87 -46.66 40.86
C SER M 70 29.25 -47.02 42.20
N ILE M 71 29.10 -48.33 42.48
CA ILE M 71 28.54 -48.77 43.76
C ILE M 71 29.48 -48.43 44.91
N GLN M 72 30.79 -48.61 44.70
CA GLN M 72 31.76 -48.41 45.78
C GLN M 72 31.89 -46.93 46.16
N SER M 73 31.73 -46.01 45.22
CA SER M 73 31.77 -44.59 45.52
C SER M 73 30.39 -43.98 45.34
N PRO M 74 29.57 -43.87 46.39
CA PRO M 74 28.19 -43.42 46.21
C PRO M 74 28.03 -41.91 46.33
N ASN M 75 26.79 -41.45 46.27
CA ASN M 75 26.53 -40.03 46.41
C ASN M 75 26.42 -39.67 47.88
N LEU M 76 27.21 -38.69 48.31
CA LEU M 76 27.19 -38.25 49.69
C LEU M 76 26.52 -36.88 49.67
N GLN M 77 25.42 -36.75 50.40
CA GLN M 77 24.68 -35.49 50.41
C GLN M 77 24.24 -35.03 51.78
N THR M 78 24.07 -33.72 51.92
CA THR M 78 23.58 -33.10 53.14
C THR M 78 22.22 -32.51 52.85
N VAL M 79 21.24 -32.78 53.71
CA VAL M 79 19.84 -32.55 53.40
C VAL M 79 19.16 -31.84 54.57
N ASP M 80 18.43 -30.77 54.27
CA ASP M 80 17.56 -30.14 55.26
C ASP M 80 16.33 -31.00 55.50
N VAL M 81 15.97 -31.15 56.77
CA VAL M 81 14.80 -31.95 57.14
C VAL M 81 14.07 -31.23 58.28
N ALA M 82 12.77 -31.45 58.35
CA ALA M 82 11.94 -30.86 59.39
C ALA M 82 11.04 -31.94 59.97
N ASN M 83 11.19 -32.18 61.27
CA ASN M 83 10.40 -33.18 61.97
C ASN M 83 9.67 -32.52 63.12
N LEU M 84 8.59 -33.18 63.55
CA LEU M 84 7.99 -32.83 64.83
C LEU M 84 8.92 -33.26 65.96
N PRO M 85 8.78 -32.66 67.14
CA PRO M 85 9.43 -33.23 68.32
C PRO M 85 8.82 -34.56 68.70
N SER M 86 9.57 -35.33 69.47
CA SER M 86 9.17 -36.68 69.84
C SER M 86 8.07 -36.71 70.89
N ASP M 87 7.79 -35.60 71.56
CA ASP M 87 6.72 -35.55 72.55
C ASP M 87 5.48 -34.84 72.03
N ALA M 88 5.43 -34.55 70.74
CA ALA M 88 4.28 -33.89 70.13
C ALA M 88 3.85 -34.66 68.89
N ASP M 89 2.54 -34.75 68.69
CA ASP M 89 1.98 -35.50 67.59
C ASP M 89 1.16 -34.66 66.62
N THR M 90 0.92 -33.39 66.92
CA THR M 90 0.07 -32.53 66.13
C THR M 90 0.88 -31.40 65.52
N LEU M 91 0.75 -31.23 64.21
CA LEU M 91 1.31 -30.09 63.50
C LEU M 91 0.26 -29.00 63.40
N LYS M 92 0.66 -27.78 63.75
CA LYS M 92 -0.21 -26.61 63.65
C LYS M 92 0.36 -25.67 62.59
N VAL M 93 -0.44 -25.35 61.59
CA VAL M 93 -0.03 -24.50 60.49
C VAL M 93 -0.94 -23.28 60.47
N ARG M 94 -0.34 -22.10 60.56
CA ARG M 94 -1.10 -20.85 60.70
C ARG M 94 -0.78 -19.89 59.56
N PHE M 95 -1.81 -19.28 58.99
CA PHE M 95 -1.62 -18.14 58.10
C PHE M 95 -2.82 -17.22 58.20
N THR M 96 -2.75 -16.09 57.50
CA THR M 96 -3.85 -15.15 57.41
C THR M 96 -4.18 -14.92 55.94
N LEU M 97 -5.45 -14.70 55.67
CA LEU M 97 -5.95 -14.50 54.32
C LEU M 97 -6.75 -13.23 54.26
N ARG M 98 -6.45 -12.38 53.28
CA ARG M 98 -7.17 -11.13 53.08
C ARG M 98 -8.02 -11.23 51.82
N VAL M 99 -9.31 -10.96 51.96
CA VAL M 99 -10.23 -10.89 50.85
C VAL M 99 -10.63 -9.44 50.66
N LEU M 100 -10.47 -8.96 49.42
CA LEU M 100 -10.32 -7.55 49.09
C LEU M 100 -11.49 -7.00 48.28
N GLY M 101 -11.81 -7.60 47.15
CA GLY M 101 -12.85 -7.10 46.27
C GLY M 101 -12.30 -6.19 45.19
N GLY M 102 -13.15 -5.95 44.19
CA GLY M 102 -12.75 -5.21 43.02
C GLY M 102 -12.17 -6.07 41.93
N ALA M 103 -12.70 -7.28 41.75
CA ALA M 103 -12.04 -8.33 40.98
C ALA M 103 -12.20 -8.17 39.47
N GLY M 104 -12.82 -7.10 38.99
CA GLY M 104 -12.92 -6.92 37.56
C GLY M 104 -11.95 -5.89 37.04
N THR M 105 -11.53 -4.97 37.90
CA THR M 105 -10.74 -3.83 37.48
C THR M 105 -9.30 -4.25 37.24
N PRO M 106 -8.72 -3.99 36.06
CA PRO M 106 -7.31 -4.27 35.85
C PRO M 106 -6.43 -3.26 36.56
N SER M 107 -5.20 -3.68 36.84
CA SER M 107 -4.23 -2.78 37.43
C SER M 107 -3.45 -2.00 36.37
N ALA M 108 -3.45 -2.47 35.13
CA ALA M 108 -2.80 -1.77 34.04
C ALA M 108 -3.51 -2.17 32.75
N CYS M 109 -3.65 -1.22 31.84
CA CYS M 109 -4.39 -1.45 30.61
C CYS M 109 -3.97 -0.43 29.57
N ASN M 110 -4.05 -0.82 28.30
CA ASN M 110 -3.83 0.10 27.19
C ASN M 110 -5.13 0.76 26.74
N ASP M 111 -6.11 -0.05 26.36
CA ASP M 111 -7.34 0.44 25.77
C ASP M 111 -8.33 0.84 26.85
N ALA M 112 -8.89 2.04 26.73
CA ALA M 112 -9.96 2.43 27.64
C ALA M 112 -11.29 1.82 27.24
N ALA M 113 -11.50 1.61 25.94
CA ALA M 113 -12.75 1.02 25.47
C ALA M 113 -12.86 -0.44 25.86
N TYR M 114 -11.77 -1.19 25.70
CA TYR M 114 -11.74 -2.58 26.17
C TYR M 114 -11.85 -2.67 27.67
N ARG M 115 -11.31 -1.68 28.38
CA ARG M 115 -11.43 -1.65 29.84
C ARG M 115 -12.87 -1.43 30.27
N ASP M 116 -13.59 -0.54 29.59
CA ASP M 116 -14.98 -0.30 29.94
C ASP M 116 -15.86 -1.48 29.57
N LYS M 117 -15.57 -2.13 28.43
CA LYS M 117 -16.34 -3.30 28.03
C LYS M 117 -16.10 -4.47 28.98
N LEU M 118 -14.86 -4.64 29.45
CA LEU M 118 -14.55 -5.70 30.40
C LEU M 118 -15.20 -5.41 31.76
N LEU M 119 -15.18 -4.15 32.18
CA LEU M 119 -15.80 -3.80 33.46
C LEU M 119 -17.30 -4.00 33.43
N GLN M 120 -17.95 -3.66 32.32
CA GLN M 120 -19.40 -3.86 32.27
C GLN M 120 -19.73 -5.34 32.08
N THR M 121 -18.83 -6.12 31.48
CA THR M 121 -19.03 -7.56 31.41
C THR M 121 -18.99 -8.20 32.79
N VAL M 122 -18.02 -7.81 33.61
CA VAL M 122 -17.94 -8.31 34.98
C VAL M 122 -19.11 -7.79 35.81
N ALA M 123 -19.60 -6.59 35.52
CA ALA M 123 -20.75 -6.05 36.24
C ALA M 123 -22.02 -6.82 35.92
N THR M 124 -22.22 -7.20 34.65
CA THR M 124 -23.35 -8.05 34.32
C THR M 124 -23.19 -9.45 34.91
N TYR M 125 -21.96 -9.95 35.04
CA TYR M 125 -21.76 -11.22 35.74
C TYR M 125 -22.20 -11.11 37.19
N VAL M 126 -21.79 -10.04 37.87
CA VAL M 126 -22.08 -9.88 39.29
C VAL M 126 -23.58 -9.67 39.51
N ASN M 127 -24.23 -8.93 38.61
CA ASN M 127 -25.68 -8.75 38.73
C ASN M 127 -26.45 -10.02 38.43
N GLU M 128 -25.96 -10.86 37.52
CA GLU M 128 -26.66 -12.10 37.22
C GLU M 128 -26.58 -13.07 38.38
N GLN M 129 -25.38 -13.33 38.89
CA GLN M 129 -25.23 -14.04 40.15
C GLN M 129 -23.96 -13.53 40.82
N GLY M 130 -23.99 -13.45 42.14
CA GLY M 130 -22.84 -12.90 42.84
C GLY M 130 -21.64 -13.81 42.87
N PHE M 131 -20.73 -13.56 43.79
CA PHE M 131 -19.55 -14.43 43.91
C PHE M 131 -19.83 -15.67 44.75
N ALA M 132 -21.10 -16.05 44.92
CA ALA M 132 -21.50 -17.04 45.92
C ALA M 132 -20.98 -18.43 45.59
N GLU M 133 -20.97 -18.80 44.31
CA GLU M 133 -20.44 -20.11 43.94
C GLU M 133 -18.92 -20.16 44.09
N LEU M 134 -18.25 -19.10 43.65
CA LEU M 134 -16.80 -19.03 43.80
C LEU M 134 -16.39 -18.93 45.26
N ALA M 135 -17.09 -18.13 46.06
CA ALA M 135 -16.80 -18.06 47.48
C ALA M 135 -17.15 -19.35 48.19
N ARG M 136 -18.15 -20.08 47.69
CA ARG M 136 -18.48 -21.38 48.26
C ARG M 136 -17.35 -22.38 48.02
N ARG M 137 -16.79 -22.38 46.82
CA ARG M 137 -15.71 -23.30 46.52
C ARG M 137 -14.42 -22.90 47.23
N TYR M 138 -14.17 -21.59 47.37
CA TYR M 138 -13.02 -21.12 48.13
C TYR M 138 -13.18 -21.43 49.61
N ALA M 139 -14.41 -21.36 50.13
CA ALA M 139 -14.65 -21.71 51.53
C ALA M 139 -14.51 -23.21 51.75
N HIS M 140 -14.84 -24.01 50.74
CA HIS M 140 -14.57 -25.45 50.83
C HIS M 140 -13.07 -25.71 50.88
N ASN M 141 -12.30 -25.02 50.02
CA ASN M 141 -10.85 -25.19 50.03
C ASN M 141 -10.20 -24.64 51.29
N LEU M 142 -10.85 -23.71 51.98
CA LEU M 142 -10.41 -23.37 53.32
C LEU M 142 -10.82 -24.41 54.35
N ALA M 143 -11.99 -25.03 54.17
CA ALA M 143 -12.53 -25.94 55.18
C ALA M 143 -11.76 -27.24 55.23
N ASN M 144 -11.67 -27.95 54.12
CA ASN M 144 -10.68 -29.02 54.05
C ASN M 144 -9.30 -28.39 54.00
N ALA M 145 -8.34 -29.01 54.68
CA ALA M 145 -7.01 -28.39 54.78
C ALA M 145 -6.18 -28.79 53.57
N ARG M 146 -6.62 -28.32 52.40
CA ARG M 146 -5.91 -28.61 51.17
C ARG M 146 -4.57 -27.90 51.11
N PHE M 147 -4.42 -26.79 51.85
CA PHE M 147 -3.14 -26.10 51.89
C PHE M 147 -2.07 -26.89 52.62
N LEU M 148 -2.45 -27.87 53.43
CA LEU M 148 -1.53 -28.92 53.85
C LEU M 148 -1.41 -29.86 52.65
N TRP M 149 -0.31 -29.78 51.91
CA TRP M 149 -0.23 -30.54 50.68
C TRP M 149 0.11 -32.01 50.96
N ARG M 150 1.29 -32.27 51.53
CA ARG M 150 1.65 -33.61 51.95
C ARG M 150 1.45 -33.81 53.43
N ASN M 151 1.27 -32.74 54.20
CA ASN M 151 0.99 -32.85 55.62
C ASN M 151 -0.44 -33.26 55.91
N ARG M 152 -1.27 -33.41 54.89
CA ARG M 152 -2.61 -33.95 55.02
C ARG M 152 -2.68 -35.43 54.64
N VAL M 153 -1.72 -35.91 53.85
CA VAL M 153 -1.72 -37.28 53.37
C VAL M 153 -1.39 -38.21 54.54
N GLY M 154 -2.35 -39.03 54.94
CA GLY M 154 -2.13 -39.98 56.00
C GLY M 154 -2.23 -39.43 57.41
N ALA M 155 -3.11 -38.46 57.64
CA ALA M 155 -3.31 -37.92 58.97
C ALA M 155 -4.47 -38.64 59.65
N GLU M 156 -4.35 -38.79 60.97
CA GLU M 156 -5.43 -39.38 61.75
C GLU M 156 -6.67 -38.52 61.71
N ALA M 157 -6.51 -37.23 62.00
CA ALA M 157 -7.61 -36.29 61.99
C ALA M 157 -7.03 -34.90 61.71
N VAL M 158 -7.77 -34.10 60.95
CA VAL M 158 -7.37 -32.73 60.64
C VAL M 158 -8.51 -31.81 61.06
N GLU M 159 -8.16 -30.77 61.83
CA GLU M 159 -9.13 -29.78 62.28
C GLU M 159 -8.71 -28.41 61.78
N VAL M 160 -9.67 -27.59 61.39
CA VAL M 160 -9.41 -26.27 60.85
C VAL M 160 -10.21 -25.25 61.64
N ARG M 161 -9.51 -24.27 62.22
CA ARG M 161 -10.14 -23.14 62.88
C ARG M 161 -9.97 -21.93 62.00
N ILE M 162 -11.04 -21.16 61.84
CA ILE M 162 -11.03 -19.97 61.01
C ILE M 162 -11.63 -18.83 61.81
N ASN M 163 -10.84 -17.81 62.08
CA ASN M 163 -11.28 -16.66 62.85
C ASN M 163 -11.42 -15.47 61.91
N HIS M 164 -12.64 -14.97 61.78
CA HIS M 164 -12.86 -13.70 61.10
C HIS M 164 -12.58 -12.59 62.10
N ILE M 165 -11.65 -11.70 61.74
CA ILE M 165 -11.04 -10.75 62.67
C ILE M 165 -11.42 -9.35 62.22
N ARG M 166 -12.46 -8.77 62.83
CA ARG M 166 -12.99 -7.49 62.36
C ARG M 166 -12.15 -6.33 62.85
N GLN M 167 -12.12 -6.12 64.15
CA GLN M 167 -11.15 -5.24 64.79
C GLN M 167 -9.95 -6.10 65.15
N GLY M 168 -9.09 -5.65 66.07
CA GLY M 168 -7.97 -6.49 66.49
C GLY M 168 -8.35 -7.81 67.15
N GLU M 169 -9.60 -7.96 67.60
CA GLU M 169 -10.08 -9.17 68.23
C GLU M 169 -10.90 -10.00 67.26
N VAL M 170 -11.21 -11.23 67.68
CA VAL M 170 -11.97 -12.18 66.86
C VAL M 170 -13.42 -11.72 66.78
N ALA M 171 -13.95 -11.66 65.57
CA ALA M 171 -15.38 -11.41 65.37
C ALA M 171 -16.17 -12.70 65.24
N ARG M 172 -15.63 -13.71 64.58
CA ARG M 172 -16.36 -14.97 64.48
C ARG M 172 -15.40 -16.14 64.35
N THR M 173 -15.89 -17.33 64.72
CA THR M 173 -15.08 -18.53 64.73
C THR M 173 -15.81 -19.65 64.00
N TRP M 174 -15.10 -20.34 63.11
CA TRP M 174 -15.55 -21.57 62.48
C TRP M 174 -14.61 -22.69 62.90
N ARG M 175 -15.17 -23.89 63.08
CA ARG M 175 -14.42 -25.07 63.44
C ARG M 175 -14.87 -26.21 62.55
N PHE M 176 -13.95 -26.76 61.77
CA PHE M 176 -14.26 -27.77 60.78
C PHE M 176 -13.44 -29.02 61.00
N ASP M 177 -14.05 -30.17 60.74
CA ASP M 177 -13.32 -31.42 60.58
C ASP M 177 -12.96 -31.55 59.11
N ALA M 178 -11.68 -31.40 58.80
CA ALA M 178 -11.27 -31.30 57.40
C ALA M 178 -11.31 -32.63 56.68
N LEU M 179 -11.32 -33.75 57.39
CA LEU M 179 -11.41 -35.04 56.72
C LEU M 179 -12.84 -35.40 56.35
N ALA M 180 -13.83 -34.76 56.98
CA ALA M 180 -15.21 -34.94 56.56
C ALA M 180 -15.47 -34.28 55.22
N ILE M 181 -15.13 -33.00 55.10
CA ILE M 181 -15.23 -32.27 53.85
C ILE M 181 -14.15 -32.81 52.91
N GLY M 182 -14.56 -33.59 51.92
CA GLY M 182 -13.60 -34.22 51.05
C GLY M 182 -12.93 -33.27 50.09
N LEU M 183 -11.88 -33.77 49.45
CA LEU M 183 -11.19 -33.03 48.41
C LEU M 183 -11.82 -33.20 47.04
N ARG M 184 -12.99 -33.84 46.95
CA ARG M 184 -13.57 -34.25 45.68
C ARG M 184 -14.83 -33.48 45.31
N ASP M 185 -15.81 -33.41 46.21
CA ASP M 185 -17.08 -32.76 45.91
C ASP M 185 -17.29 -31.53 46.79
N PHE M 186 -18.24 -30.70 46.38
CA PHE M 186 -18.56 -29.46 47.07
C PHE M 186 -19.94 -29.60 47.69
N LYS M 187 -19.99 -29.75 49.01
CA LYS M 187 -21.23 -30.00 49.72
C LYS M 187 -21.86 -28.67 50.17
N ALA M 188 -22.84 -28.76 51.06
CA ALA M 188 -23.50 -27.59 51.63
C ALA M 188 -23.62 -27.77 53.14
N ASP M 189 -23.28 -26.74 53.89
CA ASP M 189 -23.33 -26.77 55.34
C ASP M 189 -23.51 -25.34 55.81
N ALA M 190 -24.32 -25.15 56.86
CA ALA M 190 -24.75 -23.81 57.28
C ALA M 190 -23.58 -22.98 57.79
N GLU M 191 -22.64 -23.59 58.51
CA GLU M 191 -21.41 -22.90 58.87
C GLU M 191 -20.56 -22.63 57.64
N LEU M 192 -20.47 -23.60 56.73
CA LEU M 192 -19.73 -23.41 55.50
C LEU M 192 -20.42 -22.39 54.60
N ASP M 193 -21.75 -22.37 54.60
CA ASP M 193 -22.46 -21.36 53.82
C ASP M 193 -22.29 -19.97 54.41
N ALA M 194 -22.18 -19.86 55.73
CA ALA M 194 -21.95 -18.55 56.34
C ALA M 194 -20.54 -18.05 56.05
N LEU M 195 -19.56 -18.95 56.08
CA LEU M 195 -18.19 -18.60 55.68
C LEU M 195 -18.13 -18.18 54.22
N ALA M 196 -18.88 -18.88 53.37
CA ALA M 196 -18.99 -18.50 51.95
C ALA M 196 -19.65 -17.14 51.79
N GLU M 197 -20.64 -16.85 52.64
CA GLU M 197 -21.28 -15.53 52.62
C GLU M 197 -20.30 -14.43 52.97
N LEU M 198 -19.44 -14.68 53.95
CA LEU M 198 -18.44 -13.69 54.33
C LEU M 198 -17.39 -13.48 53.23
N ILE M 199 -16.93 -14.58 52.62
CA ILE M 199 -15.96 -14.46 51.53
C ILE M 199 -16.57 -13.77 50.32
N ALA M 200 -17.85 -14.04 50.05
CA ALA M 200 -18.53 -13.35 48.95
C ALA M 200 -18.77 -11.89 49.26
N SER M 201 -18.98 -11.55 50.54
CA SER M 201 -19.07 -10.14 50.92
C SER M 201 -17.74 -9.43 50.73
N GLY M 202 -16.64 -10.13 50.97
CA GLY M 202 -15.33 -9.55 50.72
C GLY M 202 -15.06 -9.38 49.23
N LEU M 203 -15.38 -10.38 48.43
CA LEU M 203 -15.06 -10.37 47.01
C LEU M 203 -15.90 -9.35 46.25
N SER M 204 -17.10 -9.05 46.73
CA SER M 204 -17.96 -8.08 46.08
C SER M 204 -17.70 -6.66 46.52
N GLY M 205 -16.75 -6.44 47.42
CA GLY M 205 -16.38 -5.10 47.82
C GLY M 205 -17.24 -4.48 48.89
N SER M 206 -18.25 -5.18 49.38
CA SER M 206 -19.14 -4.63 50.39
C SER M 206 -18.53 -4.64 51.79
N GLY M 207 -17.34 -5.20 51.97
CA GLY M 207 -16.71 -5.23 53.27
C GLY M 207 -15.24 -5.54 53.11
N HIS M 208 -14.56 -5.58 54.24
CA HIS M 208 -13.14 -5.90 54.30
C HIS M 208 -12.97 -7.20 55.07
N VAL M 209 -12.40 -8.23 54.44
CA VAL M 209 -12.36 -9.53 55.08
C VAL M 209 -10.92 -9.89 55.41
N LEU M 210 -10.68 -10.16 56.69
CA LEU M 210 -9.41 -10.70 57.19
C LEU M 210 -9.71 -11.95 58.00
N LEU M 211 -9.11 -13.07 57.61
CA LEU M 211 -9.31 -14.34 58.27
C LEU M 211 -7.99 -14.88 58.74
N GLU M 212 -8.02 -15.59 59.85
CA GLU M 212 -6.87 -16.32 60.37
C GLU M 212 -7.20 -17.79 60.32
N VAL M 213 -6.40 -18.55 59.57
CA VAL M 213 -6.65 -19.96 59.34
C VAL M 213 -5.57 -20.75 60.06
N VAL M 214 -6.00 -21.62 60.97
CA VAL M 214 -5.12 -22.48 61.74
C VAL M 214 -5.53 -23.92 61.47
N ALA M 215 -4.57 -24.78 61.17
CA ALA M 215 -4.84 -26.18 60.91
C ALA M 215 -4.07 -27.04 61.89
N PHE M 216 -4.72 -28.09 62.39
CA PHE M 216 -4.09 -29.08 63.26
C PHE M 216 -4.19 -30.43 62.59
N ALA M 217 -3.06 -31.12 62.48
CA ALA M 217 -3.00 -32.42 61.84
C ALA M 217 -2.30 -33.41 62.75
N ARG M 218 -2.97 -34.54 63.00
CA ARG M 218 -2.37 -35.63 63.78
C ARG M 218 -1.53 -36.47 62.83
N ILE M 219 -0.22 -36.37 62.95
CA ILE M 219 0.69 -37.17 62.16
C ILE M 219 1.33 -38.26 63.01
N GLY M 220 1.87 -37.90 64.15
CA GLY M 220 2.53 -38.85 65.02
C GLY M 220 3.68 -38.19 65.74
N ASP M 221 4.20 -38.90 66.74
CA ASP M 221 5.27 -38.37 67.56
C ASP M 221 6.58 -38.38 66.77
N GLY M 222 7.15 -37.20 66.55
CA GLY M 222 8.43 -37.10 65.88
C GLY M 222 8.40 -37.33 64.40
N GLN M 223 7.24 -37.31 63.77
CA GLN M 223 7.14 -37.62 62.35
C GLN M 223 7.61 -36.42 61.51
N GLU M 224 7.74 -36.68 60.21
CA GLU M 224 8.30 -35.70 59.29
C GLU M 224 7.20 -34.83 58.70
N VAL M 225 7.39 -33.52 58.76
CA VAL M 225 6.52 -32.58 58.09
C VAL M 225 7.19 -32.15 56.79
N PHE M 226 6.39 -31.58 55.88
CA PHE M 226 6.86 -31.23 54.54
C PHE M 226 6.61 -29.76 54.29
N PRO M 227 7.56 -28.90 54.62
CA PRO M 227 7.44 -27.47 54.30
C PRO M 227 7.82 -27.23 52.84
N SER M 228 7.82 -25.97 52.45
CA SER M 228 8.19 -25.61 51.09
C SER M 228 9.68 -25.79 50.88
N GLN M 229 10.05 -26.21 49.68
CA GLN M 229 11.44 -26.50 49.34
C GLN M 229 12.02 -25.35 48.55
N GLU M 230 13.19 -24.88 48.99
CA GLU M 230 13.83 -23.76 48.36
C GLU M 230 14.67 -24.20 47.17
N LEU M 231 15.08 -23.22 46.37
CA LEU M 231 16.03 -23.45 45.31
C LEU M 231 17.43 -23.31 45.85
N ILE M 232 18.36 -24.09 45.30
CA ILE M 232 19.74 -24.06 45.75
C ILE M 232 20.65 -24.11 44.54
N LEU M 233 21.77 -23.39 44.62
CA LEU M 233 22.80 -23.40 43.59
C LEU M 233 24.14 -23.80 44.20
N ASP M 234 25.12 -24.06 43.35
CA ASP M 234 26.31 -24.78 43.78
C ASP M 234 27.58 -23.95 43.59
N LYS M 235 27.58 -22.71 44.08
CA LYS M 235 28.81 -21.94 44.14
C LYS M 235 29.70 -22.31 45.33
N GLY M 236 29.24 -23.21 46.20
CA GLY M 236 29.99 -23.56 47.39
C GLY M 236 30.76 -24.86 47.26
N ASP M 237 30.60 -25.74 48.24
CA ASP M 237 31.35 -26.98 48.31
C ASP M 237 30.39 -28.17 48.25
N LYS M 238 30.92 -29.36 48.53
CA LYS M 238 30.16 -30.61 48.50
C LYS M 238 29.23 -30.79 49.69
N LYS M 239 29.11 -29.79 50.57
CA LYS M 239 28.20 -29.84 51.70
C LYS M 239 27.58 -28.44 51.85
N GLY M 240 26.94 -28.22 52.99
CA GLY M 240 26.25 -26.95 53.20
C GLY M 240 24.96 -26.91 52.40
N GLN M 241 24.01 -27.78 52.78
CA GLN M 241 22.78 -28.05 52.04
C GLN M 241 23.08 -28.41 50.59
N LYS M 242 23.78 -29.54 50.44
CA LYS M 242 24.22 -29.98 49.13
C LYS M 242 23.06 -30.38 48.24
N SER M 243 21.98 -30.91 48.82
CA SER M 243 20.92 -31.49 48.01
C SER M 243 19.55 -30.86 48.23
N LYS M 244 19.24 -30.39 49.43
CA LYS M 244 17.88 -29.99 49.72
C LYS M 244 17.87 -28.87 50.75
N THR M 245 17.14 -27.80 50.45
CA THR M 245 16.96 -26.68 51.35
C THR M 245 15.48 -26.40 51.49
N LEU M 246 15.03 -26.18 52.72
CA LEU M 246 13.62 -25.98 53.02
C LEU M 246 13.37 -24.53 53.43
N TYR M 247 12.19 -24.04 53.07
CA TYR M 247 11.84 -22.65 53.31
C TYR M 247 11.60 -22.38 54.78
N SER M 248 12.08 -21.25 55.27
CA SER M 248 11.89 -20.91 56.67
C SER M 248 11.98 -19.41 56.90
N VAL M 249 11.20 -18.91 57.84
CA VAL M 249 11.20 -17.49 58.17
C VAL M 249 12.30 -17.21 59.18
N ARG M 250 11.93 -16.88 60.41
CA ARG M 250 12.91 -16.62 61.45
C ARG M 250 13.02 -17.84 62.34
N ASP M 251 13.74 -18.85 61.88
CA ASP M 251 13.89 -20.09 62.65
C ASP M 251 12.56 -20.83 62.83
N ALA M 252 11.81 -20.95 61.74
CA ALA M 252 10.52 -21.64 61.77
C ALA M 252 10.23 -22.19 60.39
N ALA M 253 9.94 -23.48 60.30
CA ALA M 253 9.59 -24.11 59.03
C ALA M 253 8.31 -23.49 58.48
N ALA M 254 8.30 -23.21 57.18
CA ALA M 254 7.20 -22.46 56.61
C ALA M 254 6.86 -22.99 55.24
N ILE M 255 5.66 -22.65 54.78
CA ILE M 255 5.19 -22.95 53.44
C ILE M 255 5.09 -21.63 52.69
N HIS M 256 5.45 -21.65 51.40
CA HIS M 256 5.34 -20.48 50.56
C HIS M 256 3.89 -20.03 50.44
N SER M 257 3.70 -18.71 50.30
CA SER M 257 2.35 -18.18 50.21
C SER M 257 1.70 -18.54 48.89
N GLN M 258 2.48 -18.70 47.82
CA GLN M 258 1.91 -19.11 46.56
C GLN M 258 1.53 -20.59 46.55
N LYS M 259 2.11 -21.39 47.43
CA LYS M 259 1.64 -22.77 47.62
C LYS M 259 0.25 -22.78 48.22
N ILE M 260 0.04 -21.95 49.25
CA ILE M 260 -1.27 -21.78 49.86
C ILE M 260 -2.26 -21.24 48.84
N GLY M 261 -1.81 -20.31 47.99
CA GLY M 261 -2.69 -19.75 46.98
C GLY M 261 -3.07 -20.74 45.90
N ASN M 262 -2.14 -21.62 45.52
CA ASN M 262 -2.45 -22.67 44.56
C ASN M 262 -3.43 -23.66 45.14
N ALA M 263 -3.29 -24.00 46.43
CA ALA M 263 -4.25 -24.90 47.03
C ALA M 263 -5.59 -24.26 47.29
N LEU M 264 -5.65 -22.93 47.39
CA LEU M 264 -6.94 -22.27 47.63
C LEU M 264 -7.81 -22.26 46.40
N ARG M 265 -7.23 -21.99 45.22
CA ARG M 265 -8.00 -21.86 44.00
C ARG M 265 -8.13 -23.18 43.25
N THR M 266 -8.00 -24.32 43.93
CA THR M 266 -8.25 -25.62 43.32
C THR M 266 -9.75 -25.87 43.30
N ILE M 267 -10.44 -25.15 42.41
CA ILE M 267 -11.89 -25.16 42.33
C ILE M 267 -12.40 -25.49 40.94
N ASP M 268 -11.52 -25.67 39.96
CA ASP M 268 -11.94 -25.84 38.57
C ASP M 268 -12.41 -27.27 38.36
N THR M 269 -13.72 -27.46 38.36
CA THR M 269 -14.33 -28.75 38.07
C THR M 269 -15.02 -28.76 36.70
N TRP M 270 -14.63 -27.85 35.81
CA TRP M 270 -15.36 -27.66 34.56
C TRP M 270 -14.48 -27.87 33.34
N TYR M 271 -13.35 -28.52 33.49
CA TYR M 271 -12.52 -28.77 32.32
C TYR M 271 -13.08 -29.93 31.50
N PRO M 272 -12.99 -29.87 30.17
CA PRO M 272 -13.80 -30.78 29.34
C PRO M 272 -13.32 -32.21 29.30
N ASP M 273 -12.11 -32.51 29.79
CA ASP M 273 -11.59 -33.86 29.68
C ASP M 273 -12.35 -34.83 30.57
N GLU M 274 -12.50 -34.49 31.84
CA GLU M 274 -13.21 -35.34 32.79
C GLU M 274 -13.65 -34.50 33.98
N ASP M 275 -14.46 -35.12 34.83
CA ASP M 275 -14.79 -34.55 36.13
C ASP M 275 -14.58 -35.53 37.27
N GLY M 276 -14.36 -36.83 36.98
CA GLY M 276 -14.06 -37.79 38.02
C GLY M 276 -12.69 -37.63 38.63
N LEU M 277 -11.77 -36.95 37.95
CA LEU M 277 -10.48 -36.62 38.55
C LEU M 277 -10.62 -35.63 39.69
N GLY M 278 -11.57 -34.70 39.59
CA GLY M 278 -11.82 -33.74 40.63
C GLY M 278 -11.38 -32.36 40.22
N PRO M 279 -11.32 -31.43 41.17
CA PRO M 279 -10.95 -30.06 40.86
C PRO M 279 -9.47 -29.92 40.59
N ILE M 280 -9.13 -28.95 39.75
CA ILE M 280 -7.76 -28.52 39.54
C ILE M 280 -7.67 -27.03 39.82
N ALA M 281 -6.45 -26.52 39.85
CA ALA M 281 -6.24 -25.11 40.12
C ALA M 281 -6.64 -24.27 38.91
N VAL M 282 -7.22 -23.11 39.18
CA VAL M 282 -7.67 -22.23 38.11
C VAL M 282 -6.46 -21.61 37.43
N GLU M 283 -6.34 -21.82 36.13
CA GLU M 283 -5.20 -21.37 35.35
C GLU M 283 -5.62 -21.25 33.89
N PRO M 284 -5.05 -20.31 33.15
CA PRO M 284 -5.27 -20.31 31.70
C PRO M 284 -4.52 -21.46 31.07
N TYR M 285 -5.17 -22.14 30.14
CA TYR M 285 -4.79 -23.48 29.66
C TYR M 285 -4.58 -24.41 30.85
N GLY M 286 -5.67 -24.68 31.56
CA GLY M 286 -5.62 -25.17 32.93
C GLY M 286 -4.84 -26.44 33.12
N SER M 287 -3.63 -26.28 33.64
CA SER M 287 -2.61 -27.30 33.57
C SER M 287 -2.19 -27.68 34.97
N VAL M 288 -1.67 -28.89 35.10
CA VAL M 288 -1.21 -29.42 36.36
C VAL M 288 0.24 -29.84 36.20
N THR M 289 1.10 -29.34 37.09
CA THR M 289 2.52 -29.61 37.01
C THR M 289 2.86 -31.04 37.40
N SER M 290 2.02 -31.69 38.20
CA SER M 290 2.29 -33.06 38.60
C SER M 290 2.01 -34.04 37.46
N GLN M 291 1.04 -33.72 36.61
CA GLN M 291 0.70 -34.62 35.52
C GLN M 291 1.38 -34.27 34.21
N GLY M 292 1.99 -33.09 34.12
CA GLY M 292 2.65 -32.69 32.89
C GLY M 292 1.72 -32.45 31.73
N LYS M 293 0.44 -32.22 31.99
CA LYS M 293 -0.57 -32.14 30.96
C LYS M 293 -1.34 -30.83 31.09
N ALA M 294 -1.95 -30.43 29.99
CA ALA M 294 -2.80 -29.24 29.94
C ALA M 294 -4.22 -29.68 29.63
N TYR M 295 -5.09 -29.60 30.62
CA TYR M 295 -6.50 -29.48 30.32
C TYR M 295 -6.77 -28.05 29.89
N ARG M 296 -7.97 -27.82 29.35
CA ARG M 296 -8.34 -26.58 28.65
C ARG M 296 -7.31 -26.23 27.57
N GLN M 297 -7.02 -27.19 26.71
CA GLN M 297 -6.14 -26.96 25.58
C GLN M 297 -6.76 -25.95 24.63
N PRO M 298 -5.97 -25.06 24.04
CA PRO M 298 -6.55 -24.01 23.19
C PRO M 298 -7.05 -24.50 21.85
N LYS M 299 -6.75 -25.75 21.46
CA LYS M 299 -7.40 -26.33 20.28
C LYS M 299 -8.89 -26.50 20.52
N GLN M 300 -9.26 -27.02 21.68
CA GLN M 300 -10.63 -26.87 22.14
C GLN M 300 -10.88 -25.41 22.48
N LYS M 301 -12.12 -24.98 22.34
CA LYS M 301 -12.41 -23.57 22.57
C LYS M 301 -12.80 -23.31 24.01
N LEU M 302 -11.96 -23.72 24.95
CA LEU M 302 -12.31 -23.66 26.36
C LEU M 302 -11.23 -23.13 27.28
N ASP M 303 -10.10 -22.69 26.77
CA ASP M 303 -9.11 -22.03 27.62
C ASP M 303 -9.60 -20.64 28.01
N PHE M 304 -8.82 -19.99 28.89
CA PHE M 304 -9.27 -18.72 29.46
C PHE M 304 -9.27 -17.60 28.42
N TYR M 305 -8.27 -17.61 27.52
CA TYR M 305 -8.10 -16.48 26.62
C TYR M 305 -9.16 -16.45 25.53
N THR M 306 -9.47 -17.61 24.93
CA THR M 306 -10.51 -17.66 23.92
C THR M 306 -11.89 -17.41 24.50
N LEU M 307 -12.14 -17.91 25.72
CA LEU M 307 -13.42 -17.67 26.36
C LEU M 307 -13.61 -16.21 26.71
N LEU M 308 -12.55 -15.56 27.22
CA LEU M 308 -12.63 -14.14 27.54
C LEU M 308 -12.76 -13.29 26.28
N ASP M 309 -12.08 -13.69 25.20
CA ASP M 309 -12.17 -12.93 23.96
C ASP M 309 -13.54 -13.07 23.30
N ASN M 310 -14.14 -14.26 23.38
CA ASN M 310 -15.49 -14.42 22.86
C ASN M 310 -16.51 -13.70 23.73
N TRP M 311 -16.29 -13.68 25.05
CA TRP M 311 -17.24 -13.04 25.95
C TRP M 311 -17.20 -11.52 25.79
N VAL M 312 -16.02 -10.94 25.67
CA VAL M 312 -15.92 -9.49 25.69
C VAL M 312 -16.08 -8.89 24.30
N LEU M 313 -15.36 -9.42 23.31
CA LEU M 313 -15.38 -8.82 21.98
C LEU M 313 -16.65 -9.19 21.22
N ARG M 314 -16.94 -10.46 21.08
CA ARG M 314 -18.03 -10.93 20.25
C ARG M 314 -19.35 -11.04 21.00
N ASP M 315 -19.36 -10.71 22.30
CA ASP M 315 -20.54 -10.81 23.17
C ASP M 315 -21.12 -12.22 23.23
N GLU M 316 -20.30 -13.23 23.02
CA GLU M 316 -20.72 -14.62 23.10
C GLU M 316 -20.41 -15.11 24.50
N ALA M 317 -21.34 -14.84 25.41
CA ALA M 317 -21.17 -15.28 26.79
C ALA M 317 -21.26 -16.80 26.86
N PRO M 318 -20.27 -17.47 27.44
CA PRO M 318 -20.28 -18.93 27.46
C PRO M 318 -21.25 -19.49 28.48
N ALA M 319 -21.18 -20.80 28.71
CA ALA M 319 -21.95 -21.42 29.78
C ALA M 319 -21.52 -20.87 31.13
N VAL M 320 -22.44 -20.96 32.10
CA VAL M 320 -22.26 -20.30 33.40
C VAL M 320 -21.12 -20.92 34.20
N GLU M 321 -20.79 -22.19 33.91
CA GLU M 321 -19.61 -22.79 34.49
C GLU M 321 -18.33 -22.17 33.93
N GLN M 322 -18.32 -21.92 32.61
CA GLN M 322 -17.18 -21.25 32.02
C GLN M 322 -17.10 -19.79 32.44
N GLN M 323 -18.25 -19.18 32.74
CA GLN M 323 -18.25 -17.84 33.32
C GLN M 323 -17.63 -17.85 34.71
N HIS M 324 -17.93 -18.89 35.50
CA HIS M 324 -17.29 -19.06 36.79
C HIS M 324 -15.78 -19.23 36.65
N TYR M 325 -15.35 -19.96 35.63
CA TYR M 325 -13.93 -20.18 35.41
C TYR M 325 -13.21 -18.90 35.00
N VAL M 326 -13.85 -18.08 34.16
CA VAL M 326 -13.24 -16.83 33.72
C VAL M 326 -13.14 -15.84 34.87
N ILE M 327 -14.19 -15.73 35.69
CA ILE M 327 -14.12 -14.81 36.82
C ILE M 327 -13.16 -15.34 37.89
N ALA M 328 -13.02 -16.66 38.01
CA ALA M 328 -12.01 -17.21 38.91
C ALA M 328 -10.60 -16.89 38.42
N ASN M 329 -10.39 -16.87 37.11
CA ASN M 329 -9.09 -16.47 36.58
C ASN M 329 -8.83 -15.00 36.80
N LEU M 330 -9.87 -14.16 36.77
CA LEU M 330 -9.66 -12.76 37.07
C LEU M 330 -9.40 -12.52 38.55
N ILE M 331 -9.96 -13.37 39.42
CA ILE M 331 -9.65 -13.28 40.85
C ILE M 331 -8.23 -13.77 41.11
N ARG M 332 -7.77 -14.75 40.34
CA ARG M 332 -6.39 -15.23 40.45
C ARG M 332 -5.38 -14.15 40.04
N GLY M 333 -5.71 -13.34 39.05
CA GLY M 333 -4.81 -12.31 38.58
C GLY M 333 -3.76 -12.85 37.64
N GLY M 334 -2.94 -11.97 37.14
CA GLY M 334 -1.85 -12.36 36.28
C GLY M 334 -1.63 -11.36 35.18
N VAL M 335 -0.69 -11.68 34.31
CA VAL M 335 -0.31 -10.82 33.21
C VAL M 335 -0.99 -11.39 31.96
N PHE M 336 -2.04 -10.73 31.50
CA PHE M 336 -2.81 -11.20 30.35
C PHE M 336 -2.63 -10.21 29.21
N GLY M 337 -1.45 -10.20 28.62
CA GLY M 337 -1.16 -9.32 27.51
C GLY M 337 -0.46 -10.14 26.47
N GLU M 338 0.02 -9.46 25.43
CA GLU M 338 0.60 -10.17 24.31
C GLU M 338 1.92 -10.84 24.69
N ALA M 339 2.26 -11.88 23.95
CA ALA M 339 3.31 -12.82 24.35
C ALA M 339 4.70 -12.19 24.20
N GLU M 340 5.69 -12.93 24.69
CA GLU M 340 7.13 -12.63 24.74
C GLU M 340 7.47 -11.21 25.18
N ILE N 5 8.10 40.52 20.11
CA ILE N 5 9.20 39.69 19.62
C ILE N 5 9.72 38.80 20.73
N LEU N 6 9.00 38.79 21.86
CA LEU N 6 9.38 37.96 22.99
C LEU N 6 9.11 36.50 22.67
N SER N 7 10.15 35.68 22.71
CA SER N 7 10.04 34.25 22.44
C SER N 7 10.49 33.47 23.67
N THR N 8 10.25 32.17 23.63
CA THR N 8 10.62 31.30 24.74
C THR N 8 12.13 31.13 24.80
N ALA N 9 12.63 30.99 26.02
CA ALA N 9 14.05 30.75 26.21
C ALA N 9 14.42 29.35 25.75
N SER N 10 15.59 29.23 25.14
CA SER N 10 16.00 27.94 24.61
C SER N 10 16.37 26.97 25.72
N VAL N 11 16.98 27.45 26.79
CA VAL N 11 17.19 26.65 27.99
C VAL N 11 16.34 27.27 29.09
N LEU N 12 15.72 26.40 29.90
CA LEU N 12 14.90 26.81 31.03
C LEU N 12 14.70 25.57 31.89
N ALA N 13 15.04 25.67 33.16
CA ALA N 13 14.98 24.52 34.06
C ALA N 13 14.56 24.99 35.43
N PHE N 14 13.80 24.16 36.12
CA PHE N 14 13.30 24.47 37.45
C PHE N 14 13.67 23.35 38.40
N GLU N 15 14.31 23.70 39.51
CA GLU N 15 14.52 22.72 40.55
C GLU N 15 13.21 22.46 41.27
N ARG N 16 13.06 21.26 41.80
CA ARG N 16 11.81 20.88 42.40
C ARG N 16 11.63 21.53 43.76
N LYS N 17 10.39 21.89 44.05
CA LYS N 17 9.93 22.14 45.41
C LYS N 17 9.21 20.88 45.87
N LEU N 18 8.92 20.82 47.17
CA LEU N 18 8.38 19.64 47.84
C LEU N 18 9.31 18.43 47.65
N ASP N 19 10.46 18.50 48.30
CA ASP N 19 11.42 17.40 48.33
C ASP N 19 11.09 16.39 49.42
N PRO N 20 10.70 15.17 49.08
CA PRO N 20 10.59 14.12 50.09
C PRO N 20 11.87 13.32 50.17
N SER N 21 11.97 12.51 51.22
CA SER N 21 13.06 11.57 51.35
C SER N 21 12.59 10.20 50.91
N ASP N 22 13.47 9.21 51.06
CA ASP N 22 13.05 7.83 50.89
C ASP N 22 12.22 7.42 52.09
N ALA N 23 11.11 6.76 51.84
CA ALA N 23 10.20 6.38 52.91
C ALA N 23 10.61 5.02 53.45
N LEU N 24 10.90 4.95 54.74
CA LEU N 24 11.36 3.72 55.36
C LEU N 24 10.20 2.98 56.01
N MET N 25 10.26 1.66 55.93
CA MET N 25 9.22 0.79 56.44
C MET N 25 9.67 0.12 57.72
N SER N 26 8.75 0.04 58.69
CA SER N 26 8.92 -0.75 59.90
C SER N 26 7.60 -1.41 60.20
N ALA N 27 7.58 -2.27 61.22
CA ALA N 27 6.39 -3.04 61.50
C ALA N 27 6.19 -3.21 62.99
N GLY N 28 4.93 -3.08 63.42
CA GLY N 28 4.60 -3.24 64.81
C GLY N 28 3.14 -3.56 64.97
N ALA N 29 2.68 -3.54 66.21
CA ALA N 29 1.28 -3.81 66.52
C ALA N 29 0.50 -2.52 66.62
N TRP N 30 -0.76 -2.58 66.23
CA TRP N 30 -1.67 -1.46 66.41
C TRP N 30 -1.89 -1.22 67.89
N ALA N 31 -2.15 0.05 68.24
CA ALA N 31 -2.18 0.62 69.58
C ALA N 31 -0.84 0.54 70.30
N GLN N 32 0.23 0.20 69.59
CA GLN N 32 1.60 0.50 70.01
C GLN N 32 2.18 1.62 69.17
N ARG N 33 1.34 2.28 68.36
CA ARG N 33 1.83 3.25 67.40
C ARG N 33 2.20 4.58 68.03
N ASP N 34 1.91 4.78 69.32
CA ASP N 34 2.41 5.94 70.03
C ASP N 34 3.80 5.72 70.61
N ALA N 35 4.24 4.47 70.70
CA ALA N 35 5.59 4.12 71.10
C ALA N 35 6.36 3.52 69.93
N SER N 36 6.12 4.04 68.73
CA SER N 36 6.63 3.42 67.50
C SER N 36 7.98 4.01 67.11
N GLN N 37 8.92 3.95 68.05
CA GLN N 37 10.30 4.35 67.77
C GLN N 37 11.25 3.18 67.69
N GLU N 38 11.02 2.13 68.47
CA GLU N 38 11.85 0.94 68.45
C GLU N 38 11.23 -0.15 67.58
N TRP N 39 10.34 0.21 66.69
CA TRP N 39 9.75 -0.77 65.79
C TRP N 39 10.81 -1.26 64.81
N PRO N 40 11.04 -2.56 64.72
CA PRO N 40 12.07 -3.06 63.82
C PRO N 40 11.65 -2.92 62.37
N ALA N 41 12.65 -2.76 61.51
CA ALA N 41 12.39 -2.48 60.12
C ALA N 41 11.93 -3.74 59.39
N VAL N 42 11.18 -3.54 58.31
CA VAL N 42 10.75 -4.64 57.46
C VAL N 42 11.92 -5.02 56.57
N THR N 43 12.35 -6.27 56.67
CA THR N 43 13.50 -6.71 55.89
C THR N 43 13.05 -7.39 54.59
N VAL N 44 13.91 -7.32 53.59
CA VAL N 44 13.66 -7.91 52.28
C VAL N 44 14.34 -9.27 52.26
N ARG N 45 13.56 -10.32 52.02
CA ARG N 45 14.06 -11.68 51.97
C ARG N 45 13.96 -12.23 50.56
N GLU N 46 14.52 -13.40 50.35
CA GLU N 46 14.39 -14.10 49.09
C GLU N 46 13.53 -15.35 49.27
N LYS N 47 12.82 -15.71 48.21
CA LYS N 47 12.10 -16.97 48.22
C LYS N 47 12.09 -17.53 46.81
N SER N 48 11.82 -18.83 46.71
CA SER N 48 11.84 -19.53 45.44
C SER N 48 10.43 -19.59 44.87
N VAL N 49 10.33 -19.44 43.56
CA VAL N 49 9.04 -19.41 42.88
C VAL N 49 9.10 -20.39 41.73
N ARG N 50 8.17 -21.33 41.69
CA ARG N 50 8.00 -22.20 40.54
C ARG N 50 6.80 -21.73 39.76
N GLY N 51 7.01 -21.37 38.49
CA GLY N 51 5.98 -20.82 37.66
C GLY N 51 5.35 -21.87 36.75
N THR N 52 4.52 -21.39 35.84
CA THR N 52 3.84 -22.25 34.89
C THR N 52 3.51 -21.43 33.66
N ILE N 53 3.15 -22.12 32.59
CA ILE N 53 2.80 -21.45 31.34
C ILE N 53 1.44 -20.82 31.51
N SER N 54 1.41 -19.49 31.68
CA SER N 54 0.19 -18.79 32.02
C SER N 54 -0.06 -17.54 31.19
N ASN N 55 0.84 -17.19 30.30
CA ASN N 55 0.67 -16.03 29.44
C ASN N 55 0.03 -16.45 28.13
N ARG N 56 -0.22 -15.47 27.26
CA ARG N 56 -0.74 -15.78 25.94
C ARG N 56 0.30 -16.48 25.09
N LEU N 57 -0.17 -17.21 24.10
CA LEU N 57 0.69 -17.98 23.22
C LEU N 57 0.47 -17.54 21.78
N LYS N 58 1.53 -17.59 20.98
CA LYS N 58 1.38 -17.43 19.56
C LYS N 58 0.69 -18.66 18.97
N THR N 59 0.12 -18.49 17.78
CA THR N 59 -0.59 -19.59 17.14
C THR N 59 0.38 -20.69 16.69
N LYS N 60 1.63 -20.34 16.42
CA LYS N 60 2.64 -21.33 16.08
C LYS N 60 3.10 -22.15 17.27
N ASP N 61 2.71 -21.78 18.49
CA ASP N 61 3.14 -22.47 19.69
C ASP N 61 1.95 -22.97 20.50
N ARG N 62 0.82 -23.21 19.84
CA ARG N 62 -0.38 -23.71 20.51
C ARG N 62 -0.67 -25.17 20.16
N ASP N 63 0.28 -25.88 19.57
CA ASP N 63 0.14 -27.31 19.39
C ASP N 63 0.19 -27.99 20.76
N PRO N 64 -0.63 -29.02 20.98
CA PRO N 64 -0.69 -29.64 22.31
C PRO N 64 0.60 -30.33 22.72
N ALA N 65 1.36 -30.85 21.76
CA ALA N 65 2.65 -31.46 22.07
C ALA N 65 3.65 -30.41 22.56
N LYS N 66 3.71 -29.26 21.89
CA LYS N 66 4.62 -28.20 22.29
C LYS N 66 4.19 -27.57 23.60
N LEU N 67 2.89 -27.47 23.83
CA LEU N 67 2.39 -26.91 25.08
C LEU N 67 2.69 -27.84 26.25
N ASP N 68 2.50 -29.15 26.07
CA ASP N 68 2.82 -30.10 27.13
C ASP N 68 4.31 -30.19 27.37
N ALA N 69 5.12 -30.06 26.31
CA ALA N 69 6.57 -30.05 26.48
C ALA N 69 7.04 -28.79 27.19
N SER N 70 6.36 -27.66 26.99
CA SER N 70 6.70 -26.46 27.73
C SER N 70 6.27 -26.55 29.19
N ILE N 71 5.15 -27.23 29.45
CA ILE N 71 4.67 -27.38 30.83
C ILE N 71 5.56 -28.33 31.62
N GLN N 72 6.08 -29.38 30.97
CA GLN N 72 6.90 -30.36 31.68
C GLN N 72 8.24 -29.80 32.11
N SER N 73 8.73 -28.76 31.42
CA SER N 73 9.97 -28.11 31.82
C SER N 73 9.64 -26.72 32.36
N PRO N 74 9.51 -26.55 33.68
CA PRO N 74 9.04 -25.27 34.22
C PRO N 74 10.17 -24.29 34.45
N ASN N 75 9.79 -23.06 34.78
CA ASN N 75 10.72 -22.01 35.13
C ASN N 75 10.80 -21.89 36.64
N LEU N 76 12.01 -21.61 37.13
CA LEU N 76 12.30 -21.61 38.56
C LEU N 76 13.05 -20.33 38.90
N GLN N 77 12.36 -19.37 39.51
CA GLN N 77 12.95 -18.08 39.78
C GLN N 77 13.20 -17.89 41.26
N THR N 78 13.97 -16.85 41.57
CA THR N 78 14.17 -16.36 42.93
C THR N 78 13.64 -14.94 42.98
N VAL N 79 12.85 -14.65 44.01
CA VAL N 79 12.06 -13.43 44.07
C VAL N 79 12.31 -12.75 45.41
N ASP N 80 12.58 -11.45 45.39
CA ASP N 80 12.61 -10.67 46.61
C ASP N 80 11.19 -10.44 47.12
N VAL N 81 11.03 -10.50 48.43
CA VAL N 81 9.71 -10.39 49.03
C VAL N 81 9.86 -9.67 50.36
N ALA N 82 8.84 -8.89 50.71
CA ALA N 82 8.81 -8.18 51.98
C ALA N 82 7.48 -8.44 52.66
N ASN N 83 7.52 -8.77 53.94
CA ASN N 83 6.32 -9.08 54.69
C ASN N 83 6.41 -8.46 56.08
N LEU N 84 5.25 -8.35 56.71
CA LEU N 84 5.23 -8.09 58.13
C LEU N 84 5.63 -9.34 58.88
N PRO N 85 6.06 -9.22 60.13
CA PRO N 85 6.23 -10.40 60.97
C PRO N 85 4.88 -11.04 61.28
N SER N 86 4.93 -12.28 61.73
CA SER N 86 3.72 -13.02 62.02
C SER N 86 3.00 -12.53 63.26
N ASP N 87 3.64 -11.69 64.08
CA ASP N 87 3.04 -11.17 65.29
C ASP N 87 2.75 -9.67 65.21
N ALA N 88 2.76 -9.08 64.02
CA ALA N 88 2.52 -7.66 63.85
C ALA N 88 1.57 -7.44 62.69
N ASP N 89 0.67 -6.47 62.84
CA ASP N 89 -0.34 -6.19 61.83
C ASP N 89 -0.28 -4.78 61.28
N THR N 90 0.60 -3.94 61.78
CA THR N 90 0.69 -2.54 61.37
C THR N 90 2.00 -2.30 60.66
N LEU N 91 1.92 -1.74 59.46
CA LEU N 91 3.07 -1.23 58.72
C LEU N 91 3.20 0.26 58.99
N LYS N 92 4.40 0.70 59.33
CA LYS N 92 4.71 2.09 59.57
C LYS N 92 5.65 2.59 58.49
N VAL N 93 5.29 3.69 57.84
CA VAL N 93 6.07 4.27 56.76
C VAL N 93 6.41 5.70 57.14
N ARG N 94 7.70 6.02 57.18
CA ARG N 94 8.15 7.31 57.68
C ARG N 94 9.06 7.99 56.67
N PHE N 95 8.81 9.28 56.44
CA PHE N 95 9.71 10.10 55.63
C PHE N 95 9.63 11.54 56.11
N THR N 96 10.48 12.40 55.55
CA THR N 96 10.49 13.82 55.87
C THR N 96 10.40 14.62 54.58
N LEU N 97 9.70 15.75 54.65
CA LEU N 97 9.37 16.54 53.47
C LEU N 97 9.72 18.00 53.71
N ARG N 98 10.44 18.59 52.76
CA ARG N 98 10.78 20.00 52.82
C ARG N 98 9.90 20.78 51.86
N VAL N 99 9.22 21.80 52.38
CA VAL N 99 8.55 22.78 51.54
C VAL N 99 9.40 24.05 51.59
N LEU N 100 9.77 24.51 50.39
CA LEU N 100 10.93 25.36 50.14
C LEU N 100 10.56 26.77 49.71
N GLY N 101 9.80 26.91 48.63
CA GLY N 101 9.42 28.22 48.15
C GLY N 101 10.36 28.74 47.08
N GLY N 102 9.97 29.89 46.52
CA GLY N 102 10.68 30.46 45.39
C GLY N 102 10.33 29.76 44.09
N ALA N 103 9.05 29.42 43.90
CA ALA N 103 8.66 28.44 42.90
C ALA N 103 8.72 28.97 41.48
N GLY N 104 8.82 30.28 41.28
CA GLY N 104 8.80 30.80 39.92
C GLY N 104 10.17 30.95 39.31
N THR N 105 11.19 31.06 40.13
CA THR N 105 12.52 31.40 39.65
C THR N 105 13.17 30.19 38.99
N PRO N 106 13.58 30.28 37.73
CA PRO N 106 14.25 29.14 37.09
C PRO N 106 15.68 28.99 37.56
N SER N 107 16.11 27.74 37.65
CA SER N 107 17.50 27.45 37.99
C SER N 107 18.43 27.61 36.81
N ALA N 108 17.89 27.74 35.60
CA ALA N 108 18.66 28.06 34.42
C ALA N 108 17.71 28.72 33.45
N CYS N 109 18.20 29.74 32.73
CA CYS N 109 17.36 30.45 31.77
C CYS N 109 18.25 31.19 30.79
N ASN N 110 17.94 31.07 29.50
CA ASN N 110 18.69 31.75 28.47
C ASN N 110 18.33 33.24 28.41
N ASP N 111 17.07 33.54 28.15
CA ASP N 111 16.62 34.90 27.90
C ASP N 111 16.38 35.62 29.21
N ALA N 112 16.82 36.88 29.28
CA ALA N 112 16.55 37.69 30.47
C ALA N 112 15.14 38.25 30.43
N ALA N 113 14.68 38.66 29.24
CA ALA N 113 13.34 39.23 29.09
C ALA N 113 12.27 38.20 29.39
N TYR N 114 12.47 36.96 28.92
CA TYR N 114 11.56 35.86 29.26
C TYR N 114 11.58 35.58 30.76
N ARG N 115 12.74 35.74 31.41
CA ARG N 115 12.81 35.49 32.84
C ARG N 115 12.03 36.55 33.62
N ASP N 116 12.15 37.82 33.23
CA ASP N 116 11.37 38.85 33.91
C ASP N 116 9.89 38.71 33.64
N LYS N 117 9.53 38.30 32.41
CA LYS N 117 8.13 38.09 32.07
C LYS N 117 7.53 36.94 32.87
N LEU N 118 8.29 35.85 33.03
CA LEU N 118 7.81 34.73 33.81
C LEU N 118 7.72 35.07 35.29
N LEU N 119 8.69 35.84 35.80
CA LEU N 119 8.67 36.19 37.21
C LEU N 119 7.52 37.12 37.54
N GLN N 120 7.21 38.07 36.66
CA GLN N 120 6.06 38.92 36.93
C GLN N 120 4.75 38.19 36.69
N THR N 121 4.72 37.19 35.81
CA THR N 121 3.50 36.40 35.64
C THR N 121 3.20 35.56 36.86
N VAL N 122 4.23 34.92 37.43
CA VAL N 122 4.06 34.19 38.69
C VAL N 122 3.73 35.15 39.83
N ALA N 123 4.26 36.37 39.79
CA ALA N 123 3.95 37.35 40.82
C ALA N 123 2.48 37.78 40.76
N THR N 124 1.95 37.99 39.55
CA THR N 124 0.51 38.27 39.43
C THR N 124 -0.34 37.08 39.86
N TYR N 125 0.12 35.85 39.60
CA TYR N 125 -0.58 34.68 40.10
C TYR N 125 -0.64 34.71 41.63
N VAL N 126 0.50 34.95 42.28
CA VAL N 126 0.58 34.90 43.74
C VAL N 126 -0.22 36.04 44.37
N ASN N 127 -0.23 37.21 43.73
CA ASN N 127 -1.00 38.33 44.27
C ASN N 127 -2.50 38.12 44.07
N GLU N 128 -2.90 37.48 42.98
CA GLU N 128 -4.33 37.25 42.77
C GLU N 128 -4.86 36.19 43.73
N GLN N 129 -4.13 35.11 43.93
CA GLN N 129 -4.43 34.17 45.00
C GLN N 129 -3.13 33.54 45.45
N GLY N 130 -3.07 33.16 46.73
CA GLY N 130 -1.86 32.53 47.21
C GLY N 130 -1.70 31.10 46.74
N PHE N 131 -0.84 30.34 47.38
CA PHE N 131 -0.73 28.94 47.04
C PHE N 131 -1.76 28.08 47.76
N ALA N 132 -2.84 28.68 48.27
CA ALA N 132 -3.72 28.03 49.23
C ALA N 132 -4.51 26.89 48.61
N GLU N 133 -4.86 26.98 47.33
CA GLU N 133 -5.53 25.88 46.67
C GLU N 133 -4.57 24.71 46.46
N LEU N 134 -3.38 25.01 45.92
CA LEU N 134 -2.36 24.00 45.72
C LEU N 134 -1.89 23.41 47.04
N ALA N 135 -1.69 24.25 48.05
CA ALA N 135 -1.28 23.74 49.35
C ALA N 135 -2.39 22.95 50.02
N ARG N 136 -3.65 23.29 49.75
CA ARG N 136 -4.76 22.49 50.25
C ARG N 136 -4.76 21.10 49.63
N ARG N 137 -4.50 21.02 48.33
CA ARG N 137 -4.47 19.71 47.68
C ARG N 137 -3.24 18.90 48.09
N TYR N 138 -2.11 19.56 48.30
CA TYR N 138 -0.91 18.87 48.78
C TYR N 138 -1.10 18.37 50.21
N ALA N 139 -1.77 19.17 51.05
CA ALA N 139 -2.06 18.73 52.41
C ALA N 139 -3.09 17.62 52.43
N HIS N 140 -3.99 17.59 51.44
CA HIS N 140 -4.88 16.44 51.30
C HIS N 140 -4.10 15.18 50.96
N ASN N 141 -3.18 15.28 50.00
CA ASN N 141 -2.37 14.12 49.63
C ASN N 141 -1.40 13.70 50.73
N LEU N 142 -1.09 14.59 51.66
CA LEU N 142 -0.43 14.15 52.88
C LEU N 142 -1.41 13.51 53.85
N ALA N 143 -2.65 14.00 53.89
CA ALA N 143 -3.60 13.53 54.89
C ALA N 143 -4.12 12.14 54.57
N ASN N 144 -4.68 11.94 53.38
CA ASN N 144 -4.88 10.58 52.91
C ASN N 144 -3.52 10.03 52.51
N ALA N 145 -3.21 8.81 52.96
CA ALA N 145 -1.86 8.30 52.78
C ALA N 145 -1.71 7.73 51.37
N ARG N 146 -1.75 8.64 50.38
CA ARG N 146 -1.65 8.24 48.99
C ARG N 146 -0.25 7.78 48.64
N PHE N 147 0.74 8.13 49.46
CA PHE N 147 2.09 7.63 49.28
C PHE N 147 2.22 6.15 49.62
N LEU N 148 1.26 5.59 50.34
CA LEU N 148 1.11 4.13 50.41
C LEU N 148 0.37 3.72 49.15
N TRP N 149 1.09 3.20 48.16
CA TRP N 149 0.45 2.96 46.88
C TRP N 149 -0.42 1.71 46.90
N ARG N 150 0.21 0.55 47.04
CA ARG N 150 -0.54 -0.68 47.18
C ARG N 150 -0.68 -1.08 48.64
N ASN N 151 0.10 -0.48 49.53
CA ASN N 151 -0.01 -0.76 50.95
C ASN N 151 -1.25 -0.15 51.56
N ARG N 152 -1.95 0.71 50.85
CA ARG N 152 -3.22 1.25 51.33
C ARG N 152 -4.41 0.41 50.91
N VAL N 153 -4.29 -0.36 49.84
CA VAL N 153 -5.43 -1.05 49.25
C VAL N 153 -5.83 -2.21 50.14
N GLY N 154 -7.08 -2.19 50.60
CA GLY N 154 -7.58 -3.24 51.46
C GLY N 154 -7.06 -3.21 52.87
N ALA N 155 -6.91 -2.02 53.45
CA ALA N 155 -6.46 -1.88 54.82
C ALA N 155 -7.63 -1.57 55.75
N GLU N 156 -7.54 -2.04 56.98
CA GLU N 156 -8.61 -1.79 57.96
C GLU N 156 -8.65 -0.33 58.36
N ALA N 157 -7.51 0.24 58.71
CA ALA N 157 -7.45 1.62 59.17
C ALA N 157 -6.09 2.19 58.82
N VAL N 158 -6.08 3.41 58.28
CA VAL N 158 -4.87 4.13 57.96
C VAL N 158 -4.88 5.42 58.78
N GLU N 159 -3.77 5.70 59.45
CA GLU N 159 -3.67 6.87 60.32
C GLU N 159 -2.36 7.58 60.04
N VAL N 160 -2.42 8.90 59.84
CA VAL N 160 -1.27 9.69 59.45
C VAL N 160 -0.95 10.69 60.55
N ARG N 161 0.31 10.68 61.00
CA ARG N 161 0.81 11.63 61.99
C ARG N 161 1.82 12.53 61.31
N ILE N 162 1.57 13.83 61.35
CA ILE N 162 2.43 14.81 60.69
C ILE N 162 2.98 15.75 61.74
N ASN N 163 4.30 15.82 61.84
CA ASN N 163 4.97 16.69 62.81
C ASN N 163 5.70 17.79 62.07
N HIS N 164 5.26 19.02 62.25
CA HIS N 164 6.02 20.16 61.77
C HIS N 164 7.14 20.43 62.76
N ILE N 165 8.38 20.46 62.25
CA ILE N 165 9.59 20.39 63.06
C ILE N 165 10.35 21.68 62.86
N ARG N 166 10.24 22.62 63.81
CA ARG N 166 10.82 23.95 63.62
C ARG N 166 12.31 23.98 63.97
N GLN N 167 12.63 23.78 65.23
CA GLN N 167 14.00 23.50 65.65
C GLN N 167 14.15 21.98 65.65
N GLY N 168 15.14 21.44 66.35
CA GLY N 168 15.22 19.99 66.46
C GLY N 168 14.07 19.28 67.16
N GLU N 169 13.07 20.00 67.67
CA GLU N 169 11.91 19.43 68.32
C GLU N 169 10.64 19.75 67.53
N VAL N 170 9.55 19.12 67.93
CA VAL N 170 8.28 19.23 67.22
C VAL N 170 7.65 20.58 67.50
N ALA N 171 7.31 21.32 66.44
CA ALA N 171 6.55 22.55 66.61
C ALA N 171 5.06 22.29 66.65
N ARG N 172 4.55 21.40 65.80
CA ARG N 172 3.12 21.14 65.81
C ARG N 172 2.85 19.72 65.32
N THR N 173 1.67 19.20 65.65
CA THR N 173 1.32 17.82 65.33
C THR N 173 -0.10 17.76 64.79
N TRP N 174 -0.29 17.03 63.69
CA TRP N 174 -1.59 16.69 63.15
C TRP N 174 -1.76 15.17 63.19
N ARG N 175 -3.01 14.76 63.37
CA ARG N 175 -3.42 13.36 63.37
C ARG N 175 -4.62 13.22 62.47
N PHE N 176 -4.51 12.38 61.45
CA PHE N 176 -5.55 12.22 60.46
C PHE N 176 -5.95 10.75 60.33
N ASP N 177 -7.24 10.54 60.04
CA ASP N 177 -7.74 9.25 59.62
C ASP N 177 -7.79 9.25 58.11
N ALA N 178 -6.84 8.56 57.48
CA ALA N 178 -6.66 8.65 56.05
C ALA N 178 -7.71 7.90 55.25
N LEU N 179 -8.53 7.07 55.89
CA LEU N 179 -9.65 6.47 55.18
C LEU N 179 -10.89 7.33 55.22
N ALA N 180 -10.96 8.28 56.15
CA ALA N 180 -12.05 9.25 56.12
C ALA N 180 -11.84 10.27 55.01
N ILE N 181 -10.66 10.88 54.98
CA ILE N 181 -10.28 11.78 53.89
C ILE N 181 -10.06 10.92 52.65
N GLY N 182 -10.93 11.05 51.67
CA GLY N 182 -10.88 10.16 50.52
C GLY N 182 -9.73 10.46 49.58
N LEU N 183 -9.54 9.55 48.63
CA LEU N 183 -8.65 9.79 47.50
C LEU N 183 -9.34 10.52 46.37
N ARG N 184 -10.61 10.91 46.54
CA ARG N 184 -11.43 11.39 45.45
C ARG N 184 -11.67 12.89 45.49
N ASP N 185 -12.14 13.42 46.61
CA ASP N 185 -12.60 14.80 46.69
C ASP N 185 -11.82 15.59 47.74
N PHE N 186 -11.73 16.90 47.51
CA PHE N 186 -10.95 17.80 48.35
C PHE N 186 -11.89 18.64 49.19
N LYS N 187 -12.04 18.26 50.46
CA LYS N 187 -13.00 18.86 51.37
C LYS N 187 -12.36 20.00 52.15
N ALA N 188 -13.03 20.45 53.20
CA ALA N 188 -12.50 21.45 54.11
C ALA N 188 -12.51 20.89 55.53
N ASP N 189 -11.59 21.38 56.35
CA ASP N 189 -11.42 20.96 57.73
C ASP N 189 -10.57 22.03 58.41
N ALA N 190 -10.61 22.08 59.73
CA ALA N 190 -9.84 23.08 60.45
C ALA N 190 -8.36 22.72 60.48
N GLU N 191 -8.05 21.48 60.91
CA GLU N 191 -6.66 21.04 61.01
C GLU N 191 -6.03 20.91 59.63
N LEU N 192 -6.81 20.45 58.66
CA LEU N 192 -6.32 20.33 57.30
C LEU N 192 -6.02 21.68 56.69
N ASP N 193 -6.82 22.69 57.02
CA ASP N 193 -6.54 24.03 56.50
C ASP N 193 -5.38 24.67 57.25
N ALA N 194 -5.15 24.32 58.51
CA ALA N 194 -3.95 24.79 59.19
C ALA N 194 -2.69 24.20 58.55
N LEU N 195 -2.74 22.92 58.20
CA LEU N 195 -1.63 22.29 57.50
C LEU N 195 -1.44 22.90 56.12
N ALA N 196 -2.54 23.22 55.44
CA ALA N 196 -2.47 23.90 54.16
C ALA N 196 -1.88 25.30 54.28
N GLU N 197 -2.18 26.00 55.38
CA GLU N 197 -1.60 27.32 55.59
C GLU N 197 -0.11 27.24 55.84
N LEU N 198 0.33 26.20 56.56
CA LEU N 198 1.76 25.99 56.76
C LEU N 198 2.48 25.68 55.45
N ILE N 199 1.86 24.83 54.61
CA ILE N 199 2.48 24.47 53.34
C ILE N 199 2.52 25.66 52.39
N ALA N 200 1.45 26.47 52.39
CA ALA N 200 1.45 27.67 51.57
C ALA N 200 2.43 28.72 52.08
N SER N 201 2.66 28.77 53.38
CA SER N 201 3.71 29.61 53.93
C SER N 201 5.09 29.13 53.51
N GLY N 202 5.24 27.81 53.36
CA GLY N 202 6.49 27.29 52.83
C GLY N 202 6.70 27.63 51.36
N LEU N 203 5.65 27.47 50.55
CA LEU N 203 5.75 27.71 49.12
C LEU N 203 5.90 29.18 48.77
N SER N 204 5.46 30.08 49.63
CA SER N 204 5.53 31.51 49.35
C SER N 204 6.86 32.13 49.73
N GLY N 205 7.73 31.39 50.41
CA GLY N 205 8.99 31.93 50.86
C GLY N 205 8.93 32.64 52.18
N SER N 206 7.79 32.62 52.85
CA SER N 206 7.60 33.31 54.11
C SER N 206 8.09 32.51 55.30
N GLY N 207 8.69 31.34 55.06
CA GLY N 207 9.14 30.51 56.15
C GLY N 207 9.85 29.29 55.61
N HIS N 208 10.29 28.46 56.54
CA HIS N 208 11.02 27.22 56.24
C HIS N 208 10.17 26.06 56.73
N VAL N 209 9.72 25.19 55.83
CA VAL N 209 8.84 24.12 56.27
C VAL N 209 9.57 22.79 56.17
N LEU N 210 9.70 22.10 57.31
CA LEU N 210 10.17 20.73 57.37
C LEU N 210 9.15 19.92 58.15
N LEU N 211 8.62 18.87 57.52
CA LEU N 211 7.63 18.01 58.13
C LEU N 211 8.17 16.60 58.23
N GLU N 212 7.67 15.86 59.20
CA GLU N 212 7.91 14.42 59.31
C GLU N 212 6.56 13.73 59.22
N VAL N 213 6.42 12.86 58.21
CA VAL N 213 5.16 12.20 57.93
C VAL N 213 5.32 10.72 58.24
N VAL N 214 4.43 10.20 59.08
CA VAL N 214 4.42 8.80 59.48
C VAL N 214 3.02 8.25 59.25
N ALA N 215 2.93 7.18 58.47
CA ALA N 215 1.66 6.52 58.20
C ALA N 215 1.64 5.15 58.85
N PHE N 216 0.51 4.80 59.44
CA PHE N 216 0.26 3.50 60.04
C PHE N 216 -0.89 2.85 59.28
N ALA N 217 -0.61 1.70 58.66
CA ALA N 217 -1.60 0.95 57.91
C ALA N 217 -1.80 -0.40 58.56
N ARG N 218 -3.04 -0.72 58.91
CA ARG N 218 -3.37 -1.96 59.60
C ARG N 218 -3.73 -2.99 58.54
N ILE N 219 -2.77 -3.83 58.18
CA ILE N 219 -2.94 -4.79 57.09
C ILE N 219 -3.38 -6.15 57.60
N GLY N 220 -2.61 -6.74 58.49
CA GLY N 220 -2.86 -8.09 58.97
C GLY N 220 -1.54 -8.76 59.28
N ASP N 221 -1.62 -9.82 60.08
CA ASP N 221 -0.42 -10.47 60.61
C ASP N 221 0.31 -11.22 59.51
N GLY N 222 1.53 -10.78 59.23
CA GLY N 222 2.38 -11.46 58.27
C GLY N 222 2.05 -11.23 56.83
N GLN N 223 1.21 -10.25 56.52
CA GLN N 223 0.80 -9.99 55.15
C GLN N 223 1.95 -9.38 54.36
N GLU N 224 1.77 -9.34 53.04
CA GLU N 224 2.81 -8.84 52.15
C GLU N 224 2.71 -7.34 52.01
N VAL N 225 3.83 -6.65 52.18
CA VAL N 225 3.91 -5.24 51.94
C VAL N 225 4.65 -5.03 50.62
N PHE N 226 4.55 -3.82 50.07
CA PHE N 226 5.00 -3.56 48.72
C PHE N 226 5.94 -2.36 48.70
N PRO N 227 7.23 -2.58 48.79
CA PRO N 227 8.20 -1.49 48.69
C PRO N 227 8.44 -1.12 47.23
N SER N 228 9.35 -0.18 47.02
CA SER N 228 9.73 0.17 45.67
C SER N 228 10.55 -0.95 45.06
N GLN N 229 10.35 -1.17 43.78
CA GLN N 229 10.91 -2.31 43.09
C GLN N 229 12.03 -1.84 42.17
N GLU N 230 13.16 -2.52 42.21
CA GLU N 230 14.33 -2.06 41.50
C GLU N 230 14.37 -2.68 40.11
N LEU N 231 15.48 -2.45 39.42
CA LEU N 231 15.65 -2.86 38.03
C LEU N 231 16.81 -3.84 37.93
N ILE N 232 16.61 -4.91 37.17
CA ILE N 232 17.57 -6.00 37.07
C ILE N 232 18.29 -5.93 35.74
N LEU N 233 19.51 -6.47 35.72
CA LEU N 233 20.30 -6.61 34.50
C LEU N 233 20.63 -8.08 34.32
N ASP N 234 20.01 -8.71 33.32
CA ASP N 234 20.15 -10.13 33.07
C ASP N 234 21.17 -10.37 31.96
N LYS N 235 22.12 -11.27 32.22
CA LYS N 235 23.23 -11.54 31.32
C LYS N 235 23.45 -13.05 31.20
N GLY N 236 22.38 -13.80 30.91
CA GLY N 236 22.50 -15.24 30.99
C GLY N 236 22.31 -15.74 32.40
N ASP N 237 21.06 -15.65 32.87
CA ASP N 237 20.58 -15.93 34.24
C ASP N 237 21.25 -17.13 34.90
N LYS N 238 21.75 -16.91 36.11
CA LYS N 238 22.64 -17.85 36.80
C LYS N 238 21.82 -18.92 37.48
N LYS N 239 21.37 -19.91 36.68
CA LYS N 239 20.61 -21.09 37.12
C LYS N 239 19.33 -20.67 37.85
N GLY N 240 18.44 -20.05 37.10
CA GLY N 240 17.25 -19.47 37.69
C GLY N 240 17.55 -18.27 38.56
N GLN N 241 17.99 -17.19 37.93
CA GLN N 241 18.47 -16.02 38.66
C GLN N 241 17.30 -15.22 39.22
N LYS N 242 17.64 -14.11 39.87
CA LYS N 242 16.64 -13.26 40.49
C LYS N 242 15.85 -12.50 39.43
N SER N 243 14.53 -12.51 39.56
CA SER N 243 13.66 -11.85 38.60
C SER N 243 12.92 -10.67 39.21
N LYS N 244 13.08 -10.43 40.50
CA LYS N 244 12.39 -9.31 41.16
C LYS N 244 13.27 -8.83 42.30
N THR N 245 13.55 -7.53 42.31
CA THR N 245 14.39 -6.90 43.32
C THR N 245 13.63 -5.74 43.93
N LEU N 246 13.72 -5.61 45.25
CA LEU N 246 13.04 -4.56 45.97
C LEU N 246 14.05 -3.60 46.58
N TYR N 247 13.66 -2.33 46.69
CA TYR N 247 14.54 -1.29 47.17
C TYR N 247 14.67 -1.34 48.68
N SER N 248 15.90 -1.22 49.17
CA SER N 248 16.15 -1.18 50.60
C SER N 248 17.28 -0.21 50.87
N VAL N 249 17.14 0.63 51.90
CA VAL N 249 18.14 1.65 52.16
C VAL N 249 19.33 1.06 52.89
N ARG N 250 19.11 0.54 54.09
CA ARG N 250 20.15 -0.26 54.75
C ARG N 250 19.50 -1.35 55.56
N ASP N 251 19.26 -2.50 54.91
CA ASP N 251 18.53 -3.65 55.46
C ASP N 251 17.17 -3.22 56.01
N ALA N 252 16.50 -2.33 55.28
CA ALA N 252 15.20 -1.83 55.65
C ALA N 252 14.45 -1.54 54.36
N ALA N 253 13.33 -2.22 54.15
CA ALA N 253 12.56 -2.07 52.92
C ALA N 253 12.05 -0.64 52.81
N ALA N 254 12.03 -0.12 51.58
CA ALA N 254 11.81 1.30 51.42
C ALA N 254 11.12 1.59 50.10
N ILE N 255 10.57 2.79 50.02
CA ILE N 255 9.95 3.33 48.82
C ILE N 255 10.83 4.47 48.32
N HIS N 256 10.98 4.58 47.00
CA HIS N 256 11.78 5.64 46.41
C HIS N 256 11.17 7.00 46.70
N SER N 257 12.02 8.03 46.76
CA SER N 257 11.53 9.37 47.05
C SER N 257 10.70 9.92 45.92
N GLN N 258 11.01 9.58 44.67
CA GLN N 258 10.21 10.05 43.56
C GLN N 258 8.87 9.34 43.47
N LYS N 259 8.74 8.16 44.07
CA LYS N 259 7.43 7.53 44.21
C LYS N 259 6.54 8.30 45.17
N ILE N 260 7.11 8.70 46.31
CA ILE N 260 6.40 9.54 47.27
C ILE N 260 6.06 10.88 46.66
N GLY N 261 6.97 11.42 45.86
CA GLY N 261 6.71 12.70 45.21
C GLY N 261 5.65 12.62 44.13
N ASN N 262 5.58 11.48 43.43
CA ASN N 262 4.52 11.29 42.45
C ASN N 262 3.18 11.14 43.12
N ALA N 263 3.12 10.49 44.28
CA ALA N 263 1.86 10.40 44.98
C ALA N 263 1.47 11.72 45.62
N LEU N 264 2.44 12.57 45.93
CA LEU N 264 2.15 13.84 46.59
C LEU N 264 1.47 14.82 45.63
N ARG N 265 1.93 14.89 44.39
CA ARG N 265 1.40 15.86 43.45
C ARG N 265 0.26 15.30 42.61
N THR N 266 -0.46 14.30 43.12
CA THR N 266 -1.64 13.76 42.45
C THR N 266 -2.83 14.67 42.76
N ILE N 267 -2.81 15.86 42.17
CA ILE N 267 -3.76 16.92 42.48
C ILE N 267 -4.48 17.44 41.25
N ASP N 268 -4.15 16.96 40.06
CA ASP N 268 -4.71 17.49 38.82
C ASP N 268 -6.09 16.89 38.59
N THR N 269 -7.13 17.70 38.84
CA THR N 269 -8.50 17.31 38.56
C THR N 269 -9.10 18.10 37.40
N TRP N 270 -8.30 18.88 36.70
CA TRP N 270 -8.79 19.82 35.71
C TRP N 270 -8.48 19.38 34.28
N TYR N 271 -8.15 18.12 34.08
CA TYR N 271 -7.84 17.66 32.74
C TYR N 271 -9.13 17.46 31.95
N PRO N 272 -9.13 17.74 30.65
CA PRO N 272 -10.39 17.91 29.92
C PRO N 272 -11.15 16.64 29.65
N ASP N 273 -10.53 15.46 29.82
CA ASP N 273 -11.17 14.22 29.42
C ASP N 273 -12.35 13.88 30.32
N GLU N 274 -12.13 13.88 31.63
CA GLU N 274 -13.18 13.59 32.58
C GLU N 274 -12.78 14.14 33.94
N ASP N 275 -13.72 14.07 34.87
CA ASP N 275 -13.46 14.41 36.26
C ASP N 275 -13.96 13.35 37.23
N GLY N 276 -14.76 12.39 36.77
CA GLY N 276 -15.16 11.27 37.60
C GLY N 276 -14.15 10.16 37.71
N LEU N 277 -12.98 10.30 37.08
CA LEU N 277 -11.96 9.27 37.18
C LEU N 277 -11.02 9.53 38.35
N GLY N 278 -10.87 10.80 38.74
CA GLY N 278 -10.07 11.14 39.90
C GLY N 278 -8.90 12.03 39.55
N PRO N 279 -8.18 12.50 40.56
CA PRO N 279 -7.00 13.32 40.32
C PRO N 279 -5.84 12.49 39.78
N ILE N 280 -5.03 13.12 38.93
CA ILE N 280 -3.80 12.52 38.43
C ILE N 280 -2.65 13.42 38.85
N ALA N 281 -1.43 12.96 38.56
CA ALA N 281 -0.24 13.73 38.90
C ALA N 281 -0.02 14.83 37.88
N VAL N 282 0.46 15.98 38.36
CA VAL N 282 0.70 17.11 37.48
C VAL N 282 1.96 16.84 36.68
N GLU N 283 1.80 16.67 35.38
CA GLU N 283 2.86 16.42 34.41
C GLU N 283 2.55 17.20 33.16
N PRO N 284 3.56 17.58 32.38
CA PRO N 284 3.28 18.06 31.03
C PRO N 284 2.77 16.90 30.19
N TYR N 285 1.70 17.16 29.44
CA TYR N 285 0.87 16.14 28.78
C TYR N 285 0.48 15.06 29.79
N GLY N 286 -0.38 15.46 30.73
CA GLY N 286 -0.58 14.76 31.98
C GLY N 286 -0.97 13.31 31.84
N SER N 287 -0.01 12.44 32.11
CA SER N 287 -0.05 11.07 31.65
C SER N 287 0.00 10.10 32.82
N VAL N 288 -0.74 9.01 32.68
CA VAL N 288 -0.76 7.94 33.65
C VAL N 288 -0.08 6.73 33.02
N THR N 289 0.88 6.15 33.74
CA THR N 289 1.58 4.99 33.21
C THR N 289 0.70 3.75 33.23
N SER N 290 -0.17 3.63 34.23
CA SER N 290 -1.03 2.46 34.33
C SER N 290 -2.14 2.48 33.30
N GLN N 291 -2.55 3.66 32.87
CA GLN N 291 -3.56 3.78 31.83
C GLN N 291 -2.96 3.77 30.43
N GLY N 292 -1.64 3.98 30.31
CA GLY N 292 -0.99 4.01 29.02
C GLY N 292 -1.43 5.15 28.13
N LYS N 293 -1.96 6.22 28.71
CA LYS N 293 -2.62 7.27 27.96
C LYS N 293 -2.16 8.63 28.47
N ALA N 294 -2.15 9.59 27.57
CA ALA N 294 -1.92 10.98 27.92
C ALA N 294 -3.25 11.69 27.99
N TYR N 295 -3.67 12.08 29.18
CA TYR N 295 -4.58 13.19 29.26
C TYR N 295 -3.79 14.46 29.02
N ARG N 296 -4.51 15.54 28.69
CA ARG N 296 -3.93 16.80 28.20
C ARG N 296 -3.01 16.55 27.01
N GLN N 297 -3.54 15.88 25.99
CA GLN N 297 -2.82 15.75 24.74
C GLN N 297 -2.63 17.13 24.12
N PRO N 298 -1.49 17.39 23.48
CA PRO N 298 -1.23 18.75 22.97
C PRO N 298 -2.08 19.16 21.78
N LYS N 299 -2.83 18.24 21.16
CA LYS N 299 -3.75 18.67 20.12
C LYS N 299 -4.96 19.38 20.71
N GLN N 300 -5.32 19.07 21.95
CA GLN N 300 -6.12 19.99 22.75
C GLN N 300 -5.17 21.01 23.36
N LYS N 301 -5.68 22.22 23.56
CA LYS N 301 -4.79 23.28 24.03
C LYS N 301 -4.72 23.33 25.55
N LEU N 302 -4.40 22.20 26.18
CA LEU N 302 -4.41 22.13 27.63
C LEU N 302 -3.22 21.41 28.23
N ASP N 303 -2.14 21.21 27.48
CA ASP N 303 -0.91 20.73 28.07
C ASP N 303 -0.17 21.89 28.73
N PHE N 304 0.97 21.61 29.34
CA PHE N 304 1.68 22.63 30.09
C PHE N 304 2.33 23.65 29.18
N TYR N 305 2.81 23.22 28.02
CA TYR N 305 3.63 24.11 27.21
C TYR N 305 2.79 25.13 26.45
N THR N 306 1.63 24.71 25.91
CA THR N 306 0.77 25.66 25.22
C THR N 306 0.14 26.65 26.20
N LEU N 307 -0.28 26.18 27.37
CA LEU N 307 -0.84 27.06 28.39
C LEU N 307 0.20 28.04 28.89
N LEU N 308 1.43 27.58 29.11
CA LEU N 308 2.48 28.47 29.60
C LEU N 308 2.90 29.47 28.55
N ASP N 309 2.99 29.06 27.28
CA ASP N 309 3.39 29.98 26.23
C ASP N 309 2.29 30.99 25.92
N ASN N 310 1.03 30.60 26.06
CA ASN N 310 -0.05 31.56 25.88
C ASN N 310 -0.13 32.53 27.05
N TRP N 311 0.19 32.07 28.26
CA TRP N 311 0.12 32.95 29.42
C TRP N 311 1.30 33.93 29.43
N VAL N 312 2.48 33.49 29.06
CA VAL N 312 3.68 34.31 29.21
C VAL N 312 3.94 35.14 27.97
N LEU N 313 3.96 34.52 26.79
CA LEU N 313 4.37 35.25 25.59
C LEU N 313 3.27 36.13 25.04
N ARG N 314 2.04 35.65 25.03
CA ARG N 314 0.94 36.35 24.39
C ARG N 314 -0.05 36.95 25.38
N ASP N 315 0.23 36.84 26.68
CA ASP N 315 -0.57 37.41 27.77
C ASP N 315 -2.01 36.92 27.76
N GLU N 316 -2.25 35.71 27.26
CA GLU N 316 -3.56 35.08 27.30
C GLU N 316 -3.61 34.24 28.57
N ALA N 317 -4.11 34.83 29.63
CA ALA N 317 -4.22 34.12 30.90
C ALA N 317 -5.29 33.05 30.79
N PRO N 318 -4.99 31.81 31.14
CA PRO N 318 -6.01 30.76 31.05
C PRO N 318 -6.98 30.81 32.20
N ALA N 319 -7.84 29.81 32.31
CA ALA N 319 -8.74 29.71 33.45
C ALA N 319 -7.94 29.50 34.74
N VAL N 320 -8.57 29.82 35.87
CA VAL N 320 -7.86 29.81 37.15
C VAL N 320 -7.48 28.39 37.56
N GLU N 321 -8.20 27.39 37.08
CA GLU N 321 -7.81 26.00 37.31
C GLU N 321 -6.59 25.65 36.48
N GLN N 322 -6.55 26.12 35.23
CA GLN N 322 -5.36 25.90 34.42
C GLN N 322 -4.17 26.70 34.93
N GLN N 323 -4.43 27.84 35.57
CA GLN N 323 -3.35 28.57 36.23
C GLN N 323 -2.82 27.79 37.42
N HIS N 324 -3.72 27.15 38.20
CA HIS N 324 -3.30 26.25 39.26
C HIS N 324 -2.45 25.11 38.72
N TYR N 325 -2.82 24.56 37.57
CA TYR N 325 -2.07 23.45 36.97
C TYR N 325 -0.69 23.89 36.50
N VAL N 326 -0.59 25.07 35.89
CA VAL N 326 0.70 25.56 35.42
C VAL N 326 1.63 25.88 36.58
N ILE N 327 1.09 26.44 37.67
CA ILE N 327 1.94 26.72 38.82
C ILE N 327 2.32 25.42 39.55
N ALA N 328 1.45 24.41 39.52
CA ALA N 328 1.81 23.12 40.07
C ALA N 328 2.91 22.45 39.25
N ASN N 329 2.92 22.67 37.93
CA ASN N 329 4.00 22.14 37.12
C ASN N 329 5.29 22.88 37.37
N LEU N 330 5.24 24.17 37.68
CA LEU N 330 6.46 24.88 38.03
C LEU N 330 6.98 24.45 39.40
N ILE N 331 6.09 24.12 40.33
CA ILE N 331 6.49 23.60 41.63
C ILE N 331 7.12 22.22 41.47
N ARG N 332 6.59 21.42 40.55
CA ARG N 332 7.15 20.10 40.26
C ARG N 332 8.57 20.19 39.71
N GLY N 333 8.86 21.20 38.91
CA GLY N 333 10.17 21.34 38.31
C GLY N 333 10.31 20.51 37.05
N GLY N 334 11.42 20.70 36.37
CA GLY N 334 11.68 19.94 35.17
C GLY N 334 12.58 20.71 34.22
N VAL N 335 12.86 20.07 33.09
CA VAL N 335 13.67 20.64 32.03
C VAL N 335 12.71 21.01 30.91
N PHE N 336 12.43 22.30 30.76
CA PHE N 336 11.49 22.79 29.77
C PHE N 336 12.25 23.64 28.77
N GLY N 337 12.48 23.13 27.59
CA GLY N 337 13.23 23.88 26.61
C GLY N 337 13.60 23.02 25.42
N GLU N 338 14.28 23.65 24.48
CA GLU N 338 14.63 23.00 23.23
C GLU N 338 15.99 22.30 23.35
N ILE O 5 55.84 48.93 19.47
CA ILE O 5 56.77 48.34 20.41
C ILE O 5 55.98 47.87 21.63
N LEU O 6 56.53 46.88 22.34
CA LEU O 6 55.96 46.27 23.55
C LEU O 6 54.58 45.67 23.25
N SER O 7 54.59 44.64 22.44
CA SER O 7 53.42 43.82 22.21
C SER O 7 53.29 42.78 23.31
N THR O 8 52.10 42.21 23.43
CA THR O 8 51.84 41.23 24.47
C THR O 8 52.48 39.88 24.12
N ALA O 9 52.73 39.09 25.16
CA ALA O 9 53.47 37.84 25.00
C ALA O 9 52.62 36.79 24.29
N SER O 10 53.27 35.97 23.46
CA SER O 10 52.54 34.99 22.67
C SER O 10 52.09 33.81 23.51
N VAL O 11 52.90 33.39 24.48
CA VAL O 11 52.43 32.49 25.52
C VAL O 11 52.58 33.22 26.84
N LEU O 12 51.59 32.99 27.72
CA LEU O 12 51.54 33.60 29.03
C LEU O 12 50.56 32.79 29.86
N ALA O 13 50.98 32.39 31.05
CA ALA O 13 50.18 31.48 31.86
C ALA O 13 50.47 31.75 33.32
N PHE O 14 49.42 31.68 34.14
CA PHE O 14 49.52 31.97 35.56
C PHE O 14 49.02 30.76 36.33
N GLU O 15 49.77 30.37 37.36
CA GLU O 15 49.26 29.37 38.28
C GLU O 15 48.23 30.02 39.19
N ARG O 16 47.32 29.21 39.70
CA ARG O 16 46.25 29.75 40.53
C ARG O 16 46.73 29.98 41.95
N LYS O 17 46.25 31.05 42.54
CA LYS O 17 46.26 31.22 43.98
C LYS O 17 44.90 30.77 44.51
N LEU O 18 44.80 30.66 45.83
CA LEU O 18 43.63 30.10 46.52
C LEU O 18 43.32 28.69 46.03
N ASP O 19 44.21 27.75 46.36
CA ASP O 19 44.00 26.34 46.05
C ASP O 19 43.08 25.71 47.09
N PRO O 20 41.90 25.23 46.71
CA PRO O 20 41.13 24.43 47.66
C PRO O 20 41.35 22.95 47.42
N SER O 21 40.89 22.11 48.34
CA SER O 21 40.92 20.68 48.13
C SER O 21 39.53 20.22 47.70
N ASP O 22 39.39 18.92 47.46
CA ASP O 22 38.06 18.36 47.27
C ASP O 22 37.32 18.39 48.59
N ALA O 23 36.10 18.89 48.57
CA ALA O 23 35.31 19.05 49.79
C ALA O 23 34.58 17.75 50.08
N LEU O 24 34.81 17.18 51.26
CA LEU O 24 34.23 15.92 51.63
C LEU O 24 33.00 16.12 52.49
N MET O 25 32.02 15.23 52.31
CA MET O 25 30.74 15.29 53.01
C MET O 25 30.67 14.21 54.08
N SER O 26 30.05 14.55 55.19
CA SER O 26 29.73 13.62 56.25
C SER O 26 28.41 14.06 56.88
N ALA O 27 27.86 13.22 57.75
CA ALA O 27 26.55 13.50 58.29
C ALA O 27 26.54 13.32 59.79
N GLY O 28 25.74 14.14 60.46
CA GLY O 28 25.59 14.01 61.90
C GLY O 28 24.37 14.74 62.38
N ALA O 29 24.27 14.88 63.69
CA ALA O 29 23.20 15.62 64.31
C ALA O 29 23.67 17.00 64.70
N TRP O 30 22.78 17.99 64.55
CA TRP O 30 23.06 19.34 65.01
C TRP O 30 23.20 19.33 66.53
N ALA O 31 24.03 20.26 67.02
CA ALA O 31 24.55 20.40 68.39
C ALA O 31 25.50 19.26 68.78
N GLN O 32 25.81 18.33 67.88
CA GLN O 32 26.98 17.49 68.02
C GLN O 32 28.09 17.92 67.09
N ARG O 33 27.96 19.10 66.49
CA ARG O 33 28.90 19.55 65.48
C ARG O 33 30.25 19.97 66.07
N ASP O 34 30.34 20.14 67.39
CA ASP O 34 31.63 20.43 67.98
C ASP O 34 32.49 19.18 68.14
N ALA O 35 31.85 18.02 68.29
CA ALA O 35 32.55 16.74 68.35
C ALA O 35 32.48 16.02 67.01
N SER O 36 32.48 16.77 65.91
CA SER O 36 32.20 16.22 64.59
C SER O 36 33.49 15.85 63.86
N GLN O 37 34.26 14.96 64.47
CA GLN O 37 35.39 14.36 63.78
C GLN O 37 35.22 12.88 63.53
N GLU O 38 34.36 12.22 64.28
CA GLU O 38 34.03 10.82 64.03
C GLU O 38 32.71 10.67 63.27
N TRP O 39 32.27 11.73 62.61
CA TRP O 39 31.02 11.69 61.88
C TRP O 39 31.19 10.80 60.65
N PRO O 40 30.24 9.90 60.39
CA PRO O 40 30.39 8.99 59.26
C PRO O 40 30.16 9.70 57.94
N ALA O 41 30.84 9.22 56.91
CA ALA O 41 30.79 9.86 55.61
C ALA O 41 29.45 9.60 54.92
N VAL O 42 29.04 10.55 54.10
CA VAL O 42 27.85 10.37 53.26
C VAL O 42 28.25 9.52 52.08
N THR O 43 27.55 8.40 51.90
CA THR O 43 27.90 7.44 50.87
C THR O 43 26.93 7.54 49.69
N VAL O 44 27.43 7.13 48.52
CA VAL O 44 26.70 7.23 47.26
C VAL O 44 26.11 5.86 46.95
N ARG O 45 24.79 5.82 46.73
CA ARG O 45 24.09 4.59 46.41
C ARG O 45 23.49 4.71 45.01
N GLU O 46 22.85 3.64 44.58
CA GLU O 46 22.14 3.62 43.30
C GLU O 46 20.67 3.35 43.53
N LYS O 47 19.83 3.89 42.65
CA LYS O 47 18.42 3.53 42.69
C LYS O 47 17.89 3.51 41.28
N SER O 48 16.77 2.82 41.09
CA SER O 48 16.12 2.72 39.81
C SER O 48 15.12 3.86 39.67
N VAL O 49 14.99 4.37 38.46
CA VAL O 49 14.15 5.53 38.18
C VAL O 49 13.36 5.22 36.92
N ARG O 50 12.03 5.21 37.03
CA ARG O 50 11.16 5.09 35.87
C ARG O 50 10.49 6.42 35.64
N GLY O 51 10.54 6.90 34.41
CA GLY O 51 9.94 8.20 34.10
C GLY O 51 9.36 8.23 32.71
N THR O 52 8.44 9.15 32.51
CA THR O 52 7.82 9.38 31.22
C THR O 52 8.45 10.60 30.57
N ILE O 53 7.92 11.01 29.42
CA ILE O 53 8.43 12.17 28.70
C ILE O 53 7.77 13.41 29.28
N SER O 54 8.59 14.30 29.84
CA SER O 54 8.12 15.59 30.30
C SER O 54 8.75 16.74 29.53
N ASN O 55 9.62 16.45 28.57
CA ASN O 55 10.23 17.49 27.78
C ASN O 55 9.28 17.95 26.67
N ARG O 56 9.71 18.98 25.95
CA ARG O 56 8.94 19.44 24.81
C ARG O 56 9.05 18.46 23.67
N LEU O 57 7.92 18.17 23.03
CA LEU O 57 7.92 17.32 21.86
C LEU O 57 8.40 18.11 20.65
N LYS O 58 9.09 17.43 19.75
CA LYS O 58 9.61 18.08 18.55
C LYS O 58 8.48 18.41 17.59
N THR O 59 7.69 17.42 17.21
CA THR O 59 6.41 17.67 16.56
C THR O 59 5.40 17.96 17.65
N LYS O 60 4.91 19.21 17.70
CA LYS O 60 4.29 19.72 18.91
C LYS O 60 2.91 19.11 19.14
N ASP O 61 1.97 19.35 18.24
CA ASP O 61 0.62 18.82 18.41
C ASP O 61 0.26 17.75 17.39
N ARG O 62 1.16 17.44 16.46
CA ARG O 62 0.96 16.28 15.62
C ARG O 62 1.39 15.03 16.37
N ASP O 63 1.06 13.88 15.78
CA ASP O 63 1.46 12.54 16.22
C ASP O 63 1.12 12.22 17.67
N PRO O 64 -0.16 12.19 18.08
CA PRO O 64 -0.44 11.93 19.49
C PRO O 64 -0.47 10.48 19.86
N ALA O 65 -0.47 9.56 18.89
CA ALA O 65 -0.35 8.15 19.22
C ALA O 65 1.08 7.79 19.59
N LYS O 66 2.05 8.53 19.06
CA LYS O 66 3.45 8.34 19.45
C LYS O 66 3.67 8.70 20.90
N LEU O 67 2.93 9.69 21.42
CA LEU O 67 3.04 10.05 22.82
C LEU O 67 2.58 8.92 23.73
N ASP O 68 1.44 8.32 23.42
CA ASP O 68 0.94 7.18 24.19
C ASP O 68 1.84 5.96 24.03
N ALA O 69 2.42 5.76 22.85
CA ALA O 69 3.39 4.69 22.66
C ALA O 69 4.63 4.90 23.51
N SER O 70 5.03 6.15 23.70
CA SER O 70 6.18 6.44 24.57
C SER O 70 5.83 6.29 26.04
N ILE O 71 4.57 6.56 26.40
CA ILE O 71 4.13 6.34 27.78
C ILE O 71 4.09 4.85 28.09
N GLN O 72 3.70 4.04 27.12
CA GLN O 72 3.64 2.60 27.34
C GLN O 72 5.02 1.94 27.35
N SER O 73 6.06 2.65 26.95
CA SER O 73 7.44 2.17 27.06
C SER O 73 8.28 3.26 27.72
N PRO O 74 8.18 3.41 29.04
CA PRO O 74 8.83 4.54 29.70
C PRO O 74 10.33 4.30 29.88
N ASN O 75 11.01 5.36 30.29
CA ASN O 75 12.45 5.33 30.48
C ASN O 75 12.79 4.69 31.82
N LEU O 76 13.61 3.65 31.78
CA LEU O 76 14.17 3.03 32.97
C LEU O 76 15.63 3.42 33.07
N GLN O 77 16.06 3.85 34.25
CA GLN O 77 17.42 4.31 34.46
C GLN O 77 17.90 3.84 35.82
N THR O 78 19.22 3.84 35.98
CA THR O 78 19.87 3.67 37.27
C THR O 78 20.60 4.97 37.57
N VAL O 79 20.47 5.48 38.78
CA VAL O 79 20.91 6.82 39.11
C VAL O 79 21.64 6.80 40.44
N ASP O 80 22.82 7.42 40.49
CA ASP O 80 23.52 7.62 41.73
C ASP O 80 22.82 8.68 42.57
N VAL O 81 22.72 8.43 43.87
CA VAL O 81 22.02 9.32 44.78
C VAL O 81 22.76 9.34 46.11
N ALA O 82 22.74 10.50 46.77
CA ALA O 82 23.34 10.65 48.08
C ALA O 82 22.34 11.33 49.01
N ASN O 83 22.10 10.73 50.16
CA ASN O 83 21.23 11.29 51.17
C ASN O 83 21.96 11.32 52.50
N LEU O 84 21.36 11.97 53.47
CA LEU O 84 21.75 11.78 54.85
C LEU O 84 21.14 10.49 55.36
N PRO O 85 21.65 9.94 56.45
CA PRO O 85 20.94 8.86 57.14
C PRO O 85 19.63 9.37 57.72
N SER O 86 18.73 8.42 58.01
CA SER O 86 17.40 8.77 58.46
C SER O 86 17.35 9.29 59.89
N ASP O 87 18.47 9.26 60.62
CA ASP O 87 18.52 9.79 61.97
C ASP O 87 19.47 10.97 62.11
N ALA O 88 20.15 11.36 61.03
CA ALA O 88 21.03 12.53 61.02
C ALA O 88 20.36 13.62 60.21
N ASP O 89 20.51 14.87 60.66
CA ASP O 89 19.87 15.99 59.99
C ASP O 89 20.84 17.04 59.49
N THR O 90 22.13 16.92 59.77
CA THR O 90 23.10 17.96 59.47
C THR O 90 24.16 17.42 58.54
N LEU O 91 24.37 18.11 57.42
CA LEU O 91 25.46 17.82 56.51
C LEU O 91 26.68 18.63 56.93
N LYS O 92 27.84 17.98 56.94
CA LYS O 92 29.11 18.62 57.23
C LYS O 92 29.99 18.52 56.00
N VAL O 93 30.46 19.66 55.51
CA VAL O 93 31.31 19.70 54.32
C VAL O 93 32.64 20.33 54.73
N ARG O 94 33.73 19.59 54.54
CA ARG O 94 35.04 19.98 55.02
C ARG O 94 36.03 20.04 53.87
N PHE O 95 36.82 21.11 53.81
CA PHE O 95 37.93 21.19 52.87
C PHE O 95 39.00 22.09 53.46
N THR O 96 40.18 22.07 52.83
CA THR O 96 41.28 22.94 53.21
C THR O 96 41.63 23.84 52.03
N LEU O 97 41.98 25.09 52.34
CA LEU O 97 42.27 26.10 51.35
C LEU O 97 43.58 26.78 51.74
N ARG O 98 44.55 26.82 50.83
CA ARG O 98 45.80 27.50 51.11
C ARG O 98 45.95 28.72 50.22
N VAL O 99 46.38 29.82 50.83
CA VAL O 99 46.64 31.08 50.16
C VAL O 99 48.15 31.31 50.18
N LEU O 100 48.69 31.62 48.99
CA LEU O 100 50.11 31.50 48.69
C LEU O 100 50.79 32.85 48.48
N GLY O 101 50.29 33.68 47.57
CA GLY O 101 50.94 34.92 47.24
C GLY O 101 51.79 34.80 45.98
N GLY O 102 52.30 35.95 45.54
CA GLY O 102 53.03 36.02 44.29
C GLY O 102 52.13 36.12 43.08
N ALA O 103 51.09 36.94 43.16
CA ALA O 103 49.99 36.89 42.20
C ALA O 103 50.34 37.50 40.85
N GLY O 104 51.39 38.29 40.76
CA GLY O 104 51.70 38.94 39.50
C GLY O 104 52.58 38.13 38.59
N THR O 105 53.42 37.28 39.17
CA THR O 105 54.46 36.61 38.41
C THR O 105 53.86 35.47 37.59
N PRO O 106 54.03 35.47 36.27
CA PRO O 106 53.53 34.36 35.47
C PRO O 106 54.44 33.14 35.59
N SER O 107 53.86 31.99 35.29
CA SER O 107 54.62 30.75 35.26
C SER O 107 55.16 30.44 33.88
N ALA O 108 54.79 31.21 32.87
CA ALA O 108 55.33 31.09 31.52
C ALA O 108 55.17 32.43 30.84
N CYS O 109 56.20 32.87 30.12
CA CYS O 109 56.16 34.14 29.42
C CYS O 109 57.22 34.13 28.33
N ASN O 110 56.89 34.69 27.17
CA ASN O 110 57.87 34.80 26.10
C ASN O 110 58.71 36.07 26.23
N ASP O 111 58.07 37.23 26.22
CA ASP O 111 58.79 38.50 26.24
C ASP O 111 59.26 38.82 27.65
N ALA O 112 60.52 39.23 27.79
CA ALA O 112 61.01 39.67 29.08
C ALA O 112 60.56 41.10 29.38
N ALA O 113 60.43 41.93 28.35
CA ALA O 113 59.97 43.30 28.55
C ALA O 113 58.52 43.33 28.98
N TYR O 114 57.70 42.44 28.42
CA TYR O 114 56.29 42.38 28.80
C TYR O 114 56.14 41.90 30.24
N ARG O 115 56.94 40.93 30.66
CA ARG O 115 56.82 40.47 32.04
C ARG O 115 57.40 41.47 33.02
N ASP O 116 58.38 42.28 32.60
CA ASP O 116 58.85 43.35 33.47
C ASP O 116 57.79 44.44 33.63
N LYS O 117 57.13 44.81 32.54
CA LYS O 117 56.06 45.80 32.61
C LYS O 117 54.88 45.27 33.43
N LEU O 118 54.57 43.99 33.29
CA LEU O 118 53.47 43.38 34.05
C LEU O 118 53.79 43.31 35.54
N LEU O 119 55.02 42.92 35.88
CA LEU O 119 55.41 42.85 37.28
C LEU O 119 55.44 44.22 37.92
N GLN O 120 55.87 45.24 37.18
CA GLN O 120 55.86 46.59 37.73
C GLN O 120 54.44 47.12 37.85
N THR O 121 53.55 46.74 36.94
CA THR O 121 52.15 47.15 37.03
C THR O 121 51.47 46.54 38.26
N VAL O 122 51.72 45.26 38.51
CA VAL O 122 51.18 44.62 39.70
C VAL O 122 51.80 45.21 40.97
N ALA O 123 53.08 45.59 40.91
CA ALA O 123 53.72 46.20 42.06
C ALA O 123 53.14 47.58 42.38
N THR O 124 52.85 48.38 41.35
CA THR O 124 52.17 49.65 41.61
C THR O 124 50.74 49.45 42.09
N TYR O 125 50.06 48.39 41.63
CA TYR O 125 48.74 48.06 42.17
C TYR O 125 48.82 47.79 43.66
N VAL O 126 49.75 46.92 44.07
CA VAL O 126 49.90 46.56 45.48
C VAL O 126 50.35 47.75 46.31
N ASN O 127 51.20 48.62 45.74
CA ASN O 127 51.65 49.79 46.49
C ASN O 127 50.56 50.83 46.65
N GLU O 128 49.64 50.95 45.68
CA GLU O 128 48.55 51.91 45.84
C GLU O 128 47.57 51.46 46.91
N GLN O 129 46.96 50.29 46.73
CA GLN O 129 46.16 49.67 47.78
C GLN O 129 46.53 48.20 47.84
N GLY O 130 46.38 47.61 49.02
CA GLY O 130 46.78 46.23 49.17
C GLY O 130 45.82 45.25 48.54
N PHE O 131 45.85 44.01 49.00
CA PHE O 131 44.84 43.05 48.57
C PHE O 131 43.60 43.10 49.43
N ALA O 132 43.35 44.21 50.12
CA ALA O 132 42.36 44.24 51.20
C ALA O 132 40.94 44.13 50.68
N GLU O 133 40.66 44.71 49.51
CA GLU O 133 39.32 44.60 48.94
C GLU O 133 39.06 43.19 48.42
N LEU O 134 40.04 42.64 47.70
CA LEU O 134 39.92 41.28 47.18
C LEU O 134 39.86 40.25 48.31
N ALA O 135 40.70 40.43 49.32
CA ALA O 135 40.68 39.50 50.44
C ALA O 135 39.42 39.66 51.28
N ARG O 136 38.85 40.87 51.32
CA ARG O 136 37.57 41.05 52.01
C ARG O 136 36.45 40.33 51.30
N ARG O 137 36.46 40.37 49.96
CA ARG O 137 35.43 39.67 49.21
C ARG O 137 35.62 38.16 49.27
N TYR O 138 36.87 37.68 49.28
CA TYR O 138 37.13 36.25 49.44
C TYR O 138 36.74 35.76 50.83
N ALA O 139 37.02 36.57 51.86
CA ALA O 139 36.61 36.21 53.21
C ALA O 139 35.11 36.26 53.36
N HIS O 140 34.43 37.11 52.59
CA HIS O 140 32.96 37.08 52.59
C HIS O 140 32.45 35.80 51.96
N ASN O 141 33.05 35.37 50.84
CA ASN O 141 32.61 34.14 50.20
C ASN O 141 32.97 32.91 51.00
N LEU O 142 33.96 33.00 51.89
CA LEU O 142 34.17 31.93 52.85
C LEU O 142 33.23 32.03 54.04
N ALA O 143 32.79 33.24 54.38
CA ALA O 143 31.96 33.44 55.57
C ALA O 143 30.55 32.92 55.33
N ASN O 144 29.89 33.40 54.27
CA ASN O 144 28.71 32.68 53.82
C ASN O 144 29.15 31.36 53.20
N ALA O 145 28.30 30.36 53.26
CA ALA O 145 28.65 29.07 52.69
C ALA O 145 28.16 28.99 51.26
N ARG O 146 28.79 29.81 50.41
CA ARG O 146 28.46 29.77 49.00
C ARG O 146 28.98 28.50 48.35
N PHE O 147 30.00 27.88 48.93
CA PHE O 147 30.52 26.61 48.43
C PHE O 147 29.57 25.45 48.67
N LEU O 148 28.63 25.58 49.60
CA LEU O 148 27.44 24.73 49.63
C LEU O 148 26.55 25.24 48.51
N TRP O 149 26.54 24.56 47.37
CA TRP O 149 25.87 25.14 46.23
C TRP O 149 24.36 24.94 46.28
N ARG O 150 23.92 23.69 46.18
CA ARG O 150 22.51 23.38 46.34
C ARG O 150 22.21 22.84 47.72
N ASN O 151 23.24 22.57 48.53
CA ASN O 151 23.06 22.15 49.90
C ASN O 151 22.77 23.32 50.83
N ARG O 152 22.83 24.54 50.33
CA ARG O 152 22.48 25.72 51.10
C ARG O 152 21.08 26.22 50.82
N VAL O 153 20.49 25.83 49.69
CA VAL O 153 19.17 26.29 49.31
C VAL O 153 18.13 25.68 50.23
N GLY O 154 17.41 26.53 50.96
CA GLY O 154 16.41 26.04 51.88
C GLY O 154 16.97 25.37 53.11
N ALA O 155 18.22 25.65 53.47
CA ALA O 155 18.78 25.13 54.69
C ALA O 155 18.23 25.89 55.88
N GLU O 156 18.08 25.20 57.01
CA GLU O 156 17.51 25.83 58.19
C GLU O 156 18.51 26.73 58.89
N ALA O 157 19.73 26.24 59.08
CA ALA O 157 20.77 27.01 59.74
C ALA O 157 22.11 26.54 59.21
N VAL O 158 22.91 27.47 58.72
CA VAL O 158 24.22 27.18 58.18
C VAL O 158 25.26 27.84 59.08
N GLU O 159 26.29 27.09 59.43
CA GLU O 159 27.33 27.62 60.31
C GLU O 159 28.70 27.20 59.79
N VAL O 160 29.61 28.16 59.66
CA VAL O 160 30.93 27.93 59.10
C VAL O 160 31.97 28.09 60.20
N ARG O 161 32.88 27.14 60.29
CA ARG O 161 34.02 27.20 61.19
C ARG O 161 35.28 27.21 60.35
N ILE O 162 36.10 28.24 60.52
CA ILE O 162 37.32 28.41 59.75
C ILE O 162 38.49 28.40 60.71
N ASN O 163 39.43 27.49 60.50
CA ASN O 163 40.59 27.36 61.37
C ASN O 163 41.84 27.75 60.61
N HIS O 164 42.47 28.84 61.03
CA HIS O 164 43.81 29.16 60.56
C HIS O 164 44.79 28.23 61.27
N ILE O 165 45.52 27.44 60.49
CA ILE O 165 46.30 26.32 60.99
C ILE O 165 47.76 26.63 60.69
N ARG O 166 48.49 27.11 61.70
CA ARG O 166 49.85 27.62 61.46
C ARG O 166 50.87 26.49 61.44
N GLN O 167 51.06 25.83 62.57
CA GLN O 167 51.78 24.58 62.65
C GLN O 167 50.74 23.47 62.52
N GLY O 168 51.05 22.24 62.93
CA GLY O 168 50.05 21.20 62.89
C GLY O 168 48.82 21.39 63.76
N GLU O 169 48.82 22.38 64.65
CA GLU O 169 47.68 22.69 65.51
C GLU O 169 46.99 23.96 65.06
N VAL O 170 45.80 24.20 65.61
CA VAL O 170 45.01 25.36 65.26
C VAL O 170 45.65 26.62 65.85
N ALA O 171 45.84 27.63 65.00
CA ALA O 171 46.29 28.93 65.46
C ALA O 171 45.14 29.88 65.75
N ARG O 172 44.10 29.88 64.92
CA ARG O 172 42.97 30.76 65.18
C ARG O 172 41.69 30.16 64.62
N THR O 173 40.57 30.69 65.10
CA THR O 173 39.26 30.12 64.80
C THR O 173 38.25 31.24 64.56
N TRP O 174 37.48 31.11 63.49
CA TRP O 174 36.34 31.97 63.21
C TRP O 174 35.08 31.13 63.17
N ARG O 175 33.99 31.70 63.68
CA ARG O 175 32.68 31.07 63.74
C ARG O 175 31.67 32.02 63.12
N PHE O 176 31.04 31.60 62.04
CA PHE O 176 30.14 32.46 61.29
C PHE O 176 28.76 31.83 61.14
N ASP O 177 27.74 32.66 61.23
CA ASP O 177 26.38 32.30 60.85
C ASP O 177 26.24 32.68 59.37
N ALA O 178 26.26 31.66 58.51
CA ALA O 178 26.30 31.91 57.08
C ALA O 178 24.97 32.38 56.52
N LEU O 179 23.89 32.30 57.29
CA LEU O 179 22.62 32.84 56.84
C LEU O 179 22.43 34.29 57.21
N ALA O 180 23.16 34.78 58.22
CA ALA O 180 23.17 36.20 58.51
C ALA O 180 23.91 36.96 57.43
N ILE O 181 25.12 36.53 57.11
CA ILE O 181 25.88 37.08 55.99
C ILE O 181 25.19 36.67 54.70
N GLY O 182 24.74 37.64 53.93
CA GLY O 182 24.01 37.34 52.72
C GLY O 182 24.92 36.89 51.60
N LEU O 183 24.28 36.45 50.52
CA LEU O 183 24.96 36.21 49.25
C LEU O 183 24.92 37.43 48.35
N ARG O 184 24.53 38.59 48.86
CA ARG O 184 24.22 39.76 48.03
C ARG O 184 25.23 40.88 48.20
N ASP O 185 25.43 41.35 49.42
CA ASP O 185 26.24 42.54 49.67
C ASP O 185 27.36 42.23 50.65
N PHE O 186 28.37 43.10 50.65
CA PHE O 186 29.60 42.90 51.41
C PHE O 186 29.61 43.85 52.60
N LYS O 187 29.36 43.30 53.78
CA LYS O 187 29.20 44.06 55.00
C LYS O 187 30.56 44.33 55.64
N ALA O 188 30.54 44.79 56.88
CA ALA O 188 31.76 45.02 57.65
C ALA O 188 31.61 44.39 59.01
N ASP O 189 32.65 43.69 59.46
CA ASP O 189 32.63 42.99 60.73
C ASP O 189 34.06 42.83 61.20
N ALA O 190 34.26 42.81 62.52
CA ALA O 190 35.61 42.75 63.07
C ALA O 190 36.26 41.39 62.83
N GLU O 191 35.52 40.30 63.08
CA GLU O 191 36.04 38.96 62.82
C GLU O 191 36.25 38.74 61.33
N LEU O 192 35.33 39.25 60.51
CA LEU O 192 35.46 39.11 59.07
C LEU O 192 36.64 39.92 58.54
N ASP O 193 36.87 41.11 59.08
CA ASP O 193 38.01 41.90 58.61
C ASP O 193 39.32 41.34 59.12
N ALA O 194 39.32 40.66 60.27
CA ALA O 194 40.53 39.98 60.72
C ALA O 194 40.86 38.80 59.81
N LEU O 195 39.84 38.03 59.42
CA LEU O 195 40.05 36.96 58.45
C LEU O 195 40.50 37.51 57.10
N ALA O 196 39.94 38.66 56.70
CA ALA O 196 40.36 39.31 55.47
C ALA O 196 41.80 39.81 55.55
N GLU O 197 42.24 40.27 56.72
CA GLU O 197 43.63 40.67 56.88
C GLU O 197 44.56 39.47 56.80
N LEU O 198 44.12 38.32 57.32
CA LEU O 198 44.92 37.10 57.17
C LEU O 198 45.02 36.66 55.72
N ILE O 199 43.91 36.72 54.98
CA ILE O 199 43.93 36.34 53.57
C ILE O 199 44.75 37.33 52.75
N ALA O 200 44.72 38.61 53.12
CA ALA O 200 45.53 39.61 52.43
C ALA O 200 47.01 39.43 52.73
N SER O 201 47.35 39.01 53.95
CA SER O 201 48.75 38.72 54.25
C SER O 201 49.21 37.47 53.51
N GLY O 202 48.30 36.53 53.26
CA GLY O 202 48.65 35.39 52.44
C GLY O 202 48.87 35.76 50.98
N LEU O 203 48.02 36.63 50.44
CA LEU O 203 48.15 37.04 49.05
C LEU O 203 49.33 37.94 48.80
N SER O 204 49.80 38.66 49.82
CA SER O 204 50.91 39.59 49.66
C SER O 204 52.27 38.92 49.80
N GLY O 205 52.31 37.62 50.06
CA GLY O 205 53.57 36.94 50.22
C GLY O 205 54.24 37.15 51.55
N SER O 206 53.58 37.82 52.50
CA SER O 206 54.15 38.07 53.81
C SER O 206 53.79 36.98 54.81
N GLY O 207 53.27 35.86 54.35
CA GLY O 207 52.95 34.76 55.24
C GLY O 207 52.50 33.56 54.45
N HIS O 208 52.30 32.46 55.17
CA HIS O 208 51.81 31.20 54.60
C HIS O 208 50.43 30.94 55.18
N VAL O 209 49.39 30.99 54.35
CA VAL O 209 48.05 30.87 54.89
C VAL O 209 47.50 29.48 54.55
N LEU O 210 47.14 28.73 55.58
CA LEU O 210 46.42 27.48 55.43
C LEU O 210 45.19 27.53 56.33
N LEU O 211 44.02 27.36 55.73
CA LEU O 211 42.76 27.38 56.43
C LEU O 211 42.04 26.06 56.25
N GLU O 212 41.32 25.66 57.28
CA GLU O 212 40.43 24.51 57.23
C GLU O 212 39.01 25.01 57.39
N VAL O 213 38.20 24.84 56.35
CA VAL O 213 36.83 25.33 56.32
C VAL O 213 35.90 24.15 56.51
N VAL O 214 34.99 24.27 57.48
CA VAL O 214 33.96 23.27 57.75
C VAL O 214 32.62 23.99 57.75
N ALA O 215 31.67 23.48 57.00
CA ALA O 215 30.32 24.03 56.98
C ALA O 215 29.34 23.00 57.50
N PHE O 216 28.38 23.46 58.28
CA PHE O 216 27.30 22.64 58.79
C PHE O 216 25.98 23.21 58.30
N ALA O 217 25.23 22.40 57.55
CA ALA O 217 23.93 22.79 57.05
C ALA O 217 22.87 21.89 57.65
N ARG O 218 21.88 22.49 58.31
CA ARG O 218 20.80 21.75 58.93
C ARG O 218 19.70 21.59 57.88
N ILE O 219 19.59 20.39 57.32
CA ILE O 219 18.69 20.13 56.21
C ILE O 219 17.46 19.35 56.65
N GLY O 220 17.65 18.16 57.17
CA GLY O 220 16.55 17.31 57.55
C GLY O 220 16.98 15.86 57.60
N ASP O 221 16.17 15.05 58.28
CA ASP O 221 16.49 13.65 58.49
C ASP O 221 16.34 12.88 57.18
N GLY O 222 17.45 12.42 56.63
CA GLY O 222 17.43 11.63 55.42
C GLY O 222 17.21 12.40 54.15
N GLN O 223 17.40 13.71 54.15
CA GLN O 223 17.19 14.49 52.95
C GLN O 223 18.37 14.33 52.00
N GLU O 224 18.17 14.79 50.76
CA GLU O 224 19.14 14.57 49.70
C GLU O 224 20.20 15.65 49.73
N VAL O 225 21.45 15.25 49.60
CA VAL O 225 22.57 16.18 49.42
C VAL O 225 23.06 16.06 47.99
N PHE O 226 23.92 16.99 47.60
CA PHE O 226 24.28 17.17 46.19
C PHE O 226 25.79 17.26 46.02
N PRO O 227 26.44 16.14 45.74
CA PRO O 227 27.87 16.17 45.38
C PRO O 227 28.03 16.54 43.90
N SER O 228 29.28 16.53 43.46
CA SER O 228 29.57 16.85 42.07
C SER O 228 29.24 15.68 41.17
N GLN O 229 28.86 15.98 39.94
CA GLN O 229 28.47 14.96 38.98
C GLN O 229 29.62 14.64 38.04
N GLU O 230 29.86 13.36 37.83
CA GLU O 230 30.89 12.91 36.93
C GLU O 230 30.35 12.81 35.50
N LEU O 231 31.26 12.55 34.57
CA LEU O 231 30.92 12.42 33.17
C LEU O 231 30.48 11.01 32.86
N ILE O 232 29.50 10.88 31.97
CA ILE O 232 29.01 9.58 31.53
C ILE O 232 29.25 9.47 30.03
N LEU O 233 29.92 8.39 29.64
CA LEU O 233 30.46 8.22 28.29
C LEU O 233 29.41 7.71 27.30
N ASP O 234 28.27 8.39 27.22
CA ASP O 234 27.15 8.08 26.31
C ASP O 234 26.66 6.64 26.54
N LYS O 235 26.62 6.23 27.80
CA LYS O 235 26.10 4.92 28.19
C LYS O 235 24.61 4.97 28.51
N GLY O 236 23.88 5.93 27.95
CA GLY O 236 22.44 6.03 28.07
C GLY O 236 21.67 5.35 26.96
N ASP O 237 22.35 4.78 25.98
CA ASP O 237 21.69 4.02 24.93
C ASP O 237 22.24 2.61 24.76
N LYS O 238 23.56 2.42 24.87
CA LYS O 238 24.12 1.08 24.70
C LYS O 238 23.94 0.24 25.96
N LYS O 239 24.49 0.70 27.09
CA LYS O 239 24.19 0.09 28.38
C LYS O 239 22.89 0.64 28.94
N GLY O 240 22.59 1.89 28.63
CA GLY O 240 21.28 2.47 28.88
C GLY O 240 20.97 3.01 30.24
N GLN O 241 21.34 2.29 31.29
CA GLN O 241 20.68 2.49 32.56
C GLN O 241 21.38 3.53 33.45
N LYS O 242 22.71 3.55 33.51
CA LYS O 242 23.39 4.48 34.39
C LYS O 242 23.38 5.86 33.74
N SER O 243 22.61 6.78 34.30
CA SER O 243 22.42 8.10 33.72
C SER O 243 22.83 9.22 34.65
N LYS O 244 23.38 8.91 35.82
CA LYS O 244 23.91 9.93 36.71
C LYS O 244 24.97 9.30 37.58
N THR O 245 26.14 9.92 37.64
CA THR O 245 27.24 9.47 38.48
C THR O 245 27.70 10.62 39.35
N LEU O 246 27.92 10.34 40.63
CA LEU O 246 28.31 11.35 41.59
C LEU O 246 29.76 11.16 41.99
N TYR O 247 30.44 12.27 42.25
CA TYR O 247 31.85 12.24 42.58
C TYR O 247 32.05 11.72 44.00
N SER O 248 33.07 10.89 44.18
CA SER O 248 33.37 10.32 45.49
C SER O 248 34.87 10.10 45.60
N VAL O 249 35.46 10.51 46.71
CA VAL O 249 36.91 10.38 46.84
C VAL O 249 37.29 8.98 47.32
N ARG O 250 36.92 8.62 48.53
CA ARG O 250 37.11 7.24 48.98
C ARG O 250 35.88 6.77 49.72
N ASP O 251 34.90 6.27 48.97
CA ASP O 251 33.57 5.88 49.47
C ASP O 251 32.91 6.99 50.29
N ALA O 252 33.13 8.23 49.90
CA ALA O 252 32.60 9.40 50.58
C ALA O 252 32.20 10.40 49.51
N ALA O 253 30.95 10.86 49.57
CA ALA O 253 30.46 11.82 48.58
C ALA O 253 31.21 13.14 48.69
N ALA O 254 31.56 13.71 47.55
CA ALA O 254 32.50 14.82 47.54
C ALA O 254 32.13 15.82 46.46
N ILE O 255 32.60 17.04 46.66
CA ILE O 255 32.49 18.11 45.69
C ILE O 255 33.86 18.31 45.07
N HIS O 256 33.89 18.60 43.77
CA HIS O 256 35.14 18.89 43.08
C HIS O 256 35.80 20.14 43.66
N SER O 257 37.12 20.21 43.56
CA SER O 257 37.82 21.35 44.11
C SER O 257 37.57 22.59 43.27
N GLN O 258 37.36 22.43 41.97
CA GLN O 258 37.11 23.58 41.13
C GLN O 258 35.69 24.12 41.29
N LYS O 259 34.76 23.32 41.80
CA LYS O 259 33.45 23.83 42.16
C LYS O 259 33.55 24.77 43.36
N ILE O 260 34.32 24.36 44.36
CA ILE O 260 34.62 25.22 45.51
C ILE O 260 35.37 26.46 45.07
N GLY O 261 36.31 26.30 44.13
CA GLY O 261 37.05 27.44 43.64
C GLY O 261 36.22 28.42 42.85
N ASN O 262 35.22 27.92 42.12
CA ASN O 262 34.29 28.81 41.45
C ASN O 262 33.40 29.54 42.45
N ALA O 263 33.04 28.87 43.53
CA ALA O 263 32.24 29.54 44.56
C ALA O 263 33.04 30.53 45.35
N LEU O 264 34.37 30.38 45.42
CA LEU O 264 35.18 31.29 46.20
C LEU O 264 35.35 32.63 45.52
N ARG O 265 35.60 32.62 44.22
CA ARG O 265 35.90 33.84 43.48
C ARG O 265 34.66 34.50 42.89
N THR O 266 33.48 34.24 43.47
CA THR O 266 32.25 34.90 43.05
C THR O 266 32.22 36.28 43.72
N ILE O 267 33.01 37.19 43.18
CA ILE O 267 33.28 38.46 43.84
C ILE O 267 33.03 39.62 42.89
N ASP O 268 32.86 39.33 41.60
CA ASP O 268 32.77 40.36 40.58
C ASP O 268 31.41 41.05 40.65
N THR O 269 31.38 42.26 41.19
CA THR O 269 30.17 43.08 41.21
C THR O 269 30.27 44.26 40.27
N TRP O 270 31.36 44.37 39.50
CA TRP O 270 31.64 45.56 38.72
C TRP O 270 31.36 45.38 37.23
N TYR O 271 30.54 44.41 36.88
CA TYR O 271 30.30 44.17 35.46
C TYR O 271 29.33 45.21 34.90
N PRO O 272 29.50 45.62 33.64
CA PRO O 272 28.82 46.83 33.15
C PRO O 272 27.32 46.70 32.95
N ASP O 273 26.76 45.49 32.97
CA ASP O 273 25.32 45.36 32.73
C ASP O 273 24.53 45.91 33.91
N GLU O 274 24.70 45.32 35.09
CA GLU O 274 24.03 45.79 36.29
C GLU O 274 24.83 45.30 37.49
N ASP O 275 24.33 45.61 38.68
CA ASP O 275 24.87 45.07 39.90
C ASP O 275 23.78 44.69 40.90
N GLY O 276 22.50 44.84 40.54
CA GLY O 276 21.43 44.33 41.35
C GLY O 276 21.26 42.83 41.26
N LEU O 277 21.90 42.19 40.27
CA LEU O 277 21.84 40.74 40.14
C LEU O 277 22.81 40.04 41.09
N GLY O 278 23.82 40.75 41.58
CA GLY O 278 24.74 40.18 42.54
C GLY O 278 26.09 39.86 41.94
N PRO O 279 26.98 39.31 42.76
CA PRO O 279 28.32 38.98 42.28
C PRO O 279 28.32 37.74 41.40
N ILE O 280 29.20 37.76 40.40
CA ILE O 280 29.46 36.60 39.55
C ILE O 280 30.93 36.22 39.73
N ALA O 281 31.27 35.03 39.23
CA ALA O 281 32.65 34.57 39.33
C ALA O 281 33.53 35.33 38.34
N VAL O 282 34.74 35.65 38.77
CA VAL O 282 35.66 36.38 37.90
C VAL O 282 36.16 35.45 36.80
N GLU O 283 36.01 35.90 35.55
CA GLU O 283 36.41 35.13 34.39
C GLU O 283 36.64 36.11 33.26
N PRO O 284 37.55 35.82 32.33
CA PRO O 284 37.65 36.63 31.12
C PRO O 284 36.38 36.48 30.31
N TYR O 285 35.82 37.62 29.89
CA TYR O 285 34.44 37.74 29.41
C TYR O 285 33.48 37.09 30.39
N GLY O 286 33.36 37.73 31.57
CA GLY O 286 32.75 37.13 32.74
C GLY O 286 31.34 36.62 32.55
N SER O 287 31.23 35.30 32.47
CA SER O 287 30.07 34.64 31.90
C SER O 287 29.52 33.61 32.87
N VAL O 288 28.21 33.43 32.80
CA VAL O 288 27.51 32.43 33.59
C VAL O 288 26.85 31.46 32.61
N THR O 289 27.20 30.18 32.73
CA THR O 289 26.65 29.17 31.84
C THR O 289 25.18 28.92 32.13
N SER O 290 24.77 29.08 33.40
CA SER O 290 23.36 28.90 33.76
C SER O 290 22.49 30.01 33.21
N GLN O 291 23.07 31.13 32.81
CA GLN O 291 22.34 32.15 32.09
C GLN O 291 22.66 32.17 30.60
N GLY O 292 23.68 31.44 30.18
CA GLY O 292 24.04 31.36 28.77
C GLY O 292 24.52 32.65 28.18
N LYS O 293 25.03 33.55 29.02
CA LYS O 293 25.30 34.92 28.61
C LYS O 293 26.68 35.34 29.11
N ALA O 294 27.31 36.22 28.37
CA ALA O 294 28.56 36.82 28.78
C ALA O 294 28.32 38.27 29.20
N TYR O 295 28.43 38.54 30.49
CA TYR O 295 28.78 39.89 30.88
C TYR O 295 30.24 40.12 30.55
N ARG O 296 30.63 41.40 30.55
CA ARG O 296 31.95 41.84 30.09
C ARG O 296 32.25 41.34 28.68
N GLN O 297 31.34 41.65 27.76
CA GLN O 297 31.55 41.35 26.35
C GLN O 297 32.74 42.14 25.82
N PRO O 298 33.47 41.58 24.85
CA PRO O 298 34.62 42.32 24.29
C PRO O 298 34.23 43.48 23.39
N LYS O 299 32.96 43.60 23.00
CA LYS O 299 32.53 44.80 22.28
C LYS O 299 32.55 46.01 23.19
N GLN O 300 32.02 45.88 24.39
CA GLN O 300 32.33 46.85 25.44
C GLN O 300 33.78 46.69 25.84
N LYS O 301 34.36 47.78 26.34
CA LYS O 301 35.78 47.74 26.66
C LYS O 301 36.02 47.38 28.12
N LEU O 302 35.44 46.27 28.58
CA LEU O 302 35.54 45.91 29.99
C LEU O 302 35.86 44.44 30.24
N ASP O 303 36.15 43.66 29.21
CA ASP O 303 36.63 42.31 29.45
C ASP O 303 38.08 42.35 29.95
N PHE O 304 38.58 41.19 30.35
CA PHE O 304 39.88 41.13 31.01
C PHE O 304 41.02 41.42 30.05
N TYR O 305 40.88 41.00 28.79
CA TYR O 305 41.99 41.09 27.85
C TYR O 305 42.25 42.54 27.44
N THR O 306 41.19 43.28 27.09
CA THR O 306 41.37 44.67 26.71
C THR O 306 41.79 45.53 27.89
N LEU O 307 41.28 45.23 29.09
CA LEU O 307 41.70 45.97 30.28
C LEU O 307 43.17 45.72 30.60
N LEU O 308 43.62 44.47 30.47
CA LEU O 308 45.02 44.16 30.72
C LEU O 308 45.93 44.77 29.67
N ASP O 309 45.49 44.78 28.41
CA ASP O 309 46.30 45.37 27.35
C ASP O 309 46.38 46.88 27.49
N ASN O 310 45.29 47.53 27.88
CA ASN O 310 45.35 48.97 28.10
C ASN O 310 46.16 49.32 29.34
N TRP O 311 46.11 48.49 30.37
CA TRP O 311 46.85 48.80 31.59
C TRP O 311 48.35 48.58 31.41
N VAL O 312 48.73 47.53 30.68
CA VAL O 312 50.14 47.17 30.61
C VAL O 312 50.83 47.80 29.41
N LEU O 313 50.24 47.67 28.22
CA LEU O 313 50.92 48.12 27.02
C LEU O 313 50.84 49.64 26.85
N ARG O 314 49.63 50.19 26.88
CA ARG O 314 49.43 51.61 26.63
C ARG O 314 49.36 52.45 27.90
N ASP O 315 49.58 51.83 29.06
CA ASP O 315 49.62 52.48 30.39
C ASP O 315 48.31 53.19 30.73
N GLU O 316 47.20 52.79 30.12
CA GLU O 316 45.90 53.35 30.44
C GLU O 316 45.35 52.56 31.62
N ALA O 317 45.64 53.03 32.82
CA ALA O 317 45.13 52.37 34.01
C ALA O 317 43.62 52.57 34.09
N PRO O 318 42.84 51.51 34.21
CA PRO O 318 41.40 51.67 34.34
C PRO O 318 40.98 52.14 35.72
N ALA O 319 39.67 52.15 35.99
CA ALA O 319 39.19 52.49 37.32
C ALA O 319 39.65 51.46 38.35
N VAL O 320 39.57 51.85 39.62
CA VAL O 320 40.08 51.01 40.71
C VAL O 320 39.29 49.72 40.81
N GLU O 321 38.00 49.76 40.47
CA GLU O 321 37.16 48.57 40.46
C GLU O 321 37.58 47.61 39.35
N GLN O 322 37.86 48.15 38.16
CA GLN O 322 38.36 47.30 37.08
C GLN O 322 39.77 46.80 37.36
N GLN O 323 40.55 47.56 38.12
CA GLN O 323 41.85 47.07 38.57
C GLN O 323 41.68 45.89 39.52
N HIS O 324 40.69 45.95 40.40
CA HIS O 324 40.37 44.82 41.26
C HIS O 324 39.96 43.61 40.44
N TYR O 325 39.20 43.83 39.36
CA TYR O 325 38.79 42.73 38.48
C TYR O 325 40.00 42.09 37.78
N VAL O 326 40.93 42.90 37.29
CA VAL O 326 42.10 42.36 36.60
C VAL O 326 43.02 41.62 37.56
N ILE O 327 43.17 42.14 38.78
CA ILE O 327 44.02 41.43 39.74
C ILE O 327 43.33 40.16 40.24
N ALA O 328 42.00 40.15 40.30
CA ALA O 328 41.29 38.92 40.61
C ALA O 328 41.45 37.87 39.52
N ASN O 329 41.49 38.31 38.27
CA ASN O 329 41.76 37.37 37.18
C ASN O 329 43.19 36.87 37.19
N LEU O 330 44.13 37.68 37.68
CA LEU O 330 45.50 37.20 37.81
C LEU O 330 45.63 36.22 38.98
N ILE O 331 44.83 36.41 40.03
CA ILE O 331 44.82 35.49 41.15
C ILE O 331 44.19 34.17 40.73
N ARG O 332 43.17 34.23 39.87
CA ARG O 332 42.46 33.04 39.42
C ARG O 332 43.36 32.12 38.60
N GLY O 333 44.27 32.68 37.81
CA GLY O 333 45.15 31.88 36.99
C GLY O 333 44.48 31.45 35.70
N GLY O 334 45.30 31.08 34.73
CA GLY O 334 44.76 30.64 33.47
C GLY O 334 45.80 30.73 32.38
N VAL O 335 45.38 30.34 31.18
CA VAL O 335 46.21 30.36 29.99
C VAL O 335 45.75 31.55 29.16
N PHE O 336 46.52 32.63 29.20
CA PHE O 336 46.20 33.85 28.48
C PHE O 336 47.20 34.04 27.35
N GLY O 337 46.82 33.68 26.14
CA GLY O 337 47.76 33.74 25.05
C GLY O 337 47.05 33.71 23.72
N GLU O 338 47.84 33.88 22.67
CA GLU O 338 47.30 34.03 21.32
C GLU O 338 46.79 32.68 20.83
N ALA O 339 45.47 32.51 20.87
CA ALA O 339 44.84 31.28 20.42
C ALA O 339 43.65 31.58 19.51
N LEU P 6 94.17 20.04 13.48
CA LEU P 6 93.28 19.41 14.45
C LEU P 6 91.88 20.01 14.38
N SER P 7 90.87 19.14 14.27
CA SER P 7 89.49 19.56 14.23
C SER P 7 88.70 18.74 15.24
N THR P 8 87.44 19.11 15.42
CA THR P 8 86.59 18.34 16.33
C THR P 8 86.13 17.05 15.65
N ALA P 9 85.77 16.08 16.47
CA ALA P 9 85.38 14.77 15.96
C ALA P 9 83.98 14.82 15.36
N SER P 10 83.71 13.89 14.43
CA SER P 10 82.39 13.84 13.82
C SER P 10 81.35 13.28 14.77
N VAL P 11 81.62 12.14 15.39
CA VAL P 11 80.75 11.61 16.43
C VAL P 11 81.49 11.75 17.77
N LEU P 12 80.72 12.11 18.79
CA LEU P 12 81.23 12.28 20.14
C LEU P 12 80.03 12.30 21.07
N ALA P 13 80.00 11.38 22.03
CA ALA P 13 78.85 11.25 22.90
C ALA P 13 79.33 11.02 24.32
N PHE P 14 78.67 11.65 25.28
CA PHE P 14 79.01 11.53 26.68
C PHE P 14 77.83 10.91 27.42
N GLU P 15 78.08 9.79 28.09
CA GLU P 15 77.07 9.25 28.99
C GLU P 15 76.96 10.13 30.23
N ARG P 16 75.76 10.19 30.79
CA ARG P 16 75.52 11.08 31.91
C ARG P 16 76.08 10.50 33.20
N LYS P 17 76.81 11.33 33.92
CA LYS P 17 76.99 11.12 35.34
C LYS P 17 75.79 11.77 36.04
N LEU P 18 75.69 11.55 37.35
CA LEU P 18 74.53 11.94 38.17
C LEU P 18 73.24 11.35 37.59
N ASP P 19 73.15 10.04 37.66
CA ASP P 19 71.93 9.33 37.26
C ASP P 19 70.93 9.31 38.40
N PRO P 20 69.77 9.96 38.27
CA PRO P 20 68.73 9.80 39.29
C PRO P 20 67.72 8.73 38.91
N SER P 21 66.97 8.23 39.88
CA SER P 21 65.89 7.31 39.58
C SER P 21 64.59 8.08 39.44
N ASP P 22 63.52 7.38 39.12
CA ASP P 22 62.20 7.98 39.14
C ASP P 22 61.77 8.23 40.58
N ALA P 23 61.35 9.45 40.87
CA ALA P 23 60.97 9.79 42.23
C ALA P 23 59.54 9.34 42.49
N LEU P 24 59.34 8.58 43.56
CA LEU P 24 58.02 8.09 43.91
C LEU P 24 57.44 8.91 45.05
N MET P 25 56.11 9.07 45.00
CA MET P 25 55.38 9.87 45.97
C MET P 25 54.59 8.97 46.91
N SER P 26 54.57 9.34 48.18
CA SER P 26 53.71 8.74 49.18
C SER P 26 53.27 9.83 50.13
N ALA P 27 52.39 9.50 51.06
CA ALA P 27 51.78 10.51 51.90
C ALA P 27 51.75 10.06 53.35
N GLY P 28 51.79 11.04 54.24
CA GLY P 28 51.70 10.73 55.66
C GLY P 28 51.53 11.99 56.47
N ALA P 29 51.61 11.82 57.78
CA ALA P 29 51.52 12.92 58.71
C ALA P 29 52.90 13.43 59.07
N TRP P 30 52.99 14.73 59.30
CA TRP P 30 54.21 15.32 59.83
C TRP P 30 54.45 14.82 61.25
N ALA P 31 55.73 14.75 61.62
CA ALA P 31 56.30 14.17 62.84
C ALA P 31 56.15 12.66 62.92
N GLN P 32 55.60 12.01 61.90
CA GLN P 32 55.77 10.57 61.72
C GLN P 32 56.75 10.27 60.60
N ARG P 33 57.47 11.30 60.13
CA ARG P 33 58.33 11.15 58.95
C ARG P 33 59.57 10.34 59.23
N ASP P 34 59.91 10.09 60.49
CA ASP P 34 61.00 9.16 60.79
C ASP P 34 60.55 7.72 60.65
N ALA P 35 59.26 7.46 60.82
CA ALA P 35 58.67 6.14 60.59
C ALA P 35 58.00 6.06 59.23
N SER P 36 58.53 6.77 58.24
CA SER P 36 57.88 6.91 56.93
C SER P 36 58.39 5.85 55.96
N GLN P 37 58.23 4.59 56.35
CA GLN P 37 58.58 3.48 55.49
C GLN P 37 57.38 2.75 54.92
N GLU P 38 56.29 2.68 55.67
CA GLU P 38 55.05 2.08 55.20
C GLU P 38 54.01 3.13 54.86
N TRP P 39 54.45 4.32 54.47
CA TRP P 39 53.53 5.35 54.04
C TRP P 39 52.88 4.94 52.72
N PRO P 40 51.56 4.99 52.61
CA PRO P 40 50.92 4.55 51.38
C PRO P 40 51.13 5.53 50.24
N ALA P 41 51.19 4.98 49.03
CA ALA P 41 51.51 5.78 47.85
C ALA P 41 50.37 6.73 47.49
N VAL P 42 50.74 7.83 46.86
CA VAL P 42 49.76 8.77 46.33
C VAL P 42 49.25 8.21 45.00
N THR P 43 47.94 8.02 44.90
CA THR P 43 47.34 7.41 43.74
C THR P 43 46.83 8.46 42.78
N VAL P 44 46.85 8.13 41.50
CA VAL P 44 46.30 8.99 40.46
C VAL P 44 44.85 8.58 40.23
N ARG P 45 43.94 9.52 40.40
CA ARG P 45 42.53 9.29 40.16
C ARG P 45 42.08 10.09 38.95
N GLU P 46 40.82 9.94 38.58
CA GLU P 46 40.22 10.71 37.51
C GLU P 46 39.11 11.57 38.09
N LYS P 47 38.89 12.72 37.46
CA LYS P 47 37.72 13.52 37.79
C LYS P 47 37.24 14.22 36.54
N SER P 48 36.05 14.79 36.63
CA SER P 48 35.41 15.47 35.51
C SER P 48 35.63 16.96 35.63
N VAL P 49 35.89 17.60 34.50
CA VAL P 49 36.14 19.04 34.47
C VAL P 49 35.31 19.65 33.35
N ARG P 50 34.48 20.62 33.68
CA ARG P 50 33.74 21.38 32.69
C ARG P 50 34.53 22.64 32.36
N GLY P 51 34.97 22.76 31.11
CA GLY P 51 35.82 23.87 30.72
C GLY P 51 35.02 25.08 30.31
N THR P 52 35.33 26.21 30.93
CA THR P 52 34.75 27.48 30.53
C THR P 52 35.50 28.06 29.34
N ILE P 53 34.98 29.16 28.81
CA ILE P 53 35.59 29.85 27.68
C ILE P 53 36.45 30.98 28.23
N SER P 54 37.77 30.85 28.11
CA SER P 54 38.68 31.84 28.66
C SER P 54 39.82 32.21 27.75
N ASN P 55 39.86 31.71 26.52
CA ASN P 55 40.96 32.03 25.63
C ASN P 55 40.76 33.42 25.03
N ARG P 56 41.82 33.91 24.39
CA ARG P 56 41.69 35.09 23.57
C ARG P 56 40.89 34.76 22.32
N LEU P 57 39.97 35.63 21.98
CA LEU P 57 39.17 35.42 20.78
C LEU P 57 39.87 36.06 19.59
N LYS P 58 39.47 35.60 18.39
CA LYS P 58 40.16 36.00 17.17
C LYS P 58 39.84 37.44 16.76
N THR P 59 38.77 38.03 17.31
CA THR P 59 38.11 39.30 16.96
C THR P 59 37.46 39.29 15.58
N LYS P 60 37.58 38.20 14.82
CA LYS P 60 36.65 37.85 13.76
C LYS P 60 35.57 36.92 14.29
N ASP P 61 35.66 36.53 15.56
CA ASP P 61 34.65 35.72 16.23
C ASP P 61 34.24 36.34 17.55
N ARG P 62 34.40 37.66 17.70
CA ARG P 62 34.03 38.38 18.90
C ARG P 62 32.61 38.93 18.85
N ASP P 63 31.77 38.39 17.97
CA ASP P 63 30.36 38.77 17.94
C ASP P 63 29.67 38.22 19.17
N PRO P 64 28.76 38.99 19.80
CA PRO P 64 28.19 38.56 21.08
C PRO P 64 27.28 37.36 20.98
N ALA P 65 26.58 37.17 19.86
CA ALA P 65 25.71 36.01 19.72
C ALA P 65 26.52 34.73 19.60
N LYS P 66 27.64 34.77 18.88
CA LYS P 66 28.49 33.59 18.77
C LYS P 66 29.18 33.27 20.08
N LEU P 67 29.53 34.31 20.85
CA LEU P 67 30.14 34.10 22.16
C LEU P 67 29.16 33.47 23.13
N ASP P 68 27.91 33.95 23.16
CA ASP P 68 26.91 33.35 24.02
C ASP P 68 26.53 31.95 23.56
N ALA P 69 26.57 31.69 22.25
CA ALA P 69 26.29 30.35 21.77
C ALA P 69 27.41 29.38 22.14
N SER P 70 28.65 29.85 22.20
CA SER P 70 29.73 28.99 22.67
C SER P 70 29.66 28.77 24.17
N ILE P 71 29.20 29.78 24.91
CA ILE P 71 29.10 29.66 26.36
C ILE P 71 27.95 28.73 26.76
N GLN P 72 26.88 28.68 25.94
CA GLN P 72 25.73 27.86 26.27
C GLN P 72 26.03 26.36 26.20
N SER P 73 26.99 25.96 25.37
CA SER P 73 27.36 24.55 25.22
C SER P 73 28.82 24.40 25.59
N PRO P 74 29.15 24.20 26.86
CA PRO P 74 30.54 24.05 27.25
C PRO P 74 31.01 22.61 27.05
N ASN P 75 32.32 22.47 26.89
CA ASN P 75 32.91 21.16 26.67
C ASN P 75 33.43 20.58 27.97
N LEU P 76 33.62 19.26 27.97
CA LEU P 76 33.90 18.53 29.19
C LEU P 76 35.02 17.54 28.97
N GLN P 77 35.88 17.40 29.99
CA GLN P 77 37.02 16.51 29.90
C GLN P 77 37.09 15.64 31.14
N THR P 78 37.89 14.59 31.04
CA THR P 78 38.32 13.78 32.16
C THR P 78 39.78 14.08 32.41
N VAL P 79 40.15 14.27 33.66
CA VAL P 79 41.46 14.78 34.03
C VAL P 79 42.02 13.89 35.13
N ASP P 80 43.25 13.41 34.92
CA ASP P 80 43.99 12.74 35.98
C ASP P 80 44.41 13.74 37.04
N VAL P 81 44.25 13.36 38.30
CA VAL P 81 44.55 14.24 39.42
C VAL P 81 45.19 13.42 40.52
N ALA P 82 46.02 14.08 41.33
CA ALA P 82 46.66 13.44 42.46
C ALA P 82 46.57 14.37 43.65
N ASN P 83 45.99 13.88 44.74
CA ASN P 83 45.85 14.65 45.97
C ASN P 83 46.45 13.87 47.12
N LEU P 84 46.75 14.58 48.20
CA LEU P 84 47.01 13.91 49.45
C LEU P 84 45.70 13.38 50.00
N PRO P 85 45.75 12.39 50.88
CA PRO P 85 44.56 12.00 51.63
C PRO P 85 44.11 13.13 52.55
N SER P 86 42.84 13.07 52.93
CA SER P 86 42.25 14.12 53.74
C SER P 86 42.76 14.14 55.17
N ASP P 87 43.41 13.07 55.62
CA ASP P 87 43.98 13.00 56.95
C ASP P 87 45.49 13.14 56.97
N ALA P 88 46.14 13.21 55.81
CA ALA P 88 47.58 13.35 55.72
C ALA P 88 47.92 14.74 55.18
N ASP P 89 48.98 15.33 55.72
CA ASP P 89 49.36 16.68 55.33
C ASP P 89 50.77 16.78 54.79
N THR P 90 51.50 15.67 54.67
CA THR P 90 52.89 15.69 54.28
C THR P 90 53.12 14.77 53.10
N LEU P 91 53.73 15.30 52.05
CA LEU P 91 54.12 14.55 50.87
C LEU P 91 55.57 14.09 51.03
N LYS P 92 55.81 12.81 50.82
CA LYS P 92 57.14 12.24 50.82
C LYS P 92 57.51 11.85 49.40
N VAL P 93 58.66 12.31 48.93
CA VAL P 93 59.14 12.03 47.58
C VAL P 93 60.53 11.42 47.71
N ARG P 94 60.68 10.21 47.18
CA ARG P 94 61.90 9.42 47.39
C ARG P 94 62.51 9.04 46.05
N PHE P 95 63.84 9.18 45.94
CA PHE P 95 64.56 8.66 44.79
C PHE P 95 65.97 8.30 45.20
N THR P 96 66.69 7.65 44.29
CA THR P 96 68.11 7.34 44.46
C THR P 96 68.91 8.01 43.35
N LEU P 97 70.11 8.42 43.70
CA LEU P 97 71.00 9.12 42.77
C LEU P 97 72.40 8.54 42.90
N ARG P 98 72.99 8.11 41.79
CA ARG P 98 74.36 7.63 41.82
C ARG P 98 75.29 8.65 41.17
N VAL P 99 76.40 8.90 41.85
CA VAL P 99 77.50 9.69 41.31
C VAL P 99 78.61 8.70 40.95
N LEU P 100 79.02 8.74 39.68
CA LEU P 100 79.85 7.74 39.05
C LEU P 100 81.31 8.17 38.92
N GLY P 101 81.58 9.28 38.25
CA GLY P 101 82.95 9.70 38.01
C GLY P 101 83.44 9.32 36.63
N GLY P 102 84.57 9.92 36.27
CA GLY P 102 85.13 9.73 34.94
C GLY P 102 84.39 10.57 33.91
N ALA P 103 84.23 11.86 34.20
CA ALA P 103 83.36 12.72 33.41
C ALA P 103 83.98 13.22 32.12
N GLY P 104 85.28 13.07 31.93
CA GLY P 104 85.91 13.58 30.74
C GLY P 104 85.87 12.63 29.57
N THR P 105 85.84 11.34 29.86
CA THR P 105 85.96 10.32 28.82
C THR P 105 84.65 10.19 28.06
N PRO P 106 84.65 10.36 26.75
CA PRO P 106 83.43 10.14 25.98
C PRO P 106 83.18 8.66 25.72
N SER P 107 81.93 8.33 25.47
CA SER P 107 81.55 6.96 25.15
C SER P 107 81.62 6.67 23.65
N ALA P 108 81.88 7.68 22.83
CA ALA P 108 82.05 7.49 21.40
C ALA P 108 82.96 8.60 20.88
N CYS P 109 83.81 8.26 19.93
CA CYS P 109 84.69 9.23 19.30
C CYS P 109 85.14 8.69 17.94
N ASN P 110 85.60 9.59 17.08
CA ASN P 110 86.28 9.21 15.84
C ASN P 110 87.77 9.49 15.90
N ASP P 111 88.14 10.74 16.17
CA ASP P 111 89.53 11.15 16.17
C ASP P 111 90.19 10.72 17.46
N ALA P 112 91.36 10.09 17.35
CA ALA P 112 92.12 9.76 18.55
C ALA P 112 92.82 10.99 19.13
N ALA P 113 93.28 11.90 18.27
CA ALA P 113 93.97 13.09 18.74
C ALA P 113 93.02 14.03 19.45
N TYR P 114 91.76 14.12 18.98
CA TYR P 114 90.78 14.97 19.62
C TYR P 114 90.41 14.46 21.00
N ARG P 115 90.22 13.14 21.16
CA ARG P 115 89.88 12.63 22.47
C ARG P 115 91.08 12.65 23.42
N ASP P 116 92.31 12.53 22.90
CA ASP P 116 93.47 12.69 23.77
C ASP P 116 93.62 14.13 24.24
N LYS P 117 93.42 15.10 23.34
CA LYS P 117 93.49 16.51 23.72
C LYS P 117 92.39 16.88 24.69
N LEU P 118 91.19 16.34 24.49
CA LEU P 118 90.08 16.58 25.39
C LEU P 118 90.33 15.95 26.76
N LEU P 119 90.92 14.75 26.77
CA LEU P 119 91.21 14.08 28.03
C LEU P 119 92.26 14.83 28.83
N GLN P 120 93.30 15.35 28.18
CA GLN P 120 94.28 16.10 28.95
C GLN P 120 93.76 17.48 29.31
N THR P 121 92.81 18.03 28.55
CA THR P 121 92.19 19.30 28.94
C THR P 121 91.36 19.13 30.20
N VAL P 122 90.55 18.07 30.26
CA VAL P 122 89.79 17.78 31.47
C VAL P 122 90.71 17.43 32.63
N ALA P 123 91.82 16.74 32.35
CA ALA P 123 92.78 16.40 33.40
C ALA P 123 93.44 17.64 33.98
N THR P 124 93.79 18.60 33.12
CA THR P 124 94.31 19.87 33.62
C THR P 124 93.26 20.65 34.38
N TYR P 125 91.98 20.56 33.98
CA TYR P 125 90.91 21.21 34.73
C TYR P 125 90.80 20.63 36.14
N VAL P 126 90.86 19.31 36.25
CA VAL P 126 90.81 18.66 37.56
C VAL P 126 92.06 19.02 38.38
N ASN P 127 93.20 19.21 37.71
CA ASN P 127 94.42 19.51 38.45
C ASN P 127 94.45 20.95 38.94
N GLU P 128 93.85 21.90 38.20
CA GLU P 128 93.81 23.28 38.69
C GLU P 128 92.93 23.41 39.92
N GLN P 129 91.71 22.90 39.84
CA GLN P 129 90.82 22.83 40.98
C GLN P 129 89.99 21.56 40.86
N GLY P 130 89.50 21.07 41.98
CA GLY P 130 88.73 19.85 41.98
C GLY P 130 87.34 20.03 41.43
N PHE P 131 86.47 19.09 41.75
CA PHE P 131 85.06 19.21 41.43
C PHE P 131 84.29 19.96 42.52
N ALA P 132 84.97 20.74 43.35
CA ALA P 132 84.39 21.25 44.59
C ALA P 132 83.31 22.29 44.34
N GLU P 133 83.48 23.12 43.31
CA GLU P 133 82.46 24.13 43.00
C GLU P 133 81.22 23.47 42.43
N LEU P 134 81.40 22.57 41.46
CA LEU P 134 80.26 21.90 40.84
C LEU P 134 79.55 20.98 41.83
N ALA P 135 80.30 20.22 42.62
CA ALA P 135 79.68 19.37 43.62
C ALA P 135 79.07 20.17 44.75
N ARG P 136 79.60 21.36 45.03
CA ARG P 136 78.99 22.25 46.01
C ARG P 136 77.62 22.72 45.52
N ARG P 137 77.53 23.08 44.24
CA ARG P 137 76.25 23.52 43.71
C ARG P 137 75.27 22.35 43.53
N TYR P 138 75.76 21.15 43.22
CA TYR P 138 74.89 19.98 43.17
C TYR P 138 74.37 19.62 44.55
N ALA P 139 75.23 19.72 45.57
CA ALA P 139 74.79 19.49 46.94
C ALA P 139 73.82 20.55 47.40
N HIS P 140 73.95 21.78 46.89
CA HIS P 140 72.97 22.81 47.20
C HIS P 140 71.61 22.48 46.58
N ASN P 141 71.60 22.08 45.31
CA ASN P 141 70.35 21.70 44.66
C ASN P 141 69.74 20.43 45.24
N LEU P 142 70.54 19.60 45.90
CA LEU P 142 69.97 18.52 46.69
C LEU P 142 69.48 18.99 48.05
N ALA P 143 70.12 20.03 48.62
CA ALA P 143 69.80 20.46 49.97
C ALA P 143 68.46 21.17 50.01
N ASN P 144 68.31 22.23 49.22
CA ASN P 144 66.97 22.72 48.96
C ASN P 144 66.28 21.73 48.06
N ALA P 145 64.98 21.56 48.24
CA ALA P 145 64.27 20.51 47.51
C ALA P 145 63.75 21.09 46.20
N ARG P 146 64.70 21.48 45.34
CA ARG P 146 64.37 22.03 44.04
C ARG P 146 63.76 20.98 43.12
N PHE P 147 64.03 19.70 43.36
CA PHE P 147 63.43 18.63 42.59
C PHE P 147 61.94 18.47 42.85
N LEU P 148 61.43 18.96 43.97
CA LEU P 148 60.00 19.20 44.13
C LEU P 148 59.71 20.47 43.35
N TRP P 149 59.14 20.34 42.16
CA TRP P 149 59.05 21.51 41.29
C TRP P 149 57.94 22.44 41.73
N ARG P 150 56.70 21.97 41.67
CA ARG P 150 55.58 22.76 42.14
C ARG P 150 55.12 22.34 43.53
N ASN P 151 55.57 21.19 44.01
CA ASN P 151 55.24 20.75 45.35
C ASN P 151 55.95 21.56 46.41
N ARG P 152 57.06 22.21 46.06
CA ARG P 152 57.77 23.08 46.98
C ARG P 152 57.12 24.44 47.11
N VAL P 153 56.35 24.86 46.11
CA VAL P 153 55.79 26.21 46.07
C VAL P 153 54.68 26.33 47.11
N GLY P 154 54.84 27.26 48.04
CA GLY P 154 53.85 27.46 49.06
C GLY P 154 53.80 26.39 50.12
N ALA P 155 54.88 25.63 50.29
CA ALA P 155 54.93 24.64 51.35
C ALA P 155 55.20 25.34 52.68
N GLU P 156 54.71 24.72 53.76
CA GLU P 156 54.95 25.28 55.08
C GLU P 156 56.36 24.97 55.54
N ALA P 157 56.78 23.72 55.41
CA ALA P 157 58.11 23.31 55.83
C ALA P 157 58.56 22.15 54.97
N VAL P 158 59.78 22.22 54.46
CA VAL P 158 60.38 21.16 53.66
C VAL P 158 61.62 20.66 54.39
N GLU P 159 61.77 19.34 54.45
CA GLU P 159 62.91 18.71 55.10
C GLU P 159 63.47 17.62 54.18
N VAL P 160 64.77 17.64 53.95
CA VAL P 160 65.41 16.66 53.07
C VAL P 160 66.31 15.78 53.91
N ARG P 161 66.13 14.47 53.78
CA ARG P 161 67.00 13.47 54.39
C ARG P 161 67.81 12.80 53.28
N ILE P 162 69.12 12.89 53.37
CA ILE P 162 70.02 12.31 52.38
C ILE P 162 70.86 11.24 53.05
N ASN P 163 70.88 10.05 52.46
CA ASN P 163 71.60 8.92 53.04
C ASN P 163 72.64 8.44 52.05
N HIS P 164 73.91 8.58 52.40
CA HIS P 164 74.96 7.89 51.66
C HIS P 164 74.92 6.43 52.03
N ILE P 165 74.74 5.58 51.02
CA ILE P 165 74.49 4.16 51.18
C ILE P 165 75.70 3.44 50.59
N ARG P 166 76.56 2.90 51.45
CA ARG P 166 77.84 2.34 51.02
C ARG P 166 77.76 0.84 50.76
N GLN P 167 77.45 0.06 51.79
CA GLN P 167 77.00 -1.31 51.61
C GLN P 167 75.48 -1.27 51.55
N GLY P 168 74.81 -2.40 51.75
CA GLY P 168 73.35 -2.39 51.79
C GLY P 168 72.70 -1.62 52.92
N GLU P 169 73.47 -0.99 53.80
CA GLU P 169 72.96 -0.17 54.89
C GLU P 169 73.48 1.25 54.74
N VAL P 170 72.91 2.15 55.54
CA VAL P 170 73.22 3.57 55.47
C VAL P 170 74.60 3.83 56.07
N ALA P 171 75.45 4.50 55.30
CA ALA P 171 76.75 4.93 55.81
C ALA P 171 76.70 6.30 56.46
N ARG P 172 75.97 7.25 55.89
CA ARG P 172 75.92 8.56 56.54
C ARG P 172 74.56 9.21 56.27
N THR P 173 74.17 10.11 57.18
CA THR P 173 72.86 10.76 57.17
C THR P 173 73.03 12.27 57.24
N TRP P 174 72.39 12.97 56.30
CA TRP P 174 72.27 14.42 56.31
C TRP P 174 70.82 14.83 56.47
N ARG P 175 70.62 15.94 57.18
CA ARG P 175 69.29 16.49 57.46
C ARG P 175 69.31 17.97 57.11
N PHE P 176 68.48 18.38 56.18
CA PHE P 176 68.48 19.75 55.70
C PHE P 176 67.10 20.38 55.81
N ASP P 177 67.07 21.63 56.25
CA ASP P 177 65.86 22.45 56.21
C ASP P 177 65.86 23.15 54.86
N ALA P 178 65.08 22.61 53.92
CA ALA P 178 65.20 23.00 52.52
C ALA P 178 64.65 24.39 52.22
N LEU P 179 63.91 24.99 53.15
CA LEU P 179 63.48 26.37 52.96
C LEU P 179 64.46 27.36 53.54
N ALA P 180 65.30 26.95 54.49
CA ALA P 180 66.37 27.81 54.97
C ALA P 180 67.45 27.98 53.92
N ILE P 181 67.88 26.87 53.32
CA ILE P 181 68.73 26.92 52.14
C ILE P 181 67.88 27.47 51.00
N GLY P 182 68.21 28.65 50.52
CA GLY P 182 67.40 29.28 49.51
C GLY P 182 67.57 28.66 48.15
N LEU P 183 66.74 29.13 47.21
CA LEU P 183 66.88 28.77 45.81
C LEU P 183 67.74 29.77 45.05
N ARG P 184 68.23 30.82 45.72
CA ARG P 184 68.90 31.92 45.03
C ARG P 184 70.42 31.84 45.13
N ASP P 185 70.96 31.83 46.34
CA ASP P 185 72.39 31.96 46.54
C ASP P 185 72.96 30.70 47.18
N PHE P 186 74.27 30.51 46.98
CA PHE P 186 74.97 29.33 47.46
C PHE P 186 75.76 29.69 48.71
N LYS P 187 75.26 29.28 49.87
CA LYS P 187 75.85 29.60 51.16
C LYS P 187 76.98 28.62 51.48
N ALA P 188 77.46 28.67 52.72
CA ALA P 188 78.47 27.73 53.20
C ALA P 188 78.01 27.13 54.51
N ASP P 189 78.08 25.80 54.60
CA ASP P 189 77.60 25.05 55.76
C ASP P 189 78.48 23.83 55.88
N ALA P 190 78.68 23.37 57.13
CA ALA P 190 79.63 22.30 57.38
C ALA P 190 79.13 20.97 56.85
N GLU P 191 77.87 20.62 57.15
CA GLU P 191 77.31 19.36 56.64
C GLU P 191 77.12 19.43 55.13
N LEU P 192 76.79 20.61 54.61
CA LEU P 192 76.67 20.79 53.17
C LEU P 192 78.02 20.66 52.49
N ASP P 193 79.08 21.14 53.12
CA ASP P 193 80.41 20.97 52.55
C ASP P 193 80.88 19.52 52.65
N ALA P 194 80.46 18.79 53.68
CA ALA P 194 80.77 17.36 53.75
C ALA P 194 80.06 16.60 52.63
N LEU P 195 78.80 16.95 52.36
CA LEU P 195 78.07 16.34 51.25
C LEU P 195 78.69 16.71 49.91
N ALA P 196 79.17 17.95 49.79
CA ALA P 196 79.84 18.39 48.58
C ALA P 196 81.15 17.64 48.37
N GLU P 197 81.88 17.36 49.45
CA GLU P 197 83.09 16.59 49.35
C GLU P 197 82.81 15.15 48.96
N LEU P 198 81.69 14.59 49.44
CA LEU P 198 81.31 13.24 49.03
C LEU P 198 80.97 13.18 47.55
N ILE P 199 80.20 14.17 47.06
CA ILE P 199 79.84 14.19 45.64
C ILE P 199 81.08 14.47 44.79
N ALA P 200 82.02 15.28 45.27
CA ALA P 200 83.24 15.54 44.52
C ALA P 200 84.14 14.31 44.48
N SER P 201 84.17 13.54 45.57
CA SER P 201 84.92 12.29 45.56
C SER P 201 84.27 11.25 44.66
N GLY P 202 82.96 11.33 44.51
CA GLY P 202 82.29 10.47 43.54
C GLY P 202 82.58 10.87 42.11
N LEU P 203 82.61 12.18 41.84
CA LEU P 203 82.82 12.68 40.49
C LEU P 203 84.26 12.50 40.02
N SER P 204 85.21 12.41 40.94
CA SER P 204 86.61 12.25 40.58
C SER P 204 87.00 10.80 40.39
N GLY P 205 86.05 9.87 40.47
CA GLY P 205 86.37 8.47 40.34
C GLY P 205 87.02 7.83 41.54
N SER P 206 87.16 8.56 42.64
CA SER P 206 87.79 8.05 43.85
C SER P 206 86.83 7.30 44.75
N GLY P 207 85.64 6.99 44.27
CA GLY P 207 84.68 6.24 45.05
C GLY P 207 83.44 5.99 44.22
N HIS P 208 82.56 5.14 44.76
CA HIS P 208 81.29 4.81 44.14
C HIS P 208 80.21 5.42 45.02
N VAL P 209 79.52 6.45 44.54
CA VAL P 209 78.58 7.17 45.39
C VAL P 209 77.15 6.78 45.01
N LEU P 210 76.40 6.30 46.00
CA LEU P 210 74.97 6.09 45.87
C LEU P 210 74.27 6.76 47.04
N LEU P 211 73.28 7.60 46.73
CA LEU P 211 72.55 8.37 47.72
C LEU P 211 71.07 8.06 47.62
N GLU P 212 70.42 8.00 48.76
CA GLU P 212 68.97 7.94 48.83
C GLU P 212 68.48 9.30 49.32
N VAL P 213 67.70 9.99 48.50
CA VAL P 213 67.21 11.32 48.83
C VAL P 213 65.71 11.22 49.06
N VAL P 214 65.28 11.59 50.25
CA VAL P 214 63.86 11.64 50.62
C VAL P 214 63.55 13.08 50.98
N ALA P 215 62.42 13.59 50.49
CA ALA P 215 61.99 14.94 50.79
C ALA P 215 60.59 14.91 51.37
N PHE P 216 60.39 15.67 52.44
CA PHE P 216 59.09 15.81 53.08
C PHE P 216 58.64 17.25 52.93
N ALA P 217 57.47 17.43 52.33
CA ALA P 217 56.88 18.76 52.17
C ALA P 217 55.57 18.79 52.92
N ARG P 218 55.42 19.77 53.81
CA ARG P 218 54.20 19.93 54.59
C ARG P 218 53.27 20.86 53.84
N ILE P 219 52.33 20.29 53.11
CA ILE P 219 51.48 21.03 52.18
C ILE P 219 50.10 21.29 52.78
N GLY P 220 49.48 20.27 53.34
CA GLY P 220 48.15 20.43 53.90
C GLY P 220 47.27 19.23 53.68
N ASP P 221 46.14 19.16 54.38
CA ASP P 221 45.28 17.99 54.29
C ASP P 221 44.54 17.98 52.97
N GLY P 222 44.67 16.89 52.22
CA GLY P 222 43.91 16.72 51.00
C GLY P 222 44.34 17.58 49.84
N GLN P 223 45.48 18.25 49.94
CA GLN P 223 45.89 19.20 48.92
C GLN P 223 46.43 18.47 47.70
N GLU P 224 46.44 19.19 46.59
CA GLU P 224 46.83 18.63 45.31
C GLU P 224 48.35 18.61 45.18
N VAL P 225 48.90 17.45 44.88
CA VAL P 225 50.30 17.32 44.58
C VAL P 225 50.46 17.27 43.07
N PHE P 226 51.69 17.43 42.59
CA PHE P 226 51.97 17.59 41.18
C PHE P 226 53.01 16.58 40.74
N PRO P 227 52.59 15.41 40.29
CA PRO P 227 53.52 14.45 39.71
C PRO P 227 53.90 14.87 38.29
N SER P 228 54.71 14.04 37.66
CA SER P 228 55.08 14.34 36.28
C SER P 228 53.91 14.05 35.36
N GLN P 229 53.93 14.67 34.19
CA GLN P 229 52.77 14.69 33.32
C GLN P 229 53.12 14.06 31.99
N GLU P 230 52.28 13.14 31.53
CA GLU P 230 52.56 12.40 30.31
C GLU P 230 52.08 13.17 29.10
N LEU P 231 52.10 12.51 27.95
CA LEU P 231 51.85 13.14 26.67
C LEU P 231 50.68 12.45 26.00
N ILE P 232 49.72 13.24 25.51
CA ILE P 232 48.52 12.73 24.87
C ILE P 232 48.52 13.21 23.43
N LEU P 233 48.49 12.27 22.49
CA LEU P 233 48.50 12.62 21.08
C LEU P 233 47.10 12.84 20.54
N ASP P 234 46.19 11.91 20.81
CA ASP P 234 44.83 12.01 20.30
C ASP P 234 43.82 11.81 21.43
N LYS P 235 42.60 12.26 21.17
CA LYS P 235 41.55 12.29 22.17
C LYS P 235 40.21 12.14 21.47
N GLY P 236 39.38 11.24 21.96
CA GLY P 236 38.08 11.01 21.34
C GLY P 236 37.06 10.55 22.35
N ASP P 237 35.88 10.22 21.85
CA ASP P 237 34.79 9.71 22.69
C ASP P 237 34.97 8.24 23.06
N LYS P 238 35.88 7.53 22.39
CA LYS P 238 36.16 6.15 22.79
C LYS P 238 36.92 6.10 24.12
N LYS P 239 37.66 7.15 24.44
CA LYS P 239 38.19 7.37 25.77
C LYS P 239 37.17 8.17 26.56
N GLY P 240 37.57 8.69 27.71
CA GLY P 240 36.66 9.53 28.46
C GLY P 240 36.82 11.00 28.14
N GLN P 241 37.22 11.30 26.90
CA GLN P 241 37.77 12.60 26.49
C GLN P 241 38.88 13.02 27.44
N LYS P 242 39.81 12.10 27.66
CA LYS P 242 40.88 12.29 28.62
C LYS P 242 41.90 13.28 28.07
N SER P 243 42.10 14.39 28.78
CA SER P 243 42.95 15.45 28.29
C SER P 243 44.17 15.70 29.16
N LYS P 244 44.37 14.93 30.22
CA LYS P 244 45.54 15.10 31.05
C LYS P 244 45.87 13.76 31.69
N THR P 245 47.11 13.31 31.50
CA THR P 245 47.57 12.04 32.02
C THR P 245 48.80 12.28 32.88
N LEU P 246 48.80 11.73 34.09
CA LEU P 246 49.90 11.86 35.02
C LEU P 246 50.75 10.60 35.01
N TYR P 247 52.05 10.78 35.27
CA TYR P 247 52.99 9.67 35.21
C TYR P 247 52.84 8.78 36.43
N SER P 248 53.03 7.48 36.27
CA SER P 248 52.87 6.60 37.42
C SER P 248 53.60 5.26 37.29
N VAL P 249 54.42 4.96 38.29
CA VAL P 249 55.15 3.71 38.32
C VAL P 249 54.24 2.72 39.04
N ARG P 250 53.88 1.65 38.34
CA ARG P 250 52.98 0.63 38.87
C ARG P 250 51.71 1.29 39.40
N ASP P 251 51.69 1.59 40.69
CA ASP P 251 50.53 2.24 41.30
C ASP P 251 51.03 3.30 42.28
N ALA P 252 51.49 4.41 41.74
CA ALA P 252 52.03 5.49 42.56
C ALA P 252 52.25 6.71 41.69
N ALA P 253 51.89 7.90 42.17
CA ALA P 253 52.21 9.11 41.43
C ALA P 253 53.72 9.32 41.45
N ALA P 254 54.28 9.69 40.31
CA ALA P 254 55.72 9.70 40.18
C ALA P 254 56.19 10.92 39.41
N ILE P 255 57.48 11.20 39.53
CA ILE P 255 58.15 12.26 38.80
C ILE P 255 59.17 11.60 37.88
N HIS P 256 59.25 12.07 36.64
CA HIS P 256 60.23 11.57 35.67
C HIS P 256 61.65 11.82 36.17
N SER P 257 62.56 10.91 35.80
CA SER P 257 63.93 11.03 36.26
C SER P 257 64.64 12.21 35.61
N GLN P 258 64.25 12.56 34.38
CA GLN P 258 64.82 13.75 33.75
C GLN P 258 64.35 15.04 34.40
N LYS P 259 63.20 15.02 35.07
CA LYS P 259 62.74 16.19 35.80
C LYS P 259 63.60 16.45 37.03
N ILE P 260 63.90 15.39 37.78
CA ILE P 260 64.81 15.49 38.92
C ILE P 260 66.22 15.85 38.44
N GLY P 261 66.63 15.30 37.30
CA GLY P 261 67.94 15.63 36.77
C GLY P 261 68.06 17.06 36.31
N ASN P 262 66.99 17.60 35.72
CA ASN P 262 66.99 19.00 35.30
C ASN P 262 66.98 19.92 36.50
N ALA P 263 66.29 19.54 37.57
CA ALA P 263 66.33 20.35 38.77
C ALA P 263 67.62 20.17 39.55
N LEU P 264 68.40 19.13 39.25
CA LEU P 264 69.68 18.94 39.91
C LEU P 264 70.73 19.88 39.35
N ARG P 265 70.82 19.98 38.03
CA ARG P 265 71.86 20.76 37.38
C ARG P 265 71.46 22.21 37.14
N THR P 266 70.53 22.74 37.93
CA THR P 266 70.18 24.15 37.87
C THR P 266 71.20 24.95 38.67
N ILE P 267 72.39 25.08 38.07
CA ILE P 267 73.56 25.59 38.79
C ILE P 267 74.19 26.75 38.04
N ASP P 268 73.76 26.97 36.80
CA ASP P 268 74.41 27.94 35.91
C ASP P 268 74.06 29.35 36.34
N THR P 269 74.97 30.01 37.05
CA THR P 269 74.81 31.40 37.44
C THR P 269 75.71 32.33 36.63
N TRP P 270 76.39 31.82 35.61
CA TRP P 270 77.38 32.58 34.87
C TRP P 270 76.91 32.93 33.47
N TYR P 271 75.62 32.98 33.24
CA TYR P 271 75.16 33.32 31.90
C TYR P 271 75.22 34.84 31.72
N PRO P 272 75.56 35.32 30.51
CA PRO P 272 75.95 36.74 30.37
C PRO P 272 74.80 37.72 30.46
N ASP P 273 73.55 37.26 30.39
CA ASP P 273 72.44 38.21 30.38
C ASP P 273 72.27 38.88 31.75
N GLU P 274 72.16 38.09 32.81
CA GLU P 274 72.00 38.63 34.15
C GLU P 274 72.46 37.59 35.15
N ASP P 275 72.44 37.99 36.42
CA ASP P 275 72.62 37.07 37.53
C ASP P 275 71.60 37.29 38.64
N GLY P 276 70.84 38.38 38.60
CA GLY P 276 69.79 38.62 39.57
C GLY P 276 68.58 37.73 39.39
N LEU P 277 68.45 37.06 38.25
CA LEU P 277 67.36 36.11 38.08
C LEU P 277 67.60 34.84 38.87
N GLY P 278 68.82 34.30 38.82
CA GLY P 278 69.15 33.09 39.52
C GLY P 278 69.68 32.02 38.59
N PRO P 279 69.98 30.85 39.12
CA PRO P 279 70.58 29.79 38.30
C PRO P 279 69.57 29.17 37.34
N ILE P 280 70.08 28.77 36.18
CA ILE P 280 69.33 27.99 35.22
C ILE P 280 70.04 26.65 35.04
N ALA P 281 69.38 25.74 34.33
CA ALA P 281 69.96 24.43 34.09
C ALA P 281 71.04 24.54 33.03
N VAL P 282 72.11 23.77 33.19
CA VAL P 282 73.22 23.79 32.24
C VAL P 282 72.78 23.07 30.97
N GLU P 283 72.73 23.82 29.87
CA GLU P 283 72.38 23.30 28.56
C GLU P 283 73.32 23.92 27.54
N PRO P 284 73.57 23.25 26.42
CA PRO P 284 74.17 23.93 25.28
C PRO P 284 73.19 24.96 24.74
N TYR P 285 73.64 26.21 24.61
CA TYR P 285 72.79 27.39 24.43
C TYR P 285 71.73 27.43 25.53
N GLY P 286 72.21 27.68 26.75
CA GLY P 286 71.44 27.46 27.97
C GLY P 286 70.10 28.17 28.03
N SER P 287 69.05 27.36 27.89
CA SER P 287 67.73 27.84 27.55
C SER P 287 66.72 27.41 28.60
N VAL P 288 65.68 28.21 28.77
CA VAL P 288 64.58 27.91 29.67
C VAL P 288 63.32 27.78 28.84
N THR P 289 62.65 26.63 28.95
CA THR P 289 61.40 26.44 28.22
C THR P 289 60.28 27.29 28.80
N SER P 290 60.33 27.58 30.10
CA SER P 290 59.30 28.40 30.70
C SER P 290 59.44 29.87 30.30
N GLN P 291 60.61 30.27 29.80
CA GLN P 291 60.82 31.62 29.35
C GLN P 291 60.95 31.74 27.84
N GLY P 292 61.07 30.62 27.13
CA GLY P 292 61.12 30.63 25.68
C GLY P 292 62.32 31.31 25.09
N LYS P 293 63.42 31.41 25.83
CA LYS P 293 64.54 32.25 25.46
C LYS P 293 65.83 31.49 25.69
N ALA P 294 66.82 31.78 24.84
CA ALA P 294 68.16 31.22 24.98
C ALA P 294 69.07 32.25 25.64
N TYR P 295 69.46 31.98 26.88
CA TYR P 295 70.68 32.57 27.35
C TYR P 295 71.85 31.82 26.71
N ARG P 296 73.01 32.46 26.71
CA ARG P 296 74.23 31.98 26.04
C ARG P 296 73.96 31.70 24.56
N GLN P 297 73.58 32.76 23.86
CA GLN P 297 73.41 32.71 22.42
C GLN P 297 74.75 32.44 21.73
N PRO P 298 74.75 31.78 20.58
CA PRO P 298 76.01 31.60 19.84
C PRO P 298 76.52 32.88 19.19
N LYS P 299 75.72 33.95 19.11
CA LYS P 299 76.22 35.23 18.65
C LYS P 299 77.23 35.80 19.65
N GLN P 300 76.94 35.68 20.94
CA GLN P 300 77.97 35.90 21.93
C GLN P 300 78.88 34.68 21.98
N LYS P 301 80.05 34.87 22.56
CA LYS P 301 81.02 33.77 22.65
C LYS P 301 80.89 33.03 23.97
N LEU P 302 79.68 32.62 24.34
CA LEU P 302 79.49 31.97 25.64
C LEU P 302 78.57 30.77 25.61
N ASP P 303 78.27 30.20 24.45
CA ASP P 303 77.59 28.91 24.45
C ASP P 303 78.61 27.80 24.69
N PHE P 304 78.12 26.57 24.76
CA PHE P 304 78.99 25.46 25.13
C PHE P 304 79.93 25.07 23.99
N TYR P 305 79.43 25.14 22.75
CA TYR P 305 80.19 24.60 21.63
C TYR P 305 81.37 25.48 21.27
N THR P 306 81.18 26.80 21.23
CA THR P 306 82.28 27.70 20.93
C THR P 306 83.29 27.74 22.06
N LEU P 307 82.83 27.66 23.30
CA LEU P 307 83.75 27.61 24.45
C LEU P 307 84.58 26.33 24.43
N LEU P 308 83.96 25.20 24.10
CA LEU P 308 84.67 23.93 24.04
C LEU P 308 85.67 23.92 22.88
N ASP P 309 85.28 24.47 21.73
CA ASP P 309 86.19 24.47 20.59
C ASP P 309 87.34 25.44 20.79
N ASN P 310 87.11 26.55 21.51
CA ASN P 310 88.22 27.42 21.84
C ASN P 310 89.12 26.82 22.90
N TRP P 311 88.56 26.05 23.84
CA TRP P 311 89.37 25.47 24.90
C TRP P 311 90.21 24.31 24.38
N VAL P 312 89.66 23.46 23.53
CA VAL P 312 90.35 22.24 23.14
C VAL P 312 91.22 22.46 21.91
N LEU P 313 90.65 23.02 20.84
CA LEU P 313 91.38 23.11 19.58
C LEU P 313 92.43 24.21 19.63
N ARG P 314 92.03 25.43 19.99
CA ARG P 314 92.92 26.58 19.93
C ARG P 314 93.52 26.93 21.28
N ASP P 315 93.29 26.09 22.30
CA ASP P 315 93.87 26.21 23.64
C ASP P 315 93.54 27.55 24.31
N GLU P 316 92.40 28.12 23.96
CA GLU P 316 91.93 29.37 24.57
C GLU P 316 91.10 28.98 25.78
N ALA P 317 91.76 28.83 26.91
CA ALA P 317 91.08 28.46 28.13
C ALA P 317 90.23 29.64 28.62
N PRO P 318 88.92 29.49 28.72
CA PRO P 318 88.09 30.62 29.18
C PRO P 318 88.21 30.86 30.66
N ALA P 319 87.40 31.79 31.18
CA ALA P 319 87.40 32.09 32.60
C ALA P 319 86.92 30.89 33.40
N VAL P 320 87.29 30.87 34.69
CA VAL P 320 87.08 29.69 35.53
C VAL P 320 85.60 29.44 35.76
N GLU P 321 84.76 30.49 35.70
CA GLU P 321 83.32 30.31 35.71
C GLU P 321 82.84 29.57 34.47
N GLN P 322 83.31 29.99 33.29
CA GLN P 322 82.93 29.31 32.08
C GLN P 322 83.59 27.93 31.96
N GLN P 323 84.73 27.73 32.62
CA GLN P 323 85.29 26.39 32.70
C GLN P 323 84.41 25.47 33.53
N HIS P 324 83.88 25.98 34.65
CA HIS P 324 82.88 25.25 35.42
C HIS P 324 81.65 24.93 34.59
N TYR P 325 81.23 25.88 33.74
CA TYR P 325 80.06 25.66 32.89
C TYR P 325 80.31 24.56 31.86
N VAL P 326 81.49 24.56 31.23
CA VAL P 326 81.80 23.56 30.21
C VAL P 326 81.92 22.18 30.84
N ILE P 327 82.53 22.09 32.02
CA ILE P 327 82.67 20.78 32.66
C ILE P 327 81.33 20.30 33.21
N ALA P 328 80.45 21.23 33.61
CA ALA P 328 79.10 20.83 34.01
C ALA P 328 78.31 20.30 32.83
N ASN P 329 78.50 20.89 31.64
CA ASN P 329 77.90 20.34 30.45
C ASN P 329 78.47 18.98 30.09
N LEU P 330 79.73 18.74 30.42
CA LEU P 330 80.30 17.41 30.20
C LEU P 330 79.71 16.39 31.17
N ILE P 331 79.47 16.81 32.41
CA ILE P 331 78.84 15.93 33.40
C ILE P 331 77.40 15.62 33.01
N ARG P 332 76.71 16.60 32.42
CA ARG P 332 75.33 16.39 31.96
C ARG P 332 75.26 15.37 30.83
N GLY P 333 76.26 15.33 29.95
CA GLY P 333 76.25 14.40 28.85
C GLY P 333 75.48 14.93 27.66
N GLY P 334 75.55 14.20 26.57
CA GLY P 334 74.83 14.60 25.38
C GLY P 334 75.51 14.09 24.13
N VAL P 335 74.90 14.43 23.00
CA VAL P 335 75.41 14.10 21.67
C VAL P 335 76.00 15.38 21.09
N PHE P 336 77.31 15.43 20.97
CA PHE P 336 78.01 16.61 20.48
C PHE P 336 78.76 16.23 19.21
N GLY P 337 78.40 16.82 18.09
CA GLY P 337 79.10 16.52 16.86
C GLY P 337 78.30 16.93 15.64
N GLU P 338 78.80 16.50 14.50
CA GLU P 338 78.24 16.89 13.22
C GLU P 338 77.13 15.93 12.79
N LEU Q 6 97.77 -24.07 -5.32
CA LEU Q 6 96.41 -24.05 -4.80
C LEU Q 6 95.90 -22.62 -4.65
N SER Q 7 94.58 -22.47 -4.62
CA SER Q 7 93.93 -21.17 -4.47
C SER Q 7 92.88 -21.26 -3.38
N THR Q 8 92.40 -20.10 -2.96
CA THR Q 8 91.28 -20.06 -2.02
C THR Q 8 90.02 -20.56 -2.70
N ALA Q 9 89.17 -21.21 -1.92
CA ALA Q 9 87.90 -21.71 -2.44
C ALA Q 9 86.97 -20.54 -2.78
N SER Q 10 86.09 -20.78 -3.75
CA SER Q 10 85.15 -19.75 -4.16
C SER Q 10 84.08 -19.52 -3.10
N VAL Q 11 83.64 -20.59 -2.44
CA VAL Q 11 82.76 -20.47 -1.28
C VAL Q 11 83.51 -20.99 -0.06
N LEU Q 12 83.27 -20.34 1.07
CA LEU Q 12 83.90 -20.70 2.32
C LEU Q 12 83.03 -20.15 3.44
N ALA Q 13 82.55 -21.04 4.31
CA ALA Q 13 81.53 -20.67 5.28
C ALA Q 13 81.78 -21.41 6.57
N PHE Q 14 82.04 -20.66 7.64
CA PHE Q 14 82.30 -21.25 8.95
C PHE Q 14 81.12 -20.99 9.87
N GLU Q 15 80.49 -22.07 10.33
CA GLU Q 15 79.50 -22.00 11.38
C GLU Q 15 80.13 -21.47 12.66
N ARG Q 16 79.39 -20.65 13.40
CA ARG Q 16 79.94 -20.12 14.63
C ARG Q 16 79.92 -21.17 15.72
N LYS Q 17 80.95 -21.15 16.54
CA LYS Q 17 80.93 -21.81 17.84
C LYS Q 17 80.68 -20.73 18.88
N LEU Q 18 80.53 -21.16 20.13
CA LEU Q 18 80.12 -20.33 21.27
C LEU Q 18 78.79 -19.63 20.98
N ASP Q 19 77.75 -20.43 20.86
CA ASP Q 19 76.40 -19.91 20.65
C ASP Q 19 75.81 -19.44 21.96
N PRO Q 20 75.53 -18.14 22.12
CA PRO Q 20 74.88 -17.69 23.35
C PRO Q 20 73.37 -17.58 23.22
N SER Q 21 72.67 -17.48 24.33
CA SER Q 21 71.24 -17.24 24.31
C SER Q 21 70.95 -15.76 24.52
N ASP Q 22 69.69 -15.38 24.32
CA ASP Q 22 69.27 -14.03 24.64
C ASP Q 22 69.24 -13.86 26.15
N ALA Q 23 70.12 -12.99 26.65
CA ALA Q 23 70.31 -12.83 28.08
C ALA Q 23 69.12 -12.08 28.68
N LEU Q 24 68.38 -12.75 29.58
CA LEU Q 24 67.18 -12.18 30.16
C LEU Q 24 67.49 -11.51 31.49
N MET Q 25 66.79 -10.42 31.77
CA MET Q 25 67.00 -9.63 32.97
C MET Q 25 65.91 -9.90 34.00
N SER Q 26 66.31 -9.87 35.27
CA SER Q 26 65.41 -9.96 36.39
C SER Q 26 65.98 -9.10 37.50
N ALA Q 27 65.22 -8.95 38.58
CA ALA Q 27 65.62 -8.02 39.62
C ALA Q 27 65.34 -8.59 40.99
N GLY Q 28 66.17 -8.19 41.94
CA GLY Q 28 65.96 -8.61 43.31
C GLY Q 28 66.89 -7.87 44.25
N ALA Q 29 66.97 -8.37 45.47
CA ALA Q 29 67.82 -7.77 46.49
C ALA Q 29 69.12 -8.55 46.61
N TRP Q 30 70.17 -7.84 47.02
CA TRP Q 30 71.45 -8.48 47.31
C TRP Q 30 71.30 -9.35 48.54
N ALA Q 31 72.15 -10.38 48.61
CA ALA Q 31 72.18 -11.49 49.57
C ALA Q 31 70.95 -12.39 49.49
N GLN Q 32 70.08 -12.20 48.50
CA GLN Q 32 69.05 -13.18 48.14
C GLN Q 32 69.39 -13.88 46.85
N ARG Q 33 70.59 -13.66 46.32
CA ARG Q 33 70.93 -14.09 44.97
C ARG Q 33 71.12 -15.59 44.86
N ASP Q 34 71.28 -16.29 45.99
CA ASP Q 34 71.27 -17.74 45.94
C ASP Q 34 69.87 -18.28 45.69
N ALA Q 35 68.85 -17.60 46.20
CA ALA Q 35 67.45 -17.94 45.94
C ALA Q 35 66.87 -17.11 44.81
N SER Q 36 67.69 -16.73 43.84
CA SER Q 36 67.27 -15.85 42.75
C SER Q 36 66.74 -16.67 41.57
N GLN Q 37 65.73 -17.48 41.86
CA GLN Q 37 65.02 -18.21 40.82
C GLN Q 37 63.58 -17.76 40.67
N GLU Q 38 62.97 -17.25 41.73
CA GLU Q 38 61.65 -16.63 41.66
C GLU Q 38 61.73 -15.12 41.53
N TRP Q 39 62.85 -14.61 41.05
CA TRP Q 39 63.00 -13.17 40.87
C TRP Q 39 62.18 -12.71 39.68
N PRO Q 40 61.36 -11.68 39.82
CA PRO Q 40 60.52 -11.24 38.71
C PRO Q 40 61.33 -10.51 37.65
N ALA Q 41 60.81 -10.54 36.43
CA ALA Q 41 61.52 -9.97 35.30
C ALA Q 41 61.47 -8.46 35.33
N VAL Q 42 62.51 -7.84 34.77
CA VAL Q 42 62.51 -6.40 34.54
C VAL Q 42 61.70 -6.13 33.28
N THR Q 43 60.66 -5.32 33.41
CA THR Q 43 59.77 -5.05 32.30
C THR Q 43 60.14 -3.74 31.61
N VAL Q 44 59.64 -3.57 30.39
CA VAL Q 44 59.91 -2.40 29.57
C VAL Q 44 58.66 -1.52 29.60
N ARG Q 45 58.81 -0.28 30.04
CA ARG Q 45 57.72 0.68 30.07
C ARG Q 45 57.95 1.74 29.01
N GLU Q 46 56.98 2.63 28.87
CA GLU Q 46 57.12 3.82 28.06
C GLU Q 46 57.01 5.05 28.94
N LYS Q 47 57.66 6.12 28.52
CA LYS Q 47 57.47 7.41 29.18
C LYS Q 47 57.63 8.51 28.15
N SER Q 48 57.37 9.74 28.58
CA SER Q 48 57.41 10.90 27.72
C SER Q 48 58.59 11.78 28.10
N VAL Q 49 59.30 12.29 27.10
CA VAL Q 49 60.38 13.22 27.32
C VAL Q 49 60.09 14.50 26.56
N ARG Q 50 60.40 15.63 27.19
CA ARG Q 50 60.46 16.92 26.53
C ARG Q 50 61.87 17.45 26.66
N GLY Q 51 62.47 17.80 25.53
CA GLY Q 51 63.81 18.35 25.54
C GLY Q 51 63.89 19.74 24.97
N THR Q 52 65.10 20.18 24.64
CA THR Q 52 65.31 21.48 24.03
C THR Q 52 66.23 21.30 22.83
N ILE Q 53 66.65 22.41 22.26
CA ILE Q 53 67.64 22.40 21.19
C ILE Q 53 69.02 22.28 21.82
N SER Q 54 69.70 21.18 21.55
CA SER Q 54 70.98 20.91 22.20
C SER Q 54 72.11 20.56 21.24
N ASN Q 55 71.82 20.23 19.99
CA ASN Q 55 72.86 19.83 19.06
C ASN Q 55 73.55 21.06 18.49
N ARG Q 56 74.60 20.82 17.69
CA ARG Q 56 75.31 21.91 17.03
C ARG Q 56 74.44 22.54 15.96
N LEU Q 57 74.47 23.86 15.90
CA LEU Q 57 73.75 24.61 14.87
C LEU Q 57 74.70 24.94 13.73
N LYS Q 58 74.14 25.07 12.54
CA LYS Q 58 74.93 25.50 11.40
C LYS Q 58 75.27 26.98 11.54
N THR Q 59 76.30 27.40 10.81
CA THR Q 59 76.76 28.79 10.87
C THR Q 59 75.76 29.74 10.25
N LYS Q 60 74.93 29.27 9.33
CA LYS Q 60 73.85 30.07 8.78
C LYS Q 60 72.64 30.14 9.71
N ASP Q 61 72.62 29.34 10.77
CA ASP Q 61 71.47 29.25 11.67
C ASP Q 61 71.81 29.70 13.08
N ARG Q 62 72.71 30.66 13.24
CA ARG Q 62 73.01 31.16 14.57
C ARG Q 62 71.86 32.01 15.08
N ASP Q 63 71.60 33.15 14.39
CA ASP Q 63 70.33 33.86 14.20
C ASP Q 63 69.40 33.85 15.41
N PRO Q 64 69.68 34.67 16.44
CA PRO Q 64 69.04 34.50 17.77
C PRO Q 64 67.52 34.55 17.79
N ALA Q 65 66.89 35.28 16.87
CA ALA Q 65 65.44 35.24 16.76
C ALA Q 65 64.97 33.88 16.24
N LYS Q 66 65.70 33.31 15.29
CA LYS Q 66 65.36 31.98 14.79
C LYS Q 66 65.61 30.90 15.84
N LEU Q 67 66.65 31.08 16.67
CA LEU Q 67 66.89 30.14 17.76
C LEU Q 67 65.80 30.23 18.82
N ASP Q 68 65.36 31.44 19.16
CA ASP Q 68 64.26 31.59 20.10
C ASP Q 68 62.95 31.08 19.53
N ALA Q 69 62.76 31.16 18.21
CA ALA Q 69 61.58 30.57 17.60
C ALA Q 69 61.65 29.06 17.62
N SER Q 70 62.84 28.50 17.46
CA SER Q 70 62.98 27.03 17.49
C SER Q 70 62.86 26.48 18.91
N ILE Q 71 63.16 27.30 19.91
CA ILE Q 71 62.99 26.86 21.29
C ILE Q 71 61.52 26.78 21.65
N GLN Q 72 60.73 27.75 21.19
CA GLN Q 72 59.33 27.85 21.60
C GLN Q 72 58.43 26.80 20.96
N SER Q 73 58.94 26.01 20.03
CA SER Q 73 58.23 24.82 19.59
C SER Q 73 58.72 23.65 20.43
N PRO Q 74 57.87 23.04 21.24
CA PRO Q 74 58.34 21.99 22.16
C PRO Q 74 58.72 20.72 21.43
N ASN Q 75 59.72 20.05 21.97
CA ASN Q 75 60.27 18.83 21.37
C ASN Q 75 59.95 17.66 22.29
N LEU Q 76 59.05 16.80 21.85
CA LEU Q 76 58.53 15.71 22.64
C LEU Q 76 58.79 14.38 21.97
N GLN Q 77 59.19 13.39 22.76
CA GLN Q 77 59.33 12.03 22.26
C GLN Q 77 58.71 11.07 23.26
N THR Q 78 58.39 9.88 22.78
CA THR Q 78 58.05 8.74 23.61
C THR Q 78 59.24 7.80 23.61
N VAL Q 79 59.63 7.35 24.80
CA VAL Q 79 60.87 6.61 24.98
C VAL Q 79 60.57 5.35 25.76
N ASP Q 80 60.99 4.20 25.22
CA ASP Q 80 61.00 2.97 25.99
C ASP Q 80 62.08 3.04 27.06
N VAL Q 81 61.71 2.67 28.29
CA VAL Q 81 62.63 2.72 29.41
C VAL Q 81 62.53 1.39 30.15
N ALA Q 82 63.57 1.09 30.92
CA ALA Q 82 63.60 -0.10 31.75
C ALA Q 82 64.30 0.25 33.05
N ASN Q 83 63.67 -0.06 34.18
CA ASN Q 83 64.21 0.28 35.47
C ASN Q 83 64.12 -0.93 36.39
N LEU Q 84 64.91 -0.89 37.45
CA LEU Q 84 64.71 -1.82 38.55
C LEU Q 84 63.49 -1.37 39.37
N PRO Q 85 62.86 -2.29 40.10
CA PRO Q 85 61.86 -1.87 41.07
C PRO Q 85 62.49 -1.04 42.18
N SER Q 86 61.64 -0.27 42.85
CA SER Q 86 62.12 0.67 43.85
C SER Q 86 62.54 0.01 45.16
N ASP Q 87 62.34 -1.30 45.30
CA ASP Q 87 62.77 -2.04 46.47
C ASP Q 87 63.82 -3.10 46.14
N ALA Q 88 64.28 -3.14 44.90
CA ALA Q 88 65.31 -4.08 44.46
C ALA Q 88 66.52 -3.30 43.98
N ASP Q 89 67.71 -3.74 44.36
CA ASP Q 89 68.94 -3.06 44.00
C ASP Q 89 69.90 -3.90 43.19
N THR Q 90 69.50 -5.10 42.79
CA THR Q 90 70.38 -6.04 42.10
C THR Q 90 69.73 -6.49 40.81
N LEU Q 91 70.45 -6.31 39.71
CA LEU Q 91 70.06 -6.81 38.40
C LEU Q 91 70.70 -8.17 38.17
N LYS Q 92 69.88 -9.15 37.78
CA LYS Q 92 70.34 -10.51 37.51
C LYS Q 92 70.14 -10.78 36.02
N VAL Q 93 71.23 -11.04 35.32
CA VAL Q 93 71.20 -11.28 33.89
C VAL Q 93 71.62 -12.72 33.64
N ARG Q 94 70.79 -13.49 32.94
CA ARG Q 94 71.02 -14.91 32.77
C ARG Q 94 71.00 -15.27 31.29
N PHE Q 95 72.04 -15.99 30.84
CA PHE Q 95 72.03 -16.57 29.51
C PHE Q 95 72.70 -17.94 29.55
N THR Q 96 72.54 -18.69 28.47
CA THR Q 96 73.16 -19.99 28.31
C THR Q 96 74.12 -19.94 27.14
N LEU Q 97 75.21 -20.71 27.23
CA LEU Q 97 76.26 -20.70 26.24
C LEU Q 97 76.67 -22.14 25.95
N ARG Q 98 76.56 -22.56 24.70
CA ARG Q 98 76.92 -23.91 24.30
C ARG Q 98 78.18 -23.90 23.45
N VAL Q 99 79.12 -24.76 23.80
CA VAL Q 99 80.37 -24.94 23.07
C VAL Q 99 80.31 -26.28 22.36
N LEU Q 100 80.64 -26.27 21.07
CA LEU Q 100 80.38 -27.38 20.18
C LEU Q 100 81.63 -28.17 19.81
N GLY Q 101 82.67 -27.51 19.33
CA GLY Q 101 83.89 -28.19 18.93
C GLY Q 101 83.89 -28.54 17.45
N GLY Q 102 85.08 -28.86 16.96
CA GLY Q 102 85.26 -29.02 15.54
C GLY Q 102 85.32 -27.67 14.88
N ALA Q 103 86.22 -26.82 15.36
CA ALA Q 103 86.31 -25.45 14.90
C ALA Q 103 86.94 -25.31 13.52
N GLY Q 104 87.61 -26.36 13.03
CA GLY Q 104 88.32 -26.23 11.77
C GLY Q 104 87.47 -26.43 10.54
N THR Q 105 86.47 -27.28 10.62
CA THR Q 105 85.71 -27.65 9.43
C THR Q 105 84.77 -26.53 9.01
N PRO Q 106 84.83 -26.08 7.75
CA PRO Q 106 83.84 -25.14 7.26
C PRO Q 106 82.52 -25.83 6.97
N SER Q 107 81.45 -25.03 6.97
CA SER Q 107 80.14 -25.54 6.58
C SER Q 107 79.99 -25.64 5.07
N ALA Q 108 80.88 -25.00 4.30
CA ALA Q 108 80.84 -25.08 2.84
C ALA Q 108 82.23 -24.77 2.31
N CYS Q 109 82.66 -25.55 1.31
CA CYS Q 109 83.91 -25.30 0.63
C CYS Q 109 83.82 -25.88 -0.77
N ASN Q 110 84.15 -25.07 -1.77
CA ASN Q 110 84.08 -25.53 -3.16
C ASN Q 110 85.29 -26.37 -3.52
N ASP Q 111 86.48 -25.97 -3.05
CA ASP Q 111 87.71 -26.67 -3.36
C ASP Q 111 87.95 -27.74 -2.30
N ALA Q 112 88.22 -28.97 -2.74
CA ALA Q 112 88.47 -30.05 -1.80
C ALA Q 112 89.89 -30.03 -1.27
N ALA Q 113 90.86 -29.73 -2.15
CA ALA Q 113 92.26 -29.69 -1.73
C ALA Q 113 92.52 -28.52 -0.78
N TYR Q 114 91.84 -27.40 -1.01
CA TYR Q 114 91.94 -26.26 -0.11
C TYR Q 114 91.37 -26.58 1.26
N ARG Q 115 90.25 -27.30 1.32
CA ARG Q 115 89.69 -27.66 2.61
C ARG Q 115 90.50 -28.75 3.30
N ASP Q 116 91.20 -29.60 2.55
CA ASP Q 116 92.07 -30.58 3.16
C ASP Q 116 93.33 -29.92 3.72
N LYS Q 117 93.87 -28.93 2.99
CA LYS Q 117 95.00 -28.17 3.50
C LYS Q 117 94.60 -27.34 4.71
N LEU Q 118 93.37 -26.82 4.71
CA LEU Q 118 92.85 -26.11 5.88
C LEU Q 118 92.70 -27.03 7.07
N LEU Q 119 92.22 -28.25 6.85
CA LEU Q 119 92.02 -29.20 7.94
C LEU Q 119 93.35 -29.65 8.52
N GLN Q 120 94.35 -29.90 7.67
CA GLN Q 120 95.66 -30.27 8.22
C GLN Q 120 96.36 -29.06 8.85
N THR Q 121 96.06 -27.84 8.37
CA THR Q 121 96.62 -26.65 8.99
C THR Q 121 96.08 -26.43 10.39
N VAL Q 122 94.76 -26.56 10.56
CA VAL Q 122 94.19 -26.36 11.89
C VAL Q 122 94.51 -27.55 12.79
N ALA Q 123 94.67 -28.75 12.21
CA ALA Q 123 95.11 -29.90 12.99
C ALA Q 123 96.53 -29.71 13.51
N THR Q 124 97.43 -29.19 12.66
CA THR Q 124 98.78 -28.89 13.12
C THR Q 124 98.78 -27.74 14.13
N TYR Q 125 97.83 -26.81 14.01
CA TYR Q 125 97.73 -25.72 14.98
C TYR Q 125 97.33 -26.25 16.35
N VAL Q 126 96.36 -27.16 16.41
CA VAL Q 126 96.01 -27.79 17.68
C VAL Q 126 97.14 -28.69 18.18
N ASN Q 127 97.91 -29.29 17.25
CA ASN Q 127 99.03 -30.13 17.66
C ASN Q 127 100.17 -29.32 18.25
N GLU Q 128 100.41 -28.10 17.75
CA GLU Q 128 101.49 -27.29 18.29
C GLU Q 128 101.17 -26.81 19.71
N GLN Q 129 99.96 -26.30 19.91
CA GLN Q 129 99.47 -25.98 21.24
C GLN Q 129 97.95 -26.06 21.22
N GLY Q 130 97.37 -26.18 22.40
CA GLY Q 130 95.93 -26.31 22.52
C GLY Q 130 95.21 -25.00 22.32
N PHE Q 131 93.93 -25.01 22.67
CA PHE Q 131 93.12 -23.80 22.60
C PHE Q 131 93.27 -22.92 23.84
N ALA Q 132 94.26 -23.20 24.70
CA ALA Q 132 94.26 -22.71 26.08
C ALA Q 132 94.44 -21.20 26.18
N GLU Q 133 95.10 -20.58 25.21
CA GLU Q 133 95.17 -19.12 25.21
C GLU Q 133 93.82 -18.51 24.87
N LEU Q 134 93.21 -18.98 23.77
CA LEU Q 134 91.89 -18.50 23.37
C LEU Q 134 90.83 -18.89 24.39
N ALA Q 135 90.93 -20.11 24.92
CA ALA Q 135 89.98 -20.54 25.94
C ALA Q 135 90.15 -19.79 27.24
N ARG Q 136 91.38 -19.42 27.59
CA ARG Q 136 91.62 -18.64 28.79
C ARG Q 136 91.10 -17.22 28.64
N ARG Q 137 91.23 -16.64 27.44
CA ARG Q 137 90.69 -15.31 27.23
C ARG Q 137 89.17 -15.31 27.16
N TYR Q 138 88.58 -16.39 26.62
CA TYR Q 138 87.13 -16.53 26.65
C TYR Q 138 86.61 -16.71 28.07
N ALA Q 139 87.33 -17.46 28.90
CA ALA Q 139 86.97 -17.60 30.30
C ALA Q 139 87.20 -16.30 31.05
N HIS Q 140 88.12 -15.46 30.59
CA HIS Q 140 88.28 -14.14 31.19
C HIS Q 140 87.08 -13.25 30.87
N ASN Q 141 86.66 -13.22 29.60
CA ASN Q 141 85.49 -12.43 29.22
C ASN Q 141 84.20 -12.97 29.81
N LEU Q 142 84.17 -14.24 30.20
CA LEU Q 142 83.07 -14.75 31.01
C LEU Q 142 83.27 -14.45 32.49
N ALA Q 143 84.53 -14.25 32.92
CA ALA Q 143 84.80 -14.07 34.34
C ALA Q 143 84.42 -12.65 34.78
N ASN Q 144 85.06 -11.65 34.20
CA ASN Q 144 84.52 -10.31 34.32
C ASN Q 144 83.24 -10.22 33.49
N ALA Q 145 82.28 -9.45 33.97
CA ALA Q 145 80.99 -9.37 33.30
C ALA Q 145 81.06 -8.33 32.19
N ARG Q 146 81.73 -8.70 31.11
CA ARG Q 146 81.82 -7.81 29.96
C ARG Q 146 80.52 -7.80 29.17
N PHE Q 147 79.67 -8.81 29.33
CA PHE Q 147 78.38 -8.81 28.65
C PHE Q 147 77.39 -7.85 29.27
N LEU Q 148 77.57 -7.50 30.55
CA LEU Q 148 76.86 -6.37 31.13
C LEU Q 148 77.50 -5.12 30.54
N TRP Q 149 76.90 -4.59 29.48
CA TRP Q 149 77.58 -3.56 28.70
C TRP Q 149 77.60 -2.22 29.42
N ARG Q 150 76.43 -1.65 29.65
CA ARG Q 150 76.34 -0.44 30.45
C ARG Q 150 75.85 -0.72 31.87
N ASN Q 151 75.34 -1.92 32.11
CA ASN Q 151 74.91 -2.29 33.46
C ASN Q 151 76.08 -2.51 34.39
N ARG Q 152 77.27 -2.72 33.86
CA ARG Q 152 78.47 -2.86 34.68
C ARG Q 152 79.12 -1.53 35.00
N VAL Q 153 78.90 -0.51 34.18
CA VAL Q 153 79.55 0.78 34.35
C VAL Q 153 79.02 1.46 35.62
N GLY Q 154 79.91 1.66 36.58
CA GLY Q 154 79.53 2.29 37.82
C GLY Q 154 78.77 1.40 38.78
N ALA Q 155 78.80 0.09 38.57
CA ALA Q 155 78.14 -0.82 39.49
C ALA Q 155 78.94 -0.93 40.78
N GLU Q 156 78.25 -1.30 41.86
CA GLU Q 156 78.94 -1.41 43.15
C GLU Q 156 79.69 -2.73 43.26
N ALA Q 157 79.04 -3.83 42.91
CA ALA Q 157 79.66 -5.15 43.04
C ALA Q 157 79.02 -6.07 42.01
N VAL Q 158 79.83 -6.59 41.10
CA VAL Q 158 79.37 -7.53 40.09
C VAL Q 158 79.93 -8.90 40.42
N GLU Q 159 79.08 -9.92 40.30
CA GLU Q 159 79.43 -11.28 40.71
C GLU Q 159 78.84 -12.25 39.72
N VAL Q 160 79.66 -13.14 39.18
CA VAL Q 160 79.28 -14.03 38.09
C VAL Q 160 79.29 -15.47 38.58
N ARG Q 161 78.21 -16.21 38.30
CA ARG Q 161 78.12 -17.64 38.56
C ARG Q 161 78.03 -18.37 37.23
N ILE Q 162 78.84 -19.41 37.07
CA ILE Q 162 78.84 -20.22 35.86
C ILE Q 162 78.55 -21.66 36.26
N ASN Q 163 77.54 -22.26 35.64
CA ASN Q 163 77.18 -23.65 35.93
C ASN Q 163 77.38 -24.48 34.67
N HIS Q 164 78.38 -25.36 34.69
CA HIS Q 164 78.51 -26.39 33.67
C HIS Q 164 77.49 -27.48 33.97
N ILE Q 165 76.58 -27.70 33.02
CA ILE Q 165 75.51 -28.68 33.15
C ILE Q 165 75.77 -29.80 32.15
N ARG Q 166 76.16 -30.96 32.66
CA ARG Q 166 76.42 -32.12 31.81
C ARG Q 166 75.12 -32.88 31.54
N GLN Q 167 74.55 -33.44 32.59
CA GLN Q 167 73.23 -34.06 32.52
C GLN Q 167 72.18 -33.01 32.91
N GLY Q 168 70.96 -33.44 33.20
CA GLY Q 168 69.89 -32.55 33.61
C GLY Q 168 70.12 -31.78 34.90
N GLU Q 169 71.13 -32.13 35.69
CA GLU Q 169 71.54 -31.35 36.84
C GLU Q 169 72.91 -30.73 36.57
N VAL Q 170 73.34 -29.89 37.51
CA VAL Q 170 74.60 -29.17 37.37
C VAL Q 170 75.77 -30.13 37.55
N ALA Q 171 76.78 -30.00 36.70
CA ALA Q 171 78.03 -30.74 36.87
C ALA Q 171 79.06 -29.97 37.67
N ARG Q 172 79.24 -28.67 37.41
CA ARG Q 172 80.19 -27.89 38.19
C ARG Q 172 79.77 -26.44 38.25
N THR Q 173 80.27 -25.72 39.26
CA THR Q 173 79.96 -24.32 39.47
C THR Q 173 81.24 -23.51 39.64
N TRP Q 174 81.22 -22.28 39.12
CA TRP Q 174 82.28 -21.30 39.30
C TRP Q 174 81.69 -20.02 39.86
N ARG Q 175 82.46 -19.38 40.75
CA ARG Q 175 82.05 -18.20 41.50
C ARG Q 175 83.13 -17.14 41.32
N PHE Q 176 82.79 -16.03 40.67
CA PHE Q 176 83.77 -15.01 40.36
C PHE Q 176 83.32 -13.64 40.83
N ASP Q 177 84.27 -12.86 41.34
CA ASP Q 177 84.08 -11.45 41.61
C ASP Q 177 84.51 -10.69 40.36
N ALA Q 178 83.53 -10.21 39.59
CA ALA Q 178 83.80 -9.68 38.26
C ALA Q 178 84.49 -8.32 38.30
N LEU Q 179 84.51 -7.64 39.43
CA LEU Q 179 85.22 -6.38 39.51
C LEU Q 179 86.68 -6.55 39.90
N ALA Q 180 87.03 -7.68 40.53
CA ALA Q 180 88.44 -7.96 40.79
C ALA Q 180 89.17 -8.28 39.49
N ILE Q 181 88.58 -9.14 38.66
CA ILE Q 181 89.11 -9.38 37.33
C ILE Q 181 88.82 -8.15 36.49
N GLY Q 182 89.86 -7.45 36.08
CA GLY Q 182 89.69 -6.25 35.27
C GLY Q 182 89.25 -6.56 33.85
N LEU Q 183 89.03 -5.50 33.09
CA LEU Q 183 88.70 -5.61 31.69
C LEU Q 183 89.91 -5.41 30.78
N ARG Q 184 91.07 -5.08 31.33
CA ARG Q 184 92.24 -4.73 30.53
C ARG Q 184 93.21 -5.90 30.37
N ASP Q 185 93.70 -6.44 31.47
CA ASP Q 185 94.74 -7.47 31.43
C ASP Q 185 94.14 -8.84 31.75
N PHE Q 186 94.90 -9.87 31.39
CA PHE Q 186 94.45 -11.26 31.50
C PHE Q 186 95.29 -11.98 32.54
N LYS Q 187 94.63 -12.37 33.64
CA LYS Q 187 95.28 -12.92 34.82
C LYS Q 187 95.36 -14.45 34.67
N ALA Q 188 95.74 -15.15 35.75
CA ALA Q 188 95.71 -16.60 35.81
C ALA Q 188 95.23 -17.00 37.20
N ASP Q 189 94.20 -17.83 37.26
CA ASP Q 189 93.60 -18.25 38.51
C ASP Q 189 93.17 -19.70 38.36
N ALA Q 190 93.27 -20.47 39.46
CA ALA Q 190 93.09 -21.92 39.39
C ALA Q 190 91.67 -22.29 39.00
N GLU Q 191 90.67 -21.61 39.57
CA GLU Q 191 89.30 -21.80 39.11
C GLU Q 191 89.12 -21.31 37.68
N LEU Q 192 89.79 -20.20 37.34
CA LEU Q 192 89.71 -19.66 35.99
C LEU Q 192 90.44 -20.56 35.00
N ASP Q 193 91.56 -21.16 35.41
CA ASP Q 193 92.24 -22.10 34.53
C ASP Q 193 91.48 -23.41 34.40
N ALA Q 194 90.75 -23.84 35.45
CA ALA Q 194 89.93 -25.03 35.32
C ALA Q 194 88.76 -24.80 34.38
N LEU Q 195 88.14 -23.62 34.48
CA LEU Q 195 87.11 -23.23 33.52
C LEU Q 195 87.69 -23.11 32.11
N ALA Q 196 88.94 -22.64 32.01
CA ALA Q 196 89.63 -22.55 30.73
C ALA Q 196 89.88 -23.92 30.14
N GLU Q 197 90.19 -24.90 30.98
CA GLU Q 197 90.36 -26.27 30.52
C GLU Q 197 89.04 -26.84 30.03
N LEU Q 198 87.94 -26.46 30.69
CA LEU Q 198 86.62 -26.94 30.26
C LEU Q 198 86.21 -26.36 28.90
N ILE Q 199 86.38 -25.04 28.71
CA ILE Q 199 86.05 -24.44 27.41
C ILE Q 199 87.02 -24.90 26.32
N ALA Q 200 88.27 -25.20 26.68
CA ALA Q 200 89.22 -25.75 25.72
C ALA Q 200 88.84 -27.16 25.30
N SER Q 201 88.39 -27.99 26.25
CA SER Q 201 87.96 -29.34 25.91
C SER Q 201 86.67 -29.35 25.12
N GLY Q 202 85.81 -28.34 25.34
CA GLY Q 202 84.62 -28.22 24.52
C GLY Q 202 84.94 -27.76 23.10
N LEU Q 203 85.95 -26.89 22.96
CA LEU Q 203 86.32 -26.38 21.65
C LEU Q 203 87.07 -27.42 20.81
N SER Q 204 87.71 -28.39 21.44
CA SER Q 204 88.54 -29.36 20.75
C SER Q 204 87.74 -30.52 20.16
N GLY Q 205 86.42 -30.49 20.26
CA GLY Q 205 85.62 -31.61 19.81
C GLY Q 205 85.59 -32.78 20.75
N SER Q 206 86.24 -32.69 21.90
CA SER Q 206 86.31 -33.76 22.89
C SER Q 206 85.09 -33.81 23.80
N GLY Q 207 84.04 -33.07 23.46
CA GLY Q 207 82.83 -33.05 24.24
C GLY Q 207 81.96 -31.90 23.80
N HIS Q 208 80.76 -31.85 24.37
CA HIS Q 208 79.81 -30.78 24.11
C HIS Q 208 79.52 -30.07 25.42
N VAL Q 209 80.00 -28.84 25.56
CA VAL Q 209 79.95 -28.12 26.83
C VAL Q 209 78.72 -27.23 26.83
N LEU Q 210 77.98 -27.24 27.94
CA LEU Q 210 76.84 -26.36 28.10
C LEU Q 210 76.96 -25.62 29.42
N LEU Q 211 76.86 -24.30 29.37
CA LEU Q 211 77.05 -23.46 30.54
C LEU Q 211 75.85 -22.55 30.73
N GLU Q 212 75.51 -22.31 31.98
CA GLU Q 212 74.51 -21.30 32.34
C GLU Q 212 75.22 -20.21 33.13
N VAL Q 213 75.24 -18.99 32.58
CA VAL Q 213 75.95 -17.87 33.16
C VAL Q 213 74.93 -16.90 33.73
N VAL Q 214 75.09 -16.55 35.00
CA VAL Q 214 74.21 -15.64 35.71
C VAL Q 214 75.05 -14.57 36.38
N ALA Q 215 74.81 -13.31 36.04
CA ALA Q 215 75.57 -12.20 36.59
C ALA Q 215 74.66 -11.35 37.47
N PHE Q 216 75.14 -11.03 38.67
CA PHE Q 216 74.44 -10.16 39.60
C PHE Q 216 75.23 -8.86 39.69
N ALA Q 217 74.62 -7.77 39.25
CA ALA Q 217 75.17 -6.44 39.42
C ALA Q 217 74.40 -5.72 40.51
N ARG Q 218 75.11 -5.05 41.41
CA ARG Q 218 74.48 -4.31 42.50
C ARG Q 218 74.46 -2.85 42.09
N ILE Q 219 73.35 -2.41 41.52
CA ILE Q 219 73.25 -1.07 40.97
C ILE Q 219 72.66 -0.11 41.98
N GLY Q 220 71.42 -0.34 42.37
CA GLY Q 220 70.73 0.56 43.28
C GLY Q 220 69.24 0.44 43.14
N ASP Q 221 68.53 1.04 44.10
CA ASP Q 221 67.08 0.94 44.15
C ASP Q 221 66.43 1.77 43.06
N GLY Q 222 65.66 1.12 42.20
CA GLY Q 222 64.92 1.83 41.17
C GLY Q 222 65.74 2.38 40.04
N GLN Q 223 67.00 2.00 39.91
CA GLN Q 223 67.87 2.58 38.91
C GLN Q 223 67.57 2.01 37.54
N GLU Q 224 68.12 2.67 36.52
CA GLU Q 224 67.88 2.32 35.13
C GLU Q 224 68.83 1.21 34.70
N VAL Q 225 68.28 0.21 34.02
CA VAL Q 225 69.08 -0.82 33.41
C VAL Q 225 69.09 -0.59 31.90
N PHE Q 226 69.96 -1.30 31.20
CA PHE Q 226 70.18 -1.05 29.78
C PHE Q 226 70.12 -2.35 29.02
N PRO Q 227 68.95 -2.73 28.53
CA PRO Q 227 68.85 -3.86 27.60
C PRO Q 227 69.22 -3.41 26.19
N SER Q 228 69.06 -4.33 25.24
CA SER Q 228 69.37 -4.01 23.86
C SER Q 228 68.33 -3.07 23.29
N GLN Q 229 68.72 -2.35 22.24
CA GLN Q 229 67.82 -1.46 21.53
C GLN Q 229 67.47 -2.08 20.19
N GLU Q 230 66.24 -1.84 19.74
CA GLU Q 230 65.75 -2.40 18.50
C GLU Q 230 66.12 -1.50 17.32
N LEU Q 231 65.99 -2.04 16.11
CA LEU Q 231 66.21 -1.27 14.90
C LEU Q 231 64.86 -0.99 14.24
N ILE Q 232 64.51 0.28 14.13
CA ILE Q 232 63.32 0.71 13.41
C ILE Q 232 63.80 1.59 12.27
N LEU Q 233 63.69 1.10 11.04
CA LEU Q 233 63.93 1.97 9.90
C LEU Q 233 62.78 2.95 9.75
N ASP Q 234 63.09 4.18 9.35
CA ASP Q 234 62.17 5.29 9.55
C ASP Q 234 61.02 5.26 8.55
N LYS Q 235 59.83 5.63 9.04
CA LYS Q 235 58.69 5.95 8.19
C LYS Q 235 58.72 7.45 7.94
N GLY Q 236 59.55 7.85 6.97
CA GLY Q 236 59.93 9.23 6.73
C GLY Q 236 58.80 10.19 6.40
N ASP Q 237 57.97 9.84 5.42
CA ASP Q 237 56.83 10.68 5.04
C ASP Q 237 55.57 10.24 5.80
N LYS Q 238 55.69 10.19 7.13
CA LYS Q 238 54.60 9.70 7.95
C LYS Q 238 54.66 10.42 9.29
N LYS Q 239 53.96 9.88 10.28
CA LYS Q 239 53.91 10.47 11.60
C LYS Q 239 55.22 10.22 12.35
N GLY Q 240 55.40 10.97 13.43
CA GLY Q 240 56.58 10.78 14.26
C GLY Q 240 56.50 9.48 15.02
N GLN Q 241 57.63 8.80 15.14
CA GLN Q 241 57.68 7.48 15.76
C GLN Q 241 58.22 7.56 17.18
N LYS Q 242 58.08 6.45 17.89
CA LYS Q 242 58.71 6.30 19.20
C LYS Q 242 60.21 6.17 19.01
N SER Q 243 60.97 7.15 19.49
CA SER Q 243 62.40 7.20 19.18
C SER Q 243 63.27 6.52 20.23
N LYS Q 244 62.86 5.33 20.68
CA LYS Q 244 63.69 4.33 21.36
C LYS Q 244 62.85 3.08 21.53
N THR Q 245 63.40 1.91 21.22
CA THR Q 245 62.65 0.67 21.42
C THR Q 245 63.60 -0.35 22.00
N LEU Q 246 63.19 -0.97 23.11
CA LEU Q 246 64.05 -1.90 23.83
C LEU Q 246 63.66 -3.34 23.51
N TYR Q 247 64.66 -4.22 23.49
CA TYR Q 247 64.42 -5.62 23.16
C TYR Q 247 63.80 -6.35 24.34
N SER Q 248 62.78 -7.15 24.06
CA SER Q 248 62.12 -7.90 25.11
C SER Q 248 61.72 -9.26 24.60
N VAL Q 249 61.92 -10.28 25.45
CA VAL Q 249 61.51 -11.65 25.17
C VAL Q 249 60.48 -12.04 26.22
N ARG Q 250 59.23 -12.18 25.79
CA ARG Q 250 58.09 -12.57 26.63
C ARG Q 250 57.93 -11.64 27.83
N ASP Q 251 57.89 -10.33 27.53
CA ASP Q 251 57.72 -9.25 28.51
C ASP Q 251 58.81 -9.24 29.57
N ALA Q 252 60.04 -9.51 29.13
CA ALA Q 252 61.22 -9.46 29.99
C ALA Q 252 62.31 -8.75 29.24
N ALA Q 253 62.94 -7.76 29.88
CA ALA Q 253 64.00 -7.00 29.22
C ALA Q 253 65.19 -7.89 28.93
N ALA Q 254 65.72 -7.77 27.71
CA ALA Q 254 66.70 -8.73 27.25
C ALA Q 254 67.80 -8.03 26.46
N ILE Q 255 68.96 -8.67 26.44
CA ILE Q 255 70.07 -8.30 25.58
C ILE Q 255 70.10 -9.29 24.43
N HIS Q 256 70.46 -8.81 23.24
CA HIS Q 256 70.54 -9.65 22.06
C HIS Q 256 71.61 -10.71 22.22
N SER Q 257 71.45 -11.81 21.49
CA SER Q 257 72.45 -12.87 21.49
C SER Q 257 73.76 -12.40 20.88
N GLN Q 258 73.67 -11.63 19.79
CA GLN Q 258 74.88 -11.11 19.14
C GLN Q 258 75.58 -10.07 19.99
N LYS Q 259 74.87 -9.41 20.91
CA LYS Q 259 75.53 -8.48 21.80
C LYS Q 259 76.40 -9.20 22.83
N ILE Q 260 75.88 -10.29 23.39
CA ILE Q 260 76.68 -11.12 24.28
C ILE Q 260 77.82 -11.79 23.53
N GLY Q 261 77.58 -12.17 22.28
CA GLY Q 261 78.63 -12.77 21.48
C GLY Q 261 79.74 -11.80 21.12
N ASN Q 262 79.37 -10.54 20.86
CA ASN Q 262 80.36 -9.49 20.63
C ASN Q 262 81.12 -9.19 21.91
N ALA Q 263 80.46 -9.32 23.06
CA ALA Q 263 81.15 -9.09 24.32
C ALA Q 263 82.09 -10.23 24.66
N LEU Q 264 81.78 -11.45 24.21
CA LEU Q 264 82.60 -12.61 24.58
C LEU Q 264 83.94 -12.62 23.85
N ARG Q 265 83.93 -12.32 22.55
CA ARG Q 265 85.13 -12.42 21.74
C ARG Q 265 85.98 -11.15 21.77
N THR Q 266 85.80 -10.30 22.78
CA THR Q 266 86.65 -9.13 22.96
C THR Q 266 87.96 -9.61 23.59
N ILE Q 267 88.81 -10.19 22.74
CA ILE Q 267 90.04 -10.83 23.20
C ILE Q 267 91.27 -10.32 22.47
N ASP Q 268 91.12 -9.65 21.34
CA ASP Q 268 92.22 -9.29 20.46
C ASP Q 268 93.06 -8.18 21.09
N THR Q 269 94.21 -8.56 21.63
CA THR Q 269 95.18 -7.61 22.15
C THR Q 269 96.43 -7.53 21.28
N TRP Q 270 96.34 -8.01 20.04
CA TRP Q 270 97.49 -8.08 19.16
C TRP Q 270 97.31 -7.22 17.91
N TYR Q 271 96.43 -6.24 17.97
CA TYR Q 271 96.27 -5.34 16.83
C TYR Q 271 97.41 -4.34 16.79
N PRO Q 272 97.90 -3.97 15.60
CA PRO Q 272 99.20 -3.28 15.52
C PRO Q 272 99.16 -1.83 15.93
N ASP Q 273 97.99 -1.23 16.10
CA ASP Q 273 97.91 0.20 16.39
C ASP Q 273 98.41 0.51 17.81
N GLU Q 274 97.91 -0.23 18.79
CA GLU Q 274 98.32 -0.04 20.18
C GLU Q 274 98.07 -1.33 20.93
N ASP Q 275 98.41 -1.31 22.22
CA ASP Q 275 98.10 -2.41 23.12
C ASP Q 275 97.55 -1.96 24.46
N GLY Q 276 97.61 -0.66 24.78
CA GLY Q 276 97.10 -0.17 26.06
C GLY Q 276 95.66 0.24 26.04
N LEU Q 277 95.06 0.37 24.85
CA LEU Q 277 93.63 0.73 24.77
C LEU Q 277 92.75 -0.44 25.17
N GLY Q 278 93.28 -1.66 25.15
CA GLY Q 278 92.57 -2.81 25.63
C GLY Q 278 92.20 -3.77 24.52
N PRO Q 279 91.59 -4.89 24.87
CA PRO Q 279 91.18 -5.86 23.85
C PRO Q 279 90.01 -5.35 23.04
N ILE Q 280 89.97 -5.79 21.78
CA ILE Q 280 88.85 -5.54 20.89
C ILE Q 280 88.26 -6.88 20.47
N ALA Q 281 87.10 -6.82 19.83
CA ALA Q 281 86.49 -8.03 19.30
C ALA Q 281 87.22 -8.49 18.04
N VAL Q 282 87.17 -9.79 17.79
CA VAL Q 282 87.86 -10.36 16.64
C VAL Q 282 86.91 -10.37 15.44
N GLU Q 283 87.40 -9.86 14.32
CA GLU Q 283 86.72 -9.86 13.03
C GLU Q 283 87.75 -9.58 11.95
N PRO Q 284 87.50 -9.99 10.71
CA PRO Q 284 88.39 -9.60 9.62
C PRO Q 284 88.30 -8.10 9.36
N TYR Q 285 89.48 -7.48 9.20
CA TYR Q 285 89.67 -6.03 9.28
C TYR Q 285 89.09 -5.51 10.60
N GLY Q 286 89.77 -5.89 11.70
CA GLY Q 286 89.25 -5.73 13.04
C GLY Q 286 88.87 -4.31 13.40
N SER Q 287 87.56 -4.08 13.41
CA SER Q 287 86.99 -2.75 13.44
C SER Q 287 85.94 -2.67 14.54
N VAL Q 288 86.07 -1.67 15.40
CA VAL Q 288 85.13 -1.44 16.49
C VAL Q 288 84.21 -0.31 16.10
N THR Q 289 82.90 -0.51 16.33
CA THR Q 289 81.91 0.44 15.87
C THR Q 289 81.89 1.71 16.71
N SER Q 290 82.38 1.62 17.95
CA SER Q 290 82.38 2.80 18.81
C SER Q 290 83.45 3.80 18.36
N GLN Q 291 84.62 3.31 17.98
CA GLN Q 291 85.68 4.19 17.48
C GLN Q 291 85.46 4.60 16.04
N GLY Q 292 84.69 3.83 15.28
CA GLY Q 292 84.47 4.14 13.88
C GLY Q 292 85.69 3.96 13.00
N LYS Q 293 86.67 3.20 13.44
CA LYS Q 293 87.94 3.08 12.75
C LYS Q 293 88.40 1.63 12.78
N ALA Q 294 89.00 1.19 11.69
CA ALA Q 294 89.34 -0.22 11.51
C ALA Q 294 90.82 -0.44 11.79
N TYR Q 295 91.12 -1.13 12.90
CA TYR Q 295 92.45 -1.69 13.06
C TYR Q 295 92.61 -2.88 12.12
N ARG Q 296 93.86 -3.36 12.02
CA ARG Q 296 94.27 -4.45 11.13
C ARG Q 296 93.88 -4.15 9.68
N GLN Q 297 94.36 -3.02 9.19
CA GLN Q 297 94.10 -2.61 7.82
C GLN Q 297 94.80 -3.55 6.83
N PRO Q 298 94.24 -3.76 5.64
CA PRO Q 298 94.88 -4.65 4.66
C PRO Q 298 96.14 -4.09 4.03
N LYS Q 299 96.41 -2.79 4.17
CA LYS Q 299 97.67 -2.25 3.66
C LYS Q 299 98.85 -2.72 4.49
N GLN Q 300 98.64 -3.03 5.76
CA GLN Q 300 99.57 -3.86 6.51
C GLN Q 300 99.16 -5.31 6.34
N LYS Q 301 100.12 -6.20 6.49
CA LYS Q 301 99.81 -7.63 6.36
C LYS Q 301 99.49 -8.21 7.72
N LEU Q 302 98.38 -7.75 8.30
CA LEU Q 302 97.94 -8.23 9.60
C LEU Q 302 96.44 -8.46 9.70
N ASP Q 303 95.67 -8.27 8.63
CA ASP Q 303 94.27 -8.63 8.67
C ASP Q 303 94.11 -10.15 8.55
N PHE Q 304 92.86 -10.60 8.70
CA PHE Q 304 92.61 -12.04 8.76
C PHE Q 304 92.79 -12.72 7.41
N TYR Q 305 92.37 -12.04 6.33
CA TYR Q 305 92.33 -12.68 5.01
C TYR Q 305 93.73 -12.97 4.48
N THR Q 306 94.61 -11.98 4.50
CA THR Q 306 95.97 -12.19 4.00
C THR Q 306 96.77 -13.09 4.93
N LEU Q 307 96.48 -13.08 6.23
CA LEU Q 307 97.12 -14.02 7.15
C LEU Q 307 96.70 -15.45 6.84
N LEU Q 308 95.42 -15.66 6.53
CA LEU Q 308 94.94 -16.99 6.19
C LEU Q 308 95.51 -17.46 4.87
N ASP Q 309 95.61 -16.55 3.89
CA ASP Q 309 96.19 -16.91 2.60
C ASP Q 309 97.68 -17.18 2.71
N ASN Q 310 98.38 -16.47 3.60
CA ASN Q 310 99.81 -16.74 3.78
C ASN Q 310 100.04 -18.03 4.54
N TRP Q 311 99.17 -18.37 5.48
CA TRP Q 311 99.35 -19.61 6.21
C TRP Q 311 98.98 -20.82 5.36
N VAL Q 312 97.89 -20.75 4.63
CA VAL Q 312 97.39 -21.95 3.95
C VAL Q 312 97.99 -22.07 2.55
N LEU Q 313 97.82 -21.04 1.72
CA LEU Q 313 98.24 -21.15 0.33
C LEU Q 313 99.77 -21.09 0.21
N ARG Q 314 100.40 -20.16 0.92
CA ARG Q 314 101.82 -19.89 0.74
C ARG Q 314 102.68 -20.56 1.80
N ASP Q 315 102.06 -21.25 2.76
CA ASP Q 315 102.74 -21.98 3.85
C ASP Q 315 103.63 -21.08 4.70
N GLU Q 316 103.31 -19.80 4.79
CA GLU Q 316 104.00 -18.89 5.70
C GLU Q 316 103.20 -18.82 6.99
N ALA Q 317 103.61 -19.61 7.97
CA ALA Q 317 102.95 -19.60 9.27
C ALA Q 317 103.27 -18.31 10.00
N PRO Q 318 102.28 -17.55 10.44
CA PRO Q 318 102.53 -16.28 11.12
C PRO Q 318 102.94 -16.50 12.57
N ALA Q 319 103.08 -15.39 13.29
CA ALA Q 319 103.43 -15.45 14.71
C ALA Q 319 102.29 -16.06 15.51
N VAL Q 320 102.62 -16.54 16.71
CA VAL Q 320 101.69 -17.38 17.47
C VAL Q 320 100.50 -16.57 17.99
N GLU Q 321 100.67 -15.27 18.21
CA GLU Q 321 99.52 -14.45 18.58
C GLU Q 321 98.64 -14.19 17.37
N GLN Q 322 99.22 -14.11 16.17
CA GLN Q 322 98.41 -13.97 14.99
C GLN Q 322 97.76 -15.29 14.60
N GLN Q 323 98.38 -16.41 14.96
CA GLN Q 323 97.73 -17.70 14.83
C GLN Q 323 96.55 -17.81 15.78
N HIS Q 324 96.71 -17.28 17.00
CA HIS Q 324 95.58 -17.15 17.93
C HIS Q 324 94.48 -16.28 17.34
N TYR Q 325 94.85 -15.19 16.67
CA TYR Q 325 93.86 -14.28 16.09
C TYR Q 325 93.08 -14.95 14.97
N VAL Q 326 93.76 -15.63 14.06
CA VAL Q 326 93.05 -16.26 12.95
C VAL Q 326 92.28 -17.49 13.43
N ILE Q 327 92.73 -18.16 14.50
CA ILE Q 327 91.96 -19.26 15.05
C ILE Q 327 90.72 -18.75 15.76
N ALA Q 328 90.82 -17.59 16.42
CA ALA Q 328 89.64 -16.97 17.03
C ALA Q 328 88.67 -16.50 15.97
N ASN Q 329 89.16 -16.06 14.81
CA ASN Q 329 88.27 -15.75 13.70
C ASN Q 329 87.63 -17.01 13.14
N LEU Q 330 88.31 -18.16 13.24
CA LEU Q 330 87.69 -19.41 12.83
C LEU Q 330 86.58 -19.83 13.80
N ILE Q 331 86.79 -19.64 15.11
CA ILE Q 331 85.75 -19.93 16.09
C ILE Q 331 84.58 -18.97 15.93
N ARG Q 332 84.87 -17.69 15.65
CA ARG Q 332 83.82 -16.70 15.44
C ARG Q 332 83.00 -17.00 14.20
N GLY Q 333 83.63 -17.49 13.14
CA GLY Q 333 82.92 -17.83 11.93
C GLY Q 333 82.81 -16.65 10.98
N GLY Q 334 82.16 -16.91 9.87
CA GLY Q 334 81.97 -15.90 8.86
C GLY Q 334 81.64 -16.53 7.52
N VAL Q 335 81.25 -15.65 6.59
CA VAL Q 335 81.08 -16.02 5.20
C VAL Q 335 82.21 -15.35 4.44
N PHE Q 336 83.23 -16.13 4.09
CA PHE Q 336 84.43 -15.61 3.45
C PHE Q 336 84.45 -16.04 1.99
N GLY Q 337 84.92 -15.16 1.12
CA GLY Q 337 85.07 -15.52 -0.27
C GLY Q 337 85.16 -14.30 -1.15
N GLU Q 338 85.28 -14.57 -2.44
CA GLU Q 338 85.32 -13.53 -3.45
C GLU Q 338 83.95 -12.92 -3.68
N MET R 1 49.60 -77.54 70.12
CA MET R 1 48.26 -77.89 70.56
C MET R 1 47.55 -78.79 69.55
N ASP R 2 46.88 -79.83 70.07
CA ASP R 2 46.41 -80.93 69.25
C ASP R 2 45.11 -80.59 68.54
N HIS R 3 44.21 -79.85 69.21
CA HIS R 3 42.86 -79.66 68.72
C HIS R 3 42.66 -78.27 68.15
N TYR R 4 41.97 -78.20 67.01
CA TYR R 4 41.68 -76.94 66.34
C TYR R 4 40.21 -76.88 65.97
N LEU R 5 39.68 -75.66 66.00
CA LEU R 5 38.32 -75.38 65.55
C LEU R 5 38.37 -74.24 64.54
N ASP R 6 37.77 -74.48 63.38
CA ASP R 6 37.67 -73.46 62.33
C ASP R 6 36.29 -72.84 62.38
N ILE R 7 36.23 -71.53 62.63
CA ILE R 7 35.01 -70.76 62.45
C ILE R 7 35.19 -69.83 61.27
N ARG R 8 34.15 -69.75 60.44
CA ARG R 8 34.21 -69.02 59.19
C ARG R 8 33.22 -67.88 59.23
N LEU R 9 33.69 -66.69 58.88
CA LEU R 9 32.80 -65.54 58.76
C LEU R 9 31.80 -65.75 57.63
N ARG R 10 30.54 -65.89 58.01
CA ARG R 10 29.43 -65.91 57.05
C ARG R 10 29.41 -64.59 56.30
N PRO R 11 29.39 -64.61 54.97
CA PRO R 11 29.49 -63.36 54.20
C PRO R 11 28.27 -62.49 54.41
N ASP R 12 28.51 -61.22 54.67
CA ASP R 12 27.43 -60.36 55.10
C ASP R 12 27.40 -59.10 54.25
N PRO R 13 26.27 -58.77 53.65
CA PRO R 13 26.09 -57.42 53.13
C PRO R 13 26.03 -56.37 54.22
N GLU R 14 25.36 -56.69 55.31
CA GLU R 14 25.18 -55.75 56.41
C GLU R 14 26.47 -55.33 57.11
N PHE R 15 27.35 -56.30 57.32
CA PHE R 15 28.62 -56.03 57.98
C PHE R 15 29.81 -56.48 57.17
N PRO R 16 30.83 -55.61 57.07
CA PRO R 16 32.06 -55.90 56.33
C PRO R 16 32.85 -57.00 57.02
N PRO R 17 33.62 -57.78 56.26
CA PRO R 17 34.40 -58.89 56.81
C PRO R 17 35.41 -58.42 57.86
N ALA R 18 36.07 -57.30 57.61
CA ALA R 18 37.05 -56.80 58.58
C ALA R 18 36.37 -56.48 59.90
N GLN R 19 35.20 -55.84 59.83
CA GLN R 19 34.44 -55.50 61.02
C GLN R 19 33.99 -56.76 61.74
N LEU R 20 33.54 -57.75 60.97
CA LEU R 20 33.07 -59.01 61.53
C LEU R 20 34.20 -59.72 62.27
N MET R 21 35.38 -59.70 61.68
CA MET R 21 36.55 -60.35 62.29
C MET R 21 37.07 -59.52 63.46
N SER R 22 36.87 -58.19 63.43
CA SER R 22 37.25 -57.35 64.55
C SER R 22 36.41 -57.65 65.79
N VAL R 23 35.10 -57.73 65.62
CA VAL R 23 34.25 -58.04 66.78
C VAL R 23 34.41 -59.50 67.21
N LEU R 24 34.73 -60.40 66.28
CA LEU R 24 35.01 -61.78 66.65
C LEU R 24 36.30 -61.89 67.45
N PHE R 25 37.33 -61.13 67.05
CA PHE R 25 38.57 -61.11 67.80
C PHE R 25 38.39 -60.45 69.17
N GLY R 26 37.52 -59.44 69.25
CA GLY R 26 37.25 -58.80 70.53
C GLY R 26 36.54 -59.72 71.50
N LYS R 27 35.51 -60.44 71.03
CA LYS R 27 34.84 -61.39 71.90
C LYS R 27 35.72 -62.60 72.22
N LEU R 28 36.62 -62.96 71.30
CA LEU R 28 37.63 -63.97 71.60
C LEU R 28 38.56 -63.51 72.71
N HIS R 29 38.93 -62.22 72.70
CA HIS R 29 39.79 -61.68 73.75
C HIS R 29 39.09 -61.65 75.10
N GLN R 30 37.81 -61.26 75.12
CA GLN R 30 37.06 -61.27 76.37
C GLN R 30 36.82 -62.70 76.87
N ALA R 31 36.64 -63.66 75.96
CA ALA R 31 36.52 -65.05 76.37
C ALA R 31 37.82 -65.60 76.92
N LEU R 32 38.96 -65.20 76.35
CA LEU R 32 40.25 -65.66 76.84
C LEU R 32 40.61 -64.98 78.16
N VAL R 33 40.12 -63.76 78.39
CA VAL R 33 40.26 -63.15 79.71
C VAL R 33 39.40 -63.90 80.72
N ALA R 34 38.17 -64.25 80.34
CA ALA R 34 37.25 -64.94 81.24
C ALA R 34 37.71 -66.35 81.57
N GLN R 35 38.47 -66.99 80.68
CA GLN R 35 39.01 -68.30 81.01
C GLN R 35 40.43 -68.24 81.58
N GLY R 36 41.20 -67.21 81.23
CA GLY R 36 42.59 -67.16 81.62
C GLY R 36 43.42 -68.17 80.84
N GLY R 37 44.60 -68.45 81.38
CA GLY R 37 45.47 -69.45 80.80
C GLY R 37 46.35 -68.90 79.69
N ASP R 38 47.40 -69.67 79.37
CA ASP R 38 48.39 -69.27 78.39
C ASP R 38 48.58 -70.33 77.30
N ARG R 39 47.76 -71.38 77.30
CA ARG R 39 47.88 -72.46 76.32
C ARG R 39 46.81 -72.39 75.24
N ILE R 40 46.42 -71.18 74.85
CA ILE R 40 45.30 -70.97 73.95
C ILE R 40 45.77 -70.13 72.75
N GLY R 41 45.84 -70.77 71.58
CA GLY R 41 46.46 -70.17 70.41
C GLY R 41 45.47 -69.90 69.29
N VAL R 42 45.91 -69.10 68.32
CA VAL R 42 45.07 -68.61 67.24
C VAL R 42 45.87 -68.69 65.94
N SER R 43 45.15 -68.82 64.82
CA SER R 43 45.76 -68.79 63.50
C SER R 43 44.72 -68.36 62.48
N PHE R 44 45.20 -68.00 61.29
CA PHE R 44 44.37 -67.49 60.21
C PHE R 44 44.79 -68.19 58.92
N PRO R 45 44.14 -69.30 58.56
CA PRO R 45 44.61 -70.10 57.42
C PRO R 45 44.27 -69.52 56.05
N ASP R 46 43.63 -68.36 55.98
CA ASP R 46 43.34 -67.70 54.71
C ASP R 46 44.24 -66.49 54.49
N LEU R 47 45.54 -66.62 54.81
CA LEU R 47 46.46 -65.50 54.66
C LEU R 47 46.71 -65.17 53.20
N ASP R 48 46.88 -63.88 52.93
CA ASP R 48 47.29 -63.37 51.62
C ASP R 48 48.25 -62.22 51.90
N GLU R 49 49.55 -62.49 51.85
CA GLU R 49 50.54 -61.48 52.19
C GLU R 49 50.82 -60.51 51.06
N SER R 50 50.21 -60.71 49.89
CA SER R 50 50.36 -59.74 48.80
C SER R 50 49.59 -58.46 49.10
N ARG R 51 48.32 -58.59 49.48
CA ARG R 51 47.49 -57.43 49.81
C ARG R 51 47.33 -57.22 51.32
N SER R 52 48.01 -58.04 52.13
CA SER R 52 47.95 -58.03 53.60
C SER R 52 46.51 -58.18 54.09
N ARG R 53 45.86 -59.24 53.61
CA ARG R 53 44.48 -59.55 53.96
C ARG R 53 44.43 -60.71 54.94
N LEU R 54 43.46 -60.66 55.85
CA LEU R 54 43.30 -61.73 56.83
C LEU R 54 42.37 -62.83 56.39
N GLY R 55 41.69 -62.67 55.25
CA GLY R 55 40.81 -63.72 54.77
C GLY R 55 39.46 -63.73 55.45
N GLU R 56 38.96 -64.95 55.70
CA GLU R 56 37.63 -65.15 56.26
C GLU R 56 37.59 -66.16 57.39
N ARG R 57 38.71 -66.76 57.76
CA ARG R 57 38.73 -67.94 58.61
C ARG R 57 39.46 -67.66 59.91
N LEU R 58 39.06 -68.37 60.97
CA LEU R 58 39.67 -68.21 62.29
C LEU R 58 39.84 -69.58 62.91
N ARG R 59 41.10 -69.98 63.15
CA ARG R 59 41.44 -71.32 63.60
C ARG R 59 41.98 -71.23 65.02
N ILE R 60 41.22 -71.72 65.99
CA ILE R 60 41.61 -71.68 67.39
C ILE R 60 42.19 -73.02 67.79
N HIS R 61 43.38 -72.99 68.40
CA HIS R 61 44.12 -74.18 68.81
C HIS R 61 44.14 -74.28 70.33
N ALA R 62 43.63 -75.39 70.85
CA ALA R 62 43.76 -75.78 72.27
C ALA R 62 43.51 -77.28 72.38
N SER R 63 43.14 -77.73 73.58
CA SER R 63 42.73 -79.11 73.80
C SER R 63 41.28 -79.31 73.35
N ALA R 64 40.78 -80.53 73.55
CA ALA R 64 39.39 -80.83 73.20
C ALA R 64 38.43 -80.22 74.20
N ASP R 65 38.75 -80.30 75.49
CA ASP R 65 37.83 -79.84 76.52
C ASP R 65 37.75 -78.31 76.58
N ASP R 66 38.86 -77.63 76.27
CA ASP R 66 38.83 -76.17 76.19
C ASP R 66 37.93 -75.69 75.06
N LEU R 67 38.05 -76.32 73.89
CA LEU R 67 37.22 -75.96 72.74
C LEU R 67 35.75 -76.33 72.95
N ARG R 68 35.49 -77.49 73.57
CA ARG R 68 34.11 -77.89 73.84
C ARG R 68 33.48 -77.05 74.94
N ALA R 69 34.27 -76.50 75.86
CA ALA R 69 33.73 -75.56 76.82
C ALA R 69 33.52 -74.19 76.18
N LEU R 70 34.42 -73.78 75.29
CA LEU R 70 34.32 -72.50 74.62
C LEU R 70 33.23 -72.47 73.57
N LEU R 71 32.70 -73.62 73.16
CA LEU R 71 31.51 -73.63 72.32
C LEU R 71 30.27 -73.16 73.08
N ALA R 72 30.10 -73.63 74.32
CA ALA R 72 28.86 -73.44 75.08
C ALA R 72 28.93 -72.28 76.05
N ARG R 73 29.63 -71.21 75.70
CA ARG R 73 29.77 -70.03 76.52
C ARG R 73 29.10 -68.82 75.86
N PRO R 74 28.69 -67.80 76.66
CA PRO R 74 28.01 -66.63 76.07
C PRO R 74 28.89 -65.65 75.32
N TRP R 75 30.13 -66.01 75.00
CA TRP R 75 30.93 -65.24 74.07
C TRP R 75 30.57 -65.52 72.62
N LEU R 76 29.65 -66.45 72.37
CA LEU R 76 29.11 -66.69 71.04
C LEU R 76 27.64 -66.31 70.95
N GLU R 77 27.05 -65.79 72.03
CA GLU R 77 25.69 -65.29 71.98
C GLU R 77 25.65 -63.94 71.27
N GLY R 78 24.65 -63.76 70.41
CA GLY R 78 24.54 -62.56 69.61
C GLY R 78 25.40 -62.54 68.38
N LEU R 79 26.18 -63.59 68.14
CA LEU R 79 27.05 -63.70 66.97
C LEU R 79 26.73 -64.88 66.08
N ARG R 80 26.06 -65.91 66.60
CA ARG R 80 25.95 -67.21 65.92
C ARG R 80 25.14 -67.18 64.64
N ASP R 81 24.38 -66.11 64.38
CA ASP R 81 23.75 -65.91 63.09
C ASP R 81 24.74 -65.39 62.05
N HIS R 82 25.94 -64.99 62.46
CA HIS R 82 26.87 -64.30 61.59
C HIS R 82 28.14 -65.10 61.28
N LEU R 83 28.26 -66.33 61.80
CA LEU R 83 29.43 -67.14 61.48
C LEU R 83 29.02 -68.61 61.49
N GLN R 84 29.76 -69.41 60.71
CA GLN R 84 29.56 -70.84 60.65
C GLN R 84 30.63 -71.57 61.47
N PHE R 85 30.20 -72.64 62.13
CA PHE R 85 31.02 -73.38 63.08
C PHE R 85 31.68 -74.57 62.40
N GLY R 86 32.71 -75.08 63.06
CA GLY R 86 33.37 -76.31 62.67
C GLY R 86 33.23 -77.40 63.71
N GLU R 87 34.27 -78.23 63.80
CA GLU R 87 34.37 -79.30 64.79
C GLU R 87 35.75 -79.24 65.40
N PRO R 88 35.87 -79.37 66.73
CA PRO R 88 37.19 -79.59 67.32
C PRO R 88 37.75 -80.94 66.94
N ALA R 89 38.69 -80.94 66.01
CA ALA R 89 39.34 -82.13 65.51
C ALA R 89 40.85 -81.99 65.66
N VAL R 90 41.55 -83.05 65.36
CA VAL R 90 43.00 -83.08 65.50
C VAL R 90 43.66 -82.39 64.30
N VAL R 91 44.84 -81.84 64.53
CA VAL R 91 45.67 -81.34 63.42
C VAL R 91 46.18 -82.52 62.61
N PRO R 92 46.06 -82.51 61.28
CA PRO R 92 46.61 -83.59 60.47
C PRO R 92 48.13 -83.57 60.47
N HIS R 93 48.70 -84.65 59.94
CA HIS R 93 50.14 -84.87 59.95
C HIS R 93 50.62 -85.12 58.53
N PRO R 94 51.75 -84.52 58.11
CA PRO R 94 52.53 -83.52 58.86
C PRO R 94 52.25 -82.08 58.43
N THR R 95 52.39 -81.14 59.37
CA THR R 95 52.16 -79.73 59.12
C THR R 95 53.36 -78.92 59.62
N PRO R 96 53.68 -77.82 58.94
CA PRO R 96 54.67 -76.88 59.49
C PRO R 96 54.05 -76.07 60.63
N TYR R 97 54.90 -75.29 61.28
CA TYR R 97 54.47 -74.45 62.39
C TYR R 97 54.93 -73.02 62.16
N ARG R 98 54.20 -72.07 62.75
CA ARG R 98 54.59 -70.67 62.71
C ARG R 98 54.00 -69.97 63.92
N GLN R 99 54.33 -68.69 64.08
CA GLN R 99 53.92 -67.92 65.25
C GLN R 99 52.88 -66.88 64.88
N VAL R 100 52.28 -66.29 65.90
CA VAL R 100 51.30 -65.21 65.78
C VAL R 100 51.73 -64.06 66.69
N SER R 101 52.33 -63.02 66.12
CA SER R 101 52.92 -61.97 66.93
C SER R 101 52.26 -60.62 66.68
N ARG R 102 52.11 -59.87 67.76
CA ARG R 102 51.73 -58.47 67.65
C ARG R 102 52.95 -57.63 67.35
N VAL R 103 52.89 -56.88 66.25
CA VAL R 103 53.96 -55.98 65.86
C VAL R 103 53.37 -54.57 65.85
N GLN R 104 53.71 -53.79 66.87
CA GLN R 104 53.33 -52.38 66.92
C GLN R 104 54.42 -51.54 66.27
N ALA R 105 54.16 -50.24 66.16
CA ALA R 105 55.16 -49.28 65.75
C ALA R 105 55.21 -48.12 66.74
N LYS R 106 56.32 -47.40 66.69
CA LYS R 106 56.38 -46.05 67.24
C LYS R 106 56.09 -45.03 66.13
N SER R 107 54.95 -45.24 65.47
CA SER R 107 54.51 -44.39 64.37
C SER R 107 54.00 -43.04 64.86
N ASN R 108 53.80 -42.89 66.16
CA ASN R 108 53.41 -41.64 66.77
C ASN R 108 54.63 -40.99 67.38
N PRO R 109 55.11 -39.87 66.84
CA PRO R 109 56.15 -39.12 67.55
C PRO R 109 55.67 -38.53 68.87
N GLU R 110 54.37 -38.17 68.96
CA GLU R 110 53.84 -37.43 70.12
C GLU R 110 53.89 -38.26 71.40
N ARG R 111 53.71 -39.58 71.29
CA ARG R 111 53.83 -40.44 72.46
C ARG R 111 55.27 -40.49 72.97
N LEU R 112 56.25 -40.45 72.05
CA LEU R 112 57.63 -40.44 72.49
C LEU R 112 58.01 -39.06 73.02
N ARG R 113 57.38 -37.99 72.51
CA ARG R 113 57.50 -36.67 73.11
C ARG R 113 57.01 -36.69 74.56
N ARG R 114 55.85 -37.31 74.79
CA ARG R 114 55.29 -37.38 76.14
C ARG R 114 56.15 -38.23 77.05
N ARG R 115 56.69 -39.35 76.55
CA ARG R 115 57.54 -40.21 77.37
C ARG R 115 58.87 -39.53 77.72
N LEU R 116 59.55 -38.97 76.71
CA LEU R 116 60.84 -38.33 76.91
C LEU R 116 60.70 -37.01 77.66
N MET R 117 59.51 -36.41 77.65
CA MET R 117 59.28 -35.16 78.37
C MET R 117 58.74 -35.39 79.78
N ARG R 118 58.15 -36.56 80.05
CA ARG R 118 57.67 -36.88 81.38
C ARG R 118 58.72 -37.59 82.22
N ARG R 119 59.62 -38.35 81.58
CA ARG R 119 60.65 -39.05 82.33
C ARG R 119 61.88 -38.19 82.60
N HIS R 120 62.13 -37.16 81.79
CA HIS R 120 63.35 -36.38 81.87
C HIS R 120 63.14 -34.93 82.27
N ASP R 121 61.89 -34.45 82.30
CA ASP R 121 61.51 -33.04 82.46
C ASP R 121 62.22 -32.18 81.42
N LEU R 122 62.07 -32.57 80.17
CA LEU R 122 62.60 -31.81 79.05
C LEU R 122 61.59 -30.74 78.64
N SER R 123 61.92 -30.00 77.59
CA SER R 123 61.00 -29.10 76.93
C SER R 123 60.45 -29.76 75.68
N GLU R 124 59.51 -29.08 75.02
CA GLU R 124 58.96 -29.60 73.78
C GLU R 124 59.99 -29.53 72.65
N GLU R 125 60.81 -28.48 72.64
CA GLU R 125 61.80 -28.31 71.58
C GLU R 125 62.96 -29.30 71.75
N GLU R 126 63.28 -29.64 72.99
CA GLU R 126 64.31 -30.65 73.25
C GLU R 126 63.85 -32.03 72.80
N ALA R 127 62.59 -32.38 73.09
CA ALA R 127 62.04 -33.65 72.61
C ALA R 127 61.84 -33.65 71.11
N ARG R 128 61.64 -32.47 70.51
CA ARG R 128 61.45 -32.40 69.07
C ARG R 128 62.77 -32.53 68.32
N LYS R 129 63.85 -31.95 68.86
CA LYS R 129 65.15 -32.15 68.23
C LYS R 129 65.76 -33.50 68.59
N ARG R 130 65.33 -34.10 69.70
CA ARG R 130 65.86 -35.41 70.07
C ARG R 130 65.32 -36.52 69.19
N ILE R 131 64.02 -36.49 68.89
CA ILE R 131 63.36 -37.47 68.03
C ILE R 131 62.66 -36.70 66.92
N PRO R 132 63.02 -36.92 65.65
CA PRO R 132 62.33 -36.20 64.56
C PRO R 132 61.01 -36.85 64.17
N ASP R 133 60.37 -36.30 63.12
CA ASP R 133 59.09 -36.82 62.64
C ASP R 133 59.26 -38.05 61.74
N THR R 134 60.49 -38.38 61.37
CA THR R 134 60.77 -39.53 60.50
C THR R 134 60.84 -40.85 61.26
N VAL R 135 60.55 -40.85 62.56
CA VAL R 135 60.61 -42.07 63.36
C VAL R 135 59.40 -42.97 63.11
N ALA R 136 58.40 -42.47 62.39
CA ALA R 136 57.19 -43.24 62.13
C ALA R 136 57.47 -44.40 61.18
N ARG R 137 57.16 -45.61 61.62
CA ARG R 137 57.38 -46.82 60.84
C ARG R 137 56.11 -47.20 60.10
N THR R 138 56.25 -47.51 58.81
CA THR R 138 55.14 -47.96 57.98
C THR R 138 55.08 -49.49 57.98
N LEU R 139 53.87 -50.04 57.96
CA LEU R 139 53.65 -51.46 58.13
C LEU R 139 52.80 -52.00 56.98
N ASP R 140 53.11 -53.22 56.55
CA ASP R 140 52.30 -53.90 55.55
C ASP R 140 51.71 -55.16 56.17
N LEU R 141 51.24 -55.06 57.41
CA LEU R 141 50.65 -56.21 58.07
C LEU R 141 49.14 -56.09 58.13
N PRO R 142 48.41 -57.21 58.13
CA PRO R 142 46.97 -57.16 58.38
C PRO R 142 46.67 -56.85 59.84
N PHE R 143 45.49 -56.29 60.08
CA PHE R 143 45.08 -55.94 61.44
C PHE R 143 43.56 -55.90 61.61
N VAL R 144 43.11 -56.07 62.84
CA VAL R 144 41.68 -56.03 63.15
C VAL R 144 41.39 -54.93 64.18
N THR R 145 40.41 -54.08 63.88
CA THR R 145 40.05 -53.00 64.79
C THR R 145 39.46 -53.52 66.10
N LEU R 146 39.84 -52.89 67.21
CA LEU R 146 39.34 -53.29 68.52
C LEU R 146 38.96 -52.07 69.36
N ARG R 147 38.00 -52.24 70.27
CA ARG R 147 37.59 -51.16 71.14
C ARG R 147 37.95 -51.51 72.58
N SER R 148 37.83 -50.52 73.45
CA SER R 148 38.09 -50.71 74.87
C SER R 148 36.80 -50.46 75.64
N GLN R 149 36.63 -51.19 76.74
CA GLN R 149 35.37 -51.18 77.49
C GLN R 149 35.37 -50.16 78.62
N SER R 150 36.38 -50.19 79.49
CA SER R 150 36.38 -49.33 80.67
C SER R 150 36.72 -47.89 80.32
N THR R 151 37.93 -47.65 79.83
CA THR R 151 38.35 -46.35 79.32
C THR R 151 38.54 -46.50 77.82
N GLY R 152 37.68 -45.83 77.04
CA GLY R 152 37.48 -46.20 75.66
C GLY R 152 38.59 -45.76 74.73
N GLN R 153 39.16 -46.72 74.01
CA GLN R 153 40.23 -46.42 73.08
C GLN R 153 40.09 -47.26 71.81
N HIS R 154 40.47 -46.68 70.66
CA HIS R 154 40.39 -47.38 69.39
C HIS R 154 41.79 -47.48 68.78
N PHE R 155 42.17 -48.70 68.41
CA PHE R 155 43.48 -48.92 67.81
C PHE R 155 43.46 -50.12 66.86
N ARG R 156 44.44 -50.18 65.98
CA ARG R 156 44.54 -51.29 65.03
C ARG R 156 45.63 -52.23 65.51
N LEU R 157 45.28 -53.51 65.65
CA LEU R 157 46.22 -54.51 66.13
C LEU R 157 46.76 -55.25 64.92
N PHE R 158 48.05 -55.06 64.62
CA PHE R 158 48.68 -55.76 63.51
C PHE R 158 49.08 -57.16 63.94
N ILE R 159 48.76 -58.14 63.11
CA ILE R 159 49.16 -59.53 63.34
C ILE R 159 50.20 -59.90 62.29
N ARG R 160 51.28 -60.53 62.74
CA ARG R 160 52.32 -61.03 61.86
C ARG R 160 52.48 -62.53 62.07
N HIS R 161 52.39 -63.29 60.99
CA HIS R 161 52.63 -64.72 61.01
C HIS R 161 54.11 -64.95 60.69
N GLY R 162 54.81 -65.64 61.58
CA GLY R 162 56.24 -65.77 61.47
C GLY R 162 56.65 -66.80 60.43
N PRO R 163 57.95 -67.07 60.36
CA PRO R 163 58.46 -68.00 59.36
C PRO R 163 58.07 -69.44 59.66
N LEU R 164 57.89 -70.21 58.59
CA LEU R 164 57.48 -71.60 58.72
C LEU R 164 58.66 -72.44 59.19
N GLN R 165 58.49 -73.11 60.33
CA GLN R 165 59.50 -74.01 60.88
C GLN R 165 59.06 -75.45 60.69
N ALA R 166 59.97 -76.37 61.02
CA ALA R 166 59.68 -77.80 60.91
C ALA R 166 59.19 -78.39 62.23
N THR R 167 59.62 -77.84 63.37
CA THR R 167 59.19 -78.32 64.67
C THR R 167 58.78 -77.13 65.53
N ALA R 168 57.94 -77.41 66.52
CA ALA R 168 57.44 -76.39 67.44
C ALA R 168 58.05 -76.57 68.81
N GLU R 169 58.18 -75.47 69.53
CA GLU R 169 58.72 -75.47 70.88
C GLU R 169 57.68 -74.95 71.86
N GLU R 170 57.98 -75.10 73.15
CA GLU R 170 57.04 -74.74 74.20
C GLU R 170 57.00 -73.22 74.39
N GLY R 171 55.86 -72.73 74.87
CA GLY R 171 55.69 -71.31 75.13
C GLY R 171 54.25 -70.91 75.31
N GLY R 172 54.02 -69.75 75.95
CA GLY R 172 52.69 -69.33 76.32
C GLY R 172 52.01 -68.47 75.27
N PHE R 173 50.81 -68.02 75.61
CA PHE R 173 50.01 -67.15 74.76
C PHE R 173 49.30 -66.13 75.63
N THR R 174 48.99 -64.97 75.04
CA THR R 174 48.26 -63.94 75.75
C THR R 174 46.76 -64.25 75.74
N CYS R 175 45.98 -63.28 76.21
CA CYS R 175 44.53 -63.33 76.12
CA CYS R 175 44.53 -63.35 76.11
C CYS R 175 44.00 -62.87 74.77
N TYR R 176 44.90 -62.48 73.85
CA TYR R 176 44.55 -62.23 72.47
C TYR R 176 44.75 -63.47 71.61
N GLY R 177 45.41 -64.49 72.15
CA GLY R 177 45.79 -65.67 71.41
C GLY R 177 47.15 -65.58 70.74
N LEU R 178 47.84 -64.45 70.83
CA LEU R 178 49.09 -64.27 70.10
C LEU R 178 50.25 -64.97 70.79
N SER R 179 51.29 -65.25 70.01
CA SER R 179 52.33 -66.18 70.45
C SER R 179 53.36 -65.50 71.35
N LYS R 180 53.66 -66.16 72.47
CA LYS R 180 54.75 -65.78 73.37
C LYS R 180 55.75 -66.93 73.51
N GLY R 181 56.09 -67.55 72.38
CA GLY R 181 57.00 -68.69 72.35
C GLY R 181 56.36 -69.96 71.80
N GLY R 182 55.08 -70.16 72.09
CA GLY R 182 54.39 -71.31 71.55
C GLY R 182 53.95 -71.06 70.12
N PHE R 183 54.03 -72.10 69.30
CA PHE R 183 53.75 -71.97 67.89
C PHE R 183 52.45 -72.70 67.55
N VAL R 184 51.82 -72.25 66.47
CA VAL R 184 50.57 -72.86 66.01
C VAL R 184 50.86 -73.66 64.74
N PRO R 185 50.23 -74.83 64.58
CA PRO R 185 50.39 -75.59 63.34
C PRO R 185 49.66 -74.91 62.18
N TRP R 186 50.38 -74.72 61.08
CA TRP R 186 49.92 -73.96 59.94
C TRP R 186 49.50 -74.91 58.82
N PHE R 187 48.21 -74.90 58.48
CA PHE R 187 47.68 -75.76 57.43
C PHE R 187 46.40 -75.18 56.84
N ASN S 2 -19.43 46.05 -15.97
CA ASN S 2 -19.37 45.34 -14.71
C ASN S 2 -19.31 43.83 -14.90
N ALA S 3 -18.13 43.35 -15.31
CA ALA S 3 -17.94 41.93 -15.51
C ALA S 3 -17.91 41.19 -14.18
N ILE S 4 -18.14 39.88 -14.24
CA ILE S 4 -18.16 39.01 -13.08
C ILE S 4 -17.13 37.91 -13.29
N HIS S 5 -16.27 37.68 -12.31
CA HIS S 5 -15.21 36.70 -12.43
C HIS S 5 -15.46 35.58 -11.44
N ILE S 6 -15.65 34.37 -11.95
CA ILE S 6 -15.81 33.18 -11.13
C ILE S 6 -14.65 32.26 -11.52
N GLY S 7 -13.55 32.38 -10.80
CA GLY S 7 -12.35 31.61 -11.10
C GLY S 7 -11.78 31.99 -12.45
N PRO S 8 -11.65 30.99 -13.33
CA PRO S 8 -11.24 31.28 -14.71
C PRO S 8 -12.39 31.71 -15.62
N PHE S 9 -13.62 31.74 -15.13
CA PHE S 9 -14.76 32.14 -15.96
C PHE S 9 -15.03 33.62 -15.81
N SER S 10 -15.50 34.24 -16.90
CA SER S 10 -15.86 35.64 -16.87
C SER S 10 -17.18 35.87 -17.59
N ILE S 11 -18.07 36.63 -16.95
CA ILE S 11 -19.38 36.94 -17.50
C ILE S 11 -19.44 38.44 -17.74
N THR S 12 -19.55 38.84 -19.00
CA THR S 12 -19.53 40.24 -19.39
C THR S 12 -20.85 40.65 -20.03
N PRO S 13 -21.30 41.89 -19.84
CA PRO S 13 -22.50 42.35 -20.54
C PRO S 13 -22.16 42.94 -21.91
N ALA S 14 -23.20 43.17 -22.69
CA ALA S 14 -23.05 43.43 -24.12
C ALA S 14 -22.95 44.91 -24.49
N ALA S 15 -22.76 45.79 -23.51
CA ALA S 15 -22.43 47.22 -23.68
C ALA S 15 -23.54 48.08 -24.28
N ARG S 16 -24.65 47.47 -24.71
CA ARG S 16 -25.88 48.19 -25.02
C ARG S 16 -27.03 47.20 -24.94
N GLY S 17 -28.05 47.55 -24.16
CA GLY S 17 -29.15 46.65 -23.90
C GLY S 17 -30.17 46.66 -25.01
N LEU S 18 -31.29 46.00 -24.72
CA LEU S 18 -32.44 45.95 -25.61
C LEU S 18 -33.69 46.06 -24.75
N HIS S 19 -34.85 46.08 -25.38
CA HIS S 19 -36.11 46.09 -24.66
C HIS S 19 -36.89 44.86 -25.05
N TYR S 20 -36.91 43.86 -24.17
CA TYR S 20 -37.64 42.64 -24.41
C TYR S 20 -38.86 42.60 -23.49
N GLY S 21 -40.04 42.42 -24.08
CA GLY S 21 -41.28 42.42 -23.34
C GLY S 21 -41.59 43.72 -22.66
N GLY S 22 -41.06 44.84 -23.16
CA GLY S 22 -41.15 46.10 -22.49
C GLY S 22 -40.06 46.36 -21.47
N LEU S 23 -39.38 45.32 -20.99
CA LEU S 23 -38.41 45.55 -19.94
C LEU S 23 -37.00 45.63 -20.52
N PRO S 24 -36.13 46.46 -19.94
CA PRO S 24 -34.76 46.53 -20.44
C PRO S 24 -33.95 45.30 -20.06
N HIS S 25 -33.19 44.80 -21.02
CA HIS S 25 -32.39 43.60 -20.88
C HIS S 25 -30.99 43.87 -21.39
N HIS S 26 -30.07 42.97 -21.04
CA HIS S 26 -28.72 42.97 -21.56
C HIS S 26 -28.31 41.53 -21.85
N GLN S 27 -27.48 41.35 -22.86
CA GLN S 27 -26.92 40.05 -23.17
C GLN S 27 -25.65 39.85 -22.37
N TRP S 28 -25.62 38.81 -21.55
CA TRP S 28 -24.46 38.43 -20.78
C TRP S 28 -23.79 37.23 -21.42
N THR S 29 -22.50 37.34 -21.67
CA THR S 29 -21.71 36.28 -22.28
C THR S 29 -20.77 35.68 -21.25
N LEU S 30 -20.81 34.36 -21.13
CA LEU S 30 -19.93 33.61 -20.26
C LEU S 30 -18.80 33.02 -21.11
N TYR S 31 -17.57 33.41 -20.79
CA TYR S 31 -16.35 32.93 -21.41
C TYR S 31 -15.55 32.11 -20.41
N TYR S 32 -14.85 31.11 -20.94
CA TYR S 32 -13.79 30.41 -20.24
C TYR S 32 -12.50 30.80 -20.96
N GLY S 33 -11.91 31.92 -20.53
CA GLY S 33 -10.79 32.49 -21.23
C GLY S 33 -11.23 33.06 -22.57
N PRO S 34 -10.58 32.62 -23.64
CA PRO S 34 -10.99 33.06 -24.97
C PRO S 34 -12.18 32.31 -25.52
N ARG S 35 -12.48 31.13 -24.99
CA ARG S 35 -13.55 30.30 -25.52
C ARG S 35 -14.90 30.80 -25.01
N GLU S 36 -15.78 31.17 -25.92
CA GLU S 36 -17.10 31.65 -25.55
C GLU S 36 -18.00 30.47 -25.24
N MET S 37 -18.47 30.38 -23.99
CA MET S 37 -19.25 29.24 -23.55
C MET S 37 -20.75 29.45 -23.71
N ALA S 38 -21.29 30.59 -23.28
CA ALA S 38 -22.73 30.76 -23.36
C ALA S 38 -23.09 32.24 -23.50
N ILE S 39 -24.31 32.49 -23.98
CA ILE S 39 -24.91 33.82 -23.99
C ILE S 39 -26.31 33.69 -23.43
N LYS S 40 -26.70 34.59 -22.54
CA LYS S 40 -28.07 34.68 -22.08
C LYS S 40 -28.54 36.13 -22.19
N THR S 41 -29.86 36.31 -22.20
CA THR S 41 -30.44 37.65 -22.22
C THR S 41 -31.11 37.85 -20.86
N LEU S 42 -30.42 38.54 -19.98
CA LEU S 42 -30.93 38.71 -18.65
C LEU S 42 -31.39 40.14 -18.46
N PRO S 43 -32.47 40.38 -17.71
CA PRO S 43 -32.97 41.74 -17.56
C PRO S 43 -32.09 42.57 -16.66
N ASP S 44 -32.27 43.88 -16.77
CA ASP S 44 -31.75 44.76 -15.75
C ASP S 44 -32.55 44.60 -14.46
N SER S 45 -32.03 45.22 -13.39
CA SER S 45 -32.44 44.97 -12.00
C SER S 45 -32.27 43.50 -11.63
N TYR S 46 -31.27 42.86 -12.22
CA TYR S 46 -30.74 41.60 -11.72
C TYR S 46 -29.46 41.90 -10.96
N THR S 47 -29.37 41.40 -9.74
CA THR S 47 -28.12 41.54 -9.00
C THR S 47 -27.07 40.60 -9.57
N SER S 48 -25.82 40.83 -9.18
CA SER S 48 -24.72 40.02 -9.70
C SER S 48 -24.78 38.60 -9.19
N SER S 49 -25.44 38.38 -8.04
CA SER S 49 -25.68 37.01 -7.57
C SER S 49 -26.63 36.26 -8.49
N GLU S 50 -27.66 36.95 -8.99
CA GLU S 50 -28.61 36.31 -9.90
C GLU S 50 -27.97 36.00 -11.24
N VAL S 51 -27.09 36.89 -11.72
CA VAL S 51 -26.30 36.62 -12.91
C VAL S 51 -25.33 35.47 -12.66
N ARG S 52 -24.87 35.31 -11.42
CA ARG S 52 -23.96 34.23 -11.10
C ARG S 52 -24.65 32.87 -11.15
N ASP S 53 -25.76 32.71 -10.42
CA ASP S 53 -26.39 31.39 -10.51
C ASP S 53 -27.37 31.28 -11.67
N GLU S 54 -27.36 32.22 -12.62
CA GLU S 54 -27.88 31.88 -13.94
C GLU S 54 -26.91 31.01 -14.72
N PHE S 55 -25.60 31.18 -14.53
CA PHE S 55 -24.59 30.44 -15.27
C PHE S 55 -23.92 29.36 -14.45
N SER S 56 -24.28 29.25 -13.16
CA SER S 56 -23.70 28.23 -12.29
C SER S 56 -23.92 26.81 -12.79
N ASP S 57 -25.03 26.54 -13.50
CA ASP S 57 -25.29 25.19 -13.99
C ASP S 57 -24.34 24.83 -15.13
N ILE S 58 -24.07 25.77 -16.03
CA ILE S 58 -23.12 25.52 -17.11
C ILE S 58 -21.71 25.35 -16.56
N ILE S 59 -21.38 26.14 -15.52
CA ILE S 59 -20.08 25.99 -14.87
C ILE S 59 -19.97 24.62 -14.20
N ALA S 60 -21.05 24.15 -13.58
CA ALA S 60 -21.03 22.85 -12.93
C ALA S 60 -20.92 21.71 -13.92
N GLU S 61 -21.57 21.84 -15.08
CA GLU S 61 -21.42 20.84 -16.13
C GLU S 61 -20.00 20.81 -16.69
N PHE S 62 -19.38 21.99 -16.81
CA PHE S 62 -17.97 22.05 -17.21
C PHE S 62 -17.08 21.35 -16.19
N VAL S 63 -17.38 21.52 -14.91
CA VAL S 63 -16.57 20.90 -13.85
C VAL S 63 -16.72 19.39 -13.87
N ILE S 64 -17.96 18.90 -14.08
CA ILE S 64 -18.21 17.46 -14.17
C ILE S 64 -17.48 16.87 -15.37
N ASP S 65 -17.55 17.54 -16.52
CA ASP S 65 -16.89 17.03 -17.72
C ASP S 65 -15.37 17.04 -17.59
N ALA S 66 -14.81 18.08 -16.98
CA ALA S 66 -13.37 18.14 -16.81
C ALA S 66 -12.89 17.14 -15.76
N ARG S 67 -13.72 16.87 -14.75
CA ARG S 67 -13.34 15.90 -13.73
C ARG S 67 -13.41 14.48 -14.27
N HIS S 68 -14.36 14.20 -15.16
CA HIS S 68 -14.43 12.87 -15.73
C HIS S 68 -13.41 12.66 -16.84
N ARG S 69 -13.12 13.71 -17.61
CA ARG S 69 -12.23 13.55 -18.76
C ARG S 69 -10.78 13.39 -18.33
N TYR S 70 -10.33 14.20 -17.37
CA TYR S 70 -8.95 14.19 -16.92
C TYR S 70 -8.77 13.40 -15.62
N ALA S 71 -9.59 12.37 -15.42
CA ALA S 71 -9.42 11.51 -14.26
C ALA S 71 -8.13 10.70 -14.40
N PRO S 72 -7.41 10.48 -13.31
CA PRO S 72 -6.17 9.71 -13.39
C PRO S 72 -6.45 8.22 -13.55
N ASP S 73 -5.39 7.48 -13.87
CA ASP S 73 -5.53 6.07 -14.15
C ASP S 73 -5.78 5.29 -12.86
N VAL S 74 -6.27 4.07 -13.00
CA VAL S 74 -6.58 3.24 -11.85
C VAL S 74 -5.86 1.91 -12.04
N LEU S 75 -5.01 1.56 -11.07
CA LEU S 75 -4.44 0.23 -10.99
C LEU S 75 -5.23 -0.57 -9.97
N GLU S 76 -5.32 -1.87 -10.21
CA GLU S 76 -6.07 -2.77 -9.36
C GLU S 76 -5.17 -3.90 -8.92
N LEU S 77 -5.13 -4.14 -7.61
CA LEU S 77 -4.47 -5.29 -7.03
C LEU S 77 -5.48 -6.42 -6.92
N VAL S 78 -5.24 -7.49 -7.65
CA VAL S 78 -6.09 -8.67 -7.71
C VAL S 78 -5.27 -9.89 -7.33
N ASN S 79 -5.96 -10.98 -7.05
CA ASN S 79 -5.29 -12.22 -6.71
C ASN S 79 -5.02 -13.02 -7.98
N SER S 80 -4.63 -14.29 -7.81
CA SER S 80 -4.11 -15.07 -8.93
C SER S 80 -5.19 -15.53 -9.90
N ASP S 81 -6.45 -15.57 -9.46
CA ASP S 81 -7.51 -16.03 -10.36
C ASP S 81 -7.85 -15.02 -11.44
N GLY S 82 -7.77 -13.73 -11.13
CA GLY S 82 -8.09 -12.71 -12.11
C GLY S 82 -9.21 -11.77 -11.74
N ASP S 83 -10.27 -12.29 -11.12
CA ASP S 83 -11.34 -11.44 -10.64
C ASP S 83 -11.04 -11.05 -9.18
N ALA S 84 -12.05 -10.54 -8.47
CA ALA S 84 -12.00 -10.23 -7.04
C ALA S 84 -10.90 -9.21 -6.73
N VAL S 85 -11.16 -7.98 -7.20
CA VAL S 85 -10.26 -6.86 -6.95
C VAL S 85 -10.07 -6.63 -5.46
N LEU S 86 -8.85 -6.83 -4.98
CA LEU S 86 -8.54 -6.66 -3.58
C LEU S 86 -8.29 -5.21 -3.22
N ALA S 87 -7.65 -4.45 -4.10
CA ALA S 87 -7.40 -3.05 -3.82
C ALA S 87 -7.40 -2.25 -5.10
N ARG S 88 -7.64 -0.95 -4.98
CA ARG S 88 -7.57 -0.03 -6.10
C ARG S 88 -6.74 1.18 -5.72
N VAL S 89 -6.04 1.74 -6.68
CA VAL S 89 -5.24 2.94 -6.44
C VAL S 89 -5.25 3.81 -7.69
N ALA S 90 -5.62 5.07 -7.52
CA ALA S 90 -5.59 6.03 -8.61
C ALA S 90 -4.18 6.57 -8.75
N VAL S 91 -3.52 6.24 -9.84
CA VAL S 91 -2.15 6.66 -10.11
C VAL S 91 -2.17 7.75 -11.17
N SER S 92 -1.17 8.62 -11.08
CA SER S 92 -0.94 9.67 -12.05
C SER S 92 0.10 9.29 -13.08
N ARG S 93 0.60 8.06 -13.02
CA ARG S 93 1.67 7.60 -13.89
C ARG S 93 1.66 6.08 -13.84
N LEU S 94 2.23 5.47 -14.85
CA LEU S 94 2.20 4.03 -14.86
C LEU S 94 3.55 3.46 -14.41
N PRO S 95 3.56 2.28 -13.78
CA PRO S 95 4.79 1.79 -13.15
C PRO S 95 5.93 1.39 -14.09
N GLU S 96 5.76 1.51 -15.41
CA GLU S 96 6.81 1.51 -16.42
C GLU S 96 7.45 0.12 -16.63
N ALA S 97 7.09 -0.85 -15.80
CA ALA S 97 7.45 -2.23 -16.03
C ALA S 97 6.27 -3.04 -16.53
N LEU S 98 5.14 -2.39 -16.77
CA LEU S 98 3.94 -3.09 -17.22
C LEU S 98 4.09 -3.55 -18.66
N SER S 99 3.58 -4.75 -18.94
CA SER S 99 3.57 -5.31 -20.28
C SER S 99 2.53 -6.41 -20.27
N GLY S 100 1.63 -6.38 -21.26
CA GLY S 100 0.32 -7.04 -21.27
C GLY S 100 0.21 -8.43 -20.67
N CYS S 101 -0.63 -8.56 -19.66
CA CYS S 101 -0.57 -9.72 -18.77
C CYS S 101 -1.96 -10.27 -18.50
N ILE S 102 -2.04 -11.59 -18.47
CA ILE S 102 -3.15 -12.32 -17.86
C ILE S 102 -2.62 -13.01 -16.62
N PRO S 103 -3.16 -12.76 -15.44
CA PRO S 103 -2.61 -13.36 -14.22
C PRO S 103 -2.85 -14.86 -14.14
N ASP S 104 -1.82 -15.57 -13.71
CA ASP S 104 -1.89 -17.00 -13.43
C ASP S 104 -1.56 -17.22 -11.94
N ASP S 105 -1.45 -18.48 -11.56
CA ASP S 105 -1.24 -18.85 -10.17
C ASP S 105 0.23 -19.05 -9.81
N ARG S 106 1.16 -18.61 -10.66
CA ARG S 106 2.56 -18.64 -10.28
C ARG S 106 2.87 -17.60 -9.22
N PHE S 107 2.06 -16.55 -9.13
CA PHE S 107 2.23 -15.48 -8.17
C PHE S 107 0.87 -15.15 -7.55
N PRO S 108 0.82 -14.86 -6.25
CA PRO S 108 -0.48 -14.67 -5.61
C PRO S 108 -1.08 -13.30 -5.80
N TYR S 109 -0.30 -12.29 -6.18
CA TYR S 109 -0.80 -10.93 -6.29
C TYR S 109 -0.36 -10.30 -7.59
N TRP S 110 -1.30 -9.67 -8.28
CA TRP S 110 -1.02 -8.99 -9.53
C TRP S 110 -1.59 -7.58 -9.48
N LEU S 111 -0.95 -6.69 -10.22
CA LEU S 111 -1.31 -5.29 -10.31
C LEU S 111 -1.60 -5.00 -11.77
N LEU S 112 -2.88 -4.94 -12.12
CA LEU S 112 -3.32 -4.72 -13.49
C LEU S 112 -3.83 -3.30 -13.66
N THR S 113 -3.91 -2.88 -14.92
CA THR S 113 -4.60 -1.63 -15.20
C THR S 113 -6.10 -1.87 -15.20
N ALA S 114 -6.86 -0.82 -14.92
CA ALA S 114 -8.31 -0.91 -15.04
C ALA S 114 -8.78 -0.77 -16.48
N SER S 115 -7.93 -0.23 -17.36
CA SER S 115 -8.22 -0.22 -18.78
C SER S 115 -8.24 -1.64 -19.31
N ARG S 116 -9.01 -1.86 -20.37
CA ARG S 116 -9.44 -3.22 -20.67
C ARG S 116 -8.39 -4.12 -21.32
N PRO S 117 -7.54 -3.68 -22.28
CA PRO S 117 -6.39 -4.52 -22.61
C PRO S 117 -5.34 -4.38 -21.52
N ARG S 118 -5.45 -5.19 -20.47
CA ARG S 118 -4.73 -4.98 -19.23
C ARG S 118 -3.23 -5.20 -19.40
N LEU S 119 -2.45 -4.46 -18.63
CA LEU S 119 -1.00 -4.46 -18.76
C LEU S 119 -0.31 -5.24 -17.64
N GLY S 120 -0.55 -4.89 -16.39
CA GLY S 120 -0.22 -5.77 -15.27
C GLY S 120 1.23 -6.02 -14.91
N LEU S 121 1.43 -6.56 -13.70
CA LEU S 121 2.71 -6.90 -13.11
C LEU S 121 2.51 -7.78 -11.89
N PRO S 122 3.32 -8.80 -11.67
CA PRO S 122 3.22 -9.55 -10.40
C PRO S 122 3.93 -8.80 -9.28
N VAL S 123 3.25 -8.68 -8.14
CA VAL S 123 3.77 -7.96 -6.99
C VAL S 123 3.61 -8.83 -5.74
N THR S 124 4.17 -8.35 -4.62
CA THR S 124 4.16 -9.12 -3.40
C THR S 124 3.86 -8.26 -2.18
N LEU S 125 2.95 -7.29 -2.35
CA LEU S 125 2.34 -6.48 -1.29
C LEU S 125 3.30 -5.54 -0.57
N ASN S 126 4.59 -5.61 -0.87
CA ASN S 126 5.57 -4.65 -0.39
C ASN S 126 6.04 -3.73 -1.49
N GLU S 127 6.25 -4.28 -2.69
CA GLU S 127 6.48 -3.44 -3.85
C GLU S 127 5.20 -2.82 -4.37
N TYR S 128 4.04 -3.42 -4.07
CA TYR S 128 2.78 -2.75 -4.33
C TYR S 128 2.63 -1.51 -3.48
N THR S 129 3.02 -1.59 -2.21
CA THR S 129 2.98 -0.44 -1.32
C THR S 129 3.98 0.62 -1.76
N ALA S 130 5.15 0.20 -2.26
CA ALA S 130 6.13 1.15 -2.76
C ALA S 130 5.65 1.85 -4.02
N LEU S 131 5.01 1.10 -4.93
CA LEU S 131 4.48 1.70 -6.15
C LEU S 131 3.32 2.64 -5.85
N ALA S 132 2.47 2.26 -4.89
CA ALA S 132 1.36 3.13 -4.52
C ALA S 132 1.84 4.37 -3.80
N VAL S 133 2.95 4.28 -3.06
CA VAL S 133 3.50 5.47 -2.42
C VAL S 133 4.13 6.39 -3.47
N GLU S 134 4.83 5.81 -4.44
CA GLU S 134 5.54 6.61 -5.41
C GLU S 134 4.59 7.27 -6.41
N LEU S 135 3.59 6.54 -6.89
CA LEU S 135 2.85 6.95 -8.08
C LEU S 135 1.44 7.41 -7.81
N SER S 136 1.04 7.63 -6.56
CA SER S 136 -0.34 7.94 -6.26
C SER S 136 -0.73 9.32 -6.78
N ALA S 137 -2.02 9.51 -6.95
CA ALA S 137 -2.51 10.76 -7.48
C ALA S 137 -3.15 11.59 -6.38
N PRO S 138 -2.94 12.90 -6.38
CA PRO S 138 -3.58 13.76 -5.41
C PRO S 138 -5.08 13.86 -5.68
N PRO S 139 -5.88 14.29 -4.69
CA PRO S 139 -7.34 14.29 -4.89
C PRO S 139 -7.84 15.27 -5.93
N LEU S 140 -7.06 16.26 -6.34
CA LEU S 140 -7.46 17.21 -7.37
C LEU S 140 -6.50 17.17 -8.54
N ALA S 141 -6.15 15.97 -8.99
CA ALA S 141 -5.20 15.82 -10.08
C ALA S 141 -5.79 16.21 -11.42
N TRP S 142 -7.11 16.18 -11.56
CA TRP S 142 -7.76 16.47 -12.84
C TRP S 142 -7.59 17.91 -13.28
N ILE S 143 -7.30 18.82 -12.35
CA ILE S 143 -7.02 20.21 -12.69
C ILE S 143 -5.74 20.31 -13.50
N THR S 144 -4.82 19.34 -13.35
CA THR S 144 -3.64 19.29 -14.20
C THR S 144 -3.99 19.03 -15.66
N GLY S 145 -5.17 18.49 -15.94
CA GLY S 145 -5.61 18.39 -17.32
C GLY S 145 -5.94 19.74 -17.94
N LEU S 146 -6.30 20.71 -17.11
CA LEU S 146 -6.69 22.03 -17.61
C LEU S 146 -5.54 23.01 -17.63
N LEU S 147 -4.31 22.54 -17.54
CA LEU S 147 -3.16 23.41 -17.45
C LEU S 147 -2.21 23.13 -18.61
N PRO S 148 -1.42 24.13 -19.04
CA PRO S 148 -0.67 23.98 -20.30
C PRO S 148 0.45 22.97 -20.31
N GLY S 149 0.85 22.42 -19.18
CA GLY S 149 1.88 21.40 -19.16
C GLY S 149 3.30 21.93 -19.13
N GLU S 150 3.55 23.09 -19.75
CA GLU S 150 4.82 23.76 -19.57
C GLU S 150 4.86 24.58 -18.30
N VAL S 151 3.72 24.75 -17.63
CA VAL S 151 3.70 25.25 -16.27
C VAL S 151 3.68 24.14 -15.23
N LEU S 152 3.59 22.89 -15.68
CA LEU S 152 3.55 21.74 -14.80
C LEU S 152 4.81 20.91 -14.84
N THR S 153 5.78 21.28 -15.67
CA THR S 153 6.97 20.46 -15.83
C THR S 153 7.93 20.64 -14.67
N HIS S 154 8.72 19.60 -14.41
CA HIS S 154 9.74 19.65 -13.38
C HIS S 154 11.07 20.18 -13.89
N ASP S 155 11.30 20.14 -15.20
CA ASP S 155 12.53 20.66 -15.78
C ASP S 155 12.46 22.18 -15.77
N ALA S 156 13.37 22.82 -15.04
CA ALA S 156 13.33 24.27 -14.90
C ALA S 156 13.77 25.00 -16.15
N GLU S 157 14.42 24.31 -17.10
CA GLU S 157 14.79 24.96 -18.35
C GLU S 157 13.57 25.18 -19.24
N GLU S 158 12.58 24.30 -19.15
CA GLU S 158 11.38 24.41 -19.97
C GLU S 158 10.20 25.02 -19.25
N TRP S 159 10.32 25.29 -17.96
CA TRP S 159 9.20 25.82 -17.20
C TRP S 159 9.02 27.30 -17.46
N ARG S 160 7.77 27.73 -17.57
CA ARG S 160 7.44 29.13 -17.56
C ARG S 160 6.41 29.38 -16.49
N PRO S 161 6.40 30.56 -15.88
CA PRO S 161 5.47 30.82 -14.80
C PRO S 161 4.04 30.92 -15.32
N PRO S 162 3.05 30.61 -14.50
CA PRO S 162 1.67 30.71 -14.96
C PRO S 162 1.22 32.15 -15.08
N THR S 163 0.29 32.38 -15.99
CA THR S 163 -0.36 33.66 -16.10
C THR S 163 -1.40 33.80 -15.00
N SER S 164 -2.07 34.96 -14.95
CA SER S 164 -3.08 35.17 -13.92
C SER S 164 -4.31 34.31 -14.18
N TRP S 165 -4.63 34.05 -15.45
CA TRP S 165 -5.77 33.20 -15.76
C TRP S 165 -5.49 31.75 -15.40
N GLU S 166 -4.26 31.29 -15.64
CA GLU S 166 -3.89 29.95 -15.21
C GLU S 166 -3.77 29.86 -13.70
N LEU S 167 -3.37 30.94 -13.05
CA LEU S 167 -3.29 30.96 -11.60
C LEU S 167 -4.67 30.94 -10.96
N ARG S 168 -5.68 31.48 -11.66
CA ARG S 168 -7.03 31.46 -11.13
C ARG S 168 -7.71 30.11 -11.26
N HIS S 169 -7.08 29.12 -11.89
CA HIS S 169 -7.62 27.76 -11.88
C HIS S 169 -7.53 27.14 -10.50
N VAL S 170 -6.50 27.48 -9.73
CA VAL S 170 -6.24 26.81 -8.47
C VAL S 170 -6.43 27.72 -7.27
N VAL S 171 -6.25 29.04 -7.43
CA VAL S 171 -6.32 29.98 -6.32
C VAL S 171 -7.47 30.94 -6.57
N GLY S 172 -8.33 31.11 -5.57
CA GLY S 172 -9.45 31.99 -5.69
C GLY S 172 -10.72 31.32 -5.20
N GLU S 173 -11.74 32.11 -4.84
CA GLU S 173 -12.96 31.53 -4.33
C GLU S 173 -13.79 30.86 -5.42
N GLY S 174 -13.58 31.22 -6.68
CA GLY S 174 -14.24 30.56 -7.78
C GLY S 174 -13.41 29.51 -8.46
N SER S 175 -12.22 29.22 -7.94
CA SER S 175 -11.33 28.26 -8.55
C SER S 175 -11.80 26.84 -8.32
N PHE S 176 -11.15 25.90 -8.98
CA PHE S 176 -11.54 24.50 -8.89
C PHE S 176 -11.08 23.85 -7.60
N THR S 177 -10.10 24.44 -6.91
CA THR S 177 -9.74 23.98 -5.58
C THR S 177 -10.59 24.61 -4.49
N GLY S 178 -11.17 25.78 -4.75
CA GLY S 178 -11.97 26.46 -3.75
C GLY S 178 -11.16 27.03 -2.62
N VAL S 179 -9.90 27.39 -2.88
CA VAL S 179 -8.99 27.90 -1.86
C VAL S 179 -8.78 29.38 -2.11
N SER S 180 -9.05 30.20 -1.11
CA SER S 180 -8.95 31.64 -1.25
C SER S 180 -7.48 32.08 -1.29
N GLY S 181 -7.29 33.36 -1.59
CA GLY S 181 -5.94 33.90 -1.66
C GLY S 181 -5.28 34.03 -0.30
N ALA S 182 -6.07 34.23 0.75
CA ALA S 182 -5.52 34.30 2.10
C ALA S 182 -5.02 32.95 2.57
N ALA S 183 -5.78 31.88 2.30
CA ALA S 183 -5.36 30.54 2.68
C ALA S 183 -4.18 30.08 1.85
N ALA S 184 -4.14 30.46 0.58
CA ALA S 184 -3.00 30.10 -0.25
C ALA S 184 -1.77 30.92 0.11
N ALA S 185 -1.95 32.12 0.65
CA ALA S 185 -0.82 32.87 1.17
C ALA S 185 -0.31 32.25 2.46
N ALA S 186 -1.23 31.76 3.30
CA ALA S 186 -0.83 31.10 4.54
C ALA S 186 -0.17 29.76 4.27
N LEU S 187 -0.50 29.11 3.15
CA LEU S 187 0.18 27.88 2.80
C LEU S 187 1.62 28.13 2.37
N LEU S 188 1.90 29.27 1.75
CA LEU S 188 3.23 29.58 1.28
C LEU S 188 4.04 30.38 2.28
N GLY S 189 3.48 30.69 3.45
CA GLY S 189 4.19 31.48 4.43
C GLY S 189 4.37 32.92 4.04
N MET S 190 3.40 33.49 3.34
CA MET S 190 3.48 34.87 2.90
C MET S 190 2.38 35.70 3.52
N SER S 191 2.33 36.96 3.14
CA SER S 191 1.23 37.84 3.49
C SER S 191 0.21 37.84 2.37
N ALA S 192 -0.99 38.36 2.68
CA ALA S 192 -2.04 38.39 1.67
C ALA S 192 -1.74 39.39 0.57
N THR S 193 -1.06 40.50 0.88
CA THR S 193 -0.79 41.51 -0.13
C THR S 193 0.33 41.08 -1.08
N ASN S 194 1.39 40.48 -0.53
CA ASN S 194 2.47 39.97 -1.36
C ASN S 194 2.00 38.83 -2.25
N PHE S 195 1.01 38.07 -1.80
CA PHE S 195 0.45 37.04 -2.66
C PHE S 195 -0.55 37.60 -3.66
N ARG S 196 -1.26 38.67 -3.31
CA ARG S 196 -2.14 39.33 -4.25
C ARG S 196 -1.37 40.05 -5.34
N LYS S 197 -0.09 40.33 -5.11
CA LYS S 197 0.78 40.83 -6.18
C LYS S 197 0.90 39.85 -7.33
N TYR S 198 0.74 38.54 -7.06
CA TYR S 198 0.78 37.54 -8.12
C TYR S 198 -0.48 37.52 -8.98
N THR S 199 -1.60 38.02 -8.45
CA THR S 199 -2.89 37.86 -9.08
C THR S 199 -3.42 39.17 -9.66
N ALA S 200 -2.56 39.95 -10.30
CA ALA S 200 -2.99 41.22 -10.87
C ALA S 200 -3.45 41.06 -12.33
N GLY S 201 -2.58 40.54 -13.19
CA GLY S 201 -2.97 40.24 -14.54
C GLY S 201 -2.05 40.78 -15.62
N ASP S 202 -1.51 41.97 -15.42
CA ASP S 202 -0.59 42.60 -16.36
C ASP S 202 0.68 42.98 -15.63
N SER S 203 1.79 43.02 -16.38
CA SER S 203 3.10 43.24 -15.79
C SER S 203 3.29 44.67 -15.29
N ALA S 204 2.47 45.62 -15.76
CA ALA S 204 2.62 47.00 -15.32
C ALA S 204 2.10 47.22 -13.91
N ALA S 205 0.89 46.72 -13.62
CA ALA S 205 0.24 46.95 -12.32
C ALA S 205 0.86 46.01 -11.28
N ASN S 206 2.06 46.42 -10.82
CA ASN S 206 2.90 45.88 -9.74
C ASN S 206 2.88 44.37 -9.58
N ARG S 207 2.90 43.65 -10.70
CA ARG S 207 2.74 42.20 -10.70
C ARG S 207 4.06 41.54 -11.03
N GLN S 208 4.52 40.68 -10.13
CA GLN S 208 5.65 39.81 -10.39
C GLN S 208 5.12 38.39 -10.59
N LYS S 209 5.96 37.56 -11.17
CA LYS S 209 5.61 36.18 -11.44
C LYS S 209 6.03 35.29 -10.27
N ILE S 210 5.26 34.23 -10.05
CA ILE S 210 5.57 33.31 -8.99
C ILE S 210 6.81 32.50 -9.37
N SER S 211 7.55 32.05 -8.36
CA SER S 211 8.79 31.34 -8.60
C SER S 211 8.50 29.86 -8.81
N PHE S 212 9.54 29.14 -9.25
CA PHE S 212 9.42 27.72 -9.54
C PHE S 212 9.11 26.92 -8.29
N ALA S 213 9.87 27.17 -7.21
CA ALA S 213 9.70 26.44 -5.97
C ALA S 213 8.37 26.76 -5.31
N ALA S 214 7.95 28.03 -5.35
CA ALA S 214 6.69 28.40 -4.71
C ALA S 214 5.50 27.85 -5.48
N TRP S 215 5.57 27.85 -6.82
CA TRP S 215 4.48 27.31 -7.63
C TRP S 215 4.35 25.80 -7.45
N HIS S 216 5.47 25.08 -7.47
CA HIS S 216 5.38 23.64 -7.32
C HIS S 216 5.04 23.23 -5.89
N TYR S 217 5.51 23.99 -4.90
CA TYR S 217 5.12 23.73 -3.53
C TYR S 217 3.65 24.05 -3.28
N LEU S 218 3.12 25.07 -3.96
CA LEU S 218 1.71 25.38 -3.83
C LEU S 218 0.84 24.31 -4.48
N LEU S 219 1.28 23.79 -5.63
CA LEU S 219 0.58 22.67 -6.25
C LEU S 219 0.67 21.41 -5.40
N ASP S 220 1.75 21.26 -4.64
CA ASP S 220 1.85 20.17 -3.68
C ASP S 220 0.86 20.35 -2.53
N ARG S 221 0.80 21.55 -1.97
CA ARG S 221 0.00 21.77 -0.77
C ARG S 221 -1.49 21.88 -1.06
N LEU S 222 -1.87 22.23 -2.29
CA LEU S 222 -3.28 22.25 -2.64
C LEU S 222 -3.83 20.88 -2.99
N GLY S 223 -2.97 19.88 -3.13
CA GLY S 223 -3.41 18.57 -3.53
C GLY S 223 -3.74 18.48 -5.00
N VAL S 224 -2.97 19.16 -5.84
CA VAL S 224 -3.17 19.16 -7.29
C VAL S 224 -2.13 18.31 -8.00
N LYS S 225 -0.86 18.64 -7.83
CA LYS S 225 0.23 17.83 -8.33
C LYS S 225 1.00 17.26 -7.13
N ARG S 226 1.50 16.05 -7.27
CA ARG S 226 2.14 15.39 -6.15
C ARG S 226 3.49 16.03 -5.83
N ALA S 227 4.30 16.29 -6.86
CA ALA S 227 5.51 17.12 -6.80
C ALA S 227 6.53 16.56 -5.80
N SER S 228 6.95 15.33 -6.06
CA SER S 228 7.86 14.63 -5.16
C SER S 228 9.28 15.14 -5.32
N ASN T 2 43.95 27.06 8.04
CA ASN T 2 43.38 26.32 6.92
C ASN T 2 42.43 25.21 7.39
N ALA T 3 41.24 25.62 7.82
CA ALA T 3 40.23 24.67 8.27
C ALA T 3 39.68 23.87 7.09
N ILE T 4 39.08 22.73 7.41
CA ILE T 4 38.50 21.83 6.43
C ILE T 4 37.03 21.64 6.80
N HIS T 5 36.15 21.79 5.82
CA HIS T 5 34.72 21.69 6.07
C HIS T 5 34.16 20.49 5.31
N ILE T 6 33.64 19.54 6.05
CA ILE T 6 32.98 18.37 5.48
C ILE T 6 31.54 18.42 5.96
N GLY T 7 30.67 19.05 5.18
CA GLY T 7 29.29 19.23 5.55
C GLY T 7 29.15 20.10 6.77
N PRO T 8 28.51 19.57 7.81
CA PRO T 8 28.46 20.29 9.09
C PRO T 8 29.68 20.10 9.97
N PHE T 9 30.65 19.29 9.54
CA PHE T 9 31.85 19.06 10.35
C PHE T 9 32.95 20.02 9.94
N SER T 10 33.77 20.41 10.92
CA SER T 10 34.90 21.29 10.65
C SER T 10 36.13 20.79 11.39
N ILE T 11 37.26 20.73 10.68
CA ILE T 11 38.53 20.28 11.22
C ILE T 11 39.50 21.46 11.18
N THR T 12 39.90 21.92 12.35
CA THR T 12 40.77 23.10 12.47
C THR T 12 42.10 22.73 13.10
N PRO T 13 43.20 23.39 12.70
CA PRO T 13 44.47 23.16 13.37
C PRO T 13 44.64 24.07 14.58
N ALA T 14 45.67 23.76 15.38
CA ALA T 14 45.81 24.31 16.72
C ALA T 14 46.64 25.58 16.80
N ALA T 15 46.97 26.21 15.67
CA ALA T 15 47.56 27.55 15.54
C ALA T 15 49.01 27.66 16.04
N ARG T 16 49.55 26.59 16.63
CA ARG T 16 50.98 26.46 16.87
C ARG T 16 51.30 24.98 17.03
N GLY T 17 52.28 24.51 16.26
CA GLY T 17 52.59 23.10 16.23
C GLY T 17 53.49 22.68 17.38
N LEU T 18 53.96 21.44 17.28
CA LEU T 18 54.91 20.88 18.22
C LEU T 18 55.90 20.04 17.43
N HIS T 19 56.89 19.49 18.11
CA HIS T 19 57.84 18.60 17.46
C HIS T 19 57.75 17.23 18.12
N TYR T 20 57.10 16.30 17.44
CA TYR T 20 56.97 14.94 17.94
C TYR T 20 57.85 14.02 17.12
N GLY T 21 58.72 13.28 17.80
CA GLY T 21 59.66 12.40 17.14
C GLY T 21 60.65 13.09 16.24
N GLY T 22 60.93 14.37 16.50
CA GLY T 22 61.71 15.18 15.61
C GLY T 22 60.93 15.85 14.50
N LEU T 23 59.73 15.36 14.19
CA LEU T 23 59.03 15.94 13.06
C LEU T 23 58.00 16.96 13.54
N PRO T 24 57.76 18.02 12.76
CA PRO T 24 56.74 19.00 13.17
C PRO T 24 55.33 18.45 12.98
N HIS T 25 54.49 18.70 13.98
CA HIS T 25 53.12 18.22 14.01
C HIS T 25 52.21 19.37 14.39
N HIS T 26 50.91 19.16 14.16
CA HIS T 26 49.87 20.07 14.60
C HIS T 26 48.70 19.25 15.12
N GLN T 27 48.00 19.80 16.11
CA GLN T 27 46.79 19.18 16.62
C GLN T 27 45.61 19.65 15.80
N TRP T 28 44.90 18.70 15.19
CA TRP T 28 43.70 18.97 14.44
C TRP T 28 42.49 18.55 15.27
N THR T 29 41.54 19.47 15.40
CA THR T 29 40.32 19.23 16.16
C THR T 29 39.15 19.13 15.21
N LEU T 30 38.37 18.07 15.34
CA LEU T 30 37.14 17.86 14.59
C LEU T 30 35.96 18.23 15.46
N TYR T 31 35.20 19.23 15.00
CA TYR T 31 33.99 19.70 15.63
C TYR T 31 32.77 19.37 14.77
N TYR T 32 31.67 19.10 15.43
CA TYR T 32 30.34 19.07 14.82
C TYR T 32 29.61 20.29 15.38
N GLY T 33 29.78 21.43 14.72
CA GLY T 33 29.27 22.67 15.23
C GLY T 33 30.05 23.09 16.46
N PRO T 34 29.35 23.34 17.56
CA PRO T 34 30.04 23.68 18.81
C PRO T 34 30.57 22.48 19.56
N ARG T 35 30.07 21.28 19.28
CA ARG T 35 30.46 20.08 20.00
C ARG T 35 31.79 19.58 19.48
N GLU T 36 32.78 19.48 20.36
CA GLU T 36 34.10 19.00 19.97
C GLU T 36 34.08 17.48 19.93
N MET T 37 34.31 16.91 18.76
CA MET T 37 34.22 15.47 18.59
C MET T 37 35.54 14.76 18.78
N ALA T 38 36.62 15.24 18.18
CA ALA T 38 37.89 14.53 18.31
C ALA T 38 39.07 15.48 18.19
N ILE T 39 40.22 15.02 18.67
CA ILE T 39 41.50 15.69 18.48
C ILE T 39 42.50 14.65 18.03
N LYS T 40 43.29 14.96 17.01
CA LYS T 40 44.41 14.11 16.61
C LYS T 40 45.65 14.98 16.47
N THR T 41 46.81 14.33 16.52
CA THR T 41 48.08 15.01 16.32
C THR T 41 48.65 14.53 14.99
N LEU T 42 48.45 15.31 13.96
CA LEU T 42 48.87 14.90 12.65
C LEU T 42 50.09 15.70 12.22
N PRO T 43 51.03 15.10 11.51
CA PRO T 43 52.24 15.83 11.14
C PRO T 43 51.97 16.85 10.05
N ASP T 44 52.91 17.77 9.92
CA ASP T 44 52.95 18.60 8.73
C ASP T 44 53.40 17.75 7.54
N SER T 45 53.30 18.35 6.35
CA SER T 45 53.37 17.65 5.06
C SER T 45 52.32 16.54 4.96
N TYR T 46 51.18 16.76 5.59
CA TYR T 46 49.98 16.01 5.31
C TYR T 46 49.07 16.88 4.44
N THR T 47 48.62 16.32 3.32
CA THR T 47 47.67 17.06 2.51
C THR T 47 46.31 17.06 3.20
N SER T 48 45.41 17.93 2.69
CA SER T 48 44.09 18.05 3.28
C SER T 48 43.24 16.80 3.06
N SER T 49 43.56 16.04 2.01
CA SER T 49 42.89 14.75 1.81
C SER T 49 43.27 13.76 2.91
N GLU T 50 44.53 13.76 3.33
CA GLU T 50 44.97 12.85 4.40
C GLU T 50 44.36 13.25 5.73
N VAL T 51 44.25 14.55 5.98
CA VAL T 51 43.53 15.03 7.17
C VAL T 51 42.05 14.68 7.08
N ARG T 52 41.50 14.61 5.85
CA ARG T 52 40.09 14.26 5.69
C ARG T 52 39.84 12.80 6.03
N ASP T 53 40.57 11.87 5.41
CA ASP T 53 40.29 10.49 5.77
C ASP T 53 41.08 10.02 6.99
N GLU T 54 41.71 10.92 7.74
CA GLU T 54 42.01 10.59 9.13
C GLU T 54 40.77 10.63 10.01
N PHE T 55 39.81 11.52 9.72
CA PHE T 55 38.61 11.69 10.53
C PHE T 55 37.37 11.11 9.89
N SER T 56 37.50 10.57 8.66
CA SER T 56 36.37 9.96 7.96
C SER T 56 35.72 8.81 8.74
N ASP T 57 36.50 8.07 9.53
CA ASP T 57 35.93 6.96 10.29
C ASP T 57 35.03 7.45 11.42
N ILE T 58 35.43 8.52 12.10
CA ILE T 58 34.61 9.08 13.17
C ILE T 58 33.35 9.71 12.58
N ILE T 59 33.48 10.32 11.40
CA ILE T 59 32.32 10.88 10.71
C ILE T 59 31.35 9.75 10.30
N ALA T 60 31.89 8.63 9.84
CA ALA T 60 31.05 7.50 9.44
C ALA T 60 30.34 6.87 10.62
N GLU T 61 31.02 6.79 11.76
CA GLU T 61 30.38 6.29 12.98
C GLU T 61 29.27 7.22 13.44
N PHE T 62 29.49 8.54 13.32
CA PHE T 62 28.43 9.51 13.62
C PHE T 62 27.23 9.32 12.71
N VAL T 63 27.49 9.03 11.43
CA VAL T 63 26.40 8.85 10.46
C VAL T 63 25.61 7.59 10.77
N ILE T 64 26.32 6.51 11.13
CA ILE T 64 25.65 5.25 11.51
C ILE T 64 24.80 5.44 12.75
N ASP T 65 25.33 6.14 13.76
CA ASP T 65 24.59 6.35 15.00
C ASP T 65 23.38 7.25 14.79
N ALA T 66 23.52 8.29 13.96
CA ALA T 66 22.38 9.17 13.70
C ALA T 66 21.34 8.49 12.83
N ARG T 67 21.76 7.61 11.95
CA ARG T 67 20.81 6.90 11.11
C ARG T 67 20.05 5.84 11.90
N HIS T 68 20.70 5.22 12.87
CA HIS T 68 19.99 4.23 13.69
C HIS T 68 19.12 4.90 14.75
N ARG T 69 19.57 6.03 15.30
CA ARG T 69 18.85 6.64 16.41
C ARG T 69 17.57 7.32 15.94
N TYR T 70 17.64 8.04 14.82
CA TYR T 70 16.50 8.79 14.30
C TYR T 70 15.80 8.05 13.17
N ALA T 71 15.81 6.72 13.21
CA ALA T 71 15.08 5.94 12.23
C ALA T 71 13.58 6.11 12.43
N PRO T 72 12.79 6.17 11.37
CA PRO T 72 11.35 6.34 11.51
C PRO T 72 10.69 5.05 11.96
N ASP T 73 9.42 5.17 12.36
CA ASP T 73 8.70 4.03 12.90
C ASP T 73 8.35 3.05 11.80
N VAL T 74 8.02 1.83 12.19
CA VAL T 74 7.67 0.79 11.23
C VAL T 74 6.32 0.23 11.61
N LEU T 75 5.37 0.29 10.70
CA LEU T 75 4.11 -0.42 10.83
C LEU T 75 4.18 -1.70 10.02
N GLU T 76 3.48 -2.72 10.50
CA GLU T 76 3.49 -4.02 9.88
C GLU T 76 2.06 -4.43 9.60
N LEU T 77 1.81 -4.83 8.36
CA LEU T 77 0.53 -5.43 7.97
C LEU T 77 0.66 -6.93 8.12
N VAL T 78 -0.14 -7.50 9.03
CA VAL T 78 -0.15 -8.92 9.34
C VAL T 78 -1.58 -9.43 9.16
N ASN T 79 -1.70 -10.75 9.12
CA ASN T 79 -3.00 -11.37 8.98
C ASN T 79 -3.61 -11.61 10.36
N SER T 80 -4.70 -12.38 10.41
CA SER T 80 -5.50 -12.48 11.62
C SER T 80 -4.85 -13.30 12.71
N ASP T 81 -3.89 -14.17 12.37
CA ASP T 81 -3.28 -15.01 13.40
C ASP T 81 -2.33 -14.23 14.29
N GLY T 82 -1.63 -13.24 13.74
CA GLY T 82 -0.70 -12.46 14.53
C GLY T 82 0.73 -12.48 14.05
N ASP T 83 1.22 -13.63 13.59
CA ASP T 83 2.56 -13.71 13.02
C ASP T 83 2.44 -13.49 11.51
N ALA T 84 3.51 -13.83 10.77
CA ALA T 84 3.56 -13.81 9.31
C ALA T 84 3.28 -12.40 8.76
N VAL T 85 4.25 -11.53 9.00
CA VAL T 85 4.19 -10.16 8.50
C VAL T 85 4.08 -10.15 6.99
N LEU T 86 2.95 -9.64 6.48
CA LEU T 86 2.71 -9.57 5.06
C LEU T 86 3.36 -8.37 4.42
N ALA T 87 3.37 -7.23 5.11
CA ALA T 87 3.99 -6.05 4.56
C ALA T 87 4.56 -5.19 5.68
N ARG T 88 5.52 -4.34 5.32
CA ARG T 88 6.11 -3.39 6.24
C ARG T 88 6.15 -2.02 5.60
N VAL T 89 5.99 -0.99 6.41
CA VAL T 89 6.06 0.38 5.90
C VAL T 89 6.68 1.28 6.98
N ALA T 90 7.71 2.01 6.58
CA ALA T 90 8.35 2.97 7.49
C ALA T 90 7.56 4.27 7.43
N VAL T 91 6.90 4.60 8.54
CA VAL T 91 6.10 5.80 8.65
C VAL T 91 6.83 6.83 9.48
N SER T 92 6.55 8.10 9.18
CA SER T 92 7.07 9.23 9.92
C SER T 92 6.09 9.75 10.96
N ARG T 93 4.94 9.09 11.09
CA ARG T 93 3.87 9.52 11.97
C ARG T 93 2.97 8.33 12.21
N LEU T 94 2.22 8.38 13.28
CA LEU T 94 1.37 7.24 13.56
C LEU T 94 -0.06 7.53 13.14
N PRO T 95 -0.83 6.51 12.75
CA PRO T 95 -2.15 6.76 12.14
C PRO T 95 -3.23 7.30 13.08
N GLU T 96 -2.94 7.53 14.37
CA GLU T 96 -3.71 8.35 15.31
C GLU T 96 -5.03 7.70 15.72
N ALA T 97 -5.38 6.57 15.12
CA ALA T 97 -6.49 5.75 15.57
C ALA T 97 -6.00 4.50 16.27
N LEU T 98 -4.69 4.36 16.46
CA LEU T 98 -4.12 3.18 17.10
C LEU T 98 -4.43 3.18 18.59
N SER T 99 -4.72 2.00 19.10
CA SER T 99 -4.96 1.79 20.53
C SER T 99 -4.79 0.31 20.78
N GLY T 100 -3.99 -0.03 21.80
CA GLY T 100 -3.35 -1.33 22.00
C GLY T 100 -4.13 -2.58 21.68
N CYS T 101 -3.62 -3.39 20.76
CA CYS T 101 -4.40 -4.40 20.09
C CYS T 101 -3.67 -5.72 20.01
N ILE T 102 -4.39 -6.80 20.21
CA ILE T 102 -3.99 -8.14 19.82
C ILE T 102 -4.92 -8.58 18.71
N PRO T 103 -4.41 -8.93 17.53
CA PRO T 103 -5.30 -9.29 16.42
C PRO T 103 -6.01 -10.61 16.62
N ASP T 104 -7.30 -10.61 16.29
CA ASP T 104 -8.12 -11.82 16.27
C ASP T 104 -8.61 -12.06 14.85
N ASP T 105 -9.49 -13.05 14.69
CA ASP T 105 -9.98 -13.46 13.38
C ASP T 105 -11.29 -12.79 12.99
N ARG T 106 -11.70 -11.73 13.69
CA ARG T 106 -12.86 -10.98 13.24
C ARG T 106 -12.55 -10.17 12.00
N PHE T 107 -11.28 -9.86 11.76
CA PHE T 107 -10.84 -9.11 10.61
C PHE T 107 -9.62 -9.78 10.02
N PRO T 108 -9.48 -9.81 8.69
CA PRO T 108 -8.38 -10.58 8.09
C PRO T 108 -7.06 -9.83 8.07
N TYR T 109 -7.06 -8.51 8.21
CA TYR T 109 -5.83 -7.74 8.09
C TYR T 109 -5.71 -6.75 9.22
N TRP T 110 -4.54 -6.70 9.84
CA TRP T 110 -4.27 -5.77 10.92
C TRP T 110 -2.97 -5.04 10.64
N LEU T 111 -2.88 -3.82 11.17
CA LEU T 111 -1.74 -2.94 11.01
C LEU T 111 -1.24 -2.63 12.41
N LEU T 112 -0.16 -3.29 12.81
CA LEU T 112 0.41 -3.13 14.13
C LEU T 112 1.69 -2.31 14.07
N THR T 113 2.10 -1.80 15.22
CA THR T 113 3.41 -1.20 15.31
C THR T 113 4.47 -2.29 15.44
N ALA T 114 5.68 -1.98 15.01
CA ALA T 114 6.78 -2.90 15.23
C ALA T 114 7.33 -2.81 16.64
N SER T 115 7.06 -1.73 17.35
CA SER T 115 7.38 -1.64 18.76
C SER T 115 6.58 -2.65 19.55
N ARG T 116 7.13 -3.10 20.67
CA ARG T 116 6.69 -4.36 21.25
C ARG T 116 5.35 -4.31 21.99
N PRO T 117 5.02 -3.28 22.79
CA PRO T 117 3.61 -3.18 23.21
C PRO T 117 2.77 -2.63 22.07
N ARG T 118 2.32 -3.52 21.19
CA ARG T 118 1.77 -3.14 19.89
C ARG T 118 0.46 -2.38 20.02
N LEU T 119 0.23 -1.47 19.07
CA LEU T 119 -0.92 -0.58 19.13
C LEU T 119 -2.01 -0.98 18.15
N GLY T 120 -1.69 -1.08 16.86
CA GLY T 120 -2.56 -1.75 15.91
C GLY T 120 -3.90 -1.14 15.52
N LEU T 121 -4.45 -1.66 14.42
CA LEU T 121 -5.73 -1.26 13.84
C LEU T 121 -6.18 -2.28 12.81
N PRO T 122 -7.46 -2.62 12.74
CA PRO T 122 -7.91 -3.49 11.65
C PRO T 122 -8.11 -2.70 10.36
N VAL T 123 -7.57 -3.22 9.26
CA VAL T 123 -7.63 -2.55 7.96
C VAL T 123 -8.10 -3.55 6.92
N THR T 124 -8.34 -3.04 5.71
CA THR T 124 -8.89 -3.87 4.64
C THR T 124 -8.21 -3.60 3.31
N LEU T 125 -6.89 -3.36 3.34
CA LEU T 125 -6.00 -3.30 2.18
C LEU T 125 -6.24 -2.11 1.24
N ASN T 126 -7.29 -1.34 1.49
CA ASN T 126 -7.53 -0.09 0.78
C ASN T 126 -7.27 1.11 1.67
N GLU T 127 -7.69 1.03 2.94
CA GLU T 127 -7.29 2.03 3.90
C GLU T 127 -5.86 1.83 4.37
N TYR T 128 -5.32 0.61 4.25
CA TYR T 128 -3.89 0.42 4.45
C TYR T 128 -3.09 1.15 3.39
N THR T 129 -3.54 1.08 2.15
CA THR T 129 -2.87 1.80 1.07
C THR T 129 -3.00 3.30 1.24
N ALA T 130 -4.14 3.77 1.74
CA ALA T 130 -4.33 5.19 2.00
C ALA T 130 -3.42 5.67 3.14
N LEU T 131 -3.32 4.86 4.20
CA LEU T 131 -2.44 5.23 5.32
C LEU T 131 -0.97 5.21 4.91
N ALA T 132 -0.59 4.23 4.09
CA ALA T 132 0.79 4.17 3.62
C ALA T 132 1.10 5.30 2.65
N VAL T 133 0.11 5.76 1.89
CA VAL T 133 0.35 6.90 1.01
C VAL T 133 0.47 8.17 1.83
N GLU T 134 -0.37 8.32 2.86
CA GLU T 134 -0.38 9.56 3.63
C GLU T 134 0.83 9.68 4.53
N LEU T 135 1.23 8.60 5.20
CA LEU T 135 2.13 8.68 6.34
C LEU T 135 3.53 8.14 6.06
N SER T 136 3.89 7.84 4.81
CA SER T 136 5.16 7.20 4.53
C SER T 136 6.33 8.13 4.80
N ALA T 137 7.48 7.53 5.02
CA ALA T 137 8.67 8.30 5.32
C ALA T 137 9.60 8.36 4.12
N PRO T 138 10.21 9.50 3.87
CA PRO T 138 11.18 9.61 2.79
C PRO T 138 12.44 8.84 3.12
N PRO T 139 13.28 8.51 2.13
CA PRO T 139 14.46 7.67 2.40
C PRO T 139 15.52 8.31 3.27
N LEU T 140 15.51 9.63 3.43
CA LEU T 140 16.47 10.31 4.29
C LEU T 140 15.77 11.06 5.40
N ALA T 141 14.79 10.43 6.04
CA ALA T 141 14.02 11.09 7.08
C ALA T 141 14.82 11.27 8.36
N TRP T 142 15.86 10.47 8.58
CA TRP T 142 16.64 10.53 9.81
C TRP T 142 17.41 11.84 9.97
N ILE T 143 17.66 12.56 8.87
CA ILE T 143 18.30 13.87 8.93
C ILE T 143 17.39 14.87 9.64
N THR T 144 16.08 14.63 9.62
CA THR T 144 15.16 15.46 10.40
C THR T 144 15.37 15.31 11.90
N GLY T 145 16.01 14.23 12.34
CA GLY T 145 16.40 14.14 13.74
C GLY T 145 17.51 15.10 14.11
N LEU T 146 18.34 15.49 13.14
CA LEU T 146 19.47 16.36 13.40
C LEU T 146 19.15 17.83 13.18
N LEU T 147 17.87 18.19 13.11
CA LEU T 147 17.47 19.54 12.80
C LEU T 147 16.63 20.11 13.93
N PRO T 148 16.63 21.43 14.12
CA PRO T 148 16.04 22.00 15.35
C PRO T 148 14.53 21.90 15.48
N GLY T 149 13.80 21.50 14.44
CA GLY T 149 12.38 21.33 14.56
C GLY T 149 11.56 22.59 14.36
N GLU T 150 12.10 23.75 14.74
CA GLU T 150 11.47 25.01 14.38
C GLU T 150 11.85 25.44 12.97
N VAL T 151 12.81 24.75 12.34
CA VAL T 151 13.04 24.90 10.91
C VAL T 151 12.32 23.83 10.12
N LEU T 152 11.67 22.88 10.79
CA LEU T 152 10.95 21.81 10.14
C LEU T 152 9.45 21.94 10.26
N THR T 153 8.96 22.95 10.95
CA THR T 153 7.53 23.06 11.21
C THR T 153 6.80 23.58 9.98
N HIS T 154 5.52 23.19 9.87
CA HIS T 154 4.67 23.66 8.79
C HIS T 154 3.97 24.97 9.13
N ASP T 155 3.85 25.32 10.40
CA ASP T 155 3.22 26.56 10.81
C ASP T 155 4.19 27.70 10.52
N ALA T 156 3.80 28.61 9.64
CA ALA T 156 4.69 29.68 9.22
C ALA T 156 4.86 30.75 10.29
N GLU T 157 4.01 30.77 11.32
CA GLU T 157 4.19 31.73 12.40
C GLU T 157 5.35 31.32 13.30
N GLU T 158 5.61 30.03 13.44
CA GLU T 158 6.68 29.54 14.29
C GLU T 158 7.95 29.16 13.53
N TRP T 159 7.91 29.22 12.21
CA TRP T 159 9.07 28.82 11.43
C TRP T 159 10.12 29.91 11.42
N ARG T 160 11.38 29.50 11.51
CA ARG T 160 12.50 30.39 11.27
C ARG T 160 13.39 29.77 10.21
N PRO T 161 14.07 30.58 9.40
CA PRO T 161 14.89 30.02 8.35
C PRO T 161 16.12 29.33 8.92
N PRO T 162 16.66 28.35 8.22
CA PRO T 162 17.85 27.67 8.74
C PRO T 162 19.09 28.54 8.61
N THR T 163 20.03 28.32 9.52
CA THR T 163 21.33 28.95 9.41
C THR T 163 22.16 28.24 8.36
N SER T 164 23.38 28.73 8.13
CA SER T 164 24.24 28.08 7.15
C SER T 164 24.72 26.72 7.62
N TRP T 165 24.91 26.56 8.93
CA TRP T 165 25.33 25.27 9.46
C TRP T 165 24.20 24.25 9.37
N GLU T 166 22.97 24.67 9.62
CA GLU T 166 21.83 23.78 9.43
C GLU T 166 21.58 23.51 7.96
N LEU T 167 21.87 24.47 7.09
CA LEU T 167 21.71 24.27 5.66
C LEU T 167 22.76 23.32 5.12
N ARG T 168 23.94 23.25 5.75
CA ARG T 168 24.96 22.32 5.31
C ARG T 168 24.70 20.88 5.73
N HIS T 169 23.64 20.61 6.50
CA HIS T 169 23.26 19.23 6.77
C HIS T 169 22.72 18.54 5.52
N VAL T 170 22.05 19.28 4.65
CA VAL T 170 21.35 18.71 3.52
C VAL T 170 21.96 19.09 2.19
N VAL T 171 22.63 20.23 2.09
CA VAL T 171 23.18 20.73 0.84
C VAL T 171 24.68 20.83 0.96
N GLY T 172 25.39 20.26 -0.01
CA GLY T 172 26.84 20.29 0.00
C GLY T 172 27.40 18.91 -0.28
N GLU T 173 28.66 18.84 -0.72
CA GLU T 173 29.26 17.56 -1.05
C GLU T 173 29.58 16.73 0.19
N GLY T 174 29.72 17.37 1.35
CA GLY T 174 29.92 16.67 2.59
C GLY T 174 28.67 16.47 3.41
N SER T 175 27.53 16.87 2.88
CA SER T 175 26.28 16.79 3.62
C SER T 175 25.79 15.34 3.68
N PHE T 176 24.74 15.13 4.47
CA PHE T 176 24.21 13.80 4.65
C PHE T 176 23.36 13.33 3.49
N THR T 177 22.89 14.25 2.65
CA THR T 177 22.23 13.88 1.40
C THR T 177 23.22 13.66 0.27
N GLY T 178 24.40 14.25 0.34
CA GLY T 178 25.37 14.12 -0.72
C GLY T 178 24.98 14.85 -1.99
N VAL T 179 24.23 15.94 -1.88
CA VAL T 179 23.75 16.70 -3.01
C VAL T 179 24.48 18.03 -3.05
N SER T 180 25.12 18.31 -4.17
CA SER T 180 25.91 19.52 -4.31
C SER T 180 25.02 20.75 -4.42
N GLY T 181 25.65 21.93 -4.39
CA GLY T 181 24.90 23.16 -4.50
C GLY T 181 24.35 23.41 -5.89
N ALA T 182 25.05 22.90 -6.92
CA ALA T 182 24.55 23.05 -8.28
C ALA T 182 23.30 22.21 -8.51
N ALA T 183 23.29 20.98 -8.01
CA ALA T 183 22.12 20.12 -8.16
C ALA T 183 20.96 20.62 -7.32
N ALA T 184 21.25 21.17 -6.15
CA ALA T 184 20.18 21.73 -5.33
C ALA T 184 19.67 23.03 -5.90
N ALA T 185 20.51 23.77 -6.64
CA ALA T 185 20.02 24.94 -7.35
C ALA T 185 19.14 24.52 -8.54
N ALA T 186 19.52 23.45 -9.22
CA ALA T 186 18.72 22.96 -10.34
C ALA T 186 17.40 22.35 -9.86
N LEU T 187 17.36 21.85 -8.63
CA LEU T 187 16.10 21.37 -8.08
C LEU T 187 15.14 22.50 -7.79
N LEU T 188 15.65 23.67 -7.40
CA LEU T 188 14.80 24.81 -7.08
C LEU T 188 14.57 25.73 -8.26
N GLY T 189 15.13 25.42 -9.42
CA GLY T 189 14.96 26.29 -10.57
C GLY T 189 15.72 27.58 -10.47
N MET T 190 16.88 27.57 -9.84
CA MET T 190 17.68 28.78 -9.66
C MET T 190 19.01 28.65 -10.36
N SER T 191 19.84 29.67 -10.22
CA SER T 191 21.22 29.62 -10.67
C SER T 191 22.11 29.20 -9.51
N ALA T 192 23.34 28.83 -9.84
CA ALA T 192 24.28 28.40 -8.81
C ALA T 192 24.72 29.56 -7.92
N THR T 193 24.81 30.76 -8.47
CA THR T 193 25.28 31.90 -7.69
C THR T 193 24.19 32.41 -6.74
N ASN T 194 22.95 32.49 -7.23
CA ASN T 194 21.83 32.90 -6.37
C ASN T 194 21.59 31.89 -5.27
N PHE T 195 21.89 30.63 -5.50
CA PHE T 195 21.77 29.63 -4.45
C PHE T 195 22.97 29.65 -3.51
N ARG T 196 24.16 29.98 -4.02
CA ARG T 196 25.33 30.14 -3.16
C ARG T 196 25.22 31.36 -2.27
N LYS T 197 24.36 32.32 -2.62
CA LYS T 197 24.04 33.42 -1.72
C LYS T 197 23.43 32.92 -0.40
N TYR T 198 22.75 31.78 -0.42
CA TYR T 198 22.20 31.22 0.80
C TYR T 198 23.24 30.60 1.71
N THR T 199 24.39 30.21 1.17
CA THR T 199 25.38 29.42 1.88
C THR T 199 26.63 30.22 2.23
N ALA T 200 26.45 31.46 2.67
CA ALA T 200 27.60 32.30 3.03
C ALA T 200 27.96 32.15 4.50
N GLY T 201 27.02 32.43 5.40
CA GLY T 201 27.24 32.21 6.81
C GLY T 201 26.91 33.38 7.71
N ASP T 202 27.18 34.59 7.26
CA ASP T 202 26.90 35.80 8.03
C ASP T 202 26.06 36.74 7.17
N SER T 203 25.25 37.57 7.84
CA SER T 203 24.30 38.42 7.13
C SER T 203 24.98 39.56 6.37
N ALA T 204 26.23 39.89 6.70
CA ALA T 204 26.92 40.98 6.02
C ALA T 204 27.36 40.56 4.62
N ALA T 205 28.01 39.41 4.49
CA ALA T 205 28.57 38.95 3.22
C ALA T 205 27.44 38.41 2.33
N ASN T 206 26.70 39.36 1.74
CA ASN T 206 25.64 39.27 0.73
C ASN T 206 24.72 38.05 0.85
N ARG T 207 24.36 37.71 2.08
CA ARG T 207 23.62 36.48 2.36
C ARG T 207 22.19 36.81 2.74
N GLN T 208 21.25 36.27 1.98
CA GLN T 208 19.84 36.32 2.34
C GLN T 208 19.42 34.94 2.83
N LYS T 209 18.29 34.91 3.51
CA LYS T 209 17.76 33.67 4.05
C LYS T 209 16.81 33.02 3.05
N ILE T 210 16.77 31.70 3.07
CA ILE T 210 15.89 30.96 2.17
C ILE T 210 14.45 31.15 2.63
N SER T 211 13.52 31.07 1.69
CA SER T 211 12.13 31.30 1.98
C SER T 211 11.48 30.02 2.48
N PHE T 212 10.25 30.17 2.98
CA PHE T 212 9.50 29.04 3.54
C PHE T 212 9.19 28.01 2.48
N ALA T 213 8.66 28.47 1.35
CA ALA T 213 8.27 27.57 0.27
C ALA T 213 9.47 26.91 -0.37
N ALA T 214 10.58 27.64 -0.55
CA ALA T 214 11.77 27.06 -1.17
C ALA T 214 12.43 26.05 -0.24
N TRP T 215 12.46 26.33 1.06
CA TRP T 215 13.07 25.39 2.01
C TRP T 215 12.26 24.12 2.13
N HIS T 216 10.93 24.23 2.23
CA HIS T 216 10.12 23.03 2.35
C HIS T 216 10.04 22.26 1.04
N TYR T 217 10.06 22.95 -0.09
CA TYR T 217 10.11 22.26 -1.38
C TYR T 217 11.46 21.58 -1.59
N LEU T 218 12.54 22.18 -1.10
CA LEU T 218 13.85 21.55 -1.20
C LEU T 218 13.93 20.31 -0.31
N LEU T 219 13.35 20.38 0.89
CA LEU T 219 13.28 19.20 1.74
C LEU T 219 12.40 18.11 1.13
N ASP T 220 11.39 18.52 0.36
CA ASP T 220 10.59 17.55 -0.39
C ASP T 220 11.40 16.89 -1.49
N ARG T 221 12.14 17.68 -2.26
CA ARG T 221 12.82 17.16 -3.44
C ARG T 221 14.09 16.39 -3.08
N LEU T 222 14.69 16.66 -1.93
CA LEU T 222 15.86 15.88 -1.52
C LEU T 222 15.49 14.56 -0.88
N GLY T 223 14.21 14.33 -0.61
CA GLY T 223 13.80 13.11 0.06
C GLY T 223 14.11 13.12 1.52
N VAL T 224 13.96 14.26 2.19
CA VAL T 224 14.23 14.40 3.62
C VAL T 224 12.94 14.48 4.41
N LYS T 225 12.11 15.49 4.12
CA LYS T 225 10.79 15.59 4.69
C LYS T 225 9.77 15.41 3.59
N ARG T 226 8.64 14.78 3.92
CA ARG T 226 7.64 14.46 2.90
C ARG T 226 6.94 15.71 2.40
N ALA T 227 6.53 16.59 3.32
CA ALA T 227 6.05 17.96 3.04
C ALA T 227 4.84 17.96 2.11
N SER T 228 3.78 17.29 2.57
CA SER T 228 2.58 17.14 1.76
C SER T 228 1.76 18.42 1.74
#